data_8W9Q
#
_entry.id   8W9Q
#
_cell.length_a   1.00
_cell.length_b   1.00
_cell.length_c   1.00
_cell.angle_alpha   90.00
_cell.angle_beta   90.00
_cell.angle_gamma   90.00
#
_symmetry.space_group_name_H-M   'P 1'
#
loop_
_entity.id
_entity.type
_entity.pdbx_description
1 polymer VP2
2 polymer VP8
3 polymer VP10
4 polymer VP4
5 polymer VP9
#
loop_
_entity_poly.entity_id
_entity_poly.type
_entity_poly.pdbx_seq_one_letter_code
_entity_poly.pdbx_strand_id
1 'polypeptide(L)'
;MPRKKDQVTKNDDGNQTSDVQTQDFKTAVQPDTNTAQLIKTYSNPKQRGDKGEIIYDGGLSSKLADVVDKTTEPHNADGA
VKDGRIAPVKLDLEKQKLDKLKLFETSPFDPLTIKNNQDVVDKLYATQSSSIQEVVPTKTFATELQFGVTSEDMAKIYGA
VAAVSKNVNSSVTYEVKRGTHELIKVPTIPHNLVLIQSDNGKHALIKEDLGQWPVETGISLVNQAGVFAVQLANKLGIDK
PFVLDAGSNYFTDTSFIDTRKYCTDGLSPREIQKALNRQRAYYDRPELTISENKTLLSQSIIYPDADGNDVSIIFSGAMS
HAIFTYAQSQWNKNIIKLDDYIREITLTVPKQYRPRRFKEIEHTHGYVYRELNQGSLLPLVDANLKESSSYYFKKLMSSI
SNVPVDARTLQSATAALAADTGQAVNRAQHVSMLTNRLTTANAPTVRAITVLTCMFKQFRIGMTYALDPNIMDVAAATCM
LLFRPAQSISDEQYRYCLQTMAVFLTNTTYDIVNNDTIDVLKMKLRNQGWPFVERYNAVEIDMSVEPLRSPGQVGRYYNP
FNIDPLTKKHVEDRLEEFINQVQVGRFRNASGNAVGTTLAAFLRACRDKTSANWRGYSVLVSRYRSLIPNELFESLRNIS
GEYNINPQDEHSFFFALAQINADDEFIGAIDKESAEYLDEYATLARDISNSLTLVKAAFGPLERTSGSIINHANNLNKVI
NHVFADKPLISETMLKILTIDGTTGKDGYRNWLDKLVGHNYPVYVEPVVNIMNFISARFVADSSYFGYTNEIMIMPNHIN
VPVDDRFGFRDSPFCTSLPRTIMGNDVRRISYNVFSMMEDIDDVISEGFILYDAYFNFSYDIMTTDGVTRLKEDILIVTD
TGNDIKPIHFYIYFENRNDKKLRYESKMNVSYRLYIKTPACLLPLSDYMRAQHDYVSPSSSRVYIKDPAVVYTRS
;
A,B
2 'polypeptide(L)'
;MANRATSAFLDNPHPVGVNYVDEGSRQFVAVAELLASKLIDSSRESDESNSDVPFVQAYSKFADDNPRHLRVKTGGKMAN
ALTNVIRSYYSINAPAIVPQVEIDRLASKATVSGDMYNSYAIFNSVPIVEVLSPARTTVSIVGSDRADVTMLNTGAGAAN
ITFNFGQIAETVILKGSVPFQLARLNQPMPAARFTYKLRPLDGPFIVVLPVGNPLVISATAATRIQVPLAFNKALVESGF
QTAMNDGLFDIQNVNYYSSFDEFIISQYHAQDGINRVSTCVILGLALQAYDQMRRALPVRRV
;
C,D,E,F,G,H,I,J,K,L,M,N,O
3 'polypeptide(L)'
;MDVLSKGSLKELLAHLEKTPLEEAISYRIGTVPYQNVLISRNEYYNQLYPDTTSLIDGVSREGQRNVNGLIMSIISYVVS
GSGHYIPNIGFMLLRRSILDILTKHDTGLVTNNLNYGIIARNLTVSKMNCEQRKRMLICFKLLAYKDGNQNDYEIYLNQN
IPLKQIAPNFIPGDMRTVIHNQDQLAIVGIPAYRLTQSTELSIRDDNAKSYKLGYVDWYNSNSFLRERSEFNLIRLKDRD
TKYGKLNGW
;
P,Q
4 'polypeptide(L)'
;MAWVTQAYSSGLSQNSIISLTGNDRTVADGTFNSMIMPRAVIANEREHFMKTRIDKIEHDLNRSAKQEMMDRQSLAEDYN
ALNLAVGQEIKLDIATQHQLNRLGSAMYKADHERETELTDLINRIRENEVTVNGILENQKAITAAERADLLLEVVASTAK
SVSAAGRAAADGSGVVPVFGPSVANGIKVGIDIADSVAEAAIAVKESGIITQLNDVYHAFQSVHVAPNDVIKPAAVVAGT
STELIGNLQAIYSRLRSHSDIGFKKATVGDVIPNSYMIKPVNSTEYASWQLYVIHPVQGSLGLVVQLMGDALTYNVFAQY
GNTSASEFGKTVLTGGATNTALEGTKVKFQTKVTAQQALALTMALKDAASMLSQGELIGYFEQYINLALEPDNLSLQDNM
HKYHHLLTSQNSPIDWNYHDEEMHKWLDSRKTTNYDAMQKKDGTVIADIHIPKVFNDLRNTTLHCKLEGKQTIAGYTVYE
YLIGPWAHYGDIDYSVVVDTLNEETKWYCEVIGIDGHLLIEKSVQHKPEKILELTVNDSGVTSFNGRNHDRLKLKVYVKD
SLSVKVFRNWIGINAPRVKTKMFNDHIGVKYDYSHFDKNISPAHLTLTDLGWHTWDQYNAGNWTNIKP
;
R,S,T
5 'polypeptide(L)'
;MLSETELRALKKLSTTTSRVVGDSTLALPSNVKLSKGEVEKIAVTKKEMFDELAQCNLPTIELITREHTFNGDVIRFAAW
LFLMNGQKLMIANNVAVRMGMQYATNLAGNNVKITYVTSNNVVKLGHIAAGVLANPYSNKGSGLFITYEYNLISNLIETG
KVCVLFITSLSTTASSTNSFAYSTCSVPIENWDFNMIKLTAETSCASLTAMTNLVNSLVPGERTRPVGLYVDIPGVTVTT
SASSGSLPLTTIPAVTPLIFSAYTKQVEEVGVINTLYALSYLP
;
r,s,t
#
# COMPACT_ATOMS: atom_id res chain seq x y z
N GLU A 182 40.65 75.70 5.14
CA GLU A 182 41.77 76.44 5.70
C GLU A 182 42.20 75.86 7.04
N LEU A 183 43.51 75.73 7.23
CA LEU A 183 44.03 75.19 8.48
C LEU A 183 43.77 76.14 9.64
N ILE A 184 43.47 75.58 10.79
CA ILE A 184 43.27 76.34 12.03
C ILE A 184 44.54 76.23 12.84
N LYS A 185 45.06 77.36 13.31
CA LYS A 185 46.33 77.40 14.02
C LYS A 185 46.02 77.58 15.51
N VAL A 186 46.12 76.48 16.26
CA VAL A 186 45.74 76.45 17.66
C VAL A 186 46.84 77.06 18.52
N PRO A 187 46.55 78.09 19.31
CA PRO A 187 47.60 78.75 20.09
C PRO A 187 47.98 78.05 21.39
N THR A 188 47.01 77.42 22.05
CA THR A 188 47.25 76.83 23.37
C THR A 188 46.77 75.39 23.40
N ILE A 189 47.33 74.63 24.34
CA ILE A 189 47.02 73.21 24.49
C ILE A 189 45.94 73.04 25.56
N PRO A 190 44.90 72.25 25.30
CA PRO A 190 43.88 71.99 26.33
C PRO A 190 44.37 70.91 27.29
N HIS A 191 44.50 71.27 28.57
CA HIS A 191 45.00 70.34 29.58
C HIS A 191 43.91 69.80 30.49
N ASN A 192 42.93 70.62 30.85
CA ASN A 192 41.80 70.20 31.69
C ASN A 192 42.29 69.59 33.00
N LEU A 193 42.99 70.41 33.79
CA LEU A 193 43.52 70.00 35.07
C LEU A 193 43.11 71.00 36.14
N VAL A 194 42.59 70.50 37.26
CA VAL A 194 42.22 71.32 38.40
C VAL A 194 42.87 70.73 39.65
N LEU A 195 43.34 71.61 40.53
CA LEU A 195 43.97 71.20 41.78
C LEU A 195 43.02 71.45 42.93
N ILE A 196 42.76 70.41 43.72
CA ILE A 196 41.88 70.49 44.88
C ILE A 196 42.69 70.15 46.12
N GLN A 197 42.68 71.07 47.10
CA GLN A 197 43.43 70.90 48.33
C GLN A 197 42.55 71.24 49.52
N SER A 198 42.79 70.55 50.63
CA SER A 198 42.04 70.81 51.85
C SER A 198 42.52 72.09 52.52
N ASP A 199 41.68 72.64 53.39
CA ASP A 199 42.05 73.85 54.12
C ASP A 199 43.23 73.60 55.03
N ASN A 200 43.29 72.42 55.66
CA ASN A 200 44.43 72.07 56.50
C ASN A 200 45.71 72.01 55.68
N GLY A 201 45.61 71.65 54.40
CA GLY A 201 46.76 71.46 53.55
C GLY A 201 47.30 70.05 53.55
N LYS A 202 46.73 69.16 54.35
CA LYS A 202 47.27 67.80 54.45
C LYS A 202 47.15 67.05 53.13
N HIS A 203 46.00 67.17 52.47
CA HIS A 203 45.71 66.38 51.28
C HIS A 203 45.44 67.27 50.08
N ALA A 204 46.02 66.92 48.94
CA ALA A 204 45.80 67.61 47.68
C ALA A 204 45.70 66.57 46.57
N LEU A 205 45.03 66.94 45.48
CA LEU A 205 44.87 66.04 44.36
C LEU A 205 44.67 66.83 43.09
N ILE A 206 44.94 66.17 41.96
CA ILE A 206 44.76 66.74 40.63
C ILE A 206 43.67 65.93 39.92
N LYS A 207 42.79 66.63 39.22
CA LYS A 207 41.64 66.01 38.58
C LYS A 207 41.52 66.49 37.15
N GLU A 208 41.18 65.56 36.25
CA GLU A 208 40.80 65.89 34.89
C GLU A 208 39.30 66.15 34.86
N ASP A 209 38.90 67.28 34.29
CA ASP A 209 37.49 67.65 34.19
C ASP A 209 37.10 67.64 32.72
N LEU A 210 36.65 66.47 32.25
CA LEU A 210 36.13 66.32 30.91
C LEU A 210 34.61 66.41 30.85
N GLY A 211 33.96 66.66 31.99
CA GLY A 211 32.52 66.84 32.01
C GLY A 211 31.76 65.58 32.33
N GLN A 212 30.44 65.74 32.39
CA GLN A 212 29.51 64.65 32.67
C GLN A 212 28.70 64.37 31.42
N TRP A 213 28.61 63.09 31.05
CA TRP A 213 27.90 62.67 29.84
C TRP A 213 26.88 61.60 30.22
N PRO A 214 25.58 61.87 30.07
CA PRO A 214 24.58 60.88 30.47
C PRO A 214 24.52 59.71 29.51
N VAL A 215 24.42 58.51 30.07
CA VAL A 215 24.37 57.28 29.30
C VAL A 215 23.07 56.56 29.64
N GLU A 216 22.33 56.14 28.62
CA GLU A 216 21.06 55.47 28.79
C GLU A 216 21.25 53.97 28.65
N THR A 217 20.67 53.21 29.57
CA THR A 217 20.75 51.76 29.59
C THR A 217 19.68 51.16 28.69
N GLY A 218 19.93 49.94 28.22
CA GLY A 218 19.00 49.22 27.39
C GLY A 218 19.19 49.41 25.90
N ILE A 219 20.06 50.32 25.48
CA ILE A 219 20.37 50.52 24.08
C ILE A 219 21.89 50.48 23.91
N SER A 220 22.32 50.49 22.65
CA SER A 220 23.73 50.30 22.34
C SER A 220 24.59 51.42 22.90
N LEU A 221 25.69 51.05 23.56
CA LEU A 221 26.60 52.04 24.12
C LEU A 221 27.47 52.70 23.05
N VAL A 222 27.86 51.95 22.02
CA VAL A 222 28.72 52.50 20.98
C VAL A 222 27.98 53.58 20.20
N ASN A 223 26.69 53.40 19.96
CA ASN A 223 25.92 54.40 19.23
C ASN A 223 25.83 55.70 20.01
N GLN A 224 25.68 55.64 21.32
CA GLN A 224 25.70 56.85 22.13
C GLN A 224 27.10 57.44 22.20
N ALA A 225 28.14 56.60 22.15
CA ALA A 225 29.51 57.10 22.23
C ALA A 225 29.86 57.95 21.03
N GLY A 226 29.38 57.57 19.85
CA GLY A 226 29.65 58.35 18.65
C GLY A 226 29.08 59.75 18.73
N VAL A 227 27.88 59.89 19.28
CA VAL A 227 27.28 61.21 19.43
C VAL A 227 28.12 62.05 20.39
N PHE A 228 28.57 61.45 21.49
CA PHE A 228 29.38 62.19 22.45
C PHE A 228 30.79 62.43 21.94
N ALA A 229 31.24 61.63 20.97
CA ALA A 229 32.59 61.81 20.43
C ALA A 229 32.73 63.13 19.71
N VAL A 230 31.72 63.53 18.94
CA VAL A 230 31.79 64.80 18.21
C VAL A 230 31.79 65.97 19.18
N GLN A 231 30.97 65.89 20.23
CA GLN A 231 30.94 66.96 21.22
C GLN A 231 32.26 67.07 21.96
N LEU A 232 32.87 65.93 22.31
CA LEU A 232 34.17 65.96 22.95
C LEU A 232 35.24 66.53 22.04
N ALA A 233 35.19 66.18 20.75
CA ALA A 233 36.14 66.74 19.80
C ALA A 233 35.96 68.25 19.68
N ASN A 234 34.72 68.73 19.67
CA ASN A 234 34.46 70.16 19.63
C ASN A 234 34.98 70.84 20.89
N LYS A 235 34.81 70.19 22.04
CA LYS A 235 35.28 70.78 23.29
C LYS A 235 36.80 70.91 23.31
N LEU A 236 37.51 69.90 22.81
CA LEU A 236 38.97 69.94 22.76
C LEU A 236 39.51 70.75 21.58
N GLY A 237 38.65 71.12 20.64
CA GLY A 237 39.09 71.89 19.49
C GLY A 237 39.82 71.10 18.43
N ILE A 238 39.49 69.82 18.26
CA ILE A 238 40.16 68.96 17.31
C ILE A 238 39.21 68.44 16.24
N ASP A 239 38.04 69.06 16.10
CA ASP A 239 37.07 68.59 15.12
C ASP A 239 37.48 68.94 13.69
N LYS A 240 37.98 70.15 13.48
CA LYS A 240 38.40 70.64 12.19
C LYS A 240 39.90 70.52 12.04
N PRO A 241 40.40 70.47 10.81
CA PRO A 241 41.85 70.34 10.60
C PRO A 241 42.61 71.49 11.25
N PHE A 242 43.76 71.15 11.85
CA PHE A 242 44.48 72.14 12.63
C PHE A 242 45.95 71.75 12.74
N VAL A 243 46.75 72.72 13.15
CA VAL A 243 48.12 72.52 13.58
C VAL A 243 48.32 73.28 14.87
N LEU A 244 49.33 72.90 15.64
CA LEU A 244 49.58 73.50 16.94
C LEU A 244 50.69 74.54 16.84
N ASP A 245 50.39 75.77 17.24
CA ASP A 245 51.39 76.83 17.39
C ASP A 245 51.53 77.12 18.88
N ALA A 246 52.45 76.41 19.53
CA ALA A 246 52.73 76.63 20.94
C ALA A 246 54.21 76.88 21.21
N GLY A 247 55.01 77.07 20.17
CA GLY A 247 56.43 77.29 20.36
C GLY A 247 56.81 78.69 20.82
N SER A 248 55.87 79.63 20.79
CA SER A 248 56.11 80.98 21.26
C SER A 248 55.59 81.21 22.67
N ASN A 249 55.02 80.20 23.31
CA ASN A 249 54.45 80.33 24.65
C ASN A 249 55.49 79.94 25.70
N TYR A 250 56.45 80.83 25.90
CA TYR A 250 57.53 80.56 26.83
C TYR A 250 58.11 81.88 27.33
N PHE A 251 58.88 81.78 28.42
CA PHE A 251 59.65 82.89 28.95
C PHE A 251 61.02 82.38 29.37
N THR A 252 61.83 83.28 29.91
CA THR A 252 63.21 82.97 30.26
C THR A 252 63.50 83.46 31.68
N ASP A 253 64.19 82.62 32.46
CA ASP A 253 64.50 82.94 33.84
C ASP A 253 65.55 84.05 33.92
N THR A 254 65.62 84.67 35.09
CA THR A 254 66.56 85.78 35.30
C THR A 254 68.00 85.32 35.49
N SER A 255 68.22 84.05 35.83
CA SER A 255 69.57 83.55 36.03
C SER A 255 70.33 83.55 34.71
N PHE A 256 71.61 83.93 34.77
CA PHE A 256 72.42 84.00 33.55
C PHE A 256 72.83 82.62 33.05
N ILE A 257 72.95 81.64 33.95
CA ILE A 257 73.29 80.28 33.52
C ILE A 257 72.14 79.66 32.76
N ASP A 258 70.91 79.91 33.21
CA ASP A 258 69.73 79.25 32.64
C ASP A 258 69.36 79.90 31.32
N THR A 259 69.50 79.16 30.23
CA THR A 259 69.07 79.58 28.90
C THR A 259 67.90 78.75 28.40
N ARG A 260 67.21 78.06 29.29
CA ARG A 260 66.08 77.22 28.92
C ARG A 260 64.84 78.07 28.70
N LYS A 261 63.85 77.47 28.03
CA LYS A 261 62.57 78.10 27.77
C LYS A 261 61.52 77.47 28.67
N TYR A 262 60.77 78.30 29.38
CA TYR A 262 59.80 77.86 30.36
C TYR A 262 58.40 77.99 29.75
N CYS A 263 57.75 76.85 29.50
CA CYS A 263 56.44 76.85 28.88
C CYS A 263 55.39 77.40 29.81
N THR A 264 54.46 78.18 29.26
CA THR A 264 53.36 78.75 30.01
C THR A 264 52.06 77.97 29.84
N ASP A 265 52.08 76.85 29.14
CA ASP A 265 50.90 76.04 28.95
C ASP A 265 50.76 75.00 30.07
N GLY A 266 49.58 74.39 30.15
CA GLY A 266 49.33 73.36 31.13
C GLY A 266 49.15 73.93 32.52
N LEU A 267 49.02 73.01 33.48
CA LEU A 267 48.91 73.42 34.87
C LEU A 267 50.21 74.03 35.33
N SER A 268 50.12 75.23 35.90
CA SER A 268 51.33 75.99 36.23
C SER A 268 52.13 75.28 37.31
N PRO A 269 53.44 75.15 37.16
CA PRO A 269 54.26 74.57 38.23
C PRO A 269 54.22 75.37 39.52
N ARG A 270 53.88 76.65 39.45
CA ARG A 270 53.73 77.45 40.66
C ARG A 270 52.56 76.95 41.50
N GLU A 271 51.47 76.53 40.86
CA GLU A 271 50.33 76.00 41.59
C GLU A 271 50.71 74.72 42.34
N ILE A 272 51.48 73.84 41.69
CA ILE A 272 51.94 72.64 42.38
C ILE A 272 52.91 73.00 43.50
N GLN A 273 53.74 74.03 43.28
CA GLN A 273 54.66 74.46 44.34
C GLN A 273 53.89 74.96 45.54
N LYS A 274 52.85 75.76 45.32
CA LYS A 274 52.04 76.23 46.44
C LYS A 274 51.35 75.08 47.16
N ALA A 275 50.80 74.12 46.41
CA ALA A 275 50.14 72.99 47.03
C ALA A 275 51.12 72.16 47.85
N LEU A 276 52.32 71.91 47.30
CA LEU A 276 53.35 71.23 48.07
C LEU A 276 53.80 72.09 49.24
N ASN A 277 53.85 73.41 49.02
CA ASN A 277 54.31 74.32 50.07
C ASN A 277 53.39 74.24 51.28
N ARG A 278 52.08 74.20 51.05
CA ARG A 278 51.12 74.14 52.15
C ARG A 278 51.16 72.80 52.85
N GLN A 279 51.41 71.72 52.09
CA GLN A 279 51.45 70.39 52.67
C GLN A 279 52.55 70.27 53.70
N ARG A 280 53.71 70.86 53.42
CA ARG A 280 54.82 70.81 54.35
C ARG A 280 54.54 71.65 55.60
N ALA A 281 53.76 72.71 55.44
CA ALA A 281 53.42 73.54 56.60
C ALA A 281 52.59 72.77 57.61
N TYR A 282 51.70 71.89 57.13
CA TYR A 282 50.88 71.11 58.04
C TYR A 282 51.73 70.13 58.85
N TYR A 283 52.74 69.53 58.21
CA TYR A 283 53.55 68.50 58.83
C TYR A 283 54.72 69.04 59.62
N ASP A 284 54.82 70.37 59.75
CA ASP A 284 55.92 71.01 60.46
C ASP A 284 57.27 70.60 59.87
N ARG A 285 57.34 70.59 58.54
CA ARG A 285 58.54 70.23 57.81
C ARG A 285 59.18 71.48 57.22
N PRO A 286 60.50 71.46 56.97
CA PRO A 286 61.14 72.60 56.33
C PRO A 286 60.55 72.87 54.95
N GLU A 287 60.53 74.15 54.59
CA GLU A 287 59.94 74.56 53.34
C GLU A 287 60.79 74.05 52.17
N LEU A 288 60.24 74.13 50.96
CA LEU A 288 60.99 73.69 49.79
C LEU A 288 62.22 74.55 49.57
N THR A 289 63.36 73.91 49.31
CA THR A 289 64.62 74.60 49.16
C THR A 289 64.70 75.29 47.80
N ILE A 290 65.71 76.17 47.65
CA ILE A 290 65.89 76.89 46.40
C ILE A 290 66.20 75.94 45.27
N SER A 291 67.08 74.96 45.52
CA SER A 291 67.39 73.97 44.48
C SER A 291 66.16 73.11 44.16
N GLU A 292 65.39 72.73 45.18
CA GLU A 292 64.18 71.97 44.94
C GLU A 292 63.12 72.80 44.22
N ASN A 293 63.05 74.10 44.54
CA ASN A 293 62.12 74.97 43.84
C ASN A 293 62.51 75.10 42.36
N LYS A 294 63.80 75.25 42.08
CA LYS A 294 64.25 75.44 40.70
C LYS A 294 63.95 74.21 39.86
N THR A 295 64.14 73.01 40.41
CA THR A 295 63.84 71.79 39.67
C THR A 295 62.36 71.70 39.34
N LEU A 296 61.49 72.04 40.30
CA LEU A 296 60.05 71.95 40.07
C LEU A 296 59.58 73.00 39.07
N LEU A 297 60.05 74.24 39.23
CA LEU A 297 59.59 75.32 38.36
C LEU A 297 60.14 75.21 36.94
N SER A 298 61.10 74.32 36.69
CA SER A 298 61.65 74.12 35.37
C SER A 298 61.17 72.81 34.73
N GLN A 299 60.07 72.25 35.22
CA GLN A 299 59.55 71.02 34.67
C GLN A 299 58.88 71.24 33.31
N SER A 300 58.27 72.41 33.12
CA SER A 300 57.60 72.74 31.87
C SER A 300 58.57 73.49 30.96
N ILE A 301 58.99 72.86 29.87
CA ILE A 301 60.00 73.41 28.99
C ILE A 301 59.60 73.22 27.54
N ILE A 302 60.14 74.07 26.68
CA ILE A 302 60.01 73.95 25.24
C ILE A 302 61.42 73.83 24.65
N TYR A 303 61.64 72.80 23.86
CA TYR A 303 62.93 72.62 23.20
C TYR A 303 62.71 72.18 21.76
N PRO A 304 63.62 72.55 20.86
CA PRO A 304 63.49 72.13 19.46
C PRO A 304 64.15 70.79 19.19
N ASP A 305 63.58 70.08 18.22
CA ASP A 305 64.11 68.80 17.77
C ASP A 305 64.96 69.01 16.52
N ALA A 306 65.43 67.92 15.93
CA ALA A 306 66.26 68.02 14.74
C ALA A 306 65.49 68.56 13.55
N ASP A 307 64.22 68.16 13.41
CA ASP A 307 63.44 68.56 12.25
C ASP A 307 63.01 70.02 12.29
N GLY A 308 63.25 70.72 13.39
CA GLY A 308 62.84 72.10 13.53
C GLY A 308 61.56 72.29 14.31
N ASN A 309 60.82 71.22 14.59
CA ASN A 309 59.63 71.33 15.41
C ASN A 309 60.01 71.65 16.84
N ASP A 310 59.07 72.24 17.56
CA ASP A 310 59.23 72.56 18.97
C ASP A 310 58.33 71.67 19.80
N VAL A 311 58.91 70.95 20.75
CA VAL A 311 58.17 70.04 21.61
C VAL A 311 58.02 70.69 22.98
N SER A 312 56.79 70.70 23.49
CA SER A 312 56.46 71.30 24.77
C SER A 312 56.14 70.20 25.77
N ILE A 313 56.80 70.23 26.92
CA ILE A 313 56.56 69.29 28.00
C ILE A 313 55.80 70.04 29.08
N ILE A 314 54.54 69.66 29.31
CA ILE A 314 53.66 70.38 30.22
C ILE A 314 52.92 69.37 31.10
N PHE A 315 52.32 69.88 32.17
CA PHE A 315 51.47 69.09 33.04
C PHE A 315 50.06 69.11 32.48
N SER A 316 49.57 67.95 32.05
CA SER A 316 48.25 67.86 31.45
C SER A 316 47.68 66.47 31.70
N GLY A 317 46.37 66.36 31.54
CA GLY A 317 45.70 65.10 31.78
C GLY A 317 46.03 64.05 30.74
N ALA A 318 45.85 62.80 31.14
CA ALA A 318 46.22 61.69 30.27
C ALA A 318 45.27 61.56 29.09
N MET A 319 43.96 61.62 29.35
CA MET A 319 42.98 61.44 28.29
C MET A 319 43.05 62.56 27.27
N SER A 320 43.21 63.80 27.74
CA SER A 320 43.32 64.92 26.82
C SER A 320 44.56 64.80 25.95
N HIS A 321 45.69 64.38 26.53
CA HIS A 321 46.92 64.22 25.76
C HIS A 321 46.77 63.15 24.69
N ALA A 322 46.14 62.02 25.05
CA ALA A 322 45.99 60.93 24.10
C ALA A 322 45.11 61.32 22.92
N ILE A 323 43.99 62.00 23.19
CA ILE A 323 43.08 62.38 22.13
C ILE A 323 43.68 63.47 21.26
N PHE A 324 44.31 64.47 21.89
CA PHE A 324 44.90 65.57 21.14
C PHE A 324 46.02 65.09 20.23
N THR A 325 46.89 64.21 20.74
CA THR A 325 48.01 63.74 19.94
C THR A 325 47.54 62.87 18.77
N TYR A 326 46.52 62.04 19.00
CA TYR A 326 46.00 61.22 17.92
C TYR A 326 45.40 62.08 16.81
N ALA A 327 44.68 63.14 17.18
CA ALA A 327 44.11 64.03 16.17
C ALA A 327 45.20 64.69 15.34
N GLN A 328 46.32 65.05 15.97
CA GLN A 328 47.43 65.65 15.25
C GLN A 328 47.97 64.69 14.19
N SER A 329 48.10 63.41 14.56
CA SER A 329 48.62 62.42 13.63
C SER A 329 47.70 62.26 12.42
N GLN A 330 46.39 62.29 12.65
CA GLN A 330 45.45 62.08 11.56
C GLN A 330 45.44 63.27 10.59
N TRP A 331 45.47 64.49 11.13
CA TRP A 331 45.41 65.66 10.26
C TRP A 331 46.71 65.85 9.50
N ASN A 332 47.85 65.52 10.12
CA ASN A 332 49.14 65.73 9.47
C ASN A 332 49.34 64.82 8.28
N LYS A 333 48.49 63.80 8.11
CA LYS A 333 48.59 62.93 6.95
C LYS A 333 48.25 63.67 5.67
N ASN A 334 47.43 64.71 5.75
CA ASN A 334 46.98 65.45 4.59
C ASN A 334 47.72 66.78 4.43
N ILE A 335 48.83 66.96 5.13
CA ILE A 335 49.68 68.14 5.00
C ILE A 335 50.95 67.69 4.30
N ILE A 336 51.16 68.19 3.08
CA ILE A 336 52.28 67.78 2.26
C ILE A 336 52.97 69.02 1.71
N LYS A 337 54.21 68.82 1.28
CA LYS A 337 54.98 69.91 0.68
C LYS A 337 54.34 70.33 -0.64
N LEU A 338 54.53 71.60 -0.98
CA LEU A 338 53.93 72.13 -2.20
C LEU A 338 54.49 71.42 -3.44
N ASP A 339 55.79 71.12 -3.44
CA ASP A 339 56.37 70.40 -4.57
C ASP A 339 55.83 68.97 -4.65
N ASP A 340 55.44 68.39 -3.52
CA ASP A 340 54.82 67.07 -3.55
C ASP A 340 53.41 67.15 -4.12
N TYR A 341 52.68 68.22 -3.83
CA TYR A 341 51.35 68.40 -4.40
C TYR A 341 51.41 68.62 -5.90
N ILE A 342 52.41 69.37 -6.37
CA ILE A 342 52.51 69.65 -7.80
C ILE A 342 52.79 68.38 -8.59
N ARG A 343 53.63 67.50 -8.04
CA ARG A 343 53.93 66.24 -8.72
C ARG A 343 52.69 65.37 -8.87
N GLU A 344 51.77 65.47 -7.91
CA GLU A 344 50.55 64.65 -7.97
C GLU A 344 49.63 65.09 -9.10
N ILE A 345 49.58 66.39 -9.37
CA ILE A 345 48.62 66.94 -10.31
C ILE A 345 49.30 67.45 -11.58
N THR A 346 50.54 67.04 -11.85
CA THR A 346 51.26 67.57 -12.99
C THR A 346 50.73 67.01 -14.31
N LEU A 347 50.06 65.86 -14.26
CA LEU A 347 49.56 65.22 -15.48
C LEU A 347 48.17 65.70 -15.88
N THR A 348 47.56 66.59 -15.10
CA THR A 348 46.25 67.13 -15.39
C THR A 348 46.28 68.56 -15.91
N VAL A 349 47.46 69.14 -16.06
CA VAL A 349 47.60 70.54 -16.45
C VAL A 349 47.79 70.59 -17.97
N PRO A 350 46.94 71.30 -18.71
CA PRO A 350 47.10 71.42 -20.15
C PRO A 350 48.21 72.40 -20.50
N LYS A 351 48.40 72.61 -21.80
CA LYS A 351 49.46 73.47 -22.30
C LYS A 351 48.97 74.85 -22.74
N GLN A 352 47.68 75.15 -22.59
CA GLN A 352 47.14 76.44 -22.98
C GLN A 352 47.07 77.44 -21.85
N TYR A 353 47.61 77.11 -20.68
CA TYR A 353 47.50 77.95 -19.50
C TYR A 353 48.89 78.38 -19.03
N ARG A 354 49.00 79.64 -18.64
CA ARG A 354 50.29 80.20 -18.26
C ARG A 354 50.72 79.69 -16.89
N PRO A 355 51.94 79.18 -16.76
CA PRO A 355 52.39 78.65 -15.45
C PRO A 355 52.46 79.75 -14.39
N ARG A 356 52.20 79.35 -13.15
CA ARG A 356 52.20 80.27 -12.03
C ARG A 356 53.55 80.24 -11.33
N ARG A 357 54.11 81.43 -11.09
CA ARG A 357 55.41 81.54 -10.44
C ARG A 357 55.19 81.71 -8.94
N PHE A 358 55.53 80.67 -8.17
CA PHE A 358 55.50 80.77 -6.73
C PHE A 358 56.72 81.51 -6.22
N LYS A 359 56.57 82.14 -5.06
CA LYS A 359 57.69 82.82 -4.43
C LYS A 359 58.70 81.79 -3.92
N GLU A 360 59.93 82.26 -3.70
CA GLU A 360 61.00 81.36 -3.27
C GLU A 360 60.71 80.76 -1.91
N ILE A 361 60.03 81.51 -1.04
CA ILE A 361 59.70 80.98 0.28
C ILE A 361 58.67 79.85 0.16
N GLU A 362 57.70 80.00 -0.74
CA GLU A 362 56.72 78.93 -0.93
C GLU A 362 57.38 77.64 -1.42
N HIS A 363 58.43 77.76 -2.23
CA HIS A 363 59.03 76.57 -2.82
C HIS A 363 59.84 75.77 -1.81
N THR A 364 60.44 76.44 -0.83
CA THR A 364 61.25 75.76 0.17
C THR A 364 60.45 75.41 1.42
N HIS A 365 59.61 76.32 1.90
CA HIS A 365 58.88 76.13 3.14
C HIS A 365 57.37 76.12 2.96
N GLY A 366 56.89 75.87 1.75
CA GLY A 366 55.46 75.89 1.50
C GLY A 366 54.82 74.54 1.78
N TYR A 367 53.65 74.58 2.42
CA TYR A 367 52.88 73.39 2.72
C TYR A 367 51.43 73.67 2.40
N VAL A 368 50.70 72.62 2.02
CA VAL A 368 49.28 72.72 1.69
C VAL A 368 48.54 71.59 2.38
N TYR A 369 47.31 71.88 2.80
CA TYR A 369 46.41 70.86 3.34
C TYR A 369 45.40 70.51 2.26
N ARG A 370 45.54 69.32 1.68
CA ARG A 370 44.61 68.84 0.67
C ARG A 370 44.31 67.37 0.91
N GLU A 371 43.09 66.97 0.57
CA GLU A 371 42.70 65.56 0.60
C GLU A 371 42.86 64.99 -0.81
N LEU A 372 43.66 63.94 -0.94
CA LEU A 372 44.07 63.43 -2.23
C LEU A 372 43.35 62.16 -2.64
N ASN A 373 42.30 61.77 -1.91
CA ASN A 373 41.55 60.56 -2.23
C ASN A 373 40.32 60.93 -3.05
N GLN A 374 40.15 60.26 -4.18
CA GLN A 374 39.05 60.52 -5.10
C GLN A 374 37.96 59.48 -4.90
N GLY A 375 36.73 59.95 -4.70
CA GLY A 375 35.59 59.07 -4.50
C GLY A 375 34.85 58.84 -5.81
N SER A 376 34.43 57.60 -6.02
CA SER A 376 33.74 57.24 -7.25
C SER A 376 32.32 57.79 -7.26
N LEU A 377 31.88 58.26 -8.43
CA LEU A 377 30.50 58.65 -8.64
C LEU A 377 29.65 57.50 -9.16
N LEU A 378 30.24 56.32 -9.32
CA LEU A 378 29.50 55.18 -9.84
C LEU A 378 28.29 54.78 -8.99
N PRO A 379 28.35 54.75 -7.64
CA PRO A 379 27.17 54.33 -6.87
C PRO A 379 25.91 55.12 -7.19
N LEU A 380 26.05 56.43 -7.41
CA LEU A 380 24.88 57.23 -7.77
C LEU A 380 24.50 57.03 -9.23
N VAL A 381 25.49 56.91 -10.11
CA VAL A 381 25.20 56.81 -11.54
C VAL A 381 24.55 55.48 -11.87
N ASP A 382 25.08 54.38 -11.31
CA ASP A 382 24.53 53.07 -11.59
C ASP A 382 23.11 52.93 -11.04
N ALA A 383 22.86 53.44 -9.82
CA ALA A 383 21.55 53.31 -9.23
C ALA A 383 20.50 54.09 -10.02
N ASN A 384 20.85 55.30 -10.47
CA ASN A 384 19.95 56.14 -11.27
C ASN A 384 20.67 56.51 -12.56
N LEU A 385 20.61 55.62 -13.55
CA LEU A 385 21.25 55.90 -14.83
C LEU A 385 20.46 56.91 -15.64
N LYS A 386 19.14 56.77 -15.68
CA LYS A 386 18.32 57.68 -16.47
C LYS A 386 18.38 59.10 -15.93
N GLU A 387 18.34 59.25 -14.60
CA GLU A 387 18.33 60.59 -14.02
C GLU A 387 19.71 61.24 -14.11
N SER A 388 20.77 60.47 -13.85
CA SER A 388 22.12 61.03 -13.94
C SER A 388 22.46 61.42 -15.36
N SER A 389 22.10 60.58 -16.34
CA SER A 389 22.37 60.90 -17.73
C SER A 389 21.60 62.13 -18.18
N SER A 390 20.31 62.20 -17.80
CA SER A 390 19.49 63.33 -18.24
C SER A 390 19.99 64.65 -17.66
N TYR A 391 20.48 64.62 -16.41
CA TYR A 391 20.97 65.83 -15.78
C TYR A 391 22.19 66.38 -16.51
N TYR A 392 23.17 65.51 -16.78
CA TYR A 392 24.42 65.98 -17.39
C TYR A 392 24.22 66.30 -18.87
N PHE A 393 23.39 65.54 -19.57
CA PHE A 393 23.15 65.81 -20.98
C PHE A 393 22.51 67.17 -21.18
N LYS A 394 21.53 67.51 -20.33
CA LYS A 394 20.86 68.81 -20.47
C LYS A 394 21.79 69.95 -20.12
N LYS A 395 22.64 69.77 -19.10
CA LYS A 395 23.59 70.81 -18.73
C LYS A 395 24.57 71.09 -19.86
N LEU A 396 25.08 70.04 -20.50
CA LEU A 396 26.05 70.22 -21.57
C LEU A 396 25.43 70.90 -22.79
N MET A 397 24.18 70.53 -23.12
CA MET A 397 23.54 71.12 -24.30
C MET A 397 23.30 72.60 -24.12
N SER A 398 22.92 73.03 -22.91
CA SER A 398 22.71 74.45 -22.66
C SER A 398 24.00 75.24 -22.87
N SER A 399 25.15 74.63 -22.57
CA SER A 399 26.42 75.30 -22.80
C SER A 399 26.83 75.28 -24.26
N ILE A 400 26.63 74.15 -24.95
CA ILE A 400 27.07 74.02 -26.32
C ILE A 400 26.21 74.88 -27.24
N SER A 401 24.91 74.93 -27.00
CA SER A 401 23.99 75.68 -27.85
C SER A 401 24.32 77.17 -27.93
N ASN A 402 25.22 77.66 -27.08
CA ASN A 402 25.59 79.07 -27.05
C ASN A 402 26.90 79.34 -27.78
N VAL A 403 27.45 78.36 -28.50
CA VAL A 403 28.72 78.59 -29.20
C VAL A 403 28.49 79.54 -30.37
N PRO A 404 29.33 80.55 -30.57
CA PRO A 404 29.17 81.42 -31.72
C PRO A 404 29.55 80.72 -33.01
N VAL A 405 28.82 81.01 -34.07
CA VAL A 405 29.07 80.45 -35.38
C VAL A 405 29.09 81.57 -36.41
N ASP A 406 29.79 81.33 -37.52
CA ASP A 406 29.86 82.30 -38.60
C ASP A 406 29.47 81.66 -39.92
N HIS A 430 12.03 67.38 -58.11
CA HIS A 430 12.51 66.70 -56.91
C HIS A 430 13.47 67.58 -56.13
N VAL A 431 14.20 68.44 -56.85
CA VAL A 431 15.10 69.39 -56.20
C VAL A 431 14.29 70.40 -55.40
N SER A 432 13.10 70.76 -55.88
CA SER A 432 12.29 71.77 -55.18
C SER A 432 11.91 71.29 -53.78
N MET A 433 11.55 70.02 -53.65
CA MET A 433 11.21 69.49 -52.32
C MET A 433 12.39 69.55 -51.37
N LEU A 434 13.59 69.24 -51.87
CA LEU A 434 14.80 69.37 -51.04
C LEU A 434 15.09 70.82 -50.71
N THR A 435 14.94 71.72 -51.69
CA THR A 435 15.32 73.11 -51.50
C THR A 435 14.26 73.93 -50.78
N ASN A 436 13.06 73.41 -50.60
CA ASN A 436 12.01 74.15 -49.90
C ASN A 436 11.95 73.85 -48.41
N ARG A 437 12.73 72.89 -47.91
CA ARG A 437 12.60 72.43 -46.54
C ARG A 437 13.77 72.83 -45.64
N LEU A 438 14.74 73.61 -46.12
CA LEU A 438 15.85 73.99 -45.27
C LEU A 438 15.39 74.96 -44.19
N THR A 439 15.73 74.65 -42.95
CA THR A 439 15.46 75.53 -41.81
C THR A 439 16.65 75.47 -40.87
N THR A 440 17.07 76.64 -40.39
CA THR A 440 18.17 76.76 -39.43
C THR A 440 17.65 77.12 -38.05
N ALA A 441 16.37 76.85 -37.79
CA ALA A 441 15.79 77.19 -36.50
C ALA A 441 16.37 76.34 -35.37
N ASN A 442 16.55 75.05 -35.61
CA ASN A 442 17.07 74.14 -34.59
C ASN A 442 18.51 73.72 -34.85
N ALA A 443 19.24 74.50 -35.63
CA ALA A 443 20.66 74.20 -35.84
C ALA A 443 21.47 74.19 -34.55
N PRO A 444 21.29 75.14 -33.62
CA PRO A 444 22.02 75.01 -32.33
C PRO A 444 21.72 73.73 -31.58
N THR A 445 20.50 73.21 -31.68
CA THR A 445 20.18 71.95 -31.02
C THR A 445 20.87 70.77 -31.69
N VAL A 446 20.89 70.76 -33.01
CA VAL A 446 21.57 69.68 -33.73
C VAL A 446 23.08 69.75 -33.51
N ARG A 447 23.61 70.97 -33.39
CA ARG A 447 25.03 71.12 -33.12
C ARG A 447 25.43 70.49 -31.79
N ALA A 448 24.61 70.69 -30.76
CA ALA A 448 24.91 70.12 -29.46
C ALA A 448 24.84 68.59 -29.50
N ILE A 449 23.91 68.04 -30.27
CA ILE A 449 23.82 66.58 -30.40
C ILE A 449 25.09 66.04 -31.05
N THR A 450 25.61 66.74 -32.05
CA THR A 450 26.83 66.28 -32.72
C THR A 450 28.01 66.22 -31.76
N VAL A 451 28.16 67.25 -30.93
CA VAL A 451 29.26 67.28 -29.98
C VAL A 451 29.06 66.19 -28.92
N LEU A 452 27.81 65.94 -28.53
CA LEU A 452 27.54 64.92 -27.53
C LEU A 452 27.86 63.52 -28.07
N THR A 453 27.56 63.26 -29.34
CA THR A 453 27.82 61.94 -29.90
C THR A 453 29.31 61.64 -29.91
N CYS A 454 30.14 62.66 -30.07
CA CYS A 454 31.58 62.44 -30.19
C CYS A 454 32.28 62.48 -28.84
N MET A 455 31.75 63.24 -27.88
CA MET A 455 32.38 63.37 -26.58
C MET A 455 32.06 62.22 -25.64
N PHE A 456 31.04 61.42 -25.95
CA PHE A 456 30.63 60.31 -25.11
C PHE A 456 30.85 58.99 -25.84
N LYS A 457 30.78 57.91 -25.08
CA LYS A 457 30.81 56.56 -25.63
C LYS A 457 29.42 55.97 -25.55
N GLN A 458 28.89 55.53 -26.70
CA GLN A 458 27.53 55.01 -26.81
C GLN A 458 26.49 56.03 -26.34
N PHE A 459 26.44 57.15 -27.06
CA PHE A 459 25.33 58.09 -26.94
C PHE A 459 24.45 57.89 -28.17
N ARG A 460 23.50 56.98 -28.06
CA ARG A 460 22.69 56.61 -29.20
C ARG A 460 21.75 57.75 -29.58
N ILE A 461 21.67 58.01 -30.88
CA ILE A 461 20.77 59.03 -31.43
C ILE A 461 19.81 58.32 -32.38
N GLY A 462 18.66 58.95 -32.59
CA GLY A 462 17.61 58.33 -33.38
C GLY A 462 16.93 59.33 -34.28
N MET A 463 16.48 58.82 -35.43
CA MET A 463 15.72 59.61 -36.39
C MET A 463 14.44 58.85 -36.74
N THR A 464 13.33 59.58 -36.85
CA THR A 464 12.06 59.02 -37.24
C THR A 464 11.63 59.61 -38.58
N TYR A 465 11.32 58.75 -39.53
CA TYR A 465 10.92 59.16 -40.87
C TYR A 465 9.41 59.10 -41.02
N ALA A 466 8.92 59.71 -42.10
CA ALA A 466 7.50 59.79 -42.34
C ALA A 466 6.96 58.45 -42.82
N LEU A 467 5.62 58.38 -42.92
CA LEU A 467 4.99 57.16 -43.42
C LEU A 467 5.35 56.91 -44.87
N ASP A 468 5.39 57.95 -45.69
CA ASP A 468 5.76 57.84 -47.10
C ASP A 468 7.07 58.58 -47.34
N PRO A 469 8.19 57.88 -47.44
CA PRO A 469 9.48 58.57 -47.61
C PRO A 469 9.58 59.31 -48.92
N ASN A 470 10.34 60.40 -48.90
CA ASN A 470 10.64 61.14 -50.12
C ASN A 470 12.15 61.36 -50.26
N ILE A 471 12.56 62.21 -51.20
CA ILE A 471 13.99 62.40 -51.45
C ILE A 471 14.68 63.02 -50.26
N MET A 472 13.95 63.76 -49.42
CA MET A 472 14.56 64.38 -48.24
C MET A 472 14.89 63.33 -47.19
N ASP A 473 14.01 62.35 -46.99
CA ASP A 473 14.27 61.30 -46.00
C ASP A 473 15.47 60.46 -46.39
N VAL A 474 15.60 60.14 -47.68
CA VAL A 474 16.76 59.38 -48.13
C VAL A 474 18.03 60.20 -47.94
N ALA A 475 17.96 61.51 -48.18
CA ALA A 475 19.11 62.37 -47.95
C ALA A 475 19.51 62.39 -46.48
N ALA A 476 18.53 62.47 -45.59
CA ALA A 476 18.82 62.47 -44.16
C ALA A 476 19.41 61.14 -43.73
N ALA A 477 18.86 60.03 -44.22
CA ALA A 477 19.37 58.71 -43.86
C ALA A 477 20.80 58.53 -44.33
N THR A 478 21.11 58.99 -45.55
CA THR A 478 22.46 58.89 -46.06
C THR A 478 23.43 59.75 -45.24
N CYS A 479 23.01 60.94 -44.86
CA CYS A 479 23.87 61.82 -44.07
C CYS A 479 24.12 61.23 -42.69
N MET A 480 23.11 60.59 -42.10
CA MET A 480 23.30 59.96 -40.80
C MET A 480 24.32 58.84 -40.87
N LEU A 481 24.25 58.01 -41.91
CA LEU A 481 25.16 56.86 -41.99
C LEU A 481 26.56 57.28 -42.40
N LEU A 482 26.68 58.37 -43.15
CA LEU A 482 27.98 58.78 -43.68
C LEU A 482 28.76 59.66 -42.70
N PHE A 483 28.08 60.53 -41.97
CA PHE A 483 28.75 61.56 -41.19
C PHE A 483 28.47 61.47 -39.70
N ARG A 484 28.03 60.31 -39.22
CA ARG A 484 27.85 60.13 -37.79
C ARG A 484 28.54 58.85 -37.35
N PRO A 485 29.03 58.81 -36.11
CA PRO A 485 29.76 57.62 -35.64
C PRO A 485 28.88 56.38 -35.63
N ALA A 486 29.47 55.25 -35.97
CA ALA A 486 28.75 53.98 -35.90
C ALA A 486 28.43 53.61 -34.46
N GLN A 487 29.25 54.07 -33.51
CA GLN A 487 29.00 53.79 -32.10
C GLN A 487 27.75 54.47 -31.59
N SER A 488 27.27 55.51 -32.26
CA SER A 488 26.07 56.22 -31.85
C SER A 488 24.82 55.77 -32.59
N ILE A 489 24.94 54.78 -33.46
CA ILE A 489 23.81 54.25 -34.22
C ILE A 489 23.63 52.79 -33.84
N SER A 490 22.44 52.45 -33.36
CA SER A 490 22.12 51.08 -32.99
C SER A 490 21.81 50.25 -34.23
N ASP A 491 21.75 48.93 -34.04
CA ASP A 491 21.45 48.05 -35.16
C ASP A 491 20.04 48.27 -35.69
N GLU A 492 19.08 48.51 -34.79
CA GLU A 492 17.71 48.74 -35.22
C GLU A 492 17.59 50.02 -36.03
N GLN A 493 18.30 51.08 -35.61
CA GLN A 493 18.28 52.32 -36.39
C GLN A 493 18.98 52.13 -37.74
N TYR A 494 20.01 51.31 -37.78
CA TYR A 494 20.67 50.98 -39.03
C TYR A 494 19.70 50.27 -39.98
N ARG A 495 18.92 49.33 -39.46
CA ARG A 495 17.94 48.64 -40.28
C ARG A 495 16.83 49.56 -40.73
N TYR A 496 16.40 50.47 -39.85
CA TYR A 496 15.35 51.41 -40.22
C TYR A 496 15.83 52.34 -41.34
N CYS A 497 17.07 52.79 -41.28
CA CYS A 497 17.61 53.65 -42.33
C CYS A 497 17.72 52.92 -43.66
N LEU A 498 18.17 51.66 -43.63
CA LEU A 498 18.25 50.87 -44.85
C LEU A 498 16.86 50.64 -45.44
N GLN A 499 15.86 50.39 -44.58
CA GLN A 499 14.51 50.18 -45.07
C GLN A 499 13.95 51.43 -45.72
N THR A 500 14.23 52.60 -45.14
CA THR A 500 13.74 53.85 -45.69
C THR A 500 14.31 54.10 -47.08
N MET A 501 15.60 53.85 -47.26
CA MET A 501 16.21 54.01 -48.57
C MET A 501 15.68 52.97 -49.55
N ALA A 502 15.46 51.74 -49.09
CA ALA A 502 14.92 50.70 -49.96
C ALA A 502 13.50 51.02 -50.41
N VAL A 503 12.68 51.58 -49.51
CA VAL A 503 11.30 51.89 -49.86
C VAL A 503 11.24 52.92 -50.98
N PHE A 504 12.08 53.95 -50.88
CA PHE A 504 12.03 55.02 -51.88
C PHE A 504 12.72 54.61 -53.18
N LEU A 505 13.98 54.17 -53.09
CA LEU A 505 14.75 53.92 -54.30
C LEU A 505 14.20 52.74 -55.10
N THR A 506 13.81 51.67 -54.42
CA THR A 506 13.31 50.48 -55.09
C THR A 506 11.79 50.54 -55.34
N ASN A 507 11.12 51.54 -54.79
CA ASN A 507 9.67 51.72 -54.94
C ASN A 507 8.89 50.57 -54.31
N THR A 508 9.45 49.93 -53.30
CA THR A 508 8.75 48.88 -52.58
C THR A 508 7.93 49.50 -51.44
N THR A 509 7.42 48.67 -50.55
CA THR A 509 6.62 49.11 -49.41
C THR A 509 7.26 48.67 -48.12
N TYR A 510 6.91 49.35 -47.03
CA TYR A 510 7.49 49.05 -45.73
C TYR A 510 7.13 47.64 -45.28
N ASP A 511 5.95 47.15 -45.67
CA ASP A 511 5.54 45.81 -45.27
C ASP A 511 6.46 44.75 -45.87
N ILE A 512 6.90 44.96 -47.11
CA ILE A 512 7.74 43.97 -47.79
C ILE A 512 9.10 43.85 -47.09
N VAL A 513 9.66 44.96 -46.65
CA VAL A 513 11.00 44.98 -46.08
C VAL A 513 10.99 44.96 -44.56
N ASN A 514 9.81 44.79 -43.95
CA ASN A 514 9.74 44.75 -42.49
C ASN A 514 10.39 43.48 -41.93
N ASN A 515 10.37 42.40 -42.70
CA ASN A 515 10.96 41.14 -42.27
C ASN A 515 12.34 40.91 -42.88
N ASP A 516 12.90 41.89 -43.59
CA ASP A 516 14.18 41.71 -44.24
C ASP A 516 15.33 42.00 -43.29
N THR A 517 16.36 41.17 -43.36
CA THR A 517 17.53 41.32 -42.51
C THR A 517 18.48 42.38 -43.09
N ILE A 518 19.55 42.67 -42.37
CA ILE A 518 20.50 43.69 -42.80
C ILE A 518 21.19 43.26 -44.08
N ASP A 519 21.65 42.00 -44.15
CA ASP A 519 22.36 41.54 -45.33
C ASP A 519 21.46 41.52 -46.56
N VAL A 520 20.19 41.15 -46.38
CA VAL A 520 19.26 41.14 -47.49
C VAL A 520 19.01 42.57 -47.98
N LEU A 521 18.85 43.51 -47.06
CA LEU A 521 18.60 44.89 -47.45
C LEU A 521 19.78 45.48 -48.21
N LYS A 522 21.00 45.17 -47.77
CA LYS A 522 22.18 45.63 -48.48
C LYS A 522 22.24 45.06 -49.90
N MET A 523 21.90 43.79 -50.05
CA MET A 523 21.92 43.17 -51.37
C MET A 523 20.91 43.82 -52.30
N LYS A 524 19.71 44.12 -51.80
CA LYS A 524 18.69 44.75 -52.64
C LYS A 524 19.13 46.14 -53.09
N LEU A 525 19.71 46.92 -52.19
CA LEU A 525 20.10 48.28 -52.53
C LEU A 525 21.30 48.29 -53.48
N ARG A 526 22.26 47.39 -53.27
CA ARG A 526 23.42 47.34 -54.14
C ARG A 526 23.04 46.94 -55.56
N ASN A 527 22.08 46.03 -55.70
CA ASN A 527 21.63 45.62 -57.02
C ASN A 527 21.02 46.78 -57.78
N GLN A 528 20.24 47.63 -57.10
CA GLN A 528 19.63 48.78 -57.75
C GLN A 528 20.67 49.80 -58.19
N GLY A 529 21.78 49.89 -57.45
CA GLY A 529 22.83 50.83 -57.80
C GLY A 529 23.16 51.80 -56.68
N TRP A 530 22.76 51.48 -55.46
CA TRP A 530 23.01 52.33 -54.31
C TRP A 530 24.12 51.74 -53.47
N PRO A 531 25.27 52.41 -53.34
CA PRO A 531 26.38 51.81 -52.58
C PRO A 531 26.46 52.26 -51.13
N PHE A 532 25.64 53.24 -50.74
CA PHE A 532 25.70 53.81 -49.40
C PHE A 532 24.85 52.95 -48.45
N VAL A 533 25.42 51.79 -48.08
CA VAL A 533 24.71 50.84 -47.25
C VAL A 533 25.57 50.41 -46.07
N GLU A 534 26.53 51.26 -45.71
CA GLU A 534 27.47 50.93 -44.65
C GLU A 534 27.56 52.08 -43.65
N ARG A 535 27.76 51.72 -42.38
CA ARG A 535 28.05 52.68 -41.34
C ARG A 535 29.51 52.56 -40.94
N TYR A 536 30.10 53.69 -40.57
CA TYR A 536 31.55 53.80 -40.41
C TYR A 536 31.89 54.13 -38.97
N ASN A 537 32.88 53.43 -38.43
CA ASN A 537 33.37 53.72 -37.09
C ASN A 537 34.19 55.00 -37.11
N ALA A 538 34.03 55.81 -36.06
CA ALA A 538 34.81 57.02 -35.94
C ALA A 538 36.23 56.70 -35.49
N VAL A 539 37.13 57.65 -35.70
CA VAL A 539 38.52 57.52 -35.31
C VAL A 539 38.73 58.22 -33.98
N GLU A 540 39.25 57.50 -33.00
CA GLU A 540 39.39 58.00 -31.64
C GLU A 540 40.67 58.82 -31.52
N ILE A 541 40.57 60.01 -30.95
CA ILE A 541 41.71 60.90 -30.72
C ILE A 541 41.98 60.94 -29.23
N ASP A 542 43.24 60.75 -28.86
CA ASP A 542 43.63 60.75 -27.46
C ASP A 542 43.78 62.17 -26.94
N MET A 543 43.31 62.41 -25.73
CA MET A 543 43.46 63.69 -25.09
C MET A 543 44.92 63.97 -24.77
N SER A 544 45.29 65.26 -24.81
CA SER A 544 46.67 65.63 -24.56
C SER A 544 47.06 65.50 -23.10
N VAL A 545 46.10 65.52 -22.18
CA VAL A 545 46.37 65.41 -20.75
C VAL A 545 45.44 64.39 -20.13
N GLU A 546 45.79 63.98 -18.92
CA GLU A 546 44.96 63.05 -18.17
C GLU A 546 43.64 63.73 -17.80
N PRO A 547 42.50 63.08 -18.02
CA PRO A 547 41.21 63.70 -17.69
C PRO A 547 41.04 63.87 -16.20
N LEU A 548 40.11 64.75 -15.84
CA LEU A 548 39.88 65.04 -14.43
C LEU A 548 39.26 63.83 -13.73
N ARG A 549 39.64 63.62 -12.47
CA ARG A 549 39.12 62.57 -11.61
C ARG A 549 39.38 61.18 -12.16
N SER A 550 40.36 61.04 -13.04
CA SER A 550 40.71 59.75 -13.65
C SER A 550 42.22 59.56 -13.52
N PRO A 551 42.71 59.18 -12.33
CA PRO A 551 44.16 59.11 -12.13
C PRO A 551 44.77 57.94 -12.89
N GLY A 552 45.87 58.22 -13.60
CA GLY A 552 46.56 57.19 -14.33
C GLY A 552 45.74 56.58 -15.46
N GLN A 553 44.96 57.39 -16.16
CA GLN A 553 44.10 56.93 -17.23
C GLN A 553 44.25 57.86 -18.43
N VAL A 554 43.93 57.32 -19.60
CA VAL A 554 44.03 58.04 -20.86
C VAL A 554 42.62 58.25 -21.41
N GLY A 555 42.29 59.51 -21.70
CA GLY A 555 41.00 59.84 -22.27
C GLY A 555 41.04 59.89 -23.78
N ARG A 556 39.89 59.68 -24.39
CA ARG A 556 39.79 59.67 -25.85
C ARG A 556 38.42 60.15 -26.28
N TYR A 557 38.34 60.63 -27.51
CA TYR A 557 37.10 61.14 -28.06
C TYR A 557 37.09 60.89 -29.57
N TYR A 558 35.89 60.70 -30.11
CA TYR A 558 35.75 60.45 -31.54
C TYR A 558 35.93 61.73 -32.33
N ASN A 559 36.53 61.61 -33.50
CA ASN A 559 36.69 62.74 -34.40
C ASN A 559 35.38 62.97 -35.17
N PRO A 560 34.89 64.20 -35.24
CA PRO A 560 33.57 64.43 -35.86
C PRO A 560 33.58 64.16 -37.36
N PHE A 561 32.39 63.84 -37.87
CA PHE A 561 32.13 63.68 -39.29
C PHE A 561 32.91 62.53 -39.92
N ASN A 562 33.40 61.61 -39.10
CA ASN A 562 34.12 60.42 -39.58
C ASN A 562 35.31 60.82 -40.47
N ILE A 563 36.04 61.84 -40.04
CA ILE A 563 37.20 62.31 -40.76
C ILE A 563 38.44 61.73 -40.11
N ASP A 564 39.26 61.05 -40.89
CA ASP A 564 40.48 60.45 -40.37
C ASP A 564 41.51 61.55 -40.14
N PRO A 565 41.98 61.74 -38.89
CA PRO A 565 42.94 62.81 -38.64
C PRO A 565 44.26 62.65 -39.38
N LEU A 566 44.66 61.42 -39.71
CA LEU A 566 45.91 61.22 -40.42
C LEU A 566 45.80 61.66 -41.88
N THR A 567 44.71 61.28 -42.55
CA THR A 567 44.52 61.61 -43.95
C THR A 567 43.69 62.87 -44.17
N LYS A 568 43.02 63.37 -43.13
CA LYS A 568 42.19 64.57 -43.21
C LYS A 568 41.09 64.43 -44.27
N LYS A 569 40.61 63.21 -44.49
CA LYS A 569 39.51 62.94 -45.40
C LYS A 569 38.56 61.97 -44.73
N HIS A 570 37.46 61.67 -45.43
CA HIS A 570 36.50 60.69 -44.93
C HIS A 570 37.14 59.32 -44.84
N VAL A 571 36.67 58.51 -43.89
CA VAL A 571 37.23 57.19 -43.69
C VAL A 571 36.94 56.27 -44.87
N GLU A 572 35.94 56.59 -45.68
CA GLU A 572 35.60 55.78 -46.84
C GLU A 572 36.41 56.26 -48.04
N ASP A 573 37.32 55.42 -48.52
CA ASP A 573 38.17 55.78 -49.65
C ASP A 573 37.45 55.67 -50.99
N ARG A 574 36.25 55.10 -51.02
CA ARG A 574 35.47 54.96 -52.23
C ARG A 574 34.38 56.02 -52.35
N LEU A 575 34.47 57.10 -51.59
CA LEU A 575 33.40 58.08 -51.55
C LEU A 575 33.19 58.75 -52.91
N GLU A 576 34.29 59.15 -53.56
CA GLU A 576 34.15 59.83 -54.84
C GLU A 576 33.63 58.89 -55.93
N GLU A 577 34.08 57.63 -55.91
CA GLU A 577 33.56 56.66 -56.86
C GLU A 577 32.09 56.38 -56.62
N PHE A 578 31.67 56.36 -55.35
CA PHE A 578 30.28 56.09 -55.02
C PHE A 578 29.36 57.20 -55.53
N ILE A 579 29.79 58.45 -55.44
CA ILE A 579 28.95 59.56 -55.87
C ILE A 579 28.72 59.49 -57.38
N ASN A 580 29.74 59.10 -58.14
CA ASN A 580 29.57 58.91 -59.57
C ASN A 580 28.56 57.81 -59.85
N GLN A 581 28.55 56.76 -59.04
CA GLN A 581 27.58 55.68 -59.21
C GLN A 581 26.16 56.20 -59.05
N VAL A 582 25.94 57.04 -58.05
CA VAL A 582 24.60 57.56 -57.80
C VAL A 582 24.16 58.46 -58.95
N GLN A 583 25.09 59.23 -59.51
CA GLN A 583 24.73 60.19 -60.54
C GLN A 583 24.27 59.51 -61.83
N VAL A 584 24.76 58.32 -62.11
CA VAL A 584 24.41 57.61 -63.33
C VAL A 584 23.45 56.46 -63.05
N GLY A 585 22.73 56.51 -61.93
CA GLY A 585 21.81 55.47 -61.55
C GLY A 585 20.38 55.81 -61.94
N ARG A 586 19.59 54.76 -62.21
CA ARG A 586 18.19 54.90 -62.59
C ARG A 586 17.35 54.42 -61.42
N PHE A 587 16.88 55.35 -60.61
CA PHE A 587 16.08 55.05 -59.43
C PHE A 587 14.64 55.52 -59.64
N ARG A 588 13.69 54.72 -59.17
CA ARG A 588 12.28 55.07 -59.06
C ARG A 588 11.58 55.24 -60.40
N ASN A 589 12.28 55.11 -61.52
CA ASN A 589 11.67 55.37 -62.82
C ASN A 589 12.45 54.60 -63.89
N ALA A 590 11.91 54.60 -65.10
CA ALA A 590 12.57 53.95 -66.22
C ALA A 590 13.76 54.76 -66.72
N SER A 591 13.61 56.09 -66.79
CA SER A 591 14.69 56.95 -67.27
C SER A 591 14.43 58.37 -66.76
N GLY A 592 15.47 59.19 -66.86
CA GLY A 592 15.37 60.58 -66.45
C GLY A 592 16.51 61.04 -65.55
N ASN A 593 16.94 60.15 -64.66
CA ASN A 593 18.06 60.41 -63.76
C ASN A 593 17.84 61.66 -62.90
N ALA A 594 16.59 61.94 -62.57
CA ALA A 594 16.31 63.11 -61.73
C ALA A 594 16.69 62.86 -60.28
N VAL A 595 16.39 61.66 -59.76
CA VAL A 595 16.69 61.36 -58.37
C VAL A 595 18.19 61.23 -58.16
N GLY A 596 18.87 60.56 -59.09
CA GLY A 596 20.31 60.36 -58.94
C GLY A 596 21.10 61.66 -58.99
N THR A 597 20.76 62.53 -59.95
CA THR A 597 21.46 63.81 -60.05
C THR A 597 21.21 64.69 -58.84
N THR A 598 19.97 64.70 -58.34
CA THR A 598 19.66 65.52 -57.18
C THR A 598 20.40 65.03 -55.94
N LEU A 599 20.45 63.71 -55.74
CA LEU A 599 21.16 63.17 -54.58
C LEU A 599 22.66 63.33 -54.72
N ALA A 600 23.19 63.22 -55.95
CA ALA A 600 24.61 63.41 -56.15
C ALA A 600 25.03 64.83 -55.83
N ALA A 601 24.23 65.82 -56.23
CA ALA A 601 24.55 67.21 -55.93
C ALA A 601 24.46 67.49 -54.44
N PHE A 602 23.43 66.95 -53.78
CA PHE A 602 23.29 67.14 -52.34
C PHE A 602 24.43 66.48 -51.58
N LEU A 603 24.83 65.28 -52.01
CA LEU A 603 25.91 64.57 -51.33
C LEU A 603 27.23 65.31 -51.46
N ARG A 604 27.49 65.90 -52.63
CA ARG A 604 28.74 66.63 -52.83
C ARG A 604 28.80 67.86 -51.95
N ALA A 605 27.68 68.55 -51.77
CA ALA A 605 27.68 69.73 -50.90
C ALA A 605 28.00 69.35 -49.46
N CYS A 606 27.48 68.21 -49.00
CA CYS A 606 27.76 67.77 -47.64
C CYS A 606 29.23 67.37 -47.49
N ARG A 607 29.80 66.75 -48.52
CA ARG A 607 31.19 66.30 -48.44
C ARG A 607 32.15 67.47 -48.31
N ASP A 608 31.93 68.54 -49.08
CA ASP A 608 32.79 69.71 -48.96
C ASP A 608 32.58 70.43 -47.64
N LYS A 609 31.33 70.52 -47.17
CA LYS A 609 31.06 71.20 -45.91
C LYS A 609 31.74 70.49 -44.74
N THR A 610 31.65 69.16 -44.70
CA THR A 610 32.25 68.42 -43.59
C THR A 610 33.77 68.51 -43.62
N SER A 611 34.36 68.49 -44.82
CA SER A 611 35.81 68.58 -44.93
C SER A 611 36.32 69.93 -44.47
N ALA A 612 35.57 71.00 -44.71
CA ALA A 612 36.02 72.34 -44.35
C ALA A 612 35.87 72.61 -42.85
N ASN A 613 34.86 72.03 -42.22
CA ASN A 613 34.50 72.39 -40.86
C ASN A 613 34.86 71.34 -39.82
N TRP A 614 35.64 70.31 -40.18
CA TRP A 614 35.91 69.26 -39.22
C TRP A 614 36.88 69.72 -38.13
N ARG A 615 37.85 70.56 -38.48
CA ARG A 615 38.80 71.03 -37.48
C ARG A 615 38.11 71.87 -36.41
N GLY A 616 37.17 72.72 -36.81
CA GLY A 616 36.49 73.57 -35.85
C GLY A 616 35.65 72.78 -34.86
N TYR A 617 34.96 71.74 -35.34
CA TYR A 617 34.14 70.93 -34.45
C TYR A 617 34.98 70.01 -33.58
N SER A 618 36.13 69.56 -34.09
CA SER A 618 37.01 68.71 -33.30
C SER A 618 37.53 69.45 -32.08
N VAL A 619 37.86 70.74 -32.24
CA VAL A 619 38.31 71.55 -31.11
C VAL A 619 37.19 71.69 -30.09
N LEU A 620 35.96 71.91 -30.56
CA LEU A 620 34.83 72.05 -29.65
C LEU A 620 34.58 70.77 -28.86
N VAL A 621 34.66 69.63 -29.54
CA VAL A 621 34.45 68.34 -28.85
C VAL A 621 35.54 68.11 -27.82
N SER A 622 36.79 68.42 -28.18
CA SER A 622 37.90 68.19 -27.27
C SER A 622 37.77 69.01 -25.99
N ARG A 623 37.32 70.26 -26.10
CA ARG A 623 37.27 71.11 -24.92
C ARG A 623 36.15 70.68 -23.99
N TYR A 624 35.00 70.31 -24.55
CA TYR A 624 33.89 69.86 -23.71
C TYR A 624 34.14 68.48 -23.14
N ARG A 625 34.96 67.66 -23.82
CA ARG A 625 35.28 66.35 -23.31
C ARG A 625 36.10 66.41 -22.03
N SER A 626 36.94 67.44 -21.89
CA SER A 626 37.76 67.58 -20.70
C SER A 626 36.95 67.89 -19.46
N LEU A 627 35.67 68.23 -19.62
CA LEU A 627 34.82 68.55 -18.48
C LEU A 627 34.37 67.30 -17.74
N ILE A 628 34.09 66.22 -18.46
CA ILE A 628 33.54 65.01 -17.84
C ILE A 628 34.66 64.02 -17.52
N PRO A 629 34.52 63.21 -16.48
CA PRO A 629 35.53 62.22 -16.15
C PRO A 629 35.39 60.98 -17.03
N ASN A 630 36.32 60.04 -16.83
CA ASN A 630 36.31 58.81 -17.63
C ASN A 630 35.14 57.91 -17.25
N GLU A 631 34.74 57.90 -15.98
CA GLU A 631 33.61 57.07 -15.56
C GLU A 631 32.32 57.52 -16.22
N LEU A 632 32.10 58.83 -16.31
CA LEU A 632 30.92 59.34 -16.99
C LEU A 632 31.00 59.11 -18.50
N PHE A 633 32.21 59.08 -19.04
CA PHE A 633 32.39 58.83 -20.47
C PHE A 633 31.94 57.42 -20.83
N GLU A 634 32.19 56.45 -19.96
CA GLU A 634 31.93 55.06 -20.25
C GLU A 634 30.59 54.55 -19.73
N SER A 635 29.91 55.30 -18.87
CA SER A 635 28.72 54.80 -18.19
C SER A 635 27.43 55.45 -18.65
N LEU A 636 27.42 56.75 -18.89
CA LEU A 636 26.18 57.44 -19.24
C LEU A 636 25.64 56.95 -20.57
N ARG A 637 24.32 56.77 -20.63
CA ARG A 637 23.64 56.27 -21.81
C ARG A 637 22.40 57.11 -22.07
N ASN A 638 21.94 57.07 -23.33
CA ASN A 638 20.74 57.80 -23.73
C ASN A 638 19.55 56.87 -23.59
N ILE A 639 18.82 57.00 -22.49
CA ILE A 639 17.65 56.20 -22.22
C ILE A 639 16.41 57.08 -22.35
N SER A 640 15.35 56.50 -22.89
CA SER A 640 14.05 57.12 -23.19
C SER A 640 14.10 57.93 -24.48
N GLY A 641 15.25 58.01 -25.14
CA GLY A 641 15.33 58.72 -26.41
C GLY A 641 14.92 60.17 -26.31
N GLU A 642 15.34 60.85 -25.24
CA GLU A 642 14.91 62.22 -24.97
C GLU A 642 15.59 63.24 -25.86
N TYR A 643 16.47 62.82 -26.76
CA TYR A 643 16.96 63.66 -27.84
C TYR A 643 16.81 62.92 -29.16
N ASN A 644 16.13 63.54 -30.12
CA ASN A 644 15.94 62.96 -31.45
C ASN A 644 16.09 64.05 -32.48
N ILE A 645 16.37 63.63 -33.72
CA ILE A 645 16.64 64.53 -34.82
C ILE A 645 15.53 64.38 -35.85
N ASN A 646 14.95 65.50 -36.25
CA ASN A 646 14.01 65.48 -37.36
C ASN A 646 14.75 65.28 -38.68
N PRO A 647 14.20 64.51 -39.60
CA PRO A 647 14.91 64.29 -40.88
C PRO A 647 15.19 65.58 -41.64
N GLN A 648 14.31 66.57 -41.54
CA GLN A 648 14.57 67.85 -42.20
C GLN A 648 15.71 68.59 -41.52
N ASP A 649 15.80 68.49 -40.20
CA ASP A 649 16.85 69.20 -39.47
C ASP A 649 18.22 68.58 -39.75
N GLU A 650 18.28 67.27 -39.96
CA GLU A 650 19.55 66.62 -40.24
C GLU A 650 20.13 67.08 -41.57
N HIS A 651 19.33 67.04 -42.63
CA HIS A 651 19.84 67.41 -43.95
C HIS A 651 20.02 68.92 -44.07
N SER A 652 19.36 69.70 -43.23
CA SER A 652 19.63 71.13 -43.19
C SER A 652 20.92 71.41 -42.42
N PHE A 653 21.24 70.56 -41.44
CA PHE A 653 22.45 70.75 -40.65
C PHE A 653 23.70 70.57 -41.50
N PHE A 654 23.71 69.57 -42.37
CA PHE A 654 24.89 69.28 -43.16
C PHE A 654 24.97 70.13 -44.42
N PHE A 655 23.83 70.48 -45.01
CA PHE A 655 23.83 71.35 -46.18
C PHE A 655 24.27 72.76 -45.81
N ALA A 656 23.89 73.24 -44.64
CA ALA A 656 24.19 74.59 -44.19
C ALA A 656 25.09 74.56 -42.96
N LEU A 657 26.11 73.72 -42.97
CA LEU A 657 27.05 73.65 -41.86
C LEU A 657 27.72 74.99 -41.65
N ALA A 658 27.78 75.42 -40.39
CA ALA A 658 28.34 76.71 -40.02
C ALA A 658 29.69 76.53 -39.35
N GLN A 659 30.63 77.41 -39.69
CA GLN A 659 31.94 77.40 -39.07
C GLN A 659 31.82 77.75 -37.59
N ILE A 660 32.75 77.23 -36.79
CA ILE A 660 32.76 77.45 -35.36
C ILE A 660 33.70 78.61 -35.05
N ASN A 661 33.19 79.61 -34.35
CA ASN A 661 33.95 80.77 -33.94
C ASN A 661 34.17 80.71 -32.44
N ALA A 662 35.43 80.73 -32.02
CA ALA A 662 35.81 80.64 -30.61
C ALA A 662 36.26 82.02 -30.16
N ASP A 663 35.30 82.84 -29.73
CA ASP A 663 35.62 84.17 -29.24
C ASP A 663 36.22 84.08 -27.84
N ASP A 664 36.71 85.23 -27.36
CA ASP A 664 37.22 85.29 -25.99
C ASP A 664 36.11 85.09 -24.98
N GLU A 665 34.89 85.51 -25.30
CA GLU A 665 33.77 85.29 -24.39
C GLU A 665 33.48 83.80 -24.21
N PHE A 666 33.54 83.04 -25.30
CA PHE A 666 33.27 81.60 -25.21
C PHE A 666 34.34 80.89 -24.39
N ILE A 667 35.62 81.26 -24.59
CA ILE A 667 36.70 80.63 -23.84
C ILE A 667 36.56 80.95 -22.36
N GLY A 668 36.25 82.20 -22.03
CA GLY A 668 36.05 82.56 -20.63
C GLY A 668 34.86 81.87 -20.01
N ALA A 669 33.78 81.72 -20.78
CA ALA A 669 32.60 81.03 -20.25
C ALA A 669 32.90 79.57 -19.96
N ILE A 670 33.69 78.92 -20.82
CA ILE A 670 34.02 77.52 -20.61
C ILE A 670 34.91 77.35 -19.38
N ASP A 671 35.85 78.27 -19.17
CA ASP A 671 36.72 78.19 -18.00
C ASP A 671 35.93 78.31 -16.71
N LYS A 672 34.89 79.16 -16.70
CA LYS A 672 34.01 79.23 -15.55
C LYS A 672 33.27 77.92 -15.33
N GLU A 673 32.84 77.28 -16.43
CA GLU A 673 32.16 76.00 -16.31
C GLU A 673 33.08 74.94 -15.74
N SER A 674 34.36 74.98 -16.09
CA SER A 674 35.30 73.99 -15.59
C SER A 674 35.42 74.05 -14.06
N ALA A 675 35.46 75.27 -13.52
CA ALA A 675 35.51 75.42 -12.07
C ALA A 675 34.21 74.93 -11.44
N GLU A 676 33.07 75.21 -12.07
CA GLU A 676 31.78 74.76 -11.54
C GLU A 676 31.69 73.24 -11.56
N TYR A 677 32.14 72.61 -12.65
CA TYR A 677 32.08 71.16 -12.74
C TYR A 677 32.97 70.49 -11.71
N LEU A 678 34.16 71.06 -11.47
CA LEU A 678 35.06 70.47 -10.49
C LEU A 678 34.46 70.50 -9.09
N ASP A 679 33.86 71.62 -8.72
CA ASP A 679 33.21 71.72 -7.41
C ASP A 679 32.03 70.76 -7.34
N GLU A 680 31.25 70.65 -8.41
CA GLU A 680 30.09 69.78 -8.41
C GLU A 680 30.48 68.32 -8.22
N TYR A 681 31.52 67.87 -8.92
CA TYR A 681 31.96 66.49 -8.76
C TYR A 681 32.48 66.23 -7.35
N ALA A 682 33.22 67.19 -6.79
CA ALA A 682 33.74 67.03 -5.44
C ALA A 682 32.63 66.95 -4.42
N THR A 683 31.59 67.79 -4.57
CA THR A 683 30.46 67.75 -3.65
C THR A 683 29.71 66.43 -3.75
N LEU A 684 29.50 65.94 -4.97
CA LEU A 684 28.79 64.68 -5.14
C LEU A 684 29.54 63.51 -4.52
N ALA A 685 30.87 63.50 -4.67
CA ALA A 685 31.66 62.40 -4.13
C ALA A 685 31.57 62.37 -2.60
N ARG A 686 31.56 63.53 -1.96
CA ARG A 686 31.46 63.57 -0.51
C ARG A 686 30.12 63.02 -0.03
N ASP A 687 29.03 63.40 -0.71
CA ASP A 687 27.72 62.95 -0.29
C ASP A 687 27.52 61.46 -0.54
N ILE A 688 28.18 60.92 -1.55
CA ILE A 688 28.14 59.48 -1.77
C ILE A 688 28.82 58.75 -0.63
N SER A 689 29.95 59.26 -0.17
CA SER A 689 30.64 58.67 0.97
C SER A 689 29.80 58.75 2.24
N ASN A 690 29.16 59.90 2.46
CA ASN A 690 28.31 60.04 3.63
C ASN A 690 27.11 59.11 3.58
N SER A 691 26.52 58.94 2.40
CA SER A 691 25.38 58.05 2.26
C SER A 691 25.78 56.59 2.48
N LEU A 692 26.93 56.19 1.95
CA LEU A 692 27.36 54.80 2.09
C LEU A 692 27.64 54.45 3.53
N THR A 693 28.23 55.37 4.29
CA THR A 693 28.47 55.13 5.71
C THR A 693 27.17 55.06 6.48
N LEU A 694 26.20 55.93 6.14
CA LEU A 694 24.93 55.94 6.86
C LEU A 694 24.16 54.64 6.66
N VAL A 695 24.15 54.12 5.44
CA VAL A 695 23.38 52.91 5.15
C VAL A 695 23.99 51.72 5.87
N LYS A 696 25.32 51.62 5.90
CA LYS A 696 25.97 50.47 6.52
C LYS A 696 25.71 50.42 8.01
N ALA A 697 25.73 51.58 8.68
CA ALA A 697 25.59 51.61 10.13
C ALA A 697 24.15 51.43 10.59
N ALA A 698 23.17 51.85 9.79
CA ALA A 698 21.80 51.98 10.27
C ALA A 698 20.83 50.96 9.68
N PHE A 699 21.24 50.16 8.71
CA PHE A 699 20.31 49.26 8.03
C PHE A 699 20.92 47.87 7.92
N GLY A 700 20.05 46.89 7.76
CA GLY A 700 20.45 45.51 7.60
C GLY A 700 19.73 44.84 6.46
N PRO A 701 19.81 43.52 6.38
CA PRO A 701 19.14 42.80 5.30
C PRO A 701 17.66 42.57 5.61
N LEU A 702 16.91 42.29 4.55
CA LEU A 702 15.47 42.09 4.63
C LEU A 702 15.13 40.62 4.61
N GLU A 703 13.95 40.30 5.14
CA GLU A 703 13.44 38.94 5.21
C GLU A 703 12.00 38.93 4.73
N ARG A 704 11.55 37.74 4.29
CA ARG A 704 10.19 37.60 3.80
C ARG A 704 9.22 37.44 4.96
N THR A 705 9.27 38.36 5.91
CA THR A 705 8.40 38.36 7.07
C THR A 705 7.85 39.76 7.28
N SER A 706 6.64 39.83 7.84
CA SER A 706 5.99 41.12 8.04
C SER A 706 6.76 41.97 9.05
N GLY A 707 7.32 41.34 10.09
CA GLY A 707 8.05 42.09 11.09
C GLY A 707 9.28 42.78 10.53
N SER A 708 10.03 42.07 9.68
CA SER A 708 11.22 42.67 9.08
C SER A 708 10.87 43.83 8.16
N ILE A 709 9.79 43.68 7.38
CA ILE A 709 9.38 44.76 6.47
C ILE A 709 8.92 45.97 7.27
N ILE A 710 8.13 45.76 8.31
CA ILE A 710 7.66 46.87 9.13
C ILE A 710 8.83 47.56 9.81
N ASN A 711 9.78 46.78 10.32
CA ASN A 711 10.94 47.35 10.99
C ASN A 711 11.78 48.18 10.04
N HIS A 712 11.98 47.70 8.81
CA HIS A 712 12.79 48.42 7.84
C HIS A 712 12.13 49.74 7.45
N ALA A 713 10.82 49.73 7.23
CA ALA A 713 10.12 50.94 6.79
C ALA A 713 10.15 52.02 7.86
N ASN A 714 9.92 51.64 9.12
CA ASN A 714 9.95 52.61 10.20
C ASN A 714 11.34 53.21 10.37
N ASN A 715 12.37 52.38 10.31
CA ASN A 715 13.73 52.88 10.44
C ASN A 715 14.11 53.80 9.29
N LEU A 716 13.68 53.45 8.08
CA LEU A 716 14.00 54.27 6.92
C LEU A 716 13.41 55.67 7.06
N ASN A 717 12.18 55.78 7.56
CA ASN A 717 11.57 57.09 7.74
C ASN A 717 12.27 57.88 8.84
N LYS A 718 12.68 57.21 9.93
CA LYS A 718 13.35 57.90 11.01
C LYS A 718 14.69 58.48 10.54
N VAL A 719 15.42 57.73 9.73
CA VAL A 719 16.68 58.23 9.19
C VAL A 719 16.42 59.41 8.26
N ILE A 720 15.43 59.28 7.37
CA ILE A 720 15.18 60.31 6.37
C ILE A 720 14.76 61.60 7.04
N ASN A 721 13.86 61.52 8.03
CA ASN A 721 13.43 62.72 8.73
C ASN A 721 14.58 63.37 9.48
N HIS A 722 15.55 62.59 9.95
CA HIS A 722 16.67 63.17 10.68
C HIS A 722 17.65 63.87 9.74
N VAL A 723 17.93 63.25 8.58
CA VAL A 723 18.96 63.79 7.68
C VAL A 723 18.48 64.99 6.88
N PHE A 724 17.19 65.32 6.95
CA PHE A 724 16.65 66.48 6.25
C PHE A 724 16.25 67.60 7.19
N ALA A 725 16.44 67.41 8.49
CA ALA A 725 16.17 68.45 9.47
C ALA A 725 17.38 69.37 9.64
N ASP A 726 17.11 70.61 10.02
CA ASP A 726 18.13 71.64 10.21
C ASP A 726 18.87 71.80 8.89
N LYS A 727 20.20 71.86 8.88
CA LYS A 727 20.93 71.88 7.62
C LYS A 727 21.01 70.45 7.09
N PRO A 728 20.49 70.18 5.90
CA PRO A 728 20.49 68.80 5.39
C PRO A 728 21.91 68.26 5.25
N LEU A 729 22.06 66.97 5.55
CA LEU A 729 23.34 66.31 5.32
C LEU A 729 23.70 66.26 3.85
N ILE A 730 22.70 66.16 2.98
CA ILE A 730 22.90 65.92 1.56
C ILE A 730 22.88 67.28 0.86
N SER A 731 23.73 67.44 -0.14
CA SER A 731 23.89 68.72 -0.80
C SER A 731 22.77 68.97 -1.80
N GLU A 732 22.63 70.24 -2.21
CA GLU A 732 21.62 70.61 -3.18
C GLU A 732 21.90 70.06 -4.57
N THR A 733 23.17 69.72 -4.86
CA THR A 733 23.50 69.22 -6.19
C THR A 733 22.86 67.87 -6.46
N MET A 734 23.02 66.91 -5.54
CA MET A 734 22.46 65.59 -5.80
C MET A 734 20.94 65.59 -5.65
N LEU A 735 20.39 66.46 -4.81
CA LEU A 735 18.95 66.62 -4.74
C LEU A 735 18.39 67.04 -6.10
N LYS A 736 19.14 67.87 -6.83
CA LYS A 736 18.73 68.24 -8.18
C LYS A 736 18.76 67.02 -9.11
N ILE A 737 19.77 66.16 -8.97
CA ILE A 737 19.85 64.97 -9.80
C ILE A 737 18.67 64.05 -9.54
N LEU A 738 18.31 63.86 -8.27
CA LEU A 738 17.24 62.94 -7.92
C LEU A 738 15.85 63.53 -8.14
N THR A 739 15.74 64.86 -8.26
CA THR A 739 14.46 65.51 -8.46
C THR A 739 14.12 65.64 -9.95
N ILE A 740 15.10 65.44 -10.83
CA ILE A 740 14.98 65.73 -12.26
C ILE A 740 13.80 64.98 -12.88
N ASP A 741 13.38 63.88 -12.24
CA ASP A 741 12.24 63.11 -12.71
C ASP A 741 10.91 63.63 -12.17
N GLY A 742 10.93 64.68 -11.34
CA GLY A 742 9.74 65.27 -10.81
C GLY A 742 9.42 64.89 -9.37
N THR A 743 10.03 63.82 -8.86
CA THR A 743 9.75 63.40 -7.50
C THR A 743 10.39 64.36 -6.50
N THR A 744 9.84 64.36 -5.29
CA THR A 744 10.38 65.20 -4.22
C THR A 744 11.79 64.74 -3.87
N GLY A 745 12.65 65.70 -3.55
CA GLY A 745 14.02 65.36 -3.21
C GLY A 745 14.12 64.45 -2.00
N LYS A 746 13.24 64.65 -1.02
CA LYS A 746 13.22 63.77 0.14
C LYS A 746 12.84 62.34 -0.24
N ASP A 747 11.85 62.20 -1.13
CA ASP A 747 11.45 60.87 -1.58
C ASP A 747 12.54 60.23 -2.42
N GLY A 748 13.20 61.00 -3.27
CA GLY A 748 14.27 60.45 -4.10
C GLY A 748 15.42 59.91 -3.29
N TYR A 749 15.79 60.61 -2.22
CA TYR A 749 16.87 60.15 -1.36
C TYR A 749 16.48 58.86 -0.64
N ARG A 750 15.22 58.75 -0.23
CA ARG A 750 14.75 57.54 0.43
C ARG A 750 14.85 56.33 -0.50
N ASN A 751 14.48 56.53 -1.77
CA ASN A 751 14.56 55.44 -2.74
C ASN A 751 16.02 55.03 -2.99
N TRP A 752 16.91 56.01 -3.11
CA TRP A 752 18.32 55.71 -3.38
C TRP A 752 18.96 55.00 -2.20
N LEU A 753 18.62 55.40 -0.98
CA LEU A 753 19.21 54.77 0.20
C LEU A 753 18.80 53.31 0.29
N ASP A 754 17.55 52.99 -0.03
CA ASP A 754 17.09 51.61 0.03
C ASP A 754 17.85 50.74 -0.95
N LYS A 755 18.14 51.26 -2.15
CA LYS A 755 18.87 50.50 -3.14
C LYS A 755 20.30 50.19 -2.67
N LEU A 756 20.87 51.09 -1.86
CA LEU A 756 22.27 50.97 -1.48
C LEU A 756 22.51 49.98 -0.34
N VAL A 757 21.45 49.47 0.29
CA VAL A 757 21.63 48.56 1.42
C VAL A 757 22.26 47.27 0.94
N GLY A 758 23.30 46.82 1.65
CA GLY A 758 24.00 45.61 1.28
C GLY A 758 25.07 45.78 0.22
N HIS A 759 25.49 47.02 -0.03
CA HIS A 759 26.49 47.28 -1.05
C HIS A 759 27.87 46.76 -0.61
N ASN A 760 28.71 46.51 -1.60
CA ASN A 760 30.10 46.16 -1.37
C ASN A 760 31.05 47.25 -1.86
N TYR A 761 30.56 48.46 -2.02
CA TYR A 761 31.40 49.54 -2.50
C TYR A 761 32.45 49.89 -1.45
N PRO A 762 33.72 49.99 -1.83
CA PRO A 762 34.75 50.38 -0.86
C PRO A 762 34.63 51.87 -0.54
N VAL A 763 34.73 52.19 0.75
CA VAL A 763 34.68 53.57 1.23
C VAL A 763 35.97 53.87 1.96
N TYR A 764 36.64 54.95 1.55
CA TYR A 764 37.91 55.33 2.17
C TYR A 764 37.65 55.94 3.54
N VAL A 765 38.41 55.50 4.54
CA VAL A 765 38.25 55.96 5.91
C VAL A 765 39.02 57.27 6.05
N GLU A 766 38.29 58.37 6.19
CA GLU A 766 38.89 59.70 6.26
C GLU A 766 39.40 60.01 7.65
N PRO A 767 40.27 61.01 7.79
CA PRO A 767 40.83 61.33 9.12
C PRO A 767 39.80 61.62 10.19
N VAL A 768 38.69 62.30 9.85
CA VAL A 768 37.72 62.65 10.86
C VAL A 768 37.03 61.40 11.40
N VAL A 769 36.84 60.39 10.55
CA VAL A 769 36.25 59.14 11.02
C VAL A 769 37.19 58.42 11.97
N ASN A 770 38.51 58.49 11.69
CA ASN A 770 39.48 57.87 12.58
C ASN A 770 39.49 58.55 13.94
N ILE A 771 39.35 59.87 13.97
CA ILE A 771 39.40 60.60 15.23
C ILE A 771 38.23 60.21 16.13
N MET A 772 37.02 60.20 15.55
CA MET A 772 35.84 59.88 16.35
C MET A 772 35.84 58.43 16.80
N ASN A 773 36.39 57.52 15.98
CA ASN A 773 36.49 56.13 16.40
C ASN A 773 37.41 56.00 17.61
N PHE A 774 38.46 56.82 17.67
CA PHE A 774 39.36 56.79 18.82
C PHE A 774 38.66 57.28 20.07
N ILE A 775 37.90 58.38 19.96
CA ILE A 775 37.21 58.93 21.13
C ILE A 775 36.10 57.98 21.58
N SER A 776 35.42 57.35 20.63
CA SER A 776 34.36 56.40 20.99
C SER A 776 34.94 55.19 21.74
N ALA A 777 36.09 54.69 21.29
CA ALA A 777 36.68 53.54 21.95
C ALA A 777 37.11 53.86 23.36
N ARG A 778 37.71 55.04 23.58
CA ARG A 778 38.14 55.40 24.92
C ARG A 778 36.96 55.78 25.80
N PHE A 779 35.83 56.17 25.21
CA PHE A 779 34.62 56.42 25.98
C PHE A 779 34.12 55.12 26.62
N VAL A 780 34.08 54.04 25.85
CA VAL A 780 33.64 52.76 26.38
C VAL A 780 34.70 52.19 27.33
N ALA A 781 35.97 52.26 26.95
CA ALA A 781 37.02 51.60 27.72
C ALA A 781 37.23 52.25 29.07
N ASP A 782 37.35 53.58 29.11
CA ASP A 782 37.60 54.32 30.33
C ASP A 782 36.35 55.12 30.66
N SER A 783 35.41 54.47 31.36
CA SER A 783 34.14 55.10 31.68
C SER A 783 34.28 56.09 32.83
N SER A 784 35.20 55.85 33.76
CA SER A 784 35.31 56.70 34.93
C SER A 784 35.74 58.12 34.57
N TYR A 785 36.46 58.29 33.46
CA TYR A 785 36.85 59.62 33.02
C TYR A 785 35.64 60.47 32.65
N PHE A 786 34.52 59.85 32.29
CA PHE A 786 33.38 60.58 31.75
C PHE A 786 32.16 60.53 32.66
N GLY A 787 32.29 59.99 33.87
CA GLY A 787 31.25 60.12 34.86
C GLY A 787 30.21 59.01 34.91
N TYR A 788 30.49 57.85 34.33
CA TYR A 788 29.56 56.74 34.42
C TYR A 788 30.33 55.46 34.70
N THR A 789 29.63 54.49 35.29
CA THR A 789 30.22 53.21 35.66
C THR A 789 29.18 52.13 35.46
N ASN A 790 29.66 50.88 35.36
CA ASN A 790 28.80 49.74 35.10
C ASN A 790 28.59 48.86 36.33
N GLU A 791 28.93 49.36 37.51
CA GLU A 791 28.86 48.53 38.71
C GLU A 791 28.89 49.37 39.98
N ILE A 792 27.93 49.15 40.88
CA ILE A 792 27.91 49.80 42.18
C ILE A 792 27.68 48.74 43.24
N MET A 793 28.06 49.09 44.48
CA MET A 793 27.94 48.18 45.61
C MET A 793 27.26 48.90 46.77
N ILE A 794 26.26 48.25 47.37
CA ILE A 794 25.57 48.76 48.54
C ILE A 794 25.85 47.81 49.69
N MET A 795 26.34 48.35 50.81
CA MET A 795 26.68 47.55 51.97
C MET A 795 26.21 48.26 53.22
N PRO A 796 25.89 47.51 54.27
CA PRO A 796 25.65 48.13 55.58
C PRO A 796 26.91 48.76 56.13
N ASN A 797 26.72 49.74 57.02
CA ASN A 797 27.85 50.48 57.56
C ASN A 797 28.75 49.59 58.42
N HIS A 798 28.19 48.59 59.09
CA HIS A 798 28.99 47.77 59.99
C HIS A 798 29.89 46.80 59.26
N ILE A 799 29.72 46.61 57.95
CA ILE A 799 30.59 45.76 57.17
C ILE A 799 31.78 46.59 56.70
N ASN A 800 32.98 46.12 57.02
CA ASN A 800 34.20 46.86 56.71
C ASN A 800 34.71 46.41 55.34
N VAL A 801 34.67 47.31 54.37
CA VAL A 801 35.13 47.00 53.02
C VAL A 801 36.40 47.81 52.74
N PRO A 802 37.41 47.21 52.10
CA PRO A 802 38.62 47.96 51.80
C PRO A 802 38.35 49.02 50.74
N VAL A 803 38.91 50.21 50.96
CA VAL A 803 38.65 51.37 50.12
C VAL A 803 39.99 52.01 49.75
N ASP A 804 39.91 53.05 48.92
CA ASP A 804 41.09 53.77 48.46
C ASP A 804 41.44 54.83 49.48
N ASP A 805 42.58 54.66 50.14
CA ASP A 805 43.04 55.59 51.17
C ASP A 805 44.12 56.55 50.66
N ARG A 806 44.32 56.62 49.35
CA ARG A 806 45.36 57.48 48.81
C ARG A 806 45.03 58.94 48.99
N PHE A 807 43.75 59.32 48.86
CA PHE A 807 43.36 60.72 48.83
C PHE A 807 43.03 61.29 50.19
N GLY A 808 42.98 60.47 51.24
CA GLY A 808 42.68 60.99 52.56
C GLY A 808 41.24 61.37 52.78
N PHE A 809 40.32 60.82 51.99
CA PHE A 809 38.90 61.10 52.18
C PHE A 809 38.39 60.42 53.45
N ARG A 810 37.32 60.97 54.01
CA ARG A 810 36.67 60.37 55.16
C ARG A 810 35.58 59.42 54.66
N ASP A 811 35.71 58.14 54.99
CA ASP A 811 34.80 57.11 54.51
C ASP A 811 34.67 57.17 52.99
N SER A 812 35.79 56.94 52.32
CA SER A 812 35.85 57.12 50.88
C SER A 812 34.90 56.14 50.19
N PRO A 813 34.04 56.62 49.28
CA PRO A 813 33.19 55.72 48.51
C PRO A 813 33.90 55.05 47.35
N PHE A 814 35.21 55.26 47.20
CA PHE A 814 35.97 54.74 46.07
C PHE A 814 36.81 53.55 46.51
N CYS A 815 36.66 52.44 45.79
CA CYS A 815 37.49 51.26 45.97
C CYS A 815 38.36 51.08 44.74
N THR A 816 39.57 50.56 44.96
CA THR A 816 40.47 50.30 43.83
C THR A 816 39.85 49.32 42.85
N SER A 817 39.22 48.27 43.36
CA SER A 817 38.38 47.39 42.57
C SER A 817 37.31 46.85 43.50
N LEU A 818 36.11 46.66 42.97
CA LEU A 818 35.03 46.13 43.79
C LEU A 818 35.42 44.75 44.29
N PRO A 819 35.38 44.50 45.61
CA PRO A 819 35.95 43.26 46.15
C PRO A 819 35.26 42.03 45.61
N ARG A 820 36.07 41.00 45.35
CA ARG A 820 35.52 39.71 44.95
C ARG A 820 34.91 38.98 46.14
N THR A 821 35.57 39.02 47.29
CA THR A 821 35.10 38.38 48.50
C THR A 821 35.12 39.37 49.65
N ILE A 822 34.12 39.27 50.52
CA ILE A 822 34.06 40.05 51.75
C ILE A 822 33.82 39.07 52.91
N MET A 823 34.64 39.17 53.95
CA MET A 823 34.57 38.29 55.11
C MET A 823 34.71 36.82 54.72
N GLY A 824 35.50 36.55 53.68
CA GLY A 824 35.76 35.19 53.25
C GLY A 824 34.73 34.59 52.33
N ASN A 825 33.72 35.34 51.93
CA ASN A 825 32.69 34.83 51.03
C ASN A 825 32.47 35.81 49.89
N ASP A 826 32.15 35.27 48.72
CA ASP A 826 31.99 36.08 47.53
C ASP A 826 30.78 36.99 47.65
N VAL A 827 30.91 38.21 47.14
CA VAL A 827 29.84 39.19 47.20
C VAL A 827 28.78 38.86 46.17
N ARG A 828 27.52 38.93 46.56
CA ARG A 828 26.41 38.66 45.65
C ARG A 828 26.35 39.71 44.56
N ARG A 829 25.95 39.27 43.37
CA ARG A 829 25.82 40.14 42.21
C ARG A 829 24.42 40.00 41.65
N ILE A 830 23.71 41.12 41.57
CA ILE A 830 22.34 41.15 41.07
C ILE A 830 22.26 42.15 39.93
N SER A 831 21.59 41.77 38.85
CA SER A 831 21.38 42.70 37.75
C SER A 831 20.29 43.70 38.09
N TYR A 832 20.29 44.81 37.37
CA TYR A 832 19.34 45.88 37.67
C TYR A 832 17.91 45.47 37.37
N ASN A 833 17.69 44.70 36.30
CA ASN A 833 16.34 44.28 35.95
C ASN A 833 15.75 43.38 37.02
N VAL A 834 16.54 42.42 37.52
CA VAL A 834 16.05 41.55 38.58
C VAL A 834 15.88 42.32 39.87
N PHE A 835 16.80 43.25 40.14
CA PHE A 835 16.70 44.07 41.35
C PHE A 835 15.44 44.94 41.32
N SER A 836 15.11 45.50 40.16
CA SER A 836 13.93 46.34 40.05
C SER A 836 12.66 45.54 40.31
N MET A 837 12.67 44.26 39.95
CA MET A 837 11.49 43.41 40.01
C MET A 837 11.35 42.68 41.34
N MET A 838 12.31 42.86 42.24
CA MET A 838 12.34 42.14 43.50
C MET A 838 11.28 42.69 44.46
N GLU A 839 10.67 41.77 45.23
CA GLU A 839 9.73 42.14 46.28
C GLU A 839 10.29 41.90 47.67
N ASP A 840 11.37 41.14 47.80
CA ASP A 840 12.02 40.88 49.08
C ASP A 840 13.35 41.63 49.18
N ILE A 841 13.36 42.87 48.69
CA ILE A 841 14.59 43.66 48.65
C ILE A 841 15.09 43.96 50.06
N ASP A 842 14.20 44.01 51.04
CA ASP A 842 14.62 44.29 52.40
C ASP A 842 15.52 43.19 52.95
N ASP A 843 15.19 41.93 52.66
CA ASP A 843 16.02 40.83 53.13
C ASP A 843 17.36 40.79 52.41
N VAL A 844 17.36 41.05 51.11
CA VAL A 844 18.59 40.98 50.33
C VAL A 844 19.53 42.11 50.70
N ILE A 845 18.99 43.32 50.89
CA ILE A 845 19.83 44.49 51.16
C ILE A 845 20.46 44.44 52.54
N SER A 846 19.96 43.57 53.43
CA SER A 846 20.54 43.47 54.76
C SER A 846 21.95 42.90 54.72
N GLU A 847 22.25 42.06 53.73
CA GLU A 847 23.56 41.44 53.61
C GLU A 847 24.48 42.18 52.65
N GLY A 848 23.95 43.11 51.85
CA GLY A 848 24.76 43.84 50.90
C GLY A 848 24.93 43.09 49.60
N PHE A 849 24.96 43.81 48.48
CA PHE A 849 25.09 43.17 47.18
C PHE A 849 25.79 44.12 46.21
N ILE A 850 25.99 43.65 44.99
CA ILE A 850 26.61 44.42 43.92
C ILE A 850 25.61 44.50 42.77
N LEU A 851 25.38 45.71 42.27
CA LEU A 851 24.46 45.93 41.17
C LEU A 851 25.25 46.17 39.89
N TYR A 852 24.90 45.44 38.83
CA TYR A 852 25.57 45.55 37.54
C TYR A 852 24.52 45.46 36.44
N ASP A 853 24.99 45.26 35.20
CA ASP A 853 24.13 45.17 34.03
C ASP A 853 23.37 46.46 33.77
N ALA A 854 23.98 47.59 34.10
CA ALA A 854 23.38 48.90 33.86
C ALA A 854 24.51 49.92 33.86
N TYR A 855 24.20 51.10 33.32
CA TYR A 855 25.15 52.20 33.24
C TYR A 855 24.74 53.24 34.25
N PHE A 856 25.51 53.36 35.33
CA PHE A 856 25.18 54.23 36.45
C PHE A 856 25.90 55.56 36.29
N ASN A 857 25.15 56.64 36.19
CA ASN A 857 25.70 57.98 36.12
C ASN A 857 25.85 58.54 37.51
N PHE A 858 27.04 59.05 37.83
CA PHE A 858 27.32 59.54 39.17
C PHE A 858 28.05 60.88 39.07
N SER A 859 27.91 61.67 40.13
CA SER A 859 28.58 62.95 40.26
C SER A 859 29.13 63.07 41.66
N TYR A 860 30.13 63.94 41.82
CA TYR A 860 30.69 64.18 43.14
C TYR A 860 31.35 65.55 43.16
N ASP A 861 31.34 66.16 44.33
CA ASP A 861 32.08 67.40 44.58
C ASP A 861 32.89 67.23 45.84
N ILE A 862 34.18 67.57 45.75
CA ILE A 862 35.11 67.41 46.87
C ILE A 862 35.14 68.70 47.66
N MET A 863 34.77 68.61 48.94
CA MET A 863 34.72 69.78 49.82
C MET A 863 36.01 69.86 50.63
N THR A 864 36.56 71.07 50.70
CA THR A 864 37.86 71.25 51.34
C THR A 864 37.76 71.15 52.87
N THR A 865 36.58 71.37 53.43
CA THR A 865 36.40 71.28 54.87
C THR A 865 36.29 69.82 55.27
N ASP A 866 35.98 69.57 56.55
CA ASP A 866 35.79 68.23 57.08
C ASP A 866 34.34 68.07 57.51
N GLY A 867 33.74 66.95 57.15
CA GLY A 867 32.37 66.68 57.49
C GLY A 867 32.04 65.22 57.25
N VAL A 868 30.75 64.90 57.31
CA VAL A 868 30.28 63.54 57.10
C VAL A 868 30.10 63.31 55.61
N THR A 869 30.86 62.39 55.05
CA THR A 869 30.70 62.03 53.65
C THR A 869 29.39 61.26 53.48
N ARG A 870 28.56 61.69 52.54
CA ARG A 870 27.23 61.15 52.39
C ARG A 870 26.75 61.37 50.96
N LEU A 871 25.52 60.97 50.70
CA LEU A 871 24.88 61.14 49.40
C LEU A 871 23.82 62.23 49.51
N LYS A 872 23.56 62.89 48.37
CA LYS A 872 22.53 63.92 48.34
C LYS A 872 21.15 63.32 48.62
N GLU A 873 20.85 62.18 48.04
CA GLU A 873 19.55 61.54 48.16
C GLU A 873 19.70 60.15 48.77
N ASP A 874 18.56 59.51 49.00
CA ASP A 874 18.56 58.13 49.46
C ASP A 874 19.03 57.21 48.35
N ILE A 875 19.48 56.01 48.74
CA ILE A 875 20.06 55.08 47.78
C ILE A 875 18.98 54.57 46.83
N LEU A 876 17.83 54.14 47.36
CA LEU A 876 16.81 53.50 46.55
C LEU A 876 15.44 54.06 46.85
N ILE A 877 14.54 53.91 45.89
CA ILE A 877 13.14 54.27 46.01
C ILE A 877 12.31 53.05 45.68
N VAL A 878 11.36 52.72 46.55
CA VAL A 878 10.53 51.52 46.42
C VAL A 878 9.12 51.96 46.06
N THR A 879 8.62 51.46 44.93
CA THR A 879 7.28 51.75 44.47
C THR A 879 6.54 50.44 44.21
N ASP A 880 5.22 50.54 44.08
CA ASP A 880 4.41 49.36 43.78
C ASP A 880 4.72 48.80 42.40
N THR A 881 5.34 49.59 41.52
CA THR A 881 5.72 49.08 40.20
C THR A 881 7.12 48.49 40.23
N GLY A 882 8.08 49.15 40.85
CA GLY A 882 9.42 48.61 40.91
C GLY A 882 10.32 49.48 41.74
N ASN A 883 11.52 48.97 42.00
CA ASN A 883 12.54 49.66 42.77
C ASN A 883 13.57 50.29 41.84
N ASP A 884 14.03 51.48 42.20
CA ASP A 884 14.98 52.21 41.39
C ASP A 884 16.05 52.82 42.30
N ILE A 885 17.14 53.24 41.67
CA ILE A 885 18.25 53.90 42.37
C ILE A 885 18.17 55.39 42.03
N LYS A 886 18.11 56.22 43.06
CA LYS A 886 18.03 57.66 42.87
C LYS A 886 19.35 58.20 42.34
N PRO A 887 19.34 59.40 41.75
CA PRO A 887 20.58 59.97 41.22
C PRO A 887 21.67 60.04 42.29
N ILE A 888 22.89 59.74 41.87
CA ILE A 888 24.02 59.58 42.78
C ILE A 888 24.83 60.87 42.79
N HIS A 889 25.02 61.44 43.97
CA HIS A 889 25.86 62.62 44.13
C HIS A 889 26.57 62.51 45.47
N PHE A 890 27.90 62.48 45.44
CA PHE A 890 28.71 62.29 46.63
C PHE A 890 29.20 63.64 47.14
N TYR A 891 29.04 63.86 48.45
CA TYR A 891 29.70 64.96 49.15
C TYR A 891 30.89 64.37 49.90
N ILE A 892 32.09 64.64 49.43
CA ILE A 892 33.30 64.03 49.96
C ILE A 892 34.10 65.07 50.72
N TYR A 893 34.48 64.73 51.94
CA TYR A 893 35.24 65.61 52.82
C TYR A 893 36.57 64.95 53.20
N PHE A 894 37.57 65.77 53.47
CA PHE A 894 38.83 65.26 53.99
C PHE A 894 38.73 65.05 55.49
N GLU A 895 39.55 64.14 56.00
CA GLU A 895 39.39 63.59 57.34
C GLU A 895 40.51 64.07 58.27
N ASN A 896 40.13 64.38 59.52
CA ASN A 896 41.07 64.82 60.53
C ASN A 896 41.52 63.70 61.47
N ARG A 897 40.87 62.54 61.44
CA ARG A 897 41.34 61.31 62.07
C ARG A 897 41.23 61.37 63.59
N ASN A 898 40.87 62.52 64.15
CA ASN A 898 40.82 62.68 65.60
C ASN A 898 39.58 63.43 66.07
N ASP A 899 38.61 63.65 65.19
CA ASP A 899 37.36 64.32 65.56
C ASP A 899 36.38 63.26 66.04
N LYS A 900 36.08 63.27 67.34
CA LYS A 900 35.17 62.28 67.89
C LYS A 900 33.74 62.49 67.39
N LYS A 901 33.34 63.75 67.22
CA LYS A 901 31.98 64.03 66.78
C LYS A 901 31.72 63.47 65.38
N LEU A 902 32.67 63.67 64.47
CA LEU A 902 32.48 63.20 63.10
C LEU A 902 32.63 61.69 63.00
N ARG A 903 33.47 61.10 63.86
CA ARG A 903 33.58 59.65 63.90
C ARG A 903 32.26 59.02 64.36
N TYR A 904 31.63 59.62 65.37
CA TYR A 904 30.36 59.11 65.86
C TYR A 904 29.24 59.33 64.85
N GLU A 905 29.23 60.50 64.19
CA GLU A 905 28.19 60.77 63.21
C GLU A 905 28.26 59.80 62.04
N SER A 906 29.46 59.50 61.57
CA SER A 906 29.60 58.61 60.42
C SER A 906 29.19 57.19 60.75
N LYS A 907 29.48 56.74 61.97
CA LYS A 907 29.19 55.35 62.33
C LYS A 907 27.71 55.13 62.62
N MET A 908 27.05 56.10 63.25
CA MET A 908 25.69 55.91 63.74
C MET A 908 24.60 56.57 62.90
N ASN A 909 24.86 57.76 62.35
CA ASN A 909 23.80 58.45 61.61
C ASN A 909 23.54 57.79 60.26
N VAL A 910 24.60 57.45 59.53
CA VAL A 910 24.46 56.79 58.24
C VAL A 910 24.54 55.29 58.46
N SER A 911 23.57 54.56 57.89
CA SER A 911 23.48 53.12 58.08
C SER A 911 23.88 52.31 56.86
N TYR A 912 23.76 52.86 55.66
CA TYR A 912 24.11 52.17 54.43
C TYR A 912 25.03 53.05 53.60
N ARG A 913 25.94 52.42 52.87
CA ARG A 913 26.94 53.12 52.08
C ARG A 913 26.97 52.57 50.67
N LEU A 914 27.30 53.44 49.72
CA LEU A 914 27.38 53.10 48.31
C LEU A 914 28.83 53.23 47.85
N TYR A 915 29.35 52.20 47.19
CA TYR A 915 30.73 52.16 46.75
C TYR A 915 30.81 52.02 45.24
N ILE A 916 31.72 52.77 44.62
CA ILE A 916 32.01 52.66 43.20
C ILE A 916 33.52 52.57 43.03
N LYS A 917 33.92 52.12 41.85
CA LYS A 917 35.34 52.06 41.52
C LYS A 917 35.93 53.46 41.47
N THR A 918 37.18 53.56 41.86
CA THR A 918 37.84 54.86 41.96
C THR A 918 37.94 55.50 40.58
N PRO A 919 37.44 56.71 40.38
CA PRO A 919 37.58 57.37 39.08
C PRO A 919 39.04 57.56 38.71
N ALA A 920 39.35 57.31 37.43
CA ALA A 920 40.71 57.43 36.95
C ALA A 920 41.14 58.88 36.74
N CYS A 921 40.20 59.83 36.74
CA CYS A 921 40.57 61.22 36.59
C CYS A 921 41.34 61.74 37.79
N LEU A 922 41.09 61.17 38.98
CA LEU A 922 41.76 61.61 40.19
C LEU A 922 43.20 61.09 40.21
N LEU A 923 44.08 61.88 40.81
CA LEU A 923 45.48 61.54 40.89
C LEU A 923 46.08 62.27 42.08
N PRO A 924 46.72 61.56 43.01
CA PRO A 924 47.28 62.23 44.19
C PRO A 924 48.36 63.24 43.81
N LEU A 925 48.51 64.25 44.65
CA LEU A 925 49.48 65.31 44.35
C LEU A 925 50.90 64.78 44.32
N SER A 926 51.20 63.77 45.14
CA SER A 926 52.55 63.21 45.15
C SER A 926 52.96 62.68 43.80
N ASP A 927 52.02 62.15 43.02
CA ASP A 927 52.29 61.64 41.68
C ASP A 927 52.02 62.70 40.61
N TYR A 928 52.62 63.89 40.75
CA TYR A 928 52.42 64.92 39.74
C TYR A 928 53.30 64.70 38.53
N MET A 929 54.34 63.87 38.63
CA MET A 929 55.15 63.54 37.47
C MET A 929 54.41 62.67 36.47
N ARG A 930 53.29 62.08 36.86
CA ARG A 930 52.49 61.29 35.93
C ARG A 930 51.68 62.15 34.97
N ALA A 931 51.53 63.44 35.24
CA ALA A 931 50.83 64.36 34.35
C ALA A 931 51.77 65.02 33.36
N GLN A 932 53.06 64.70 33.39
CA GLN A 932 54.02 65.30 32.47
C GLN A 932 53.89 64.65 31.10
N HIS A 933 53.55 65.46 30.10
CA HIS A 933 53.25 64.95 28.78
C HIS A 933 53.88 65.86 27.73
N ASP A 934 54.10 65.30 26.55
CA ASP A 934 54.76 66.01 25.46
C ASP A 934 53.77 66.36 24.35
N TYR A 935 54.05 67.48 23.67
CA TYR A 935 53.27 67.94 22.53
C TYR A 935 54.23 68.51 21.51
N VAL A 936 54.04 68.15 20.24
CA VAL A 936 54.93 68.57 19.16
C VAL A 936 54.21 69.60 18.31
N SER A 937 54.85 70.74 18.10
CA SER A 937 54.33 71.81 17.28
C SER A 937 55.23 72.01 16.07
N PRO A 938 54.69 72.01 14.85
CA PRO A 938 55.54 72.14 13.67
C PRO A 938 56.27 73.47 13.63
N SER A 939 57.29 73.53 12.77
CA SER A 939 58.17 74.68 12.73
C SER A 939 57.42 75.93 12.29
N SER A 940 57.88 77.08 12.77
CA SER A 940 57.28 78.35 12.43
C SER A 940 57.72 78.87 11.07
N SER A 941 58.66 78.20 10.42
CA SER A 941 59.13 78.64 9.11
C SER A 941 58.19 78.25 7.99
N ARG A 942 57.22 77.37 8.24
CA ARG A 942 56.33 76.92 7.18
C ARG A 942 55.37 78.02 6.77
N VAL A 943 55.02 78.03 5.49
CA VAL A 943 53.98 78.91 4.95
C VAL A 943 52.92 78.02 4.31
N TYR A 944 51.67 78.28 4.64
CA TYR A 944 50.56 77.48 4.13
C TYR A 944 49.88 78.21 2.99
N ILE A 945 49.75 77.53 1.85
CA ILE A 945 49.24 78.14 0.63
C ILE A 945 47.76 77.81 0.51
N LYS A 946 46.92 78.85 0.45
CA LYS A 946 45.48 78.65 0.35
C LYS A 946 45.07 78.20 -1.06
N ASP A 947 45.67 78.80 -2.09
CA ASP A 947 45.33 78.48 -3.47
C ASP A 947 46.51 77.77 -4.13
N PRO A 948 46.49 76.46 -4.21
CA PRO A 948 47.65 75.73 -4.75
C PRO A 948 47.61 75.54 -6.26
N ALA A 949 46.77 76.31 -6.95
CA ALA A 949 46.68 76.21 -8.39
C ALA A 949 48.02 76.55 -9.04
N VAL A 950 48.33 75.84 -10.13
CA VAL A 950 49.64 75.93 -10.76
C VAL A 950 49.64 76.73 -12.06
N VAL A 951 48.47 77.11 -12.58
CA VAL A 951 48.41 77.84 -13.84
C VAL A 951 47.37 78.94 -13.75
N TYR A 952 47.49 79.91 -14.65
CA TYR A 952 46.57 81.03 -14.77
C TYR A 952 45.66 80.82 -15.97
N THR A 953 44.59 81.61 -16.02
CA THR A 953 43.61 81.52 -17.10
C THR A 953 43.89 82.61 -18.13
N ARG A 954 44.72 82.27 -19.11
CA ARG A 954 44.92 83.13 -20.27
C ARG A 954 45.57 82.30 -21.37
N SER A 955 45.18 82.56 -22.61
CA SER A 955 45.69 81.82 -23.76
C SER A 955 47.19 82.02 -23.94
N VAL B 20 121.03 179.24 -10.84
CA VAL B 20 119.87 180.10 -10.97
C VAL B 20 118.86 179.51 -11.96
N GLN B 21 119.37 178.87 -13.01
CA GLN B 21 118.55 178.25 -14.03
C GLN B 21 118.33 176.78 -13.68
N THR B 22 117.08 176.34 -13.72
CA THR B 22 116.77 174.95 -13.44
C THR B 22 116.98 174.09 -14.66
N GLN B 23 117.38 172.84 -14.43
CA GLN B 23 117.67 171.93 -15.52
C GLN B 23 116.39 171.43 -16.17
N ASP B 24 116.51 170.97 -17.42
CA ASP B 24 115.36 170.48 -18.15
C ASP B 24 114.74 169.26 -17.47
N PHE B 25 115.57 168.36 -16.97
CA PHE B 25 115.09 167.19 -16.25
C PHE B 25 116.13 166.82 -15.21
N LYS B 26 115.72 165.94 -14.29
CA LYS B 26 116.58 165.48 -13.22
C LYS B 26 117.20 164.13 -13.56
N THR B 27 118.47 163.97 -13.25
CA THR B 27 119.21 162.74 -13.48
C THR B 27 119.71 162.19 -12.15
N ALA B 28 120.28 160.99 -12.21
CA ALA B 28 120.85 160.38 -11.00
C ALA B 28 122.11 161.12 -10.57
N VAL B 29 122.95 161.51 -11.52
CA VAL B 29 124.19 162.21 -11.18
C VAL B 29 123.92 163.65 -10.77
N GLN B 30 122.95 164.30 -11.40
CA GLN B 30 122.69 165.73 -11.20
C GLN B 30 121.23 165.96 -10.84
N PRO B 31 120.84 165.71 -9.59
CA PRO B 31 119.50 166.13 -9.15
C PRO B 31 119.52 167.59 -8.73
N ASP B 32 118.70 168.39 -9.40
CA ASP B 32 118.68 169.84 -9.16
C ASP B 32 117.98 170.10 -7.84
N THR B 33 118.74 170.08 -6.76
CA THR B 33 118.24 170.32 -5.42
C THR B 33 118.44 171.76 -5.01
N ASN B 34 117.73 172.17 -3.96
CA ASN B 34 117.79 173.55 -3.50
C ASN B 34 119.19 173.91 -2.99
N THR B 35 119.81 173.00 -2.25
CA THR B 35 121.17 173.26 -1.76
C THR B 35 122.17 173.37 -2.90
N ALA B 36 122.01 172.52 -3.94
CA ALA B 36 122.89 172.60 -5.09
C ALA B 36 122.73 173.94 -5.81
N GLN B 37 121.49 174.40 -5.98
CA GLN B 37 121.27 175.70 -6.60
C GLN B 37 121.81 176.82 -5.73
N LEU B 38 121.71 176.67 -4.40
CA LEU B 38 122.24 177.68 -3.50
C LEU B 38 123.75 177.80 -3.63
N ILE B 39 124.46 176.68 -3.73
CA ILE B 39 125.90 176.72 -3.92
C ILE B 39 126.24 177.30 -5.28
N LYS B 40 125.41 177.01 -6.28
CA LYS B 40 125.67 177.48 -7.64
C LYS B 40 125.60 178.99 -7.77
N THR B 41 124.99 179.69 -6.82
CA THR B 41 124.89 181.14 -6.92
C THR B 41 126.25 181.82 -6.84
N TYR B 42 127.25 181.15 -6.29
CA TYR B 42 128.61 181.68 -6.26
C TYR B 42 129.62 180.78 -6.95
N SER B 43 129.42 179.46 -6.93
CA SER B 43 130.38 178.56 -7.55
C SER B 43 130.28 178.60 -9.07
N ASN B 44 129.06 178.63 -9.59
CA ASN B 44 128.87 178.54 -11.04
C ASN B 44 127.54 179.15 -11.45
N PRO B 45 127.42 180.47 -11.47
CA PRO B 45 126.25 181.07 -12.13
C PRO B 45 126.40 180.98 -13.63
N LYS B 46 125.43 181.50 -14.38
CA LYS B 46 125.49 181.52 -15.85
C LYS B 46 125.64 180.12 -16.43
N GLN B 47 125.21 179.10 -15.70
CA GLN B 47 125.22 177.73 -16.23
C GLN B 47 123.88 177.46 -16.89
N ARG B 48 123.90 177.31 -18.21
CA ARG B 48 122.68 177.09 -18.96
C ARG B 48 122.06 175.73 -18.57
N GLY B 49 120.75 175.72 -18.42
CA GLY B 49 120.04 174.52 -18.05
C GLY B 49 119.60 173.64 -19.18
N ASP B 50 119.93 174.00 -20.43
CA ASP B 50 119.51 173.21 -21.57
C ASP B 50 120.36 171.95 -21.69
N LYS B 51 119.69 170.82 -21.93
CA LYS B 51 120.37 169.55 -22.14
C LYS B 51 120.18 169.01 -23.55
N GLY B 52 119.71 169.84 -24.48
CA GLY B 52 119.56 169.42 -25.85
C GLY B 52 118.22 168.78 -26.15
N GLU B 53 118.00 168.49 -27.42
CA GLU B 53 116.77 167.84 -27.84
C GLU B 53 116.74 166.40 -27.35
N ILE B 54 115.56 165.95 -26.95
CA ILE B 54 115.38 164.60 -26.42
C ILE B 54 115.08 163.66 -27.59
N ILE B 55 115.95 162.67 -27.77
CA ILE B 55 115.77 161.70 -28.84
C ILE B 55 115.03 160.46 -28.34
N TYR B 56 115.49 159.89 -27.23
CA TYR B 56 114.88 158.70 -26.65
C TYR B 56 114.55 158.99 -25.19
N ASP B 57 113.29 158.83 -24.82
CA ASP B 57 112.85 159.00 -23.44
C ASP B 57 111.91 157.85 -23.09
N GLY B 58 112.34 156.62 -23.39
CA GLY B 58 111.48 155.48 -23.14
C GLY B 58 110.36 155.38 -24.16
N GLY B 59 109.31 154.68 -23.77
CA GLY B 59 108.17 154.50 -24.64
C GLY B 59 107.32 153.34 -24.14
N LEU B 60 106.40 152.92 -25.00
CA LEU B 60 105.57 151.77 -24.69
C LEU B 60 106.41 150.50 -24.75
N SER B 61 106.34 149.70 -23.70
CA SER B 61 107.15 148.49 -23.56
C SER B 61 106.27 147.28 -23.81
N SER B 62 106.67 146.45 -24.78
CA SER B 62 105.94 145.22 -25.07
C SER B 62 106.23 144.18 -24.00
N LYS B 63 105.18 143.45 -23.61
CA LYS B 63 105.30 142.39 -22.62
C LYS B 63 105.20 141.03 -23.29
N LEU B 64 106.09 140.12 -22.92
CA LEU B 64 106.08 138.80 -23.53
C LEU B 64 104.87 137.98 -23.07
N ALA B 65 104.52 138.06 -21.80
CA ALA B 65 103.55 137.16 -21.21
C ALA B 65 102.48 137.94 -20.46
N ASP B 66 101.27 137.37 -20.45
CA ASP B 66 100.15 137.87 -19.67
C ASP B 66 99.83 136.77 -18.67
N VAL B 67 100.15 137.00 -17.41
CA VAL B 67 99.98 135.99 -16.36
C VAL B 67 98.71 136.32 -15.60
N VAL B 68 97.74 135.42 -15.67
CA VAL B 68 96.47 135.61 -14.98
C VAL B 68 96.65 135.32 -13.50
N ASP B 69 95.98 136.11 -12.66
CA ASP B 69 96.06 135.96 -11.22
C ASP B 69 94.85 135.23 -10.63
N LYS B 70 93.99 134.67 -11.49
CA LYS B 70 92.76 134.02 -11.06
C LYS B 70 92.76 132.58 -11.53
N THR B 71 92.31 131.67 -10.65
CA THR B 71 92.17 130.28 -11.04
C THR B 71 91.20 130.15 -12.19
N THR B 72 91.59 129.39 -13.21
CA THR B 72 90.83 129.28 -14.45
C THR B 72 90.33 127.85 -14.65
N GLU B 73 89.13 127.73 -15.18
CA GLU B 73 88.59 126.43 -15.51
C GLU B 73 89.32 125.85 -16.72
N PRO B 74 89.42 124.52 -16.81
CA PRO B 74 90.09 123.92 -17.97
C PRO B 74 89.43 124.35 -19.28
N HIS B 75 90.28 124.59 -20.28
CA HIS B 75 89.82 125.10 -21.56
C HIS B 75 90.78 124.67 -22.65
N ASN B 76 90.30 124.72 -23.88
CA ASN B 76 91.13 124.42 -25.04
C ASN B 76 91.70 125.72 -25.60
N ALA B 77 92.40 125.62 -26.72
CA ALA B 77 92.99 126.79 -27.35
C ALA B 77 91.90 127.68 -27.94
N ASP B 78 92.07 128.99 -27.75
CA ASP B 78 91.10 129.95 -28.27
C ASP B 78 91.75 131.21 -28.83
N GLY B 79 93.07 131.27 -28.89
CA GLY B 79 93.74 132.44 -29.43
C GLY B 79 94.07 132.31 -30.91
N ALA B 80 95.36 132.32 -31.24
CA ALA B 80 95.76 132.11 -32.62
C ALA B 80 95.41 130.70 -33.08
N VAL B 81 95.58 129.71 -32.22
CA VAL B 81 95.18 128.35 -32.49
C VAL B 81 93.77 128.15 -31.93
N LYS B 82 92.88 127.63 -32.76
CA LYS B 82 91.50 127.35 -32.36
C LYS B 82 91.28 125.85 -32.39
N ASP B 83 90.99 125.26 -31.24
CA ASP B 83 90.72 123.83 -31.17
C ASP B 83 89.32 123.55 -31.72
N GLY B 84 89.26 122.76 -32.78
CA GLY B 84 87.98 122.41 -33.37
C GLY B 84 87.26 121.26 -32.69
N ARG B 85 87.90 120.62 -31.72
CA ARG B 85 87.30 119.50 -31.02
C ARG B 85 86.30 120.01 -29.99
N ILE B 86 85.54 119.08 -29.42
CA ILE B 86 84.55 119.42 -28.40
C ILE B 86 85.25 119.90 -27.14
N ALA B 87 84.67 120.91 -26.50
CA ALA B 87 85.24 121.45 -25.28
C ALA B 87 85.25 120.38 -24.19
N PRO B 88 86.15 120.51 -23.19
CA PRO B 88 86.25 119.48 -22.17
C PRO B 88 84.93 119.24 -21.45
N VAL B 89 84.61 117.98 -21.22
CA VAL B 89 83.37 117.58 -20.59
C VAL B 89 83.54 117.64 -19.08
N LYS B 90 82.60 118.29 -18.40
CA LYS B 90 82.60 118.41 -16.95
C LYS B 90 81.74 117.31 -16.36
N LEU B 91 82.32 116.49 -15.50
CA LEU B 91 81.63 115.38 -14.88
C LEU B 91 81.62 115.56 -13.37
N ASP B 92 80.44 115.36 -12.76
CA ASP B 92 80.31 115.38 -11.30
C ASP B 92 80.52 113.95 -10.81
N LEU B 93 81.80 113.55 -10.77
CA LEU B 93 82.13 112.15 -10.55
C LEU B 93 82.12 111.78 -9.08
N GLU B 94 82.99 112.40 -8.29
CA GLU B 94 83.23 111.97 -6.92
C GLU B 94 82.27 112.71 -5.98
N LYS B 95 81.30 111.99 -5.45
CA LYS B 95 80.32 112.54 -4.52
C LYS B 95 80.48 111.86 -3.18
N GLN B 96 80.57 112.67 -2.12
CA GLN B 96 80.71 112.12 -0.77
C GLN B 96 79.40 111.58 -0.22
N LYS B 97 78.27 112.00 -0.76
CA LYS B 97 76.96 111.51 -0.35
C LYS B 97 76.18 111.06 -1.57
N LEU B 98 75.39 110.00 -1.40
CA LEU B 98 74.59 109.47 -2.50
C LEU B 98 73.51 110.48 -2.90
N ASP B 99 73.34 110.65 -4.21
CA ASP B 99 72.38 111.60 -4.75
C ASP B 99 71.24 110.92 -5.50
N LYS B 100 71.56 110.12 -6.51
CA LYS B 100 70.55 109.48 -7.34
C LYS B 100 70.60 107.96 -7.30
N LEU B 101 71.48 107.37 -6.50
CA LEU B 101 71.62 105.93 -6.46
C LEU B 101 70.53 105.35 -5.56
N LYS B 102 69.60 104.61 -6.17
CA LYS B 102 68.57 103.88 -5.44
C LYS B 102 68.41 102.52 -6.10
N LEU B 103 68.59 101.46 -5.30
CA LEU B 103 68.48 100.12 -5.86
C LEU B 103 67.08 99.81 -6.33
N PHE B 104 66.07 100.22 -5.57
CA PHE B 104 64.68 100.00 -5.91
C PHE B 104 63.91 101.30 -5.84
N GLU B 105 63.04 101.53 -6.83
CA GLU B 105 62.13 102.66 -6.76
C GLU B 105 61.03 102.42 -5.73
N THR B 106 60.63 101.16 -5.56
CA THR B 106 59.71 100.75 -4.51
C THR B 106 60.28 99.49 -3.88
N SER B 107 60.56 99.55 -2.58
CA SER B 107 61.18 98.43 -1.91
C SER B 107 60.24 97.23 -1.91
N PRO B 108 60.78 96.01 -2.05
CA PRO B 108 59.92 94.83 -1.99
C PRO B 108 59.15 94.70 -0.71
N PHE B 109 59.74 95.12 0.41
CA PHE B 109 59.13 95.02 1.73
C PHE B 109 60.02 95.75 2.73
N ASP B 110 59.38 96.38 3.73
CA ASP B 110 60.10 97.07 4.78
C ASP B 110 60.41 96.08 5.88
N PRO B 111 61.68 95.73 6.12
CA PRO B 111 61.98 94.61 7.02
C PRO B 111 61.49 94.79 8.44
N LEU B 112 61.32 96.04 8.90
CA LEU B 112 60.90 96.26 10.28
C LEU B 112 59.45 95.86 10.49
N THR B 113 58.66 95.75 9.42
CA THR B 113 57.25 95.45 9.56
C THR B 113 56.92 93.97 9.45
N ILE B 114 57.91 93.12 9.20
CA ILE B 114 57.69 91.68 9.08
C ILE B 114 58.01 91.00 10.41
N LYS B 115 57.15 90.05 10.79
CA LYS B 115 57.32 89.28 12.01
C LYS B 115 57.63 87.81 11.78
N ASN B 116 57.29 87.25 10.62
CA ASN B 116 57.52 85.84 10.35
C ASN B 116 57.50 85.62 8.84
N ASN B 117 57.68 84.35 8.44
CA ASN B 117 57.85 84.03 7.02
C ASN B 117 56.59 84.38 6.21
N GLN B 118 55.41 84.09 6.76
CA GLN B 118 54.18 84.38 6.04
C GLN B 118 54.03 85.87 5.76
N ASP B 119 54.58 86.71 6.63
CA ASP B 119 54.51 88.16 6.42
C ASP B 119 55.29 88.58 5.19
N VAL B 120 56.44 87.95 4.93
CA VAL B 120 57.23 88.30 3.76
C VAL B 120 56.46 87.96 2.48
N VAL B 121 55.87 86.76 2.44
CA VAL B 121 55.21 86.33 1.17
C VAL B 121 54.03 87.24 0.88
N ASP B 122 53.26 87.58 1.92
CA ASP B 122 52.06 88.44 1.73
C ASP B 122 52.49 89.82 1.21
N LYS B 123 53.55 90.40 1.77
CA LYS B 123 54.07 91.72 1.30
C LYS B 123 54.61 91.62 -0.12
N LEU B 124 55.30 90.53 -0.44
CA LEU B 124 55.89 90.36 -1.78
C LEU B 124 54.75 90.30 -2.81
N TYR B 125 53.65 89.62 -2.48
CA TYR B 125 52.46 89.58 -3.38
C TYR B 125 51.87 90.98 -3.54
N ALA B 126 51.83 91.75 -2.47
CA ALA B 126 51.27 93.13 -2.52
C ALA B 126 52.12 94.05 -3.40
N THR B 127 53.45 93.97 -3.31
CA THR B 127 54.32 94.93 -4.04
C THR B 127 54.82 94.34 -5.37
N GLN B 128 54.18 93.30 -5.88
CA GLN B 128 54.67 92.67 -7.10
C GLN B 128 54.34 93.48 -8.34
N SER B 129 53.39 94.40 -8.26
CA SER B 129 53.06 95.23 -9.42
C SER B 129 54.20 96.17 -9.77
N SER B 130 54.97 96.61 -8.78
CA SER B 130 56.08 97.52 -9.05
C SER B 130 57.23 96.82 -9.77
N SER B 131 57.32 95.50 -9.65
CA SER B 131 58.40 94.76 -10.28
C SER B 131 58.04 94.36 -11.71
N ILE B 132 59.06 94.01 -12.49
CA ILE B 132 58.87 93.50 -13.84
C ILE B 132 58.56 92.01 -13.71
N GLN B 133 57.29 91.66 -13.75
CA GLN B 133 56.87 90.28 -13.58
C GLN B 133 57.10 89.50 -14.86
N GLU B 134 57.72 88.32 -14.74
CA GLU B 134 57.85 87.47 -15.91
C GLU B 134 56.52 86.84 -16.29
N VAL B 135 55.64 86.62 -15.30
CA VAL B 135 54.26 86.26 -15.57
C VAL B 135 53.36 87.24 -14.81
N VAL B 136 52.35 87.76 -15.48
CA VAL B 136 51.43 88.71 -14.87
C VAL B 136 50.22 87.95 -14.33
N PRO B 137 49.92 88.07 -13.05
CA PRO B 137 48.85 87.25 -12.46
C PRO B 137 47.48 87.60 -13.02
N THR B 138 46.62 86.59 -13.04
CA THR B 138 45.20 86.73 -13.34
C THR B 138 44.47 85.67 -12.54
N LYS B 139 43.23 85.37 -12.92
CA LYS B 139 42.49 84.30 -12.25
C LYS B 139 43.22 82.97 -12.43
N THR B 140 43.16 82.13 -11.40
CA THR B 140 43.82 80.84 -11.42
C THR B 140 42.88 79.76 -11.94
N PHE B 141 43.47 78.74 -12.54
CA PHE B 141 42.74 77.60 -13.07
C PHE B 141 43.09 76.35 -12.26
N ALA B 142 42.07 75.69 -11.73
CA ALA B 142 42.24 74.52 -10.89
C ALA B 142 41.85 73.27 -11.65
N THR B 143 42.70 72.26 -11.61
CA THR B 143 42.45 70.99 -12.27
C THR B 143 42.25 69.85 -11.28
N GLU B 144 42.22 70.12 -9.98
CA GLU B 144 42.02 69.09 -8.98
C GLU B 144 41.37 69.72 -7.76
N LEU B 145 40.33 69.06 -7.24
CA LEU B 145 39.64 69.53 -6.05
C LEU B 145 38.91 68.37 -5.40
N GLN B 146 39.14 68.20 -4.10
CA GLN B 146 38.45 67.16 -3.32
C GLN B 146 37.98 67.76 -2.02
N PHE B 147 36.78 67.35 -1.59
CA PHE B 147 36.20 67.79 -0.34
C PHE B 147 36.13 66.61 0.62
N GLY B 148 36.67 66.80 1.83
CA GLY B 148 36.62 65.76 2.82
C GLY B 148 35.40 65.87 3.72
N VAL B 149 35.03 64.74 4.31
CA VAL B 149 33.88 64.71 5.21
C VAL B 149 34.23 65.47 6.49
N THR B 150 33.27 66.22 7.00
CA THR B 150 33.48 67.09 8.14
C THR B 150 32.89 66.47 9.41
N SER B 151 33.14 67.14 10.54
CA SER B 151 32.58 66.66 11.80
C SER B 151 31.08 66.87 11.86
N GLU B 152 30.57 67.91 11.21
CA GLU B 152 29.12 68.14 11.18
C GLU B 152 28.41 67.01 10.45
N ASP B 153 28.98 66.53 9.35
CA ASP B 153 28.40 65.39 8.64
C ASP B 153 28.41 64.15 9.51
N MET B 154 29.50 63.91 10.24
CA MET B 154 29.56 62.76 11.13
C MET B 154 28.55 62.89 12.26
N ALA B 155 28.33 64.10 12.76
CA ALA B 155 27.34 64.30 13.82
C ALA B 155 25.94 63.95 13.33
N LYS B 156 25.63 64.28 12.08
CA LYS B 156 24.32 63.95 11.53
C LYS B 156 24.18 62.46 11.30
N ILE B 157 25.26 61.80 10.87
CA ILE B 157 25.20 60.35 10.63
C ILE B 157 25.05 59.61 11.94
N TYR B 158 25.82 60.00 12.96
CA TYR B 158 25.72 59.35 14.27
C TYR B 158 24.36 59.60 14.91
N GLY B 159 23.77 60.77 14.65
CA GLY B 159 22.46 61.05 15.19
C GLY B 159 21.38 60.18 14.59
N ALA B 160 21.45 59.94 13.28
CA ALA B 160 20.47 59.08 12.64
C ALA B 160 20.57 57.65 13.14
N VAL B 161 21.80 57.16 13.32
CA VAL B 161 22.00 55.79 13.79
C VAL B 161 21.46 55.63 15.21
N ALA B 162 21.73 56.61 16.08
CA ALA B 162 21.24 56.55 17.44
C ALA B 162 19.71 56.62 17.48
N ALA B 163 19.12 57.33 16.53
CA ALA B 163 17.66 57.44 16.49
C ALA B 163 17.01 56.09 16.22
N VAL B 164 17.57 55.30 15.30
CA VAL B 164 16.99 54.01 15.01
C VAL B 164 17.32 52.99 16.11
N SER B 165 18.38 53.22 16.88
CA SER B 165 18.69 52.35 18.00
C SER B 165 17.76 52.60 19.18
N LYS B 166 17.23 53.81 19.29
CA LYS B 166 16.28 54.15 20.36
C LYS B 166 14.87 53.71 20.05
N ASN B 167 14.61 53.21 18.85
CA ASN B 167 13.26 52.78 18.45
C ASN B 167 13.06 51.30 18.79
N VAL B 168 13.22 51.00 20.08
CA VAL B 168 13.08 49.63 20.60
C VAL B 168 12.06 49.67 21.74
N ASN B 169 11.09 48.77 21.69
CA ASN B 169 10.04 48.73 22.69
C ASN B 169 10.54 48.12 23.98
N SER B 170 9.91 48.51 25.09
CA SER B 170 10.26 48.01 26.41
C SER B 170 9.22 47.03 26.96
N SER B 171 7.96 47.44 27.07
CA SER B 171 6.93 46.61 27.67
C SER B 171 5.57 47.12 27.22
N VAL B 172 4.53 46.42 27.68
CA VAL B 172 3.15 46.84 27.48
C VAL B 172 2.44 46.75 28.82
N THR B 173 1.54 47.69 29.09
CA THR B 173 0.72 47.68 30.28
C THR B 173 -0.74 47.76 29.89
N TYR B 174 -1.58 46.96 30.54
CA TYR B 174 -3.00 46.93 30.27
C TYR B 174 -3.73 46.50 31.54
N GLU B 175 -5.06 46.47 31.45
CA GLU B 175 -5.92 46.13 32.59
C GLU B 175 -6.68 44.85 32.28
N VAL B 176 -6.74 43.96 33.26
CA VAL B 176 -7.46 42.70 33.14
C VAL B 176 -8.77 42.88 33.91
N LYS B 177 -9.82 43.30 33.19
CA LYS B 177 -11.10 43.57 33.81
C LYS B 177 -12.26 42.81 33.18
N ARG B 178 -12.09 42.21 32.01
CA ARG B 178 -13.18 41.48 31.38
C ARG B 178 -13.57 40.28 32.22
N GLY B 179 -14.88 40.07 32.36
CA GLY B 179 -15.41 39.01 33.19
C GLY B 179 -15.81 39.45 34.58
N THR B 180 -15.39 40.62 35.02
CA THR B 180 -15.72 41.12 36.35
C THR B 180 -17.00 41.94 36.30
N HIS B 181 -17.86 41.73 37.30
CA HIS B 181 -19.11 42.45 37.42
C HIS B 181 -19.28 42.94 38.84
N GLU B 182 -20.06 44.00 38.99
CA GLU B 182 -20.29 44.61 40.30
C GLU B 182 -21.43 43.91 41.02
N LEU B 183 -21.20 43.56 42.27
CA LEU B 183 -22.21 42.89 43.08
C LEU B 183 -23.16 43.91 43.69
N ILE B 184 -24.33 43.43 44.09
CA ILE B 184 -25.31 44.21 44.82
C ILE B 184 -25.66 43.44 46.09
N LYS B 185 -26.25 44.15 47.05
CA LYS B 185 -26.60 43.57 48.34
C LYS B 185 -28.10 43.63 48.54
N VAL B 186 -28.70 42.50 48.87
CA VAL B 186 -30.14 42.40 49.12
C VAL B 186 -30.36 42.44 50.63
N PRO B 187 -31.06 43.44 51.15
CA PRO B 187 -31.18 43.58 52.61
C PRO B 187 -32.31 42.75 53.22
N THR B 188 -33.24 42.25 52.42
CA THR B 188 -34.44 41.60 52.92
C THR B 188 -34.65 40.26 52.24
N ILE B 189 -34.94 39.24 53.03
CA ILE B 189 -35.27 37.92 52.50
C ILE B 189 -36.72 37.96 51.97
N PRO B 190 -36.95 37.56 50.72
CA PRO B 190 -38.31 37.64 50.16
C PRO B 190 -39.19 36.45 50.49
N HIS B 191 -39.59 36.36 51.75
CA HIS B 191 -40.62 35.40 52.14
C HIS B 191 -41.96 35.82 51.56
N ASN B 192 -42.81 34.83 51.31
CA ASN B 192 -44.10 35.07 50.67
C ASN B 192 -45.21 34.36 51.41
N LEU B 193 -45.22 34.48 52.74
CA LEU B 193 -46.18 33.80 53.59
C LEU B 193 -47.20 34.78 54.13
N VAL B 194 -48.46 34.35 54.15
CA VAL B 194 -49.53 35.09 54.80
C VAL B 194 -50.28 34.13 55.73
N LEU B 195 -50.87 34.68 56.77
CA LEU B 195 -51.65 33.91 57.74
C LEU B 195 -53.11 34.28 57.60
N ILE B 196 -53.95 33.29 57.32
CA ILE B 196 -55.38 33.48 57.16
C ILE B 196 -56.08 32.77 58.31
N GLN B 197 -56.83 33.53 59.10
CA GLN B 197 -57.53 33.01 60.26
C GLN B 197 -58.98 33.43 60.22
N SER B 198 -59.87 32.56 60.69
CA SER B 198 -61.28 32.87 60.71
C SER B 198 -61.60 33.92 61.77
N ASP B 199 -62.81 34.48 61.69
CA ASP B 199 -63.22 35.50 62.63
C ASP B 199 -63.29 34.96 64.05
N ASN B 200 -63.82 33.75 64.22
CA ASN B 200 -63.92 33.14 65.54
C ASN B 200 -62.63 32.46 65.97
N GLY B 201 -61.62 32.40 65.10
CA GLY B 201 -60.37 31.76 65.43
C GLY B 201 -60.39 30.25 65.39
N LYS B 202 -61.49 29.64 64.94
CA LYS B 202 -61.59 28.19 64.91
C LYS B 202 -60.56 27.58 63.96
N HIS B 203 -60.38 28.18 62.78
CA HIS B 203 -59.52 27.63 61.75
C HIS B 203 -58.51 28.67 61.30
N ALA B 204 -57.29 28.22 61.05
CA ALA B 204 -56.22 29.08 60.53
C ALA B 204 -55.36 28.27 59.58
N LEU B 205 -54.64 28.97 58.71
CA LEU B 205 -53.79 28.31 57.74
C LEU B 205 -52.70 29.28 57.27
N ILE B 206 -51.67 28.71 56.66
CA ILE B 206 -50.54 29.46 56.12
C ILE B 206 -50.51 29.27 54.62
N LYS B 207 -50.44 30.37 53.88
CA LYS B 207 -50.47 30.33 52.42
C LYS B 207 -49.22 31.01 51.87
N GLU B 208 -48.63 30.39 50.85
CA GLU B 208 -47.51 31.00 50.12
C GLU B 208 -48.05 31.65 48.86
N ASP B 209 -47.94 32.97 48.79
CA ASP B 209 -48.50 33.75 47.69
C ASP B 209 -47.36 34.13 46.75
N LEU B 210 -47.22 33.37 45.67
CA LEU B 210 -46.23 33.64 44.64
C LEU B 210 -46.85 34.27 43.39
N GLY B 211 -48.12 34.65 43.45
CA GLY B 211 -48.81 35.20 42.32
C GLY B 211 -49.58 34.15 41.53
N GLN B 212 -50.30 34.62 40.52
CA GLN B 212 -51.06 33.77 39.62
C GLN B 212 -50.50 33.92 38.22
N TRP B 213 -50.07 32.80 37.63
CA TRP B 213 -49.48 32.80 36.29
C TRP B 213 -50.28 31.88 35.39
N PRO B 214 -51.24 32.40 34.62
CA PRO B 214 -52.04 31.54 33.74
C PRO B 214 -51.21 30.96 32.61
N VAL B 215 -51.65 29.80 32.13
CA VAL B 215 -50.97 29.09 31.06
C VAL B 215 -52.00 28.64 30.03
N GLU B 216 -51.67 28.81 28.76
CA GLU B 216 -52.53 28.36 27.66
C GLU B 216 -52.19 26.91 27.31
N THR B 217 -53.22 26.12 27.04
CA THR B 217 -53.01 24.70 26.77
C THR B 217 -52.37 24.46 25.42
N GLY B 218 -52.82 25.16 24.38
CA GLY B 218 -52.30 24.92 23.05
C GLY B 218 -50.84 25.30 22.90
N ILE B 219 -50.44 26.43 23.49
CA ILE B 219 -49.06 26.88 23.35
C ILE B 219 -48.14 26.03 24.22
N SER B 220 -46.86 26.04 23.87
CA SER B 220 -45.87 25.22 24.55
C SER B 220 -45.71 25.67 26.00
N LEU B 221 -45.64 24.70 26.92
CA LEU B 221 -45.50 25.02 28.33
C LEU B 221 -44.10 25.48 28.69
N VAL B 222 -43.09 24.88 28.06
CA VAL B 222 -41.70 25.29 28.35
C VAL B 222 -41.47 26.73 27.91
N ASN B 223 -42.07 27.13 26.78
CA ASN B 223 -41.95 28.51 26.33
C ASN B 223 -42.57 29.48 27.33
N GLN B 224 -43.76 29.15 27.82
CA GLN B 224 -44.40 30.03 28.80
C GLN B 224 -43.64 30.03 30.12
N ALA B 225 -43.14 28.87 30.53
CA ALA B 225 -42.38 28.80 31.78
C ALA B 225 -41.11 29.64 31.71
N GLY B 226 -40.42 29.61 30.57
CA GLY B 226 -39.23 30.42 30.41
C GLY B 226 -39.51 31.91 30.49
N VAL B 227 -40.61 32.35 29.86
CA VAL B 227 -40.98 33.75 29.92
C VAL B 227 -41.35 34.14 31.34
N PHE B 228 -42.07 33.27 32.03
CA PHE B 228 -42.45 33.55 33.42
C PHE B 228 -41.23 33.51 34.34
N ALA B 229 -40.21 32.71 34.00
CA ALA B 229 -39.02 32.64 34.83
C ALA B 229 -38.28 33.97 34.86
N VAL B 230 -38.20 34.66 33.72
CA VAL B 230 -37.55 35.96 33.68
C VAL B 230 -38.30 36.95 34.57
N GLN B 231 -39.63 36.92 34.52
CA GLN B 231 -40.44 37.81 35.35
C GLN B 231 -40.27 37.49 36.83
N LEU B 232 -40.25 36.20 37.18
CA LEU B 232 -40.13 35.82 38.58
C LEU B 232 -38.77 36.20 39.15
N ALA B 233 -37.70 36.02 38.36
CA ALA B 233 -36.37 36.39 38.83
C ALA B 233 -36.28 37.89 39.10
N ASN B 234 -36.89 38.69 38.23
CA ASN B 234 -36.92 40.13 38.46
C ASN B 234 -37.70 40.49 39.72
N LYS B 235 -38.82 39.82 39.95
CA LYS B 235 -39.63 40.10 41.13
C LYS B 235 -38.89 39.75 42.42
N LEU B 236 -38.17 38.62 42.42
CA LEU B 236 -37.40 38.23 43.58
C LEU B 236 -36.06 38.95 43.67
N GLY B 237 -35.66 39.68 42.64
CA GLY B 237 -34.39 40.39 42.66
C GLY B 237 -33.17 39.49 42.69
N ILE B 238 -33.15 38.45 41.87
CA ILE B 238 -32.04 37.50 41.86
C ILE B 238 -31.51 37.31 40.45
N ASP B 239 -31.91 38.19 39.53
CA ASP B 239 -31.45 38.09 38.16
C ASP B 239 -30.01 38.58 37.98
N LYS B 240 -29.58 39.52 38.81
CA LYS B 240 -28.25 40.09 38.75
C LYS B 240 -27.40 39.62 39.93
N PRO B 241 -26.08 39.62 39.80
CA PRO B 241 -25.23 39.12 40.89
C PRO B 241 -25.50 39.86 42.19
N PHE B 242 -25.62 39.10 43.28
CA PHE B 242 -26.00 39.67 44.56
C PHE B 242 -25.45 38.81 45.68
N VAL B 243 -25.31 39.45 46.84
CA VAL B 243 -24.99 38.78 48.10
C VAL B 243 -26.02 39.23 49.13
N LEU B 244 -26.58 38.26 49.86
CA LEU B 244 -27.61 38.57 50.84
C LEU B 244 -26.98 39.26 52.05
N ASP B 245 -27.56 40.37 52.47
CA ASP B 245 -27.13 41.12 53.64
C ASP B 245 -28.32 41.22 54.58
N ALA B 246 -28.52 40.19 55.39
CA ALA B 246 -29.65 40.11 56.30
C ALA B 246 -29.21 39.78 57.72
N GLY B 247 -28.00 40.20 58.08
CA GLY B 247 -27.52 40.01 59.44
C GLY B 247 -27.83 41.14 60.38
N SER B 248 -28.31 42.28 59.87
CA SER B 248 -28.58 43.44 60.70
C SER B 248 -30.02 43.52 61.15
N ASN B 249 -30.95 42.93 60.40
CA ASN B 249 -32.38 43.04 60.74
C ASN B 249 -32.68 42.05 61.86
N TYR B 250 -32.45 42.49 63.09
CA TYR B 250 -32.79 41.73 64.27
C TYR B 250 -33.08 42.71 65.40
N PHE B 251 -33.75 42.21 66.43
CA PHE B 251 -34.00 42.99 67.64
C PHE B 251 -33.65 42.16 68.85
N THR B 252 -33.06 42.80 69.85
CA THR B 252 -32.65 42.15 71.08
C THR B 252 -33.59 42.53 72.22
N ASP B 253 -33.73 41.62 73.18
CA ASP B 253 -34.53 41.91 74.35
C ASP B 253 -33.86 42.98 75.21
N THR B 254 -34.66 43.64 76.04
CA THR B 254 -34.16 44.70 76.89
C THR B 254 -33.25 44.19 78.01
N SER B 255 -33.24 42.89 78.26
CA SER B 255 -32.42 42.35 79.33
C SER B 255 -30.94 42.51 79.03
N PHE B 256 -30.17 42.85 80.07
CA PHE B 256 -28.73 43.01 79.90
C PHE B 256 -28.06 41.69 79.54
N ILE B 257 -28.45 40.59 80.21
CA ILE B 257 -27.82 39.31 79.96
C ILE B 257 -28.22 38.75 78.60
N ASP B 258 -29.50 38.86 78.24
CA ASP B 258 -29.99 38.25 77.02
C ASP B 258 -29.32 38.84 75.80
N THR B 259 -28.80 37.98 74.93
CA THR B 259 -28.02 38.39 73.77
C THR B 259 -28.60 37.82 72.46
N ARG B 260 -29.48 36.83 72.53
CA ARG B 260 -30.04 36.20 71.35
C ARG B 260 -30.67 37.23 70.42
N LYS B 261 -30.41 37.08 69.13
CA LYS B 261 -30.93 37.98 68.11
C LYS B 261 -32.15 37.35 67.48
N TYR B 262 -33.28 38.05 67.55
CA TYR B 262 -34.54 37.58 66.98
C TYR B 262 -34.72 38.20 65.60
N CYS B 263 -34.84 37.35 64.58
CA CYS B 263 -34.92 37.82 63.21
C CYS B 263 -36.29 38.43 62.93
N THR B 264 -36.30 39.61 62.31
CA THR B 264 -37.53 40.28 61.93
C THR B 264 -38.06 39.85 60.57
N ASP B 265 -37.24 39.14 59.79
CA ASP B 265 -37.70 38.66 58.49
C ASP B 265 -38.64 37.46 58.66
N GLY B 266 -39.40 37.18 57.61
CA GLY B 266 -40.31 36.06 57.61
C GLY B 266 -41.57 36.33 58.40
N LEU B 267 -42.38 35.29 58.52
CA LEU B 267 -43.60 35.37 59.29
C LEU B 267 -43.26 35.41 60.78
N SER B 268 -43.79 36.40 61.48
CA SER B 268 -43.44 36.58 62.88
C SER B 268 -43.98 35.42 63.71
N PRO B 269 -43.18 34.89 64.63
CA PRO B 269 -43.70 33.86 65.55
C PRO B 269 -44.84 34.35 66.42
N ARG B 270 -44.94 35.65 66.65
CA ARG B 270 -46.07 36.18 67.41
C ARG B 270 -47.39 35.95 66.68
N GLU B 271 -47.37 36.05 65.35
CA GLU B 271 -48.57 35.80 64.58
C GLU B 271 -49.02 34.35 64.71
N ILE B 272 -48.07 33.42 64.72
CA ILE B 272 -48.41 32.02 64.90
C ILE B 272 -48.89 31.76 66.32
N GLN B 273 -48.25 32.39 67.31
CA GLN B 273 -48.65 32.19 68.70
C GLN B 273 -50.06 32.70 68.94
N LYS B 274 -50.39 33.87 68.39
CA LYS B 274 -51.73 34.41 68.56
C LYS B 274 -52.76 33.52 67.87
N ALA B 275 -52.44 33.02 66.69
CA ALA B 275 -53.36 32.13 65.98
C ALA B 275 -53.57 30.84 66.75
N LEU B 276 -52.49 30.27 67.29
CA LEU B 276 -52.61 29.04 68.07
C LEU B 276 -53.47 29.25 69.30
N ASN B 277 -53.24 30.36 70.02
CA ASN B 277 -53.98 30.60 71.26
C ASN B 277 -55.46 30.87 70.98
N ARG B 278 -55.75 31.59 69.90
CA ARG B 278 -57.15 31.84 69.56
C ARG B 278 -57.89 30.55 69.24
N GLN B 279 -57.22 29.63 68.55
CA GLN B 279 -57.83 28.34 68.26
C GLN B 279 -58.13 27.56 69.53
N ARG B 280 -57.22 27.60 70.51
CA ARG B 280 -57.44 26.88 71.75
C ARG B 280 -58.51 27.54 72.60
N ALA B 281 -58.74 28.85 72.42
CA ALA B 281 -59.78 29.53 73.15
C ALA B 281 -61.17 29.07 72.70
N TYR B 282 -61.33 28.79 71.40
CA TYR B 282 -62.61 28.38 70.88
C TYR B 282 -63.03 27.02 71.44
N TYR B 283 -62.09 26.09 71.55
CA TYR B 283 -62.40 24.72 71.93
C TYR B 283 -62.29 24.48 73.42
N ASP B 284 -62.10 25.53 74.22
CA ASP B 284 -61.98 25.42 75.67
C ASP B 284 -60.82 24.51 76.07
N ARG B 285 -59.71 24.61 75.34
CA ARG B 285 -58.49 23.92 75.69
C ARG B 285 -57.50 24.90 76.29
N PRO B 286 -56.59 24.44 77.15
CA PRO B 286 -55.65 25.37 77.79
C PRO B 286 -54.72 26.01 76.79
N GLU B 287 -54.29 27.23 77.12
CA GLU B 287 -53.38 27.96 76.25
C GLU B 287 -51.99 27.31 76.29
N LEU B 288 -51.12 27.79 75.40
CA LEU B 288 -49.77 27.26 75.35
C LEU B 288 -49.04 27.53 76.65
N THR B 289 -48.28 26.53 77.11
CA THR B 289 -47.56 26.65 78.36
C THR B 289 -46.43 27.65 78.23
N ILE B 290 -45.88 28.05 79.37
CA ILE B 290 -44.75 28.98 79.38
C ILE B 290 -43.56 28.39 78.63
N SER B 291 -43.29 27.10 78.85
CA SER B 291 -42.19 26.44 78.15
C SER B 291 -42.47 26.37 76.65
N GLU B 292 -43.70 26.04 76.27
CA GLU B 292 -44.03 25.94 74.85
C GLU B 292 -43.97 27.30 74.18
N ASN B 293 -44.36 28.35 74.89
CA ASN B 293 -44.27 29.70 74.33
C ASN B 293 -42.84 30.11 74.09
N LYS B 294 -41.93 29.73 75.00
CA LYS B 294 -40.53 30.10 74.85
C LYS B 294 -39.91 29.44 73.63
N THR B 295 -40.25 28.17 73.38
CA THR B 295 -39.71 27.48 72.20
C THR B 295 -40.22 28.11 70.92
N LEU B 296 -41.51 28.44 70.85
CA LEU B 296 -42.07 29.00 69.64
C LEU B 296 -41.52 30.38 69.35
N LEU B 297 -41.37 31.21 70.37
CA LEU B 297 -40.92 32.58 70.19
C LEU B 297 -39.42 32.70 69.95
N SER B 298 -38.66 31.62 70.15
CA SER B 298 -37.24 31.60 69.89
C SER B 298 -36.89 30.88 68.59
N GLN B 299 -37.89 30.54 67.77
CA GLN B 299 -37.63 29.77 66.57
C GLN B 299 -36.91 30.59 65.51
N SER B 300 -37.30 31.85 65.34
CA SER B 300 -36.72 32.71 64.33
C SER B 300 -35.57 33.51 64.94
N ILE B 301 -34.34 33.14 64.59
CA ILE B 301 -33.16 33.75 65.17
C ILE B 301 -32.08 33.88 64.11
N ILE B 302 -31.05 34.65 64.43
CA ILE B 302 -29.84 34.76 63.61
C ILE B 302 -28.67 34.28 64.45
N TYR B 303 -27.94 33.29 63.94
CA TYR B 303 -26.82 32.73 64.68
C TYR B 303 -25.60 32.64 63.76
N PRO B 304 -24.40 32.72 64.32
CA PRO B 304 -23.19 32.64 63.49
C PRO B 304 -22.86 31.21 63.12
N ASP B 305 -22.25 31.08 61.94
CA ASP B 305 -21.74 29.80 61.47
C ASP B 305 -20.25 29.70 61.72
N ALA B 306 -19.67 28.57 61.34
CA ALA B 306 -18.25 28.32 61.61
C ALA B 306 -17.36 29.29 60.85
N ASP B 307 -17.73 29.63 59.62
CA ASP B 307 -16.90 30.46 58.77
C ASP B 307 -17.10 31.95 58.99
N GLY B 308 -18.02 32.34 59.89
CA GLY B 308 -18.29 33.74 60.14
C GLY B 308 -19.53 34.27 59.48
N ASN B 309 -20.18 33.48 58.63
CA ASN B 309 -21.41 33.91 58.01
C ASN B 309 -22.54 33.93 59.04
N ASP B 310 -23.61 34.64 58.70
CA ASP B 310 -24.79 34.76 59.56
C ASP B 310 -25.91 33.94 58.95
N VAL B 311 -26.46 33.03 59.74
CA VAL B 311 -27.53 32.13 59.29
C VAL B 311 -28.83 32.61 59.90
N SER B 312 -29.78 32.99 59.04
CA SER B 312 -31.08 33.47 59.47
C SER B 312 -32.09 32.35 59.33
N ILE B 313 -32.73 31.98 60.44
CA ILE B 313 -33.75 30.96 60.46
C ILE B 313 -35.10 31.66 60.58
N ILE B 314 -35.92 31.56 59.54
CA ILE B 314 -37.20 32.26 59.49
C ILE B 314 -38.25 31.32 58.93
N PHE B 315 -39.52 31.66 59.17
CA PHE B 315 -40.64 30.96 58.55
C PHE B 315 -40.87 31.55 57.17
N SER B 316 -40.74 30.72 56.13
CA SER B 316 -40.87 31.19 54.76
C SER B 316 -41.44 30.07 53.91
N GLY B 317 -41.79 30.43 52.68
CA GLY B 317 -42.36 29.47 51.75
C GLY B 317 -41.34 28.47 51.25
N ALA B 318 -41.86 27.43 50.58
CA ALA B 318 -41.00 26.37 50.08
C ALA B 318 -40.29 26.78 48.80
N MET B 319 -41.06 27.14 47.76
CA MET B 319 -40.43 27.57 46.52
C MET B 319 -39.68 28.88 46.67
N SER B 320 -40.18 29.78 47.53
CA SER B 320 -39.44 31.01 47.79
C SER B 320 -38.08 30.70 48.39
N HIS B 321 -38.02 29.72 49.30
CA HIS B 321 -36.73 29.29 49.85
C HIS B 321 -35.88 28.60 48.79
N ALA B 322 -36.49 27.71 48.01
CA ALA B 322 -35.73 26.94 47.04
C ALA B 322 -35.16 27.82 45.95
N ILE B 323 -35.97 28.74 45.42
CA ILE B 323 -35.53 29.59 44.31
C ILE B 323 -34.46 30.57 44.78
N PHE B 324 -34.70 31.23 45.92
CA PHE B 324 -33.75 32.22 46.41
C PHE B 324 -32.42 31.60 46.80
N THR B 325 -32.47 30.46 47.49
CA THR B 325 -31.24 29.87 48.00
C THR B 325 -30.42 29.25 46.86
N TYR B 326 -31.09 28.68 45.86
CA TYR B 326 -30.38 28.16 44.69
C TYR B 326 -29.66 29.27 43.95
N ALA B 327 -30.29 30.44 43.82
CA ALA B 327 -29.65 31.56 43.15
C ALA B 327 -28.41 32.02 43.92
N GLN B 328 -28.48 31.98 45.25
CA GLN B 328 -27.31 32.32 46.05
C GLN B 328 -26.14 31.40 45.73
N SER B 329 -26.42 30.10 45.60
CA SER B 329 -25.36 29.14 45.31
C SER B 329 -24.71 29.42 43.96
N GLN B 330 -25.50 29.80 42.96
CA GLN B 330 -24.95 30.02 41.63
C GLN B 330 -24.04 31.24 41.59
N TRP B 331 -24.45 32.34 42.23
CA TRP B 331 -23.59 33.51 42.25
C TRP B 331 -22.36 33.28 43.10
N ASN B 332 -22.51 32.57 44.23
CA ASN B 332 -21.38 32.29 45.11
C ASN B 332 -20.34 31.41 44.44
N LYS B 333 -20.73 30.64 43.44
CA LYS B 333 -19.77 29.82 42.70
C LYS B 333 -18.75 30.67 41.94
N ASN B 334 -19.08 31.94 41.68
CA ASN B 334 -18.21 32.82 40.92
C ASN B 334 -17.63 33.96 41.77
N ILE B 335 -17.78 33.88 43.09
CA ILE B 335 -17.15 34.82 44.00
C ILE B 335 -15.92 34.14 44.58
N ILE B 336 -14.74 34.69 44.26
CA ILE B 336 -13.48 34.07 44.65
C ILE B 336 -12.60 35.11 45.33
N LYS B 337 -11.64 34.63 46.10
CA LYS B 337 -10.72 35.50 46.80
C LYS B 337 -9.82 36.24 45.82
N LEU B 338 -9.33 37.40 46.24
CA LEU B 338 -8.47 38.21 45.38
C LEU B 338 -7.18 37.48 45.05
N ASP B 339 -6.62 36.76 46.03
CA ASP B 339 -5.38 36.02 45.79
C ASP B 339 -5.57 34.94 44.74
N ASP B 340 -6.72 34.27 44.75
CA ASP B 340 -7.01 33.27 43.72
C ASP B 340 -7.22 33.93 42.36
N TYR B 341 -7.80 35.14 42.35
CA TYR B 341 -7.97 35.86 41.09
C TYR B 341 -6.63 36.24 40.49
N ILE B 342 -5.68 36.67 41.34
CA ILE B 342 -4.35 37.03 40.84
C ILE B 342 -3.65 35.82 40.24
N ARG B 343 -3.80 34.65 40.87
CA ARG B 343 -3.21 33.43 40.33
C ARG B 343 -3.79 33.10 38.96
N GLU B 344 -5.11 33.27 38.80
CA GLU B 344 -5.73 33.05 37.51
C GLU B 344 -5.21 34.01 36.46
N ILE B 345 -5.01 35.28 36.84
CA ILE B 345 -4.51 36.28 35.90
C ILE B 345 -3.09 35.94 35.47
N THR B 346 -2.25 35.52 36.42
CA THR B 346 -0.85 35.28 36.10
C THR B 346 -0.67 34.15 35.10
N LEU B 347 -1.59 33.19 35.06
CA LEU B 347 -1.48 32.10 34.11
C LEU B 347 -1.77 32.54 32.68
N THR B 348 -2.37 33.71 32.48
CA THR B 348 -2.76 34.17 31.16
C THR B 348 -1.85 35.28 30.64
N VAL B 349 -0.72 35.51 31.29
CA VAL B 349 0.21 36.56 30.87
C VAL B 349 1.60 35.95 30.74
N PRO B 350 2.48 36.58 29.96
CA PRO B 350 3.85 36.07 29.83
C PRO B 350 4.54 35.97 31.18
N LYS B 351 5.63 35.21 31.21
CA LYS B 351 6.29 34.86 32.47
C LYS B 351 6.87 36.08 33.17
N GLN B 352 7.20 37.13 32.43
CA GLN B 352 7.77 38.32 33.06
C GLN B 352 6.70 39.16 33.75
N TYR B 353 5.50 39.23 33.19
CA TYR B 353 4.47 40.14 33.67
C TYR B 353 3.82 39.62 34.94
N ARG B 354 3.47 40.54 35.82
CA ARG B 354 2.74 40.22 37.05
C ARG B 354 1.76 41.34 37.32
N PRO B 355 0.65 41.03 38.02
CA PRO B 355 -0.31 42.08 38.36
C PRO B 355 0.18 42.95 39.51
N ARG B 356 -0.20 44.22 39.47
CA ARG B 356 0.14 45.14 40.55
C ARG B 356 -0.66 44.82 41.80
N ARG B 357 -0.03 45.02 42.95
CA ARG B 357 -0.67 44.71 44.22
C ARG B 357 -1.71 45.75 44.59
N PHE B 358 -2.73 45.31 45.32
CA PHE B 358 -3.81 46.16 45.78
C PHE B 358 -3.47 46.69 47.17
N LYS B 359 -4.46 47.26 47.85
CA LYS B 359 -4.28 47.71 49.21
C LYS B 359 -4.18 46.51 50.15
N GLU B 360 -3.73 46.78 51.38
CA GLU B 360 -3.55 45.70 52.35
C GLU B 360 -4.87 45.05 52.73
N ILE B 361 -5.92 45.86 52.93
CA ILE B 361 -7.22 45.31 53.31
C ILE B 361 -7.80 44.48 52.18
N GLU B 362 -7.54 44.86 50.93
CA GLU B 362 -8.09 44.12 49.80
C GLU B 362 -7.41 42.77 49.62
N HIS B 363 -6.18 42.62 50.13
CA HIS B 363 -5.48 41.35 50.02
C HIS B 363 -5.75 40.41 51.18
N THR B 364 -6.47 40.87 52.20
CA THR B 364 -6.81 40.04 53.35
C THR B 364 -8.29 39.65 53.35
N HIS B 365 -9.18 40.60 53.06
CA HIS B 365 -10.61 40.38 53.08
C HIS B 365 -11.24 40.70 51.72
N GLY B 366 -10.49 40.51 50.64
CA GLY B 366 -10.92 40.91 49.32
C GLY B 366 -11.60 39.77 48.57
N TYR B 367 -12.70 40.10 47.92
CA TYR B 367 -13.43 39.16 47.08
C TYR B 367 -13.84 39.84 45.80
N VAL B 368 -13.84 39.08 44.70
CA VAL B 368 -14.19 39.59 43.38
C VAL B 368 -15.18 38.62 42.73
N TYR B 369 -15.97 39.15 41.81
CA TYR B 369 -16.89 38.34 41.02
C TYR B 369 -16.37 38.29 39.59
N ARG B 370 -16.27 37.07 39.05
CA ARG B 370 -15.74 36.87 37.71
C ARG B 370 -16.47 35.73 37.02
N GLU B 371 -16.48 35.76 35.70
CA GLU B 371 -17.04 34.69 34.88
C GLU B 371 -15.96 34.19 33.93
N LEU B 372 -15.89 32.87 33.77
CA LEU B 372 -14.83 32.23 33.01
C LEU B 372 -15.23 31.85 31.60
N ASN B 373 -16.43 32.20 31.16
CA ASN B 373 -16.91 31.79 29.84
C ASN B 373 -16.29 32.69 28.79
N GLN B 374 -15.39 32.14 27.98
CA GLN B 374 -14.77 32.90 26.90
C GLN B 374 -15.70 33.06 25.70
N GLY B 375 -16.51 32.06 25.41
CA GLY B 375 -17.41 32.14 24.28
C GLY B 375 -16.73 31.78 22.97
N SER B 376 -17.49 31.93 21.88
CA SER B 376 -16.99 31.59 20.56
C SER B 376 -17.63 32.49 19.52
N LEU B 377 -16.92 32.69 18.42
CA LEU B 377 -17.41 33.46 17.29
C LEU B 377 -18.00 32.58 16.19
N LEU B 378 -18.05 31.27 16.40
CA LEU B 378 -18.54 30.38 15.36
C LEU B 378 -19.98 30.66 14.94
N PRO B 379 -20.95 30.89 15.84
CA PRO B 379 -22.32 31.16 15.37
C PRO B 379 -22.42 32.36 14.44
N LEU B 380 -21.60 33.39 14.65
CA LEU B 380 -21.68 34.57 13.79
C LEU B 380 -21.12 34.30 12.40
N VAL B 381 -20.11 33.44 12.29
CA VAL B 381 -19.40 33.22 11.03
C VAL B 381 -19.76 31.90 10.39
N ASP B 382 -20.67 31.12 10.97
CA ASP B 382 -21.11 29.85 10.38
C ASP B 382 -22.31 30.14 9.48
N ALA B 383 -22.03 30.70 8.31
CA ALA B 383 -23.07 31.08 7.37
C ALA B 383 -22.47 31.24 6.00
N ASN B 384 -23.32 31.42 5.00
CA ASN B 384 -22.89 31.73 3.65
C ASN B 384 -22.53 33.20 3.60
N LEU B 385 -21.23 33.50 3.75
CA LEU B 385 -20.75 34.87 3.85
C LEU B 385 -20.54 35.52 2.49
N LYS B 386 -21.06 34.94 1.42
CA LYS B 386 -20.82 35.48 0.09
C LYS B 386 -21.43 36.87 -0.08
N GLU B 387 -22.69 37.04 0.34
CA GLU B 387 -23.37 38.31 0.11
C GLU B 387 -22.89 39.38 1.07
N SER B 388 -22.62 39.02 2.32
CA SER B 388 -22.26 40.00 3.33
C SER B 388 -20.76 40.33 3.35
N SER B 389 -19.94 39.62 2.57
CA SER B 389 -18.51 39.87 2.58
C SER B 389 -18.17 41.24 2.02
N SER B 390 -18.87 41.65 0.96
CA SER B 390 -18.59 42.96 0.36
C SER B 390 -18.86 44.09 1.34
N TYR B 391 -19.94 43.98 2.12
CA TYR B 391 -20.22 44.98 3.13
C TYR B 391 -19.20 44.96 4.24
N TYR B 392 -18.76 43.77 4.65
CA TYR B 392 -17.73 43.67 5.68
C TYR B 392 -16.41 44.27 5.21
N PHE B 393 -16.04 44.02 3.96
CA PHE B 393 -14.79 44.54 3.43
C PHE B 393 -14.77 46.07 3.45
N LYS B 394 -15.90 46.69 3.10
CA LYS B 394 -15.96 48.15 3.09
C LYS B 394 -15.69 48.72 4.48
N LYS B 395 -16.25 48.09 5.51
CA LYS B 395 -15.95 48.50 6.88
C LYS B 395 -14.49 48.25 7.22
N LEU B 396 -13.93 47.15 6.70
CA LEU B 396 -12.54 46.83 6.99
C LEU B 396 -11.59 47.89 6.45
N MET B 397 -11.81 48.33 5.22
CA MET B 397 -10.95 49.35 4.64
C MET B 397 -11.13 50.70 5.33
N SER B 398 -12.29 50.90 5.96
CA SER B 398 -12.54 52.17 6.66
C SER B 398 -11.92 52.20 8.05
N SER B 399 -11.47 51.07 8.57
CA SER B 399 -10.88 51.03 9.91
C SER B 399 -9.52 51.71 9.91
N ILE B 400 -8.81 51.67 8.79
CA ILE B 400 -7.47 52.25 8.71
C ILE B 400 -7.42 53.31 7.61
N THR B 435 -2.34 61.11 -22.18
CA THR B 435 -2.11 61.30 -20.75
C THR B 435 -3.22 62.13 -20.12
N ASN B 436 -4.07 62.73 -20.96
CA ASN B 436 -5.19 63.52 -20.46
C ASN B 436 -6.38 62.67 -20.07
N ARG B 437 -6.39 61.38 -20.44
CA ARG B 437 -7.49 60.50 -20.09
C ARG B 437 -7.34 59.87 -18.71
N LEU B 438 -6.22 60.11 -18.02
CA LEU B 438 -6.00 59.52 -16.70
C LEU B 438 -6.87 60.23 -15.67
N THR B 439 -7.59 59.44 -14.87
CA THR B 439 -8.44 59.97 -13.82
C THR B 439 -8.24 59.15 -12.55
N THR B 440 -8.11 59.84 -11.42
CA THR B 440 -7.92 59.19 -10.12
C THR B 440 -9.22 59.13 -9.32
N ALA B 441 -10.36 59.03 -10.01
CA ALA B 441 -11.65 59.02 -9.32
C ALA B 441 -11.83 57.76 -8.49
N ASN B 442 -11.41 56.61 -9.01
CA ASN B 442 -11.63 55.32 -8.36
C ASN B 442 -10.37 54.80 -7.67
N ALA B 443 -9.47 55.69 -7.26
CA ALA B 443 -8.24 55.26 -6.59
C ALA B 443 -8.51 54.51 -5.29
N PRO B 444 -9.38 54.98 -4.38
CA PRO B 444 -9.62 54.19 -3.16
C PRO B 444 -10.19 52.80 -3.44
N THR B 445 -11.02 52.65 -4.46
CA THR B 445 -11.61 51.35 -4.75
C THR B 445 -10.57 50.37 -5.27
N VAL B 446 -9.68 50.83 -6.16
CA VAL B 446 -8.64 49.96 -6.68
C VAL B 446 -7.65 49.58 -5.58
N ARG B 447 -7.38 50.51 -4.67
CA ARG B 447 -6.49 50.20 -3.55
C ARG B 447 -7.07 49.09 -2.69
N ALA B 448 -8.39 49.13 -2.45
CA ALA B 448 -9.03 48.08 -1.67
C ALA B 448 -8.93 46.74 -2.37
N ILE B 449 -9.09 46.72 -3.70
CA ILE B 449 -8.99 45.47 -4.44
C ILE B 449 -7.56 44.93 -4.36
N THR B 450 -6.58 45.81 -4.40
CA THR B 450 -5.18 45.37 -4.29
C THR B 450 -4.92 44.70 -2.94
N VAL B 451 -5.45 45.28 -1.87
CA VAL B 451 -5.29 44.68 -0.55
C VAL B 451 -6.00 43.34 -0.46
N LEU B 452 -7.24 43.28 -0.96
CA LEU B 452 -8.02 42.05 -0.88
C LEU B 452 -7.39 40.94 -1.70
N THR B 453 -6.89 41.27 -2.89
CA THR B 453 -6.27 40.25 -3.73
C THR B 453 -5.04 39.66 -3.07
N CYS B 454 -4.23 40.51 -2.43
CA CYS B 454 -3.05 40.02 -1.71
C CYS B 454 -3.45 39.16 -0.51
N MET B 455 -4.49 39.58 0.22
CA MET B 455 -4.89 38.86 1.43
C MET B 455 -5.53 37.52 1.09
N PHE B 456 -6.45 37.52 0.13
CA PHE B 456 -7.25 36.34 -0.19
C PHE B 456 -6.84 35.81 -1.55
N LYS B 457 -6.43 34.54 -1.58
CA LYS B 457 -5.98 33.93 -2.83
C LYS B 457 -7.08 33.59 -3.82
N GLN B 458 -8.30 33.30 -3.33
CA GLN B 458 -9.38 32.91 -4.22
C GLN B 458 -9.96 34.09 -5.01
N PHE B 459 -9.54 35.30 -4.68
CA PHE B 459 -10.09 36.49 -5.31
C PHE B 459 -9.33 36.68 -6.63
N ARG B 460 -10.04 37.22 -7.62
CA ARG B 460 -9.52 37.35 -8.96
C ARG B 460 -9.70 38.77 -9.46
N ILE B 461 -8.91 39.14 -10.47
CA ILE B 461 -8.96 40.45 -11.09
C ILE B 461 -9.12 40.25 -12.60
N GLY B 462 -10.05 40.98 -13.20
CA GLY B 462 -10.22 40.97 -14.63
C GLY B 462 -10.69 42.32 -15.13
N MET B 463 -10.37 42.60 -16.39
CA MET B 463 -10.80 43.83 -17.03
C MET B 463 -11.33 43.54 -18.43
N THR B 464 -12.24 44.41 -18.88
CA THR B 464 -12.86 44.28 -20.20
C THR B 464 -12.42 45.45 -21.07
N TYR B 465 -11.96 45.12 -22.28
CA TYR B 465 -11.41 46.12 -23.19
C TYR B 465 -12.41 46.44 -24.30
N ALA B 466 -12.10 47.52 -25.03
CA ALA B 466 -12.92 47.93 -26.16
C ALA B 466 -12.73 46.98 -27.34
N LEU B 467 -13.68 47.05 -28.28
CA LEU B 467 -13.59 46.21 -29.47
C LEU B 467 -12.38 46.57 -30.32
N ASP B 468 -12.06 47.87 -30.41
CA ASP B 468 -10.84 48.33 -31.05
C ASP B 468 -9.95 48.95 -29.98
N PRO B 469 -9.00 48.20 -29.41
CA PRO B 469 -8.19 48.75 -28.33
C PRO B 469 -7.26 49.85 -28.79
N ASN B 470 -7.02 50.80 -27.90
CA ASN B 470 -6.04 51.86 -28.09
C ASN B 470 -4.79 51.56 -27.27
N ILE B 471 -3.88 52.52 -27.20
CA ILE B 471 -2.65 52.32 -26.44
C ILE B 471 -2.94 52.22 -24.94
N MET B 472 -4.04 52.82 -24.47
CA MET B 472 -4.37 52.73 -23.06
C MET B 472 -4.72 51.32 -22.65
N ASP B 473 -5.45 50.59 -23.50
CA ASP B 473 -5.82 49.22 -23.18
C ASP B 473 -4.59 48.32 -23.08
N VAL B 474 -3.62 48.51 -23.99
CA VAL B 474 -2.40 47.71 -23.93
C VAL B 474 -1.60 48.04 -22.68
N ALA B 475 -1.53 49.33 -22.33
CA ALA B 475 -0.84 49.72 -21.10
C ALA B 475 -1.52 49.13 -19.88
N ALA B 476 -2.85 49.14 -19.85
CA ALA B 476 -3.56 48.52 -18.74
C ALA B 476 -3.32 47.01 -18.69
N ALA B 477 -3.30 46.36 -19.85
CA ALA B 477 -3.08 44.92 -19.88
C ALA B 477 -1.68 44.55 -19.42
N THR B 478 -0.67 45.31 -19.85
CA THR B 478 0.70 45.01 -19.44
C THR B 478 0.90 45.30 -17.95
N CYS B 479 0.27 46.35 -17.44
CA CYS B 479 0.38 46.66 -16.02
C CYS B 479 -0.25 45.56 -15.18
N MET B 480 -1.40 45.04 -15.61
CA MET B 480 -2.05 43.95 -14.87
C MET B 480 -1.19 42.70 -14.88
N LEU B 481 -0.63 42.36 -16.04
CA LEU B 481 0.20 41.16 -16.15
C LEU B 481 1.48 41.31 -15.34
N LEU B 482 2.11 42.49 -15.37
CA LEU B 482 3.39 42.68 -14.72
C LEU B 482 3.27 42.75 -13.21
N PHE B 483 2.23 43.41 -12.70
CA PHE B 483 2.18 43.77 -11.30
C PHE B 483 1.11 43.05 -10.50
N ARG B 484 0.07 42.57 -11.12
CA ARG B 484 -0.82 41.83 -10.24
C ARG B 484 -0.34 40.40 -10.09
N PRO B 485 -0.68 39.73 -8.98
CA PRO B 485 -0.24 38.34 -8.80
C PRO B 485 -0.75 37.44 -9.91
N ALA B 486 0.11 36.51 -10.33
CA ALA B 486 -0.29 35.56 -11.37
C ALA B 486 -1.36 34.61 -10.85
N GLN B 487 -1.36 34.33 -9.55
CA GLN B 487 -2.37 33.45 -8.97
C GLN B 487 -3.77 34.06 -8.98
N SER B 488 -3.88 35.34 -9.28
CA SER B 488 -5.17 36.03 -9.30
C SER B 488 -5.65 36.35 -10.70
N ILE B 489 -4.96 35.87 -11.74
CA ILE B 489 -5.36 36.08 -13.12
C ILE B 489 -5.69 34.72 -13.72
N SER B 490 -6.93 34.58 -14.19
CA SER B 490 -7.39 33.31 -14.72
C SER B 490 -6.73 33.01 -16.06
N ASP B 491 -6.84 31.75 -16.47
CA ASP B 491 -6.34 31.36 -17.79
C ASP B 491 -7.13 32.03 -18.90
N GLU B 492 -8.45 32.14 -18.73
CA GLU B 492 -9.25 32.85 -19.73
C GLU B 492 -8.90 34.32 -19.79
N GLN B 493 -8.68 34.94 -18.63
CA GLN B 493 -8.26 36.34 -18.60
C GLN B 493 -6.88 36.52 -19.21
N TYR B 494 -5.98 35.55 -18.97
CA TYR B 494 -4.65 35.61 -19.54
C TYR B 494 -4.70 35.58 -21.06
N ARG B 495 -5.55 34.71 -21.63
CA ARG B 495 -5.70 34.67 -23.07
C ARG B 495 -6.31 35.96 -23.60
N TYR B 496 -7.27 36.52 -22.87
CA TYR B 496 -7.91 37.77 -23.30
C TYR B 496 -6.90 38.91 -23.35
N CYS B 497 -6.00 38.97 -22.37
CA CYS B 497 -4.97 40.00 -22.38
C CYS B 497 -4.02 39.82 -23.55
N LEU B 498 -3.64 38.58 -23.84
CA LEU B 498 -2.78 38.31 -24.99
C LEU B 498 -3.47 38.67 -26.29
N GLN B 499 -4.77 38.38 -26.40
CA GLN B 499 -5.52 38.75 -27.59
C GLN B 499 -5.55 40.27 -27.78
N THR B 500 -5.75 41.01 -26.69
CA THR B 500 -5.78 42.47 -26.79
C THR B 500 -4.42 43.00 -27.20
N MET B 501 -3.34 42.44 -26.65
CA MET B 501 -2.01 42.87 -27.04
C MET B 501 -1.74 42.58 -28.51
N ALA B 502 -2.16 41.40 -28.98
CA ALA B 502 -1.91 41.03 -30.37
C ALA B 502 -2.72 41.88 -31.33
N VAL B 503 -3.94 42.25 -30.94
CA VAL B 503 -4.78 43.05 -31.82
C VAL B 503 -4.15 44.42 -32.07
N PHE B 504 -3.64 45.05 -31.02
CA PHE B 504 -3.06 46.37 -31.17
C PHE B 504 -1.70 46.32 -31.87
N LEU B 505 -0.84 45.38 -31.47
CA LEU B 505 0.53 45.38 -31.94
C LEU B 505 0.72 44.69 -33.28
N THR B 506 0.06 43.55 -33.51
CA THR B 506 0.22 42.82 -34.75
C THR B 506 -0.75 43.25 -35.83
N ASN B 507 -1.59 44.27 -35.56
CA ASN B 507 -2.54 44.81 -36.52
C ASN B 507 -3.49 43.71 -37.03
N THR B 508 -4.27 43.19 -36.08
CA THR B 508 -5.28 42.18 -36.38
C THR B 508 -6.54 42.51 -35.59
N THR B 509 -7.64 41.87 -35.97
CA THR B 509 -8.91 42.04 -35.27
C THR B 509 -9.17 40.86 -34.33
N TYR B 510 -10.16 41.04 -33.46
CA TYR B 510 -10.47 40.03 -32.46
C TYR B 510 -10.99 38.75 -33.09
N ASP B 511 -11.76 38.87 -34.18
CA ASP B 511 -12.33 37.68 -34.81
C ASP B 511 -11.26 36.82 -35.46
N ILE B 512 -10.21 37.44 -36.00
CA ILE B 512 -9.15 36.67 -36.65
C ILE B 512 -8.39 35.83 -35.63
N VAL B 513 -8.11 36.39 -34.45
CA VAL B 513 -7.35 35.69 -33.44
C VAL B 513 -8.26 35.06 -32.38
N ASN B 514 -9.54 34.88 -32.69
CA ASN B 514 -10.47 34.34 -31.71
C ASN B 514 -10.12 32.90 -31.35
N ASN B 515 -9.91 32.06 -32.34
CA ASN B 515 -9.62 30.64 -32.11
C ASN B 515 -8.10 30.40 -32.11
N ASP B 516 -7.41 31.11 -31.24
CA ASP B 516 -5.97 31.00 -31.10
C ASP B 516 -5.61 30.62 -29.67
N THR B 517 -4.67 29.69 -29.53
CA THR B 517 -4.24 29.23 -28.23
C THR B 517 -3.21 30.20 -27.64
N ILE B 518 -2.89 29.99 -26.37
CA ILE B 518 -1.94 30.86 -25.69
C ILE B 518 -0.55 30.73 -26.32
N ASP B 519 -0.20 29.51 -26.76
CA ASP B 519 1.08 29.31 -27.41
C ASP B 519 1.19 30.10 -28.72
N VAL B 520 0.12 30.10 -29.51
CA VAL B 520 0.15 30.84 -30.78
C VAL B 520 0.22 32.33 -30.53
N LEU B 521 -0.57 32.84 -29.57
CA LEU B 521 -0.56 34.27 -29.28
C LEU B 521 0.81 34.71 -28.76
N LYS B 522 1.42 33.90 -27.91
CA LYS B 522 2.76 34.24 -27.41
C LYS B 522 3.78 34.27 -28.55
N MET B 523 3.69 33.31 -29.47
CA MET B 523 4.61 33.28 -30.60
C MET B 523 4.41 34.49 -31.50
N LYS B 524 3.16 34.88 -31.75
CA LYS B 524 2.88 36.04 -32.59
C LYS B 524 3.47 37.30 -31.99
N LEU B 525 3.31 37.49 -30.68
CA LEU B 525 3.78 38.69 -30.03
C LEU B 525 5.31 38.74 -29.96
N ARG B 526 5.95 37.59 -29.77
CA ARG B 526 7.41 37.56 -29.69
C ARG B 526 8.04 37.84 -31.04
N ASN B 527 7.42 37.39 -32.13
CA ASN B 527 7.93 37.68 -33.46
C ASN B 527 7.91 39.17 -33.75
N GLN B 528 6.87 39.86 -33.29
CA GLN B 528 6.80 41.31 -33.48
C GLN B 528 7.82 42.05 -32.60
N GLY B 529 8.28 41.42 -31.54
CA GLY B 529 9.20 42.03 -30.62
C GLY B 529 8.64 42.41 -29.26
N TRP B 530 7.54 41.80 -28.84
CA TRP B 530 6.93 42.10 -27.56
C TRP B 530 7.28 41.01 -26.56
N PRO B 531 8.03 41.33 -25.50
CA PRO B 531 8.47 40.30 -24.55
C PRO B 531 7.54 40.06 -23.38
N PHE B 532 6.54 40.90 -23.17
CA PHE B 532 5.66 40.79 -22.01
C PHE B 532 4.47 39.90 -22.36
N VAL B 533 4.70 38.60 -22.27
CA VAL B 533 3.69 37.60 -22.65
C VAL B 533 3.54 36.57 -21.54
N GLU B 534 4.03 36.88 -20.35
CA GLU B 534 4.10 35.91 -19.27
C GLU B 534 3.45 36.45 -18.02
N ARG B 535 3.02 35.52 -17.16
CA ARG B 535 2.48 35.83 -15.85
C ARG B 535 3.55 35.56 -14.79
N TYR B 536 3.62 36.42 -13.78
CA TYR B 536 4.68 36.36 -12.78
C TYR B 536 4.08 36.07 -11.42
N ASN B 537 4.51 34.97 -10.81
CA ASN B 537 4.02 34.59 -9.49
C ASN B 537 4.52 35.57 -8.44
N ALA B 538 3.70 35.77 -7.41
CA ALA B 538 4.02 36.71 -6.33
C ALA B 538 4.58 35.96 -5.14
N VAL B 539 5.61 36.55 -4.53
CA VAL B 539 6.21 35.95 -3.35
C VAL B 539 5.26 36.09 -2.16
N GLU B 540 5.36 35.15 -1.23
CA GLU B 540 4.49 35.11 -0.06
C GLU B 540 5.26 35.60 1.16
N ILE B 541 4.65 36.51 1.92
CA ILE B 541 5.26 37.08 3.10
C ILE B 541 4.58 36.48 4.33
N ASP B 542 5.39 35.85 5.19
CA ASP B 542 4.87 35.28 6.41
C ASP B 542 4.53 36.37 7.41
N MET B 543 3.33 36.29 7.99
CA MET B 543 2.85 37.30 8.91
C MET B 543 2.41 36.64 10.20
N SER B 544 2.66 37.32 11.32
CA SER B 544 2.30 36.82 12.64
C SER B 544 1.61 37.94 13.42
N VAL B 545 0.50 37.60 14.07
CA VAL B 545 -0.20 38.50 14.96
C VAL B 545 0.12 38.11 16.38
N GLU B 546 0.64 39.05 17.17
CA GLU B 546 1.08 38.76 18.52
C GLU B 546 -0.12 38.35 19.39
N PRO B 547 0.08 37.46 20.36
CA PRO B 547 -1.05 36.93 21.13
C PRO B 547 -1.81 37.97 21.92
N LEU B 548 -1.13 38.70 22.80
CA LEU B 548 -1.74 39.64 23.73
C LEU B 548 -2.71 38.86 24.60
N ARG B 549 -4.02 39.12 24.54
CA ARG B 549 -4.99 38.44 25.40
C ARG B 549 -5.77 37.36 24.68
N SER B 550 -5.34 36.95 23.50
CA SER B 550 -6.00 35.92 22.72
C SER B 550 -4.92 35.07 22.06
N PRO B 551 -5.25 33.83 21.71
CA PRO B 551 -4.29 33.02 20.94
C PRO B 551 -3.93 33.71 19.63
N GLY B 552 -2.66 33.61 19.25
CA GLY B 552 -2.18 34.28 18.07
C GLY B 552 -2.54 33.58 16.77
N GLN B 553 -2.25 34.25 15.67
CA GLN B 553 -2.54 33.75 14.34
C GLN B 553 -1.29 33.83 13.48
N VAL B 554 -1.14 32.85 12.59
CA VAL B 554 -0.08 32.83 11.59
C VAL B 554 -0.73 32.80 10.22
N GLY B 555 -0.29 33.68 9.33
CA GLY B 555 -0.88 33.76 8.01
C GLY B 555 0.16 34.07 6.96
N ARG B 556 -0.30 34.19 5.73
CA ARG B 556 0.55 34.48 4.59
C ARG B 556 -0.18 35.45 3.69
N TYR B 557 0.58 36.26 2.94
CA TYR B 557 -0.02 37.14 1.97
C TYR B 557 0.98 37.43 0.86
N TYR B 558 0.47 37.56 -0.36
CA TYR B 558 1.30 37.89 -1.49
C TYR B 558 1.84 39.31 -1.35
N ASN B 559 3.13 39.48 -1.59
CA ASN B 559 3.73 40.80 -1.53
C ASN B 559 3.20 41.65 -2.68
N PRO B 560 2.78 42.88 -2.42
CA PRO B 560 2.21 43.71 -3.48
C PRO B 560 3.21 43.99 -4.59
N PHE B 561 2.68 44.04 -5.82
CA PHE B 561 3.39 44.52 -7.01
C PHE B 561 4.52 43.60 -7.45
N ASN B 562 4.46 42.32 -7.06
CA ASN B 562 5.40 41.30 -7.53
C ASN B 562 6.85 41.70 -7.27
N ILE B 563 7.12 42.13 -6.05
CA ILE B 563 8.47 42.53 -5.63
C ILE B 563 8.95 41.56 -4.56
N ASP B 564 10.14 41.02 -4.75
CA ASP B 564 10.75 40.14 -3.76
C ASP B 564 11.50 40.97 -2.74
N PRO B 565 11.16 40.90 -1.45
CA PRO B 565 11.87 41.70 -0.45
C PRO B 565 13.36 41.40 -0.37
N LEU B 566 13.75 40.14 -0.56
CA LEU B 566 15.17 39.79 -0.52
C LEU B 566 15.93 40.49 -1.64
N THR B 567 15.36 40.50 -2.85
CA THR B 567 16.03 41.11 -4.00
C THR B 567 15.74 42.61 -4.07
N LYS B 568 14.60 43.05 -3.56
CA LYS B 568 14.14 44.43 -3.60
C LYS B 568 13.82 44.91 -5.01
N LYS B 569 13.64 43.99 -5.95
CA LYS B 569 13.29 44.31 -7.33
C LYS B 569 12.12 43.43 -7.76
N HIS B 570 11.73 43.58 -9.03
CA HIS B 570 10.67 42.78 -9.59
C HIS B 570 11.10 41.32 -9.66
N VAL B 571 10.10 40.43 -9.72
CA VAL B 571 10.37 39.00 -9.78
C VAL B 571 11.14 38.65 -11.04
N GLU B 572 10.74 39.22 -12.18
CA GLU B 572 11.43 38.99 -13.43
C GLU B 572 12.78 39.71 -13.44
N ASP B 573 13.84 38.99 -13.75
CA ASP B 573 15.19 39.52 -13.71
C ASP B 573 15.61 40.17 -15.01
N ARG B 574 14.77 40.14 -16.04
CA ARG B 574 15.09 40.70 -17.34
C ARG B 574 14.23 41.91 -17.69
N LEU B 575 13.68 42.58 -16.68
CA LEU B 575 12.77 43.68 -16.95
C LEU B 575 13.47 44.84 -17.64
N GLU B 576 14.70 45.17 -17.22
CA GLU B 576 15.42 46.26 -17.86
C GLU B 576 15.70 45.95 -19.33
N GLU B 577 16.13 44.71 -19.63
CA GLU B 577 16.35 44.33 -21.01
C GLU B 577 15.05 44.33 -21.80
N PHE B 578 13.95 43.90 -21.17
CA PHE B 578 12.67 43.84 -21.87
C PHE B 578 12.15 45.23 -22.22
N ILE B 579 12.30 46.19 -21.31
CA ILE B 579 11.82 47.54 -21.59
C ILE B 579 12.61 48.17 -22.73
N ASN B 580 13.93 47.97 -22.75
CA ASN B 580 14.74 48.50 -23.84
C ASN B 580 14.38 47.84 -25.16
N GLN B 581 13.96 46.57 -25.11
CA GLN B 581 13.54 45.88 -26.33
C GLN B 581 12.29 46.52 -26.91
N VAL B 582 11.36 46.93 -26.06
CA VAL B 582 10.14 47.58 -26.52
C VAL B 582 10.47 48.96 -27.12
N GLN B 583 11.43 49.66 -26.51
CA GLN B 583 11.75 51.00 -26.96
C GLN B 583 12.29 51.00 -28.40
N VAL B 584 13.07 49.99 -28.76
CA VAL B 584 13.68 49.91 -30.08
C VAL B 584 12.88 48.99 -31.01
N GLY B 585 11.63 48.69 -30.66
CA GLY B 585 10.80 47.84 -31.48
C GLY B 585 9.87 48.62 -32.40
N ARG B 586 9.22 47.88 -33.31
CA ARG B 586 8.27 48.45 -34.25
C ARG B 586 6.95 47.71 -34.10
N PHE B 587 5.88 48.44 -33.82
CA PHE B 587 4.59 47.83 -33.54
C PHE B 587 3.48 48.59 -34.25
N ARG B 588 2.48 47.84 -34.70
CA ARG B 588 1.20 48.33 -35.20
C ARG B 588 1.31 48.98 -36.58
N ASN B 589 2.54 49.28 -36.99
CA ASN B 589 2.83 49.78 -38.34
C ASN B 589 4.09 49.11 -38.84
N ALA B 590 4.20 49.03 -40.16
CA ALA B 590 5.49 48.69 -40.75
C ALA B 590 6.44 49.88 -40.73
N SER B 591 5.90 51.09 -40.82
CA SER B 591 6.71 52.30 -40.77
C SER B 591 6.98 52.70 -39.33
N GLY B 592 7.74 53.78 -39.17
CA GLY B 592 8.07 54.26 -37.85
C GLY B 592 6.86 54.85 -37.13
N ASN B 593 6.85 54.69 -35.81
CA ASN B 593 5.78 55.22 -34.98
C ASN B 593 6.30 55.38 -33.56
N ALA B 594 5.48 56.00 -32.72
CA ALA B 594 5.84 56.27 -31.33
C ALA B 594 5.25 55.25 -30.37
N VAL B 595 4.68 54.16 -30.88
CA VAL B 595 4.07 53.15 -30.01
C VAL B 595 5.12 52.54 -29.09
N GLY B 596 6.27 52.19 -29.65
CA GLY B 596 7.32 51.59 -28.83
C GLY B 596 7.86 52.55 -27.79
N THR B 597 8.07 53.80 -28.18
CA THR B 597 8.65 54.77 -27.25
C THR B 597 7.64 55.18 -26.18
N THR B 598 6.37 55.37 -26.56
CA THR B 598 5.37 55.77 -25.59
C THR B 598 5.14 54.68 -24.55
N LEU B 599 5.08 53.43 -24.98
CA LEU B 599 4.87 52.33 -24.04
C LEU B 599 6.09 52.14 -23.13
N ALA B 600 7.29 52.36 -23.66
CA ALA B 600 8.49 52.25 -22.84
C ALA B 600 8.50 53.31 -21.75
N ALA B 601 8.08 54.54 -22.08
CA ALA B 601 8.06 55.61 -21.08
C ALA B 601 7.06 55.31 -19.99
N PHE B 602 5.88 54.81 -20.37
CA PHE B 602 4.86 54.49 -19.37
C PHE B 602 5.27 53.30 -18.51
N LEU B 603 5.89 52.30 -19.13
CA LEU B 603 6.35 51.13 -18.37
C LEU B 603 7.40 51.50 -17.35
N ARG B 604 8.33 52.38 -17.74
CA ARG B 604 9.38 52.80 -16.81
C ARG B 604 8.81 53.56 -15.63
N ALA B 605 7.84 54.44 -15.88
CA ALA B 605 7.21 55.18 -14.80
C ALA B 605 6.46 54.25 -13.85
N CYS B 606 5.75 53.26 -14.40
CA CYS B 606 5.05 52.29 -13.57
C CYS B 606 6.03 51.47 -12.74
N ARG B 607 7.13 51.05 -13.35
CA ARG B 607 8.12 50.26 -12.62
C ARG B 607 8.76 51.07 -11.50
N ASP B 608 9.10 52.33 -11.77
CA ASP B 608 9.76 53.16 -10.77
C ASP B 608 8.86 53.42 -9.57
N LYS B 609 7.59 53.72 -9.82
CA LYS B 609 6.66 53.94 -8.72
C LYS B 609 6.45 52.67 -7.92
N THR B 610 6.36 51.53 -8.60
CA THR B 610 6.13 50.26 -7.92
C THR B 610 7.29 49.93 -6.98
N SER B 611 8.52 50.14 -7.43
CA SER B 611 9.68 49.89 -6.57
C SER B 611 9.78 50.94 -5.46
N ALA B 612 9.27 52.14 -5.69
CA ALA B 612 9.36 53.19 -4.69
C ALA B 612 8.34 53.00 -3.57
N ASN B 613 7.17 52.45 -3.87
CA ASN B 613 6.05 52.46 -2.93
C ASN B 613 5.55 51.07 -2.57
N TRP B 614 6.38 50.03 -2.73
CA TRP B 614 5.92 48.70 -2.36
C TRP B 614 5.96 48.50 -0.85
N ARG B 615 6.86 49.18 -0.16
CA ARG B 615 6.96 49.02 1.29
C ARG B 615 5.70 49.49 1.99
N GLY B 616 5.16 50.62 1.57
CA GLY B 616 3.97 51.15 2.22
C GLY B 616 2.76 50.25 2.05
N TYR B 617 2.61 49.67 0.85
CA TYR B 617 1.47 48.80 0.62
C TYR B 617 1.64 47.45 1.28
N SER B 618 2.87 46.97 1.44
CA SER B 618 3.10 45.72 2.15
C SER B 618 2.71 45.86 3.62
N VAL B 619 3.04 47.00 4.23
CA VAL B 619 2.65 47.25 5.61
C VAL B 619 1.13 47.37 5.71
N LEU B 620 0.50 47.98 4.71
CA LEU B 620 -0.95 48.18 4.74
C LEU B 620 -1.68 46.84 4.78
N VAL B 621 -1.23 45.87 3.99
CA VAL B 621 -1.87 44.56 3.97
C VAL B 621 -1.70 43.87 5.31
N SER B 622 -0.52 44.00 5.92
CA SER B 622 -0.28 43.37 7.21
C SER B 622 -1.19 43.96 8.29
N ARG B 623 -1.39 45.28 8.26
CA ARG B 623 -2.24 45.92 9.25
C ARG B 623 -3.70 45.51 9.07
N TYR B 624 -4.16 45.39 7.83
CA TYR B 624 -5.55 45.02 7.59
C TYR B 624 -5.83 43.61 8.04
N ARG B 625 -4.91 42.68 7.79
CA ARG B 625 -5.12 41.31 8.23
C ARG B 625 -5.06 41.18 9.76
N SER B 626 -4.31 42.06 10.42
CA SER B 626 -4.27 42.05 11.87
C SER B 626 -5.64 42.32 12.47
N LEU B 627 -6.52 42.99 11.72
CA LEU B 627 -7.84 43.33 12.23
C LEU B 627 -8.82 42.16 12.15
N ILE B 628 -8.51 41.13 11.38
CA ILE B 628 -9.42 40.01 11.17
C ILE B 628 -9.12 38.90 12.18
N PRO B 629 -10.12 38.45 12.94
CA PRO B 629 -9.91 37.30 13.83
C PRO B 629 -9.79 36.01 13.02
N ASN B 630 -9.33 34.96 13.71
CA ASN B 630 -9.03 33.71 13.03
C ASN B 630 -10.29 33.03 12.51
N GLU B 631 -11.33 32.97 13.34
CA GLU B 631 -12.55 32.27 12.92
C GLU B 631 -13.19 32.95 11.72
N LEU B 632 -13.13 34.28 11.66
CA LEU B 632 -13.65 34.99 10.51
C LEU B 632 -12.85 34.69 9.25
N PHE B 633 -11.52 34.57 9.39
CA PHE B 633 -10.68 34.38 8.21
C PHE B 633 -10.92 33.03 7.56
N GLU B 634 -10.97 31.97 8.37
CA GLU B 634 -11.26 30.65 7.82
C GLU B 634 -12.64 30.58 7.17
N SER B 635 -13.62 31.29 7.72
CA SER B 635 -14.93 31.33 7.09
C SER B 635 -14.88 32.06 5.75
N LEU B 636 -14.10 33.13 5.67
CA LEU B 636 -14.02 33.90 4.43
C LEU B 636 -13.24 33.17 3.34
N ARG B 637 -12.45 32.16 3.70
CA ARG B 637 -11.72 31.40 2.69
C ARG B 637 -12.61 30.50 1.86
N ASN B 638 -13.84 30.23 2.31
CA ASN B 638 -14.75 29.40 1.54
C ASN B 638 -15.34 30.15 0.36
N ILE B 639 -15.41 31.49 0.44
CA ILE B 639 -16.04 32.28 -0.61
C ILE B 639 -15.03 32.58 -1.71
N SER B 640 -15.53 33.03 -2.86
CA SER B 640 -14.68 33.41 -3.98
C SER B 640 -15.39 34.46 -4.80
N GLY B 641 -14.61 35.23 -5.54
CA GLY B 641 -15.18 36.26 -6.39
C GLY B 641 -14.15 36.78 -7.37
N GLU B 642 -14.66 37.49 -8.37
CA GLU B 642 -13.82 38.14 -9.37
C GLU B 642 -14.19 39.61 -9.43
N TYR B 643 -13.18 40.47 -9.36
CA TYR B 643 -13.38 41.91 -9.38
C TYR B 643 -13.07 42.45 -10.77
N ASN B 644 -13.97 43.29 -11.28
CA ASN B 644 -13.80 43.90 -12.60
C ASN B 644 -13.36 45.34 -12.42
N ILE B 645 -12.24 45.70 -13.06
CA ILE B 645 -11.67 47.03 -12.98
C ILE B 645 -11.63 47.60 -14.39
N ASN B 646 -12.05 48.86 -14.53
CA ASN B 646 -11.95 49.52 -15.82
C ASN B 646 -10.48 49.70 -16.19
N PRO B 647 -10.13 49.56 -17.47
CA PRO B 647 -8.72 49.73 -17.86
C PRO B 647 -8.15 51.09 -17.51
N GLN B 648 -8.97 52.14 -17.55
CA GLN B 648 -8.49 53.46 -17.17
C GLN B 648 -8.10 53.52 -15.70
N ASP B 649 -8.89 52.88 -14.84
CA ASP B 649 -8.60 52.90 -13.41
C ASP B 649 -7.33 52.14 -13.08
N GLU B 650 -7.09 51.01 -13.75
CA GLU B 650 -5.92 50.20 -13.46
C GLU B 650 -4.64 50.93 -13.83
N HIS B 651 -4.62 51.56 -15.00
CA HIS B 651 -3.42 52.30 -15.41
C HIS B 651 -3.22 53.55 -14.57
N SER B 652 -4.30 54.25 -14.24
CA SER B 652 -4.18 55.47 -13.46
C SER B 652 -3.69 55.18 -12.05
N PHE B 653 -4.09 54.04 -11.50
CA PHE B 653 -3.65 53.67 -10.15
C PHE B 653 -2.14 53.46 -10.10
N PHE B 654 -1.58 52.78 -11.08
CA PHE B 654 -0.15 52.52 -11.11
C PHE B 654 0.65 53.75 -11.55
N PHE B 655 0.12 54.52 -12.51
CA PHE B 655 0.84 55.70 -12.97
C PHE B 655 0.87 56.77 -11.89
N ALA B 656 -0.20 56.89 -11.11
CA ALA B 656 -0.31 57.89 -10.06
C ALA B 656 -0.36 57.26 -8.68
N LEU B 657 0.52 56.29 -8.43
CA LEU B 657 0.57 55.62 -7.14
C LEU B 657 0.83 56.63 -6.03
N ALA B 658 0.12 56.46 -4.92
CA ALA B 658 0.23 57.35 -3.78
C ALA B 658 1.10 56.70 -2.72
N GLN B 659 2.06 57.46 -2.19
CA GLN B 659 2.91 56.97 -1.11
C GLN B 659 2.10 56.85 0.18
N ILE B 660 2.27 55.73 0.87
CA ILE B 660 1.55 55.44 2.11
C ILE B 660 2.57 55.30 3.22
N ASN B 661 2.39 56.08 4.28
CA ASN B 661 3.27 56.05 5.44
C ASN B 661 2.45 55.80 6.70
N ALA B 662 2.96 54.93 7.57
CA ALA B 662 2.29 54.60 8.83
C ALA B 662 3.25 54.71 10.01
N ASP B 663 4.20 55.64 9.93
CA ASP B 663 5.17 55.80 11.01
C ASP B 663 4.50 56.27 12.29
N ASP B 664 3.54 57.20 12.19
CA ASP B 664 2.85 57.69 13.37
C ASP B 664 1.94 56.65 13.98
N GLU B 665 1.50 55.65 13.20
CA GLU B 665 0.59 54.64 13.72
C GLU B 665 1.32 53.61 14.58
N PHE B 666 2.62 53.43 14.39
CA PHE B 666 3.38 52.41 15.08
C PHE B 666 4.14 53.02 16.24
N ILE B 667 3.96 52.45 17.43
CA ILE B 667 4.75 52.80 18.60
C ILE B 667 5.78 51.69 18.75
N GLY B 668 7.02 51.98 18.37
CA GLY B 668 8.03 50.95 18.29
C GLY B 668 7.68 49.93 17.23
N ALA B 669 7.32 48.72 17.65
CA ALA B 669 6.85 47.67 16.75
C ALA B 669 5.41 47.27 17.07
N ILE B 670 4.67 48.12 17.78
CA ILE B 670 3.34 47.82 18.26
C ILE B 670 2.36 48.80 17.63
N ASP B 671 1.33 48.27 16.98
CA ASP B 671 0.26 49.08 16.41
C ASP B 671 -0.91 49.07 17.40
N LYS B 672 -1.08 50.18 18.12
CA LYS B 672 -2.07 50.23 19.19
C LYS B 672 -3.49 50.06 18.65
N GLU B 673 -3.83 50.77 17.59
CA GLU B 673 -5.21 50.76 17.11
C GLU B 673 -5.63 49.37 16.64
N SER B 674 -4.74 48.67 15.95
CA SER B 674 -5.06 47.32 15.50
C SER B 674 -5.19 46.35 16.68
N ALA B 675 -4.39 46.56 17.71
CA ALA B 675 -4.44 45.67 18.88
C ALA B 675 -5.75 45.82 19.62
N GLU B 676 -6.20 47.06 19.85
CA GLU B 676 -7.44 47.28 20.57
C GLU B 676 -8.65 46.84 19.75
N TYR B 677 -8.61 47.03 18.44
CA TYR B 677 -9.73 46.65 17.60
C TYR B 677 -9.93 45.14 17.58
N LEU B 678 -8.83 44.39 17.50
CA LEU B 678 -8.93 42.93 17.49
C LEU B 678 -9.41 42.40 18.83
N ASP B 679 -9.09 43.09 19.93
CA ASP B 679 -9.50 42.62 21.25
C ASP B 679 -11.00 42.70 21.44
N GLU B 680 -11.69 43.57 20.69
CA GLU B 680 -13.12 43.72 20.85
C GLU B 680 -13.89 42.50 20.36
N TYR B 681 -13.26 41.64 19.54
CA TYR B 681 -13.92 40.42 19.11
C TYR B 681 -14.09 39.44 20.24
N ALA B 682 -13.21 39.49 21.24
CA ALA B 682 -13.38 38.65 22.43
C ALA B 682 -14.64 39.03 23.20
N THR B 683 -14.91 40.33 23.32
CA THR B 683 -16.13 40.76 23.98
C THR B 683 -17.36 40.34 23.20
N LEU B 684 -17.31 40.44 21.86
CA LEU B 684 -18.42 40.01 21.04
C LEU B 684 -18.63 38.50 21.15
N ALA B 685 -17.54 37.73 21.22
CA ALA B 685 -17.66 36.29 21.36
C ALA B 685 -18.35 35.91 22.65
N ARG B 686 -18.04 36.60 23.74
CA ARG B 686 -18.71 36.36 25.01
C ARG B 686 -20.19 36.72 24.92
N ASP B 687 -20.50 37.82 24.24
CA ASP B 687 -21.89 38.25 24.11
C ASP B 687 -22.71 37.26 23.29
N ILE B 688 -22.12 36.72 22.22
CA ILE B 688 -22.85 35.78 21.37
C ILE B 688 -23.22 34.53 22.15
N SER B 689 -22.26 33.99 22.91
CA SER B 689 -22.52 32.78 23.67
C SER B 689 -23.56 33.02 24.76
N ASN B 690 -23.47 34.17 25.44
CA ASN B 690 -24.44 34.47 26.49
C ASN B 690 -25.84 34.65 25.92
N SER B 691 -25.95 35.33 24.78
CA SER B 691 -27.28 35.60 24.22
C SER B 691 -27.94 34.34 23.70
N LEU B 692 -27.18 33.46 23.03
CA LEU B 692 -27.75 32.23 22.51
C LEU B 692 -28.24 31.33 23.64
N THR B 693 -27.48 31.24 24.72
CA THR B 693 -27.87 30.38 25.83
C THR B 693 -29.13 30.90 26.53
N LEU B 694 -29.26 32.22 26.64
CA LEU B 694 -30.42 32.79 27.31
C LEU B 694 -31.69 32.57 26.51
N VAL B 695 -31.62 32.72 25.19
CA VAL B 695 -32.79 32.52 24.34
C VAL B 695 -33.22 31.05 24.37
N LYS B 696 -32.25 30.13 24.35
CA LYS B 696 -32.57 28.71 24.41
C LYS B 696 -33.23 28.35 25.73
N ALA B 697 -32.80 28.98 26.83
CA ALA B 697 -33.41 28.71 28.11
C ALA B 697 -34.81 29.30 28.20
N ALA B 698 -34.97 30.56 27.80
CA ALA B 698 -36.28 31.21 27.90
C ALA B 698 -37.26 30.63 26.89
N PHE B 699 -36.83 30.51 25.64
CA PHE B 699 -37.63 29.88 24.59
C PHE B 699 -37.04 28.50 24.34
N GLY B 700 -37.80 27.46 24.68
CA GLY B 700 -37.34 26.11 24.51
C GLY B 700 -37.39 25.69 23.06
N PRO B 701 -37.73 24.43 22.80
CA PRO B 701 -37.95 24.00 21.43
C PRO B 701 -39.04 24.83 20.77
N LEU B 702 -38.79 25.26 19.54
CA LEU B 702 -39.68 26.18 18.85
C LEU B 702 -40.51 25.43 17.82
N GLU B 703 -41.79 25.78 17.74
CA GLU B 703 -42.72 25.18 16.79
C GLU B 703 -43.40 26.28 15.99
N ARG B 704 -43.78 25.94 14.77
CA ARG B 704 -44.45 26.86 13.85
C ARG B 704 -45.68 26.16 13.28
N THR B 705 -46.82 26.39 13.92
CA THR B 705 -48.07 25.82 13.42
C THR B 705 -48.59 26.58 12.21
N SER B 706 -48.37 27.89 12.16
CA SER B 706 -48.81 28.70 11.03
C SER B 706 -47.81 29.83 10.81
N GLY B 707 -47.79 30.34 9.59
CA GLY B 707 -46.91 31.43 9.24
C GLY B 707 -45.69 30.94 8.47
N SER B 708 -44.91 31.90 7.99
CA SER B 708 -43.72 31.61 7.21
C SER B 708 -42.48 31.60 8.11
N ILE B 709 -41.39 31.06 7.56
CA ILE B 709 -40.14 31.02 8.30
C ILE B 709 -39.61 32.42 8.56
N ILE B 710 -39.73 33.30 7.56
CA ILE B 710 -39.28 34.68 7.73
C ILE B 710 -40.09 35.38 8.82
N ASN B 711 -41.40 35.16 8.82
CA ASN B 711 -42.25 35.75 9.85
C ASN B 711 -42.01 35.11 11.21
N HIS B 712 -41.70 33.82 11.22
CA HIS B 712 -41.42 33.14 12.49
C HIS B 712 -40.19 33.72 13.16
N ALA B 713 -39.13 33.98 12.39
CA ALA B 713 -37.90 34.49 12.98
C ALA B 713 -38.00 35.96 13.31
N ASN B 714 -38.66 36.75 12.46
CA ASN B 714 -38.76 38.18 12.71
C ASN B 714 -39.59 38.45 13.96
N ASN B 715 -40.72 37.76 14.11
CA ASN B 715 -41.57 37.98 15.27
C ASN B 715 -40.94 37.43 16.54
N LEU B 716 -40.12 36.38 16.43
CA LEU B 716 -39.44 35.84 17.60
C LEU B 716 -38.43 36.84 18.14
N ASN B 717 -37.79 37.61 17.25
CA ASN B 717 -36.84 38.62 17.70
C ASN B 717 -37.54 39.73 18.47
N LYS B 718 -38.74 40.11 18.04
CA LYS B 718 -39.48 41.16 18.75
C LYS B 718 -39.85 40.73 20.16
N VAL B 719 -40.26 39.47 20.33
CA VAL B 719 -40.57 38.95 21.66
C VAL B 719 -39.31 38.87 22.51
N ILE B 720 -38.18 38.53 21.91
CA ILE B 720 -36.92 38.51 22.63
C ILE B 720 -36.60 39.91 23.17
N ASN B 721 -36.84 40.94 22.34
CA ASN B 721 -36.62 42.31 22.79
C ASN B 721 -37.53 42.66 23.96
N HIS B 722 -38.79 42.21 23.91
CA HIS B 722 -39.73 42.53 24.97
C HIS B 722 -39.42 41.76 26.24
N VAL B 723 -39.15 40.46 26.11
CA VAL B 723 -38.88 39.63 27.29
C VAL B 723 -37.60 40.07 27.98
N PHE B 724 -36.58 40.41 27.20
CA PHE B 724 -35.26 40.79 27.71
C PHE B 724 -35.01 42.29 27.55
N ALA B 725 -36.03 43.10 27.82
CA ALA B 725 -35.90 44.54 27.69
C ALA B 725 -34.90 45.13 28.69
N ASP B 726 -34.71 44.48 29.84
CA ASP B 726 -33.74 44.96 30.81
C ASP B 726 -32.31 44.81 30.33
N LYS B 727 -32.04 43.86 29.44
CA LYS B 727 -30.71 43.63 28.89
C LYS B 727 -30.80 43.73 27.37
N PRO B 728 -30.63 44.94 26.81
CA PRO B 728 -30.80 45.12 25.37
C PRO B 728 -29.72 44.45 24.54
N LEU B 729 -28.64 43.97 25.17
CA LEU B 729 -27.54 43.35 24.42
C LEU B 729 -27.99 42.05 23.74
N ILE B 730 -28.95 41.33 24.33
CA ILE B 730 -29.37 40.06 23.76
C ILE B 730 -30.00 40.27 22.39
N SER B 731 -30.94 41.22 22.28
CA SER B 731 -31.58 41.47 21.00
C SER B 731 -30.60 42.01 19.98
N GLU B 732 -29.68 42.87 20.42
CA GLU B 732 -28.69 43.43 19.51
C GLU B 732 -27.79 42.33 18.94
N THR B 733 -27.36 41.39 19.80
CA THR B 733 -26.49 40.32 19.34
C THR B 733 -27.24 39.36 18.41
N MET B 734 -28.49 39.03 18.72
CA MET B 734 -29.24 38.12 17.88
C MET B 734 -29.51 38.71 16.51
N LEU B 735 -29.81 40.02 16.45
CA LEU B 735 -30.04 40.66 15.17
C LEU B 735 -28.76 40.76 14.35
N LYS B 736 -27.61 40.77 15.00
CA LYS B 736 -26.34 40.77 14.27
C LYS B 736 -26.17 39.46 13.49
N ILE B 737 -26.51 38.33 14.12
CA ILE B 737 -26.41 37.05 13.45
C ILE B 737 -27.45 36.96 12.33
N LEU B 738 -28.65 37.47 12.57
CA LEU B 738 -29.71 37.41 11.56
C LEU B 738 -29.34 38.26 10.35
N THR B 739 -28.64 39.37 10.56
CA THR B 739 -28.25 40.21 9.44
C THR B 739 -27.30 39.47 8.51
N ILE B 740 -26.34 38.73 9.07
CA ILE B 740 -25.41 37.96 8.25
C ILE B 740 -26.13 36.81 7.57
N ASP B 741 -26.94 36.07 8.32
CA ASP B 741 -27.60 34.88 7.75
C ASP B 741 -28.71 35.25 6.78
N GLY B 742 -29.43 36.33 7.04
CA GLY B 742 -30.59 36.69 6.26
C GLY B 742 -30.32 37.15 4.85
N THR B 743 -29.06 37.35 4.47
CA THR B 743 -28.76 37.79 3.11
C THR B 743 -29.02 36.70 2.09
N THR B 744 -29.08 35.44 2.51
CA THR B 744 -29.38 34.34 1.61
C THR B 744 -30.87 34.11 1.43
N GLY B 745 -31.70 34.65 2.31
CA GLY B 745 -33.13 34.54 2.16
C GLY B 745 -33.77 33.58 3.13
N LYS B 746 -34.72 32.78 2.65
CA LYS B 746 -35.43 31.85 3.52
C LYS B 746 -34.51 30.76 4.04
N ASP B 747 -33.56 30.32 3.22
CA ASP B 747 -32.61 29.30 3.67
C ASP B 747 -31.70 29.87 4.77
N GLY B 748 -31.32 31.14 4.66
CA GLY B 748 -30.53 31.76 5.71
C GLY B 748 -31.30 31.87 7.02
N TYR B 749 -32.59 32.19 6.94
CA TYR B 749 -33.40 32.25 8.14
C TYR B 749 -33.53 30.88 8.80
N ARG B 750 -33.65 29.83 7.99
CA ARG B 750 -33.72 28.48 8.54
C ARG B 750 -32.44 28.13 9.28
N ASN B 751 -31.29 28.55 8.75
CA ASN B 751 -30.02 28.29 9.42
C ASN B 751 -29.94 29.00 10.75
N TRP B 752 -30.50 30.21 10.84
CA TRP B 752 -30.51 30.95 12.10
C TRP B 752 -31.30 30.21 13.16
N LEU B 753 -32.44 29.62 12.78
CA LEU B 753 -33.23 28.85 13.74
C LEU B 753 -32.49 27.58 14.16
N ASP B 754 -31.72 26.99 13.26
CA ASP B 754 -30.96 25.79 13.61
C ASP B 754 -29.91 26.09 14.66
N LYS B 755 -29.29 27.28 14.58
CA LYS B 755 -28.32 27.67 15.59
C LYS B 755 -28.96 27.79 16.95
N LEU B 756 -30.19 28.32 17.00
CA LEU B 756 -30.88 28.46 18.28
C LEU B 756 -31.18 27.10 18.90
N VAL B 757 -31.61 26.13 18.10
CA VAL B 757 -32.02 24.82 18.63
C VAL B 757 -30.89 23.80 18.62
N GLY B 758 -29.80 24.07 17.91
CA GLY B 758 -28.65 23.19 17.90
C GLY B 758 -27.51 23.62 18.79
N HIS B 759 -27.72 24.61 19.65
CA HIS B 759 -26.66 25.10 20.51
C HIS B 759 -26.34 24.08 21.59
N ASN B 760 -25.06 23.95 21.91
CA ASN B 760 -24.59 23.09 22.99
C ASN B 760 -24.17 23.98 24.16
N TYR B 761 -24.65 23.64 25.35
CA TYR B 761 -24.39 24.46 26.52
C TYR B 761 -22.90 24.49 26.83
N PRO B 762 -22.31 25.65 27.07
CA PRO B 762 -20.90 25.70 27.47
C PRO B 762 -20.71 25.15 28.88
N VAL B 763 -19.47 24.77 29.17
CA VAL B 763 -19.18 24.23 30.50
C VAL B 763 -19.34 25.29 31.58
N TYR B 764 -19.00 26.54 31.25
CA TYR B 764 -19.15 27.65 32.20
C TYR B 764 -20.41 28.44 31.89
N VAL B 765 -21.55 27.76 32.08
CA VAL B 765 -22.84 28.41 31.89
C VAL B 765 -23.00 29.50 32.94
N GLU B 766 -23.43 30.67 32.48
CA GLU B 766 -23.61 31.80 33.39
C GLU B 766 -24.69 31.46 34.42
N PRO B 767 -24.57 31.99 35.64
CA PRO B 767 -25.54 31.64 36.68
C PRO B 767 -26.97 32.03 36.33
N VAL B 768 -27.17 33.04 35.49
CA VAL B 768 -28.52 33.47 35.15
C VAL B 768 -29.25 32.37 34.39
N VAL B 769 -28.53 31.62 33.55
CA VAL B 769 -29.16 30.55 32.79
C VAL B 769 -29.62 29.43 33.72
N ASN B 770 -28.79 29.09 34.72
CA ASN B 770 -29.18 28.05 35.67
C ASN B 770 -30.39 28.49 36.49
N ILE B 771 -30.43 29.76 36.90
CA ILE B 771 -31.55 30.26 37.68
C ILE B 771 -32.84 30.18 36.87
N MET B 772 -32.78 30.57 35.60
CA MET B 772 -33.98 30.49 34.75
C MET B 772 -34.36 29.04 34.49
N ASN B 773 -33.38 28.15 34.36
CA ASN B 773 -33.68 26.73 34.18
C ASN B 773 -34.32 26.15 35.43
N PHE B 774 -33.85 26.57 36.62
CA PHE B 774 -34.44 26.07 37.86
C PHE B 774 -35.89 26.50 37.99
N ILE B 775 -36.17 27.77 37.74
CA ILE B 775 -37.53 28.28 37.89
C ILE B 775 -38.45 27.63 36.87
N SER B 776 -37.98 27.46 35.63
CA SER B 776 -38.81 26.81 34.62
C SER B 776 -39.15 25.39 35.00
N ALA B 777 -38.18 24.66 35.55
CA ALA B 777 -38.43 23.29 35.97
C ALA B 777 -39.47 23.23 37.08
N ARG B 778 -39.38 24.13 38.05
CA ARG B 778 -40.35 24.15 39.15
C ARG B 778 -41.74 24.53 38.65
N PHE B 779 -41.81 25.37 37.61
CA PHE B 779 -43.11 25.72 37.04
C PHE B 779 -43.80 24.50 36.45
N VAL B 780 -43.06 23.68 35.70
CA VAL B 780 -43.65 22.49 35.10
C VAL B 780 -43.92 21.43 36.17
N ALA B 781 -42.98 21.23 37.10
CA ALA B 781 -43.08 20.12 38.04
C ALA B 781 -44.13 20.39 39.11
N ASP B 782 -43.94 21.46 39.89
CA ASP B 782 -44.85 21.79 40.98
C ASP B 782 -45.83 22.87 40.50
N SER B 783 -46.87 22.41 39.81
CA SER B 783 -47.82 23.33 39.18
C SER B 783 -48.78 23.95 40.19
N SER B 784 -49.05 23.25 41.30
CA SER B 784 -50.04 23.75 42.25
C SER B 784 -49.59 25.05 42.92
N TYR B 785 -48.28 25.28 43.00
CA TYR B 785 -47.76 26.50 43.60
C TYR B 785 -48.06 27.74 42.77
N PHE B 786 -48.45 27.57 41.50
CA PHE B 786 -48.57 28.69 40.59
C PHE B 786 -49.97 28.91 40.04
N GLY B 787 -50.92 28.02 40.34
CA GLY B 787 -52.32 28.25 40.01
C GLY B 787 -52.90 27.41 38.90
N TYR B 788 -52.23 26.34 38.49
CA TYR B 788 -52.78 25.47 37.46
C TYR B 788 -52.50 24.01 37.82
N THR B 789 -53.35 23.13 37.31
CA THR B 789 -53.26 21.71 37.56
C THR B 789 -53.48 20.97 36.24
N ASN B 790 -53.54 19.64 36.30
CA ASN B 790 -53.76 18.84 35.11
C ASN B 790 -55.06 18.05 35.12
N GLU B 791 -55.66 17.81 36.28
CA GLU B 791 -56.91 17.07 36.36
C GLU B 791 -57.90 17.82 37.23
N ILE B 792 -59.17 17.75 36.83
CA ILE B 792 -60.29 18.27 37.62
C ILE B 792 -61.39 17.23 37.64
N MET B 793 -62.28 17.34 38.62
CA MET B 793 -63.43 16.45 38.74
C MET B 793 -64.70 17.28 38.80
N ILE B 794 -65.72 16.84 38.10
CA ILE B 794 -67.03 17.48 38.09
C ILE B 794 -68.05 16.44 38.51
N MET B 795 -68.76 16.70 39.60
CA MET B 795 -69.71 15.75 40.16
C MET B 795 -70.97 16.48 40.58
N PRO B 796 -72.10 15.78 40.61
CA PRO B 796 -73.31 16.35 41.21
C PRO B 796 -73.14 16.53 42.71
N ASN B 797 -74.05 17.31 43.28
CA ASN B 797 -73.96 17.64 44.69
C ASN B 797 -74.50 16.54 45.60
N HIS B 798 -75.17 15.52 45.05
CA HIS B 798 -75.69 14.45 45.88
C HIS B 798 -74.72 13.30 46.05
N ILE B 799 -73.54 13.38 45.43
CA ILE B 799 -72.48 12.39 45.64
C ILE B 799 -71.49 12.97 46.63
N ASN B 800 -71.27 12.27 47.73
CA ASN B 800 -70.36 12.72 48.78
C ASN B 800 -69.02 12.03 48.62
N VAL B 801 -67.97 12.80 48.41
CA VAL B 801 -66.63 12.28 48.23
C VAL B 801 -65.78 12.76 49.40
N PRO B 802 -64.92 11.92 49.98
CA PRO B 802 -64.01 12.42 51.01
C PRO B 802 -63.12 13.53 50.47
N VAL B 803 -62.95 14.58 51.28
CA VAL B 803 -62.19 15.75 50.89
C VAL B 803 -61.16 16.06 51.96
N ASP B 804 -60.18 16.88 51.59
CA ASP B 804 -59.18 17.35 52.52
C ASP B 804 -59.83 18.28 53.54
N ASP B 805 -60.02 17.80 54.76
CA ASP B 805 -60.70 18.54 55.80
C ASP B 805 -59.75 19.17 56.80
N ARG B 806 -58.46 19.22 56.49
CA ARG B 806 -57.49 19.80 57.41
C ARG B 806 -57.74 21.29 57.62
N PHE B 807 -58.07 22.01 56.55
CA PHE B 807 -58.17 23.46 56.61
C PHE B 807 -59.49 23.95 57.18
N GLY B 808 -60.50 23.09 57.28
CA GLY B 808 -61.77 23.48 57.86
C GLY B 808 -62.70 24.23 56.94
N PHE B 809 -62.46 24.20 55.63
CA PHE B 809 -63.35 24.87 54.70
C PHE B 809 -64.70 24.17 54.64
N ARG B 810 -65.74 24.96 54.36
CA ARG B 810 -67.07 24.39 54.15
C ARG B 810 -67.18 23.88 52.73
N ASP B 811 -67.56 22.62 52.57
CA ASP B 811 -67.64 21.95 51.28
C ASP B 811 -66.35 22.18 50.49
N SER B 812 -65.27 21.67 51.05
CA SER B 812 -63.94 21.95 50.52
C SER B 812 -63.80 21.40 49.11
N PRO B 813 -63.37 22.21 48.14
CA PRO B 813 -63.13 21.71 46.78
C PRO B 813 -61.78 21.04 46.59
N PHE B 814 -61.07 20.73 47.67
CA PHE B 814 -59.71 20.21 47.61
C PHE B 814 -59.67 18.77 48.09
N CYS B 815 -59.12 17.90 47.26
CA CYS B 815 -58.91 16.50 47.59
C CYS B 815 -57.41 16.24 47.68
N THR B 816 -57.01 15.35 48.60
CA THR B 816 -55.61 14.99 48.69
C THR B 816 -55.13 14.36 47.39
N SER B 817 -55.93 13.49 46.80
CA SER B 817 -55.71 12.97 45.47
C SER B 817 -57.07 12.69 44.86
N LEU B 818 -57.21 12.94 43.57
CA LEU B 818 -58.47 12.67 42.89
C LEU B 818 -58.70 11.17 42.87
N PRO B 819 -59.81 10.66 43.40
CA PRO B 819 -59.93 9.23 43.62
C PRO B 819 -60.23 8.48 42.33
N ARG B 820 -59.70 7.25 42.27
CA ARG B 820 -60.00 6.36 41.17
C ARG B 820 -61.30 5.61 41.38
N THR B 821 -61.76 5.49 42.63
CA THR B 821 -63.07 4.92 42.95
C THR B 821 -63.78 5.81 43.93
N ILE B 822 -65.11 5.89 43.79
CA ILE B 822 -65.97 6.58 44.75
C ILE B 822 -67.12 5.64 45.09
N MET B 823 -67.30 5.38 46.39
CA MET B 823 -68.33 4.46 46.88
C MET B 823 -68.16 3.08 46.26
N GLY B 824 -66.93 2.67 46.04
CA GLY B 824 -66.65 1.38 45.44
C GLY B 824 -66.84 1.30 43.95
N ASN B 825 -67.03 2.43 43.27
CA ASN B 825 -67.30 2.46 41.85
C ASN B 825 -66.24 3.26 41.12
N ASP B 826 -65.76 2.74 40.00
CA ASP B 826 -64.73 3.41 39.23
C ASP B 826 -65.26 4.71 38.64
N VAL B 827 -64.43 5.74 38.67
CA VAL B 827 -64.80 7.08 38.20
C VAL B 827 -64.36 7.22 36.76
N ARG B 828 -65.25 7.72 35.90
CA ARG B 828 -64.94 7.89 34.50
C ARG B 828 -63.85 8.94 34.31
N ARG B 829 -62.95 8.68 33.36
CA ARG B 829 -61.88 9.60 33.01
C ARG B 829 -61.98 9.91 31.53
N ILE B 830 -62.13 11.20 31.20
CA ILE B 830 -62.27 11.65 29.82
C ILE B 830 -61.20 12.69 29.55
N SER B 831 -60.50 12.54 28.42
CA SER B 831 -59.58 13.56 27.99
C SER B 831 -60.34 14.77 27.47
N TYR B 832 -59.67 15.93 27.51
CA TYR B 832 -60.33 17.16 27.08
C TYR B 832 -60.73 17.11 25.61
N ASN B 833 -59.96 16.40 24.79
CA ASN B 833 -60.26 16.33 23.36
C ASN B 833 -61.57 15.59 23.12
N VAL B 834 -61.75 14.44 23.76
CA VAL B 834 -62.98 13.68 23.58
C VAL B 834 -64.16 14.40 24.22
N PHE B 835 -63.92 15.06 25.35
CA PHE B 835 -64.98 15.81 26.02
C PHE B 835 -65.49 16.94 25.15
N SER B 836 -64.61 17.57 24.37
CA SER B 836 -65.04 18.67 23.51
C SER B 836 -66.00 18.19 22.44
N MET B 837 -65.73 17.02 21.86
CA MET B 837 -66.57 16.50 20.78
C MET B 837 -67.75 15.68 21.29
N MET B 838 -67.87 15.49 22.60
CA MET B 838 -68.96 14.70 23.15
C MET B 838 -70.29 15.40 22.94
N GLU B 839 -71.34 14.60 22.75
CA GLU B 839 -72.67 15.12 22.44
C GLU B 839 -73.62 15.06 23.61
N ASP B 840 -73.72 13.92 24.29
CA ASP B 840 -74.64 13.77 25.43
C ASP B 840 -73.94 14.15 26.72
N ILE B 841 -73.54 15.42 26.81
CA ILE B 841 -72.79 15.87 27.97
C ILE B 841 -73.69 15.98 29.19
N ASP B 842 -75.00 16.16 29.00
CA ASP B 842 -75.91 16.26 30.13
C ASP B 842 -76.06 14.92 30.85
N ASP B 843 -76.15 13.82 30.09
CA ASP B 843 -76.23 12.51 30.71
C ASP B 843 -74.91 12.12 31.37
N VAL B 844 -73.79 12.50 30.74
CA VAL B 844 -72.49 12.17 31.31
C VAL B 844 -72.28 12.92 32.63
N ILE B 845 -72.67 14.20 32.68
CA ILE B 845 -72.49 14.98 33.90
C ILE B 845 -73.43 14.54 35.01
N SER B 846 -74.46 13.75 34.68
CA SER B 846 -75.35 13.23 35.72
C SER B 846 -74.60 12.36 36.71
N GLU B 847 -73.49 11.76 36.27
CA GLU B 847 -72.52 11.14 37.16
C GLU B 847 -71.20 11.88 36.99
N GLY B 848 -70.23 11.51 37.81
CA GLY B 848 -68.97 12.22 37.80
C GLY B 848 -68.07 11.82 36.65
N PHE B 849 -67.11 12.70 36.36
CA PHE B 849 -66.06 12.37 35.42
C PHE B 849 -64.85 13.23 35.72
N ILE B 850 -63.69 12.75 35.27
CA ILE B 850 -62.41 13.41 35.50
C ILE B 850 -61.89 13.89 34.15
N LEU B 851 -61.59 15.19 34.06
CA LEU B 851 -61.00 15.77 32.86
C LEU B 851 -59.50 15.88 33.04
N TYR B 852 -58.75 15.41 32.05
CA TYR B 852 -57.29 15.50 32.06
C TYR B 852 -56.82 15.85 30.66
N ASP B 853 -55.51 15.71 30.44
CA ASP B 853 -54.87 16.03 29.15
C ASP B 853 -55.04 17.50 28.78
N ALA B 854 -55.06 18.38 29.78
CA ALA B 854 -55.13 19.81 29.57
C ALA B 854 -54.67 20.51 30.83
N TYR B 855 -54.35 21.79 30.72
CA TYR B 855 -53.92 22.59 31.84
C TYR B 855 -55.06 23.48 32.29
N PHE B 856 -55.50 23.30 33.53
CA PHE B 856 -56.67 23.98 34.06
C PHE B 856 -56.23 25.06 35.05
N ASN B 857 -56.57 26.30 34.75
CA ASN B 857 -56.23 27.42 35.61
C ASN B 857 -57.36 27.66 36.61
N PHE B 858 -57.01 27.83 37.87
CA PHE B 858 -57.97 28.08 38.92
C PHE B 858 -57.51 29.24 39.80
N SER B 859 -58.48 29.93 40.38
CA SER B 859 -58.23 30.99 41.33
C SER B 859 -59.21 30.83 42.48
N TYR B 860 -58.83 31.32 43.66
CA TYR B 860 -59.70 31.17 44.82
C TYR B 860 -59.43 32.30 45.81
N ASP B 861 -60.50 32.71 46.49
CA ASP B 861 -60.43 33.68 47.58
C ASP B 861 -60.92 33.03 48.85
N ILE B 862 -60.11 33.09 49.90
CA ILE B 862 -60.47 32.51 51.19
C ILE B 862 -61.07 33.62 52.05
N MET B 863 -62.36 33.51 52.34
CA MET B 863 -63.09 34.50 53.13
C MET B 863 -63.15 34.05 54.58
N THR B 864 -62.85 34.98 55.48
CA THR B 864 -62.78 34.65 56.90
C THR B 864 -64.14 34.26 57.46
N THR B 865 -65.19 34.95 57.03
CA THR B 865 -66.53 34.68 57.54
C THR B 865 -67.06 33.37 56.98
N ASP B 866 -68.15 32.90 57.60
CA ASP B 866 -68.81 31.69 57.14
C ASP B 866 -69.75 32.01 55.98
N GLY B 867 -70.00 31.00 55.16
CA GLY B 867 -70.87 31.17 54.01
C GLY B 867 -70.89 29.91 53.18
N VAL B 868 -71.63 29.98 52.08
CA VAL B 868 -71.78 28.84 51.18
C VAL B 868 -70.65 28.89 50.15
N THR B 869 -69.79 27.88 50.15
CA THR B 869 -68.73 27.78 49.17
C THR B 869 -69.33 27.52 47.80
N ARG B 870 -68.86 28.25 46.79
CA ARG B 870 -69.47 28.19 45.47
C ARG B 870 -68.46 28.62 44.42
N LEU B 871 -68.84 28.43 43.17
CA LEU B 871 -68.07 28.85 42.01
C LEU B 871 -68.64 30.17 41.49
N LYS B 872 -67.77 30.97 40.87
CA LYS B 872 -68.21 32.27 40.36
C LYS B 872 -69.17 32.13 39.19
N GLU B 873 -68.84 31.25 38.24
CA GLU B 873 -69.63 31.07 37.03
C GLU B 873 -70.04 29.62 36.88
N ASP B 874 -70.82 29.35 35.84
CA ASP B 874 -71.32 27.97 35.60
C ASP B 874 -70.20 27.11 35.02
N ILE B 875 -70.20 25.81 35.32
CA ILE B 875 -69.09 24.91 34.89
C ILE B 875 -69.04 24.71 33.37
N LEU B 876 -70.19 24.53 32.71
CA LEU B 876 -70.16 24.13 31.28
C LEU B 876 -70.59 25.19 30.29
N ILE B 877 -70.00 25.17 29.09
CA ILE B 877 -70.43 26.01 27.97
C ILE B 877 -70.36 25.17 26.70
N VAL B 878 -71.41 25.23 25.89
CA VAL B 878 -71.51 24.46 24.65
C VAL B 878 -71.63 25.41 23.48
N THR B 879 -70.77 25.22 22.47
CA THR B 879 -70.88 25.87 21.19
C THR B 879 -71.05 24.79 20.13
N ASP B 880 -71.35 25.20 18.90
CA ASP B 880 -71.50 24.23 17.83
C ASP B 880 -70.17 23.59 17.47
N THR B 881 -69.06 24.27 17.76
CA THR B 881 -67.74 23.68 17.53
C THR B 881 -67.39 22.65 18.60
N GLY B 882 -67.78 22.89 19.84
CA GLY B 882 -67.48 21.94 20.90
C GLY B 882 -67.77 22.53 22.26
N ASN B 883 -67.60 21.67 23.27
CA ASN B 883 -67.82 22.04 24.66
C ASN B 883 -66.53 22.55 25.28
N ASP B 884 -66.69 23.37 26.33
CA ASP B 884 -65.56 23.96 27.02
C ASP B 884 -65.91 24.14 28.49
N ILE B 885 -64.88 24.34 29.30
CA ILE B 885 -65.04 24.59 30.73
C ILE B 885 -64.75 26.05 31.00
N LYS B 886 -65.69 26.72 31.66
CA LYS B 886 -65.57 28.14 31.94
C LYS B 886 -64.51 28.38 33.01
N PRO B 887 -64.00 29.61 33.13
CA PRO B 887 -62.97 29.89 34.12
C PRO B 887 -63.40 29.52 35.53
N ILE B 888 -62.46 28.98 36.31
CA ILE B 888 -62.72 28.43 37.62
C ILE B 888 -62.30 29.44 38.68
N HIS B 889 -63.25 29.86 39.52
CA HIS B 889 -62.97 30.74 40.64
C HIS B 889 -63.74 30.25 41.85
N PHE B 890 -63.06 30.11 42.98
CA PHE B 890 -63.66 29.57 44.19
C PHE B 890 -63.87 30.67 45.21
N TYR B 891 -65.03 30.68 45.83
CA TYR B 891 -65.34 31.55 46.97
C TYR B 891 -65.41 30.64 48.19
N ILE B 892 -64.26 30.39 48.80
CA ILE B 892 -64.14 29.42 49.88
C ILE B 892 -64.42 30.11 51.21
N TYR B 893 -65.29 29.50 52.01
CA TYR B 893 -65.66 30.02 53.32
C TYR B 893 -65.33 29.00 54.39
N PHE B 894 -65.10 29.48 55.61
CA PHE B 894 -64.87 28.61 56.74
C PHE B 894 -66.20 28.09 57.29
N GLU B 895 -66.12 26.97 58.01
CA GLU B 895 -67.30 26.18 58.35
C GLU B 895 -67.58 26.22 59.84
N ASN B 896 -68.85 26.45 60.19
CA ASN B 896 -69.38 26.19 61.52
C ASN B 896 -70.46 25.13 61.38
N ARG B 897 -70.21 23.95 61.94
CA ARG B 897 -71.05 22.78 61.65
C ARG B 897 -72.48 22.98 62.11
N ASN B 898 -72.67 23.61 63.27
CA ASN B 898 -74.00 23.75 63.84
C ASN B 898 -74.90 24.69 63.05
N ASP B 899 -74.36 25.48 62.13
CA ASP B 899 -75.17 26.43 61.38
C ASP B 899 -76.12 25.68 60.47
N LYS B 900 -77.41 25.67 60.83
CA LYS B 900 -78.39 24.92 60.06
C LYS B 900 -78.77 25.63 58.77
N LYS B 901 -78.81 26.96 58.77
CA LYS B 901 -79.22 27.69 57.57
C LYS B 901 -78.22 27.46 56.43
N LEU B 902 -76.93 27.51 56.74
CA LEU B 902 -75.93 27.31 55.70
C LEU B 902 -75.85 25.86 55.27
N ARG B 903 -76.16 24.93 56.16
CA ARG B 903 -76.24 23.53 55.77
C ARG B 903 -77.36 23.30 54.76
N TYR B 904 -78.52 23.91 55.00
CA TYR B 904 -79.64 23.78 54.06
C TYR B 904 -79.28 24.38 52.71
N GLU B 905 -78.67 25.57 52.71
CA GLU B 905 -78.37 26.27 51.46
C GLU B 905 -77.36 25.48 50.63
N SER B 906 -76.33 24.94 51.27
CA SER B 906 -75.29 24.24 50.54
C SER B 906 -75.78 22.89 50.02
N LYS B 907 -76.61 22.19 50.81
CA LYS B 907 -77.07 20.87 50.42
C LYS B 907 -78.16 20.93 49.36
N MET B 908 -78.94 22.00 49.32
CA MET B 908 -80.12 22.06 48.45
C MET B 908 -79.94 22.94 47.23
N ASN B 909 -79.13 24.01 47.32
CA ASN B 909 -79.09 24.99 46.23
C ASN B 909 -77.71 25.14 45.61
N VAL B 910 -77.03 24.04 45.30
CA VAL B 910 -75.75 24.12 44.60
C VAL B 910 -75.84 23.33 43.29
N SER B 911 -76.11 22.04 43.40
CA SER B 911 -76.44 21.10 42.34
C SER B 911 -75.25 20.68 41.49
N TYR B 912 -74.08 21.30 41.62
CA TYR B 912 -72.90 20.89 40.87
C TYR B 912 -71.65 21.39 41.58
N ARG B 913 -70.63 20.54 41.63
CA ARG B 913 -69.41 20.84 42.35
C ARG B 913 -68.20 20.48 41.51
N LEU B 914 -67.09 21.18 41.77
CA LEU B 914 -65.82 20.94 41.10
C LEU B 914 -64.75 20.67 42.14
N TYR B 915 -63.89 19.70 41.86
CA TYR B 915 -62.86 19.27 42.79
C TYR B 915 -61.51 19.30 42.10
N ILE B 916 -60.49 19.81 42.80
CA ILE B 916 -59.12 19.79 42.33
C ILE B 916 -58.24 19.30 43.48
N LYS B 917 -57.02 18.89 43.13
CA LYS B 917 -56.04 18.50 44.13
C LYS B 917 -55.67 19.71 44.99
N THR B 918 -55.38 19.45 46.25
CA THR B 918 -55.08 20.52 47.19
C THR B 918 -53.81 21.24 46.76
N PRO B 919 -53.86 22.55 46.58
CA PRO B 919 -52.64 23.29 46.23
C PRO B 919 -51.58 23.15 47.31
N ALA B 920 -50.33 23.03 46.87
CA ALA B 920 -49.23 22.84 47.80
C ALA B 920 -48.78 24.14 48.47
N CYS B 921 -49.33 25.28 48.06
CA CYS B 921 -49.03 26.53 48.75
C CYS B 921 -49.72 26.64 50.09
N LEU B 922 -50.73 25.81 50.34
CA LEU B 922 -51.48 25.85 51.59
C LEU B 922 -50.86 24.91 52.61
N LEU B 923 -50.74 25.39 53.85
CA LEU B 923 -50.18 24.63 54.94
C LEU B 923 -51.11 24.79 56.14
N PRO B 924 -51.54 23.69 56.76
CA PRO B 924 -52.31 23.82 58.00
C PRO B 924 -51.49 24.48 59.09
N LEU B 925 -52.19 25.19 59.98
CA LEU B 925 -51.49 25.96 61.01
C LEU B 925 -50.71 25.06 61.95
N SER B 926 -51.20 23.84 62.18
CA SER B 926 -50.48 22.92 63.06
C SER B 926 -49.12 22.55 62.51
N ASP B 927 -48.99 22.49 61.19
CA ASP B 927 -47.73 22.11 60.55
C ASP B 927 -46.93 23.35 60.14
N TYR B 928 -46.62 24.18 61.13
CA TYR B 928 -45.88 25.41 60.88
C TYR B 928 -44.37 25.22 60.97
N MET B 929 -43.90 24.09 61.48
CA MET B 929 -42.48 23.79 61.44
C MET B 929 -41.99 23.43 60.05
N ARG B 930 -42.88 23.01 59.15
CA ARG B 930 -42.48 22.73 57.78
C ARG B 930 -42.15 23.99 57.00
N ALA B 931 -42.44 25.17 57.55
CA ALA B 931 -42.12 26.44 56.91
C ALA B 931 -40.83 27.05 57.43
N GLN B 932 -40.12 26.38 58.32
CA GLN B 932 -38.87 26.91 58.85
C GLN B 932 -37.71 26.57 57.92
N HIS B 933 -36.95 27.58 57.52
CA HIS B 933 -35.89 27.41 56.55
C HIS B 933 -34.72 28.31 56.93
N ASP B 934 -33.56 28.01 56.36
CA ASP B 934 -32.32 28.68 56.70
C ASP B 934 -31.80 29.49 55.51
N TYR B 935 -31.34 30.71 55.80
CA TYR B 935 -30.73 31.59 54.81
C TYR B 935 -29.38 32.04 55.34
N VAL B 936 -28.35 31.97 54.50
CA VAL B 936 -26.98 32.28 54.90
C VAL B 936 -26.56 33.58 54.24
N SER B 937 -26.04 34.50 55.04
CA SER B 937 -25.54 35.78 54.56
C SER B 937 -24.03 35.84 54.78
N PRO B 938 -23.25 36.19 53.76
CA PRO B 938 -21.80 36.23 53.91
C PRO B 938 -21.36 37.26 54.92
N SER B 939 -20.17 37.03 55.48
CA SER B 939 -19.65 37.87 56.55
C SER B 939 -19.51 39.31 56.11
N SER B 940 -19.85 40.23 57.02
CA SER B 940 -19.74 41.66 56.73
C SER B 940 -18.29 42.14 56.68
N SER B 941 -17.33 41.30 57.09
CA SER B 941 -15.92 41.65 57.01
C SER B 941 -15.38 41.57 55.58
N ARG B 942 -16.14 41.01 54.65
CA ARG B 942 -15.67 40.89 53.27
C ARG B 942 -15.68 42.26 52.59
N VAL B 943 -14.64 42.52 51.81
CA VAL B 943 -14.50 43.74 51.04
C VAL B 943 -14.51 43.37 49.57
N TYR B 944 -15.36 44.03 48.79
CA TYR B 944 -15.52 43.71 47.38
C TYR B 944 -14.72 44.69 46.54
N ILE B 945 -13.94 44.16 45.60
CA ILE B 945 -12.98 44.95 44.84
C ILE B 945 -13.68 45.58 43.65
N LYS B 946 -13.48 46.88 43.46
CA LYS B 946 -14.02 47.60 42.31
C LYS B 946 -12.94 48.17 41.41
N ASP B 947 -11.68 47.77 41.61
CA ASP B 947 -10.59 48.33 40.83
C ASP B 947 -9.98 47.26 39.92
N PRO B 948 -9.65 47.61 38.68
CA PRO B 948 -9.04 46.63 37.77
C PRO B 948 -7.61 46.31 38.17
N ALA B 949 -7.16 45.16 37.69
CA ALA B 949 -5.79 44.70 37.91
C ALA B 949 -4.91 45.15 36.75
N VAL B 950 -3.79 45.78 37.06
CA VAL B 950 -2.86 46.28 36.05
C VAL B 950 -1.67 45.34 35.96
N VAL B 951 -1.35 44.91 34.75
CA VAL B 951 -0.20 44.05 34.50
C VAL B 951 0.95 44.91 33.97
N TYR B 952 2.16 44.58 34.40
CA TYR B 952 3.34 45.35 34.03
C TYR B 952 4.56 44.46 34.12
N THR B 953 5.66 44.92 33.53
CA THR B 953 6.94 44.26 33.70
C THR B 953 8.03 45.32 33.63
N ARG B 954 9.17 45.01 34.27
CA ARG B 954 10.32 45.90 34.29
C ARG B 954 11.47 45.38 33.44
N SER B 955 11.25 44.31 32.68
CA SER B 955 12.29 43.76 31.83
C SER B 955 12.27 44.42 30.46
N ALA C 2 -38.27 -44.54 0.83
CA ALA C 2 -39.08 -43.38 1.20
C ALA C 2 -39.25 -42.43 0.02
N ASN C 3 -40.49 -42.09 -0.27
CA ASN C 3 -40.82 -41.19 -1.36
C ASN C 3 -41.14 -39.80 -0.83
N ARG C 4 -40.90 -38.79 -1.66
CA ARG C 4 -41.17 -37.40 -1.32
C ARG C 4 -42.24 -36.84 -2.25
N ALA C 5 -43.12 -36.02 -1.68
CA ALA C 5 -44.17 -35.35 -2.45
C ALA C 5 -44.13 -33.86 -2.13
N THR C 6 -44.34 -33.04 -3.15
CA THR C 6 -44.17 -31.61 -3.03
C THR C 6 -45.34 -30.89 -3.69
N SER C 7 -45.55 -29.64 -3.32
CA SER C 7 -46.53 -28.79 -3.97
C SER C 7 -45.99 -28.31 -5.31
N ALA C 8 -46.87 -28.29 -6.32
CA ALA C 8 -46.43 -27.90 -7.65
C ALA C 8 -45.98 -26.44 -7.70
N PHE C 9 -46.69 -25.56 -7.00
CA PHE C 9 -46.41 -24.13 -7.11
C PHE C 9 -45.18 -23.71 -6.30
N LEU C 10 -44.66 -24.55 -5.43
CA LEU C 10 -43.53 -24.19 -4.59
C LEU C 10 -42.19 -24.43 -5.24
N ASP C 11 -42.15 -25.06 -6.40
CA ASP C 11 -40.88 -25.39 -7.03
C ASP C 11 -40.23 -24.16 -7.66
N ASN C 12 -38.90 -24.22 -7.76
CA ASN C 12 -38.05 -23.36 -8.57
C ASN C 12 -38.56 -21.93 -8.73
N PRO C 13 -38.65 -21.14 -7.66
CA PRO C 13 -39.07 -19.75 -7.82
C PRO C 13 -38.02 -18.95 -8.57
N HIS C 14 -38.43 -18.30 -9.64
CA HIS C 14 -37.49 -17.52 -10.43
C HIS C 14 -37.13 -16.23 -9.70
N PRO C 15 -35.92 -15.71 -9.93
CA PRO C 15 -35.55 -14.43 -9.30
C PRO C 15 -36.43 -13.30 -9.79
N VAL C 16 -36.72 -12.36 -8.90
CA VAL C 16 -37.54 -11.22 -9.21
C VAL C 16 -36.62 -10.03 -9.47
N GLY C 17 -37.21 -8.98 -10.05
CA GLY C 17 -36.42 -7.81 -10.41
C GLY C 17 -35.85 -7.11 -9.20
N VAL C 18 -34.74 -6.40 -9.43
CA VAL C 18 -34.03 -5.67 -8.40
C VAL C 18 -34.03 -4.17 -8.63
N ASN C 19 -34.67 -3.69 -9.69
CA ASN C 19 -34.74 -2.27 -10.00
C ASN C 19 -36.10 -1.70 -9.60
N TYR C 20 -36.15 -0.37 -9.54
CA TYR C 20 -37.38 0.36 -9.25
C TYR C 20 -37.95 -0.02 -7.89
N VAL C 21 -37.08 -0.20 -6.90
CA VAL C 21 -37.49 -0.53 -5.54
C VAL C 21 -37.05 0.51 -4.53
N ASP C 22 -36.61 1.68 -4.98
CA ASP C 22 -36.21 2.74 -4.09
C ASP C 22 -37.43 3.55 -3.65
N GLU C 23 -37.21 4.52 -2.76
CA GLU C 23 -38.32 5.31 -2.23
C GLU C 23 -39.01 6.10 -3.33
N GLY C 24 -38.24 6.66 -4.26
CA GLY C 24 -38.84 7.40 -5.35
C GLY C 24 -39.70 6.54 -6.24
N SER C 25 -39.26 5.30 -6.48
CA SER C 25 -40.05 4.39 -7.31
C SER C 25 -41.30 3.91 -6.58
N ARG C 26 -41.22 3.74 -5.27
CA ARG C 26 -42.40 3.34 -4.50
C ARG C 26 -43.46 4.42 -4.53
N GLN C 27 -43.05 5.69 -4.52
CA GLN C 27 -44.01 6.78 -4.63
C GLN C 27 -44.74 6.75 -5.96
N PHE C 28 -44.02 6.42 -7.04
CA PHE C 28 -44.63 6.40 -8.36
C PHE C 28 -45.75 5.37 -8.44
N VAL C 29 -45.53 4.18 -7.89
CA VAL C 29 -46.56 3.15 -7.91
C VAL C 29 -47.77 3.58 -7.10
N ALA C 30 -47.54 4.16 -5.92
CA ALA C 30 -48.64 4.64 -5.11
C ALA C 30 -49.41 5.77 -5.79
N VAL C 31 -48.68 6.69 -6.43
CA VAL C 31 -49.33 7.76 -7.18
C VAL C 31 -50.15 7.19 -8.33
N ALA C 32 -49.59 6.20 -9.04
CA ALA C 32 -50.30 5.59 -10.16
C ALA C 32 -51.58 4.91 -9.69
N GLU C 33 -51.52 4.21 -8.55
CA GLU C 33 -52.70 3.59 -7.99
C GLU C 33 -53.75 4.63 -7.61
N LEU C 34 -53.31 5.72 -6.98
CA LEU C 34 -54.24 6.76 -6.57
C LEU C 34 -54.88 7.44 -7.79
N LEU C 35 -54.08 7.73 -8.81
CA LEU C 35 -54.61 8.42 -9.98
C LEU C 35 -55.45 7.49 -10.84
N ALA C 36 -55.18 6.19 -10.79
CA ALA C 36 -55.99 5.25 -11.55
C ALA C 36 -57.38 5.10 -10.94
N SER C 37 -57.47 5.09 -9.61
CA SER C 37 -58.76 5.01 -8.95
C SER C 37 -59.61 6.23 -9.26
N LYS C 38 -59.01 7.42 -9.20
CA LYS C 38 -59.75 8.64 -9.50
C LYS C 38 -60.25 8.64 -10.94
N LEU C 39 -59.50 8.02 -11.85
CA LEU C 39 -59.94 7.93 -13.23
C LEU C 39 -61.21 7.12 -13.35
N ILE C 40 -61.33 6.04 -12.57
CA ILE C 40 -62.53 5.21 -12.62
C ILE C 40 -63.74 5.98 -12.09
N ASP C 41 -63.57 6.67 -10.96
CA ASP C 41 -64.69 7.41 -10.39
C ASP C 41 -65.09 8.58 -11.28
N SER C 42 -64.11 9.21 -11.92
CA SER C 42 -64.43 10.31 -12.83
C SER C 42 -65.23 9.83 -14.03
N SER C 43 -64.88 8.66 -14.57
CA SER C 43 -65.63 8.13 -15.71
C SER C 43 -67.06 7.80 -15.32
N ARG C 44 -67.25 7.22 -14.14
CA ARG C 44 -68.61 6.93 -13.66
C ARG C 44 -69.39 8.21 -13.43
N GLU C 45 -68.74 9.24 -12.87
CA GLU C 45 -69.42 10.51 -12.64
C GLU C 45 -69.82 11.18 -13.94
N SER C 46 -68.94 11.16 -14.94
CA SER C 46 -69.26 11.79 -16.21
C SER C 46 -70.34 11.02 -16.95
N ASP C 47 -70.34 9.69 -16.83
CA ASP C 47 -71.37 8.89 -17.49
C ASP C 47 -72.75 9.17 -16.92
N GLU C 48 -72.82 9.42 -15.61
CA GLU C 48 -74.08 9.70 -14.95
C GLU C 48 -74.55 11.13 -15.15
N SER C 49 -73.73 11.99 -15.72
CA SER C 49 -74.06 13.40 -15.91
C SER C 49 -74.14 13.70 -17.40
N ASN C 50 -74.38 14.98 -17.72
CA ASN C 50 -74.49 15.44 -19.09
C ASN C 50 -73.23 16.16 -19.57
N SER C 51 -72.15 16.11 -18.81
CA SER C 51 -70.91 16.79 -19.17
C SER C 51 -69.73 15.84 -19.01
N ASP C 52 -68.72 16.05 -19.85
CA ASP C 52 -67.50 15.25 -19.85
C ASP C 52 -66.36 15.94 -19.13
N VAL C 53 -66.64 17.04 -18.43
CA VAL C 53 -65.57 17.80 -17.79
C VAL C 53 -64.82 16.99 -16.74
N PRO C 54 -65.50 16.27 -15.82
CA PRO C 54 -64.72 15.48 -14.84
C PRO C 54 -63.78 14.47 -15.46
N PHE C 55 -64.18 13.82 -16.54
CA PHE C 55 -63.28 12.86 -17.19
C PHE C 55 -62.14 13.57 -17.91
N VAL C 56 -62.41 14.74 -18.47
CA VAL C 56 -61.36 15.48 -19.16
C VAL C 56 -60.26 15.88 -18.19
N GLN C 57 -60.64 16.37 -17.01
CA GLN C 57 -59.64 16.76 -16.02
C GLN C 57 -58.86 15.57 -15.49
N ALA C 58 -59.56 14.45 -15.25
CA ALA C 58 -58.89 13.28 -14.70
C ALA C 58 -57.91 12.68 -15.71
N TYR C 59 -58.33 12.54 -16.96
CA TYR C 59 -57.44 11.99 -17.98
C TYR C 59 -56.26 12.91 -18.26
N SER C 60 -56.49 14.23 -18.26
CA SER C 60 -55.39 15.16 -18.51
C SER C 60 -54.33 15.06 -17.42
N LYS C 61 -54.74 14.92 -16.17
CA LYS C 61 -53.78 14.73 -15.08
C LYS C 61 -53.02 13.42 -15.24
N PHE C 62 -53.73 12.35 -15.62
CA PHE C 62 -53.10 11.04 -15.73
C PHE C 62 -52.18 10.94 -16.93
N ALA C 63 -52.61 11.45 -18.08
CA ALA C 63 -51.91 11.22 -19.33
C ALA C 63 -51.05 12.39 -19.78
N ASP C 64 -51.22 13.58 -19.19
CA ASP C 64 -50.53 14.80 -19.57
C ASP C 64 -50.91 15.31 -20.95
N ASP C 65 -52.03 14.84 -21.51
CA ASP C 65 -52.57 15.42 -22.73
C ASP C 65 -54.08 15.39 -22.64
N ASN C 66 -54.72 16.36 -23.30
CA ASN C 66 -56.17 16.42 -23.29
C ASN C 66 -56.74 15.27 -24.13
N PRO C 67 -57.87 14.69 -23.70
CA PRO C 67 -58.49 13.64 -24.52
C PRO C 67 -59.00 14.22 -25.83
N ARG C 68 -58.98 13.37 -26.86
CA ARG C 68 -59.37 13.80 -28.19
C ARG C 68 -60.24 12.75 -28.84
N HIS C 69 -61.25 13.20 -29.57
CA HIS C 69 -61.98 12.30 -30.45
C HIS C 69 -61.05 11.80 -31.54
N LEU C 70 -61.40 10.63 -32.09
CA LEU C 70 -60.61 9.98 -33.14
C LEU C 70 -59.22 9.57 -32.65
N ARG C 71 -59.03 9.42 -31.34
CA ARG C 71 -57.77 8.98 -30.76
C ARG C 71 -58.05 7.82 -29.81
N VAL C 72 -57.02 7.00 -29.59
CA VAL C 72 -57.23 5.72 -28.92
C VAL C 72 -57.36 5.84 -27.41
N LYS C 73 -56.95 6.97 -26.82
CA LYS C 73 -57.01 7.19 -25.38
C LYS C 73 -56.23 6.10 -24.63
N THR C 74 -54.94 6.07 -24.91
CA THR C 74 -54.08 5.01 -24.38
C THR C 74 -53.82 5.18 -22.88
N GLY C 75 -53.48 6.39 -22.45
CA GLY C 75 -53.12 6.60 -21.07
C GLY C 75 -51.87 7.45 -20.93
N GLY C 76 -51.14 7.61 -22.02
CA GLY C 76 -50.00 8.51 -22.02
C GLY C 76 -48.73 7.90 -21.45
N LYS C 77 -47.86 8.78 -20.96
CA LYS C 77 -46.55 8.34 -20.48
C LYS C 77 -46.68 7.52 -19.19
N MET C 78 -47.64 7.87 -18.34
CA MET C 78 -47.83 7.13 -17.09
C MET C 78 -48.22 5.69 -17.38
N ALA C 79 -49.03 5.47 -18.42
CA ALA C 79 -49.40 4.11 -18.80
C ALA C 79 -48.18 3.32 -19.26
N ASN C 80 -47.32 3.95 -20.05
CA ASN C 80 -46.12 3.27 -20.52
C ASN C 80 -45.18 2.94 -19.38
N ALA C 81 -44.98 3.89 -18.46
CA ALA C 81 -44.09 3.65 -17.32
C ALA C 81 -44.60 2.52 -16.44
N LEU C 82 -45.91 2.51 -16.18
CA LEU C 82 -46.49 1.47 -15.34
C LEU C 82 -46.34 0.09 -15.98
N THR C 83 -46.53 0.00 -17.30
CA THR C 83 -46.45 -1.29 -17.98
C THR C 83 -45.03 -1.83 -17.94
N ASN C 84 -44.04 -0.99 -18.22
CA ASN C 84 -42.65 -1.43 -18.23
C ASN C 84 -42.13 -1.72 -16.83
N VAL C 85 -42.62 -0.97 -15.83
CA VAL C 85 -42.24 -1.24 -14.45
C VAL C 85 -42.74 -2.59 -13.99
N ILE C 86 -43.94 -2.98 -14.44
CA ILE C 86 -44.50 -4.28 -14.08
C ILE C 86 -43.63 -5.39 -14.65
N ARG C 87 -43.15 -5.23 -15.88
CA ARG C 87 -42.28 -6.24 -16.48
C ARG C 87 -41.00 -6.42 -15.68
N SER C 88 -40.41 -5.32 -15.21
CA SER C 88 -39.15 -5.39 -14.49
C SER C 88 -39.29 -6.14 -13.18
N TYR C 89 -40.41 -5.94 -12.47
CA TYR C 89 -40.57 -6.56 -11.16
C TYR C 89 -40.67 -8.07 -11.26
N TYR C 90 -41.35 -8.57 -12.30
CA TYR C 90 -41.63 -10.00 -12.38
C TYR C 90 -40.36 -10.82 -12.54
N SER C 91 -39.48 -10.41 -13.45
CA SER C 91 -38.31 -11.19 -13.79
C SER C 91 -37.07 -10.32 -13.76
N ILE C 92 -35.94 -10.95 -13.42
CA ILE C 92 -34.65 -10.25 -13.46
C ILE C 92 -34.08 -10.19 -14.86
N ASN C 93 -34.62 -10.97 -15.79
CA ASN C 93 -34.18 -10.92 -17.17
C ASN C 93 -34.89 -9.85 -17.98
N ALA C 94 -35.93 -9.24 -17.45
CA ALA C 94 -36.63 -8.18 -18.16
C ALA C 94 -35.84 -6.89 -18.11
N PRO C 95 -35.77 -6.16 -19.21
CA PRO C 95 -34.99 -4.91 -19.23
C PRO C 95 -35.63 -3.83 -18.38
N ALA C 96 -34.78 -2.93 -17.91
CA ALA C 96 -35.20 -1.73 -17.18
C ALA C 96 -34.93 -0.53 -18.07
N ILE C 97 -35.97 -0.06 -18.75
CA ILE C 97 -35.81 0.97 -19.77
C ILE C 97 -36.35 2.33 -19.35
N VAL C 98 -37.17 2.41 -18.33
CA VAL C 98 -37.76 3.69 -17.93
C VAL C 98 -36.72 4.52 -17.19
N PRO C 99 -36.46 5.75 -17.61
CA PRO C 99 -35.51 6.59 -16.88
C PRO C 99 -36.04 6.92 -15.49
N GLN C 100 -35.10 7.15 -14.57
CA GLN C 100 -35.48 7.53 -13.21
C GLN C 100 -36.05 8.95 -13.18
N VAL C 101 -35.62 9.82 -14.09
CA VAL C 101 -36.14 11.17 -14.12
C VAL C 101 -37.62 11.17 -14.47
N GLU C 102 -38.02 10.31 -15.42
CA GLU C 102 -39.43 10.21 -15.78
C GLU C 102 -40.26 9.68 -14.62
N ILE C 103 -39.73 8.70 -13.89
CA ILE C 103 -40.46 8.15 -12.75
C ILE C 103 -40.63 9.21 -11.67
N ASP C 104 -39.58 9.99 -11.42
CA ASP C 104 -39.66 11.06 -10.41
C ASP C 104 -40.66 12.13 -10.83
N ARG C 105 -40.71 12.47 -12.12
CA ARG C 105 -41.66 13.45 -12.59
C ARG C 105 -43.10 12.99 -12.39
N LEU C 106 -43.37 11.71 -12.68
CA LEU C 106 -44.72 11.19 -12.54
C LEU C 106 -45.12 11.07 -11.08
N ALA C 107 -44.16 10.79 -10.20
CA ALA C 107 -44.46 10.66 -8.78
C ALA C 107 -44.83 11.99 -8.13
N SER C 108 -44.55 13.10 -8.81
CA SER C 108 -44.89 14.41 -8.27
C SER C 108 -46.30 14.86 -8.63
N LYS C 109 -47.06 14.04 -9.37
CA LYS C 109 -48.40 14.43 -9.76
C LYS C 109 -49.35 14.43 -8.57
N ALA C 110 -49.19 13.50 -7.66
CA ALA C 110 -50.03 13.41 -6.47
C ALA C 110 -49.14 13.26 -5.24
N THR C 111 -49.72 13.52 -4.08
CA THR C 111 -49.01 13.43 -2.81
C THR C 111 -49.52 12.22 -2.03
N VAL C 112 -48.65 11.21 -1.91
CA VAL C 112 -48.91 10.02 -1.11
C VAL C 112 -47.59 9.50 -0.60
N SER C 113 -47.63 8.81 0.54
CA SER C 113 -46.46 8.18 1.08
C SER C 113 -46.16 6.88 0.31
N GLY C 114 -44.89 6.50 0.34
CA GLY C 114 -44.46 5.27 -0.32
C GLY C 114 -44.43 4.09 0.61
N ASP C 115 -45.15 4.18 1.72
CA ASP C 115 -45.15 3.11 2.71
C ASP C 115 -45.69 1.81 2.11
N MET C 116 -44.85 0.79 2.09
CA MET C 116 -45.25 -0.54 1.69
C MET C 116 -45.45 -1.48 2.87
N TYR C 117 -45.30 -0.98 4.10
CA TYR C 117 -45.37 -1.79 5.31
C TYR C 117 -46.38 -1.22 6.30
N ASN C 118 -47.35 -0.46 5.80
CA ASN C 118 -48.34 0.16 6.68
C ASN C 118 -49.20 -0.88 7.39
N SER C 119 -49.63 -1.92 6.66
CA SER C 119 -50.62 -2.85 7.16
C SER C 119 -50.23 -4.26 6.74
N TYR C 120 -51.18 -5.19 6.84
CA TYR C 120 -50.95 -6.59 6.55
C TYR C 120 -52.10 -7.14 5.71
N ALA C 121 -51.82 -8.25 5.03
CA ALA C 121 -52.82 -8.99 4.28
C ALA C 121 -52.62 -10.47 4.53
N ILE C 122 -53.68 -11.25 4.34
CA ILE C 122 -53.68 -12.67 4.61
C ILE C 122 -53.78 -13.42 3.29
N PHE C 123 -52.82 -14.30 3.04
CA PHE C 123 -52.75 -15.08 1.81
C PHE C 123 -52.97 -16.55 2.14
N ASN C 124 -53.77 -17.21 1.31
CA ASN C 124 -54.38 -18.50 1.66
C ASN C 124 -53.71 -19.71 1.04
N SER C 125 -52.61 -19.54 0.32
CA SER C 125 -51.95 -20.69 -0.30
C SER C 125 -51.29 -21.55 0.77
N VAL C 126 -51.53 -22.86 0.71
CA VAL C 126 -51.05 -23.78 1.74
C VAL C 126 -49.72 -24.37 1.27
N PRO C 127 -48.62 -24.11 1.96
CA PRO C 127 -47.33 -24.67 1.56
C PRO C 127 -47.09 -26.05 2.14
N ILE C 128 -47.03 -27.07 1.29
CA ILE C 128 -46.63 -28.41 1.71
C ILE C 128 -45.24 -28.64 1.12
N VAL C 129 -44.22 -28.37 1.95
CA VAL C 129 -42.84 -28.44 1.47
C VAL C 129 -42.47 -29.86 1.09
N GLU C 130 -42.85 -30.83 1.91
CA GLU C 130 -42.53 -32.22 1.62
C GLU C 130 -43.46 -33.14 2.40
N VAL C 131 -43.83 -34.25 1.77
CA VAL C 131 -44.55 -35.33 2.42
C VAL C 131 -43.72 -36.59 2.24
N LEU C 132 -43.30 -37.20 3.36
CA LEU C 132 -42.41 -38.35 3.36
C LEU C 132 -43.21 -39.59 3.74
N SER C 133 -43.25 -40.57 2.84
CA SER C 133 -44.07 -41.75 3.02
C SER C 133 -43.23 -43.01 2.88
N PRO C 134 -43.63 -44.11 3.53
CA PRO C 134 -42.89 -45.37 3.39
C PRO C 134 -43.00 -45.95 1.98
N ALA C 135 -42.38 -47.11 1.77
CA ALA C 135 -42.30 -47.69 0.44
C ALA C 135 -43.61 -48.30 -0.02
N ARG C 136 -44.43 -48.80 0.91
CA ARG C 136 -45.65 -49.50 0.52
C ARG C 136 -46.77 -48.54 0.13
N THR C 137 -46.71 -47.30 0.57
CA THR C 137 -47.82 -46.36 0.41
C THR C 137 -47.61 -45.43 -0.78
N THR C 138 -48.70 -44.80 -1.21
CA THR C 138 -48.67 -43.81 -2.27
C THR C 138 -49.41 -42.55 -1.80
N VAL C 139 -48.87 -41.39 -2.17
CA VAL C 139 -49.41 -40.10 -1.74
C VAL C 139 -49.48 -39.18 -2.95
N SER C 140 -50.63 -38.52 -3.13
CA SER C 140 -50.82 -37.57 -4.21
C SER C 140 -51.31 -36.25 -3.65
N ILE C 141 -50.63 -35.16 -3.98
CA ILE C 141 -50.97 -33.82 -3.51
C ILE C 141 -51.58 -33.05 -4.67
N VAL C 142 -52.79 -32.54 -4.48
CA VAL C 142 -53.52 -31.81 -5.51
C VAL C 142 -54.12 -30.56 -4.89
N GLY C 143 -53.88 -29.42 -5.53
CA GLY C 143 -54.50 -28.18 -5.13
C GLY C 143 -53.50 -27.17 -4.58
N SER C 144 -53.87 -25.90 -4.67
CA SER C 144 -53.05 -24.80 -4.17
C SER C 144 -53.76 -24.02 -3.07
N ASP C 145 -54.99 -23.56 -3.31
CA ASP C 145 -55.73 -22.88 -2.27
C ASP C 145 -56.25 -23.85 -1.21
N ARG C 146 -56.76 -25.00 -1.64
CA ARG C 146 -57.12 -26.10 -0.76
C ARG C 146 -56.37 -27.34 -1.23
N ALA C 147 -55.43 -27.80 -0.42
CA ALA C 147 -54.58 -28.92 -0.78
C ALA C 147 -55.22 -30.21 -0.30
N ASP C 148 -55.52 -31.12 -1.22
CA ASP C 148 -56.03 -32.44 -0.90
C ASP C 148 -54.92 -33.45 -1.13
N VAL C 149 -54.56 -34.20 -0.08
CA VAL C 149 -53.56 -35.25 -0.16
C VAL C 149 -54.26 -36.58 0.02
N THR C 150 -54.22 -37.41 -1.02
CA THR C 150 -54.83 -38.73 -1.00
C THR C 150 -53.79 -39.76 -0.59
N MET C 151 -54.13 -40.58 0.41
CA MET C 151 -53.17 -41.44 1.10
C MET C 151 -53.69 -42.86 1.03
N LEU C 152 -52.91 -43.77 0.43
CA LEU C 152 -53.31 -45.16 0.28
C LEU C 152 -52.25 -46.08 0.86
N ASN C 153 -52.68 -47.03 1.69
CA ASN C 153 -51.78 -47.97 2.36
C ASN C 153 -52.08 -49.37 1.82
N THR C 154 -51.19 -49.87 0.96
CA THR C 154 -51.32 -51.22 0.42
C THR C 154 -50.52 -52.25 1.20
N GLY C 155 -49.79 -51.85 2.22
CA GLY C 155 -48.96 -52.76 2.98
C GLY C 155 -49.75 -53.56 3.99
N ALA C 156 -49.03 -54.39 4.75
CA ALA C 156 -49.67 -55.26 5.72
C ALA C 156 -50.12 -54.51 6.96
N GLY C 157 -49.29 -53.59 7.47
CA GLY C 157 -49.57 -52.87 8.69
C GLY C 157 -49.75 -51.38 8.47
N ALA C 158 -50.01 -50.68 9.57
CA ALA C 158 -50.19 -49.24 9.53
C ALA C 158 -48.87 -48.54 9.22
N ALA C 159 -48.96 -47.44 8.49
CA ALA C 159 -47.80 -46.66 8.09
C ALA C 159 -47.80 -45.31 8.79
N ASN C 160 -46.64 -44.68 8.80
CA ASN C 160 -46.46 -43.36 9.38
C ASN C 160 -45.92 -42.43 8.31
N ILE C 161 -46.64 -41.34 8.04
CA ILE C 161 -46.28 -40.38 7.00
C ILE C 161 -46.04 -39.03 7.64
N THR C 162 -44.98 -38.36 7.21
CA THR C 162 -44.53 -37.11 7.82
C THR C 162 -44.95 -35.93 6.96
N PHE C 163 -45.62 -34.96 7.59
CA PHE C 163 -46.06 -33.73 6.93
C PHE C 163 -45.20 -32.58 7.39
N ASN C 164 -44.66 -31.82 6.43
CA ASN C 164 -43.81 -30.67 6.73
C ASN C 164 -44.39 -29.46 6.00
N PHE C 165 -44.91 -28.50 6.77
CA PHE C 165 -45.56 -27.32 6.21
C PHE C 165 -44.66 -26.10 6.19
N GLY C 166 -43.38 -26.25 6.52
CA GLY C 166 -42.47 -25.12 6.55
C GLY C 166 -42.59 -24.32 7.83
N GLN C 167 -41.94 -23.17 7.82
CA GLN C 167 -41.91 -22.28 8.97
C GLN C 167 -42.51 -20.90 8.71
N ILE C 168 -43.01 -20.65 7.50
CA ILE C 168 -43.52 -19.32 7.17
C ILE C 168 -44.98 -19.17 7.59
N ALA C 169 -45.81 -20.14 7.24
CA ALA C 169 -47.23 -20.05 7.53
C ALA C 169 -47.48 -20.03 9.03
N GLU C 170 -48.56 -19.37 9.42
CA GLU C 170 -48.88 -19.19 10.83
C GLU C 170 -49.82 -20.25 11.38
N THR C 171 -50.89 -20.58 10.65
CA THR C 171 -51.80 -21.63 11.04
C THR C 171 -52.12 -22.51 9.85
N VAL C 172 -52.32 -23.80 10.11
CA VAL C 172 -52.76 -24.77 9.12
C VAL C 172 -53.84 -25.62 9.75
N ILE C 173 -54.97 -25.76 9.05
CA ILE C 173 -56.10 -26.54 9.53
C ILE C 173 -56.21 -27.78 8.65
N LEU C 174 -56.14 -28.95 9.28
CA LEU C 174 -56.20 -30.24 8.59
C LEU C 174 -57.56 -30.86 8.85
N LYS C 175 -58.25 -31.23 7.77
CA LYS C 175 -59.56 -31.87 7.87
C LYS C 175 -59.54 -33.12 7.01
N GLY C 176 -59.94 -34.24 7.59
CA GLY C 176 -59.86 -35.53 6.91
C GLY C 176 -61.23 -36.06 6.50
N SER C 177 -61.22 -36.89 5.46
CA SER C 177 -62.45 -37.53 5.01
C SER C 177 -63.03 -38.45 6.08
N VAL C 178 -62.17 -39.20 6.75
CA VAL C 178 -62.57 -40.03 7.89
C VAL C 178 -61.65 -39.68 9.05
N PRO C 179 -62.11 -39.90 10.28
CA PRO C 179 -61.28 -39.57 11.45
C PRO C 179 -59.94 -40.29 11.40
N PHE C 180 -58.87 -39.55 11.71
CA PHE C 180 -57.52 -40.06 11.66
C PHE C 180 -56.75 -39.55 12.87
N GLN C 181 -55.48 -39.96 12.96
CA GLN C 181 -54.62 -39.63 14.08
C GLN C 181 -53.42 -38.83 13.60
N LEU C 182 -53.07 -37.79 14.35
CA LEU C 182 -51.95 -36.94 14.00
C LEU C 182 -51.33 -36.40 15.28
N ALA C 183 -50.00 -36.40 15.34
CA ALA C 183 -49.29 -35.86 16.49
C ALA C 183 -47.88 -35.48 16.07
N ARG C 184 -47.23 -34.71 16.94
CA ARG C 184 -45.88 -34.26 16.67
C ARG C 184 -44.88 -35.41 16.83
N LEU C 185 -43.63 -35.11 16.51
CA LEU C 185 -42.57 -36.09 16.71
C LEU C 185 -42.37 -36.36 18.19
N ASN C 186 -42.17 -37.62 18.54
CA ASN C 186 -41.94 -38.05 19.93
C ASN C 186 -43.07 -37.61 20.84
N GLN C 187 -44.30 -37.71 20.35
CA GLN C 187 -45.51 -37.41 21.12
C GLN C 187 -46.51 -38.54 20.97
N PRO C 188 -47.30 -38.81 22.01
CA PRO C 188 -48.33 -39.86 21.90
C PRO C 188 -49.40 -39.50 20.90
N MET C 189 -49.91 -40.51 20.23
CA MET C 189 -51.00 -40.32 19.27
C MET C 189 -52.32 -40.11 20.01
N PRO C 190 -53.11 -39.12 19.64
CA PRO C 190 -54.40 -38.91 20.30
C PRO C 190 -55.47 -39.81 19.70
N ALA C 191 -56.69 -39.66 20.21
CA ALA C 191 -57.83 -40.36 19.64
C ALA C 191 -58.13 -39.83 18.25
N ALA C 192 -58.70 -40.69 17.41
CA ALA C 192 -59.00 -40.30 16.04
C ALA C 192 -60.08 -39.23 16.01
N ARG C 193 -59.76 -38.09 15.42
CA ARG C 193 -60.68 -36.96 15.35
C ARG C 193 -60.62 -36.36 13.95
N PHE C 194 -61.69 -35.67 13.59
CA PHE C 194 -61.86 -35.20 12.21
C PHE C 194 -60.89 -34.08 11.87
N THR C 195 -60.79 -33.07 12.72
CA THR C 195 -60.08 -31.84 12.39
C THR C 195 -58.91 -31.60 13.35
N TYR C 196 -57.85 -31.00 12.82
CA TYR C 196 -56.68 -30.64 13.60
C TYR C 196 -56.28 -29.20 13.27
N LYS C 197 -55.86 -28.47 14.30
CA LYS C 197 -55.28 -27.14 14.14
C LYS C 197 -53.81 -27.22 14.48
N LEU C 198 -52.95 -26.72 13.58
CA LEU C 198 -51.52 -26.87 13.72
C LEU C 198 -50.83 -25.53 13.57
N ARG C 199 -49.75 -25.36 14.33
CA ARG C 199 -48.79 -24.29 14.09
C ARG C 199 -47.61 -24.88 13.36
N PRO C 200 -47.31 -24.45 12.13
CA PRO C 200 -46.25 -25.11 11.35
C PRO C 200 -44.90 -25.07 12.02
N LEU C 201 -44.67 -24.15 12.94
CA LEU C 201 -43.41 -24.08 13.65
C LEU C 201 -43.24 -25.19 14.69
N ASP C 202 -44.31 -25.92 14.99
CA ASP C 202 -44.23 -26.96 16.02
C ASP C 202 -43.33 -28.12 15.58
N GLY C 203 -43.25 -28.37 14.27
CA GLY C 203 -42.38 -29.38 13.75
C GLY C 203 -43.09 -30.30 12.78
N PRO C 204 -42.36 -31.27 12.23
CA PRO C 204 -43.00 -32.25 11.34
C PRO C 204 -44.07 -33.03 12.08
N PHE C 205 -45.15 -33.34 11.36
CA PHE C 205 -46.31 -33.98 11.95
C PHE C 205 -46.45 -35.39 11.38
N ILE C 206 -46.73 -36.36 12.26
CA ILE C 206 -46.84 -37.76 11.89
C ILE C 206 -48.31 -38.15 11.89
N VAL C 207 -48.77 -38.76 10.81
CA VAL C 207 -50.16 -39.20 10.67
C VAL C 207 -50.16 -40.70 10.44
N VAL C 208 -50.94 -41.42 11.24
CA VAL C 208 -51.05 -42.87 11.12
C VAL C 208 -52.02 -43.20 9.99
N LEU C 209 -51.58 -44.05 9.07
CA LEU C 209 -52.38 -44.45 7.92
C LEU C 209 -52.83 -45.88 8.07
N PRO C 210 -54.09 -46.13 8.44
CA PRO C 210 -54.57 -47.51 8.57
C PRO C 210 -54.67 -48.17 7.20
N VAL C 211 -54.56 -49.49 7.21
CA VAL C 211 -54.68 -50.28 5.99
C VAL C 211 -56.15 -50.43 5.64
N GLY C 212 -56.51 -50.07 4.43
CA GLY C 212 -57.88 -50.16 3.99
C GLY C 212 -58.20 -49.08 2.97
N ASN C 213 -59.32 -48.40 3.17
CA ASN C 213 -59.76 -47.37 2.25
C ASN C 213 -58.80 -46.18 2.28
N PRO C 214 -58.64 -45.48 1.15
CA PRO C 214 -57.75 -44.33 1.13
C PRO C 214 -58.25 -43.20 2.02
N LEU C 215 -57.31 -42.44 2.57
CA LEU C 215 -57.61 -41.30 3.43
C LEU C 215 -57.19 -40.02 2.73
N VAL C 216 -58.12 -39.07 2.64
CA VAL C 216 -57.87 -37.78 2.01
C VAL C 216 -57.89 -36.70 3.09
N ILE C 217 -56.85 -35.88 3.11
CA ILE C 217 -56.71 -34.80 4.08
C ILE C 217 -56.75 -33.48 3.34
N SER C 218 -57.64 -32.58 3.77
CA SER C 218 -57.76 -31.25 3.18
C SER C 218 -57.09 -30.25 4.10
N ALA C 219 -56.18 -29.46 3.55
CA ALA C 219 -55.37 -28.51 4.31
C ALA C 219 -55.62 -27.11 3.83
N THR C 220 -55.84 -26.18 4.77
CA THR C 220 -55.96 -24.76 4.48
C THR C 220 -55.04 -24.02 5.44
N ALA C 221 -54.31 -23.03 4.92
CA ALA C 221 -53.34 -22.29 5.71
C ALA C 221 -53.54 -20.79 5.54
N ALA C 222 -53.09 -20.04 6.53
CA ALA C 222 -53.16 -18.58 6.52
C ALA C 222 -51.77 -18.02 6.78
N THR C 223 -51.35 -17.05 5.96
CA THR C 223 -50.07 -16.41 6.09
C THR C 223 -50.25 -14.90 6.06
N ARG C 224 -49.43 -14.20 6.84
CA ARG C 224 -49.52 -12.75 6.98
C ARG C 224 -48.31 -12.11 6.33
N ILE C 225 -48.56 -11.25 5.35
CA ILE C 225 -47.51 -10.52 4.64
C ILE C 225 -47.82 -9.03 4.73
N GLN C 226 -46.81 -8.24 5.07
CA GLN C 226 -47.02 -6.81 5.24
C GLN C 226 -47.25 -6.14 3.90
N VAL C 227 -48.29 -5.33 3.81
CA VAL C 227 -48.69 -4.65 2.58
C VAL C 227 -49.08 -3.23 2.90
N PRO C 228 -49.07 -2.34 1.91
CA PRO C 228 -49.59 -0.99 2.12
C PRO C 228 -51.08 -1.02 2.41
N LEU C 229 -51.55 0.06 3.04
CA LEU C 229 -52.94 0.13 3.44
C LEU C 229 -53.88 0.11 2.24
N ALA C 230 -53.44 0.65 1.11
CA ALA C 230 -54.27 0.69 -0.10
C ALA C 230 -54.42 -0.67 -0.78
N PHE C 231 -53.73 -1.70 -0.29
CA PHE C 231 -53.78 -3.01 -0.90
C PHE C 231 -55.21 -3.55 -0.92
N ASN C 232 -55.63 -4.07 -2.08
CA ASN C 232 -56.94 -4.67 -2.25
C ASN C 232 -56.74 -6.00 -2.99
N LYS C 233 -57.04 -7.10 -2.31
CA LYS C 233 -56.72 -8.41 -2.86
C LYS C 233 -57.51 -8.71 -4.13
N ALA C 234 -58.78 -8.31 -4.17
CA ALA C 234 -59.61 -8.57 -5.34
C ALA C 234 -59.06 -7.86 -6.57
N LEU C 235 -58.60 -6.63 -6.40
CA LEU C 235 -58.06 -5.88 -7.53
C LEU C 235 -56.70 -6.41 -7.95
N VAL C 236 -55.89 -6.86 -7.00
CA VAL C 236 -54.57 -7.39 -7.32
C VAL C 236 -54.69 -8.67 -8.13
N GLU C 237 -55.58 -9.58 -7.71
CA GLU C 237 -55.75 -10.84 -8.41
C GLU C 237 -56.27 -10.63 -9.83
N SER C 238 -57.22 -9.71 -10.00
CA SER C 238 -57.73 -9.41 -11.33
C SER C 238 -56.66 -8.81 -12.21
N GLY C 239 -55.85 -7.89 -11.66
CA GLY C 239 -54.75 -7.33 -12.41
C GLY C 239 -53.68 -8.34 -12.76
N PHE C 240 -53.49 -9.35 -11.91
CA PHE C 240 -52.52 -10.38 -12.18
C PHE C 240 -52.87 -11.17 -13.44
N GLN C 241 -54.16 -11.52 -13.58
CA GLN C 241 -54.58 -12.27 -14.76
C GLN C 241 -54.49 -11.43 -16.02
N THR C 242 -54.80 -10.14 -15.92
CA THR C 242 -54.75 -9.28 -17.09
C THR C 242 -53.32 -9.13 -17.62
N ALA C 243 -52.36 -8.93 -16.73
CA ALA C 243 -50.98 -8.78 -17.17
C ALA C 243 -50.46 -10.05 -17.83
N MET C 244 -50.84 -11.21 -17.28
CA MET C 244 -50.44 -12.48 -17.90
C MET C 244 -51.09 -12.64 -19.27
N ASN C 245 -52.36 -12.24 -19.39
CA ASN C 245 -53.03 -12.29 -20.68
C ASN C 245 -52.41 -11.32 -21.68
N ASP C 246 -52.02 -10.15 -21.21
CA ASP C 246 -51.44 -9.12 -22.07
C ASP C 246 -49.98 -9.41 -22.42
N GLY C 247 -49.38 -10.45 -21.86
CA GLY C 247 -48.02 -10.80 -22.20
C GLY C 247 -46.95 -10.04 -21.45
N LEU C 248 -47.31 -9.30 -20.40
CA LEU C 248 -46.31 -8.58 -19.62
C LEU C 248 -45.37 -9.53 -18.89
N PHE C 249 -45.76 -10.78 -18.70
CA PHE C 249 -44.95 -11.76 -18.01
C PHE C 249 -44.27 -12.74 -18.95
N ASP C 250 -44.26 -12.45 -20.25
CA ASP C 250 -43.64 -13.32 -21.25
C ASP C 250 -42.18 -12.98 -21.35
N ILE C 251 -41.33 -13.81 -20.74
CA ILE C 251 -39.89 -13.62 -20.76
C ILE C 251 -39.25 -14.97 -20.50
N GLN C 252 -37.99 -15.13 -20.89
CA GLN C 252 -37.34 -16.42 -20.84
C GLN C 252 -36.98 -16.84 -19.42
N ASN C 253 -37.08 -18.14 -19.17
CA ASN C 253 -36.72 -18.77 -17.88
C ASN C 253 -37.42 -18.11 -16.70
N VAL C 254 -38.75 -18.18 -16.69
CA VAL C 254 -39.56 -17.76 -15.55
C VAL C 254 -40.66 -18.77 -15.33
N ASN C 255 -40.93 -19.08 -14.07
CA ASN C 255 -42.06 -19.92 -13.72
C ASN C 255 -43.35 -19.12 -13.78
N TYR C 256 -44.46 -19.84 -13.98
CA TYR C 256 -45.77 -19.22 -14.08
C TYR C 256 -46.67 -19.74 -12.96
N TYR C 257 -47.56 -18.87 -12.50
CA TYR C 257 -48.43 -19.17 -11.36
C TYR C 257 -49.87 -18.88 -11.71
N SER C 258 -50.77 -19.64 -11.09
CA SER C 258 -52.19 -19.50 -11.38
C SER C 258 -52.81 -18.26 -10.72
N SER C 259 -52.17 -17.72 -9.69
CA SER C 259 -52.72 -16.59 -8.97
C SER C 259 -51.58 -15.86 -8.26
N PHE C 260 -51.88 -14.64 -7.82
CA PHE C 260 -50.90 -13.85 -7.09
C PHE C 260 -50.61 -14.44 -5.72
N ASP C 261 -51.57 -15.16 -5.15
CA ASP C 261 -51.33 -15.81 -3.86
C ASP C 261 -50.21 -16.82 -3.97
N GLU C 262 -50.22 -17.64 -5.02
CA GLU C 262 -49.18 -18.64 -5.22
C GLU C 262 -47.83 -17.98 -5.49
N PHE C 263 -47.83 -16.88 -6.25
CA PHE C 263 -46.59 -16.21 -6.60
C PHE C 263 -45.87 -15.72 -5.35
N ILE C 264 -46.58 -15.03 -4.46
CA ILE C 264 -45.93 -14.41 -3.31
C ILE C 264 -45.49 -15.46 -2.29
N ILE C 265 -46.26 -16.54 -2.15
CA ILE C 265 -45.90 -17.58 -1.18
C ILE C 265 -44.68 -18.35 -1.65
N SER C 266 -44.58 -18.60 -2.96
CA SER C 266 -43.43 -19.30 -3.48
C SER C 266 -42.14 -18.52 -3.26
N GLN C 267 -42.16 -17.22 -3.51
CA GLN C 267 -40.97 -16.41 -3.27
C GLN C 267 -40.67 -16.30 -1.78
N TYR C 268 -41.69 -16.36 -0.94
CA TYR C 268 -41.48 -16.28 0.49
C TYR C 268 -40.72 -17.48 1.02
N HIS C 269 -40.95 -18.65 0.44
CA HIS C 269 -40.35 -19.88 0.94
C HIS C 269 -38.96 -20.14 0.39
N ALA C 270 -38.51 -19.39 -0.61
CA ALA C 270 -37.17 -19.56 -1.12
C ALA C 270 -36.17 -18.83 -0.24
N GLN C 271 -34.89 -19.08 -0.49
CA GLN C 271 -33.84 -18.33 0.19
C GLN C 271 -33.92 -16.87 -0.22
N ASP C 272 -33.59 -15.98 0.74
CA ASP C 272 -33.80 -14.55 0.59
C ASP C 272 -35.28 -14.23 0.37
N GLY C 273 -36.17 -15.03 0.99
CA GLY C 273 -37.59 -14.79 0.85
C GLY C 273 -38.05 -13.49 1.47
N ILE C 274 -37.41 -13.08 2.57
CA ILE C 274 -37.74 -11.80 3.19
C ILE C 274 -37.46 -10.66 2.22
N ASN C 275 -36.36 -10.75 1.47
CA ASN C 275 -36.03 -9.71 0.50
C ASN C 275 -36.91 -9.78 -0.74
N ARG C 276 -37.36 -10.98 -1.12
CA ARG C 276 -38.15 -11.12 -2.33
C ARG C 276 -39.59 -10.64 -2.16
N VAL C 277 -40.17 -10.84 -0.98
CA VAL C 277 -41.58 -10.47 -0.79
C VAL C 277 -41.74 -8.95 -0.86
N SER C 278 -40.71 -8.19 -0.50
CA SER C 278 -40.80 -6.74 -0.57
C SER C 278 -41.01 -6.27 -2.00
N THR C 279 -40.29 -6.86 -2.95
CA THR C 279 -40.48 -6.53 -4.35
C THR C 279 -41.84 -7.01 -4.85
N CYS C 280 -42.27 -8.19 -4.38
CA CYS C 280 -43.55 -8.73 -4.82
C CYS C 280 -44.72 -7.85 -4.38
N VAL C 281 -44.61 -7.26 -3.19
CA VAL C 281 -45.67 -6.38 -2.71
C VAL C 281 -45.77 -5.14 -3.58
N ILE C 282 -44.64 -4.56 -3.98
CA ILE C 282 -44.67 -3.40 -4.86
C ILE C 282 -45.28 -3.78 -6.21
N LEU C 283 -44.97 -4.97 -6.71
CA LEU C 283 -45.59 -5.44 -7.95
C LEU C 283 -47.08 -5.63 -7.77
N GLY C 284 -47.51 -6.05 -6.57
CA GLY C 284 -48.93 -6.20 -6.32
C GLY C 284 -49.68 -4.88 -6.39
N LEU C 285 -49.10 -3.82 -5.82
CA LEU C 285 -49.73 -2.52 -5.89
C LEU C 285 -49.74 -1.99 -7.32
N ALA C 286 -48.68 -2.29 -8.09
CA ALA C 286 -48.66 -1.89 -9.49
C ALA C 286 -49.76 -2.59 -10.28
N LEU C 287 -50.00 -3.87 -9.98
CA LEU C 287 -51.06 -4.60 -10.68
C LEU C 287 -52.43 -4.06 -10.31
N GLN C 288 -52.59 -3.54 -9.09
CA GLN C 288 -53.83 -2.89 -8.71
C GLN C 288 -54.09 -1.66 -9.56
N ALA C 289 -53.05 -0.86 -9.79
CA ALA C 289 -53.18 0.31 -10.64
C ALA C 289 -53.43 -0.08 -12.09
N TYR C 290 -52.82 -1.17 -12.53
CA TYR C 290 -52.98 -1.62 -13.92
C TYR C 290 -54.41 -2.02 -14.20
N ASP C 291 -55.06 -2.70 -13.25
CA ASP C 291 -56.43 -3.13 -13.44
C ASP C 291 -57.37 -1.93 -13.55
N GLN C 292 -57.22 -0.95 -12.65
CA GLN C 292 -58.07 0.23 -12.71
C GLN C 292 -57.82 1.03 -13.98
N MET C 293 -56.56 1.18 -14.37
CA MET C 293 -56.24 2.02 -15.52
C MET C 293 -56.68 1.38 -16.83
N ARG C 294 -56.52 0.05 -16.95
CA ARG C 294 -56.91 -0.61 -18.19
C ARG C 294 -58.41 -0.81 -18.29
N ARG C 295 -59.10 -1.05 -17.18
CA ARG C 295 -60.55 -1.14 -17.23
C ARG C 295 -61.17 0.21 -17.55
N ALA C 296 -60.52 1.31 -17.16
CA ALA C 296 -61.02 2.63 -17.51
C ALA C 296 -60.72 2.98 -18.96
N LEU C 297 -59.55 2.58 -19.47
CA LEU C 297 -59.14 2.87 -20.84
C LEU C 297 -58.70 1.58 -21.50
N PRO C 298 -59.63 0.79 -22.02
CA PRO C 298 -59.26 -0.47 -22.67
C PRO C 298 -58.57 -0.22 -24.00
N VAL C 299 -57.54 -1.03 -24.28
CA VAL C 299 -56.80 -0.96 -25.53
C VAL C 299 -56.69 -2.35 -26.11
N ARG C 300 -56.43 -2.42 -27.41
CA ARG C 300 -56.30 -3.69 -28.11
C ARG C 300 -54.88 -4.23 -27.97
N ALA D 2 -61.63 -45.04 -28.92
CA ALA D 2 -61.18 -44.02 -27.97
C ALA D 2 -62.33 -43.59 -27.06
N ASN D 3 -61.98 -42.95 -25.95
CA ASN D 3 -62.96 -42.44 -25.00
C ASN D 3 -62.79 -40.94 -24.85
N ARG D 4 -63.91 -40.23 -24.79
CA ARG D 4 -63.92 -38.78 -24.72
C ARG D 4 -64.53 -38.34 -23.40
N ALA D 5 -63.97 -37.28 -22.82
CA ALA D 5 -64.45 -36.72 -21.57
C ALA D 5 -64.66 -35.22 -21.73
N THR D 6 -65.65 -34.69 -21.04
CA THR D 6 -66.05 -33.30 -21.17
C THR D 6 -66.30 -32.70 -19.79
N SER D 7 -66.17 -31.38 -19.71
CA SER D 7 -66.57 -30.67 -18.51
C SER D 7 -68.09 -30.65 -18.41
N ALA D 8 -68.60 -30.82 -17.19
CA ALA D 8 -70.03 -30.98 -17.01
C ALA D 8 -70.80 -29.73 -17.42
N PHE D 9 -70.26 -28.55 -17.11
CA PHE D 9 -71.02 -27.32 -17.29
C PHE D 9 -71.07 -26.84 -18.74
N LEU D 10 -70.29 -27.43 -19.63
CA LEU D 10 -70.28 -27.02 -21.03
C LEU D 10 -71.28 -27.78 -21.88
N ASP D 11 -72.09 -28.65 -21.29
CA ASP D 11 -72.96 -29.53 -22.05
C ASP D 11 -74.36 -28.93 -22.16
N ASN D 12 -74.84 -28.78 -23.40
CA ASN D 12 -76.19 -28.38 -23.73
C ASN D 12 -76.57 -27.02 -23.13
N PRO D 13 -76.01 -25.92 -23.62
CA PRO D 13 -76.45 -24.60 -23.15
C PRO D 13 -77.80 -24.24 -23.76
N HIS D 14 -78.76 -23.92 -22.89
CA HIS D 14 -80.09 -23.55 -23.35
C HIS D 14 -80.06 -22.18 -24.02
N PRO D 15 -80.97 -21.93 -24.97
CA PRO D 15 -81.02 -20.60 -25.59
C PRO D 15 -81.43 -19.53 -24.60
N VAL D 16 -80.83 -18.35 -24.75
CA VAL D 16 -81.12 -17.21 -23.89
C VAL D 16 -82.22 -16.36 -24.51
N GLY D 17 -82.79 -15.46 -23.72
CA GLY D 17 -83.86 -14.62 -24.22
C GLY D 17 -83.38 -13.61 -25.25
N VAL D 18 -84.33 -13.09 -26.02
CA VAL D 18 -84.02 -12.21 -27.14
C VAL D 18 -84.89 -10.96 -27.13
N ASN D 19 -85.51 -10.64 -25.99
CA ASN D 19 -86.53 -9.60 -25.97
C ASN D 19 -85.97 -8.22 -25.63
N TYR D 20 -85.38 -8.07 -24.44
CA TYR D 20 -84.99 -6.75 -23.94
C TYR D 20 -83.51 -6.50 -24.22
N VAL D 21 -83.21 -6.18 -25.48
CA VAL D 21 -81.85 -5.93 -25.92
C VAL D 21 -81.70 -4.62 -26.67
N ASP D 22 -82.77 -3.84 -26.83
CA ASP D 22 -82.69 -2.60 -27.56
C ASP D 22 -81.96 -1.54 -26.74
N GLU D 23 -81.81 -0.35 -27.32
CA GLU D 23 -81.11 0.73 -26.63
C GLU D 23 -81.86 1.17 -25.38
N GLY D 24 -83.19 1.22 -25.46
CA GLY D 24 -83.96 1.63 -24.29
C GLY D 24 -83.88 0.64 -23.15
N SER D 25 -83.91 -0.65 -23.45
CA SER D 25 -83.82 -1.66 -22.41
C SER D 25 -82.47 -1.63 -21.71
N ARG D 26 -81.39 -1.45 -22.46
CA ARG D 26 -80.07 -1.36 -21.86
C ARG D 26 -79.96 -0.13 -20.96
N GLN D 27 -80.63 0.96 -21.33
CA GLN D 27 -80.66 2.13 -20.47
C GLN D 27 -81.39 1.85 -19.16
N PHE D 28 -82.49 1.08 -19.23
CA PHE D 28 -83.25 0.78 -18.02
C PHE D 28 -82.45 -0.05 -17.04
N VAL D 29 -81.69 -1.02 -17.55
CA VAL D 29 -80.88 -1.86 -16.67
C VAL D 29 -79.78 -1.03 -16.01
N ALA D 30 -79.15 -0.13 -16.78
CA ALA D 30 -78.12 0.73 -16.22
C ALA D 30 -78.69 1.68 -15.18
N VAL D 31 -79.90 2.20 -15.42
CA VAL D 31 -80.53 3.09 -14.46
C VAL D 31 -80.84 2.34 -13.17
N ALA D 32 -81.31 1.10 -13.28
CA ALA D 32 -81.61 0.31 -12.10
C ALA D 32 -80.37 0.06 -11.26
N GLU D 33 -79.24 -0.23 -11.92
CA GLU D 33 -78.00 -0.44 -11.19
C GLU D 33 -77.57 0.81 -10.43
N LEU D 34 -77.68 1.97 -11.07
CA LEU D 34 -77.29 3.21 -10.44
C LEU D 34 -78.20 3.55 -9.27
N LEU D 35 -79.51 3.41 -9.47
CA LEU D 35 -80.45 3.79 -8.42
C LEU D 35 -80.43 2.80 -7.25
N ALA D 36 -80.24 1.51 -7.53
CA ALA D 36 -80.17 0.54 -6.45
C ALA D 36 -78.93 0.75 -5.59
N SER D 37 -77.80 1.10 -6.22
CA SER D 37 -76.59 1.37 -5.47
C SER D 37 -76.76 2.56 -4.54
N LYS D 38 -77.45 3.61 -5.01
CA LYS D 38 -77.72 4.76 -4.15
C LYS D 38 -78.66 4.38 -3.02
N LEU D 39 -79.60 3.47 -3.28
CA LEU D 39 -80.52 3.04 -2.23
C LEU D 39 -79.79 2.32 -1.10
N ILE D 40 -78.84 1.45 -1.45
CA ILE D 40 -78.11 0.73 -0.42
C ILE D 40 -77.16 1.65 0.32
N ASP D 41 -76.69 2.71 -0.34
CA ASP D 41 -75.86 3.70 0.33
C ASP D 41 -76.70 4.54 1.29
N SER D 42 -77.94 4.85 0.91
CA SER D 42 -78.82 5.62 1.78
C SER D 42 -79.19 4.83 3.03
N SER D 43 -79.42 3.52 2.88
CA SER D 43 -79.78 2.71 4.03
C SER D 43 -78.64 2.67 5.06
N ARG D 44 -77.41 2.58 4.59
CA ARG D 44 -76.27 2.65 5.50
C ARG D 44 -76.20 4.00 6.18
N GLU D 45 -76.42 5.08 5.43
CA GLU D 45 -76.40 6.41 6.02
C GLU D 45 -77.56 6.61 6.98
N SER D 46 -78.71 6.01 6.68
CA SER D 46 -79.87 6.13 7.56
C SER D 46 -79.58 5.49 8.91
N ASP D 47 -78.92 4.33 8.92
CA ASP D 47 -78.60 3.66 10.17
C ASP D 47 -77.59 4.47 10.99
N GLU D 48 -76.60 5.07 10.32
CA GLU D 48 -75.57 5.81 11.04
C GLU D 48 -76.13 7.07 11.68
N SER D 49 -77.06 7.75 11.02
CA SER D 49 -77.59 9.02 11.51
C SER D 49 -78.83 8.87 12.37
N ASN D 50 -79.35 7.65 12.53
CA ASN D 50 -80.55 7.41 13.32
C ASN D 50 -81.73 8.23 12.81
N SER D 51 -81.84 8.33 11.48
CA SER D 51 -82.96 9.03 10.86
C SER D 51 -83.30 8.34 9.56
N ASP D 52 -84.59 8.25 9.25
CA ASP D 52 -85.06 7.59 8.05
C ASP D 52 -85.20 8.54 6.87
N VAL D 53 -84.82 9.80 7.04
CA VAL D 53 -84.98 10.77 5.95
C VAL D 53 -84.15 10.41 4.72
N PRO D 54 -82.85 10.08 4.82
CA PRO D 54 -82.12 9.73 3.60
C PRO D 54 -82.66 8.52 2.87
N PHE D 55 -83.18 7.53 3.60
CA PHE D 55 -83.73 6.34 2.96
C PHE D 55 -85.04 6.65 2.24
N VAL D 56 -85.86 7.54 2.81
CA VAL D 56 -87.14 7.88 2.18
C VAL D 56 -86.90 8.54 0.83
N GLN D 57 -85.93 9.45 0.76
CA GLN D 57 -85.63 10.12 -0.51
C GLN D 57 -85.15 9.12 -1.55
N ALA D 58 -84.28 8.19 -1.15
CA ALA D 58 -83.78 7.19 -2.09
C ALA D 58 -84.88 6.26 -2.56
N TYR D 59 -85.75 5.85 -1.63
CA TYR D 59 -86.84 4.94 -2.01
C TYR D 59 -87.85 5.60 -2.93
N SER D 60 -88.15 6.88 -2.70
CA SER D 60 -89.09 7.58 -3.56
C SER D 60 -88.58 7.66 -5.00
N LYS D 61 -87.29 7.94 -5.16
CA LYS D 61 -86.71 7.97 -6.50
C LYS D 61 -86.76 6.60 -7.15
N PHE D 62 -86.48 5.55 -6.38
CA PHE D 62 -86.46 4.20 -6.94
C PHE D 62 -87.87 3.68 -7.20
N ALA D 63 -88.79 3.86 -6.26
CA ALA D 63 -90.08 3.21 -6.30
C ALA D 63 -91.21 4.10 -6.81
N ASP D 64 -90.94 5.38 -7.07
CA ASP D 64 -91.94 6.32 -7.57
C ASP D 64 -93.13 6.43 -6.62
N ASP D 65 -92.90 6.19 -5.34
CA ASP D 65 -93.95 6.30 -4.33
C ASP D 65 -93.28 6.42 -2.97
N ASN D 66 -93.90 7.21 -2.09
CA ASN D 66 -93.35 7.41 -0.76
C ASN D 66 -93.56 6.15 0.08
N PRO D 67 -92.55 5.70 0.81
CA PRO D 67 -92.73 4.50 1.64
C PRO D 67 -93.76 4.72 2.74
N ARG D 68 -94.52 3.67 3.02
CA ARG D 68 -95.54 3.70 4.06
C ARG D 68 -95.27 2.59 5.06
N HIS D 69 -95.48 2.88 6.34
CA HIS D 69 -95.14 1.92 7.39
C HIS D 69 -95.98 0.66 7.30
N LEU D 70 -97.27 0.79 6.99
CA LEU D 70 -98.14 -0.38 6.93
C LEU D 70 -97.85 -1.24 5.71
N ARG D 71 -97.33 -0.66 4.64
CA ARG D 71 -97.01 -1.41 3.45
C ARG D 71 -95.70 -2.17 3.64
N VAL D 72 -95.32 -2.97 2.64
CA VAL D 72 -94.25 -3.94 2.79
C VAL D 72 -92.95 -3.53 2.11
N LYS D 73 -92.95 -2.42 1.37
CA LYS D 73 -91.75 -1.87 0.75
C LYS D 73 -91.11 -2.89 -0.21
N THR D 74 -91.86 -3.24 -1.25
CA THR D 74 -91.35 -4.18 -2.25
C THR D 74 -90.35 -3.53 -3.20
N GLY D 75 -90.52 -2.25 -3.51
CA GLY D 75 -89.68 -1.56 -4.46
C GLY D 75 -90.43 -0.86 -5.56
N GLY D 76 -91.75 -1.03 -5.64
CA GLY D 76 -92.53 -0.32 -6.63
C GLY D 76 -92.53 -1.00 -7.98
N LYS D 77 -92.76 -0.20 -9.02
CA LYS D 77 -92.79 -0.73 -10.38
C LYS D 77 -91.40 -1.14 -10.85
N MET D 78 -90.36 -0.45 -10.37
CA MET D 78 -89.00 -0.76 -10.80
C MET D 78 -88.58 -2.16 -10.36
N ALA D 79 -88.96 -2.56 -9.15
CA ALA D 79 -88.64 -3.90 -8.68
C ALA D 79 -89.35 -4.96 -9.49
N ASN D 80 -90.63 -4.73 -9.79
CA ASN D 80 -91.40 -5.69 -10.59
C ASN D 80 -90.85 -5.81 -12.00
N ALA D 81 -90.51 -4.68 -12.62
CA ALA D 81 -89.94 -4.71 -13.96
C ALA D 81 -88.59 -5.40 -13.97
N LEU D 82 -87.76 -5.13 -12.96
CA LEU D 82 -86.44 -5.75 -12.88
C LEU D 82 -86.56 -7.26 -12.72
N THR D 83 -87.54 -7.72 -11.96
CA THR D 83 -87.71 -9.16 -11.76
C THR D 83 -88.13 -9.85 -13.04
N ASN D 84 -88.96 -9.19 -13.85
CA ASN D 84 -89.48 -9.83 -15.05
C ASN D 84 -88.44 -9.88 -16.17
N VAL D 85 -87.57 -8.87 -16.25
CA VAL D 85 -86.54 -8.90 -17.29
C VAL D 85 -85.51 -9.97 -16.98
N ILE D 86 -85.24 -10.24 -15.70
CA ILE D 86 -84.31 -11.29 -15.34
C ILE D 86 -84.84 -12.65 -15.78
N ARG D 87 -86.15 -12.87 -15.61
CA ARG D 87 -86.76 -14.10 -16.07
C ARG D 87 -86.65 -14.24 -17.59
N SER D 88 -86.89 -13.15 -18.32
CA SER D 88 -86.88 -13.22 -19.77
C SER D 88 -85.47 -13.43 -20.31
N TYR D 89 -84.46 -12.89 -19.64
CA TYR D 89 -83.09 -13.00 -20.13
C TYR D 89 -82.60 -14.44 -20.08
N TYR D 90 -83.03 -15.20 -19.09
CA TYR D 90 -82.48 -16.53 -18.88
C TYR D 90 -82.83 -17.49 -20.01
N SER D 91 -84.11 -17.57 -20.37
CA SER D 91 -84.57 -18.54 -21.34
C SER D 91 -85.50 -17.88 -22.35
N ILE D 92 -85.56 -18.49 -23.54
CA ILE D 92 -86.42 -17.99 -24.60
C ILE D 92 -87.87 -18.36 -24.38
N ASN D 93 -88.16 -19.34 -23.52
CA ASN D 93 -89.52 -19.73 -23.23
C ASN D 93 -90.18 -18.85 -22.17
N ALA D 94 -89.41 -18.07 -21.44
CA ALA D 94 -89.98 -17.17 -20.46
C ALA D 94 -90.66 -16.00 -21.15
N PRO D 95 -91.92 -15.72 -20.87
CA PRO D 95 -92.62 -14.64 -21.57
C PRO D 95 -92.11 -13.26 -21.15
N ALA D 96 -92.27 -12.31 -22.06
CA ALA D 96 -91.96 -10.91 -21.80
C ALA D 96 -93.28 -10.20 -21.48
N ILE D 97 -93.45 -9.83 -20.22
CA ILE D 97 -94.72 -9.27 -19.74
C ILE D 97 -94.62 -7.81 -19.39
N VAL D 98 -93.46 -7.19 -19.53
CA VAL D 98 -93.27 -5.78 -19.21
C VAL D 98 -93.45 -4.98 -20.48
N PRO D 99 -94.41 -4.05 -20.54
CA PRO D 99 -94.58 -3.24 -21.75
C PRO D 99 -93.41 -2.32 -21.98
N GLN D 100 -93.18 -1.99 -23.26
CA GLN D 100 -92.08 -1.10 -23.61
C GLN D 100 -92.29 0.30 -23.07
N VAL D 101 -93.54 0.73 -22.88
CA VAL D 101 -93.80 2.05 -22.33
C VAL D 101 -93.37 2.13 -20.87
N GLU D 102 -93.44 1.01 -20.15
CA GLU D 102 -92.95 0.98 -18.77
C GLU D 102 -91.43 1.06 -18.72
N ILE D 103 -90.76 0.39 -19.66
CA ILE D 103 -89.30 0.41 -19.69
C ILE D 103 -88.79 1.82 -19.98
N ASP D 104 -89.41 2.51 -20.94
CA ASP D 104 -88.96 3.85 -21.30
C ASP D 104 -89.17 4.82 -20.15
N ARG D 105 -90.30 4.72 -19.45
CA ARG D 105 -90.56 5.63 -18.34
C ARG D 105 -89.54 5.46 -17.23
N LEU D 106 -89.20 4.21 -16.90
CA LEU D 106 -88.22 3.96 -15.84
C LEU D 106 -86.81 4.31 -16.30
N ALA D 107 -86.55 4.29 -17.60
CA ALA D 107 -85.22 4.64 -18.10
C ALA D 107 -84.94 6.14 -17.98
N SER D 108 -85.96 6.97 -17.82
CA SER D 108 -85.77 8.40 -17.76
C SER D 108 -85.51 8.92 -16.35
N LYS D 109 -85.45 8.04 -15.36
CA LYS D 109 -85.25 8.50 -13.98
C LYS D 109 -83.83 9.02 -13.77
N ALA D 110 -82.87 8.55 -14.56
CA ALA D 110 -81.50 9.02 -14.47
C ALA D 110 -80.89 9.01 -15.86
N THR D 111 -79.86 9.82 -16.04
CA THR D 111 -79.17 9.96 -17.32
C THR D 111 -77.88 9.13 -17.28
N VAL D 112 -77.92 7.96 -17.90
CA VAL D 112 -76.76 7.08 -18.00
C VAL D 112 -76.69 6.53 -19.42
N SER D 113 -75.47 6.24 -19.86
CA SER D 113 -75.26 5.62 -21.15
C SER D 113 -75.49 4.11 -21.03
N GLY D 114 -76.03 3.52 -22.10
CA GLY D 114 -76.29 2.10 -22.10
C GLY D 114 -75.16 1.29 -22.68
N ASP D 115 -73.97 1.89 -22.75
CA ASP D 115 -72.81 1.23 -23.32
C ASP D 115 -72.40 0.03 -22.47
N MET D 116 -72.64 -1.17 -22.96
CA MET D 116 -72.31 -2.38 -22.24
C MET D 116 -70.98 -3.00 -22.67
N TYR D 117 -70.25 -2.35 -23.57
CA TYR D 117 -69.02 -2.93 -24.12
C TYR D 117 -67.84 -1.97 -23.98
N ASN D 118 -67.83 -1.14 -22.94
CA ASN D 118 -66.76 -0.17 -22.74
C ASN D 118 -65.78 -0.57 -21.66
N SER D 119 -65.79 -1.84 -21.24
CA SER D 119 -64.86 -2.32 -20.23
C SER D 119 -64.73 -3.84 -20.39
N TYR D 120 -64.16 -4.49 -19.37
CA TYR D 120 -63.81 -5.89 -19.46
C TYR D 120 -63.81 -6.51 -18.06
N ALA D 121 -63.90 -7.84 -18.03
CA ALA D 121 -63.81 -8.60 -16.80
C ALA D 121 -63.24 -9.97 -17.11
N ILE D 122 -62.40 -10.47 -16.21
CA ILE D 122 -61.75 -11.77 -16.36
C ILE D 122 -62.59 -12.82 -15.67
N PHE D 123 -62.90 -13.91 -16.38
CA PHE D 123 -63.69 -15.01 -15.87
C PHE D 123 -62.83 -16.25 -15.76
N ASN D 124 -63.02 -17.00 -14.67
CA ASN D 124 -62.08 -18.05 -14.27
C ASN D 124 -62.55 -19.47 -14.56
N SER D 125 -63.68 -19.66 -15.24
CA SER D 125 -64.12 -21.01 -15.56
C SER D 125 -63.26 -21.59 -16.67
N VAL D 126 -62.74 -22.80 -16.44
CA VAL D 126 -61.79 -23.42 -17.35
C VAL D 126 -62.56 -24.31 -18.32
N PRO D 127 -62.54 -24.04 -19.61
CA PRO D 127 -63.26 -24.88 -20.57
C PRO D 127 -62.42 -26.05 -21.06
N ILE D 128 -62.88 -27.27 -20.82
CA ILE D 128 -62.25 -28.46 -21.39
C ILE D 128 -63.24 -29.08 -22.36
N VAL D 129 -63.11 -28.73 -23.64
CA VAL D 129 -64.08 -29.17 -24.64
C VAL D 129 -64.08 -30.68 -24.77
N GLU D 130 -62.90 -31.30 -24.85
CA GLU D 130 -62.83 -32.74 -24.97
C GLU D 130 -61.45 -33.22 -24.56
N VAL D 131 -61.41 -34.37 -23.89
CA VAL D 131 -60.17 -35.08 -23.59
C VAL D 131 -60.31 -36.49 -24.15
N LEU D 132 -59.49 -36.81 -25.15
CA LEU D 132 -59.54 -38.10 -25.82
C LEU D 132 -58.39 -38.97 -25.33
N SER D 133 -58.73 -40.17 -24.89
CA SER D 133 -57.75 -41.08 -24.30
C SER D 133 -57.82 -42.43 -25.00
N PRO D 134 -56.70 -43.15 -25.07
CA PRO D 134 -56.69 -44.47 -25.69
C PRO D 134 -57.35 -45.51 -24.78
N ALA D 135 -57.35 -46.75 -25.25
CA ALA D 135 -57.89 -47.84 -24.46
C ALA D 135 -57.02 -48.12 -23.25
N ARG D 136 -57.62 -48.73 -22.23
CA ARG D 136 -56.95 -49.09 -20.98
C ARG D 136 -56.45 -47.88 -20.21
N THR D 137 -57.06 -46.72 -20.43
CA THR D 137 -56.78 -45.51 -19.65
C THR D 137 -58.08 -44.92 -19.15
N THR D 138 -58.08 -44.48 -17.89
CA THR D 138 -59.24 -43.88 -17.26
C THR D 138 -58.97 -42.40 -17.00
N VAL D 139 -59.85 -41.54 -17.50
CA VAL D 139 -59.72 -40.10 -17.35
C VAL D 139 -61.01 -39.55 -16.75
N SER D 140 -60.89 -38.83 -15.63
CA SER D 140 -62.01 -38.19 -14.97
C SER D 140 -61.72 -36.71 -14.81
N ILE D 141 -62.73 -35.87 -15.09
CA ILE D 141 -62.62 -34.43 -14.98
C ILE D 141 -63.55 -33.95 -13.87
N VAL D 142 -63.00 -33.25 -12.89
CA VAL D 142 -63.75 -32.75 -11.74
C VAL D 142 -63.38 -31.28 -11.55
N GLY D 143 -64.38 -30.42 -11.48
CA GLY D 143 -64.16 -29.03 -11.17
C GLY D 143 -64.53 -28.06 -12.26
N SER D 144 -64.90 -26.84 -11.88
CA SER D 144 -65.21 -25.77 -12.82
C SER D 144 -64.30 -24.57 -12.67
N ASP D 145 -64.08 -24.10 -11.43
CA ASP D 145 -63.11 -23.02 -11.21
C ASP D 145 -61.68 -23.55 -11.26
N ARG D 146 -61.47 -24.77 -10.75
CA ARG D 146 -60.18 -25.45 -10.85
C ARG D 146 -60.47 -26.88 -11.30
N ALA D 147 -60.09 -27.20 -12.52
CA ALA D 147 -60.39 -28.51 -13.11
C ALA D 147 -59.24 -29.46 -12.81
N ASP D 148 -59.54 -30.52 -12.06
CA ASP D 148 -58.57 -31.58 -11.80
C ASP D 148 -58.86 -32.76 -12.72
N VAL D 149 -57.86 -33.15 -13.52
CA VAL D 149 -57.99 -34.26 -14.45
C VAL D 149 -57.10 -35.39 -13.95
N THR D 150 -57.73 -36.51 -13.57
CA THR D 150 -57.02 -37.68 -13.07
C THR D 150 -56.91 -38.71 -14.18
N MET D 151 -55.68 -39.13 -14.49
CA MET D 151 -55.43 -40.11 -15.53
C MET D 151 -54.66 -41.28 -14.95
N LEU D 152 -55.12 -42.49 -15.24
CA LEU D 152 -54.49 -43.73 -14.81
C LEU D 152 -54.20 -44.58 -16.02
N ASN D 153 -52.98 -45.08 -16.12
CA ASN D 153 -52.54 -45.89 -17.26
C ASN D 153 -52.38 -47.33 -16.81
N THR D 154 -53.13 -48.23 -17.44
CA THR D 154 -53.06 -49.66 -17.16
C THR D 154 -52.54 -50.45 -18.36
N GLY D 155 -52.12 -49.77 -19.43
CA GLY D 155 -51.62 -50.45 -20.60
C GLY D 155 -50.17 -50.87 -20.46
N ALA D 156 -49.64 -51.43 -21.54
CA ALA D 156 -48.27 -51.91 -21.53
C ALA D 156 -47.27 -50.75 -21.54
N GLY D 157 -47.51 -49.76 -22.38
CA GLY D 157 -46.61 -48.63 -22.55
C GLY D 157 -47.30 -47.30 -22.28
N ALA D 158 -46.53 -46.23 -22.48
CA ALA D 158 -47.02 -44.89 -22.25
C ALA D 158 -48.11 -44.53 -23.25
N ALA D 159 -49.07 -43.73 -22.79
CA ALA D 159 -50.20 -43.31 -23.61
C ALA D 159 -50.10 -41.83 -23.92
N ASN D 160 -50.76 -41.43 -25.01
CA ASN D 160 -50.80 -40.04 -25.46
C ASN D 160 -52.23 -39.54 -25.33
N ILE D 161 -52.43 -38.60 -24.39
CA ILE D 161 -53.74 -38.04 -24.13
C ILE D 161 -53.79 -36.63 -24.72
N THR D 162 -54.81 -36.36 -25.54
CA THR D 162 -54.93 -35.10 -26.25
C THR D 162 -55.95 -34.22 -25.54
N PHE D 163 -55.55 -33.01 -25.18
CA PHE D 163 -56.39 -32.03 -24.52
C PHE D 163 -56.85 -30.99 -25.53
N ASN D 164 -58.13 -30.61 -25.44
CA ASN D 164 -58.69 -29.55 -26.27
C ASN D 164 -59.39 -28.55 -25.37
N PHE D 165 -58.82 -27.36 -25.23
CA PHE D 165 -59.33 -26.34 -24.33
C PHE D 165 -60.19 -25.31 -25.04
N GLY D 166 -60.57 -25.55 -26.29
CA GLY D 166 -61.38 -24.60 -27.02
C GLY D 166 -60.54 -23.50 -27.64
N GLN D 167 -61.24 -22.58 -28.28
CA GLN D 167 -60.61 -21.45 -28.96
C GLN D 167 -60.96 -20.11 -28.33
N ILE D 168 -61.66 -20.13 -27.19
CA ILE D 168 -62.18 -18.92 -26.58
C ILE D 168 -61.29 -18.43 -25.45
N ALA D 169 -60.81 -19.34 -24.60
CA ALA D 169 -60.02 -18.94 -23.44
C ALA D 169 -58.73 -18.26 -23.89
N GLU D 170 -58.29 -17.27 -23.10
CA GLU D 170 -57.09 -16.53 -23.46
C GLU D 170 -55.83 -17.25 -22.99
N THR D 171 -55.81 -17.70 -21.74
CA THR D 171 -54.67 -18.42 -21.20
C THR D 171 -55.14 -19.58 -20.34
N VAL D 172 -54.32 -20.62 -20.25
CA VAL D 172 -54.59 -21.78 -19.41
C VAL D 172 -53.27 -22.19 -18.76
N ILE D 173 -53.32 -22.43 -17.45
CA ILE D 173 -52.14 -22.82 -16.68
C ILE D 173 -52.40 -24.20 -16.07
N LEU D 174 -51.54 -25.15 -16.42
CA LEU D 174 -51.65 -26.53 -15.96
C LEU D 174 -50.53 -26.83 -14.96
N LYS D 175 -50.90 -27.38 -13.82
CA LYS D 175 -49.94 -27.82 -12.82
C LYS D 175 -50.27 -29.26 -12.44
N GLY D 176 -49.25 -30.11 -12.44
CA GLY D 176 -49.43 -31.52 -12.16
C GLY D 176 -48.91 -31.92 -10.79
N SER D 177 -49.45 -33.03 -10.28
CA SER D 177 -48.96 -33.56 -9.01
C SER D 177 -47.51 -34.00 -9.11
N VAL D 178 -47.15 -34.61 -10.24
CA VAL D 178 -45.76 -34.99 -10.53
C VAL D 178 -45.39 -34.40 -11.88
N PRO D 179 -44.11 -34.19 -12.14
CA PRO D 179 -43.69 -33.61 -13.42
C PRO D 179 -44.15 -34.47 -14.59
N PHE D 180 -44.55 -33.80 -15.67
CA PHE D 180 -45.04 -34.47 -16.85
C PHE D 180 -44.60 -33.67 -18.08
N GLN D 181 -44.76 -34.27 -19.25
CA GLN D 181 -44.37 -33.65 -20.51
C GLN D 181 -45.60 -33.39 -21.36
N LEU D 182 -45.69 -32.17 -21.89
CA LEU D 182 -46.78 -31.75 -22.75
C LEU D 182 -46.22 -31.00 -23.95
N ALA D 183 -46.87 -31.18 -25.09
CA ALA D 183 -46.48 -30.45 -26.29
C ALA D 183 -47.65 -30.43 -27.25
N ARG D 184 -47.54 -29.58 -28.26
CA ARG D 184 -48.57 -29.46 -29.28
C ARG D 184 -48.43 -30.58 -30.31
N LEU D 185 -49.34 -30.57 -31.29
CA LEU D 185 -49.35 -31.60 -32.32
C LEU D 185 -48.11 -31.50 -33.21
N ASN D 186 -47.25 -32.51 -33.14
CA ASN D 186 -46.05 -32.63 -33.97
C ASN D 186 -44.93 -31.67 -33.55
N GLN D 187 -44.86 -31.33 -32.27
CA GLN D 187 -43.69 -30.68 -31.69
C GLN D 187 -42.92 -31.66 -30.81
N PRO D 188 -41.61 -31.47 -30.66
CA PRO D 188 -40.83 -32.37 -29.81
C PRO D 188 -41.23 -32.23 -28.35
N MET D 189 -41.42 -33.36 -27.68
CA MET D 189 -41.78 -33.35 -26.29
C MET D 189 -40.62 -32.81 -25.44
N PRO D 190 -40.88 -31.90 -24.51
CA PRO D 190 -39.80 -31.38 -23.67
C PRO D 190 -39.58 -32.25 -22.43
N ALA D 191 -38.68 -31.81 -21.56
CA ALA D 191 -38.44 -32.54 -20.32
C ALA D 191 -39.61 -32.38 -19.36
N ALA D 192 -39.65 -33.26 -18.37
CA ALA D 192 -40.70 -33.21 -17.37
C ALA D 192 -40.65 -31.89 -16.62
N ARG D 193 -41.81 -31.25 -16.46
CA ARG D 193 -41.88 -29.92 -15.89
C ARG D 193 -43.22 -29.78 -15.19
N PHE D 194 -43.21 -29.11 -14.03
CA PHE D 194 -44.39 -29.09 -13.18
C PHE D 194 -45.52 -28.26 -13.78
N THR D 195 -45.22 -27.06 -14.26
CA THR D 195 -46.25 -26.10 -14.65
C THR D 195 -46.08 -25.67 -16.10
N TYR D 196 -47.19 -25.63 -16.83
CA TYR D 196 -47.22 -25.19 -18.22
C TYR D 196 -48.19 -24.03 -18.37
N LYS D 197 -47.80 -23.06 -19.21
CA LYS D 197 -48.67 -21.96 -19.59
C LYS D 197 -48.95 -22.07 -21.07
N LEU D 198 -50.24 -22.10 -21.44
CA LEU D 198 -50.63 -22.37 -22.82
C LEU D 198 -51.63 -21.35 -23.30
N ARG D 199 -51.59 -21.09 -24.60
CA ARG D 199 -52.62 -20.33 -25.28
C ARG D 199 -53.53 -21.30 -26.02
N PRO D 200 -54.83 -21.36 -25.69
CA PRO D 200 -55.69 -22.39 -26.29
C PRO D 200 -55.79 -22.33 -27.81
N LEU D 201 -55.56 -21.17 -28.42
CA LEU D 201 -55.65 -21.05 -29.87
C LEU D 201 -54.55 -21.83 -30.58
N ASP D 202 -53.50 -22.26 -29.86
CA ASP D 202 -52.38 -22.95 -30.50
C ASP D 202 -52.83 -24.26 -31.11
N GLY D 203 -53.66 -25.02 -30.39
CA GLY D 203 -54.17 -26.27 -30.91
C GLY D 203 -54.23 -27.34 -29.85
N PRO D 204 -54.62 -28.55 -30.24
CA PRO D 204 -54.68 -29.65 -29.27
C PRO D 204 -53.31 -29.94 -28.69
N PHE D 205 -53.29 -30.27 -27.41
CA PHE D 205 -52.05 -30.52 -26.67
C PHE D 205 -52.01 -31.99 -26.28
N ILE D 206 -50.84 -32.60 -26.42
CA ILE D 206 -50.64 -34.02 -26.15
C ILE D 206 -49.90 -34.17 -24.84
N VAL D 207 -50.43 -35.00 -23.94
CA VAL D 207 -49.81 -35.32 -22.67
C VAL D 207 -49.39 -36.77 -22.69
N VAL D 208 -48.11 -37.04 -22.48
CA VAL D 208 -47.60 -38.39 -22.42
C VAL D 208 -47.78 -38.92 -21.00
N LEU D 209 -48.49 -40.05 -20.89
CA LEU D 209 -48.83 -40.60 -19.59
C LEU D 209 -48.03 -41.87 -19.34
N PRO D 210 -47.02 -41.83 -18.47
CA PRO D 210 -46.24 -43.03 -18.18
C PRO D 210 -47.05 -44.04 -17.37
N VAL D 211 -46.60 -45.28 -17.42
CA VAL D 211 -47.27 -46.37 -16.70
C VAL D 211 -46.85 -46.35 -15.25
N GLY D 212 -47.82 -46.33 -14.34
CA GLY D 212 -47.53 -46.36 -12.93
C GLY D 212 -48.54 -45.63 -12.07
N ASN D 213 -48.06 -44.76 -11.19
CA ASN D 213 -48.94 -44.01 -10.31
C ASN D 213 -49.74 -42.99 -11.11
N PRO D 214 -50.98 -42.70 -10.68
CA PRO D 214 -51.82 -41.78 -11.44
C PRO D 214 -51.26 -40.36 -11.45
N LEU D 215 -51.56 -39.64 -12.53
CA LEU D 215 -51.13 -38.27 -12.73
C LEU D 215 -52.35 -37.37 -12.73
N VAL D 216 -52.36 -36.36 -11.88
CA VAL D 216 -53.47 -35.42 -11.75
C VAL D 216 -52.99 -34.04 -12.21
N ILE D 217 -53.73 -33.44 -13.13
CA ILE D 217 -53.42 -32.13 -13.68
C ILE D 217 -54.48 -31.15 -13.22
N SER D 218 -54.05 -30.05 -12.62
CA SER D 218 -54.94 -28.97 -12.22
C SER D 218 -54.94 -27.89 -13.28
N ALA D 219 -56.13 -27.52 -13.74
CA ALA D 219 -56.29 -26.59 -14.85
C ALA D 219 -56.95 -25.30 -14.35
N THR D 220 -56.31 -24.16 -14.64
CA THR D 220 -56.87 -22.86 -14.36
C THR D 220 -56.81 -22.01 -15.62
N ALA D 221 -57.93 -21.38 -15.97
CA ALA D 221 -58.04 -20.57 -17.17
C ALA D 221 -58.46 -19.16 -16.83
N ALA D 222 -58.43 -18.30 -17.85
CA ALA D 222 -58.86 -16.92 -17.71
C ALA D 222 -59.27 -16.40 -19.08
N THR D 223 -60.48 -15.87 -19.18
CA THR D 223 -61.00 -15.34 -20.43
C THR D 223 -61.55 -13.93 -20.19
N ARG D 224 -61.52 -13.12 -21.24
CA ARG D 224 -61.90 -11.72 -21.18
C ARG D 224 -63.23 -11.51 -21.89
N ILE D 225 -64.18 -10.90 -21.20
CA ILE D 225 -65.51 -10.64 -21.74
C ILE D 225 -65.80 -9.15 -21.58
N GLN D 226 -66.26 -8.51 -22.65
CA GLN D 226 -66.55 -7.09 -22.61
C GLN D 226 -67.81 -6.83 -21.79
N VAL D 227 -67.69 -5.94 -20.80
CA VAL D 227 -68.77 -5.63 -19.87
C VAL D 227 -68.81 -4.12 -19.66
N PRO D 228 -69.92 -3.61 -19.13
CA PRO D 228 -69.96 -2.19 -18.76
C PRO D 228 -69.02 -1.89 -17.60
N LEU D 229 -68.63 -0.62 -17.52
CA LEU D 229 -67.67 -0.19 -16.49
C LEU D 229 -68.22 -0.36 -15.08
N ALA D 230 -69.53 -0.35 -14.91
CA ALA D 230 -70.13 -0.51 -13.58
C ALA D 230 -70.17 -1.96 -13.11
N PHE D 231 -69.75 -2.90 -13.96
CA PHE D 231 -69.74 -4.31 -13.60
C PHE D 231 -68.90 -4.55 -12.36
N ASN D 232 -69.43 -5.34 -11.44
CA ASN D 232 -68.70 -5.80 -10.26
C ASN D 232 -68.97 -7.28 -10.10
N LYS D 233 -67.92 -8.09 -10.22
CA LYS D 233 -68.10 -9.54 -10.25
C LYS D 233 -68.63 -10.07 -8.92
N ALA D 234 -68.18 -9.49 -7.80
CA ALA D 234 -68.64 -9.95 -6.50
C ALA D 234 -70.14 -9.76 -6.34
N LEU D 235 -70.66 -8.62 -6.82
CA LEU D 235 -72.10 -8.37 -6.70
C LEU D 235 -72.90 -9.26 -7.63
N VAL D 236 -72.38 -9.54 -8.82
CA VAL D 236 -73.09 -10.38 -9.77
C VAL D 236 -73.24 -11.80 -9.24
N GLU D 237 -72.16 -12.34 -8.66
CA GLU D 237 -72.21 -13.70 -8.12
C GLU D 237 -73.23 -13.80 -7.00
N SER D 238 -73.28 -12.80 -6.12
CA SER D 238 -74.27 -12.79 -5.06
C SER D 238 -75.68 -12.69 -5.63
N GLY D 239 -75.85 -11.86 -6.67
CA GLY D 239 -77.17 -11.73 -7.28
C GLY D 239 -77.63 -12.98 -7.97
N PHE D 240 -76.69 -13.73 -8.56
CA PHE D 240 -77.05 -14.98 -9.23
C PHE D 240 -77.63 -15.99 -8.25
N GLN D 241 -76.99 -16.13 -7.09
CA GLN D 241 -77.50 -17.06 -6.09
C GLN D 241 -78.86 -16.63 -5.57
N THR D 242 -79.04 -15.33 -5.36
CA THR D 242 -80.32 -14.83 -4.86
C THR D 242 -81.44 -15.11 -5.86
N ALA D 243 -81.18 -14.84 -7.14
CA ALA D 243 -82.19 -15.09 -8.16
C ALA D 243 -82.51 -16.58 -8.28
N MET D 244 -81.49 -17.43 -8.23
CA MET D 244 -81.72 -18.87 -8.28
C MET D 244 -82.49 -19.35 -7.06
N ASN D 245 -82.15 -18.83 -5.88
CA ASN D 245 -82.85 -19.23 -4.66
C ASN D 245 -84.29 -18.71 -4.65
N ASP D 246 -84.52 -17.54 -5.21
CA ASP D 246 -85.84 -16.93 -5.22
C ASP D 246 -86.75 -17.50 -6.30
N GLY D 247 -86.30 -18.53 -7.01
CA GLY D 247 -87.12 -19.13 -8.06
C GLY D 247 -87.38 -18.23 -9.25
N LEU D 248 -86.36 -17.54 -9.72
CA LEU D 248 -86.48 -16.73 -10.93
C LEU D 248 -86.06 -17.48 -12.18
N PHE D 249 -85.39 -18.62 -12.04
CA PHE D 249 -84.86 -19.38 -13.16
C PHE D 249 -85.56 -20.73 -13.33
N ASP D 250 -86.75 -20.89 -12.75
CA ASP D 250 -87.47 -22.17 -12.80
C ASP D 250 -88.36 -22.20 -14.04
N ILE D 251 -87.75 -22.54 -15.17
CA ILE D 251 -88.45 -22.68 -16.43
C ILE D 251 -88.13 -24.06 -16.98
N GLN D 252 -89.10 -24.66 -17.68
CA GLN D 252 -88.91 -25.98 -18.25
C GLN D 252 -87.87 -25.94 -19.36
N ASN D 253 -87.15 -27.05 -19.51
CA ASN D 253 -86.13 -27.22 -20.53
C ASN D 253 -85.03 -26.16 -20.40
N VAL D 254 -84.51 -26.00 -19.19
CA VAL D 254 -83.46 -25.04 -18.91
C VAL D 254 -82.36 -25.76 -18.14
N ASN D 255 -81.12 -25.32 -18.32
CA ASN D 255 -79.99 -25.90 -17.63
C ASN D 255 -79.51 -24.98 -16.53
N TYR D 256 -79.12 -25.55 -15.40
CA TYR D 256 -78.74 -24.79 -14.22
C TYR D 256 -77.24 -24.89 -13.99
N TYR D 257 -76.68 -23.82 -13.41
CA TYR D 257 -75.24 -23.71 -13.23
C TYR D 257 -74.94 -23.25 -11.80
N SER D 258 -73.76 -23.62 -11.32
CA SER D 258 -73.38 -23.31 -9.95
C SER D 258 -72.98 -21.84 -9.79
N SER D 259 -72.49 -21.20 -10.84
CA SER D 259 -72.03 -19.83 -10.74
C SER D 259 -72.28 -19.11 -12.06
N PHE D 260 -72.32 -17.78 -11.98
CA PHE D 260 -72.49 -16.97 -13.19
C PHE D 260 -71.29 -17.09 -14.12
N ASP D 261 -70.11 -17.41 -13.57
CA ASP D 261 -68.94 -17.61 -14.41
C ASP D 261 -69.15 -18.80 -15.34
N GLU D 262 -69.70 -19.90 -14.83
CA GLU D 262 -69.98 -21.05 -15.66
C GLU D 262 -71.04 -20.74 -16.71
N PHE D 263 -72.06 -19.97 -16.32
CA PHE D 263 -73.17 -19.68 -17.23
C PHE D 263 -72.69 -18.91 -18.46
N ILE D 264 -71.87 -17.89 -18.25
CA ILE D 264 -71.43 -17.06 -19.37
C ILE D 264 -70.41 -17.77 -20.23
N ILE D 265 -69.56 -18.60 -19.63
CA ILE D 265 -68.55 -19.32 -20.39
C ILE D 265 -69.19 -20.43 -21.21
N SER D 266 -70.11 -21.19 -20.61
CA SER D 266 -70.81 -22.24 -21.35
C SER D 266 -71.63 -21.65 -22.48
N GLN D 267 -72.29 -20.52 -22.23
CA GLN D 267 -73.05 -19.84 -23.28
C GLN D 267 -72.14 -19.27 -24.35
N TYR D 268 -70.84 -19.21 -24.09
CA TYR D 268 -69.89 -18.66 -25.04
C TYR D 268 -69.28 -19.73 -25.93
N HIS D 269 -69.21 -20.97 -25.44
CA HIS D 269 -68.77 -22.11 -26.23
C HIS D 269 -69.97 -22.81 -26.87
N ALA D 270 -70.76 -22.02 -27.60
CA ALA D 270 -71.98 -22.53 -28.19
C ALA D 270 -72.25 -21.77 -29.48
N GLN D 271 -73.20 -22.27 -30.25
CA GLN D 271 -73.60 -21.61 -31.48
C GLN D 271 -74.08 -20.20 -31.19
N ASP D 272 -73.66 -19.25 -32.04
CA ASP D 272 -73.93 -17.83 -31.84
C ASP D 272 -73.44 -17.36 -30.47
N GLY D 273 -72.19 -17.71 -30.17
CA GLY D 273 -71.65 -17.42 -28.84
C GLY D 273 -71.53 -15.93 -28.55
N ILE D 274 -71.13 -15.14 -29.56
CA ILE D 274 -70.96 -13.71 -29.34
C ILE D 274 -72.30 -13.06 -29.02
N ASN D 275 -73.34 -13.41 -29.76
CA ASN D 275 -74.65 -12.82 -29.50
C ASN D 275 -75.21 -13.30 -28.16
N ARG D 276 -74.97 -14.56 -27.82
CA ARG D 276 -75.42 -15.08 -26.53
C ARG D 276 -74.76 -14.35 -25.37
N VAL D 277 -73.45 -14.11 -25.48
CA VAL D 277 -72.71 -13.44 -24.41
C VAL D 277 -73.21 -12.01 -24.24
N SER D 278 -73.57 -11.35 -25.34
CA SER D 278 -74.08 -9.99 -25.25
C SER D 278 -75.31 -9.91 -24.36
N THR D 279 -76.23 -10.87 -24.51
CA THR D 279 -77.40 -10.91 -23.65
C THR D 279 -77.03 -11.29 -22.22
N CYS D 280 -76.03 -12.15 -22.05
CA CYS D 280 -75.64 -12.58 -20.72
C CYS D 280 -75.03 -11.43 -19.92
N VAL D 281 -74.28 -10.56 -20.57
CA VAL D 281 -73.69 -9.41 -19.89
C VAL D 281 -74.79 -8.49 -19.36
N ILE D 282 -75.83 -8.25 -20.17
CA ILE D 282 -76.95 -7.44 -19.72
C ILE D 282 -77.65 -8.10 -18.54
N LEU D 283 -77.76 -9.43 -18.56
CA LEU D 283 -78.34 -10.14 -17.43
C LEU D 283 -77.49 -9.95 -16.17
N GLY D 284 -76.17 -9.96 -16.33
CA GLY D 284 -75.31 -9.79 -15.17
C GLY D 284 -75.50 -8.43 -14.51
N LEU D 285 -75.61 -7.37 -15.32
CA LEU D 285 -75.87 -6.05 -14.75
C LEU D 285 -77.24 -6.00 -14.07
N ALA D 286 -78.21 -6.71 -14.63
CA ALA D 286 -79.52 -6.81 -13.98
C ALA D 286 -79.41 -7.53 -12.65
N LEU D 287 -78.61 -8.59 -12.58
CA LEU D 287 -78.44 -9.31 -11.32
C LEU D 287 -77.66 -8.48 -10.31
N GLN D 288 -76.78 -7.60 -10.78
CA GLN D 288 -76.09 -6.69 -9.86
C GLN D 288 -77.07 -5.74 -9.20
N ALA D 289 -78.02 -5.20 -9.98
CA ALA D 289 -79.05 -4.34 -9.40
C ALA D 289 -79.98 -5.13 -8.50
N TYR D 290 -80.29 -6.37 -8.87
CA TYR D 290 -81.16 -7.20 -8.05
C TYR D 290 -80.55 -7.48 -6.69
N ASP D 291 -79.24 -7.72 -6.64
CA ASP D 291 -78.58 -8.02 -5.37
C ASP D 291 -78.63 -6.81 -4.45
N GLN D 292 -78.29 -5.64 -4.98
CA GLN D 292 -78.29 -4.42 -4.17
C GLN D 292 -79.70 -4.08 -3.68
N MET D 293 -80.69 -4.17 -4.57
CA MET D 293 -82.04 -3.76 -4.22
C MET D 293 -82.66 -4.71 -3.20
N ARG D 294 -82.37 -6.00 -3.31
CA ARG D 294 -82.95 -6.97 -2.38
C ARG D 294 -82.30 -6.89 -1.00
N ARG D 295 -80.99 -6.62 -0.93
CA ARG D 295 -80.35 -6.50 0.38
C ARG D 295 -80.83 -5.25 1.11
N ALA D 296 -81.17 -4.20 0.38
CA ALA D 296 -81.72 -3.00 1.03
C ALA D 296 -83.18 -3.21 1.43
N LEU D 297 -83.93 -3.97 0.64
CA LEU D 297 -85.36 -4.18 0.85
C LEU D 297 -85.66 -5.67 0.85
N PRO D 298 -85.35 -6.37 1.94
CA PRO D 298 -85.63 -7.81 1.99
C PRO D 298 -87.13 -8.08 1.94
N VAL D 299 -87.48 -9.20 1.31
CA VAL D 299 -88.88 -9.59 1.18
C VAL D 299 -89.03 -11.08 1.46
N ALA E 2 -74.28 -51.54 6.02
CA ALA E 2 -74.14 -50.35 5.19
C ALA E 2 -72.95 -49.51 5.63
N ASN E 3 -72.76 -48.37 4.99
CA ASN E 3 -71.67 -47.46 5.29
C ASN E 3 -72.20 -46.03 5.36
N ARG E 4 -71.56 -45.21 6.19
CA ARG E 4 -71.96 -43.83 6.39
C ARG E 4 -70.78 -42.91 6.14
N ALA E 5 -71.01 -41.86 5.35
CA ALA E 5 -70.02 -40.82 5.09
C ALA E 5 -70.63 -39.47 5.44
N THR E 6 -69.88 -38.67 6.19
CA THR E 6 -70.38 -37.40 6.70
C THR E 6 -69.34 -36.32 6.43
N SER E 7 -69.81 -35.14 6.05
CA SER E 7 -68.93 -34.00 5.83
C SER E 7 -68.13 -33.70 7.09
N ALA E 8 -66.85 -33.39 6.91
CA ALA E 8 -65.95 -33.28 8.05
C ALA E 8 -66.32 -32.12 8.97
N PHE E 9 -66.74 -30.99 8.40
CA PHE E 9 -66.95 -29.80 9.20
C PHE E 9 -68.27 -29.80 9.96
N LEU E 10 -69.12 -30.80 9.75
CA LEU E 10 -70.40 -30.87 10.44
C LEU E 10 -70.34 -31.70 11.71
N ASP E 11 -69.16 -32.17 12.12
CA ASP E 11 -69.04 -33.11 13.22
C ASP E 11 -68.89 -32.35 14.54
N ASN E 12 -69.89 -32.50 15.41
CA ASN E 12 -69.86 -32.03 16.79
C ASN E 12 -69.51 -30.54 16.90
N PRO E 13 -70.41 -29.63 16.53
CA PRO E 13 -70.14 -28.21 16.77
C PRO E 13 -70.18 -27.90 18.26
N HIS E 14 -69.25 -27.06 18.69
CA HIS E 14 -69.19 -26.70 20.10
C HIS E 14 -70.22 -25.61 20.42
N PRO E 15 -70.74 -25.61 21.64
CA PRO E 15 -71.69 -24.55 22.03
C PRO E 15 -71.05 -23.18 21.98
N VAL E 16 -71.82 -22.19 21.53
CA VAL E 16 -71.36 -20.81 21.45
C VAL E 16 -71.66 -20.11 22.76
N GLY E 17 -71.07 -18.94 22.96
CA GLY E 17 -71.29 -18.21 24.19
C GLY E 17 -72.70 -17.67 24.30
N VAL E 18 -73.09 -17.35 25.54
CA VAL E 18 -74.41 -16.85 25.84
C VAL E 18 -74.38 -15.45 26.43
N ASN E 19 -73.23 -14.79 26.38
CA ASN E 19 -73.07 -13.45 26.92
C ASN E 19 -72.92 -12.44 25.79
N TYR E 20 -73.12 -11.17 26.15
CA TYR E 20 -72.99 -10.05 25.21
C TYR E 20 -73.92 -10.21 24.01
N VAL E 21 -75.17 -10.59 24.29
CA VAL E 21 -76.20 -10.73 23.26
C VAL E 21 -77.36 -9.78 23.47
N ASP E 22 -77.37 -8.99 24.54
CA ASP E 22 -78.44 -8.04 24.78
C ASP E 22 -78.34 -6.89 23.78
N GLU E 23 -79.32 -5.99 23.83
CA GLU E 23 -79.37 -4.89 22.87
C GLU E 23 -78.20 -3.94 23.05
N GLY E 24 -77.72 -3.76 24.29
CA GLY E 24 -76.58 -2.89 24.50
C GLY E 24 -75.30 -3.43 23.89
N SER E 25 -75.07 -4.73 24.01
CA SER E 25 -73.86 -5.34 23.47
C SER E 25 -73.87 -5.29 21.95
N ARG E 26 -75.04 -5.48 21.33
CA ARG E 26 -75.13 -5.41 19.89
C ARG E 26 -74.80 -4.01 19.39
N GLN E 27 -75.22 -2.98 20.13
CA GLN E 27 -74.84 -1.62 19.78
C GLN E 27 -73.33 -1.44 19.86
N PHE E 28 -72.70 -2.04 20.88
CA PHE E 28 -71.26 -1.92 21.02
C PHE E 28 -70.53 -2.53 19.82
N VAL E 29 -70.98 -3.69 19.36
CA VAL E 29 -70.37 -4.30 18.18
C VAL E 29 -70.60 -3.43 16.95
N ALA E 30 -71.81 -2.90 16.80
CA ALA E 30 -72.09 -2.01 15.67
C ALA E 30 -71.28 -0.73 15.76
N VAL E 31 -71.13 -0.18 16.97
CA VAL E 31 -70.32 1.02 17.14
C VAL E 31 -68.87 0.75 16.79
N ALA E 32 -68.35 -0.40 17.24
CA ALA E 32 -66.96 -0.74 16.97
C ALA E 32 -66.70 -0.88 15.48
N GLU E 33 -67.63 -1.50 14.75
CA GLU E 33 -67.46 -1.65 13.31
C GLU E 33 -67.47 -0.30 12.60
N LEU E 34 -68.34 0.61 13.02
CA LEU E 34 -68.39 1.92 12.40
C LEU E 34 -67.12 2.71 12.66
N LEU E 35 -66.62 2.70 13.89
CA LEU E 35 -65.43 3.45 14.21
C LEU E 35 -64.16 2.79 13.67
N ALA E 36 -64.18 1.47 13.51
CA ALA E 36 -63.06 0.80 12.86
C ALA E 36 -62.95 1.18 11.40
N SER E 37 -64.09 1.32 10.71
CA SER E 37 -64.08 1.76 9.33
C SER E 37 -63.56 3.19 9.21
N LYS E 38 -63.90 4.04 10.18
CA LYS E 38 -63.40 5.41 10.17
C LYS E 38 -61.89 5.45 10.30
N LEU E 39 -61.32 4.51 11.04
CA LEU E 39 -59.87 4.45 11.21
C LEU E 39 -59.17 4.21 9.89
N ILE E 40 -59.70 3.29 9.07
CA ILE E 40 -59.09 2.97 7.79
C ILE E 40 -59.17 4.18 6.85
N ASP E 41 -60.34 4.82 6.79
CA ASP E 41 -60.51 5.96 5.90
C ASP E 41 -59.68 7.15 6.33
N SER E 42 -59.55 7.37 7.64
CA SER E 42 -58.75 8.49 8.13
C SER E 42 -57.28 8.31 7.76
N SER E 43 -56.78 7.07 7.83
CA SER E 43 -55.40 6.81 7.45
C SER E 43 -55.17 7.13 5.98
N ARG E 44 -56.13 6.78 5.12
CA ARG E 44 -56.03 7.14 3.71
C ARG E 44 -56.09 8.65 3.53
N GLU E 45 -57.10 9.30 4.13
CA GLU E 45 -57.25 10.74 3.97
C GLU E 45 -56.05 11.49 4.52
N SER E 46 -55.52 11.05 5.65
CA SER E 46 -54.33 11.69 6.21
C SER E 46 -53.14 11.55 5.28
N ASP E 47 -53.00 10.39 4.62
CA ASP E 47 -51.91 10.18 3.69
C ASP E 47 -52.02 11.11 2.48
N GLU E 48 -53.24 11.29 1.96
CA GLU E 48 -53.43 12.11 0.78
C GLU E 48 -53.36 13.60 1.06
N SER E 49 -53.45 14.00 2.34
CA SER E 49 -53.46 15.41 2.70
C SER E 49 -52.15 15.88 3.30
N ASN E 50 -51.16 15.00 3.42
CA ASN E 50 -49.87 15.34 4.01
C ASN E 50 -50.04 15.92 5.41
N SER E 51 -50.93 15.30 6.20
CA SER E 51 -51.16 15.71 7.58
C SER E 51 -51.64 14.50 8.36
N ASP E 52 -51.47 14.57 9.68
CA ASP E 52 -51.89 13.48 10.57
C ASP E 52 -53.14 13.78 11.35
N VAL E 53 -53.75 14.96 11.16
CA VAL E 53 -54.93 15.32 11.95
C VAL E 53 -56.09 14.37 11.74
N PRO E 54 -56.46 13.96 10.51
CA PRO E 54 -57.58 13.02 10.37
C PRO E 54 -57.37 11.71 11.12
N PHE E 55 -56.15 11.18 11.15
CA PHE E 55 -55.92 9.92 11.85
C PHE E 55 -55.91 10.13 13.36
N VAL E 56 -55.37 11.25 13.82
CA VAL E 56 -55.32 11.51 15.26
C VAL E 56 -56.72 11.64 15.83
N GLN E 57 -57.59 12.38 15.14
CA GLN E 57 -58.96 12.56 15.62
C GLN E 57 -59.74 11.25 15.56
N ALA E 58 -59.54 10.45 14.51
CA ALA E 58 -60.26 9.19 14.40
C ALA E 58 -59.76 8.19 15.43
N TYR E 59 -58.46 8.21 15.75
CA TYR E 59 -57.94 7.33 16.78
C TYR E 59 -58.38 7.77 18.16
N SER E 60 -58.55 9.07 18.37
CA SER E 60 -59.01 9.56 19.68
C SER E 60 -60.40 9.07 20.00
N LYS E 61 -61.30 9.06 19.01
CA LYS E 61 -62.65 8.55 19.25
C LYS E 61 -62.61 7.06 19.56
N PHE E 62 -61.77 6.30 18.86
CA PHE E 62 -61.71 4.87 19.07
C PHE E 62 -61.07 4.52 20.41
N ALA E 63 -59.94 5.15 20.73
CA ALA E 63 -59.13 4.74 21.87
C ALA E 63 -59.36 5.59 23.11
N ASP E 64 -60.04 6.72 22.99
CA ASP E 64 -60.26 7.64 24.11
C ASP E 64 -58.94 8.13 24.70
N ASP E 65 -57.91 8.23 23.86
CA ASP E 65 -56.61 8.70 24.29
C ASP E 65 -55.89 9.33 23.12
N ASN E 66 -55.19 10.43 23.39
CA ASN E 66 -54.45 11.11 22.34
C ASN E 66 -53.22 10.30 21.96
N PRO E 67 -52.92 10.17 20.67
CA PRO E 67 -51.70 9.48 20.26
C PRO E 67 -50.46 10.23 20.72
N ARG E 68 -49.41 9.48 21.04
CA ARG E 68 -48.13 10.03 21.44
C ARG E 68 -47.02 9.34 20.67
N HIS E 69 -45.94 10.08 20.42
CA HIS E 69 -44.86 9.56 19.60
C HIS E 69 -44.06 8.49 20.32
N LEU E 70 -44.04 8.51 21.65
CA LEU E 70 -43.23 7.59 22.44
C LEU E 70 -44.09 6.57 23.17
N ARG E 71 -45.31 6.32 22.69
CA ARG E 71 -46.22 5.37 23.29
C ARG E 71 -46.78 4.46 22.21
N VAL E 72 -47.07 3.22 22.59
CA VAL E 72 -47.56 2.22 21.64
C VAL E 72 -49.06 2.39 21.47
N LYS E 73 -49.51 2.49 20.23
CA LYS E 73 -50.92 2.61 19.92
C LYS E 73 -51.51 1.22 19.72
N THR E 74 -52.48 0.85 20.55
CA THR E 74 -53.08 -0.47 20.50
C THR E 74 -54.59 -0.46 20.39
N GLY E 75 -55.22 0.70 20.31
CA GLY E 75 -56.66 0.82 20.25
C GLY E 75 -57.31 1.19 21.56
N GLY E 76 -56.58 1.14 22.66
CA GLY E 76 -57.12 1.61 23.92
C GLY E 76 -58.10 0.63 24.53
N LYS E 77 -59.11 1.18 25.21
CA LYS E 77 -60.08 0.35 25.92
C LYS E 77 -60.97 -0.42 24.94
N MET E 78 -61.35 0.21 23.83
CA MET E 78 -62.26 -0.43 22.89
C MET E 78 -61.63 -1.66 22.26
N ALA E 79 -60.33 -1.61 21.99
CA ALA E 79 -59.65 -2.77 21.41
C ALA E 79 -59.65 -3.94 22.38
N ASN E 80 -59.47 -3.68 23.67
CA ASN E 80 -59.45 -4.76 24.66
C ASN E 80 -60.83 -5.41 24.79
N ALA E 81 -61.88 -4.59 24.88
CA ALA E 81 -63.22 -5.13 25.01
C ALA E 81 -63.64 -5.91 23.77
N LEU E 82 -63.28 -5.41 22.59
CA LEU E 82 -63.59 -6.11 21.35
C LEU E 82 -62.92 -7.46 21.30
N THR E 83 -61.66 -7.53 21.75
CA THR E 83 -60.95 -8.81 21.77
C THR E 83 -61.61 -9.79 22.74
N ASN E 84 -62.07 -9.29 23.89
CA ASN E 84 -62.63 -10.18 24.90
C ASN E 84 -64.00 -10.70 24.51
N VAL E 85 -64.82 -9.87 23.86
CA VAL E 85 -66.13 -10.34 23.45
C VAL E 85 -66.01 -11.37 22.33
N ILE E 86 -64.98 -11.29 21.51
CA ILE E 86 -64.75 -12.30 20.48
C ILE E 86 -64.45 -13.64 21.14
N ARG E 87 -63.66 -13.63 22.21
CA ARG E 87 -63.36 -14.86 22.93
C ARG E 87 -64.63 -15.45 23.54
N SER E 88 -65.50 -14.60 24.09
CA SER E 88 -66.71 -15.07 24.73
C SER E 88 -67.67 -15.68 23.71
N TYR E 89 -67.74 -15.10 22.52
CA TYR E 89 -68.70 -15.56 21.52
C TYR E 89 -68.36 -16.96 21.02
N TYR E 90 -67.06 -17.28 20.92
CA TYR E 90 -66.65 -18.52 20.28
C TYR E 90 -67.05 -19.74 21.10
N SER E 91 -66.81 -19.70 22.41
CA SER E 91 -67.03 -20.87 23.26
C SER E 91 -67.78 -20.47 24.52
N ILE E 92 -68.51 -21.43 25.07
CA ILE E 92 -69.21 -21.22 26.33
C ILE E 92 -68.30 -21.33 27.53
N ASN E 93 -67.06 -21.79 27.33
CA ASN E 93 -66.09 -21.90 28.40
C ASN E 93 -65.21 -20.66 28.55
N ALA E 94 -65.45 -19.62 27.75
CA ALA E 94 -64.68 -18.40 27.86
C ALA E 94 -65.06 -17.64 29.13
N PRO E 95 -64.14 -16.85 29.69
CA PRO E 95 -64.42 -16.20 30.97
C PRO E 95 -65.46 -15.09 30.90
N ALA E 96 -65.52 -14.33 29.80
CA ALA E 96 -66.44 -13.19 29.66
C ALA E 96 -66.20 -12.15 30.76
N ILE E 97 -65.02 -11.52 30.67
CA ILE E 97 -64.53 -10.68 31.76
C ILE E 97 -64.97 -9.22 31.65
N VAL E 98 -65.15 -8.70 30.45
CA VAL E 98 -65.41 -7.26 30.31
C VAL E 98 -66.76 -6.91 30.93
N PRO E 99 -66.85 -5.89 31.77
CA PRO E 99 -68.08 -5.60 32.49
C PRO E 99 -69.13 -4.96 31.59
N GLN E 100 -70.35 -4.86 32.14
CA GLN E 100 -71.46 -4.28 31.40
C GLN E 100 -71.38 -2.76 31.34
N VAL E 101 -70.86 -2.13 32.41
CA VAL E 101 -70.74 -0.68 32.44
C VAL E 101 -69.79 -0.21 31.33
N GLU E 102 -68.71 -0.96 31.09
CA GLU E 102 -67.79 -0.60 30.03
C GLU E 102 -68.44 -0.75 28.66
N ILE E 103 -69.29 -1.76 28.50
CA ILE E 103 -69.96 -1.97 27.22
C ILE E 103 -70.87 -0.79 26.89
N ASP E 104 -71.64 -0.31 27.87
CA ASP E 104 -72.51 0.83 27.64
C ASP E 104 -71.73 2.10 27.37
N ARG E 105 -70.59 2.27 28.05
CA ARG E 105 -69.76 3.45 27.81
C ARG E 105 -69.24 3.48 26.39
N LEU E 106 -68.78 2.32 25.88
CA LEU E 106 -68.26 2.28 24.52
C LEU E 106 -69.38 2.32 23.49
N ALA E 107 -70.58 1.88 23.85
CA ALA E 107 -71.69 1.89 22.91
C ALA E 107 -72.31 3.27 22.73
N SER E 108 -71.89 4.24 23.54
CA SER E 108 -72.46 5.58 23.44
C SER E 108 -71.68 6.51 22.52
N LYS E 109 -70.65 6.00 21.86
CA LYS E 109 -69.83 6.86 21.01
C LYS E 109 -70.53 7.23 19.72
N ALA E 110 -71.36 6.34 19.19
CA ALA E 110 -72.08 6.57 17.95
C ALA E 110 -73.53 6.15 18.12
N THR E 111 -74.40 6.75 17.30
CA THR E 111 -75.83 6.44 17.31
C THR E 111 -76.13 5.51 16.14
N VAL E 112 -75.87 4.23 16.33
CA VAL E 112 -76.16 3.20 15.33
C VAL E 112 -77.02 2.13 16.00
N SER E 113 -78.13 1.80 15.36
CA SER E 113 -79.01 0.76 15.89
C SER E 113 -78.37 -0.60 15.70
N GLY E 114 -78.37 -1.41 16.75
CA GLY E 114 -77.80 -2.73 16.69
C GLY E 114 -78.77 -3.75 16.14
N ASP E 115 -79.15 -3.59 14.87
CA ASP E 115 -80.10 -4.47 14.21
C ASP E 115 -79.34 -5.52 13.43
N MET E 116 -79.57 -6.79 13.75
CA MET E 116 -78.88 -7.90 13.13
C MET E 116 -79.71 -8.59 12.06
N TYR E 117 -80.86 -8.04 11.69
CA TYR E 117 -81.75 -8.67 10.74
C TYR E 117 -82.21 -7.68 9.68
N ASN E 118 -81.38 -6.69 9.36
CA ASN E 118 -81.74 -5.73 8.33
C ASN E 118 -81.59 -6.33 6.93
N SER E 119 -80.63 -7.23 6.74
CA SER E 119 -80.35 -7.77 5.42
C SER E 119 -80.04 -9.26 5.50
N TYR E 120 -79.52 -9.82 4.41
CA TYR E 120 -79.21 -11.24 4.31
C TYR E 120 -77.88 -11.42 3.59
N ALA E 121 -77.33 -12.63 3.70
CA ALA E 121 -76.11 -13.00 2.99
C ALA E 121 -76.20 -14.46 2.57
N ILE E 122 -75.49 -14.80 1.50
CA ILE E 122 -75.47 -16.13 0.94
C ILE E 122 -74.17 -16.81 1.35
N PHE E 123 -74.28 -18.01 1.92
CA PHE E 123 -73.14 -18.80 2.35
C PHE E 123 -73.06 -20.08 1.52
N ASN E 124 -71.84 -20.43 1.11
CA ASN E 124 -71.63 -21.45 0.09
C ASN E 124 -71.14 -22.79 0.64
N SER E 125 -71.22 -23.00 1.95
CA SER E 125 -70.85 -24.30 2.51
C SER E 125 -71.87 -25.34 2.10
N VAL E 126 -71.40 -26.54 1.79
CA VAL E 126 -72.25 -27.62 1.28
C VAL E 126 -72.49 -28.60 2.41
N PRO E 127 -73.69 -28.68 2.95
CA PRO E 127 -73.97 -29.61 4.06
C PRO E 127 -74.31 -30.99 3.55
N ILE E 128 -73.45 -31.96 3.84
CA ILE E 128 -73.73 -33.36 3.54
C ILE E 128 -73.84 -34.11 4.86
N VAL E 129 -75.05 -34.23 5.38
CA VAL E 129 -75.24 -34.80 6.71
C VAL E 129 -74.94 -36.29 6.70
N GLU E 130 -75.37 -37.00 5.66
CA GLU E 130 -75.24 -38.46 5.66
C GLU E 130 -75.30 -38.96 4.22
N VAL E 131 -74.33 -39.77 3.83
CA VAL E 131 -74.35 -40.49 2.56
C VAL E 131 -74.34 -41.98 2.90
N LEU E 132 -75.42 -42.66 2.58
CA LEU E 132 -75.60 -44.07 2.91
C LEU E 132 -75.31 -44.91 1.66
N SER E 133 -74.39 -45.85 1.78
CA SER E 133 -73.99 -46.70 0.68
C SER E 133 -74.09 -48.16 1.08
N PRO E 134 -74.38 -49.04 0.13
CA PRO E 134 -74.47 -50.47 0.42
C PRO E 134 -73.09 -51.07 0.59
N ALA E 135 -73.06 -52.38 0.86
CA ALA E 135 -71.81 -53.08 1.05
C ALA E 135 -71.06 -53.21 -0.27
N ARG E 136 -69.74 -53.35 -0.16
CA ARG E 136 -68.85 -53.56 -1.30
C ARG E 136 -68.87 -52.37 -2.26
N THR E 137 -69.14 -51.17 -1.74
CA THR E 137 -68.99 -49.92 -2.45
C THR E 137 -68.26 -48.93 -1.55
N THR E 138 -67.42 -48.08 -2.14
CA THR E 138 -66.61 -47.13 -1.40
C THR E 138 -67.02 -45.71 -1.76
N VAL E 139 -67.26 -44.88 -0.75
CA VAL E 139 -67.68 -43.49 -0.92
C VAL E 139 -66.80 -42.60 -0.07
N SER E 140 -66.31 -41.50 -0.66
CA SER E 140 -65.47 -40.54 0.05
C SER E 140 -65.93 -39.14 -0.27
N ILE E 141 -65.96 -38.27 0.74
CA ILE E 141 -66.37 -36.88 0.59
C ILE E 141 -65.17 -35.99 0.86
N VAL E 142 -64.91 -35.05 -0.06
CA VAL E 142 -63.79 -34.14 0.06
C VAL E 142 -64.26 -32.74 -0.31
N GLY E 143 -63.94 -31.76 0.52
CA GLY E 143 -64.23 -30.37 0.23
C GLY E 143 -65.36 -29.82 1.07
N SER E 144 -65.34 -28.51 1.27
CA SER E 144 -66.37 -27.81 2.00
C SER E 144 -67.12 -26.80 1.14
N ASP E 145 -66.41 -25.88 0.48
CA ASP E 145 -67.07 -24.95 -0.43
C ASP E 145 -67.65 -25.67 -1.63
N ARG E 146 -66.90 -26.62 -2.20
CA ARG E 146 -67.40 -27.52 -3.23
C ARG E 146 -67.12 -28.94 -2.76
N ALA E 147 -68.17 -29.74 -2.65
CA ALA E 147 -68.06 -31.09 -2.11
C ALA E 147 -67.94 -32.07 -3.26
N ASP E 148 -66.84 -32.82 -3.28
CA ASP E 148 -66.59 -33.83 -4.30
C ASP E 148 -66.79 -35.21 -3.69
N VAL E 149 -67.86 -35.88 -4.09
CA VAL E 149 -68.20 -37.20 -3.58
C VAL E 149 -67.78 -38.21 -4.64
N THR E 150 -66.80 -39.05 -4.31
CA THR E 150 -66.30 -40.07 -5.22
C THR E 150 -66.79 -41.43 -4.74
N MET E 151 -67.55 -42.11 -5.60
CA MET E 151 -68.09 -43.42 -5.29
C MET E 151 -67.62 -44.43 -6.33
N LEU E 152 -67.23 -45.61 -5.86
CA LEU E 152 -66.78 -46.71 -6.72
C LEU E 152 -67.61 -47.95 -6.41
N ASN E 153 -68.08 -48.61 -7.46
CA ASN E 153 -68.93 -49.78 -7.34
C ASN E 153 -68.15 -51.00 -7.78
N THR E 154 -67.78 -51.85 -6.81
CA THR E 154 -67.08 -53.10 -7.09
C THR E 154 -68.02 -54.31 -7.07
N GLY E 155 -69.32 -54.08 -6.93
CA GLY E 155 -70.28 -55.16 -6.86
C GLY E 155 -70.61 -55.74 -8.22
N ALA E 156 -71.54 -56.69 -8.21
CA ALA E 156 -71.95 -57.33 -9.45
C ALA E 156 -72.97 -56.50 -10.21
N GLY E 157 -73.93 -55.91 -9.49
CA GLY E 157 -74.99 -55.12 -10.10
C GLY E 157 -74.95 -53.66 -9.67
N ALA E 158 -75.94 -52.92 -10.17
CA ALA E 158 -76.04 -51.50 -9.87
C ALA E 158 -76.33 -51.28 -8.38
N ALA E 159 -75.81 -50.19 -7.86
CA ALA E 159 -75.95 -49.84 -6.45
C ALA E 159 -76.78 -48.58 -6.29
N ASN E 160 -77.42 -48.46 -5.14
CA ASN E 160 -78.25 -47.32 -4.80
C ASN E 160 -77.65 -46.60 -3.60
N ILE E 161 -77.41 -45.30 -3.74
CA ILE E 161 -76.77 -44.50 -2.71
C ILE E 161 -77.73 -43.38 -2.31
N THR E 162 -77.92 -43.21 -1.01
CA THR E 162 -78.84 -42.21 -0.47
C THR E 162 -78.08 -40.99 -0.01
N PHE E 163 -78.46 -39.83 -0.52
CA PHE E 163 -77.88 -38.54 -0.13
C PHE E 163 -78.83 -37.79 0.77
N ASN E 164 -78.33 -37.30 1.90
CA ASN E 164 -79.09 -36.47 2.83
C ASN E 164 -78.37 -35.15 2.98
N PHE E 165 -78.97 -34.09 2.45
CA PHE E 165 -78.37 -32.77 2.46
C PHE E 165 -78.88 -31.89 3.59
N GLY E 166 -79.64 -32.44 4.52
CA GLY E 166 -80.25 -31.65 5.58
C GLY E 166 -81.53 -30.99 5.12
N GLN E 167 -82.08 -30.19 6.02
CA GLN E 167 -83.30 -29.44 5.76
C GLN E 167 -83.10 -27.94 5.90
N ILE E 168 -81.87 -27.46 5.78
CA ILE E 168 -81.54 -26.06 6.06
C ILE E 168 -81.15 -25.32 4.78
N ALA E 169 -80.32 -25.92 3.95
CA ALA E 169 -79.89 -25.27 2.72
C ALA E 169 -81.07 -25.09 1.77
N GLU E 170 -80.99 -24.04 0.94
CA GLU E 170 -82.08 -23.69 0.05
C GLU E 170 -82.01 -24.48 -1.26
N THR E 171 -80.91 -24.35 -2.00
CA THR E 171 -80.73 -25.06 -3.26
C THR E 171 -79.38 -25.75 -3.28
N VAL E 172 -79.34 -26.94 -3.87
CA VAL E 172 -78.10 -27.69 -4.08
C VAL E 172 -78.04 -28.09 -5.54
N ILE E 173 -76.89 -27.85 -6.18
CA ILE E 173 -76.69 -28.15 -7.58
C ILE E 173 -75.61 -29.22 -7.70
N LEU E 174 -75.94 -30.32 -8.36
CA LEU E 174 -75.05 -31.46 -8.49
C LEU E 174 -74.58 -31.60 -9.93
N LYS E 175 -73.27 -31.71 -10.12
CA LYS E 175 -72.67 -31.94 -11.42
C LYS E 175 -71.77 -33.16 -11.34
N GLY E 176 -71.92 -34.07 -12.29
CA GLY E 176 -71.15 -35.29 -12.30
C GLY E 176 -70.13 -35.31 -13.44
N SER E 177 -69.07 -36.12 -13.25
CA SER E 177 -68.09 -36.29 -14.30
C SER E 177 -68.70 -36.93 -15.52
N VAL E 178 -69.57 -37.92 -15.31
CA VAL E 178 -70.33 -38.55 -16.40
C VAL E 178 -71.80 -38.47 -16.04
N PRO E 179 -72.68 -38.51 -17.04
CA PRO E 179 -74.11 -38.46 -16.76
C PRO E 179 -74.54 -39.59 -15.83
N PHE E 180 -75.43 -39.27 -14.90
CA PHE E 180 -75.88 -40.21 -13.88
C PHE E 180 -77.36 -40.00 -13.64
N GLN E 181 -77.94 -40.90 -12.85
CA GLN E 181 -79.37 -40.91 -12.58
C GLN E 181 -79.63 -40.55 -11.13
N LEU E 182 -80.56 -39.65 -10.90
CA LEU E 182 -80.92 -39.22 -9.56
C LEU E 182 -82.43 -39.06 -9.49
N ALA E 183 -83.01 -39.47 -8.36
CA ALA E 183 -84.44 -39.33 -8.16
C ALA E 183 -84.73 -39.33 -6.67
N ARG E 184 -85.94 -38.91 -6.32
CA ARG E 184 -86.38 -38.89 -4.94
C ARG E 184 -86.72 -40.31 -4.49
N LEU E 185 -87.18 -40.41 -3.24
CA LEU E 185 -87.66 -41.68 -2.72
C LEU E 185 -88.97 -42.07 -3.39
N ASN E 186 -89.05 -43.31 -3.87
CA ASN E 186 -90.25 -43.86 -4.47
C ASN E 186 -90.71 -43.03 -5.69
N GLN E 187 -89.74 -42.57 -6.48
CA GLN E 187 -90.00 -41.86 -7.72
C GLN E 187 -89.29 -42.55 -8.88
N PRO E 188 -89.82 -42.41 -10.10
CA PRO E 188 -89.14 -43.00 -11.26
C PRO E 188 -87.79 -42.34 -11.52
N MET E 189 -86.88 -43.12 -12.09
CA MET E 189 -85.55 -42.64 -12.42
C MET E 189 -85.56 -42.01 -13.81
N PRO E 190 -85.03 -40.80 -13.96
CA PRO E 190 -85.01 -40.16 -15.29
C PRO E 190 -83.79 -40.58 -16.10
N ALA E 191 -83.63 -40.01 -17.28
CA ALA E 191 -82.46 -40.29 -18.09
C ALA E 191 -81.22 -39.66 -17.47
N ALA E 192 -80.06 -40.21 -17.82
CA ALA E 192 -78.81 -39.73 -17.27
C ALA E 192 -78.55 -38.30 -17.71
N ARG E 193 -78.21 -37.43 -16.75
CA ARG E 193 -77.97 -36.02 -17.01
C ARG E 193 -76.72 -35.59 -16.26
N PHE E 194 -76.12 -34.50 -16.75
CA PHE E 194 -74.93 -33.96 -16.10
C PHE E 194 -75.27 -33.19 -14.83
N THR E 195 -76.37 -32.43 -14.85
CA THR E 195 -76.66 -31.45 -13.81
C THR E 195 -78.04 -31.68 -13.22
N TYR E 196 -78.13 -31.58 -11.90
CA TYR E 196 -79.39 -31.65 -11.17
C TYR E 196 -79.49 -30.46 -10.24
N LYS E 197 -80.69 -29.90 -10.12
CA LYS E 197 -81.00 -28.88 -9.14
C LYS E 197 -82.01 -29.44 -8.14
N LEU E 198 -81.66 -29.40 -6.86
CA LEU E 198 -82.45 -30.06 -5.84
C LEU E 198 -82.76 -29.11 -4.69
N ARG E 199 -83.95 -29.29 -4.12
CA ARG E 199 -84.34 -28.63 -2.90
C ARG E 199 -84.20 -29.61 -1.74
N PRO E 200 -83.30 -29.37 -0.78
CA PRO E 200 -83.04 -30.39 0.26
C PRO E 200 -84.25 -30.74 1.09
N LEU E 201 -85.24 -29.86 1.21
CA LEU E 201 -86.44 -30.18 1.96
C LEU E 201 -87.29 -31.25 1.29
N ASP E 202 -87.03 -31.56 0.02
CA ASP E 202 -87.85 -32.53 -0.70
C ASP E 202 -87.73 -33.91 -0.08
N GLY E 203 -86.52 -34.30 0.31
CA GLY E 203 -86.29 -35.58 0.94
C GLY E 203 -84.98 -36.19 0.50
N PRO E 204 -84.66 -37.36 1.04
CA PRO E 204 -83.44 -38.05 0.60
C PRO E 204 -83.49 -38.38 -0.88
N PHE E 205 -82.34 -38.27 -1.53
CA PHE E 205 -82.21 -38.49 -2.96
C PHE E 205 -81.39 -39.75 -3.21
N ILE E 206 -81.78 -40.53 -4.21
CA ILE E 206 -81.17 -41.81 -4.51
C ILE E 206 -80.45 -41.71 -5.85
N VAL E 207 -79.18 -42.12 -5.86
CA VAL E 207 -78.37 -42.15 -7.07
C VAL E 207 -78.08 -43.60 -7.42
N VAL E 208 -77.99 -43.88 -8.72
CA VAL E 208 -77.74 -45.21 -9.22
C VAL E 208 -76.30 -45.27 -9.70
N LEU E 209 -75.53 -46.22 -9.18
CA LEU E 209 -74.13 -46.34 -9.52
C LEU E 209 -73.93 -47.50 -10.49
N PRO E 210 -73.57 -47.25 -11.74
CA PRO E 210 -73.17 -48.34 -12.63
C PRO E 210 -71.86 -48.96 -12.17
N VAL E 211 -71.69 -50.24 -12.53
CA VAL E 211 -70.52 -51.00 -12.09
C VAL E 211 -69.25 -50.65 -12.84
N GLY E 212 -69.33 -49.87 -13.91
CA GLY E 212 -68.20 -49.68 -14.78
C GLY E 212 -67.05 -48.87 -14.22
N ASN E 213 -67.24 -47.57 -14.05
CA ASN E 213 -66.17 -46.65 -13.71
C ASN E 213 -66.59 -45.78 -12.54
N PRO E 214 -65.63 -45.25 -11.77
CA PRO E 214 -65.99 -44.39 -10.64
C PRO E 214 -66.69 -43.13 -11.11
N LEU E 215 -67.63 -42.67 -10.29
CA LEU E 215 -68.40 -41.47 -10.56
C LEU E 215 -68.10 -40.44 -9.48
N VAL E 216 -67.89 -39.19 -9.90
CA VAL E 216 -67.63 -38.09 -8.98
C VAL E 216 -68.76 -37.08 -9.13
N ILE E 217 -69.37 -36.71 -8.01
CA ILE E 217 -70.47 -35.76 -7.97
C ILE E 217 -69.97 -34.49 -7.29
N SER E 218 -70.08 -33.36 -7.99
CA SER E 218 -69.66 -32.08 -7.46
C SER E 218 -70.89 -31.34 -6.93
N ALA E 219 -70.84 -30.95 -5.65
CA ALA E 219 -71.97 -30.36 -4.96
C ALA E 219 -71.66 -28.92 -4.59
N THR E 220 -72.58 -28.02 -4.91
CA THR E 220 -72.49 -26.62 -4.51
C THR E 220 -73.85 -26.22 -3.95
N ALA E 221 -73.84 -25.51 -2.82
CA ALA E 221 -75.06 -25.16 -2.11
C ALA E 221 -75.03 -23.69 -1.70
N ALA E 222 -76.22 -23.13 -1.54
CA ALA E 222 -76.38 -21.75 -1.10
C ALA E 222 -77.41 -21.69 0.02
N THR E 223 -77.06 -21.02 1.12
CA THR E 223 -77.95 -20.85 2.26
C THR E 223 -78.07 -19.38 2.60
N ARG E 224 -79.26 -18.96 2.99
CA ARG E 224 -79.54 -17.56 3.31
C ARG E 224 -79.62 -17.39 4.83
N ILE E 225 -78.85 -16.45 5.34
CA ILE E 225 -78.80 -16.15 6.77
C ILE E 225 -78.94 -14.65 6.95
N GLN E 226 -79.77 -14.24 7.92
CA GLN E 226 -80.02 -12.84 8.16
C GLN E 226 -78.83 -12.19 8.84
N VAL E 227 -78.38 -11.06 8.29
CA VAL E 227 -77.20 -10.35 8.78
C VAL E 227 -77.47 -8.86 8.73
N PRO E 228 -76.74 -8.07 9.52
CA PRO E 228 -76.87 -6.62 9.44
C PRO E 228 -76.44 -6.09 8.08
N LEU E 229 -76.88 -4.87 7.78
CA LEU E 229 -76.60 -4.29 6.48
C LEU E 229 -75.11 -4.08 6.25
N ALA E 230 -74.36 -3.76 7.29
CA ALA E 230 -72.93 -3.50 7.17
C ALA E 230 -72.11 -4.77 7.06
N PHE E 231 -72.73 -5.92 6.85
CA PHE E 231 -72.00 -7.18 6.73
C PHE E 231 -71.24 -7.21 5.41
N ASN E 232 -69.95 -7.53 5.49
CA ASN E 232 -69.10 -7.70 4.31
C ASN E 232 -68.36 -9.01 4.46
N LYS E 233 -68.64 -9.98 3.58
CA LYS E 233 -68.06 -11.31 3.72
C LYS E 233 -66.54 -11.28 3.53
N ALA E 234 -66.05 -10.39 2.66
CA ALA E 234 -64.62 -10.28 2.45
C ALA E 234 -63.90 -9.84 3.72
N LEU E 235 -64.47 -8.87 4.43
CA LEU E 235 -63.87 -8.41 5.68
C LEU E 235 -64.04 -9.43 6.79
N VAL E 236 -65.18 -10.13 6.81
CA VAL E 236 -65.44 -11.11 7.85
C VAL E 236 -64.48 -12.29 7.73
N GLU E 237 -64.25 -12.77 6.51
CA GLU E 237 -63.34 -13.88 6.31
C GLU E 237 -61.92 -13.53 6.73
N SER E 238 -61.47 -12.31 6.42
CA SER E 238 -60.14 -11.89 6.83
C SER E 238 -60.05 -11.79 8.35
N GLY E 239 -61.12 -11.30 8.99
CA GLY E 239 -61.11 -11.21 10.44
C GLY E 239 -61.08 -12.57 11.12
N PHE E 240 -61.72 -13.57 10.51
CA PHE E 240 -61.73 -14.90 11.09
C PHE E 240 -60.32 -15.48 11.15
N GLN E 241 -59.55 -15.32 10.08
CA GLN E 241 -58.19 -15.86 10.06
C GLN E 241 -57.28 -15.11 11.02
N THR E 242 -57.41 -13.79 11.08
CA THR E 242 -56.58 -13.01 12.00
C THR E 242 -56.85 -13.38 13.45
N ALA E 243 -58.12 -13.54 13.81
CA ALA E 243 -58.45 -13.91 15.18
C ALA E 243 -57.90 -15.29 15.53
N MET E 244 -57.98 -16.23 14.59
CA MET E 244 -57.41 -17.55 14.82
C MET E 244 -55.90 -17.50 14.92
N ASN E 245 -55.26 -16.68 14.08
CA ASN E 245 -53.81 -16.53 14.15
C ASN E 245 -53.37 -15.90 15.48
N ASP E 246 -54.09 -14.87 15.93
CA ASP E 246 -53.76 -14.18 17.16
C ASP E 246 -54.17 -14.94 18.40
N GLY E 247 -54.66 -16.17 18.26
CA GLY E 247 -55.01 -16.98 19.40
C GLY E 247 -56.18 -16.49 20.20
N LEU E 248 -57.25 -16.05 19.55
CA LEU E 248 -58.49 -15.72 20.25
C LEU E 248 -59.42 -16.90 20.38
N PHE E 249 -59.10 -18.03 19.74
CA PHE E 249 -59.92 -19.23 19.77
C PHE E 249 -59.23 -20.39 20.46
N ASP E 250 -58.11 -20.16 21.15
CA ASP E 250 -57.33 -21.24 21.73
C ASP E 250 -57.82 -21.62 23.13
N ILE E 251 -59.12 -21.88 23.21
CA ILE E 251 -59.74 -22.38 24.43
C ILE E 251 -59.97 -23.88 24.25
N GLN E 252 -59.88 -24.62 25.36
CA GLN E 252 -59.94 -26.06 25.29
C GLN E 252 -61.33 -26.55 24.91
N ASN E 253 -61.38 -27.73 24.28
CA ASN E 253 -62.61 -28.43 23.97
C ASN E 253 -63.50 -27.65 23.00
N VAL E 254 -62.91 -27.17 21.92
CA VAL E 254 -63.65 -26.49 20.85
C VAL E 254 -63.17 -27.02 19.51
N ASN E 255 -64.01 -26.83 18.50
CA ASN E 255 -63.71 -27.24 17.13
C ASN E 255 -63.19 -26.06 16.34
N TYR E 256 -62.31 -26.35 15.38
CA TYR E 256 -61.71 -25.33 14.55
C TYR E 256 -62.16 -25.53 13.10
N TYR E 257 -62.43 -24.42 12.41
CA TYR E 257 -62.97 -24.44 11.06
C TYR E 257 -62.08 -23.63 10.13
N SER E 258 -62.09 -24.00 8.85
CA SER E 258 -61.23 -23.35 7.88
C SER E 258 -61.68 -21.92 7.59
N SER E 259 -63.00 -21.70 7.51
CA SER E 259 -63.54 -20.40 7.14
C SER E 259 -64.75 -20.09 8.02
N PHE E 260 -65.27 -18.87 7.88
CA PHE E 260 -66.46 -18.48 8.63
C PHE E 260 -67.72 -19.09 8.08
N ASP E 261 -67.77 -19.36 6.77
CA ASP E 261 -68.93 -20.01 6.19
C ASP E 261 -69.15 -21.39 6.80
N GLU E 262 -68.06 -22.15 6.98
CA GLU E 262 -68.17 -23.46 7.60
C GLU E 262 -68.64 -23.34 9.04
N PHE E 263 -68.18 -22.31 9.75
CA PHE E 263 -68.54 -22.14 11.15
C PHE E 263 -70.03 -21.91 11.32
N ILE E 264 -70.59 -20.97 10.56
CA ILE E 264 -71.99 -20.60 10.75
C ILE E 264 -72.91 -21.72 10.26
N ILE E 265 -72.53 -22.43 9.21
CA ILE E 265 -73.37 -23.51 8.70
C ILE E 265 -73.35 -24.69 9.66
N SER E 266 -72.19 -24.99 10.24
CA SER E 266 -72.09 -26.13 11.15
C SER E 266 -72.99 -25.96 12.36
N GLN E 267 -72.98 -24.77 12.98
CA GLN E 267 -73.85 -24.53 14.12
C GLN E 267 -75.31 -24.37 13.72
N TYR E 268 -75.58 -24.05 12.46
CA TYR E 268 -76.96 -23.97 12.00
C TYR E 268 -77.61 -25.35 12.02
N HIS E 269 -76.83 -26.39 11.78
CA HIS E 269 -77.33 -27.76 11.70
C HIS E 269 -77.38 -28.45 13.07
N ALA E 270 -76.96 -27.77 14.13
CA ALA E 270 -77.07 -28.34 15.46
C ALA E 270 -78.53 -28.35 15.91
N GLN E 271 -78.78 -28.93 17.09
CA GLN E 271 -80.15 -29.06 17.58
C GLN E 271 -80.77 -27.69 17.82
N ASP E 272 -80.01 -26.76 18.40
CA ASP E 272 -80.47 -25.41 18.69
C ASP E 272 -79.89 -24.41 17.69
N GLY E 273 -79.82 -24.80 16.41
CA GLY E 273 -79.12 -23.99 15.43
C GLY E 273 -79.70 -22.61 15.23
N ILE E 274 -81.02 -22.47 15.37
CA ILE E 274 -81.65 -21.17 15.17
C ILE E 274 -81.14 -20.17 16.21
N ASN E 275 -81.04 -20.60 17.46
CA ASN E 275 -80.53 -19.71 18.50
C ASN E 275 -79.02 -19.50 18.38
N ARG E 276 -78.30 -20.48 17.85
CA ARG E 276 -76.86 -20.34 17.68
C ARG E 276 -76.50 -19.38 16.57
N VAL E 277 -77.28 -19.34 15.49
CA VAL E 277 -76.96 -18.49 14.35
C VAL E 277 -76.99 -17.02 14.75
N SER E 278 -77.91 -16.64 15.64
CA SER E 278 -77.98 -15.25 16.08
C SER E 278 -76.67 -14.82 16.73
N THR E 279 -76.09 -15.69 17.56
CA THR E 279 -74.81 -15.35 18.20
C THR E 279 -73.67 -15.40 17.20
N CYS E 280 -73.72 -16.32 16.24
CA CYS E 280 -72.66 -16.41 15.25
C CYS E 280 -72.63 -15.18 14.35
N VAL E 281 -73.79 -14.63 14.02
CA VAL E 281 -73.85 -13.44 13.18
C VAL E 281 -73.21 -12.26 13.90
N ILE E 282 -73.49 -12.12 15.20
CA ILE E 282 -72.90 -11.03 15.97
C ILE E 282 -71.37 -11.17 16.00
N LEU E 283 -70.88 -12.40 16.12
CA LEU E 283 -69.44 -12.61 16.07
C LEU E 283 -68.87 -12.22 14.71
N GLY E 284 -69.64 -12.43 13.65
CA GLY E 284 -69.18 -12.03 12.32
C GLY E 284 -68.97 -10.53 12.22
N LEU E 285 -69.90 -9.75 12.76
CA LEU E 285 -69.72 -8.30 12.75
C LEU E 285 -68.59 -7.87 13.68
N ALA E 286 -68.43 -8.56 14.81
CA ALA E 286 -67.29 -8.30 15.68
C ALA E 286 -65.98 -8.64 14.99
N LEU E 287 -65.95 -9.74 14.24
CA LEU E 287 -64.75 -10.10 13.50
C LEU E 287 -64.46 -9.11 12.39
N GLN E 288 -65.50 -8.55 11.78
CA GLN E 288 -65.31 -7.53 10.74
C GLN E 288 -64.66 -6.29 11.33
N ALA E 289 -65.09 -5.87 12.52
CA ALA E 289 -64.48 -4.73 13.18
C ALA E 289 -63.02 -5.02 13.55
N TYR E 290 -62.75 -6.25 14.00
CA TYR E 290 -61.40 -6.62 14.41
C TYR E 290 -60.44 -6.56 13.23
N ASP E 291 -60.91 -6.93 12.04
CA ASP E 291 -60.03 -6.96 10.88
C ASP E 291 -59.59 -5.54 10.50
N GLN E 292 -60.53 -4.62 10.39
CA GLN E 292 -60.20 -3.25 10.01
C GLN E 292 -59.32 -2.59 11.06
N MET E 293 -59.64 -2.78 12.33
CA MET E 293 -58.88 -2.11 13.39
C MET E 293 -57.45 -2.63 13.46
N ARG E 294 -57.25 -3.93 13.26
CA ARG E 294 -55.90 -4.48 13.28
C ARG E 294 -55.09 -4.04 12.06
N ARG E 295 -55.75 -3.87 10.91
CA ARG E 295 -55.03 -3.41 9.72
C ARG E 295 -54.60 -1.96 9.86
N ALA E 296 -55.43 -1.12 10.46
CA ALA E 296 -55.05 0.27 10.66
C ALA E 296 -54.05 0.41 11.80
N LEU E 297 -54.09 -0.49 12.79
CA LEU E 297 -53.22 -0.45 13.95
C LEU E 297 -52.56 -1.80 14.14
N PRO E 298 -51.58 -2.15 13.31
CA PRO E 298 -50.88 -3.42 13.49
C PRO E 298 -50.10 -3.44 14.80
N VAL E 299 -50.00 -4.64 15.38
CA VAL E 299 -49.28 -4.81 16.63
C VAL E 299 -48.36 -6.02 16.55
N ALA F 2 2.40 -36.09 20.64
CA ALA F 2 2.21 -34.69 21.01
C ALA F 2 0.96 -34.11 20.37
N ASN F 3 0.11 -33.51 21.20
CA ASN F 3 -1.09 -32.85 20.73
C ASN F 3 -0.97 -31.35 20.94
N ARG F 4 -1.74 -30.59 20.17
CA ARG F 4 -1.78 -29.15 20.31
C ARG F 4 -3.23 -28.70 20.41
N ALA F 5 -3.46 -27.65 21.20
CA ALA F 5 -4.79 -27.10 21.41
C ALA F 5 -4.75 -25.59 21.23
N THR F 6 -5.88 -25.03 20.83
CA THR F 6 -5.99 -23.61 20.56
C THR F 6 -7.35 -23.11 20.99
N SER F 7 -7.45 -21.79 21.17
CA SER F 7 -8.73 -21.18 21.49
C SER F 7 -9.68 -21.27 20.29
N ALA F 8 -10.95 -21.50 20.57
CA ALA F 8 -11.92 -21.68 19.50
C ALA F 8 -12.15 -20.40 18.71
N PHE F 9 -12.21 -19.26 19.41
CA PHE F 9 -12.54 -18.00 18.74
C PHE F 9 -11.41 -17.45 17.89
N LEU F 10 -10.21 -18.00 18.03
CA LEU F 10 -9.05 -17.51 17.30
C LEU F 10 -8.85 -18.22 15.97
N ASP F 11 -9.75 -19.12 15.59
CA ASP F 11 -9.57 -19.95 14.41
C ASP F 11 -10.20 -19.28 13.20
N ASN F 12 -9.41 -19.10 12.14
CA ASN F 12 -9.86 -18.64 10.84
C ASN F 12 -10.65 -17.34 10.90
N PRO F 13 -10.02 -16.21 11.16
CA PRO F 13 -10.72 -14.93 11.05
C PRO F 13 -11.02 -14.61 9.58
N HIS F 14 -12.25 -14.19 9.32
CA HIS F 14 -12.60 -13.86 7.96
C HIS F 14 -12.16 -12.44 7.62
N PRO F 15 -11.89 -12.17 6.34
CA PRO F 15 -11.49 -10.81 5.95
C PRO F 15 -12.59 -9.79 6.20
N VAL F 16 -12.18 -8.58 6.52
CA VAL F 16 -13.10 -7.50 6.82
C VAL F 16 -13.21 -6.60 5.60
N GLY F 17 -14.23 -5.74 5.59
CA GLY F 17 -14.43 -4.83 4.49
C GLY F 17 -13.37 -3.75 4.43
N VAL F 18 -13.21 -3.18 3.23
CA VAL F 18 -12.23 -2.15 2.98
C VAL F 18 -12.85 -0.81 2.63
N ASN F 19 -14.17 -0.74 2.57
CA ASN F 19 -14.86 0.50 2.23
C ASN F 19 -15.29 1.24 3.48
N TYR F 20 -15.66 2.51 3.29
CA TYR F 20 -16.17 3.37 4.36
C TYR F 20 -15.16 3.51 5.50
N VAL F 21 -13.89 3.68 5.12
CA VAL F 21 -12.80 3.86 6.08
C VAL F 21 -12.20 5.26 5.99
N ASP F 22 -12.43 5.98 4.90
CA ASP F 22 -11.81 7.29 4.68
C ASP F 22 -12.37 8.32 5.67
N GLU F 23 -11.91 9.57 5.53
CA GLU F 23 -12.27 10.60 6.49
C GLU F 23 -13.76 10.92 6.45
N GLY F 24 -14.34 11.05 5.26
CA GLY F 24 -15.75 11.38 5.17
C GLY F 24 -16.63 10.32 5.76
N SER F 25 -16.31 9.05 5.52
CA SER F 25 -17.10 7.96 6.07
C SER F 25 -16.89 7.84 7.58
N ARG F 26 -15.68 8.12 8.06
CA ARG F 26 -15.45 8.11 9.50
C ARG F 26 -16.24 9.20 10.19
N GLN F 27 -16.37 10.37 9.54
CA GLN F 27 -17.16 11.44 10.12
C GLN F 27 -18.65 11.14 10.06
N PHE F 28 -19.09 10.35 9.08
CA PHE F 28 -20.48 9.92 9.04
C PHE F 28 -20.82 9.07 10.25
N VAL F 29 -19.91 8.16 10.63
CA VAL F 29 -20.15 7.31 11.79
C VAL F 29 -20.15 8.15 13.07
N ALA F 30 -19.25 9.13 13.16
CA ALA F 30 -19.22 9.99 14.33
C ALA F 30 -20.48 10.83 14.44
N VAL F 31 -20.98 11.36 13.32
CA VAL F 31 -22.21 12.13 13.34
C VAL F 31 -23.39 11.23 13.73
N ALA F 32 -23.43 10.02 13.17
CA ALA F 32 -24.52 9.11 13.47
C ALA F 32 -24.55 8.76 14.96
N GLU F 33 -23.38 8.54 15.55
CA GLU F 33 -23.31 8.27 16.98
C GLU F 33 -23.78 9.46 17.79
N LEU F 34 -23.34 10.66 17.42
CA LEU F 34 -23.71 11.86 18.16
C LEU F 34 -25.21 12.10 18.09
N LEU F 35 -25.78 12.01 16.89
CA LEU F 35 -27.20 12.31 16.72
C LEU F 35 -28.08 11.22 17.33
N ALA F 36 -27.64 9.96 17.26
CA ALA F 36 -28.42 8.89 17.88
C ALA F 36 -28.42 9.02 19.39
N SER F 37 -27.34 9.54 19.97
CA SER F 37 -27.31 9.78 21.41
C SER F 37 -28.34 10.84 21.80
N LYS F 38 -28.47 11.90 21.00
CA LYS F 38 -29.47 12.93 21.29
C LYS F 38 -30.88 12.36 21.21
N LEU F 39 -31.08 11.32 20.39
CA LEU F 39 -32.39 10.70 20.29
C LEU F 39 -32.80 10.06 21.61
N ILE F 40 -31.87 9.36 22.27
CA ILE F 40 -32.18 8.70 23.53
C ILE F 40 -32.46 9.73 24.62
N ASP F 41 -31.62 10.77 24.69
CA ASP F 41 -31.81 11.81 25.69
C ASP F 41 -33.06 12.63 25.47
N SER F 42 -33.60 12.64 24.24
CA SER F 42 -34.83 13.38 23.98
C SER F 42 -36.02 12.77 24.71
N SER F 43 -35.95 11.48 25.05
CA SER F 43 -37.02 10.85 25.80
C SER F 43 -37.11 11.43 27.20
N ARG F 44 -35.98 11.60 27.88
CA ARG F 44 -35.99 12.19 29.21
C ARG F 44 -36.42 13.64 29.17
N GLU F 45 -36.04 14.36 28.12
CA GLU F 45 -36.51 15.74 27.96
C GLU F 45 -38.01 15.78 27.76
N SER F 46 -38.56 14.80 27.03
CA SER F 46 -39.99 14.75 26.82
C SER F 46 -40.75 14.51 28.13
N ASP F 47 -40.22 13.66 28.99
CA ASP F 47 -40.86 13.42 30.28
C ASP F 47 -40.89 14.68 31.13
N GLU F 48 -39.78 15.43 31.15
CA GLU F 48 -39.71 16.64 31.95
C GLU F 48 -40.57 17.75 31.35
N SER F 49 -40.60 17.85 30.03
CA SER F 49 -41.32 18.93 29.35
C SER F 49 -42.78 18.62 29.09
N ASN F 50 -43.24 17.40 29.40
CA ASN F 50 -44.63 16.99 29.25
C ASN F 50 -45.11 17.07 27.81
N SER F 51 -44.20 17.00 26.84
CA SER F 51 -44.57 17.15 25.44
C SER F 51 -43.57 16.39 24.59
N ASP F 52 -43.98 16.10 23.35
CA ASP F 52 -43.17 15.34 22.42
C ASP F 52 -42.32 16.22 21.51
N VAL F 53 -42.33 17.54 21.74
CA VAL F 53 -41.54 18.44 20.88
C VAL F 53 -40.05 18.13 20.94
N PRO F 54 -39.42 17.90 22.10
CA PRO F 54 -38.00 17.55 22.08
C PRO F 54 -37.68 16.31 21.25
N PHE F 55 -38.54 15.29 21.29
CA PHE F 55 -38.30 14.11 20.48
C PHE F 55 -38.45 14.42 19.00
N VAL F 56 -39.44 15.25 18.64
CA VAL F 56 -39.68 15.57 17.24
C VAL F 56 -38.48 16.32 16.66
N GLN F 57 -37.91 17.24 17.43
CA GLN F 57 -36.72 17.95 16.97
C GLN F 57 -35.55 16.99 16.76
N ALA F 58 -35.36 16.06 17.69
CA ALA F 58 -34.24 15.12 17.60
C ALA F 58 -34.39 14.20 16.39
N TYR F 59 -35.61 13.71 16.14
CA TYR F 59 -35.83 12.81 15.02
C TYR F 59 -35.75 13.55 13.69
N SER F 60 -36.20 14.81 13.66
CA SER F 60 -36.15 15.56 12.41
C SER F 60 -34.71 15.77 11.95
N LYS F 61 -33.80 16.03 12.90
CA LYS F 61 -32.39 16.18 12.53
C LYS F 61 -31.78 14.85 12.11
N PHE F 62 -32.20 13.76 12.73
CA PHE F 62 -31.65 12.45 12.41
C PHE F 62 -32.19 11.89 11.10
N ALA F 63 -33.40 12.24 10.72
CA ALA F 63 -34.06 11.61 9.58
C ALA F 63 -34.45 12.57 8.47
N ASP F 64 -34.24 13.87 8.64
CA ASP F 64 -34.55 14.89 7.65
C ASP F 64 -36.06 15.00 7.37
N ASP F 65 -36.86 14.20 8.07
CA ASP F 65 -38.30 14.21 7.92
C ASP F 65 -38.95 14.27 9.29
N ASN F 66 -40.09 14.94 9.37
CA ASN F 66 -40.80 15.01 10.63
C ASN F 66 -41.50 13.69 10.93
N PRO F 67 -41.61 13.32 12.21
CA PRO F 67 -42.29 12.07 12.55
C PRO F 67 -43.77 12.12 12.22
N ARG F 68 -44.31 10.96 11.90
CA ARG F 68 -45.72 10.80 11.57
C ARG F 68 -46.35 9.79 12.52
N HIS F 69 -47.67 9.90 12.69
CA HIS F 69 -48.39 8.97 13.54
C HIS F 69 -48.87 7.73 12.80
N LEU F 70 -49.09 7.83 11.49
CA LEU F 70 -49.50 6.69 10.69
C LEU F 70 -48.32 5.89 10.16
N ARG F 71 -47.10 6.36 10.36
CA ARG F 71 -45.89 5.69 9.90
C ARG F 71 -45.07 5.23 11.10
N VAL F 72 -44.46 4.06 10.97
CA VAL F 72 -43.52 3.57 11.98
C VAL F 72 -42.21 4.30 11.80
N LYS F 73 -41.73 4.92 12.88
CA LYS F 73 -40.49 5.68 12.82
C LYS F 73 -39.31 4.75 12.53
N THR F 74 -38.60 5.03 11.44
CA THR F 74 -37.48 4.19 11.02
C THR F 74 -36.13 4.87 11.09
N GLY F 75 -36.08 6.20 10.96
CA GLY F 75 -34.83 6.93 10.92
C GLY F 75 -34.46 7.48 9.57
N GLY F 76 -35.13 7.04 8.51
CA GLY F 76 -34.94 7.67 7.21
C GLY F 76 -33.63 7.26 6.57
N LYS F 77 -32.98 8.24 5.95
CA LYS F 77 -31.78 7.96 5.16
C LYS F 77 -30.60 7.55 6.04
N MET F 78 -30.42 8.21 7.19
CA MET F 78 -29.28 7.88 8.03
C MET F 78 -29.41 6.49 8.64
N ALA F 79 -30.63 6.07 8.98
CA ALA F 79 -30.82 4.72 9.48
C ALA F 79 -30.50 3.70 8.40
N ASN F 80 -30.95 3.96 7.16
CA ASN F 80 -30.64 3.07 6.05
C ASN F 80 -29.15 3.07 5.75
N ALA F 81 -28.51 4.23 5.78
CA ALA F 81 -27.09 4.32 5.51
C ALA F 81 -26.28 3.61 6.59
N LEU F 82 -26.65 3.80 7.86
CA LEU F 82 -25.91 3.18 8.95
C LEU F 82 -26.01 1.66 8.89
N THR F 83 -27.21 1.14 8.57
CA THR F 83 -27.40 -0.30 8.51
C THR F 83 -26.56 -0.92 7.39
N ASN F 84 -26.57 -0.32 6.21
CA ASN F 84 -25.84 -0.89 5.08
C ASN F 84 -24.34 -0.78 5.28
N VAL F 85 -23.88 0.31 5.91
CA VAL F 85 -22.46 0.50 6.14
C VAL F 85 -21.92 -0.54 7.12
N ILE F 86 -22.72 -0.90 8.12
CA ILE F 86 -22.31 -1.91 9.10
C ILE F 86 -22.10 -3.25 8.40
N ARG F 87 -22.98 -3.58 7.45
CA ARG F 87 -22.87 -4.83 6.72
C ARG F 87 -21.55 -4.93 5.98
N SER F 88 -21.14 -3.82 5.34
CA SER F 88 -19.91 -3.84 4.56
C SER F 88 -18.68 -4.05 5.44
N TYR F 89 -18.72 -3.54 6.67
CA TYR F 89 -17.56 -3.64 7.55
C TYR F 89 -17.26 -5.08 7.93
N TYR F 90 -18.29 -5.89 8.11
CA TYR F 90 -18.09 -7.23 8.66
C TYR F 90 -17.36 -8.14 7.68
N SER F 91 -17.71 -8.07 6.40
CA SER F 91 -17.15 -8.98 5.41
C SER F 91 -16.79 -8.22 4.15
N ILE F 92 -15.76 -8.72 3.45
CA ILE F 92 -15.39 -8.17 2.16
C ILE F 92 -16.36 -8.62 1.06
N ASN F 93 -17.17 -9.64 1.33
CA ASN F 93 -18.16 -10.10 0.37
C ASN F 93 -19.43 -9.25 0.40
N ALA F 94 -19.62 -8.44 1.43
CA ALA F 94 -20.81 -7.61 1.50
C ALA F 94 -20.69 -6.45 0.52
N PRO F 95 -21.78 -6.10 -0.17
CA PRO F 95 -21.72 -4.98 -1.12
C PRO F 95 -21.54 -3.64 -0.43
N ALA F 96 -20.94 -2.71 -1.16
CA ALA F 96 -20.85 -1.32 -0.74
C ALA F 96 -21.90 -0.55 -1.53
N ILE F 97 -23.09 -0.43 -0.93
CA ILE F 97 -24.26 0.08 -1.63
C ILE F 97 -24.37 1.58 -1.43
N VAL F 98 -24.02 2.06 -0.24
CA VAL F 98 -24.20 3.48 0.08
C VAL F 98 -23.27 4.32 -0.79
N PRO F 99 -23.80 5.29 -1.52
CA PRO F 99 -22.94 6.16 -2.34
C PRO F 99 -22.12 7.10 -1.47
N GLN F 100 -21.03 7.60 -2.05
CA GLN F 100 -20.20 8.57 -1.36
C GLN F 100 -20.95 9.88 -1.14
N VAL F 101 -21.71 10.34 -2.14
CA VAL F 101 -22.40 11.61 -2.05
C VAL F 101 -23.37 11.60 -0.87
N GLU F 102 -24.10 10.50 -0.69
CA GLU F 102 -25.00 10.39 0.46
C GLU F 102 -24.24 10.44 1.77
N ILE F 103 -23.04 9.83 1.81
CA ILE F 103 -22.24 9.86 3.02
C ILE F 103 -21.79 11.28 3.35
N ASP F 104 -21.35 12.03 2.34
CA ASP F 104 -20.89 13.39 2.60
C ASP F 104 -22.03 14.28 3.07
N ARG F 105 -23.23 14.12 2.50
CA ARG F 105 -24.37 14.93 2.92
C ARG F 105 -24.74 14.65 4.37
N LEU F 106 -24.72 13.38 4.77
CA LEU F 106 -25.05 13.05 6.15
C LEU F 106 -23.93 13.43 7.11
N ALA F 107 -22.69 13.45 6.63
CA ALA F 107 -21.57 13.83 7.48
C ALA F 107 -21.54 15.32 7.76
N SER F 108 -22.27 16.13 7.01
CA SER F 108 -22.30 17.57 7.22
C SER F 108 -23.38 18.02 8.20
N LYS F 109 -24.11 17.08 8.81
CA LYS F 109 -25.19 17.44 9.70
C LYS F 109 -24.67 18.03 11.00
N ALA F 110 -23.58 17.49 11.53
CA ALA F 110 -22.97 17.98 12.75
C ALA F 110 -21.46 18.07 12.58
N THR F 111 -20.84 18.92 13.38
CA THR F 111 -19.40 19.15 13.30
C THR F 111 -18.67 18.17 14.21
N VAL F 112 -17.93 17.24 13.60
CA VAL F 112 -17.15 16.25 14.33
C VAL F 112 -15.84 16.02 13.59
N SER F 113 -14.91 15.39 14.28
CA SER F 113 -13.66 14.91 13.68
C SER F 113 -13.62 13.40 13.82
N GLY F 114 -13.41 12.70 12.70
CA GLY F 114 -13.44 11.25 12.71
C GLY F 114 -12.15 10.62 13.17
N ASP F 115 -11.46 11.26 14.10
CA ASP F 115 -10.21 10.74 14.62
C ASP F 115 -10.51 9.53 15.50
N MET F 116 -10.06 8.35 15.07
CA MET F 116 -10.25 7.11 15.81
C MET F 116 -9.01 6.68 16.57
N TYR F 117 -8.08 7.61 16.83
CA TYR F 117 -6.83 7.29 17.49
C TYR F 117 -6.51 8.28 18.61
N ASN F 118 -7.53 8.82 19.27
CA ASN F 118 -7.34 9.80 20.34
C ASN F 118 -7.65 9.23 21.71
N SER F 119 -7.78 7.92 21.84
CA SER F 119 -8.03 7.29 23.13
C SER F 119 -7.70 5.81 23.00
N TYR F 120 -7.93 5.06 24.06
CA TYR F 120 -7.70 3.63 24.06
C TYR F 120 -8.79 2.91 24.83
N ALA F 121 -8.80 1.58 24.71
CA ALA F 121 -9.73 0.75 25.44
C ALA F 121 -9.04 -0.56 25.81
N ILE F 122 -9.58 -1.24 26.81
CA ILE F 122 -9.04 -2.50 27.29
C ILE F 122 -9.95 -3.62 26.84
N PHE F 123 -9.38 -4.61 26.18
CA PHE F 123 -10.12 -5.74 25.65
C PHE F 123 -9.64 -7.02 26.33
N ASN F 124 -10.58 -7.78 26.87
CA ASN F 124 -10.29 -8.82 27.86
C ASN F 124 -10.25 -10.23 27.28
N SER F 125 -10.29 -10.39 25.96
CA SER F 125 -10.24 -11.72 25.38
C SER F 125 -8.83 -12.27 25.50
N VAL F 126 -8.70 -13.45 26.11
CA VAL F 126 -7.39 -14.05 26.38
C VAL F 126 -6.99 -14.89 25.17
N PRO F 127 -5.92 -14.55 24.47
CA PRO F 127 -5.51 -15.34 23.30
C PRO F 127 -4.59 -16.50 23.65
N ILE F 128 -5.02 -17.71 23.37
CA ILE F 128 -4.15 -18.88 23.51
C ILE F 128 -3.89 -19.45 22.12
N VAL F 129 -2.79 -19.04 21.51
CA VAL F 129 -2.50 -19.45 20.14
C VAL F 129 -2.26 -20.95 20.07
N GLU F 130 -1.48 -21.50 21.00
CA GLU F 130 -1.23 -22.93 21.01
C GLU F 130 -0.84 -23.37 22.41
N VAL F 131 -1.16 -24.62 22.73
CA VAL F 131 -0.72 -25.29 23.93
C VAL F 131 -0.21 -26.66 23.53
N LEU F 132 1.10 -26.88 23.67
CA LEU F 132 1.74 -28.12 23.23
C LEU F 132 1.97 -29.02 24.43
N SER F 133 1.44 -30.24 24.36
CA SER F 133 1.53 -31.20 25.44
C SER F 133 2.05 -32.52 24.89
N PRO F 134 2.76 -33.30 25.70
CA PRO F 134 3.30 -34.58 25.24
C PRO F 134 2.22 -35.66 25.34
N ALA F 135 2.64 -36.90 25.05
CA ALA F 135 1.72 -38.01 25.09
C ALA F 135 1.28 -38.31 26.52
N ARG F 136 0.17 -39.02 26.63
CA ARG F 136 -0.43 -39.37 27.93
C ARG F 136 -0.77 -38.13 28.73
N THR F 137 -1.17 -37.05 28.05
CA THR F 137 -1.55 -35.81 28.70
C THR F 137 -2.72 -35.21 27.95
N THR F 138 -3.78 -34.87 28.68
CA THR F 138 -4.99 -34.29 28.11
C THR F 138 -5.08 -32.82 28.47
N VAL F 139 -5.30 -31.99 27.46
CA VAL F 139 -5.41 -30.55 27.64
C VAL F 139 -6.70 -30.07 26.96
N SER F 140 -7.53 -29.35 27.71
CA SER F 140 -8.77 -28.82 27.18
C SER F 140 -8.86 -27.34 27.51
N ILE F 141 -9.14 -26.52 26.50
CA ILE F 141 -9.25 -25.08 26.65
C ILE F 141 -10.71 -24.69 26.53
N VAL F 142 -11.27 -24.11 27.59
CA VAL F 142 -12.66 -23.67 27.62
C VAL F 142 -12.70 -22.21 28.02
N GLY F 143 -13.44 -21.41 27.27
CA GLY F 143 -13.68 -20.03 27.63
C GLY F 143 -12.93 -19.07 26.73
N SER F 144 -13.44 -17.83 26.69
CA SER F 144 -12.87 -16.76 25.87
C SER F 144 -12.50 -15.53 26.67
N ASP F 145 -13.31 -15.15 27.66
CA ASP F 145 -12.96 -14.02 28.51
C ASP F 145 -12.12 -14.46 29.70
N ARG F 146 -12.46 -15.58 30.30
CA ARG F 146 -11.62 -16.27 31.27
C ARG F 146 -11.43 -17.70 30.79
N ALA F 147 -10.23 -17.99 30.29
CA ALA F 147 -9.94 -19.29 29.69
C ALA F 147 -9.49 -20.24 30.79
N ASP F 148 -10.17 -21.38 30.91
CA ASP F 148 -9.82 -22.41 31.86
C ASP F 148 -9.18 -23.57 31.09
N VAL F 149 -7.96 -23.92 31.47
CA VAL F 149 -7.20 -24.99 30.83
C VAL F 149 -7.13 -26.16 31.81
N THR F 150 -7.74 -27.28 31.44
CA THR F 150 -7.75 -28.48 32.27
C THR F 150 -6.66 -29.42 31.79
N MET F 151 -5.79 -29.84 32.72
CA MET F 151 -4.60 -30.60 32.41
C MET F 151 -4.57 -31.86 33.25
N LEU F 152 -4.39 -33.01 32.60
CA LEU F 152 -4.33 -34.30 33.29
C LEU F 152 -3.10 -35.05 32.81
N ASN F 153 -2.31 -35.55 33.76
CA ASN F 153 -1.10 -36.32 33.46
C ASN F 153 -1.32 -37.75 33.92
N THR F 154 -1.63 -38.64 32.97
CA THR F 154 -1.80 -40.05 33.25
C THR F 154 -0.49 -40.83 33.12
N GLY F 155 0.61 -40.15 32.78
CA GLY F 155 1.88 -40.81 32.59
C GLY F 155 2.57 -41.13 33.89
N ALA F 156 3.75 -41.74 33.76
CA ALA F 156 4.52 -42.16 34.94
C ALA F 156 5.16 -40.97 35.63
N GLY F 157 5.74 -40.04 34.87
CA GLY F 157 6.46 -38.93 35.44
C GLY F 157 5.85 -37.58 35.10
N ALA F 158 6.50 -36.53 35.59
CA ALA F 158 6.05 -35.17 35.35
C ALA F 158 6.23 -34.79 33.88
N ALA F 159 5.31 -33.98 33.38
CA ALA F 159 5.32 -33.55 31.99
C ALA F 159 5.52 -32.04 31.89
N ASN F 160 6.06 -31.61 30.75
CA ASN F 160 6.30 -30.21 30.47
C ASN F 160 5.35 -29.77 29.36
N ILE F 161 4.52 -28.76 29.63
CA ILE F 161 3.53 -28.27 28.71
C ILE F 161 3.86 -26.83 28.36
N THR F 162 3.83 -26.51 27.06
CA THR F 162 4.23 -25.22 26.55
C THR F 162 3.01 -24.37 26.24
N PHE F 163 3.05 -23.10 26.65
CA PHE F 163 2.00 -22.14 26.39
C PHE F 163 2.50 -21.08 25.42
N ASN F 164 1.62 -20.64 24.52
CA ASN F 164 1.94 -19.56 23.58
C ASN F 164 0.76 -18.60 23.57
N PHE F 165 0.97 -17.41 24.13
CA PHE F 165 -0.10 -16.42 24.27
C PHE F 165 -0.05 -15.36 23.20
N GLY F 166 0.72 -15.56 22.15
CA GLY F 166 0.82 -14.59 21.09
C GLY F 166 1.81 -13.49 21.43
N GLN F 167 1.81 -12.48 20.56
CA GLN F 167 2.73 -11.36 20.69
C GLN F 167 1.99 -10.02 20.82
N ILE F 168 0.69 -10.05 21.04
CA ILE F 168 -0.16 -8.88 21.00
C ILE F 168 -0.63 -8.47 22.39
N ALA F 169 -1.09 -9.44 23.18
CA ALA F 169 -1.61 -9.14 24.51
C ALA F 169 -0.54 -8.51 25.38
N GLU F 170 -0.95 -7.55 26.21
CA GLU F 170 0.01 -6.80 27.02
C GLU F 170 0.36 -7.53 28.31
N THR F 171 -0.64 -8.08 29.00
CA THR F 171 -0.40 -8.82 30.22
C THR F 171 -1.33 -10.01 30.28
N VAL F 172 -0.88 -11.08 30.95
CA VAL F 172 -1.68 -12.27 31.21
C VAL F 172 -1.43 -12.69 32.64
N ILE F 173 -2.50 -12.94 33.38
CA ILE F 173 -2.43 -13.38 34.77
C ILE F 173 -2.99 -14.79 34.86
N LEU F 174 -2.20 -15.71 35.40
CA LEU F 174 -2.57 -17.11 35.51
C LEU F 174 -2.81 -17.46 36.97
N LYS F 175 -3.96 -18.06 37.25
CA LYS F 175 -4.32 -18.49 38.59
C LYS F 175 -4.68 -19.96 38.52
N GLY F 176 -4.00 -20.79 39.30
CA GLY F 176 -4.20 -22.22 39.27
C GLY F 176 -5.05 -22.72 40.43
N SER F 177 -5.70 -23.86 40.21
CA SER F 177 -6.48 -24.49 41.27
C SER F 177 -5.58 -24.89 42.44
N VAL F 178 -4.40 -25.41 42.13
CA VAL F 178 -3.38 -25.72 43.14
C VAL F 178 -2.08 -25.08 42.70
N PRO F 179 -1.19 -24.78 43.64
CA PRO F 179 0.08 -24.15 43.27
C PRO F 179 0.85 -24.98 42.26
N PHE F 180 1.44 -24.31 41.28
CA PHE F 180 2.14 -24.96 40.18
C PHE F 180 3.40 -24.17 39.85
N GLN F 181 4.22 -24.75 38.99
CA GLN F 181 5.50 -24.18 38.60
C GLN F 181 5.44 -23.76 37.14
N LEU F 182 5.86 -22.53 36.86
CA LEU F 182 5.90 -22.01 35.51
C LEU F 182 7.16 -21.18 35.33
N ALA F 183 7.81 -21.33 34.17
CA ALA F 183 9.00 -20.54 33.87
C ALA F 183 9.10 -20.40 32.37
N ARG F 184 9.86 -19.38 31.95
CA ARG F 184 10.13 -19.18 30.54
C ARG F 184 11.07 -20.27 30.03
N LEU F 185 11.24 -20.30 28.71
CA LEU F 185 12.14 -21.28 28.11
C LEU F 185 13.57 -21.02 28.55
N ASN F 186 14.29 -22.10 28.84
CA ASN F 186 15.69 -22.05 29.26
C ASN F 186 15.88 -21.26 30.56
N GLN F 187 14.90 -21.32 31.45
CA GLN F 187 14.97 -20.69 32.77
C GLN F 187 14.68 -21.71 33.85
N PRO F 188 15.22 -21.53 35.05
CA PRO F 188 14.93 -22.46 36.14
C PRO F 188 13.54 -22.23 36.72
N MET F 189 13.01 -23.27 37.35
CA MET F 189 11.65 -23.15 37.85
C MET F 189 11.64 -22.64 39.28
N PRO F 190 10.69 -21.77 39.63
CA PRO F 190 10.61 -21.27 41.00
C PRO F 190 9.76 -22.18 41.88
N ALA F 191 9.57 -21.78 43.13
CA ALA F 191 8.68 -22.52 44.01
C ALA F 191 7.23 -22.41 43.54
N ALA F 192 6.44 -23.41 43.85
CA ALA F 192 5.05 -23.44 43.42
C ALA F 192 4.29 -22.24 43.98
N ARG F 193 3.59 -21.53 43.11
CA ARG F 193 2.83 -20.35 43.47
C ARG F 193 1.44 -20.43 42.84
N PHE F 194 0.49 -19.73 43.44
CA PHE F 194 -0.87 -19.71 42.91
C PHE F 194 -0.97 -18.85 41.66
N THR F 195 -0.33 -17.68 41.66
CA THR F 195 -0.56 -16.66 40.65
C THR F 195 0.73 -16.28 39.96
N TYR F 196 0.68 -16.14 38.63
CA TYR F 196 1.80 -15.65 37.84
C TYR F 196 1.33 -14.50 36.96
N LYS F 197 2.10 -13.43 36.91
CA LYS F 197 1.87 -12.34 35.98
C LYS F 197 3.01 -12.34 34.96
N LEU F 198 2.66 -12.31 33.68
CA LEU F 198 3.65 -12.50 32.64
C LEU F 198 3.29 -11.68 31.41
N ARG F 199 4.31 -11.33 30.64
CA ARG F 199 4.14 -10.63 29.37
C ARG F 199 4.26 -11.63 28.23
N PRO F 200 3.24 -11.75 27.36
CA PRO F 200 3.33 -12.73 26.27
C PRO F 200 4.51 -12.51 25.35
N LEU F 201 4.99 -11.27 25.21
CA LEU F 201 6.13 -10.98 24.37
C LEU F 201 7.40 -11.64 24.87
N ASP F 202 7.44 -12.05 26.13
CA ASP F 202 8.67 -12.62 26.70
C ASP F 202 9.07 -13.91 26.00
N GLY F 203 8.10 -14.79 25.76
CA GLY F 203 8.35 -16.03 25.06
C GLY F 203 7.45 -17.14 25.52
N PRO F 204 7.55 -18.31 24.87
CA PRO F 204 6.74 -19.45 25.29
C PRO F 204 7.06 -19.86 26.73
N PHE F 205 6.04 -20.28 27.45
CA PHE F 205 6.13 -20.58 28.87
C PHE F 205 5.95 -22.07 29.10
N ILE F 206 6.78 -22.63 29.98
CA ILE F 206 6.74 -24.05 30.32
C ILE F 206 6.13 -24.19 31.71
N VAL F 207 5.11 -25.04 31.83
CA VAL F 207 4.46 -25.33 33.08
C VAL F 207 4.64 -26.80 33.40
N VAL F 208 5.05 -27.10 34.63
CA VAL F 208 5.32 -28.47 35.04
C VAL F 208 4.03 -29.09 35.57
N LEU F 209 3.65 -30.22 34.99
CA LEU F 209 2.42 -30.91 35.37
C LEU F 209 2.75 -32.16 36.16
N PRO F 210 2.53 -32.18 37.47
CA PRO F 210 2.75 -33.39 38.24
C PRO F 210 1.67 -34.43 37.99
N VAL F 211 2.03 -35.68 38.24
CA VAL F 211 1.11 -36.80 38.04
C VAL F 211 0.18 -36.89 39.26
N GLY F 212 -1.11 -36.95 38.99
CA GLY F 212 -2.09 -37.04 40.05
C GLY F 212 -3.40 -36.39 39.61
N ASN F 213 -3.96 -35.58 40.51
CA ASN F 213 -5.22 -34.92 40.24
C ASN F 213 -5.03 -33.86 39.15
N PRO F 214 -6.09 -33.54 38.41
CA PRO F 214 -5.96 -32.55 37.33
C PRO F 214 -5.62 -31.17 37.85
N LEU F 215 -4.89 -30.43 37.03
CA LEU F 215 -4.51 -29.05 37.32
C LEU F 215 -5.25 -28.14 36.34
N VAL F 216 -5.97 -27.15 36.86
CA VAL F 216 -6.72 -26.21 36.06
C VAL F 216 -6.13 -24.82 36.25
N ILE F 217 -5.85 -24.15 35.14
CA ILE F 217 -5.27 -22.81 35.15
C ILE F 217 -6.27 -21.85 34.51
N SER F 218 -6.53 -20.74 35.18
CA SER F 218 -7.41 -19.70 34.65
C SER F 218 -6.58 -18.53 34.15
N ALA F 219 -6.84 -18.11 32.92
CA ALA F 219 -6.07 -17.08 32.25
C ALA F 219 -6.94 -15.85 32.03
N THR F 220 -6.42 -14.68 32.45
CA THR F 220 -7.04 -13.41 32.19
C THR F 220 -6.01 -12.49 31.53
N ALA F 221 -6.40 -11.85 30.44
CA ALA F 221 -5.49 -11.01 29.66
C ALA F 221 -6.10 -9.63 29.45
N ALA F 222 -5.21 -8.65 29.23
CA ALA F 222 -5.60 -7.28 28.96
C ALA F 222 -4.84 -6.78 27.73
N THR F 223 -5.57 -6.23 26.77
CA THR F 223 -4.99 -5.68 25.56
C THR F 223 -5.49 -4.26 25.36
N ARG F 224 -4.60 -3.39 24.90
CA ARG F 224 -4.92 -1.99 24.68
C ARG F 224 -5.03 -1.73 23.17
N ILE F 225 -6.18 -1.23 22.75
CA ILE F 225 -6.43 -0.91 21.35
C ILE F 225 -6.91 0.53 21.27
N GLN F 226 -6.39 1.28 20.31
CA GLN F 226 -6.70 2.69 20.18
C GLN F 226 -8.10 2.88 19.60
N VAL F 227 -8.92 3.67 20.29
CA VAL F 227 -10.32 3.88 19.91
C VAL F 227 -10.64 5.36 20.04
N PRO F 228 -11.70 5.82 19.37
CA PRO F 228 -12.09 7.22 19.51
C PRO F 228 -12.61 7.51 20.91
N LEU F 229 -12.57 8.79 21.27
CA LEU F 229 -12.96 9.23 22.60
C LEU F 229 -14.43 8.97 22.89
N ALA F 230 -15.26 8.81 21.87
CA ALA F 230 -16.68 8.55 22.07
C ALA F 230 -16.98 7.07 22.26
N PHE F 231 -15.96 6.23 22.29
CA PHE F 231 -16.15 4.79 22.43
C PHE F 231 -16.72 4.46 23.81
N ASN F 232 -17.68 3.55 23.83
CA ASN F 232 -18.28 3.05 25.07
C ASN F 232 -18.48 1.56 24.92
N LYS F 233 -17.76 0.77 25.72
CA LYS F 233 -17.75 -0.68 25.54
C LYS F 233 -19.13 -1.27 25.77
N ALA F 234 -19.87 -0.77 26.76
CA ALA F 234 -21.19 -1.32 27.07
C ALA F 234 -22.14 -1.14 25.91
N LEU F 235 -22.12 0.03 25.26
CA LEU F 235 -23.01 0.26 24.12
C LEU F 235 -22.57 -0.54 22.91
N VAL F 236 -21.26 -0.67 22.70
CA VAL F 236 -20.77 -1.44 21.56
C VAL F 236 -21.16 -2.91 21.70
N GLU F 237 -21.04 -3.47 22.91
CA GLU F 237 -21.38 -4.86 23.11
C GLU F 237 -22.86 -5.13 22.86
N SER F 238 -23.72 -4.22 23.32
CA SER F 238 -25.16 -4.37 23.06
C SER F 238 -25.45 -4.22 21.57
N GLY F 239 -24.74 -3.33 20.88
CA GLY F 239 -24.94 -3.17 19.46
C GLY F 239 -24.53 -4.41 18.67
N PHE F 240 -23.50 -5.11 19.14
CA PHE F 240 -23.06 -6.33 18.47
C PHE F 240 -24.16 -7.39 18.52
N GLN F 241 -24.80 -7.54 19.68
CA GLN F 241 -25.85 -8.55 19.81
C GLN F 241 -27.09 -8.15 19.02
N THR F 242 -27.43 -6.87 19.01
CA THR F 242 -28.59 -6.41 18.26
C THR F 242 -28.40 -6.64 16.76
N ALA F 243 -27.21 -6.30 16.25
CA ALA F 243 -26.96 -6.47 14.82
C ALA F 243 -26.97 -7.94 14.41
N MET F 244 -26.42 -8.81 15.26
CA MET F 244 -26.43 -10.24 14.94
C MET F 244 -27.85 -10.80 14.91
N ASN F 245 -28.69 -10.35 15.85
CA ASN F 245 -30.09 -10.78 15.85
C ASN F 245 -30.82 -10.30 14.61
N ASP F 246 -30.58 -9.05 14.20
CA ASP F 246 -31.26 -8.49 13.04
C ASP F 246 -30.76 -9.06 11.72
N GLY F 247 -29.71 -9.87 11.74
CA GLY F 247 -29.21 -10.49 10.53
C GLY F 247 -28.28 -9.64 9.70
N LEU F 248 -27.74 -8.56 10.27
CA LEU F 248 -26.80 -7.72 9.53
C LEU F 248 -25.49 -8.45 9.24
N PHE F 249 -25.17 -9.47 10.03
CA PHE F 249 -23.96 -10.26 9.82
C PHE F 249 -24.23 -11.54 9.04
N ASP F 250 -25.46 -11.76 8.60
CA ASP F 250 -25.84 -12.99 7.91
C ASP F 250 -25.35 -12.89 6.46
N ILE F 251 -24.18 -13.47 6.20
CA ILE F 251 -23.58 -13.46 4.87
C ILE F 251 -22.68 -14.68 4.76
N GLN F 252 -22.55 -15.21 3.55
CA GLN F 252 -21.86 -16.48 3.38
C GLN F 252 -20.36 -16.33 3.58
N ASN F 253 -19.74 -17.41 4.09
CA ASN F 253 -18.29 -17.54 4.21
C ASN F 253 -17.70 -16.56 5.23
N VAL F 254 -18.35 -16.46 6.39
CA VAL F 254 -17.85 -15.65 7.49
C VAL F 254 -17.99 -16.43 8.79
N ASN F 255 -17.27 -15.95 9.81
CA ASN F 255 -17.26 -16.55 11.13
C ASN F 255 -18.13 -15.74 12.08
N TYR F 256 -18.58 -16.40 13.14
CA TYR F 256 -19.49 -15.79 14.10
C TYR F 256 -18.88 -15.84 15.49
N TYR F 257 -18.92 -14.72 16.19
CA TYR F 257 -18.28 -14.56 17.48
C TYR F 257 -19.31 -14.21 18.54
N SER F 258 -19.02 -14.58 19.79
CA SER F 258 -19.97 -14.36 20.86
C SER F 258 -20.06 -12.89 21.24
N SER F 259 -18.95 -12.17 21.18
CA SER F 259 -18.91 -10.77 21.59
C SER F 259 -17.96 -9.99 20.69
N PHE F 260 -18.09 -8.67 20.73
CA PHE F 260 -17.17 -7.80 20.02
C PHE F 260 -15.75 -7.91 20.55
N ASP F 261 -15.60 -8.30 21.82
CA ASP F 261 -14.29 -8.52 22.40
C ASP F 261 -13.55 -9.62 21.66
N GLU F 262 -14.25 -10.71 21.35
CA GLU F 262 -13.62 -11.82 20.64
C GLU F 262 -13.36 -11.47 19.19
N PHE F 263 -14.25 -10.69 18.58
CA PHE F 263 -14.12 -10.37 17.16
C PHE F 263 -12.86 -9.56 16.90
N ILE F 264 -12.61 -8.53 17.71
CA ILE F 264 -11.49 -7.63 17.44
C ILE F 264 -10.16 -8.31 17.77
N ILE F 265 -10.12 -9.11 18.83
CA ILE F 265 -8.88 -9.78 19.20
C ILE F 265 -8.54 -10.87 18.19
N SER F 266 -9.56 -11.60 17.71
CA SER F 266 -9.32 -12.62 16.70
C SER F 266 -8.78 -12.01 15.42
N GLN F 267 -9.32 -10.86 15.01
CA GLN F 267 -8.81 -10.19 13.81
C GLN F 267 -7.41 -9.65 14.03
N TYR F 268 -7.10 -9.22 15.26
CA TYR F 268 -5.79 -8.67 15.55
C TYR F 268 -4.70 -9.75 15.50
N HIS F 269 -5.07 -11.01 15.72
CA HIS F 269 -4.12 -12.11 15.68
C HIS F 269 -4.08 -12.81 14.33
N ALA F 270 -4.55 -12.16 13.28
CA ALA F 270 -4.53 -12.74 11.95
C ALA F 270 -3.12 -12.63 11.37
N GLN F 271 -2.96 -12.96 10.09
CA GLN F 271 -1.65 -12.87 9.46
C GLN F 271 -1.13 -11.44 9.48
N ASP F 272 -1.97 -10.48 9.10
CA ASP F 272 -1.68 -9.06 9.23
C ASP F 272 -2.85 -8.44 9.98
N GLY F 273 -2.81 -8.53 11.32
CA GLY F 273 -3.93 -8.08 12.13
C GLY F 273 -4.02 -6.59 12.31
N ILE F 274 -2.92 -5.88 12.07
CA ILE F 274 -2.94 -4.43 12.19
C ILE F 274 -3.86 -3.81 11.15
N ASN F 275 -3.91 -4.40 9.94
CA ASN F 275 -4.77 -3.86 8.88
C ASN F 275 -6.25 -3.90 9.27
N ARG F 276 -6.64 -4.89 10.06
CA ARG F 276 -8.05 -5.10 10.36
C ARG F 276 -8.48 -4.42 11.66
N VAL F 277 -7.55 -4.01 12.51
CA VAL F 277 -7.91 -3.37 13.77
C VAL F 277 -8.60 -2.03 13.52
N SER F 278 -8.09 -1.25 12.57
CA SER F 278 -8.68 0.05 12.30
C SER F 278 -10.12 -0.08 11.82
N THR F 279 -10.39 -1.04 10.93
CA THR F 279 -11.76 -1.24 10.46
C THR F 279 -12.67 -1.74 11.58
N CYS F 280 -12.17 -2.63 12.42
CA CYS F 280 -12.99 -3.18 13.50
C CYS F 280 -13.43 -2.10 14.48
N VAL F 281 -12.53 -1.15 14.78
CA VAL F 281 -12.87 -0.07 15.70
C VAL F 281 -13.95 0.82 15.11
N ILE F 282 -13.85 1.13 13.82
CA ILE F 282 -14.89 1.92 13.17
C ILE F 282 -16.22 1.18 13.17
N LEU F 283 -16.17 -0.14 13.04
CA LEU F 283 -17.38 -0.95 13.17
C LEU F 283 -17.94 -0.83 14.59
N GLY F 284 -17.07 -0.69 15.58
CA GLY F 284 -17.54 -0.56 16.95
C GLY F 284 -18.34 0.71 17.17
N LEU F 285 -17.85 1.83 16.63
CA LEU F 285 -18.57 3.09 16.76
C LEU F 285 -19.90 3.04 16.02
N ALA F 286 -19.91 2.40 14.84
CA ALA F 286 -21.16 2.24 14.10
C ALA F 286 -22.15 1.38 14.87
N LEU F 287 -21.66 0.34 15.54
CA LEU F 287 -22.54 -0.50 16.33
C LEU F 287 -23.07 0.25 17.55
N GLN F 288 -22.25 1.11 18.14
CA GLN F 288 -22.72 1.92 19.26
C GLN F 288 -23.83 2.87 18.83
N ALA F 289 -23.70 3.45 17.64
CA ALA F 289 -24.78 4.26 17.09
C ALA F 289 -26.02 3.43 16.81
N TYR F 290 -25.82 2.20 16.32
CA TYR F 290 -26.95 1.34 15.97
C TYR F 290 -27.77 0.97 17.20
N ASP F 291 -27.10 0.65 18.31
CA ASP F 291 -27.82 0.24 19.51
C ASP F 291 -28.69 1.37 20.05
N GLN F 292 -28.17 2.60 20.05
CA GLN F 292 -28.95 3.73 20.52
C GLN F 292 -30.11 4.02 19.58
N MET F 293 -29.86 3.97 18.27
CA MET F 293 -30.90 4.31 17.30
C MET F 293 -32.04 3.30 17.33
N ARG F 294 -31.72 2.01 17.41
CA ARG F 294 -32.76 0.99 17.36
C ARG F 294 -33.52 0.88 18.67
N ARG F 295 -32.89 1.18 19.79
CA ARG F 295 -33.61 1.15 21.06
C ARG F 295 -34.61 2.30 21.16
N ALA F 296 -34.28 3.45 20.57
CA ALA F 296 -35.22 4.56 20.53
C ALA F 296 -36.31 4.35 19.49
N LEU F 297 -35.96 3.71 18.37
CA LEU F 297 -36.89 3.47 17.27
C LEU F 297 -36.89 1.99 16.93
N PRO F 298 -37.59 1.17 17.72
CA PRO F 298 -37.66 -0.26 17.40
C PRO F 298 -38.44 -0.50 16.12
N VAL F 299 -38.09 -1.59 15.45
CA VAL F 299 -38.74 -1.95 14.19
C VAL F 299 -38.66 -3.46 13.98
N ALA G 2 -31.83 -43.36 28.60
CA ALA G 2 -31.65 -41.95 28.26
C ALA G 2 -31.48 -41.11 29.52
N ASN G 3 -30.61 -40.11 29.43
CA ASN G 3 -30.33 -39.21 30.54
C ASN G 3 -30.70 -37.78 30.14
N ARG G 4 -31.27 -37.04 31.07
CA ARG G 4 -31.72 -35.68 30.84
C ARG G 4 -30.98 -34.72 31.78
N ALA G 5 -30.44 -33.64 31.21
CA ALA G 5 -29.74 -32.63 31.97
C ALA G 5 -30.28 -31.26 31.58
N THR G 6 -30.62 -30.45 32.58
CA THR G 6 -31.19 -29.13 32.35
C THR G 6 -30.39 -28.09 33.12
N SER G 7 -30.51 -26.84 32.69
CA SER G 7 -29.89 -25.74 33.42
C SER G 7 -30.55 -25.58 34.78
N ALA G 8 -29.73 -25.25 35.79
CA ALA G 8 -30.25 -25.13 37.14
C ALA G 8 -31.26 -24.00 37.27
N PHE G 9 -30.98 -22.86 36.64
CA PHE G 9 -31.84 -21.69 36.81
C PHE G 9 -33.15 -21.81 36.06
N LEU G 10 -33.32 -22.82 35.21
CA LEU G 10 -34.56 -23.01 34.47
C LEU G 10 -35.56 -23.88 35.21
N ASP G 11 -35.24 -24.35 36.41
CA ASP G 11 -36.06 -25.34 37.11
C ASP G 11 -37.05 -24.64 38.03
N ASN G 12 -38.34 -24.91 37.84
CA ASN G 12 -39.43 -24.51 38.71
C ASN G 12 -39.44 -23.00 38.99
N PRO G 13 -39.81 -22.18 38.01
CA PRO G 13 -39.99 -20.75 38.31
C PRO G 13 -41.22 -20.53 39.20
N HIS G 14 -41.02 -19.84 40.31
CA HIS G 14 -42.12 -19.61 41.22
C HIS G 14 -43.08 -18.58 40.65
N PRO G 15 -44.36 -18.66 41.01
CA PRO G 15 -45.34 -17.70 40.51
C PRO G 15 -45.01 -16.28 40.93
N VAL G 16 -45.27 -15.34 40.03
CA VAL G 16 -44.96 -13.93 40.26
C VAL G 16 -46.22 -13.22 40.73
N GLY G 17 -46.03 -12.19 41.56
CA GLY G 17 -47.16 -11.48 42.12
C GLY G 17 -48.05 -10.86 41.06
N VAL G 18 -49.31 -10.64 41.43
CA VAL G 18 -50.35 -10.27 40.50
C VAL G 18 -50.90 -8.88 40.74
N ASN G 19 -50.45 -8.18 41.77
CA ASN G 19 -50.96 -6.85 42.09
C ASN G 19 -50.00 -5.77 41.59
N TYR G 20 -50.53 -4.55 41.52
CA TYR G 20 -49.75 -3.37 41.14
C TYR G 20 -49.19 -3.50 39.73
N VAL G 21 -50.01 -3.97 38.79
CA VAL G 21 -49.62 -4.11 37.40
C VAL G 21 -50.49 -3.32 36.45
N ASP G 22 -51.43 -2.53 36.97
CA ASP G 22 -52.35 -1.76 36.13
C ASP G 22 -51.67 -0.49 35.62
N GLU G 23 -52.42 0.33 34.88
CA GLU G 23 -51.83 1.53 34.30
C GLU G 23 -51.39 2.52 35.38
N GLY G 24 -52.20 2.68 36.43
CA GLY G 24 -51.83 3.63 37.48
C GLY G 24 -50.61 3.18 38.25
N SER G 25 -50.54 1.89 38.59
CA SER G 25 -49.37 1.38 39.31
C SER G 25 -48.12 1.43 38.44
N ARG G 26 -48.25 1.14 37.15
CA ARG G 26 -47.11 1.24 36.25
C ARG G 26 -46.60 2.67 36.18
N GLN G 27 -47.51 3.64 36.21
CA GLN G 27 -47.09 5.05 36.20
C GLN G 27 -46.31 5.39 37.45
N PHE G 28 -46.63 4.76 38.58
CA PHE G 28 -45.94 5.06 39.83
C PHE G 28 -44.49 4.61 39.78
N VAL G 29 -44.24 3.44 39.19
CA VAL G 29 -42.86 2.95 39.09
C VAL G 29 -42.04 3.86 38.20
N ALA G 30 -42.63 4.32 37.09
CA ALA G 30 -41.91 5.24 36.20
C ALA G 30 -41.60 6.55 36.91
N VAL G 31 -42.54 7.08 37.69
CA VAL G 31 -42.30 8.32 38.41
C VAL G 31 -41.24 8.11 39.48
N ALA G 32 -41.29 6.98 40.19
CA ALA G 32 -40.29 6.71 41.21
C ALA G 32 -38.89 6.60 40.60
N GLU G 33 -38.78 5.96 39.43
CA GLU G 33 -37.50 5.87 38.75
C GLU G 33 -37.01 7.25 38.33
N LEU G 34 -37.91 8.07 37.80
CA LEU G 34 -37.52 9.41 37.37
C LEU G 34 -37.09 10.28 38.55
N LEU G 35 -37.83 10.22 39.64
CA LEU G 35 -37.51 11.06 40.80
C LEU G 35 -36.22 10.58 41.48
N ALA G 36 -36.00 9.27 41.51
CA ALA G 36 -34.77 8.75 42.12
C ALA G 36 -33.54 9.14 41.31
N SER G 37 -33.66 9.14 39.98
CA SER G 37 -32.54 9.55 39.14
C SER G 37 -32.17 11.01 39.39
N LYS G 38 -33.17 11.87 39.57
CA LYS G 38 -32.90 13.26 39.90
C LYS G 38 -32.28 13.38 41.29
N LEU G 39 -32.56 12.42 42.17
CA LEU G 39 -32.01 12.46 43.52
C LEU G 39 -30.52 12.16 43.51
N ILE G 40 -30.11 11.11 42.79
CA ILE G 40 -28.69 10.75 42.78
C ILE G 40 -27.87 11.77 42.00
N ASP G 41 -28.45 12.34 40.95
CA ASP G 41 -27.74 13.39 40.21
C ASP G 41 -27.59 14.64 41.05
N SER G 42 -28.60 14.96 41.86
CA SER G 42 -28.50 16.11 42.75
C SER G 42 -27.47 15.87 43.84
N SER G 43 -27.39 14.64 44.36
CA SER G 43 -26.43 14.34 45.43
C SER G 43 -25.01 14.53 44.95
N ARG G 44 -24.72 14.13 43.71
CA ARG G 44 -23.38 14.30 43.16
C ARG G 44 -23.03 15.78 43.01
N GLU G 45 -23.99 16.59 42.55
CA GLU G 45 -23.72 18.01 42.38
C GLU G 45 -23.49 18.70 43.73
N SER G 46 -24.25 18.31 44.75
CA SER G 46 -24.06 18.88 46.07
C SER G 46 -22.68 18.54 46.62
N ASP G 47 -22.22 17.30 46.43
CA ASP G 47 -20.88 16.92 46.84
C ASP G 47 -19.83 17.71 46.06
N GLU G 48 -20.05 17.88 44.76
CA GLU G 48 -19.09 18.64 43.94
C GLU G 48 -19.04 20.10 44.37
N SER G 49 -20.19 20.70 44.67
CA SER G 49 -20.26 22.09 45.04
C SER G 49 -20.11 22.25 46.56
N ASN G 50 -20.26 23.48 47.03
CA ASN G 50 -20.15 23.79 48.45
C ASN G 50 -21.51 23.95 49.12
N SER G 51 -22.61 23.86 48.37
CA SER G 51 -23.93 24.09 48.90
C SER G 51 -24.83 22.90 48.58
N ASP G 52 -25.89 22.75 49.38
CA ASP G 52 -26.74 21.57 49.35
C ASP G 52 -28.13 21.83 48.80
N VAL G 53 -28.31 22.87 47.99
CA VAL G 53 -29.64 23.19 47.47
C VAL G 53 -30.20 22.08 46.59
N PRO G 54 -29.46 21.55 45.59
CA PRO G 54 -30.07 20.55 44.70
C PRO G 54 -30.55 19.31 45.44
N PHE G 55 -29.85 18.89 46.49
CA PHE G 55 -30.29 17.71 47.23
C PHE G 55 -31.53 18.01 48.05
N VAL G 56 -31.62 19.21 48.62
CA VAL G 56 -32.78 19.56 49.44
C VAL G 56 -34.05 19.54 48.60
N GLN G 57 -34.01 20.13 47.41
CA GLN G 57 -35.18 20.12 46.55
C GLN G 57 -35.49 18.71 46.06
N ALA G 58 -34.45 17.95 45.69
CA ALA G 58 -34.67 16.60 45.18
C ALA G 58 -35.28 15.70 46.25
N TYR G 59 -34.82 15.83 47.50
CA TYR G 59 -35.36 15.01 48.57
C TYR G 59 -36.75 15.47 48.96
N SER G 60 -37.02 16.77 48.92
CA SER G 60 -38.36 17.26 49.24
C SER G 60 -39.38 16.74 48.25
N LYS G 61 -39.05 16.75 46.96
CA LYS G 61 -39.95 16.20 45.96
C LYS G 61 -40.11 14.70 46.13
N PHE G 62 -39.02 14.01 46.45
CA PHE G 62 -39.07 12.55 46.56
C PHE G 62 -39.79 12.09 47.81
N ALA G 63 -39.56 12.77 48.94
CA ALA G 63 -40.04 12.30 50.23
C ALA G 63 -41.19 13.12 50.81
N ASP G 64 -41.58 14.21 50.17
CA ASP G 64 -42.67 15.07 50.64
C ASP G 64 -42.37 15.65 52.02
N ASP G 65 -41.09 15.80 52.36
CA ASP G 65 -40.69 16.50 53.57
C ASP G 65 -39.25 16.95 53.41
N ASN G 66 -38.87 17.92 54.23
CA ASN G 66 -37.54 18.51 54.10
C ASN G 66 -36.51 17.70 54.88
N PRO G 67 -35.27 17.64 54.39
CA PRO G 67 -34.23 16.92 55.12
C PRO G 67 -33.89 17.62 56.43
N ARG G 68 -33.45 16.82 57.40
CA ARG G 68 -33.06 17.32 58.71
C ARG G 68 -31.71 16.73 59.08
N HIS G 69 -30.92 17.52 59.81
CA HIS G 69 -29.59 17.08 60.18
C HIS G 69 -29.61 16.03 61.29
N LEU G 70 -30.68 15.98 62.06
CA LEU G 70 -30.76 15.04 63.17
C LEU G 70 -31.49 13.76 62.79
N ARG G 71 -32.68 13.88 62.20
CA ARG G 71 -33.40 12.70 61.75
C ARG G 71 -32.69 12.06 60.56
N VAL G 72 -32.91 10.77 60.40
CA VAL G 72 -32.30 10.01 59.32
C VAL G 72 -33.15 10.20 58.07
N LYS G 73 -32.50 10.07 56.91
CA LYS G 73 -33.16 10.28 55.62
C LYS G 73 -33.73 8.94 55.16
N THR G 74 -34.97 8.67 55.54
CA THR G 74 -35.60 7.40 55.22
C THR G 74 -36.02 7.32 53.76
N GLY G 75 -36.28 8.47 53.12
CA GLY G 75 -36.79 8.51 51.78
C GLY G 75 -38.27 8.81 51.68
N GLY G 76 -38.96 8.90 52.81
CA GLY G 76 -40.36 9.28 52.81
C GLY G 76 -41.28 8.11 52.55
N LYS G 77 -42.53 8.45 52.22
CA LYS G 77 -43.51 7.42 51.91
C LYS G 77 -43.26 6.79 50.55
N MET G 78 -42.57 7.51 49.65
CA MET G 78 -42.22 6.92 48.36
C MET G 78 -41.26 5.76 48.53
N ALA G 79 -40.26 5.91 49.42
CA ALA G 79 -39.35 4.82 49.68
C ALA G 79 -40.07 3.63 50.30
N ASN G 80 -40.99 3.89 51.22
CA ASN G 80 -41.74 2.81 51.87
C ASN G 80 -42.60 2.07 50.85
N ALA G 81 -43.30 2.81 49.98
CA ALA G 81 -44.14 2.17 48.98
C ALA G 81 -43.32 1.39 47.97
N LEU G 82 -42.18 1.95 47.55
CA LEU G 82 -41.33 1.26 46.59
C LEU G 82 -40.80 -0.05 47.16
N THR G 83 -40.44 -0.06 48.44
CA THR G 83 -39.92 -1.27 49.05
C THR G 83 -40.96 -2.38 49.08
N ASN G 84 -42.21 -2.02 49.39
CA ASN G 84 -43.23 -3.03 49.57
C ASN G 84 -43.73 -3.60 48.24
N VAL G 85 -43.78 -2.77 47.19
CA VAL G 85 -44.22 -3.27 45.89
C VAL G 85 -43.17 -4.20 45.29
N ILE G 86 -41.89 -3.97 45.59
CA ILE G 86 -40.84 -4.87 45.12
C ILE G 86 -41.03 -6.25 45.75
N ARG G 87 -41.42 -6.28 47.01
CA ARG G 87 -41.71 -7.55 47.68
C ARG G 87 -42.88 -8.26 47.00
N SER G 88 -43.93 -7.51 46.65
CA SER G 88 -45.12 -8.12 46.08
C SER G 88 -44.86 -8.66 44.67
N TYR G 89 -44.00 -7.99 43.91
CA TYR G 89 -43.76 -8.41 42.54
C TYR G 89 -43.05 -9.75 42.48
N TYR G 90 -42.21 -10.05 43.47
CA TYR G 90 -41.37 -11.24 43.39
C TYR G 90 -42.18 -12.52 43.50
N SER G 91 -43.07 -12.59 44.48
CA SER G 91 -43.82 -13.81 44.72
C SER G 91 -45.29 -13.47 44.96
N ILE G 92 -46.15 -14.44 44.66
CA ILE G 92 -47.58 -14.30 44.90
C ILE G 92 -47.92 -14.44 46.38
N ASN G 93 -47.02 -15.01 47.17
CA ASN G 93 -47.21 -15.18 48.60
C ASN G 93 -46.86 -13.94 49.40
N ALA G 94 -46.35 -12.89 48.75
CA ALA G 94 -46.04 -11.65 49.44
C ALA G 94 -47.32 -10.96 49.90
N PRO G 95 -47.24 -10.14 50.95
CA PRO G 95 -48.46 -9.53 51.51
C PRO G 95 -49.22 -8.64 50.54
N ALA G 96 -48.55 -7.63 49.98
CA ALA G 96 -49.18 -6.65 49.08
C ALA G 96 -50.35 -5.94 49.77
N ILE G 97 -49.99 -5.18 50.79
CA ILE G 97 -50.96 -4.48 51.63
C ILE G 97 -50.86 -2.96 51.47
N VAL G 98 -50.14 -2.48 50.48
CA VAL G 98 -50.05 -1.04 50.24
C VAL G 98 -51.36 -0.57 49.60
N PRO G 99 -52.00 0.47 50.13
CA PRO G 99 -53.23 0.95 49.52
C PRO G 99 -53.00 1.47 48.11
N GLN G 100 -54.01 1.29 47.27
CA GLN G 100 -53.91 1.77 45.89
C GLN G 100 -54.05 3.29 45.83
N VAL G 101 -54.78 3.90 46.77
CA VAL G 101 -54.93 5.35 46.78
C VAL G 101 -53.58 6.02 47.04
N GLU G 102 -52.75 5.39 47.88
CA GLU G 102 -51.42 5.93 48.12
C GLU G 102 -50.55 5.82 46.88
N ILE G 103 -50.72 4.76 46.09
CA ILE G 103 -49.97 4.60 44.86
C ILE G 103 -50.34 5.69 43.87
N ASP G 104 -51.64 5.96 43.72
CA ASP G 104 -52.08 6.99 42.78
C ASP G 104 -51.62 8.37 43.22
N ARG G 105 -51.63 8.63 44.53
CA ARG G 105 -51.15 9.91 45.03
C ARG G 105 -49.69 10.13 44.68
N LEU G 106 -48.86 9.10 44.88
CA LEU G 106 -47.44 9.24 44.56
C LEU G 106 -47.19 9.31 43.07
N ALA G 107 -48.08 8.70 42.27
CA ALA G 107 -47.90 8.72 40.82
C ALA G 107 -48.24 10.07 40.22
N SER G 108 -48.90 10.94 40.96
CA SER G 108 -49.26 12.26 40.44
C SER G 108 -48.16 13.28 40.64
N LYS G 109 -47.04 12.90 41.25
CA LYS G 109 -45.96 13.85 41.49
C LYS G 109 -45.35 14.34 40.19
N ALA G 110 -45.15 13.43 39.23
CA ALA G 110 -44.61 13.77 37.93
C ALA G 110 -45.38 13.03 36.86
N THR G 111 -45.13 13.39 35.61
CA THR G 111 -45.74 12.75 34.46
C THR G 111 -44.66 12.21 33.54
N VAL G 112 -44.95 11.07 32.91
CA VAL G 112 -43.97 10.35 32.10
C VAL G 112 -44.49 10.23 30.69
N SER G 113 -43.64 10.54 29.71
CA SER G 113 -44.00 10.42 28.30
C SER G 113 -43.44 9.10 27.74
N GLY G 114 -44.06 8.01 28.19
CA GLY G 114 -43.63 6.70 27.74
C GLY G 114 -44.46 5.62 28.41
N ASP G 115 -44.13 4.38 28.07
CA ASP G 115 -44.81 3.22 28.61
C ASP G 115 -43.77 2.14 28.87
N MET G 116 -44.23 0.92 29.13
CA MET G 116 -43.36 -0.21 29.42
C MET G 116 -43.11 -1.10 28.22
N TYR G 117 -43.49 -0.66 27.02
CA TYR G 117 -43.26 -1.42 25.80
C TYR G 117 -42.62 -0.57 24.71
N ASN G 118 -42.03 0.56 25.08
CA ASN G 118 -41.50 1.50 24.09
C ASN G 118 -40.20 1.02 23.46
N SER G 119 -39.44 0.19 24.17
CA SER G 119 -38.12 -0.22 23.69
C SER G 119 -37.85 -1.69 23.97
N TYR G 120 -36.58 -2.10 23.89
CA TYR G 120 -36.19 -3.49 24.06
C TYR G 120 -34.83 -3.55 24.74
N ALA G 121 -34.53 -4.71 25.31
CA ALA G 121 -33.25 -4.97 25.94
C ALA G 121 -32.81 -6.40 25.58
N ILE G 122 -31.51 -6.63 25.65
CA ILE G 122 -30.91 -7.92 25.29
C ILE G 122 -30.44 -8.61 26.56
N PHE G 123 -30.87 -9.85 26.76
CA PHE G 123 -30.53 -10.63 27.94
C PHE G 123 -29.71 -11.83 27.54
N ASN G 124 -28.61 -12.05 28.24
CA ASN G 124 -27.54 -12.94 27.78
C ASN G 124 -27.60 -14.34 28.38
N SER G 125 -28.57 -14.65 29.21
CA SER G 125 -28.67 -15.99 29.76
C SER G 125 -29.04 -16.99 28.68
N VAL G 126 -28.45 -18.18 28.75
CA VAL G 126 -28.60 -19.20 27.72
C VAL G 126 -29.56 -20.26 28.23
N PRO G 127 -30.71 -20.47 27.60
CA PRO G 127 -31.64 -21.50 28.03
C PRO G 127 -31.32 -22.87 27.45
N ILE G 128 -31.06 -23.85 28.32
CA ILE G 128 -30.86 -25.23 27.90
C ILE G 128 -31.96 -26.04 28.56
N VAL G 129 -33.05 -26.27 27.84
CA VAL G 129 -34.21 -26.91 28.42
C VAL G 129 -33.91 -28.37 28.76
N GLU G 130 -33.29 -29.09 27.82
CA GLU G 130 -32.93 -30.48 28.08
C GLU G 130 -31.80 -30.89 27.16
N VAL G 131 -30.89 -31.71 27.68
CA VAL G 131 -29.85 -32.35 26.89
C VAL G 131 -30.02 -33.85 27.07
N LEU G 132 -30.32 -34.55 25.97
CA LEU G 132 -30.63 -35.97 26.00
C LEU G 132 -29.43 -36.76 25.50
N SER G 133 -29.05 -37.78 26.25
CA SER G 133 -27.84 -38.54 25.97
C SER G 133 -28.09 -40.03 26.10
N PRO G 134 -27.30 -40.86 25.41
CA PRO G 134 -27.48 -42.31 25.52
C PRO G 134 -27.01 -42.87 26.84
N ALA G 135 -27.02 -44.20 26.96
CA ALA G 135 -26.79 -44.86 28.24
C ALA G 135 -25.37 -44.62 28.76
N ARG G 136 -24.38 -44.67 27.88
CA ARG G 136 -23.00 -44.69 28.34
C ARG G 136 -22.39 -43.31 28.53
N THR G 137 -22.85 -42.31 27.79
CA THR G 137 -22.25 -40.98 27.88
C THR G 137 -22.71 -40.25 29.15
N THR G 138 -21.88 -39.32 29.59
CA THR G 138 -22.16 -38.47 30.75
C THR G 138 -22.10 -37.01 30.32
N VAL G 139 -23.09 -36.24 30.72
CA VAL G 139 -23.20 -34.83 30.35
C VAL G 139 -23.37 -34.00 31.63
N SER G 140 -22.62 -32.91 31.73
CA SER G 140 -22.73 -31.98 32.85
C SER G 140 -22.89 -30.57 32.31
N ILE G 141 -23.89 -29.85 32.79
CA ILE G 141 -24.16 -28.47 32.38
C ILE G 141 -23.86 -27.56 33.57
N VAL G 142 -22.96 -26.60 33.36
CA VAL G 142 -22.60 -25.64 34.40
C VAL G 142 -22.51 -24.26 33.77
N GLY G 143 -23.19 -23.30 34.38
CA GLY G 143 -23.09 -21.93 33.94
C GLY G 143 -24.42 -21.38 33.46
N SER G 144 -24.59 -20.07 33.63
CA SER G 144 -25.78 -19.37 33.20
C SER G 144 -25.48 -18.29 32.17
N ASP G 145 -24.49 -17.42 32.43
CA ASP G 145 -24.09 -16.43 31.44
C ASP G 145 -23.42 -17.09 30.25
N ARG G 146 -22.55 -18.06 30.49
CA ARG G 146 -21.92 -18.86 29.44
C ARG G 146 -22.02 -20.32 29.85
N ALA G 147 -22.97 -21.05 29.26
CA ALA G 147 -23.14 -22.45 29.58
C ALA G 147 -21.95 -23.25 29.06
N ASP G 148 -21.49 -24.20 29.88
CA ASP G 148 -20.39 -25.08 29.52
C ASP G 148 -20.87 -26.51 29.68
N VAL G 149 -21.03 -27.21 28.56
CA VAL G 149 -21.55 -28.57 28.54
C VAL G 149 -20.39 -29.52 28.29
N THR G 150 -20.06 -30.34 29.28
CA THR G 150 -18.97 -31.30 29.17
C THR G 150 -19.56 -32.69 28.96
N MET G 151 -19.24 -33.29 27.83
CA MET G 151 -19.74 -34.60 27.46
C MET G 151 -18.57 -35.56 27.22
N LEU G 152 -18.70 -36.77 27.75
CA LEU G 152 -17.67 -37.79 27.62
C LEU G 152 -18.31 -39.09 27.17
N ASN G 153 -17.71 -39.74 26.18
CA ASN G 153 -18.20 -40.99 25.63
C ASN G 153 -17.25 -42.12 26.03
N THR G 154 -17.79 -43.16 26.67
CA THR G 154 -17.01 -44.32 27.07
C THR G 154 -17.58 -45.61 26.48
N GLY G 155 -18.41 -45.50 25.45
CA GLY G 155 -19.03 -46.66 24.83
C GLY G 155 -18.24 -47.18 23.66
N ALA G 156 -18.90 -48.04 22.87
CA ALA G 156 -18.24 -48.68 21.75
C ALA G 156 -17.99 -47.70 20.61
N GLY G 157 -19.01 -46.90 20.27
CA GLY G 157 -18.93 -46.04 19.11
C GLY G 157 -19.52 -44.66 19.38
N ALA G 158 -19.56 -43.85 18.32
CA ALA G 158 -20.04 -42.49 18.43
C ALA G 158 -21.50 -42.46 18.85
N ALA G 159 -21.83 -41.50 19.70
CA ALA G 159 -23.18 -41.31 20.21
C ALA G 159 -23.75 -39.99 19.70
N ASN G 160 -25.06 -39.84 19.87
CA ASN G 160 -25.77 -38.63 19.45
C ASN G 160 -26.39 -37.97 20.67
N ILE G 161 -26.08 -36.69 20.86
CA ILE G 161 -26.58 -35.90 21.97
C ILE G 161 -27.61 -34.91 21.43
N THR G 162 -28.77 -34.85 22.07
CA THR G 162 -29.84 -33.95 21.66
C THR G 162 -29.80 -32.67 22.50
N PHE G 163 -29.81 -31.52 21.83
CA PHE G 163 -29.82 -30.23 22.49
C PHE G 163 -31.16 -29.55 22.24
N ASN G 164 -31.79 -29.08 23.30
CA ASN G 164 -33.05 -28.33 23.20
C ASN G 164 -32.83 -26.97 23.84
N PHE G 165 -32.82 -25.92 23.02
CA PHE G 165 -32.60 -24.56 23.47
C PHE G 165 -33.90 -23.78 23.62
N GLY G 166 -35.04 -24.45 23.58
CA GLY G 166 -36.31 -23.77 23.67
C GLY G 166 -36.69 -23.07 22.38
N GLN G 167 -37.72 -22.24 22.48
CA GLN G 167 -38.21 -21.50 21.33
C GLN G 167 -38.24 -20.00 21.54
N ILE G 168 -37.70 -19.50 22.66
CA ILE G 168 -37.80 -18.09 22.99
C ILE G 168 -36.56 -17.32 22.56
N ALA G 169 -35.38 -17.88 22.78
CA ALA G 169 -34.14 -17.17 22.46
C ALA G 169 -34.03 -16.94 20.97
N GLU G 170 -33.40 -15.82 20.60
CA GLU G 170 -33.28 -15.45 19.20
C GLU G 170 -32.13 -16.20 18.52
N THR G 171 -30.91 -16.03 19.03
CA THR G 171 -29.73 -16.70 18.49
C THR G 171 -28.94 -17.34 19.61
N VAL G 172 -28.36 -18.50 19.32
CA VAL G 172 -27.44 -19.19 20.23
C VAL G 172 -26.16 -19.49 19.45
N ILE G 173 -25.01 -19.14 20.02
CA ILE G 173 -23.71 -19.38 19.43
C ILE G 173 -23.05 -20.50 20.22
N LEU G 174 -22.65 -21.56 19.51
CA LEU G 174 -21.99 -22.71 20.11
C LEU G 174 -20.53 -22.73 19.69
N LYS G 175 -19.64 -22.77 20.67
CA LYS G 175 -18.22 -22.97 20.44
C LYS G 175 -17.76 -24.23 21.17
N GLY G 176 -16.79 -24.91 20.59
CA GLY G 176 -16.31 -26.16 21.13
C GLY G 176 -14.82 -26.14 21.35
N SER G 177 -14.38 -26.92 22.34
CA SER G 177 -12.94 -27.04 22.60
C SER G 177 -12.23 -27.65 21.41
N VAL G 178 -12.83 -28.63 20.77
CA VAL G 178 -12.33 -29.21 19.52
C VAL G 178 -13.44 -29.12 18.48
N PRO G 179 -13.10 -29.17 17.20
CA PRO G 179 -14.15 -29.17 16.18
C PRO G 179 -15.12 -30.33 16.35
N PHE G 180 -16.40 -30.05 16.08
CA PHE G 180 -17.45 -31.05 16.27
C PHE G 180 -18.51 -30.85 15.21
N GLN G 181 -19.39 -31.85 15.10
CA GLN G 181 -20.47 -31.84 14.12
C GLN G 181 -21.80 -31.63 14.81
N LEU G 182 -22.61 -30.73 14.27
CA LEU G 182 -23.96 -30.49 14.76
C LEU G 182 -24.88 -30.28 13.57
N ALA G 183 -26.09 -30.82 13.67
CA ALA G 183 -27.08 -30.69 12.61
C ALA G 183 -28.46 -30.77 13.22
N ARG G 184 -29.45 -30.31 12.45
CA ARG G 184 -30.83 -30.39 12.90
C ARG G 184 -31.30 -31.84 12.87
N LEU G 185 -32.45 -32.07 13.50
CA LEU G 185 -32.97 -33.43 13.61
C LEU G 185 -33.34 -33.98 12.24
N ASN G 186 -32.94 -35.24 12.00
CA ASN G 186 -33.23 -35.93 10.74
C ASN G 186 -32.65 -35.19 9.55
N GLN G 187 -31.44 -34.65 9.70
CA GLN G 187 -30.73 -34.00 8.61
C GLN G 187 -29.30 -34.51 8.54
N PRO G 188 -28.69 -34.48 7.36
CA PRO G 188 -27.30 -34.95 7.25
C PRO G 188 -26.35 -34.05 8.02
N MET G 189 -25.29 -34.64 8.48
CA MET G 189 -24.32 -33.94 9.30
C MET G 189 -23.27 -33.26 8.42
N PRO G 190 -22.79 -32.08 8.81
CA PRO G 190 -21.74 -31.42 8.02
C PRO G 190 -20.34 -31.79 8.50
N ALA G 191 -19.32 -31.19 7.90
CA ALA G 191 -17.96 -31.40 8.37
C ALA G 191 -17.74 -30.67 9.69
N ALA G 192 -16.69 -31.08 10.40
CA ALA G 192 -16.44 -30.55 11.73
C ALA G 192 -15.99 -29.10 11.67
N ARG G 193 -16.62 -28.25 12.47
CA ARG G 193 -16.28 -26.85 12.59
C ARG G 193 -16.12 -26.49 14.06
N PHE G 194 -15.63 -25.27 14.31
CA PHE G 194 -15.40 -24.80 15.66
C PHE G 194 -16.61 -24.06 16.24
N THR G 195 -17.23 -23.19 15.46
CA THR G 195 -18.34 -22.36 15.94
C THR G 195 -19.57 -22.57 15.07
N TYR G 196 -20.73 -22.65 15.72
CA TYR G 196 -22.01 -22.74 15.05
C TYR G 196 -22.91 -21.60 15.52
N LYS G 197 -23.73 -21.08 14.62
CA LYS G 197 -24.75 -20.10 14.93
C LYS G 197 -26.11 -20.69 14.59
N LEU G 198 -27.02 -20.70 15.55
CA LEU G 198 -28.28 -21.41 15.42
C LEU G 198 -29.44 -20.54 15.85
N ARG G 199 -30.60 -20.85 15.30
CA ARG G 199 -31.85 -20.25 15.73
C ARG G 199 -32.64 -21.30 16.50
N PRO G 200 -32.88 -21.11 17.79
CA PRO G 200 -33.45 -22.19 18.62
C PRO G 200 -34.78 -22.71 18.10
N LEU G 201 -35.55 -21.86 17.42
CA LEU G 201 -36.78 -22.29 16.79
C LEU G 201 -36.58 -23.21 15.60
N ASP G 202 -35.34 -23.37 15.13
CA ASP G 202 -35.09 -24.30 14.02
C ASP G 202 -35.37 -25.74 14.43
N GLY G 203 -35.18 -26.08 15.70
CA GLY G 203 -35.52 -27.39 16.20
C GLY G 203 -34.43 -28.00 17.05
N PRO G 204 -34.70 -29.17 17.61
CA PRO G 204 -33.66 -29.86 18.40
C PRO G 204 -32.44 -30.16 17.54
N PHE G 205 -31.27 -30.02 18.15
CA PHE G 205 -30.00 -30.14 17.45
C PHE G 205 -29.26 -31.36 17.96
N ILE G 206 -28.69 -32.14 17.04
CA ILE G 206 -27.97 -33.37 17.35
C ILE G 206 -26.48 -33.09 17.22
N VAL G 207 -25.69 -33.57 18.18
CA VAL G 207 -24.25 -33.39 18.18
C VAL G 207 -23.59 -34.76 18.18
N VAL G 208 -22.64 -34.97 17.28
CA VAL G 208 -21.90 -36.21 17.20
C VAL G 208 -20.78 -36.18 18.24
N LEU G 209 -20.75 -37.18 19.11
CA LEU G 209 -19.76 -37.27 20.17
C LEU G 209 -18.83 -38.45 19.91
N PRO G 210 -17.59 -38.21 19.51
CA PRO G 210 -16.66 -39.32 19.28
C PRO G 210 -16.19 -39.91 20.60
N VAL G 211 -15.66 -41.12 20.52
CA VAL G 211 -15.11 -41.83 21.66
C VAL G 211 -13.68 -41.38 21.88
N GLY G 212 -13.36 -40.98 23.11
CA GLY G 212 -12.03 -40.51 23.42
C GLY G 212 -12.01 -39.36 24.40
N ASN G 213 -11.23 -38.33 24.09
CA ASN G 213 -11.12 -37.19 24.98
C ASN G 213 -12.45 -36.44 25.05
N PRO G 214 -12.79 -35.87 26.20
CA PRO G 214 -14.08 -35.20 26.35
C PRO G 214 -14.19 -33.94 25.50
N LEU G 215 -15.43 -33.62 25.15
CA LEU G 215 -15.76 -32.44 24.36
C LEU G 215 -16.54 -31.47 25.22
N VAL G 216 -16.07 -30.22 25.29
CA VAL G 216 -16.74 -29.17 26.03
C VAL G 216 -17.28 -28.15 25.04
N ILE G 217 -18.57 -27.87 25.11
CA ILE G 217 -19.24 -26.93 24.23
C ILE G 217 -19.66 -25.72 25.06
N SER G 218 -19.31 -24.53 24.59
CA SER G 218 -19.67 -23.29 25.26
C SER G 218 -20.78 -22.63 24.47
N ALA G 219 -21.86 -22.25 25.16
CA ALA G 219 -23.04 -21.69 24.52
C ALA G 219 -23.30 -20.27 25.04
N THR G 220 -23.52 -19.34 24.11
CA THR G 220 -23.91 -17.98 24.44
C THR G 220 -25.18 -17.65 23.66
N ALA G 221 -26.17 -17.09 24.35
CA ALA G 221 -27.46 -16.79 23.75
C ALA G 221 -27.85 -15.34 24.00
N ALA G 222 -28.70 -14.83 23.13
CA ALA G 222 -29.23 -13.47 23.23
C ALA G 222 -30.74 -13.50 23.10
N THR G 223 -31.44 -12.88 24.04
CA THR G 223 -32.88 -12.80 24.03
C THR G 223 -33.33 -11.34 24.06
N ARG G 224 -34.42 -11.04 23.37
CA ARG G 224 -34.95 -9.69 23.28
C ARG G 224 -36.27 -9.63 24.03
N ILE G 225 -36.37 -8.70 24.99
CA ILE G 225 -37.55 -8.51 25.80
C ILE G 225 -37.91 -7.04 25.77
N GLN G 226 -39.21 -6.76 25.62
CA GLN G 226 -39.67 -5.38 25.54
C GLN G 226 -39.59 -4.70 26.90
N VAL G 227 -38.95 -3.53 26.93
CA VAL G 227 -38.71 -2.78 28.16
C VAL G 227 -38.93 -1.30 27.90
N PRO G 228 -39.17 -0.52 28.95
CA PRO G 228 -39.23 0.93 28.78
C PRO G 228 -37.90 1.51 28.35
N LEU G 229 -37.96 2.72 27.79
CA LEU G 229 -36.77 3.37 27.27
C LEU G 229 -35.78 3.75 28.36
N ALA G 230 -36.25 3.94 29.58
CA ALA G 230 -35.39 4.28 30.70
C ALA G 230 -34.70 3.07 31.32
N PHE G 231 -34.86 1.89 30.73
CA PHE G 231 -34.25 0.69 31.26
C PHE G 231 -32.73 0.75 31.14
N ASN G 232 -32.05 0.30 32.19
CA ASN G 232 -30.59 0.23 32.21
C ASN G 232 -30.19 -1.05 32.93
N LYS G 233 -29.57 -1.98 32.21
CA LYS G 233 -29.25 -3.28 32.78
C LYS G 233 -28.24 -3.16 33.91
N ALA G 234 -27.29 -2.23 33.80
CA ALA G 234 -26.29 -2.05 34.84
C ALA G 234 -26.94 -1.62 36.15
N LEU G 235 -27.90 -0.71 36.08
CA LEU G 235 -28.56 -0.24 37.30
C LEU G 235 -29.52 -1.29 37.84
N VAL G 236 -30.19 -2.03 36.95
CA VAL G 236 -31.11 -3.06 37.40
C VAL G 236 -30.38 -4.19 38.09
N GLU G 237 -29.24 -4.61 37.54
CA GLU G 237 -28.51 -5.73 38.12
C GLU G 237 -28.00 -5.39 39.52
N SER G 238 -27.47 -4.18 39.69
CA SER G 238 -27.01 -3.78 41.02
C SER G 238 -28.16 -3.61 41.99
N GLY G 239 -29.31 -3.12 41.49
CA GLY G 239 -30.50 -3.05 42.33
C GLY G 239 -31.01 -4.42 42.74
N PHE G 240 -30.84 -5.41 41.88
CA PHE G 240 -31.26 -6.78 42.23
C PHE G 240 -30.44 -7.31 43.39
N GLN G 241 -29.13 -7.08 43.39
CA GLN G 241 -28.29 -7.56 44.47
C GLN G 241 -28.63 -6.85 45.79
N THR G 242 -28.88 -5.55 45.73
CA THR G 242 -29.22 -4.81 46.94
C THR G 242 -30.53 -5.31 47.54
N ALA G 243 -31.53 -5.59 46.70
CA ALA G 243 -32.80 -6.10 47.21
C ALA G 243 -32.62 -7.44 47.89
N MET G 244 -31.78 -8.31 47.34
CA MET G 244 -31.52 -9.60 47.98
C MET G 244 -30.80 -9.42 49.31
N ASN G 245 -29.80 -8.54 49.35
CA ASN G 245 -29.07 -8.33 50.59
C ASN G 245 -29.95 -7.70 51.66
N ASP G 246 -30.80 -6.75 51.28
CA ASP G 246 -31.73 -6.13 52.22
C ASP G 246 -32.88 -7.04 52.60
N GLY G 247 -32.92 -8.26 52.05
CA GLY G 247 -33.95 -9.21 52.41
C GLY G 247 -35.35 -8.84 51.96
N LEU G 248 -35.49 -8.32 50.75
CA LEU G 248 -36.81 -8.08 50.20
C LEU G 248 -37.39 -9.31 49.52
N PHE G 249 -36.61 -10.37 49.39
CA PHE G 249 -37.02 -11.57 48.67
C PHE G 249 -37.12 -12.79 49.57
N ASP G 250 -37.01 -12.63 50.89
CA ASP G 250 -37.09 -13.77 51.81
C ASP G 250 -38.54 -14.11 52.07
N ILE G 251 -39.11 -14.88 51.15
CA ILE G 251 -40.48 -15.37 51.26
C ILE G 251 -40.44 -16.89 51.12
N GLN G 252 -41.39 -17.55 51.77
CA GLN G 252 -41.42 -19.00 51.76
C GLN G 252 -41.82 -19.52 50.38
N ASN G 253 -41.27 -20.68 50.02
CA ASN G 253 -41.59 -21.36 48.77
C ASN G 253 -41.32 -20.49 47.56
N VAL G 254 -40.14 -19.87 47.53
CA VAL G 254 -39.70 -19.09 46.38
C VAL G 254 -38.31 -19.57 45.96
N ASN G 255 -37.98 -19.28 44.72
CA ASN G 255 -36.69 -19.62 44.15
C ASN G 255 -35.79 -18.39 44.12
N TYR G 256 -34.48 -18.63 44.26
CA TYR G 256 -33.50 -17.55 44.30
C TYR G 256 -32.57 -17.67 43.11
N TYR G 257 -32.31 -16.55 42.45
CA TYR G 257 -31.49 -16.50 41.25
C TYR G 257 -30.30 -15.57 41.47
N SER G 258 -29.22 -15.83 40.72
CA SER G 258 -28.00 -15.06 40.88
C SER G 258 -28.11 -13.66 40.28
N SER G 259 -28.83 -13.51 39.17
CA SER G 259 -28.91 -12.24 38.48
C SER G 259 -30.34 -12.03 37.98
N PHE G 260 -30.67 -10.77 37.72
CA PHE G 260 -31.97 -10.45 37.15
C PHE G 260 -32.11 -11.02 35.74
N ASP G 261 -31.00 -11.17 35.02
CA ASP G 261 -31.05 -11.80 33.71
C ASP G 261 -31.54 -13.24 33.81
N GLU G 262 -31.04 -13.98 34.80
CA GLU G 262 -31.51 -15.35 35.00
C GLU G 262 -32.96 -15.38 35.42
N PHE G 263 -33.37 -14.44 36.27
CA PHE G 263 -34.73 -14.42 36.78
C PHE G 263 -35.75 -14.21 35.66
N ILE G 264 -35.46 -13.28 34.75
CA ILE G 264 -36.43 -12.95 33.71
C ILE G 264 -36.49 -14.04 32.65
N ILE G 265 -35.36 -14.69 32.37
CA ILE G 265 -35.36 -15.77 31.39
C ILE G 265 -36.08 -16.99 31.94
N SER G 266 -35.90 -17.28 33.22
CA SER G 266 -36.57 -18.43 33.83
C SER G 266 -38.08 -18.25 33.81
N GLN G 267 -38.57 -17.05 34.13
CA GLN G 267 -40.00 -16.80 34.07
C GLN G 267 -40.53 -16.87 32.64
N TYR G 268 -39.72 -16.43 31.68
CA TYR G 268 -40.15 -16.45 30.28
C TYR G 268 -40.25 -17.88 29.76
N HIS G 269 -39.37 -18.77 30.22
CA HIS G 269 -39.36 -20.16 29.77
C HIS G 269 -40.24 -21.01 30.69
N ALA G 270 -41.52 -20.63 30.74
CA ALA G 270 -42.49 -21.35 31.53
C ALA G 270 -43.87 -21.16 30.91
N GLN G 271 -44.80 -22.03 31.28
CA GLN G 271 -46.18 -21.87 30.84
C GLN G 271 -46.74 -20.55 31.33
N ASP G 272 -47.45 -19.85 30.45
CA ASP G 272 -47.91 -18.49 30.70
C ASP G 272 -46.74 -17.55 30.99
N GLY G 273 -45.61 -17.78 30.32
CA GLY G 273 -44.45 -16.93 30.53
C GLY G 273 -44.57 -15.58 29.85
N ILE G 274 -45.43 -15.46 28.85
CA ILE G 274 -45.63 -14.18 28.18
C ILE G 274 -46.26 -13.18 29.13
N ASN G 275 -47.18 -13.64 29.98
CA ASN G 275 -47.79 -12.76 30.96
C ASN G 275 -46.86 -12.46 32.12
N ARG G 276 -45.90 -13.34 32.39
CA ARG G 276 -45.01 -13.15 33.53
C ARG G 276 -43.92 -12.11 33.25
N VAL G 277 -43.44 -12.02 32.02
CA VAL G 277 -42.37 -11.07 31.72
C VAL G 277 -42.85 -9.64 31.87
N SER G 278 -44.15 -9.40 31.72
CA SER G 278 -44.69 -8.06 31.91
C SER G 278 -44.48 -7.59 33.34
N THR G 279 -44.72 -8.47 34.31
CA THR G 279 -44.52 -8.08 35.70
C THR G 279 -43.03 -8.06 36.06
N CYS G 280 -42.23 -8.92 35.44
CA CYS G 280 -40.80 -8.91 35.71
C CYS G 280 -40.15 -7.64 35.21
N VAL G 281 -40.62 -7.10 34.09
CA VAL G 281 -40.11 -5.84 33.57
C VAL G 281 -40.44 -4.69 34.52
N ILE G 282 -41.67 -4.69 35.06
CA ILE G 282 -42.04 -3.68 36.04
C ILE G 282 -41.16 -3.80 37.28
N LEU G 283 -40.91 -5.03 37.73
CA LEU G 283 -40.02 -5.24 38.87
C LEU G 283 -38.61 -4.76 38.56
N GLY G 284 -38.15 -4.97 37.33
CA GLY G 284 -36.82 -4.52 36.96
C GLY G 284 -36.68 -3.01 37.04
N LEU G 285 -37.70 -2.28 36.58
CA LEU G 285 -37.64 -0.82 36.65
C LEU G 285 -37.73 -0.34 38.09
N ALA G 286 -38.49 -1.05 38.93
CA ALA G 286 -38.54 -0.71 40.34
C ALA G 286 -37.18 -0.91 41.00
N LEU G 287 -36.45 -1.96 40.61
CA LEU G 287 -35.13 -2.19 41.15
C LEU G 287 -34.16 -1.10 40.72
N GLN G 288 -34.38 -0.52 39.54
CA GLN G 288 -33.57 0.61 39.10
C GLN G 288 -33.77 1.81 40.02
N ALA G 289 -35.01 2.09 40.40
CA ALA G 289 -35.29 3.18 41.33
C ALA G 289 -34.74 2.87 42.71
N TYR G 290 -34.83 1.60 43.14
CA TYR G 290 -34.35 1.22 44.46
C TYR G 290 -32.84 1.38 44.54
N ASP G 291 -32.12 1.06 43.48
CA ASP G 291 -30.67 1.22 43.47
C ASP G 291 -30.29 2.69 43.62
N GLN G 292 -30.86 3.55 42.78
CA GLN G 292 -30.50 4.96 42.78
C GLN G 292 -30.90 5.63 44.08
N MET G 293 -32.07 5.28 44.61
CA MET G 293 -32.53 5.86 45.86
C MET G 293 -31.63 5.46 47.02
N ARG G 294 -31.23 4.19 47.07
CA ARG G 294 -30.46 3.71 48.22
C ARG G 294 -29.03 4.22 48.19
N ARG G 295 -28.43 4.32 47.00
CA ARG G 295 -27.07 4.82 46.91
C ARG G 295 -26.99 6.29 47.29
N ALA G 296 -28.08 7.03 47.13
CA ALA G 296 -28.12 8.42 47.57
C ALA G 296 -28.48 8.53 49.04
N LEU G 297 -29.27 7.61 49.56
CA LEU G 297 -29.72 7.63 50.95
C LEU G 297 -29.46 6.27 51.60
N PRO G 298 -28.19 5.97 51.91
CA PRO G 298 -27.90 4.72 52.62
C PRO G 298 -28.44 4.75 54.05
N VAL G 299 -28.84 3.58 54.52
CA VAL G 299 -29.39 3.45 55.87
C VAL G 299 -28.69 2.33 56.62
N ALA H 2 -7.61 -35.50 55.65
CA ALA H 2 -8.53 -34.71 54.85
C ALA H 2 -7.78 -33.80 53.89
N ASN H 3 -8.44 -33.42 52.80
CA ASN H 3 -7.87 -32.52 51.80
C ASN H 3 -8.46 -31.13 51.96
N ARG H 4 -7.66 -30.12 51.68
CA ARG H 4 -8.05 -28.72 51.82
C ARG H 4 -7.90 -28.01 50.47
N ALA H 5 -8.95 -27.30 50.07
CA ALA H 5 -8.94 -26.51 48.85
C ALA H 5 -9.41 -25.10 49.15
N THR H 6 -8.77 -24.13 48.50
CA THR H 6 -9.08 -22.73 48.71
C THR H 6 -9.00 -21.98 47.39
N SER H 7 -9.67 -20.84 47.33
CA SER H 7 -9.60 -19.99 46.15
C SER H 7 -8.21 -19.37 46.03
N ALA H 8 -7.72 -19.28 44.80
CA ALA H 8 -6.37 -18.79 44.58
C ALA H 8 -6.22 -17.33 44.99
N PHE H 9 -7.22 -16.51 44.69
CA PHE H 9 -7.08 -15.07 44.90
C PHE H 9 -7.12 -14.67 46.36
N LEU H 10 -7.47 -15.58 47.28
CA LEU H 10 -7.49 -15.28 48.70
C LEU H 10 -6.21 -15.68 49.41
N ASP H 11 -5.20 -16.16 48.69
CA ASP H 11 -3.99 -16.69 49.30
C ASP H 11 -2.97 -15.58 49.48
N ASN H 12 -2.60 -15.31 50.74
CA ASN H 12 -1.54 -14.39 51.12
C ASN H 12 -1.70 -13.02 50.49
N PRO H 13 -2.66 -12.21 50.95
CA PRO H 13 -2.75 -10.83 50.46
C PRO H 13 -1.60 -9.99 51.00
N HIS H 14 -0.92 -9.30 50.10
CA HIS H 14 0.21 -8.47 50.51
C HIS H 14 -0.28 -7.24 51.27
N PRO H 15 0.53 -6.71 52.18
CA PRO H 15 0.13 -5.50 52.91
C PRO H 15 0.01 -4.30 51.98
N VAL H 16 -0.87 -3.38 52.36
CA VAL H 16 -1.14 -2.20 51.56
C VAL H 16 -0.46 -1.00 52.20
N GLY H 17 -0.47 0.12 51.47
CA GLY H 17 0.23 1.31 51.95
C GLY H 17 -0.42 1.89 53.18
N VAL H 18 0.41 2.56 53.98
CA VAL H 18 -0.03 3.23 55.20
C VAL H 18 0.10 4.74 55.10
N ASN H 19 0.47 5.27 53.94
CA ASN H 19 0.65 6.69 53.73
C ASN H 19 -0.46 7.23 52.84
N TYR H 20 -0.60 8.56 52.87
CA TYR H 20 -1.58 9.27 52.05
C TYR H 20 -3.00 8.77 52.30
N VAL H 21 -3.36 8.64 53.57
CA VAL H 21 -4.67 8.18 53.98
C VAL H 21 -5.39 9.17 54.88
N ASP H 22 -4.78 10.31 55.19
CA ASP H 22 -5.39 11.30 56.06
C ASP H 22 -6.42 12.11 55.29
N GLU H 23 -7.03 13.09 55.97
CA GLU H 23 -8.07 13.90 55.35
C GLU H 23 -7.53 14.72 54.19
N GLY H 24 -6.32 15.26 54.33
CA GLY H 24 -5.74 16.05 53.26
C GLY H 24 -5.47 15.24 52.01
N SER H 25 -5.02 14.00 52.18
CA SER H 25 -4.74 13.15 51.02
C SER H 25 -6.03 12.67 50.36
N ARG H 26 -7.07 12.44 51.15
CA ARG H 26 -8.35 12.08 50.57
C ARG H 26 -8.93 13.22 49.74
N GLN H 27 -8.71 14.45 50.18
CA GLN H 27 -9.14 15.60 49.39
C GLN H 27 -8.38 15.69 48.07
N PHE H 28 -7.08 15.38 48.10
CA PHE H 28 -6.27 15.45 46.89
C PHE H 28 -6.76 14.45 45.84
N VAL H 29 -7.09 13.23 46.27
CA VAL H 29 -7.62 12.23 45.34
C VAL H 29 -8.98 12.67 44.80
N ALA H 30 -9.82 13.24 45.67
CA ALA H 30 -11.13 13.71 45.23
C ALA H 30 -11.00 14.87 44.25
N VAL H 31 -10.06 15.78 44.51
CA VAL H 31 -9.84 16.89 43.58
C VAL H 31 -9.34 16.37 42.24
N ALA H 32 -8.43 15.41 42.27
CA ALA H 32 -7.89 14.87 41.02
C ALA H 32 -8.98 14.19 40.21
N GLU H 33 -9.87 13.44 40.86
CA GLU H 33 -10.93 12.75 40.13
C GLU H 33 -11.89 13.74 39.48
N LEU H 34 -12.23 14.81 40.20
CA LEU H 34 -13.12 15.82 39.63
C LEU H 34 -12.48 16.52 38.45
N LEU H 35 -11.22 16.91 38.58
CA LEU H 35 -10.55 17.64 37.51
C LEU H 35 -10.21 16.73 36.33
N ALA H 36 -9.93 15.45 36.59
CA ALA H 36 -9.70 14.52 35.50
C ALA H 36 -10.96 14.33 34.65
N SER H 37 -12.13 14.32 35.30
CA SER H 37 -13.37 14.21 34.55
C SER H 37 -13.59 15.43 33.67
N LYS H 38 -13.34 16.63 34.21
CA LYS H 38 -13.50 17.83 33.41
C LYS H 38 -12.58 17.82 32.21
N LEU H 39 -11.39 17.22 32.36
CA LEU H 39 -10.46 17.14 31.25
C LEU H 39 -11.03 16.31 30.11
N ILE H 40 -11.71 15.20 30.42
CA ILE H 40 -12.21 14.33 29.38
C ILE H 40 -13.43 14.95 28.69
N ASP H 41 -14.25 15.70 29.43
CA ASP H 41 -15.34 16.42 28.80
C ASP H 41 -14.83 17.53 27.89
N SER H 42 -13.79 18.23 28.32
CA SER H 42 -13.22 19.29 27.48
C SER H 42 -12.61 18.72 26.22
N SER H 43 -12.11 17.49 26.29
CA SER H 43 -11.52 16.86 25.10
C SER H 43 -12.61 16.52 24.08
N ARG H 44 -13.80 16.14 24.53
CA ARG H 44 -14.90 15.90 23.61
C ARG H 44 -15.39 17.20 22.98
N GLU H 45 -15.48 18.26 23.79
CA GLU H 45 -15.93 19.55 23.26
C GLU H 45 -14.94 20.10 22.26
N SER H 46 -13.65 19.89 22.50
CA SER H 46 -12.63 20.37 21.56
C SER H 46 -12.75 19.68 20.21
N ASP H 47 -12.99 18.36 20.22
CA ASP H 47 -13.14 17.63 18.95
C ASP H 47 -14.38 18.08 18.20
N GLU H 48 -15.49 18.30 18.91
CA GLU H 48 -16.73 18.69 18.25
C GLU H 48 -16.63 20.08 17.66
N SER H 49 -16.07 21.03 18.41
CA SER H 49 -16.01 22.42 17.98
C SER H 49 -14.76 22.74 17.17
N ASN H 50 -13.84 21.79 17.03
CA ASN H 50 -12.59 22.00 16.29
C ASN H 50 -11.85 23.23 16.82
N SER H 51 -11.78 23.34 18.14
CA SER H 51 -11.08 24.44 18.79
C SER H 51 -10.33 23.91 20.00
N ASP H 52 -9.20 24.53 20.31
CA ASP H 52 -8.40 24.17 21.46
C ASP H 52 -8.75 24.97 22.71
N VAL H 53 -9.73 25.87 22.62
CA VAL H 53 -10.08 26.69 23.78
C VAL H 53 -10.61 25.86 24.94
N PRO H 54 -11.56 24.94 24.76
CA PRO H 54 -12.01 24.14 25.91
C PRO H 54 -10.91 23.27 26.51
N PHE H 55 -9.99 22.77 25.68
CA PHE H 55 -8.94 21.91 26.21
C PHE H 55 -7.88 22.72 26.94
N VAL H 56 -7.54 23.90 26.43
CA VAL H 56 -6.53 24.73 27.08
C VAL H 56 -7.00 25.15 28.47
N GLN H 57 -8.28 25.50 28.59
CA GLN H 57 -8.81 25.91 29.88
C GLN H 57 -8.78 24.76 30.88
N ALA H 58 -9.15 23.57 30.44
CA ALA H 58 -9.17 22.42 31.35
C ALA H 58 -7.76 21.96 31.71
N TYR H 59 -6.85 21.94 30.73
CA TYR H 59 -5.48 21.56 31.02
C TYR H 59 -4.80 22.55 31.95
N SER H 60 -5.08 23.85 31.78
CA SER H 60 -4.52 24.84 32.68
C SER H 60 -5.01 24.64 34.11
N LYS H 61 -6.29 24.30 34.28
CA LYS H 61 -6.81 24.05 35.62
C LYS H 61 -6.22 22.78 36.21
N PHE H 62 -5.82 21.83 35.35
CA PHE H 62 -5.29 20.57 35.83
C PHE H 62 -3.79 20.66 36.12
N ALA H 63 -3.00 21.09 35.14
CA ALA H 63 -1.56 21.08 35.24
C ALA H 63 -0.97 22.42 35.69
N ASP H 64 -1.80 23.47 35.81
CA ASP H 64 -1.34 24.80 36.19
C ASP H 64 -0.23 25.30 35.27
N ASP H 65 -0.36 25.04 33.97
CA ASP H 65 0.67 25.38 33.01
C ASP H 65 0.03 25.34 31.63
N ASN H 66 0.17 26.43 30.88
CA ASN H 66 -0.44 26.51 29.56
C ASN H 66 0.27 25.57 28.60
N PRO H 67 -0.48 24.79 27.81
CA PRO H 67 0.16 23.82 26.92
C PRO H 67 1.07 24.49 25.91
N ARG H 68 2.16 23.81 25.58
CA ARG H 68 3.14 24.31 24.63
C ARG H 68 3.37 23.28 23.54
N HIS H 69 3.70 23.75 22.33
CA HIS H 69 3.84 22.87 21.19
C HIS H 69 5.11 22.02 21.28
N LEU H 70 6.23 22.64 21.68
CA LEU H 70 7.50 21.91 21.67
C LEU H 70 7.56 20.85 22.77
N ARG H 71 6.91 21.11 23.91
CA ARG H 71 6.96 20.19 25.04
C ARG H 71 5.96 19.06 24.83
N VAL H 72 5.76 18.25 25.87
CA VAL H 72 4.84 17.12 25.82
C VAL H 72 3.84 17.24 26.96
N LYS H 73 2.58 16.98 26.67
CA LYS H 73 1.50 17.13 27.64
C LYS H 73 1.27 15.80 28.34
N THR H 74 1.63 15.74 29.62
CA THR H 74 1.47 14.53 30.41
C THR H 74 0.67 14.74 31.69
N GLY H 75 0.16 15.95 31.93
CA GLY H 75 -0.60 16.25 33.12
C GLY H 75 0.11 17.11 34.13
N GLY H 76 1.41 17.33 33.97
CA GLY H 76 2.12 18.23 34.86
C GLY H 76 2.43 17.61 36.21
N LYS H 77 2.49 18.48 37.22
CA LYS H 77 2.83 18.04 38.57
C LYS H 77 1.73 17.19 39.19
N MET H 78 0.47 17.50 38.88
CA MET H 78 -0.64 16.73 39.44
C MET H 78 -0.59 15.29 38.96
N ALA H 79 -0.27 15.08 37.69
CA ALA H 79 -0.15 13.71 37.18
C ALA H 79 1.01 12.98 37.84
N ASN H 80 2.12 13.67 38.08
CA ASN H 80 3.27 13.03 38.73
C ASN H 80 2.93 12.58 40.14
N ALA H 81 2.22 13.43 40.89
CA ALA H 81 1.84 13.06 42.25
C ALA H 81 0.84 11.91 42.26
N LEU H 82 -0.15 11.96 41.38
CA LEU H 82 -1.20 10.94 41.36
C LEU H 82 -0.62 9.57 41.05
N THR H 83 0.25 9.49 40.06
CA THR H 83 0.79 8.20 39.64
C THR H 83 1.64 7.57 40.74
N ASN H 84 2.47 8.38 41.40
CA ASN H 84 3.33 7.85 42.45
C ASN H 84 2.55 7.54 43.72
N VAL H 85 1.46 8.27 43.97
CA VAL H 85 0.63 7.97 45.12
C VAL H 85 -0.11 6.64 44.92
N ILE H 86 -0.52 6.36 43.67
CA ILE H 86 -1.20 5.10 43.37
C ILE H 86 -0.29 3.92 43.71
N ARG H 87 1.00 4.04 43.40
CA ARG H 87 1.95 2.99 43.73
C ARG H 87 2.02 2.76 45.24
N SER H 88 2.02 3.84 46.01
CA SER H 88 2.19 3.73 47.46
C SER H 88 1.04 2.97 48.10
N TYR H 89 -0.17 3.12 47.56
CA TYR H 89 -1.31 2.41 48.14
C TYR H 89 -1.19 0.91 47.96
N TYR H 90 -0.67 0.47 46.81
CA TYR H 90 -0.72 -0.95 46.47
C TYR H 90 0.08 -1.79 47.46
N SER H 91 1.28 -1.37 47.80
CA SER H 91 2.15 -2.17 48.65
C SER H 91 2.89 -1.28 49.63
N ILE H 92 3.28 -1.88 50.76
CA ILE H 92 4.12 -1.19 51.73
C ILE H 92 5.50 -0.94 51.15
N ASN H 93 6.01 -1.88 50.35
CA ASN H 93 7.34 -1.76 49.77
C ASN H 93 7.46 -0.64 48.76
N ALA H 94 6.35 -0.09 48.28
CA ALA H 94 6.41 1.06 47.40
C ALA H 94 6.87 2.29 48.18
N PRO H 95 7.71 3.13 47.60
CA PRO H 95 8.22 4.29 48.33
C PRO H 95 7.17 5.40 48.41
N ALA H 96 7.35 6.24 49.43
CA ALA H 96 6.59 7.49 49.56
C ALA H 96 7.54 8.62 49.18
N ILE H 97 7.28 9.25 48.04
CA ILE H 97 8.17 10.27 47.51
C ILE H 97 7.49 11.62 47.30
N VAL H 98 6.18 11.70 47.44
CA VAL H 98 5.44 12.94 47.21
C VAL H 98 5.45 13.75 48.51
N PRO H 99 5.98 14.96 48.52
CA PRO H 99 5.95 15.78 49.74
C PRO H 99 4.55 16.30 50.01
N GLN H 100 4.33 16.69 51.26
CA GLN H 100 3.00 17.11 51.67
C GLN H 100 2.71 18.58 51.41
N VAL H 101 3.72 19.38 51.05
CA VAL H 101 3.44 20.71 50.53
C VAL H 101 2.74 20.60 49.17
N GLU H 102 3.12 19.59 48.38
CA GLU H 102 2.47 19.37 47.11
C GLU H 102 1.03 18.90 47.29
N ILE H 103 0.80 17.99 48.23
CA ILE H 103 -0.53 17.43 48.43
C ILE H 103 -1.50 18.50 48.90
N ASP H 104 -1.07 19.33 49.84
CA ASP H 104 -1.93 20.40 50.33
C ASP H 104 -2.20 21.43 49.23
N ARG H 105 -1.18 21.74 48.43
CA ARG H 105 -1.36 22.70 47.35
C ARG H 105 -2.34 22.18 46.29
N LEU H 106 -2.21 20.89 45.94
CA LEU H 106 -3.09 20.33 44.92
C LEU H 106 -4.50 20.09 45.46
N ALA H 107 -4.64 19.90 46.78
CA ALA H 107 -5.96 19.66 47.34
C ALA H 107 -6.81 20.92 47.34
N SER H 108 -6.21 22.07 47.13
CA SER H 108 -6.93 23.34 47.18
C SER H 108 -7.40 23.82 45.82
N LYS H 109 -7.21 23.03 44.76
CA LYS H 109 -7.61 23.45 43.42
C LYS H 109 -9.11 23.38 43.22
N ALA H 110 -9.84 22.71 44.10
CA ALA H 110 -11.28 22.62 44.00
C ALA H 110 -11.85 22.34 45.38
N THR H 111 -13.14 22.58 45.54
CA THR H 111 -13.84 22.31 46.78
C THR H 111 -14.66 21.03 46.64
N VAL H 112 -14.29 20.01 47.42
CA VAL H 112 -14.97 18.72 47.40
C VAL H 112 -14.91 18.13 48.79
N SER H 113 -15.96 17.39 49.14
CA SER H 113 -15.97 16.66 50.40
C SER H 113 -15.15 15.39 50.24
N GLY H 114 -14.11 15.25 51.05
CA GLY H 114 -13.24 14.10 50.93
C GLY H 114 -13.74 12.85 51.61
N ASP H 115 -14.97 12.84 52.09
CA ASP H 115 -15.49 11.69 52.81
C ASP H 115 -15.71 10.53 51.86
N MET H 116 -15.26 9.34 52.25
CA MET H 116 -15.30 8.16 51.41
C MET H 116 -16.38 7.18 51.86
N TYR H 117 -17.37 7.65 52.61
CA TYR H 117 -18.41 6.77 53.14
C TYR H 117 -19.80 7.33 52.87
N ASN H 118 -19.97 8.09 51.79
CA ASN H 118 -21.29 8.55 51.40
C ASN H 118 -22.17 7.38 50.94
N SER H 119 -21.64 6.54 50.06
CA SER H 119 -22.45 5.53 49.40
C SER H 119 -21.85 4.15 49.57
N TYR H 120 -22.37 3.17 48.84
CA TYR H 120 -21.91 1.79 48.90
C TYR H 120 -21.76 1.25 47.48
N ALA H 121 -21.16 0.07 47.39
CA ALA H 121 -21.02 -0.62 46.11
C ALA H 121 -21.06 -2.12 46.37
N ILE H 122 -21.39 -2.88 45.34
CA ILE H 122 -21.53 -4.33 45.43
C ILE H 122 -20.41 -4.98 44.61
N PHE H 123 -19.64 -5.85 45.26
CA PHE H 123 -18.54 -6.56 44.62
C PHE H 123 -18.89 -8.05 44.56
N ASN H 124 -18.61 -8.68 43.43
CA ASN H 124 -19.15 -9.99 43.09
C ASN H 124 -18.19 -11.15 43.32
N SER H 125 -16.98 -10.91 43.81
CA SER H 125 -16.03 -12.00 44.01
C SER H 125 -16.52 -12.91 45.13
N VAL H 126 -16.48 -14.22 44.88
CA VAL H 126 -17.00 -15.21 45.80
C VAL H 126 -15.84 -15.78 46.62
N PRO H 127 -15.80 -15.57 47.93
CA PRO H 127 -14.71 -16.11 48.74
C PRO H 127 -15.00 -17.52 49.24
N ILE H 128 -14.19 -18.49 48.83
CA ILE H 128 -14.25 -19.83 49.39
C ILE H 128 -12.98 -20.08 50.19
N VAL H 129 -13.04 -19.83 51.50
CA VAL H 129 -11.83 -19.86 52.32
C VAL H 129 -11.30 -21.28 52.44
N GLU H 130 -12.19 -22.25 52.62
CA GLU H 130 -11.75 -23.62 52.90
C GLU H 130 -12.85 -24.59 52.51
N VAL H 131 -12.50 -25.59 51.70
CA VAL H 131 -13.36 -26.72 51.41
C VAL H 131 -12.66 -27.98 51.87
N LEU H 132 -13.29 -28.72 52.78
CA LEU H 132 -12.70 -29.91 53.39
C LEU H 132 -13.39 -31.15 52.86
N SER H 133 -12.59 -32.10 52.39
CA SER H 133 -13.08 -33.35 51.82
C SER H 133 -12.35 -34.53 52.43
N PRO H 134 -12.99 -35.69 52.50
CA PRO H 134 -12.31 -36.88 53.00
C PRO H 134 -11.29 -37.44 52.01
N ALA H 135 -10.69 -38.58 52.34
CA ALA H 135 -9.60 -39.11 51.54
C ALA H 135 -10.05 -39.59 50.16
N ARG H 136 -11.28 -40.11 50.06
CA ARG H 136 -11.72 -40.74 48.83
C ARG H 136 -12.15 -39.74 47.76
N THR H 137 -12.36 -38.48 48.12
CA THR H 137 -12.93 -37.51 47.20
C THR H 137 -11.87 -36.57 46.64
N THR H 138 -12.17 -36.00 45.48
CA THR H 138 -11.33 -35.00 44.84
C THR H 138 -12.14 -33.73 44.63
N VAL H 139 -11.56 -32.59 44.98
CA VAL H 139 -12.23 -31.30 44.92
C VAL H 139 -11.34 -30.31 44.17
N SER H 140 -11.92 -29.57 43.23
CA SER H 140 -11.20 -28.55 42.47
C SER H 140 -12.04 -27.29 42.45
N ILE H 141 -11.40 -26.16 42.74
CA ILE H 141 -12.06 -24.85 42.77
C ILE H 141 -11.49 -24.01 41.63
N VAL H 142 -12.36 -23.48 40.78
CA VAL H 142 -11.96 -22.67 39.65
C VAL H 142 -12.88 -21.46 39.54
N GLY H 143 -12.29 -20.28 39.45
CA GLY H 143 -13.06 -19.07 39.21
C GLY H 143 -12.96 -18.03 40.30
N SER H 144 -13.20 -16.77 39.94
CA SER H 144 -13.21 -15.66 40.89
C SER H 144 -14.57 -14.99 40.98
N ASP H 145 -15.14 -14.58 39.85
CA ASP H 145 -16.48 -13.99 39.87
C ASP H 145 -17.55 -15.05 40.07
N ARG H 146 -17.41 -16.19 39.39
CA ARG H 146 -18.30 -17.32 39.57
C ARG H 146 -17.44 -18.55 39.79
N ALA H 147 -17.44 -19.05 41.02
CA ALA H 147 -16.58 -20.15 41.42
C ALA H 147 -17.25 -21.47 41.07
N ASP H 148 -16.52 -22.34 40.38
CA ASP H 148 -17.00 -23.66 40.01
C ASP H 148 -16.24 -24.70 40.81
N VAL H 149 -16.96 -25.49 41.61
CA VAL H 149 -16.38 -26.51 42.46
C VAL H 149 -16.79 -27.86 41.91
N THR H 150 -15.82 -28.63 41.42
CA THR H 150 -16.05 -29.96 40.89
C THR H 150 -15.65 -30.99 41.93
N MET H 151 -16.57 -31.88 42.29
CA MET H 151 -16.33 -32.90 43.29
C MET H 151 -16.69 -34.26 42.72
N LEU H 152 -15.81 -35.24 42.95
CA LEU H 152 -16.02 -36.61 42.49
C LEU H 152 -15.76 -37.55 43.65
N ASN H 153 -16.71 -38.45 43.92
CA ASN H 153 -16.60 -39.40 45.01
C ASN H 153 -16.24 -40.77 44.44
N THR H 154 -15.15 -41.35 44.95
CA THR H 154 -14.71 -42.67 44.52
C THR H 154 -14.99 -43.75 45.57
N GLY H 155 -15.00 -43.39 46.85
CA GLY H 155 -15.23 -44.34 47.92
C GLY H 155 -16.57 -45.04 47.87
N ALA H 156 -16.79 -45.97 48.80
CA ALA H 156 -17.98 -46.81 48.75
C ALA H 156 -19.24 -46.03 49.13
N GLY H 157 -19.17 -45.23 50.19
CA GLY H 157 -20.32 -44.52 50.69
C GLY H 157 -20.30 -43.03 50.35
N ALA H 158 -21.42 -42.39 50.63
CA ALA H 158 -21.53 -40.95 50.41
C ALA H 158 -20.63 -40.20 51.39
N ALA H 159 -20.03 -39.12 50.90
CA ALA H 159 -19.10 -38.33 51.68
C ALA H 159 -19.70 -36.98 52.05
N ASN H 160 -19.12 -36.37 53.07
CA ASN H 160 -19.54 -35.06 53.55
C ASN H 160 -18.44 -34.05 53.27
N ILE H 161 -18.78 -32.98 52.57
CA ILE H 161 -17.84 -31.92 52.21
C ILE H 161 -18.23 -30.65 52.94
N THR H 162 -17.25 -30.01 53.57
CA THR H 162 -17.48 -28.81 54.36
C THR H 162 -17.10 -27.58 53.56
N PHE H 163 -18.02 -26.62 53.46
CA PHE H 163 -17.80 -25.37 52.75
C PHE H 163 -17.69 -24.23 53.76
N ASN H 164 -16.65 -23.42 53.61
CA ASN H 164 -16.45 -22.23 54.43
C ASN H 164 -16.35 -21.02 53.52
N PHE H 165 -17.31 -20.11 53.62
CA PHE H 165 -17.37 -18.94 52.77
C PHE H 165 -16.92 -17.68 53.50
N GLY H 166 -16.33 -17.81 54.69
CA GLY H 166 -15.88 -16.66 55.43
C GLY H 166 -16.97 -16.09 56.31
N GLN H 167 -16.81 -14.81 56.63
CA GLN H 167 -17.73 -14.10 57.51
C GLN H 167 -18.05 -12.71 56.99
N ILE H 168 -17.56 -12.35 55.82
CA ILE H 168 -17.69 -10.99 55.30
C ILE H 168 -18.72 -10.90 54.19
N ALA H 169 -18.79 -11.91 53.33
CA ALA H 169 -19.76 -11.89 52.24
C ALA H 169 -21.17 -11.85 52.80
N GLU H 170 -22.02 -11.05 52.17
CA GLU H 170 -23.38 -10.86 52.68
C GLU H 170 -24.30 -12.01 52.31
N THR H 171 -24.33 -12.37 51.03
CA THR H 171 -25.14 -13.49 50.57
C THR H 171 -24.36 -14.32 49.58
N VAL H 172 -24.67 -15.61 49.54
CA VAL H 172 -24.05 -16.56 48.62
C VAL H 172 -25.14 -17.46 48.06
N ILE H 173 -25.15 -17.61 46.73
CA ILE H 173 -26.13 -18.44 46.04
C ILE H 173 -25.40 -19.62 45.42
N LEU H 174 -25.84 -20.83 45.78
CA LEU H 174 -25.24 -22.06 45.30
C LEU H 174 -26.18 -22.72 44.29
N LYS H 175 -25.64 -23.12 43.15
CA LYS H 175 -26.39 -23.85 42.13
C LYS H 175 -25.62 -25.11 41.75
N GLY H 176 -26.37 -26.18 41.53
CA GLY H 176 -25.78 -27.46 41.21
C GLY H 176 -26.20 -27.94 39.83
N SER H 177 -25.30 -28.67 39.17
CA SER H 177 -25.65 -29.28 37.89
C SER H 177 -26.77 -30.30 38.06
N VAL H 178 -26.71 -31.08 39.13
CA VAL H 178 -27.80 -31.99 39.52
C VAL H 178 -28.19 -31.62 40.95
N PRO H 179 -29.42 -31.93 41.35
CA PRO H 179 -29.84 -31.60 42.71
C PRO H 179 -28.94 -32.25 43.75
N PHE H 180 -28.68 -31.52 44.84
CA PHE H 180 -27.78 -31.98 45.89
C PHE H 180 -28.34 -31.58 47.25
N GLN H 181 -27.79 -32.20 48.28
CA GLN H 181 -28.24 -32.02 49.65
C GLN H 181 -27.23 -31.15 50.40
N LEU H 182 -27.69 -30.04 50.96
CA LEU H 182 -26.86 -29.15 51.74
C LEU H 182 -27.56 -28.80 53.03
N ALA H 183 -26.81 -28.71 54.12
CA ALA H 183 -27.37 -28.35 55.42
C ALA H 183 -26.29 -27.69 56.26
N ARG H 184 -26.69 -27.21 57.42
CA ARG H 184 -25.80 -26.54 58.34
C ARG H 184 -25.08 -27.57 59.22
N LEU H 185 -24.31 -27.06 60.18
CA LEU H 185 -23.70 -27.93 61.18
C LEU H 185 -24.76 -28.45 62.13
N ASN H 186 -24.84 -29.77 62.25
CA ASN H 186 -25.79 -30.44 63.14
C ASN H 186 -27.23 -30.01 62.83
N GLN H 187 -27.63 -30.22 61.59
CA GLN H 187 -28.99 -29.93 61.14
C GLN H 187 -29.45 -31.01 60.19
N PRO H 188 -30.75 -31.32 60.18
CA PRO H 188 -31.26 -32.35 59.27
C PRO H 188 -31.06 -31.96 57.81
N MET H 189 -30.83 -32.97 56.98
CA MET H 189 -30.64 -32.75 55.55
C MET H 189 -31.99 -32.63 54.85
N PRO H 190 -32.25 -31.56 54.12
CA PRO H 190 -33.50 -31.42 53.39
C PRO H 190 -33.46 -32.20 52.09
N ALA H 191 -34.58 -32.19 51.38
CA ALA H 191 -34.65 -32.85 50.08
C ALA H 191 -33.74 -32.15 49.07
N ALA H 192 -33.32 -32.90 48.07
CA ALA H 192 -32.39 -32.38 47.08
C ALA H 192 -33.03 -31.26 46.28
N ARG H 193 -32.33 -30.14 46.16
CA ARG H 193 -32.79 -28.97 45.42
C ARG H 193 -31.70 -28.52 44.46
N PHE H 194 -32.07 -27.62 43.56
CA PHE H 194 -31.14 -27.13 42.55
C PHE H 194 -30.34 -25.91 43.03
N THR H 195 -30.99 -24.99 43.74
CA THR H 195 -30.36 -23.76 44.17
C THR H 195 -30.60 -23.52 45.65
N TYR H 196 -29.57 -23.05 46.34
CA TYR H 196 -29.65 -22.69 47.74
C TYR H 196 -29.18 -21.26 47.93
N LYS H 197 -29.79 -20.56 48.88
CA LYS H 197 -29.35 -19.23 49.28
C LYS H 197 -28.87 -19.29 50.72
N LEU H 198 -27.63 -18.86 50.95
CA LEU H 198 -26.98 -19.04 52.22
C LEU H 198 -26.46 -17.71 52.75
N ARG H 199 -26.33 -17.64 54.07
CA ARG H 199 -25.65 -16.53 54.73
C ARG H 199 -24.31 -17.02 55.24
N PRO H 200 -23.19 -16.50 54.74
CA PRO H 200 -21.88 -17.02 55.17
C PRO H 200 -21.65 -16.92 56.66
N LEU H 201 -22.22 -15.90 57.33
CA LEU H 201 -22.08 -15.76 58.77
C LEU H 201 -22.79 -16.87 59.54
N ASP H 202 -23.65 -17.64 58.88
CA ASP H 202 -24.53 -18.55 59.61
C ASP H 202 -23.80 -19.80 60.08
N GLY H 203 -22.80 -20.26 59.34
CA GLY H 203 -21.97 -21.36 59.79
C GLY H 203 -21.43 -22.19 58.65
N PRO H 204 -20.53 -23.13 58.98
CA PRO H 204 -20.06 -24.07 57.95
C PRO H 204 -21.19 -24.92 57.42
N PHE H 205 -21.07 -25.30 56.14
CA PHE H 205 -22.11 -26.01 55.43
C PHE H 205 -21.58 -27.37 54.99
N ILE H 206 -22.41 -28.40 55.13
CA ILE H 206 -22.04 -29.77 54.76
C ILE H 206 -22.85 -30.17 53.54
N VAL H 207 -22.18 -30.69 52.52
CA VAL H 207 -22.81 -31.14 51.29
C VAL H 207 -22.65 -32.65 51.19
N VAL H 208 -23.77 -33.34 51.00
CA VAL H 208 -23.76 -34.79 50.83
C VAL H 208 -23.45 -35.10 49.38
N LEU H 209 -22.34 -35.78 49.14
CA LEU H 209 -21.87 -36.07 47.79
C LEU H 209 -22.09 -37.55 47.49
N PRO H 210 -22.96 -37.89 46.55
CA PRO H 210 -23.17 -39.31 46.21
C PRO H 210 -21.97 -39.91 45.49
N VAL H 211 -22.00 -41.22 45.26
CA VAL H 211 -20.87 -41.92 44.66
C VAL H 211 -20.96 -42.06 43.15
N GLY H 212 -22.11 -41.73 42.55
CA GLY H 212 -22.32 -41.99 41.15
C GLY H 212 -21.54 -41.11 40.18
N ASN H 213 -21.91 -39.84 40.10
CA ASN H 213 -21.44 -38.94 39.06
C ASN H 213 -20.87 -37.67 39.68
N PRO H 214 -19.97 -36.98 39.00
CA PRO H 214 -19.40 -35.75 39.55
C PRO H 214 -20.46 -34.67 39.73
N LEU H 215 -20.29 -33.88 40.78
CA LEU H 215 -21.18 -32.78 41.11
C LEU H 215 -20.43 -31.47 41.00
N VAL H 216 -20.97 -30.55 40.21
CA VAL H 216 -20.37 -29.23 40.02
C VAL H 216 -21.30 -28.21 40.67
N ILE H 217 -20.75 -27.44 41.61
CA ILE H 217 -21.51 -26.41 42.32
C ILE H 217 -20.97 -25.05 41.89
N SER H 218 -21.86 -24.19 41.42
CA SER H 218 -21.50 -22.84 41.00
C SER H 218 -21.92 -21.86 42.08
N ALA H 219 -20.98 -21.03 42.53
CA ALA H 219 -21.20 -20.11 43.63
C ALA H 219 -21.11 -18.67 43.13
N THR H 220 -22.06 -17.85 43.56
CA THR H 220 -22.04 -16.42 43.27
C THR H 220 -22.30 -15.67 44.57
N ALA H 221 -21.52 -14.62 44.83
CA ALA H 221 -21.60 -13.87 46.06
C ALA H 221 -21.76 -12.39 45.79
N ALA H 222 -22.26 -11.66 46.79
CA ALA H 222 -22.39 -10.22 46.72
C ALA H 222 -22.09 -9.65 48.10
N THR H 223 -21.19 -8.66 48.14
CA THR H 223 -20.79 -8.01 49.38
C THR H 223 -20.83 -6.50 49.19
N ARG H 224 -21.04 -5.79 50.30
CA ARG H 224 -21.23 -4.34 50.28
C ARG H 224 -20.03 -3.67 50.94
N ILE H 225 -19.43 -2.72 50.23
CA ILE H 225 -18.30 -1.95 50.72
C ILE H 225 -18.60 -0.47 50.52
N GLN H 226 -18.38 0.32 51.55
CA GLN H 226 -18.69 1.74 51.50
C GLN H 226 -17.73 2.47 50.57
N VAL H 227 -18.28 3.27 49.67
CA VAL H 227 -17.49 4.00 48.68
C VAL H 227 -18.04 5.41 48.54
N PRO H 228 -17.21 6.35 48.07
CA PRO H 228 -17.70 7.71 47.83
C PRO H 228 -18.74 7.73 46.72
N LEU H 229 -19.47 8.85 46.66
CA LEU H 229 -20.55 9.00 45.70
C LEU H 229 -20.04 9.08 44.26
N ALA H 230 -18.78 9.43 44.05
CA ALA H 230 -18.21 9.50 42.71
C ALA H 230 -17.67 8.17 42.23
N PHE H 231 -17.73 7.13 43.04
CA PHE H 231 -17.21 5.83 42.65
C PHE H 231 -17.97 5.27 41.46
N ASN H 232 -17.23 4.79 40.47
CA ASN H 232 -17.82 4.17 39.28
C ASN H 232 -17.02 2.92 38.97
N LYS H 233 -17.67 1.76 39.02
CA LYS H 233 -16.96 0.49 38.90
C LYS H 233 -16.37 0.31 37.51
N ALA H 234 -17.06 0.77 36.47
CA ALA H 234 -16.56 0.63 35.12
C ALA H 234 -15.25 1.40 34.93
N LEU H 235 -15.16 2.60 35.50
CA LEU H 235 -13.94 3.38 35.37
C LEU H 235 -12.82 2.82 36.24
N VAL H 236 -13.15 2.37 37.45
CA VAL H 236 -12.14 1.84 38.35
C VAL H 236 -11.49 0.60 37.77
N GLU H 237 -12.31 -0.31 37.22
CA GLU H 237 -11.76 -1.52 36.63
C GLU H 237 -10.86 -1.21 35.44
N SER H 238 -11.27 -0.27 34.60
CA SER H 238 -10.44 0.12 33.47
C SER H 238 -9.15 0.77 33.93
N GLY H 239 -9.21 1.56 35.01
CA GLY H 239 -8.00 2.14 35.57
C GLY H 239 -7.06 1.10 36.14
N PHE H 240 -7.61 0.01 36.68
CA PHE H 240 -6.79 -1.03 37.27
C PHE H 240 -5.92 -1.71 36.21
N GLN H 241 -6.50 -2.01 35.06
CA GLN H 241 -5.74 -2.68 33.99
C GLN H 241 -4.69 -1.75 33.40
N THR H 242 -5.02 -0.46 33.26
CA THR H 242 -4.05 0.49 32.73
C THR H 242 -2.84 0.59 33.67
N ALA H 243 -3.08 0.61 34.98
CA ALA H 243 -1.97 0.66 35.92
C ALA H 243 -1.11 -0.60 35.85
N MET H 244 -1.74 -1.76 35.71
CA MET H 244 -0.98 -3.00 35.58
C MET H 244 -0.17 -3.03 34.30
N ASN H 245 -0.77 -2.57 33.19
CA ASN H 245 -0.07 -2.58 31.92
C ASN H 245 1.11 -1.62 31.92
N ASP H 246 0.92 -0.43 32.50
CA ASP H 246 1.99 0.56 32.53
C ASP H 246 3.13 0.20 33.48
N GLY H 247 2.92 -0.79 34.35
CA GLY H 247 3.95 -1.22 35.25
C GLY H 247 3.94 -0.56 36.62
N LEU H 248 2.86 0.14 36.97
CA LEU H 248 2.81 0.80 38.27
C LEU H 248 2.78 -0.18 39.42
N PHE H 249 2.42 -1.44 39.17
CA PHE H 249 2.30 -2.43 40.23
C PHE H 249 3.45 -3.43 40.23
N ASP H 250 4.55 -3.10 39.57
CA ASP H 250 5.72 -3.98 39.53
C ASP H 250 6.62 -3.69 40.74
N ILE H 251 6.11 -4.09 41.90
CA ILE H 251 6.84 -3.97 43.16
C ILE H 251 7.20 -5.37 43.62
N GLN H 252 8.33 -5.48 44.30
CA GLN H 252 8.80 -6.78 44.76
C GLN H 252 7.91 -7.33 45.87
N ASN H 253 7.72 -8.65 45.88
CA ASN H 253 6.99 -9.36 46.92
C ASN H 253 5.55 -8.86 47.04
N VAL H 254 4.85 -8.81 45.91
CA VAL H 254 3.44 -8.44 45.88
C VAL H 254 2.67 -9.50 45.10
N ASN H 255 1.37 -9.53 45.34
CA ASN H 255 0.46 -10.43 44.66
C ASN H 255 -0.29 -9.69 43.55
N TYR H 256 -0.62 -10.41 42.50
CA TYR H 256 -1.29 -9.84 41.34
C TYR H 256 -2.70 -10.42 41.21
N TYR H 257 -3.64 -9.57 40.82
CA TYR H 257 -5.04 -9.94 40.77
C TYR H 257 -5.60 -9.60 39.39
N SER H 258 -6.59 -10.39 38.97
CA SER H 258 -7.18 -10.20 37.65
C SER H 258 -7.98 -8.90 37.56
N SER H 259 -8.68 -8.54 38.63
CA SER H 259 -9.55 -7.38 38.62
C SER H 259 -9.56 -6.74 40.00
N PHE H 260 -10.08 -5.50 40.05
CA PHE H 260 -10.22 -4.80 41.31
C PHE H 260 -11.20 -5.50 42.24
N ASP H 261 -12.12 -6.28 41.68
CA ASP H 261 -13.05 -7.07 42.49
C ASP H 261 -12.29 -8.01 43.40
N GLU H 262 -11.34 -8.77 42.84
CA GLU H 262 -10.59 -9.74 43.63
C GLU H 262 -9.66 -9.04 44.62
N PHE H 263 -9.07 -7.92 44.21
CA PHE H 263 -8.10 -7.24 45.05
C PHE H 263 -8.73 -6.78 46.36
N ILE H 264 -9.90 -6.15 46.28
CA ILE H 264 -10.53 -5.59 47.47
C ILE H 264 -11.06 -6.71 48.36
N ILE H 265 -11.62 -7.77 47.77
CA ILE H 265 -12.17 -8.86 48.57
C ILE H 265 -11.05 -9.66 49.22
N SER H 266 -9.95 -9.88 48.50
CA SER H 266 -8.81 -10.58 49.10
C SER H 266 -8.25 -9.81 50.28
N GLN H 267 -8.13 -8.49 50.14
CA GLN H 267 -7.62 -7.67 51.24
C GLN H 267 -8.60 -7.62 52.40
N TYR H 268 -9.89 -7.74 52.12
CA TYR H 268 -10.90 -7.72 53.16
C TYR H 268 -10.77 -8.93 54.08
N HIS H 269 -10.39 -10.08 53.53
CA HIS H 269 -10.34 -11.32 54.29
C HIS H 269 -9.04 -11.50 55.04
N ALA H 270 -8.17 -10.50 55.08
CA ALA H 270 -6.95 -10.57 55.86
C ALA H 270 -7.29 -10.42 57.35
N GLN H 271 -6.25 -10.50 58.19
CA GLN H 271 -6.48 -10.42 59.64
C GLN H 271 -7.02 -9.06 60.05
N ASP H 272 -6.49 -8.00 59.44
CA ASP H 272 -6.94 -6.64 59.72
C ASP H 272 -7.60 -6.01 58.49
N GLY H 273 -8.44 -6.81 57.81
CA GLY H 273 -9.02 -6.37 56.55
C GLY H 273 -9.91 -5.15 56.67
N ILE H 274 -10.57 -4.98 57.81
CA ILE H 274 -11.48 -3.86 57.97
C ILE H 274 -10.75 -2.52 57.87
N ASN H 275 -9.45 -2.49 58.18
CA ASN H 275 -8.66 -1.30 57.99
C ASN H 275 -8.01 -1.22 56.62
N ARG H 276 -7.79 -2.37 55.98
CA ARG H 276 -7.18 -2.38 54.66
C ARG H 276 -8.15 -1.97 53.57
N VAL H 277 -9.46 -2.18 53.77
CA VAL H 277 -10.45 -1.84 52.75
C VAL H 277 -10.53 -0.35 52.54
N SER H 278 -10.36 0.44 53.61
CA SER H 278 -10.42 1.89 53.50
C SER H 278 -9.34 2.41 52.56
N THR H 279 -8.13 1.88 52.67
CA THR H 279 -7.06 2.28 51.76
C THR H 279 -7.36 1.85 50.33
N CYS H 280 -7.94 0.66 50.17
CA CYS H 280 -8.25 0.18 48.83
C CYS H 280 -9.29 1.04 48.15
N VAL H 281 -10.28 1.52 48.91
CA VAL H 281 -11.29 2.40 48.35
C VAL H 281 -10.67 3.70 47.85
N ILE H 282 -9.72 4.24 48.61
CA ILE H 282 -9.00 5.43 48.18
C ILE H 282 -8.21 5.15 46.91
N LEU H 283 -7.55 3.99 46.85
CA LEU H 283 -6.86 3.59 45.64
C LEU H 283 -7.82 3.45 44.47
N GLY H 284 -9.04 2.99 44.74
CA GLY H 284 -10.03 2.88 43.68
C GLY H 284 -10.39 4.22 43.08
N LEU H 285 -10.58 5.24 43.92
CA LEU H 285 -10.88 6.57 43.41
C LEU H 285 -9.71 7.13 42.62
N ALA H 286 -8.49 6.91 43.10
CA ALA H 286 -7.31 7.37 42.37
C ALA H 286 -7.20 6.69 41.01
N LEU H 287 -7.51 5.40 40.95
CA LEU H 287 -7.46 4.68 39.68
C LEU H 287 -8.49 5.23 38.70
N GLN H 288 -9.67 5.59 39.19
CA GLN H 288 -10.68 6.20 38.33
C GLN H 288 -10.21 7.55 37.81
N ALA H 289 -9.54 8.34 38.66
CA ALA H 289 -8.92 9.58 38.21
C ALA H 289 -7.82 9.29 37.20
N TYR H 290 -7.04 8.23 37.43
CA TYR H 290 -5.97 7.86 36.51
C TYR H 290 -6.54 7.48 35.14
N ASP H 291 -7.63 6.72 35.13
CA ASP H 291 -8.21 6.27 33.86
C ASP H 291 -8.66 7.47 33.02
N GLN H 292 -9.38 8.40 33.63
CA GLN H 292 -9.90 9.54 32.88
C GLN H 292 -8.76 10.42 32.37
N MET H 293 -7.65 10.47 33.09
CA MET H 293 -6.55 11.36 32.72
C MET H 293 -5.78 10.83 31.52
N ARG H 294 -5.47 9.53 31.50
CA ARG H 294 -4.70 8.99 30.38
C ARG H 294 -5.53 8.94 29.10
N ARG H 295 -6.83 8.65 29.22
CA ARG H 295 -7.67 8.61 28.03
C ARG H 295 -7.78 9.99 27.40
N ALA H 296 -7.68 11.06 28.20
CA ALA H 296 -7.72 12.40 27.64
C ALA H 296 -6.40 12.79 26.99
N LEU H 297 -5.28 12.34 27.58
CA LEU H 297 -3.96 12.64 27.07
C LEU H 297 -3.30 11.35 26.61
N PRO H 298 -3.35 11.01 25.32
CA PRO H 298 -2.81 9.72 24.88
C PRO H 298 -1.33 9.76 24.57
N VAL H 299 -0.62 8.73 25.05
CA VAL H 299 0.80 8.55 24.79
C VAL H 299 1.01 7.12 24.32
N ARG H 300 1.59 6.95 23.15
CA ARG H 300 1.84 5.62 22.59
C ARG H 300 3.30 5.22 22.77
N ALA I 2 67.08 -7.50 21.59
CA ALA I 2 66.03 -6.50 21.68
C ALA I 2 65.47 -6.16 20.30
N ASN I 3 64.15 -6.05 20.21
CA ASN I 3 63.47 -5.68 18.98
C ASN I 3 62.83 -4.31 19.14
N ARG I 4 62.86 -3.52 18.07
CA ARG I 4 62.33 -2.17 18.07
C ARG I 4 61.16 -2.08 17.11
N ALA I 5 60.04 -1.53 17.59
CA ALA I 5 58.85 -1.31 16.79
C ALA I 5 58.53 0.18 16.76
N THR I 6 58.22 0.69 15.58
CA THR I 6 57.99 2.11 15.38
C THR I 6 56.73 2.31 14.54
N SER I 7 56.03 3.40 14.80
CA SER I 7 54.87 3.75 14.00
C SER I 7 55.27 4.06 12.57
N ALA I 8 54.43 3.64 11.62
CA ALA I 8 54.78 3.78 10.21
C ALA I 8 54.86 5.24 9.78
N PHE I 9 53.92 6.07 10.26
CA PHE I 9 53.85 7.45 9.80
C PHE I 9 54.84 8.37 10.49
N LEU I 10 55.57 7.88 11.48
CA LEU I 10 56.61 8.66 12.15
C LEU I 10 57.98 8.50 11.51
N ASP I 11 58.10 7.75 10.42
CA ASP I 11 59.39 7.41 9.86
C ASP I 11 59.74 8.35 8.72
N ASN I 12 60.87 9.04 8.85
CA ASN I 12 61.48 9.85 7.79
C ASN I 12 60.53 10.92 7.27
N PRO I 13 60.24 11.97 8.06
CA PRO I 13 59.46 13.09 7.52
C PRO I 13 60.27 13.85 6.47
N HIS I 14 59.57 14.46 5.57
CA HIS I 14 60.30 15.16 4.54
C HIS I 14 60.30 16.66 4.78
N PRO I 15 61.33 17.37 4.30
CA PRO I 15 61.37 18.82 4.49
C PRO I 15 60.17 19.52 3.85
N VAL I 16 59.74 20.59 4.50
CA VAL I 16 58.59 21.35 4.05
C VAL I 16 59.08 22.65 3.41
N GLY I 17 58.16 23.39 2.80
CA GLY I 17 58.54 24.59 2.09
C GLY I 17 59.02 25.69 3.01
N VAL I 18 59.78 26.61 2.42
CA VAL I 18 60.35 27.75 3.12
C VAL I 18 59.92 29.07 2.50
N ASN I 19 58.99 29.03 1.55
CA ASN I 19 58.47 30.22 0.89
C ASN I 19 57.07 30.51 1.39
N TYR I 20 56.61 31.73 1.11
CA TYR I 20 55.25 32.17 1.43
C TYR I 20 54.94 31.99 2.92
N VAL I 21 55.86 32.47 3.75
CA VAL I 21 55.69 32.41 5.20
C VAL I 21 55.57 33.79 5.83
N ASP I 22 56.06 34.84 5.16
CA ASP I 22 56.07 36.18 5.73
C ASP I 22 54.65 36.69 5.95
N GLU I 23 54.56 37.89 6.54
CA GLU I 23 53.27 38.42 6.97
C GLU I 23 52.33 38.63 5.79
N GLY I 24 52.84 39.17 4.68
CA GLY I 24 52.00 39.39 3.52
C GLY I 24 51.44 38.10 2.95
N SER I 25 52.26 37.04 2.96
CA SER I 25 51.80 35.74 2.47
C SER I 25 50.72 35.16 3.37
N ARG I 26 50.88 35.31 4.69
CA ARG I 26 49.87 34.80 5.61
C ARG I 26 48.56 35.56 5.46
N GLN I 27 48.62 36.84 5.13
CA GLN I 27 47.41 37.59 4.85
C GLN I 27 46.71 37.03 3.62
N PHE I 28 47.47 36.63 2.61
CA PHE I 28 46.86 36.08 1.40
C PHE I 28 46.09 34.81 1.69
N VAL I 29 46.66 33.91 2.50
CA VAL I 29 45.97 32.67 2.84
C VAL I 29 44.69 32.98 3.61
N ALA I 30 44.77 33.93 4.56
CA ALA I 30 43.60 34.28 5.35
C ALA I 30 42.51 34.91 4.47
N VAL I 31 42.90 35.77 3.53
CA VAL I 31 41.92 36.37 2.63
C VAL I 31 41.29 35.31 1.75
N ALA I 32 42.10 34.37 1.25
CA ALA I 32 41.58 33.30 0.42
C ALA I 32 40.57 32.46 1.17
N GLU I 33 40.84 32.16 2.44
CA GLU I 33 39.89 31.39 3.25
C GLU I 33 38.59 32.16 3.45
N LEU I 34 38.70 33.46 3.72
CA LEU I 34 37.50 34.27 3.94
C LEU I 34 36.68 34.41 2.67
N LEU I 35 37.34 34.64 1.53
CA LEU I 35 36.60 34.82 0.28
C LEU I 35 36.02 33.49 -0.21
N ALA I 36 36.74 32.39 0.00
CA ALA I 36 36.23 31.10 -0.43
C ALA I 36 35.01 30.68 0.38
N SER I 37 35.02 30.97 1.68
CA SER I 37 33.87 30.63 2.52
C SER I 37 32.63 31.39 2.07
N LYS I 38 32.78 32.68 1.78
CA LYS I 38 31.65 33.48 1.32
C LYS I 38 31.14 32.99 -0.02
N LEU I 39 32.02 32.43 -0.84
CA LEU I 39 31.61 31.91 -2.14
C LEU I 39 30.63 30.75 -1.97
N ILE I 40 30.89 29.85 -1.02
CA ILE I 40 30.03 28.69 -0.85
C ILE I 40 28.72 29.08 -0.16
N ASP I 41 28.74 30.11 0.69
CA ASP I 41 27.50 30.60 1.27
C ASP I 41 26.63 31.27 0.23
N SER I 42 27.24 32.05 -0.66
CA SER I 42 26.48 32.69 -1.73
C SER I 42 25.89 31.66 -2.67
N SER I 43 26.55 30.52 -2.81
CA SER I 43 26.01 29.43 -3.63
C SER I 43 24.70 28.92 -3.06
N ARG I 44 24.64 28.77 -1.73
CA ARG I 44 23.41 28.31 -1.09
C ARG I 44 22.33 29.38 -1.14
N GLU I 45 22.70 30.63 -0.90
CA GLU I 45 21.72 31.71 -0.87
C GLU I 45 21.09 31.91 -2.24
N SER I 46 21.88 31.79 -3.30
CA SER I 46 21.34 31.97 -4.65
C SER I 46 20.28 30.93 -4.96
N ASP I 47 20.50 29.68 -4.54
CA ASP I 47 19.52 28.63 -4.78
C ASP I 47 18.21 28.91 -4.05
N GLU I 48 18.30 29.40 -2.81
CA GLU I 48 17.10 29.62 -2.01
C GLU I 48 16.30 30.81 -2.53
N SER I 49 16.97 31.87 -2.96
CA SER I 49 16.31 33.11 -3.35
C SER I 49 15.99 33.18 -4.84
N ASN I 50 16.34 32.16 -5.62
CA ASN I 50 16.03 32.10 -7.04
C ASN I 50 16.57 33.32 -7.80
N SER I 51 17.80 33.70 -7.47
CA SER I 51 18.48 34.77 -8.19
C SER I 51 19.99 34.55 -8.07
N ASP I 52 20.71 34.95 -9.11
CA ASP I 52 22.15 34.73 -9.18
C ASP I 52 22.97 35.91 -8.68
N VAL I 53 22.31 36.95 -8.16
CA VAL I 53 23.03 38.15 -7.72
C VAL I 53 24.02 37.83 -6.59
N PRO I 54 23.66 37.10 -5.53
CA PRO I 54 24.65 36.83 -4.48
C PRO I 54 25.87 36.06 -4.98
N PHE I 55 25.69 35.13 -5.92
CA PHE I 55 26.83 34.39 -6.44
C PHE I 55 27.70 35.25 -7.34
N VAL I 56 27.08 36.10 -8.15
CA VAL I 56 27.85 36.95 -9.06
C VAL I 56 28.73 37.90 -8.28
N GLN I 57 28.20 38.51 -7.22
CA GLN I 57 29.00 39.41 -6.40
C GLN I 57 30.15 38.68 -5.73
N ALA I 58 29.89 37.49 -5.20
CA ALA I 58 30.94 36.74 -4.52
C ALA I 58 32.03 36.27 -5.48
N TYR I 59 31.63 35.77 -6.66
CA TYR I 59 32.61 35.31 -7.62
C TYR I 59 33.43 36.45 -8.19
N SER I 60 32.79 37.60 -8.41
CA SER I 60 33.52 38.76 -8.92
C SER I 60 34.59 39.20 -7.94
N LYS I 61 34.28 39.19 -6.63
CA LYS I 61 35.29 39.52 -5.63
C LYS I 61 36.43 38.52 -5.64
N PHE I 62 36.10 37.23 -5.75
CA PHE I 62 37.12 36.18 -5.65
C PHE I 62 38.02 36.18 -6.89
N ALA I 63 37.44 36.19 -8.08
CA ALA I 63 38.17 35.97 -9.32
C ALA I 63 38.52 37.25 -10.06
N ASP I 64 38.10 38.41 -9.56
CA ASP I 64 38.35 39.70 -10.21
C ASP I 64 37.84 39.71 -11.64
N ASP I 65 36.75 38.99 -11.91
CA ASP I 65 36.17 38.91 -13.24
C ASP I 65 34.69 38.63 -13.13
N ASN I 66 33.91 39.26 -14.00
CA ASN I 66 32.47 39.03 -14.00
C ASN I 66 32.18 37.66 -14.59
N PRO I 67 31.41 36.82 -13.90
CA PRO I 67 31.09 35.50 -14.45
C PRO I 67 30.31 35.63 -15.75
N ARG I 68 30.65 34.78 -16.71
CA ARG I 68 30.02 34.77 -18.02
C ARG I 68 29.68 33.34 -18.40
N HIS I 69 28.61 33.19 -19.18
CA HIS I 69 28.30 31.89 -19.74
C HIS I 69 29.34 31.51 -20.78
N LEU I 70 29.40 30.21 -21.09
CA LEU I 70 30.45 29.65 -21.95
C LEU I 70 31.84 29.92 -21.38
N ARG I 71 31.95 29.84 -20.05
CA ARG I 71 33.23 29.90 -19.36
C ARG I 71 33.27 28.78 -18.33
N VAL I 72 34.48 28.31 -18.03
CA VAL I 72 34.62 27.16 -17.14
C VAL I 72 34.43 27.54 -15.67
N LYS I 73 34.50 28.83 -15.33
CA LYS I 73 34.43 29.28 -13.95
C LYS I 73 35.53 28.63 -13.11
N THR I 74 36.77 28.89 -13.51
CA THR I 74 37.91 28.26 -12.86
C THR I 74 38.20 28.89 -11.50
N GLY I 75 38.06 30.19 -11.36
CA GLY I 75 38.39 30.90 -10.14
C GLY I 75 39.33 32.06 -10.33
N GLY I 76 39.90 32.22 -11.52
CA GLY I 76 40.73 33.37 -11.79
C GLY I 76 42.14 33.22 -11.25
N LYS I 77 42.79 34.37 -11.02
CA LYS I 77 44.17 34.37 -10.56
C LYS I 77 44.28 33.83 -9.14
N MET I 78 43.27 34.06 -8.31
CA MET I 78 43.32 33.61 -6.92
C MET I 78 43.39 32.08 -6.84
N ALA I 79 42.62 31.39 -7.68
CA ALA I 79 42.68 29.94 -7.69
C ALA I 79 44.04 29.45 -8.14
N ASN I 80 44.60 30.08 -9.18
CA ASN I 80 45.94 29.69 -9.63
C ASN I 80 46.99 29.99 -8.56
N ALA I 81 46.89 31.14 -7.92
CA ALA I 81 47.82 31.46 -6.85
C ALA I 81 47.66 30.51 -5.68
N LEU I 82 46.42 30.18 -5.31
CA LEU I 82 46.18 29.26 -4.21
C LEU I 82 46.76 27.88 -4.50
N THR I 83 46.57 27.39 -5.72
CA THR I 83 47.06 26.06 -6.06
C THR I 83 48.59 25.99 -6.01
N ASN I 84 49.25 26.99 -6.60
CA ASN I 84 50.71 26.97 -6.65
C ASN I 84 51.33 27.15 -5.28
N VAL I 85 50.67 27.91 -4.41
CA VAL I 85 51.17 28.12 -3.06
C VAL I 85 51.09 26.84 -2.25
N ILE I 86 50.03 26.05 -2.45
CA ILE I 86 49.88 24.78 -1.73
C ILE I 86 51.02 23.83 -2.08
N ARG I 87 51.40 23.79 -3.36
CA ARG I 87 52.51 22.94 -3.77
C ARG I 87 53.80 23.35 -3.09
N SER I 88 54.01 24.66 -2.92
CA SER I 88 55.25 25.15 -2.35
C SER I 88 55.44 24.67 -0.91
N TYR I 89 54.35 24.67 -0.13
CA TYR I 89 54.48 24.31 1.29
C TYR I 89 54.87 22.84 1.47
N TYR I 90 54.34 21.95 0.63
CA TYR I 90 54.44 20.53 0.92
C TYR I 90 55.89 20.05 0.87
N SER I 91 56.67 20.54 -0.08
CA SER I 91 58.05 20.09 -0.24
C SER I 91 58.96 21.29 -0.46
N ILE I 92 60.22 21.12 -0.07
CA ILE I 92 61.23 22.13 -0.33
C ILE I 92 61.72 22.07 -1.77
N ASN I 93 61.43 20.97 -2.48
CA ASN I 93 61.82 20.84 -3.88
C ASN I 93 60.85 21.53 -4.82
N ALA I 94 59.61 21.75 -4.40
CA ALA I 94 58.61 22.34 -5.29
C ALA I 94 58.98 23.79 -5.60
N PRO I 95 58.79 24.24 -6.83
CA PRO I 95 59.12 25.62 -7.18
C PRO I 95 58.15 26.61 -6.57
N ALA I 96 58.63 27.83 -6.38
CA ALA I 96 57.82 28.96 -5.94
C ALA I 96 57.65 29.88 -7.14
N ILE I 97 56.51 29.80 -7.79
CA ILE I 97 56.30 30.45 -9.08
C ILE I 97 55.25 31.56 -9.00
N VAL I 98 54.90 31.99 -7.80
CA VAL I 98 53.93 33.07 -7.61
C VAL I 98 54.70 34.33 -7.22
N PRO I 99 54.65 35.38 -8.03
CA PRO I 99 55.36 36.61 -7.67
C PRO I 99 54.82 37.22 -6.39
N GLN I 100 55.71 37.88 -5.64
CA GLN I 100 55.31 38.49 -4.39
C GLN I 100 54.33 39.64 -4.60
N VAL I 101 54.48 40.38 -5.69
CA VAL I 101 53.57 41.50 -5.96
C VAL I 101 52.16 40.99 -6.21
N GLU I 102 52.04 39.82 -6.84
CA GLU I 102 50.71 39.24 -7.08
C GLU I 102 50.05 38.83 -5.77
N ILE I 103 50.83 38.26 -4.84
CA ILE I 103 50.28 37.82 -3.56
C ILE I 103 49.79 39.02 -2.76
N ASP I 104 50.58 40.10 -2.74
CA ASP I 104 50.18 41.30 -2.01
C ASP I 104 48.93 41.91 -2.60
N ARG I 105 48.82 41.92 -3.92
CA ARG I 105 47.63 42.49 -4.58
C ARG I 105 46.38 41.68 -4.21
N LEU I 106 46.49 40.35 -4.20
CA LEU I 106 45.36 39.53 -3.81
C LEU I 106 45.06 39.64 -2.32
N ALA I 107 46.08 39.91 -1.51
CA ALA I 107 45.88 40.08 -0.08
C ALA I 107 45.16 41.37 0.26
N SER I 108 45.09 42.32 -0.68
CA SER I 108 44.41 43.58 -0.45
C SER I 108 42.91 43.50 -0.69
N LYS I 109 42.39 42.37 -1.14
CA LYS I 109 40.97 42.25 -1.42
C LYS I 109 40.12 42.20 -0.15
N ALA I 110 40.74 41.96 1.00
CA ALA I 110 40.04 41.95 2.26
C ALA I 110 40.99 42.41 3.36
N THR I 111 40.43 42.86 4.47
CA THR I 111 41.20 43.40 5.59
C THR I 111 41.09 42.43 6.75
N VAL I 112 42.00 41.45 6.79
CA VAL I 112 42.06 40.46 7.86
C VAL I 112 43.49 40.38 8.36
N SER I 113 43.63 39.88 9.58
CA SER I 113 44.93 39.72 10.18
C SER I 113 45.58 38.41 9.73
N GLY I 114 46.90 38.42 9.67
CA GLY I 114 47.66 37.25 9.30
C GLY I 114 48.03 36.35 10.45
N ASP I 115 47.49 36.59 11.65
CA ASP I 115 47.84 35.78 12.81
C ASP I 115 47.33 34.36 12.63
N MET I 116 48.24 33.40 12.81
CA MET I 116 47.90 31.98 12.65
C MET I 116 48.07 31.21 13.95
N TYR I 117 48.33 31.89 15.07
CA TYR I 117 48.56 31.22 16.35
C TYR I 117 47.62 31.72 17.44
N ASN I 118 46.48 32.31 17.05
CA ASN I 118 45.57 32.87 18.03
C ASN I 118 44.86 31.77 18.82
N SER I 119 44.39 30.73 18.15
CA SER I 119 43.63 29.66 18.76
C SER I 119 44.43 28.36 18.75
N TYR I 120 43.78 27.27 19.12
CA TYR I 120 44.39 25.95 19.17
C TYR I 120 43.47 24.93 18.51
N ALA I 121 44.00 23.73 18.31
CA ALA I 121 43.21 22.61 17.81
C ALA I 121 43.78 21.32 18.38
N ILE I 122 42.94 20.31 18.51
CA ILE I 122 43.32 19.02 19.06
C ILE I 122 43.51 18.04 17.92
N PHE I 123 44.66 17.40 17.87
CA PHE I 123 45.01 16.45 16.82
C PHE I 123 45.17 15.06 17.43
N ASN I 124 44.60 14.06 16.76
CA ASN I 124 44.33 12.77 17.39
C ASN I 124 45.33 11.68 17.04
N SER I 125 46.37 11.96 16.27
CA SER I 125 47.32 10.92 15.89
C SER I 125 48.09 10.43 17.11
N VAL I 126 48.38 9.13 17.15
CA VAL I 126 49.01 8.50 18.29
C VAL I 126 50.48 8.28 17.97
N PRO I 127 51.40 9.06 18.56
CA PRO I 127 52.82 8.86 18.28
C PRO I 127 53.45 7.78 19.15
N ILE I 128 53.88 6.68 18.52
CA ILE I 128 54.63 5.64 19.22
C ILE I 128 56.04 5.63 18.67
N VAL I 129 56.95 6.33 19.34
CA VAL I 129 58.31 6.49 18.83
C VAL I 129 59.03 5.16 18.78
N GLU I 130 58.94 4.37 19.85
CA GLU I 130 59.63 3.09 19.89
C GLU I 130 58.99 2.20 20.94
N VAL I 131 58.91 0.91 20.63
CA VAL I 131 58.50 -0.12 21.59
C VAL I 131 59.61 -1.15 21.65
N LEU I 132 60.24 -1.27 22.81
CA LEU I 132 61.39 -2.15 22.99
C LEU I 132 60.94 -3.41 23.72
N SER I 133 61.24 -4.56 23.13
CA SER I 133 60.83 -5.84 23.68
C SER I 133 62.03 -6.77 23.77
N PRO I 134 62.05 -7.66 24.75
CA PRO I 134 63.13 -8.64 24.87
C PRO I 134 62.94 -9.77 23.86
N ALA I 135 63.86 -10.71 23.89
CA ALA I 135 63.78 -11.88 23.02
C ALA I 135 62.59 -12.75 23.42
N ARG I 136 62.20 -13.63 22.50
CA ARG I 136 61.11 -14.58 22.65
C ARG I 136 59.74 -13.92 22.69
N THR I 137 59.64 -12.64 22.34
CA THR I 137 58.37 -11.93 22.31
C THR I 137 58.18 -11.27 20.95
N THR I 138 56.91 -11.12 20.56
CA THR I 138 56.55 -10.51 19.29
C THR I 138 55.69 -9.28 19.56
N VAL I 139 56.00 -8.18 18.90
CA VAL I 139 55.29 -6.92 19.06
C VAL I 139 54.94 -6.38 17.67
N SER I 140 53.68 -6.01 17.47
CA SER I 140 53.21 -5.43 16.22
C SER I 140 52.39 -4.20 16.51
N ILE I 141 52.62 -3.14 15.73
CA ILE I 141 51.91 -1.87 15.87
C ILE I 141 51.16 -1.59 14.59
N VAL I 142 49.86 -1.37 14.70
CA VAL I 142 49.00 -1.12 13.54
C VAL I 142 48.05 0.03 13.88
N GLY I 143 47.94 0.99 12.98
CA GLY I 143 46.97 2.05 13.10
C GLY I 143 47.61 3.38 13.48
N SER I 144 46.91 4.46 13.11
CA SER I 144 47.36 5.81 13.44
C SER I 144 46.41 6.52 14.38
N ASP I 145 45.11 6.62 14.03
CA ASP I 145 44.15 7.26 14.91
C ASP I 145 43.93 6.46 16.18
N ARG I 146 43.87 5.13 16.05
CA ARG I 146 43.77 4.22 17.20
C ARG I 146 44.82 3.14 17.00
N ALA I 147 45.92 3.25 17.74
CA ALA I 147 47.04 2.33 17.58
C ALA I 147 46.79 1.08 18.41
N ASP I 148 46.81 -0.07 17.75
CA ASP I 148 46.68 -1.37 18.41
C ASP I 148 48.03 -2.05 18.43
N VAL I 149 48.49 -2.43 19.62
CA VAL I 149 49.79 -3.06 19.79
C VAL I 149 49.54 -4.50 20.21
N THR I 150 49.86 -5.44 19.34
CA THR I 150 49.70 -6.86 19.60
C THR I 150 50.97 -7.39 20.23
N MET I 151 50.81 -8.13 21.33
CA MET I 151 51.93 -8.52 22.18
C MET I 151 51.78 -9.99 22.55
N LEU I 152 52.82 -10.78 22.28
CA LEU I 152 52.81 -12.20 22.56
C LEU I 152 54.13 -12.60 23.22
N ASN I 153 54.03 -13.44 24.25
CA ASN I 153 55.20 -13.89 25.00
C ASN I 153 55.30 -15.40 24.90
N THR I 154 56.30 -15.89 24.16
CA THR I 154 56.56 -17.32 24.04
C THR I 154 57.66 -17.80 24.97
N GLY I 155 58.19 -16.91 25.82
CA GLY I 155 59.26 -17.28 26.71
C GLY I 155 58.77 -18.06 27.92
N ALA I 156 59.73 -18.40 28.79
CA ALA I 156 59.40 -19.17 29.97
C ALA I 156 58.70 -18.33 31.04
N GLY I 157 59.15 -17.10 31.23
CA GLY I 157 58.63 -16.24 32.28
C GLY I 157 58.06 -14.94 31.74
N ALA I 158 57.64 -14.09 32.67
CA ALA I 158 57.09 -12.79 32.32
C ALA I 158 58.17 -11.89 31.72
N ALA I 159 57.73 -10.95 30.89
CA ALA I 159 58.64 -10.05 30.19
C ALA I 159 58.22 -8.60 30.43
N ASN I 160 59.20 -7.71 30.37
CA ASN I 160 58.99 -6.29 30.52
C ASN I 160 59.23 -5.62 29.17
N ILE I 161 58.25 -4.85 28.72
CA ILE I 161 58.27 -4.22 27.40
C ILE I 161 58.10 -2.73 27.57
N THR I 162 58.94 -1.95 26.90
CA THR I 162 59.06 -0.52 27.14
C THR I 162 58.35 0.26 26.04
N PHE I 163 57.51 1.21 26.44
CA PHE I 163 56.79 2.08 25.53
C PHE I 163 57.35 3.49 25.63
N ASN I 164 57.47 4.16 24.48
CA ASN I 164 57.97 5.53 24.43
C ASN I 164 57.09 6.32 23.46
N PHE I 165 56.28 7.23 24.00
CA PHE I 165 55.32 8.00 23.21
C PHE I 165 55.82 9.39 22.84
N GLY I 166 57.08 9.70 23.12
CA GLY I 166 57.61 11.01 22.82
C GLY I 166 57.26 12.05 23.89
N GLN I 167 57.57 13.30 23.56
CA GLN I 167 57.30 14.43 24.45
C GLN I 167 56.26 15.40 23.92
N ILE I 168 55.93 15.36 22.63
CA ILE I 168 55.01 16.35 22.07
C ILE I 168 53.59 16.10 22.56
N ALA I 169 53.16 14.84 22.59
CA ALA I 169 51.78 14.54 22.93
C ALA I 169 51.46 14.94 24.36
N GLU I 170 50.21 15.31 24.59
CA GLU I 170 49.79 15.82 25.89
C GLU I 170 49.25 14.71 26.80
N THR I 171 48.36 13.88 26.29
CA THR I 171 47.80 12.76 27.06
C THR I 171 47.71 11.54 26.18
N VAL I 172 47.82 10.37 26.80
CA VAL I 172 47.71 9.09 26.12
C VAL I 172 46.86 8.17 26.98
N ILE I 173 45.87 7.52 26.37
CA ILE I 173 44.98 6.61 27.06
C ILE I 173 45.20 5.22 26.50
N LEU I 174 45.49 4.27 27.38
CA LEU I 174 45.74 2.88 27.01
C LEU I 174 44.60 2.01 27.49
N LYS I 175 44.05 1.22 26.58
CA LYS I 175 43.01 0.26 26.90
C LYS I 175 43.46 -1.12 26.45
N GLY I 176 43.38 -2.09 27.35
CA GLY I 176 43.82 -3.44 27.08
C GLY I 176 42.69 -4.41 26.86
N SER I 177 42.95 -5.44 26.06
CA SER I 177 41.97 -6.49 25.86
C SER I 177 41.69 -7.23 27.17
N VAL I 178 42.73 -7.50 27.94
CA VAL I 178 42.60 -8.03 29.29
C VAL I 178 43.37 -7.12 30.24
N PRO I 179 42.99 -7.08 31.52
CA PRO I 179 43.70 -6.21 32.46
C PRO I 179 45.18 -6.55 32.51
N PHE I 180 46.00 -5.50 32.58
CA PHE I 180 47.45 -5.65 32.51
C PHE I 180 48.10 -4.68 33.49
N GLN I 181 49.42 -4.73 33.54
CA GLN I 181 50.20 -4.02 34.54
C GLN I 181 51.16 -3.06 33.85
N LEU I 182 51.18 -1.81 34.31
CA LEU I 182 52.00 -0.78 33.68
C LEU I 182 52.41 0.23 34.73
N ALA I 183 53.68 0.64 34.68
CA ALA I 183 54.19 1.67 35.57
C ALA I 183 55.41 2.30 34.94
N ARG I 184 55.77 3.49 35.43
CA ARG I 184 56.97 4.16 34.96
C ARG I 184 58.22 3.45 35.51
N LEU I 185 59.37 3.84 34.97
CA LEU I 185 60.62 3.23 35.39
C LEU I 185 60.91 3.52 36.85
N ASN I 186 61.47 2.53 37.54
CA ASN I 186 61.81 2.63 38.95
C ASN I 186 60.58 2.97 39.80
N GLN I 187 59.44 2.40 39.46
CA GLN I 187 58.21 2.58 40.20
C GLN I 187 57.55 1.22 40.43
N PRO I 188 56.85 1.07 41.55
CA PRO I 188 56.19 -0.22 41.83
C PRO I 188 55.06 -0.50 40.85
N MET I 189 54.85 -1.78 40.60
CA MET I 189 53.82 -2.20 39.66
C MET I 189 52.45 -2.20 40.33
N PRO I 190 51.46 -1.55 39.76
CA PRO I 190 50.11 -1.55 40.33
C PRO I 190 49.40 -2.87 40.04
N ALA I 191 48.18 -2.98 40.56
CA ALA I 191 47.35 -4.13 40.26
C ALA I 191 46.86 -4.08 38.83
N ALA I 192 46.41 -5.23 38.33
CA ALA I 192 45.92 -5.31 36.96
C ALA I 192 44.75 -4.37 36.75
N ARG I 193 44.80 -3.58 35.69
CA ARG I 193 43.79 -2.58 35.40
C ARG I 193 43.54 -2.53 33.90
N PHE I 194 42.30 -2.22 33.54
CA PHE I 194 41.90 -2.20 32.13
C PHE I 194 42.42 -0.98 31.39
N THR I 195 42.44 0.18 32.05
CA THR I 195 42.74 1.44 31.39
C THR I 195 43.79 2.23 32.17
N TYR I 196 44.58 3.00 31.43
CA TYR I 196 45.61 3.85 32.00
C TYR I 196 45.58 5.20 31.30
N LYS I 197 45.77 6.27 32.07
CA LYS I 197 45.93 7.61 31.53
C LYS I 197 47.32 8.11 31.90
N LEU I 198 48.10 8.47 30.89
CA LEU I 198 49.51 8.80 31.08
C LEU I 198 49.85 10.09 30.38
N ARG I 199 50.75 10.86 30.99
CA ARG I 199 51.38 11.98 30.32
C ARG I 199 52.66 11.51 29.67
N PRO I 200 52.85 11.69 28.37
CA PRO I 200 54.03 11.13 27.70
C PRO I 200 55.35 11.63 28.25
N LEU I 201 55.38 12.84 28.82
CA LEU I 201 56.60 13.38 29.39
C LEU I 201 57.04 12.65 30.65
N ASP I 202 56.19 11.79 31.22
CA ASP I 202 56.54 11.11 32.46
C ASP I 202 57.71 10.15 32.26
N GLY I 203 57.96 9.72 31.03
CA GLY I 203 59.09 8.87 30.74
C GLY I 203 58.67 7.57 30.09
N PRO I 204 59.64 6.69 29.83
CA PRO I 204 59.31 5.37 29.30
C PRO I 204 58.42 4.59 30.27
N PHE I 205 57.50 3.83 29.72
CA PHE I 205 56.55 3.05 30.50
C PHE I 205 56.80 1.56 30.26
N ILE I 206 56.88 0.81 31.35
CA ILE I 206 57.17 -0.62 31.30
C ILE I 206 55.89 -1.39 31.56
N VAL I 207 55.57 -2.32 30.67
CA VAL I 207 54.37 -3.14 30.77
C VAL I 207 54.78 -4.59 30.97
N VAL I 208 54.12 -5.27 31.90
CA VAL I 208 54.42 -6.66 32.21
C VAL I 208 53.55 -7.54 31.32
N LEU I 209 54.20 -8.38 30.52
CA LEU I 209 53.51 -9.29 29.62
C LEU I 209 53.56 -10.71 30.17
N PRO I 210 52.44 -11.29 30.59
CA PRO I 210 52.47 -12.69 31.05
C PRO I 210 52.71 -13.66 29.90
N VAL I 211 52.69 -14.96 30.19
CA VAL I 211 53.05 -15.97 29.19
C VAL I 211 51.85 -16.62 28.52
N GLY I 212 50.64 -16.43 29.06
CA GLY I 212 49.50 -17.20 28.60
C GLY I 212 48.98 -16.89 27.21
N ASN I 213 48.36 -15.73 27.05
CA ASN I 213 47.59 -15.40 25.86
C ASN I 213 48.02 -14.03 25.34
N PRO I 214 47.78 -13.76 24.05
CA PRO I 214 48.18 -12.45 23.50
C PRO I 214 47.49 -11.30 24.19
N LEU I 215 48.22 -10.19 24.33
CA LEU I 215 47.72 -8.96 24.90
C LEU I 215 47.72 -7.87 23.83
N VAL I 216 46.57 -7.25 23.62
CA VAL I 216 46.43 -6.16 22.67
C VAL I 216 46.10 -4.89 23.44
N ILE I 217 46.85 -3.83 23.19
CA ILE I 217 46.68 -2.55 23.88
C ILE I 217 46.30 -1.50 22.84
N SER I 218 45.17 -0.85 23.06
CA SER I 218 44.69 0.21 22.18
C SER I 218 45.05 1.55 22.78
N ALA I 219 45.63 2.43 21.96
CA ALA I 219 46.17 3.71 22.41
C ALA I 219 45.45 4.85 21.71
N THR I 220 45.11 5.87 22.47
CA THR I 220 44.53 7.10 21.93
C THR I 220 45.25 8.29 22.55
N ALA I 221 45.61 9.26 21.73
CA ALA I 221 46.39 10.40 22.17
C ALA I 221 45.75 11.69 21.69
N ALA I 222 45.99 12.76 22.44
CA ALA I 222 45.50 14.09 22.09
C ALA I 222 46.66 15.06 22.15
N THR I 223 46.84 15.84 21.07
CA THR I 223 47.91 16.82 20.97
C THR I 223 47.32 18.16 20.58
N ARG I 224 47.85 19.23 21.18
CA ARG I 224 47.37 20.58 20.95
C ARG I 224 48.38 21.34 20.10
N ILE I 225 47.89 21.91 19.00
CA ILE I 225 48.71 22.69 18.09
C ILE I 225 48.03 24.03 17.85
N GLN I 226 48.78 25.12 17.96
CA GLN I 226 48.21 26.44 17.77
C GLN I 226 47.82 26.67 16.31
N VAL I 227 46.59 27.13 16.10
CA VAL I 227 46.02 27.34 14.77
C VAL I 227 45.21 28.62 14.78
N PRO I 228 44.94 29.18 13.59
CA PRO I 228 44.06 30.35 13.53
C PRO I 228 42.64 30.00 13.94
N LEU I 229 41.90 31.05 14.33
CA LEU I 229 40.53 30.86 14.80
C LEU I 229 39.59 30.32 13.74
N ALA I 230 39.93 30.52 12.46
CA ALA I 230 39.09 30.04 11.37
C ALA I 230 39.35 28.58 11.03
N PHE I 231 40.29 27.93 11.71
CA PHE I 231 40.64 26.54 11.43
C PHE I 231 39.44 25.63 11.66
N ASN I 232 39.19 24.75 10.70
CA ASN I 232 38.11 23.77 10.79
C ASN I 232 38.69 22.42 10.36
N LYS I 233 38.80 21.49 11.30
CA LYS I 233 39.48 20.23 11.02
C LYS I 233 38.76 19.43 9.95
N ALA I 234 37.43 19.42 9.98
CA ALA I 234 36.68 18.65 8.99
C ALA I 234 36.92 19.17 7.59
N LEU I 235 37.00 20.51 7.44
CA LEU I 235 37.23 21.08 6.12
C LEU I 235 38.68 20.89 5.68
N VAL I 236 39.62 20.91 6.63
CA VAL I 236 41.02 20.71 6.29
C VAL I 236 41.24 19.29 5.76
N GLU I 237 40.61 18.31 6.39
CA GLU I 237 40.75 16.92 5.94
C GLU I 237 40.21 16.75 4.52
N SER I 238 39.08 17.38 4.22
CA SER I 238 38.52 17.31 2.87
C SER I 238 39.49 17.92 1.85
N GLY I 239 40.11 19.05 2.20
CA GLY I 239 41.06 19.66 1.29
C GLY I 239 42.31 18.82 1.09
N PHE I 240 42.75 18.13 2.16
CA PHE I 240 43.94 17.30 2.05
C PHE I 240 43.75 16.17 1.05
N GLN I 241 42.59 15.52 1.11
CA GLN I 241 42.32 14.43 0.18
C GLN I 241 42.12 14.93 -1.24
N THR I 242 41.57 16.14 -1.38
CA THR I 242 41.38 16.71 -2.71
C THR I 242 42.73 17.08 -3.34
N ALA I 243 43.61 17.72 -2.57
CA ALA I 243 44.91 18.09 -3.12
C ALA I 243 45.72 16.86 -3.51
N MET I 244 45.65 15.81 -2.71
CA MET I 244 46.32 14.56 -3.05
C MET I 244 45.74 13.96 -4.33
N ASN I 245 44.42 13.97 -4.46
CA ASN I 245 43.79 13.42 -5.66
C ASN I 245 44.04 14.30 -6.88
N ASP I 246 44.08 15.62 -6.68
CA ASP I 246 44.34 16.53 -7.78
C ASP I 246 45.79 16.55 -8.21
N GLY I 247 46.66 15.87 -7.48
CA GLY I 247 48.06 15.79 -7.86
C GLY I 247 48.89 16.99 -7.48
N LEU I 248 48.49 17.74 -6.46
CA LEU I 248 49.27 18.87 -5.99
C LEU I 248 50.45 18.45 -5.13
N PHE I 249 50.47 17.20 -4.67
CA PHE I 249 51.51 16.72 -3.77
C PHE I 249 52.51 15.80 -4.46
N ASP I 250 52.45 15.69 -5.79
CA ASP I 250 53.37 14.80 -6.50
C ASP I 250 54.68 15.55 -6.79
N ILE I 251 55.75 15.06 -6.19
CA ILE I 251 57.10 15.58 -6.36
C ILE I 251 58.06 14.50 -5.89
N GLN I 252 59.33 14.62 -6.27
CA GLN I 252 60.31 13.61 -5.92
C GLN I 252 60.69 13.70 -4.45
N ASN I 253 60.87 12.54 -3.82
CA ASN I 253 61.39 12.40 -2.46
C ASN I 253 60.48 13.11 -1.43
N VAL I 254 59.25 12.63 -1.35
CA VAL I 254 58.32 13.09 -0.32
C VAL I 254 57.55 11.90 0.23
N ASN I 255 57.37 11.88 1.54
CA ASN I 255 56.51 10.90 2.18
C ASN I 255 55.05 11.27 1.96
N TYR I 256 54.20 10.25 1.96
CA TYR I 256 52.77 10.42 1.74
C TYR I 256 52.01 9.91 2.96
N TYR I 257 51.00 10.66 3.38
CA TYR I 257 50.27 10.35 4.60
C TYR I 257 48.78 10.27 4.30
N SER I 258 48.07 9.49 5.11
CA SER I 258 46.65 9.25 4.87
C SER I 258 45.76 10.38 5.39
N SER I 259 46.30 11.27 6.21
CA SER I 259 45.49 12.35 6.76
C SER I 259 46.38 13.51 7.15
N PHE I 260 45.77 14.69 7.28
CA PHE I 260 46.49 15.86 7.79
C PHE I 260 46.85 15.67 9.26
N ASP I 261 46.11 14.83 9.97
CA ASP I 261 46.48 14.48 11.34
C ASP I 261 47.87 13.85 11.39
N GLU I 262 48.11 12.88 10.52
CA GLU I 262 49.41 12.21 10.51
C GLU I 262 50.50 13.14 10.01
N PHE I 263 50.18 14.00 9.05
CA PHE I 263 51.18 14.90 8.48
C PHE I 263 51.74 15.84 9.54
N ILE I 264 50.86 16.51 10.28
CA ILE I 264 51.30 17.54 11.22
C ILE I 264 51.99 16.93 12.43
N ILE I 265 51.55 15.75 12.86
CA ILE I 265 52.17 15.11 14.01
C ILE I 265 53.55 14.57 13.67
N SER I 266 53.68 13.97 12.49
CA SER I 266 54.98 13.45 12.08
C SER I 266 56.00 14.57 11.90
N GLN I 267 55.56 15.70 11.34
CA GLN I 267 56.46 16.83 11.18
C GLN I 267 56.89 17.39 12.53
N TYR I 268 56.00 17.33 13.52
CA TYR I 268 56.32 17.82 14.85
C TYR I 268 57.44 17.01 15.50
N HIS I 269 57.40 15.69 15.34
CA HIS I 269 58.31 14.82 16.07
C HIS I 269 59.71 14.77 15.48
N ALA I 270 59.92 15.33 14.30
CA ALA I 270 61.24 15.35 13.69
C ALA I 270 62.05 16.53 14.22
N GLN I 271 63.33 16.55 13.86
CA GLN I 271 64.21 17.62 14.31
C GLN I 271 63.75 18.95 13.74
N ASP I 272 63.94 20.01 14.55
CA ASP I 272 63.42 21.34 14.26
C ASP I 272 61.90 21.23 14.05
N GLY I 273 61.22 20.89 15.14
CA GLY I 273 59.80 20.61 15.05
C GLY I 273 58.94 21.84 15.02
N ILE I 274 59.34 22.89 15.74
CA ILE I 274 58.49 24.07 15.89
C ILE I 274 58.28 24.77 14.55
N ASN I 275 59.35 24.95 13.79
CA ASN I 275 59.25 25.71 12.55
C ASN I 275 58.44 24.95 11.50
N ARG I 276 58.55 23.62 11.49
CA ARG I 276 57.80 22.82 10.54
C ARG I 276 56.31 22.91 10.79
N VAL I 277 55.90 22.85 12.05
CA VAL I 277 54.48 22.95 12.38
C VAL I 277 53.93 24.33 12.02
N SER I 278 54.77 25.37 12.13
CA SER I 278 54.32 26.70 11.74
C SER I 278 53.94 26.74 10.27
N THR I 279 54.75 26.11 9.42
CA THR I 279 54.44 26.07 7.99
C THR I 279 53.26 25.13 7.72
N CYS I 280 53.18 24.03 8.45
CA CYS I 280 52.10 23.07 8.23
C CYS I 280 50.74 23.68 8.55
N VAL I 281 50.67 24.54 9.58
CA VAL I 281 49.41 25.18 9.94
C VAL I 281 48.95 26.09 8.82
N ILE I 282 49.87 26.82 8.19
CA ILE I 282 49.50 27.66 7.05
C ILE I 282 48.98 26.81 5.91
N LEU I 283 49.57 25.63 5.70
CA LEU I 283 49.08 24.72 4.67
C LEU I 283 47.67 24.24 4.99
N GLY I 284 47.36 24.08 6.27
CA GLY I 284 46.01 23.67 6.64
C GLY I 284 44.95 24.70 6.27
N LEU I 285 45.22 25.97 6.54
CA LEU I 285 44.27 27.02 6.18
C LEU I 285 44.15 27.13 4.66
N ALA I 286 45.27 27.01 3.95
CA ALA I 286 45.22 27.01 2.49
C ALA I 286 44.43 25.82 1.96
N LEU I 287 44.63 24.64 2.57
CA LEU I 287 43.85 23.47 2.18
C LEU I 287 42.37 23.66 2.49
N GLN I 288 42.07 24.30 3.62
CA GLN I 288 40.68 24.59 3.95
C GLN I 288 40.04 25.50 2.90
N ALA I 289 40.78 26.52 2.46
CA ALA I 289 40.28 27.39 1.41
C ALA I 289 40.17 26.65 0.08
N TYR I 290 41.11 25.74 -0.19
CA TYR I 290 41.09 25.00 -1.44
C TYR I 290 39.85 24.13 -1.54
N ASP I 291 39.44 23.51 -0.43
CA ASP I 291 38.29 22.62 -0.44
C ASP I 291 37.02 23.38 -0.79
N GLN I 292 36.84 24.56 -0.18
CA GLN I 292 35.60 25.31 -0.39
C GLN I 292 35.53 25.88 -1.80
N MET I 293 36.67 26.32 -2.34
CA MET I 293 36.66 26.90 -3.68
C MET I 293 36.49 25.82 -4.74
N ARG I 294 37.03 24.63 -4.49
CA ARG I 294 36.86 23.54 -5.46
C ARG I 294 35.46 22.95 -5.40
N ARG I 295 34.85 22.91 -4.22
CA ARG I 295 33.49 22.40 -4.12
C ARG I 295 32.48 23.39 -4.68
N ALA I 296 32.77 24.69 -4.61
CA ALA I 296 31.91 25.68 -5.24
C ALA I 296 32.12 25.73 -6.74
N LEU I 297 33.36 25.57 -7.20
CA LEU I 297 33.72 25.67 -8.62
C LEU I 297 34.52 24.45 -9.02
N PRO I 298 33.86 23.34 -9.34
CA PRO I 298 34.59 22.17 -9.83
C PRO I 298 35.16 22.42 -11.22
N VAL I 299 36.25 21.73 -11.52
CA VAL I 299 36.92 21.91 -12.81
C VAL I 299 37.55 20.59 -13.26
N ALA J 2 45.56 -21.68 -4.76
CA ALA J 2 45.47 -20.28 -4.39
C ALA J 2 44.26 -20.04 -3.50
N ASN J 3 44.44 -19.17 -2.50
CA ASN J 3 43.37 -18.77 -1.60
C ASN J 3 43.00 -17.33 -1.91
N ARG J 4 41.71 -17.01 -1.77
CA ARG J 4 41.19 -15.69 -2.10
C ARG J 4 40.49 -15.08 -0.90
N ALA J 5 40.71 -13.78 -0.71
CA ALA J 5 40.05 -13.01 0.33
C ALA J 5 39.54 -11.70 -0.26
N THR J 6 38.49 -11.16 0.34
CA THR J 6 37.87 -9.95 -0.17
C THR J 6 37.22 -9.19 0.97
N SER J 7 36.92 -7.91 0.72
CA SER J 7 36.23 -7.09 1.70
C SER J 7 34.81 -7.59 1.91
N ALA J 8 34.37 -7.58 3.17
CA ALA J 8 33.04 -8.10 3.48
C ALA J 8 31.95 -7.22 2.89
N PHE J 9 32.15 -5.91 2.89
CA PHE J 9 31.09 -4.98 2.49
C PHE J 9 30.92 -4.88 0.99
N LEU J 10 31.83 -5.43 0.20
CA LEU J 10 31.72 -5.40 -1.25
C LEU J 10 31.00 -6.60 -1.83
N ASP J 11 30.50 -7.50 -0.99
CA ASP J 11 29.92 -8.75 -1.43
C ASP J 11 28.44 -8.57 -1.72
N ASN J 12 28.04 -8.92 -2.94
CA ASN J 12 26.64 -8.95 -3.37
C ASN J 12 25.92 -7.64 -3.09
N PRO J 13 26.22 -6.57 -3.83
CA PRO J 13 25.45 -5.34 -3.68
C PRO J 13 24.05 -5.51 -4.27
N HIS J 14 23.04 -5.37 -3.42
CA HIS J 14 21.67 -5.52 -3.87
C HIS J 14 21.28 -4.38 -4.81
N PRO J 15 20.34 -4.62 -5.72
CA PRO J 15 19.92 -3.56 -6.64
C PRO J 15 19.20 -2.44 -5.91
N VAL J 16 19.26 -1.25 -6.52
CA VAL J 16 18.64 -0.07 -5.96
C VAL J 16 17.35 0.22 -6.72
N GLY J 17 16.57 1.16 -6.21
CA GLY J 17 15.32 1.52 -6.85
C GLY J 17 15.53 2.25 -8.16
N VAL J 18 14.53 2.15 -9.03
CA VAL J 18 14.55 2.81 -10.33
C VAL J 18 13.40 3.81 -10.46
N ASN J 19 12.80 4.19 -9.34
CA ASN J 19 11.65 5.08 -9.33
C ASN J 19 12.02 6.40 -8.66
N TYR J 20 11.24 7.43 -8.97
CA TYR J 20 11.45 8.79 -8.46
C TYR J 20 12.88 9.25 -8.71
N VAL J 21 13.33 9.11 -9.95
CA VAL J 21 14.65 9.55 -10.36
C VAL J 21 14.59 10.57 -11.49
N ASP J 22 13.42 11.16 -11.74
CA ASP J 22 13.25 12.12 -12.82
C ASP J 22 13.45 13.54 -12.28
N GLU J 23 13.21 14.53 -13.14
CA GLU J 23 13.45 15.92 -12.75
C GLU J 23 12.52 16.36 -11.63
N GLY J 24 11.24 16.00 -11.71
CA GLY J 24 10.30 16.42 -10.69
C GLY J 24 10.60 15.81 -9.33
N SER J 25 10.94 14.52 -9.31
CA SER J 25 11.19 13.85 -8.04
C SER J 25 12.45 14.39 -7.37
N ARG J 26 13.52 14.61 -8.13
CA ARG J 26 14.73 15.18 -7.56
C ARG J 26 14.48 16.59 -7.04
N GLN J 27 13.58 17.33 -7.70
CA GLN J 27 13.18 18.64 -7.19
C GLN J 27 12.46 18.51 -5.86
N PHE J 28 11.61 17.47 -5.71
CA PHE J 28 10.89 17.28 -4.47
C PHE J 28 11.84 16.97 -3.32
N VAL J 29 12.84 16.13 -3.57
CA VAL J 29 13.81 15.81 -2.53
C VAL J 29 14.64 17.04 -2.17
N ALA J 30 14.96 17.85 -3.17
CA ALA J 30 15.68 19.10 -2.91
C ALA J 30 14.85 20.05 -2.06
N VAL J 31 13.54 20.15 -2.34
CA VAL J 31 12.67 21.00 -1.55
C VAL J 31 12.57 20.47 -0.12
N ALA J 32 12.48 19.15 0.03
CA ALA J 32 12.37 18.56 1.37
C ALA J 32 13.57 18.89 2.23
N GLU J 33 14.77 18.83 1.65
CA GLU J 33 15.97 19.15 2.41
C GLU J 33 15.98 20.62 2.83
N LEU J 34 15.56 21.51 1.94
CA LEU J 34 15.55 22.93 2.28
C LEU J 34 14.56 23.23 3.39
N LEU J 35 13.36 22.66 3.31
CA LEU J 35 12.35 22.95 4.32
C LEU J 35 12.66 22.26 5.64
N ALA J 36 13.31 21.10 5.60
CA ALA J 36 13.75 20.45 6.83
C ALA J 36 14.80 21.28 7.54
N SER J 37 15.72 21.89 6.80
CA SER J 37 16.74 22.73 7.40
C SER J 37 16.13 23.93 8.08
N LYS J 38 15.13 24.55 7.46
CA LYS J 38 14.45 25.68 8.08
C LYS J 38 13.67 25.26 9.32
N LEU J 39 13.18 24.03 9.34
CA LEU J 39 12.48 23.53 10.53
C LEU J 39 13.42 23.45 11.72
N ILE J 40 14.66 23.00 11.50
CA ILE J 40 15.63 22.92 12.59
C ILE J 40 15.99 24.32 13.08
N ASP J 41 16.21 25.25 12.14
CA ASP J 41 16.59 26.60 12.52
C ASP J 41 15.48 27.30 13.29
N SER J 42 14.23 27.12 12.86
CA SER J 42 13.11 27.76 13.54
C SER J 42 12.95 27.22 14.95
N SER J 43 13.20 25.93 15.15
CA SER J 43 13.13 25.35 16.49
C SER J 43 14.16 25.99 17.41
N ARG J 44 15.36 26.26 16.88
CA ARG J 44 16.36 26.98 17.66
C ARG J 44 15.93 28.42 17.92
N GLU J 45 15.42 29.10 16.89
CA GLU J 45 14.99 30.48 17.07
C GLU J 45 13.85 30.57 18.07
N SER J 46 12.94 29.59 18.05
CA SER J 46 11.86 29.57 19.04
C SER J 46 12.41 29.43 20.45
N ASP J 47 13.46 28.62 20.62
CA ASP J 47 13.95 28.32 21.96
C ASP J 47 14.71 29.50 22.56
N GLU J 48 15.56 30.15 21.77
CA GLU J 48 16.24 31.35 22.26
C GLU J 48 15.31 32.55 22.40
N SER J 49 14.12 32.49 21.81
CA SER J 49 13.19 33.62 21.84
C SER J 49 11.99 33.40 22.74
N ASN J 50 11.78 32.18 23.24
CA ASN J 50 10.67 31.85 24.12
C ASN J 50 9.32 32.14 23.47
N SER J 51 9.23 31.99 22.15
CA SER J 51 7.98 32.15 21.42
C SER J 51 7.86 31.03 20.40
N ASP J 52 6.67 30.47 20.29
CA ASP J 52 6.42 29.37 19.36
C ASP J 52 6.11 29.84 17.95
N VAL J 53 6.07 31.16 17.72
CA VAL J 53 5.70 31.67 16.39
C VAL J 53 6.67 31.23 15.31
N PRO J 54 8.00 31.36 15.46
CA PRO J 54 8.87 30.93 14.37
C PRO J 54 8.75 29.46 14.01
N PHE J 55 8.55 28.60 15.00
CA PHE J 55 8.42 27.17 14.72
C PHE J 55 7.10 26.87 14.03
N VAL J 56 6.02 27.51 14.46
CA VAL J 56 4.71 27.25 13.88
C VAL J 56 4.70 27.61 12.40
N GLN J 57 5.32 28.74 12.05
CA GLN J 57 5.36 29.16 10.66
C GLN J 57 6.17 28.19 9.81
N ALA J 58 7.31 27.72 10.32
CA ALA J 58 8.12 26.78 9.56
C ALA J 58 7.40 25.44 9.40
N TYR J 59 6.72 24.98 10.44
CA TYR J 59 5.98 23.73 10.34
C TYR J 59 4.82 23.86 9.37
N SER J 60 4.20 25.04 9.31
CA SER J 60 3.08 25.26 8.41
C SER J 60 3.52 25.16 6.95
N LYS J 61 4.69 25.70 6.63
CA LYS J 61 5.25 25.51 5.29
C LYS J 61 5.55 24.05 5.02
N PHE J 62 6.11 23.34 6.00
CA PHE J 62 6.54 21.97 5.78
C PHE J 62 5.37 21.02 5.67
N ALA J 63 4.39 21.15 6.57
CA ALA J 63 3.29 20.19 6.68
C ALA J 63 1.99 20.70 6.10
N ASP J 64 1.93 21.95 5.63
CA ASP J 64 0.72 22.53 5.04
C ASP J 64 -0.45 22.49 6.02
N ASP J 65 -0.16 22.47 7.32
CA ASP J 65 -1.20 22.42 8.33
C ASP J 65 -0.70 23.13 9.58
N ASN J 66 -1.63 23.59 10.39
CA ASN J 66 -1.27 24.30 11.61
C ASN J 66 -1.18 23.32 12.76
N PRO J 67 -0.12 23.38 13.58
CA PRO J 67 -0.04 22.48 14.74
C PRO J 67 -1.19 22.72 15.69
N ARG J 68 -1.71 21.63 16.25
CA ARG J 68 -2.76 21.68 17.25
C ARG J 68 -2.42 20.74 18.39
N HIS J 69 -2.73 21.17 19.61
CA HIS J 69 -2.53 20.32 20.77
C HIS J 69 -3.43 19.10 20.68
N LEU J 70 -3.02 18.03 21.36
CA LEU J 70 -3.65 16.71 21.36
C LEU J 70 -3.45 15.98 20.04
N ARG J 71 -2.80 16.60 19.06
CA ARG J 71 -2.43 15.95 17.80
C ARG J 71 -0.93 15.96 17.68
N VAL J 72 -0.34 14.78 17.44
CA VAL J 72 1.11 14.67 17.41
C VAL J 72 1.65 15.26 16.12
N LYS J 73 2.68 16.10 16.25
CA LYS J 73 3.31 16.72 15.09
C LYS J 73 4.28 15.73 14.45
N THR J 74 3.90 15.19 13.30
CA THR J 74 4.69 14.18 12.62
C THR J 74 5.23 14.63 11.28
N GLY J 75 4.91 15.83 10.82
CA GLY J 75 5.36 16.33 9.55
C GLY J 75 4.31 16.33 8.46
N GLY J 76 3.20 15.64 8.67
CA GLY J 76 2.11 15.70 7.71
C GLY J 76 2.36 14.82 6.49
N LYS J 77 1.86 15.29 5.34
CA LYS J 77 1.95 14.50 4.11
C LYS J 77 3.36 14.49 3.56
N MET J 78 4.12 15.57 3.79
CA MET J 78 5.49 15.62 3.27
C MET J 78 6.37 14.57 3.95
N ALA J 79 6.20 14.38 5.25
CA ALA J 79 6.97 13.35 5.94
C ALA J 79 6.59 11.96 5.45
N ASN J 80 5.30 11.73 5.22
CA ASN J 80 4.84 10.43 4.75
C ASN J 80 5.44 10.10 3.37
N ALA J 81 5.42 11.08 2.47
CA ALA J 81 5.97 10.86 1.13
C ALA J 81 7.47 10.61 1.18
N LEU J 82 8.18 11.38 2.01
CA LEU J 82 9.64 11.25 2.07
C LEU J 82 10.06 9.89 2.61
N THR J 83 9.38 9.41 3.65
CA THR J 83 9.76 8.13 4.24
C THR J 83 9.57 6.99 3.27
N ASN J 84 8.44 6.98 2.55
CA ASN J 84 8.18 5.90 1.62
C ASN J 84 9.08 5.98 0.39
N VAL J 85 9.46 7.19 0.00
CA VAL J 85 10.37 7.36 -1.14
C VAL J 85 11.76 6.86 -0.77
N ILE J 86 12.19 7.08 0.47
CA ILE J 86 13.50 6.62 0.91
C ILE J 86 13.58 5.10 0.82
N ARG J 87 12.50 4.42 1.20
CA ARG J 87 12.46 2.97 1.10
C ARG J 87 12.62 2.52 -0.36
N SER J 88 11.94 3.21 -1.28
CA SER J 88 11.98 2.80 -2.68
C SER J 88 13.37 2.94 -3.27
N TYR J 89 14.12 3.95 -2.84
CA TYR J 89 15.47 4.13 -3.37
C TYR J 89 16.39 2.99 -2.95
N TYR J 90 16.21 2.47 -1.74
CA TYR J 90 17.17 1.52 -1.18
C TYR J 90 17.16 0.20 -1.94
N SER J 91 15.98 -0.34 -2.24
CA SER J 91 15.89 -1.65 -2.85
C SER J 91 14.86 -1.63 -3.97
N ILE J 92 15.04 -2.56 -4.93
CA ILE J 92 14.08 -2.73 -6.01
C ILE J 92 12.88 -3.55 -5.57
N ASN J 93 12.95 -4.21 -4.42
CA ASN J 93 11.80 -4.90 -3.86
C ASN J 93 10.86 -3.98 -3.09
N ALA J 94 11.30 -2.77 -2.78
CA ALA J 94 10.46 -1.84 -2.05
C ALA J 94 9.35 -1.31 -2.97
N PRO J 95 8.14 -1.16 -2.45
CA PRO J 95 7.03 -0.72 -3.31
C PRO J 95 7.13 0.76 -3.63
N ALA J 96 6.44 1.13 -4.71
CA ALA J 96 6.26 2.52 -5.11
C ALA J 96 4.80 2.88 -4.88
N ILE J 97 4.53 3.67 -3.84
CA ILE J 97 3.16 3.91 -3.42
C ILE J 97 2.87 5.38 -3.27
N VAL J 98 3.71 6.23 -3.84
CA VAL J 98 3.54 7.68 -3.77
C VAL J 98 3.08 8.18 -5.13
N PRO J 99 1.87 8.74 -5.23
CA PRO J 99 1.37 9.19 -6.54
C PRO J 99 2.15 10.38 -7.06
N GLN J 100 2.10 10.54 -8.39
CA GLN J 100 2.85 11.61 -9.03
C GLN J 100 2.27 12.98 -8.71
N VAL J 101 0.96 13.08 -8.49
CA VAL J 101 0.35 14.36 -8.18
C VAL J 101 0.82 14.86 -6.82
N GLU J 102 1.21 13.95 -5.93
CA GLU J 102 1.74 14.36 -4.64
C GLU J 102 3.16 14.89 -4.78
N ILE J 103 3.98 14.25 -5.61
CA ILE J 103 5.35 14.70 -5.81
C ILE J 103 5.37 16.10 -6.43
N ASP J 104 4.52 16.32 -7.43
CA ASP J 104 4.47 17.62 -8.09
C ASP J 104 4.01 18.71 -7.13
N ARG J 105 3.02 18.40 -6.29
CA ARG J 105 2.51 19.40 -5.36
C ARG J 105 3.57 19.83 -4.36
N LEU J 106 4.33 18.88 -3.82
CA LEU J 106 5.34 19.21 -2.82
C LEU J 106 6.58 19.85 -3.46
N ALA J 107 6.87 19.52 -4.70
CA ALA J 107 8.01 20.13 -5.37
C ALA J 107 7.82 21.62 -5.60
N SER J 108 6.57 22.06 -5.73
CA SER J 108 6.27 23.47 -5.98
C SER J 108 6.32 24.32 -4.72
N LYS J 109 6.51 23.72 -3.55
CA LYS J 109 6.50 24.48 -2.31
C LYS J 109 7.66 25.46 -2.21
N ALA J 110 8.76 25.18 -2.91
CA ALA J 110 9.91 26.06 -2.94
C ALA J 110 10.54 26.00 -4.31
N THR J 111 11.30 27.04 -4.65
CA THR J 111 11.93 27.17 -5.96
C THR J 111 13.42 26.89 -5.80
N VAL J 112 13.78 25.61 -5.90
CA VAL J 112 15.18 25.19 -5.85
C VAL J 112 15.46 24.28 -7.04
N SER J 113 16.72 24.25 -7.44
CA SER J 113 17.13 23.40 -8.55
C SER J 113 17.30 21.97 -8.07
N GLY J 114 16.85 21.03 -8.90
CA GLY J 114 16.98 19.62 -8.59
C GLY J 114 18.25 18.98 -9.09
N ASP J 115 19.22 19.76 -9.53
CA ASP J 115 20.43 19.20 -10.13
C ASP J 115 21.30 18.66 -9.01
N MET J 116 21.75 17.41 -9.17
CA MET J 116 22.46 16.67 -8.14
C MET J 116 23.94 16.50 -8.46
N TYR J 117 24.50 17.32 -9.35
CA TYR J 117 25.88 17.15 -9.77
C TYR J 117 26.64 18.47 -9.77
N ASN J 118 26.20 19.43 -8.94
CA ASN J 118 26.91 20.70 -8.84
C ASN J 118 28.31 20.51 -8.26
N SER J 119 28.43 19.68 -7.23
CA SER J 119 29.69 19.56 -6.50
C SER J 119 30.13 18.12 -6.34
N TYR J 120 31.13 17.88 -5.51
CA TYR J 120 31.68 16.56 -5.28
C TYR J 120 31.82 16.33 -3.78
N ALA J 121 32.20 15.10 -3.44
CA ALA J 121 32.47 14.72 -2.06
C ALA J 121 33.50 13.62 -2.06
N ILE J 122 34.22 13.50 -0.95
CA ILE J 122 35.29 12.52 -0.80
C ILE J 122 34.81 11.42 0.14
N PHE J 123 34.88 10.18 -0.32
CA PHE J 123 34.42 9.03 0.43
C PHE J 123 35.61 8.14 0.79
N ASN J 124 35.61 7.63 2.02
CA ASN J 124 36.81 7.07 2.63
C ASN J 124 36.86 5.54 2.64
N SER J 125 35.83 4.87 2.14
CA SER J 125 35.84 3.41 2.14
C SER J 125 36.91 2.88 1.19
N VAL J 126 37.67 1.89 1.66
CA VAL J 126 38.79 1.34 0.92
C VAL J 126 38.32 0.05 0.24
N PRO J 127 38.26 0.00 -1.09
CA PRO J 127 37.81 -1.21 -1.77
C PRO J 127 38.95 -2.19 -2.03
N ILE J 128 38.86 -3.38 -1.45
CA ILE J 128 39.77 -4.47 -1.73
C ILE J 128 38.95 -5.55 -2.42
N VAL J 129 39.04 -5.63 -3.75
CA VAL J 129 38.21 -6.56 -4.50
C VAL J 129 38.65 -8.00 -4.26
N GLU J 130 39.96 -8.26 -4.30
CA GLU J 130 40.45 -9.61 -4.08
C GLU J 130 41.90 -9.55 -3.65
N VAL J 131 42.30 -10.53 -2.84
CA VAL J 131 43.69 -10.72 -2.44
C VAL J 131 44.00 -12.21 -2.60
N LEU J 132 44.90 -12.54 -3.51
CA LEU J 132 45.24 -13.91 -3.85
C LEU J 132 46.60 -14.25 -3.26
N SER J 133 46.68 -15.39 -2.59
CA SER J 133 47.89 -15.81 -1.91
C SER J 133 48.20 -17.26 -2.22
N PRO J 134 49.48 -17.65 -2.18
CA PRO J 134 49.83 -19.06 -2.43
C PRO J 134 49.36 -20.00 -1.33
N ALA J 135 49.69 -21.28 -1.47
CA ALA J 135 49.09 -22.31 -0.62
C ALA J 135 49.51 -22.17 0.84
N ARG J 136 50.78 -21.88 1.09
CA ARG J 136 51.32 -21.90 2.45
C ARG J 136 51.23 -20.55 3.15
N THR J 137 50.25 -19.71 2.80
CA THR J 137 50.11 -18.39 3.38
C THR J 137 48.68 -18.18 3.88
N THR J 138 48.55 -17.29 4.87
CA THR J 138 47.26 -16.95 5.45
C THR J 138 47.05 -15.44 5.33
N VAL J 139 45.89 -15.04 4.84
CA VAL J 139 45.55 -13.64 4.64
C VAL J 139 44.18 -13.36 5.25
N SER J 140 44.08 -12.29 6.02
CA SER J 140 42.83 -11.86 6.64
C SER J 140 42.63 -10.37 6.41
N ILE J 141 41.42 -9.99 6.01
CA ILE J 141 41.08 -8.60 5.72
C ILE J 141 40.01 -8.14 6.69
N VAL J 142 40.26 -7.04 7.38
CA VAL J 142 39.35 -6.52 8.40
C VAL J 142 39.25 -5.00 8.25
N GLY J 143 38.02 -4.50 8.23
CA GLY J 143 37.77 -3.08 8.26
C GLY J 143 37.26 -2.55 6.94
N SER J 144 36.62 -1.39 7.01
CA SER J 144 36.10 -0.70 5.84
C SER J 144 36.62 0.74 5.73
N ASP J 145 36.71 1.46 6.84
CA ASP J 145 37.29 2.80 6.80
C ASP J 145 38.81 2.73 6.71
N ARG J 146 39.41 1.73 7.35
CA ARG J 146 40.83 1.42 7.20
C ARG J 146 40.95 -0.09 7.24
N ALA J 147 41.51 -0.67 6.18
CA ALA J 147 41.58 -2.12 6.03
C ALA J 147 42.92 -2.62 6.55
N ASP J 148 42.88 -3.55 7.49
CA ASP J 148 44.08 -4.20 8.01
C ASP J 148 44.18 -5.59 7.40
N VAL J 149 45.23 -5.81 6.62
CA VAL J 149 45.46 -7.09 5.94
C VAL J 149 46.62 -7.77 6.67
N THR J 150 46.31 -8.86 7.37
CA THR J 150 47.30 -9.62 8.10
C THR J 150 47.74 -10.82 7.28
N MET J 151 49.04 -10.91 7.02
CA MET J 151 49.59 -11.96 6.18
C MET J 151 50.67 -12.72 6.93
N LEU J 152 50.56 -14.04 6.94
CA LEU J 152 51.52 -14.92 7.58
C LEU J 152 52.07 -15.89 6.55
N ASN J 153 53.39 -16.06 6.53
CA ASN J 153 54.05 -17.01 5.64
C ASN J 153 54.58 -18.17 6.46
N THR J 154 54.11 -19.37 6.16
CA THR J 154 54.54 -20.57 6.86
C THR J 154 55.56 -21.38 6.09
N GLY J 155 55.57 -21.28 4.77
CA GLY J 155 56.51 -22.03 3.96
C GLY J 155 57.92 -21.48 4.07
N ALA J 156 58.85 -22.21 3.45
CA ALA J 156 60.26 -21.85 3.52
C ALA J 156 60.56 -20.62 2.69
N GLY J 157 60.04 -20.56 1.46
CA GLY J 157 60.39 -19.48 0.57
C GLY J 157 59.53 -18.26 0.72
N ALA J 158 60.01 -17.15 0.15
CA ALA J 158 59.24 -15.92 0.14
C ALA J 158 58.06 -16.05 -0.82
N ALA J 159 56.91 -15.50 -0.40
CA ALA J 159 55.68 -15.61 -1.15
C ALA J 159 55.35 -14.30 -1.85
N ASN J 160 54.56 -14.40 -2.92
CA ASN J 160 54.10 -13.25 -3.68
C ASN J 160 52.59 -13.17 -3.56
N ILE J 161 52.09 -12.05 -3.03
CA ILE J 161 50.67 -11.84 -2.81
C ILE J 161 50.23 -10.66 -3.68
N THR J 162 49.15 -10.85 -4.42
CA THR J 162 48.66 -9.84 -5.35
C THR J 162 47.44 -9.13 -4.77
N PHE J 163 47.40 -7.81 -4.95
CA PHE J 163 46.35 -6.95 -4.42
C PHE J 163 45.60 -6.32 -5.57
N ASN J 164 44.27 -6.37 -5.51
CA ASN J 164 43.41 -5.70 -6.48
C ASN J 164 42.55 -4.68 -5.75
N PHE J 165 42.62 -3.43 -6.19
CA PHE J 165 41.87 -2.34 -5.57
C PHE J 165 40.79 -1.78 -6.48
N GLY J 166 40.45 -2.48 -7.55
CA GLY J 166 39.43 -1.99 -8.45
C GLY J 166 39.91 -0.84 -9.31
N GLN J 167 38.95 -0.20 -9.97
CA GLN J 167 39.22 0.91 -10.86
C GLN J 167 38.47 2.18 -10.50
N ILE J 168 37.78 2.20 -9.36
CA ILE J 168 36.97 3.36 -8.99
C ILE J 168 37.72 4.30 -8.09
N ALA J 169 38.45 3.78 -7.09
CA ALA J 169 39.16 4.64 -6.16
C ALA J 169 40.25 5.42 -6.88
N GLU J 170 40.46 6.67 -6.44
CA GLU J 170 41.45 7.53 -7.06
C GLU J 170 42.84 7.35 -6.47
N THR J 171 42.94 7.19 -5.15
CA THR J 171 44.23 6.95 -4.52
C THR J 171 44.07 5.93 -3.41
N VAL J 172 45.13 5.17 -3.17
CA VAL J 172 45.21 4.22 -2.07
C VAL J 172 46.58 4.35 -1.44
N ILE J 173 46.63 4.50 -0.12
CA ILE J 173 47.88 4.63 0.62
C ILE J 173 48.03 3.41 1.51
N LEU J 174 49.16 2.72 1.37
CA LEU J 174 49.45 1.52 2.13
C LEU J 174 50.56 1.78 3.12
N LYS J 175 50.32 1.48 4.39
CA LYS J 175 51.32 1.60 5.44
C LYS J 175 51.45 0.24 6.12
N GLY J 176 52.69 -0.16 6.38
CA GLY J 176 52.97 -1.47 6.95
C GLY J 176 53.54 -1.36 8.35
N SER J 177 53.31 -2.39 9.16
CA SER J 177 53.92 -2.45 10.49
C SER J 177 55.43 -2.52 10.39
N VAL J 178 55.94 -3.26 9.42
CA VAL J 178 57.37 -3.30 9.12
C VAL J 178 57.56 -2.95 7.65
N PRO J 179 58.73 -2.43 7.28
CA PRO J 179 58.97 -2.11 5.87
C PRO J 179 58.82 -3.34 4.99
N PHE J 180 58.24 -3.12 3.82
CA PHE J 180 57.91 -4.22 2.91
C PHE J 180 58.11 -3.76 1.47
N GLN J 181 58.05 -4.73 0.56
CA GLN J 181 58.32 -4.50 -0.86
C GLN J 181 57.03 -4.66 -1.64
N LEU J 182 56.71 -3.66 -2.47
CA LEU J 182 55.52 -3.68 -3.30
C LEU J 182 55.86 -3.08 -4.65
N ALA J 183 55.45 -3.75 -5.72
CA ALA J 183 55.70 -3.27 -7.07
C ALA J 183 54.61 -3.78 -8.00
N ARG J 184 54.44 -3.10 -9.12
CA ARG J 184 53.46 -3.50 -10.11
C ARG J 184 53.92 -4.76 -10.84
N LEU J 185 53.00 -5.36 -11.58
CA LEU J 185 53.31 -6.58 -12.32
C LEU J 185 54.40 -6.31 -13.35
N ASN J 186 55.36 -7.24 -13.44
CA ASN J 186 56.47 -7.15 -14.38
C ASN J 186 57.28 -5.87 -14.17
N GLN J 187 57.48 -5.50 -12.92
CA GLN J 187 58.28 -4.34 -12.55
C GLN J 187 59.28 -4.73 -11.46
N PRO J 188 60.45 -4.11 -11.45
CA PRO J 188 61.42 -4.41 -10.39
C PRO J 188 60.93 -3.94 -9.03
N MET J 189 61.34 -4.66 -8.00
CA MET J 189 60.89 -4.36 -6.65
C MET J 189 61.86 -3.41 -5.96
N PRO J 190 61.41 -2.28 -5.46
CA PRO J 190 62.30 -1.29 -4.86
C PRO J 190 62.71 -1.70 -3.45
N ALA J 191 63.46 -0.82 -2.80
CA ALA J 191 63.88 -1.06 -1.43
C ALA J 191 62.67 -1.05 -0.50
N ALA J 192 62.78 -1.80 0.60
CA ALA J 192 61.69 -1.89 1.54
C ALA J 192 61.39 -0.52 2.15
N ARG J 193 60.12 -0.13 2.09
CA ARG J 193 59.67 1.16 2.60
C ARG J 193 58.48 0.96 3.52
N PHE J 194 58.12 2.03 4.22
CA PHE J 194 57.00 1.98 5.16
C PHE J 194 55.68 2.32 4.49
N THR J 195 55.67 3.21 3.50
CA THR J 195 54.44 3.68 2.89
C THR J 195 54.54 3.61 1.37
N TYR J 196 53.37 3.46 0.74
CA TYR J 196 53.25 3.49 -0.70
C TYR J 196 51.99 4.28 -1.07
N LYS J 197 52.09 5.07 -2.13
CA LYS J 197 50.94 5.75 -2.70
C LYS J 197 50.68 5.15 -4.08
N LEU J 198 49.49 4.59 -4.26
CA LEU J 198 49.19 3.81 -5.45
C LEU J 198 47.92 4.32 -6.10
N ARG J 199 47.92 4.32 -7.44
CA ARG J 199 46.73 4.55 -8.20
C ARG J 199 46.14 3.21 -8.60
N PRO J 200 44.91 2.89 -8.21
CA PRO J 200 44.39 1.54 -8.44
C PRO J 200 44.32 1.15 -9.91
N LEU J 201 44.27 2.11 -10.83
CA LEU J 201 44.24 1.78 -12.24
C LEU J 201 45.57 1.28 -12.77
N ASP J 202 46.64 1.36 -11.98
CA ASP J 202 47.93 0.87 -12.44
C ASP J 202 47.90 -0.63 -12.69
N GLY J 203 47.22 -1.37 -11.83
CA GLY J 203 47.08 -2.79 -12.02
C GLY J 203 47.27 -3.54 -10.72
N PRO J 204 47.20 -4.87 -10.77
CA PRO J 204 47.46 -5.65 -9.55
C PRO J 204 48.86 -5.39 -9.03
N PHE J 205 48.98 -5.32 -7.71
CA PHE J 205 50.24 -5.03 -7.04
C PHE J 205 50.70 -6.27 -6.29
N ILE J 206 51.98 -6.59 -6.41
CA ILE J 206 52.57 -7.77 -5.78
C ILE J 206 53.39 -7.33 -4.58
N VAL J 207 53.16 -7.99 -3.45
CA VAL J 207 53.90 -7.70 -2.22
C VAL J 207 54.60 -8.98 -1.77
N VAL J 208 55.91 -8.89 -1.59
CA VAL J 208 56.72 -10.01 -1.13
C VAL J 208 56.50 -10.19 0.36
N LEU J 209 56.24 -11.42 0.78
CA LEU J 209 56.03 -11.72 2.18
C LEU J 209 57.13 -12.64 2.68
N PRO J 210 58.18 -12.12 3.29
CA PRO J 210 59.24 -12.98 3.82
C PRO J 210 58.74 -13.85 4.97
N VAL J 211 59.38 -15.00 5.11
CA VAL J 211 59.01 -15.95 6.15
C VAL J 211 59.39 -15.39 7.52
N GLY J 212 58.48 -15.50 8.48
CA GLY J 212 58.74 -15.02 9.82
C GLY J 212 57.52 -14.41 10.49
N ASN J 213 57.71 -13.25 11.12
CA ASN J 213 56.62 -12.59 11.82
C ASN J 213 55.60 -12.05 10.82
N PRO J 214 54.32 -12.00 11.22
CA PRO J 214 53.28 -11.53 10.29
C PRO J 214 53.48 -10.08 9.89
N LEU J 215 53.02 -9.75 8.70
CA LEU J 215 53.06 -8.39 8.17
C LEU J 215 51.63 -7.88 8.03
N VAL J 216 51.38 -6.69 8.57
CA VAL J 216 50.06 -6.08 8.56
C VAL J 216 50.12 -4.79 7.74
N ILE J 217 49.21 -4.65 6.79
CA ILE J 217 49.15 -3.48 5.92
C ILE J 217 47.85 -2.74 6.21
N SER J 218 47.97 -1.45 6.48
CA SER J 218 46.82 -0.58 6.71
C SER J 218 46.54 0.21 5.44
N ALA J 219 45.32 0.08 4.92
CA ALA J 219 44.95 0.64 3.63
C ALA J 219 43.97 1.80 3.85
N THR J 220 44.24 2.91 3.17
CA THR J 220 43.35 4.06 3.19
C THR J 220 43.12 4.52 1.76
N ALA J 221 41.86 4.73 1.40
CA ALA J 221 41.49 5.11 0.05
C ALA J 221 40.57 6.32 0.09
N ALA J 222 40.60 7.09 -1.00
CA ALA J 222 39.74 8.25 -1.18
C ALA J 222 39.17 8.23 -2.59
N THR J 223 37.85 8.37 -2.70
CA THR J 223 37.17 8.39 -3.98
C THR J 223 36.23 9.59 -4.03
N ARG J 224 36.02 10.10 -5.24
CA ARG J 224 35.27 11.34 -5.45
C ARG J 224 33.98 11.02 -6.18
N ILE J 225 32.85 11.44 -5.59
CA ILE J 225 31.53 11.20 -6.17
C ILE J 225 30.80 12.53 -6.28
N GLN J 226 30.17 12.77 -7.42
CA GLN J 226 29.46 14.01 -7.63
C GLN J 226 28.19 14.05 -6.78
N VAL J 227 28.01 15.14 -6.05
CA VAL J 227 26.88 15.32 -5.14
C VAL J 227 26.38 16.74 -5.25
N PRO J 228 25.13 16.99 -4.85
CA PRO J 228 24.61 18.36 -4.86
C PRO J 228 25.37 19.24 -3.86
N LEU J 229 25.32 20.54 -4.13
CA LEU J 229 26.06 21.49 -3.31
C LEU J 229 25.55 21.54 -1.87
N ALA J 230 24.32 21.11 -1.62
CA ALA J 230 23.77 21.06 -0.27
C ALA J 230 24.12 19.79 0.47
N PHE J 231 24.88 18.89 -0.16
CA PHE J 231 25.23 17.62 0.46
C PHE J 231 26.15 17.84 1.65
N ASN J 232 25.76 17.32 2.80
CA ASN J 232 26.56 17.35 4.02
C ASN J 232 26.75 15.92 4.50
N LYS J 233 28.02 15.49 4.56
CA LYS J 233 28.30 14.10 4.89
C LYS J 233 27.90 13.76 6.32
N ALA J 234 28.10 14.69 7.25
CA ALA J 234 27.77 14.42 8.65
C ALA J 234 26.27 14.17 8.83
N LEU J 235 25.44 14.96 8.15
CA LEU J 235 24.00 14.78 8.27
C LEU J 235 23.54 13.50 7.61
N VAL J 236 24.16 13.12 6.49
CA VAL J 236 23.75 11.92 5.77
C VAL J 236 24.00 10.68 6.61
N GLU J 237 25.16 10.60 7.27
CA GLU J 237 25.47 9.44 8.09
C GLU J 237 24.49 9.31 9.25
N SER J 238 24.13 10.43 9.88
CA SER J 238 23.15 10.38 10.96
C SER J 238 21.78 9.94 10.44
N GLY J 239 21.41 10.42 9.25
CA GLY J 239 20.14 9.99 8.66
C GLY J 239 20.14 8.53 8.29
N PHE J 240 21.29 8.01 7.85
CA PHE J 240 21.38 6.59 7.53
C PHE J 240 21.16 5.73 8.77
N GLN J 241 21.70 6.15 9.91
CA GLN J 241 21.54 5.37 11.13
C GLN J 241 20.11 5.49 11.67
N THR J 242 19.51 6.66 11.55
CA THR J 242 18.11 6.83 11.98
C THR J 242 17.18 5.95 11.15
N ALA J 243 17.38 5.91 9.84
CA ALA J 243 16.53 5.09 8.99
C ALA J 243 16.68 3.61 9.31
N MET J 244 17.91 3.17 9.57
CA MET J 244 18.13 1.76 9.93
C MET J 244 17.47 1.44 11.27
N ASN J 245 17.59 2.34 12.26
CA ASN J 245 16.99 2.10 13.56
C ASN J 245 15.46 2.20 13.50
N ASP J 246 14.94 3.13 12.70
CA ASP J 246 13.50 3.26 12.56
C ASP J 246 12.86 2.06 11.88
N GLY J 247 13.64 1.22 11.23
CA GLY J 247 13.14 -0.02 10.67
C GLY J 247 12.65 0.05 9.24
N LEU J 248 12.99 1.10 8.50
CA LEU J 248 12.51 1.25 7.13
C LEU J 248 13.49 0.73 6.10
N PHE J 249 14.59 0.11 6.53
CA PHE J 249 15.48 -0.63 5.65
C PHE J 249 15.29 -2.13 5.77
N ASP J 250 14.21 -2.57 6.42
CA ASP J 250 13.91 -3.99 6.60
C ASP J 250 13.09 -4.49 5.42
N ILE J 251 13.78 -4.70 4.30
CA ILE J 251 13.17 -5.24 3.10
C ILE J 251 13.78 -6.62 2.85
N GLN J 252 13.06 -7.42 2.07
CA GLN J 252 13.49 -8.79 1.80
C GLN J 252 14.66 -8.80 0.81
N ASN J 253 15.65 -9.64 1.10
CA ASN J 253 16.80 -9.86 0.23
C ASN J 253 17.57 -8.57 -0.04
N VAL J 254 18.02 -7.93 1.03
CA VAL J 254 18.85 -6.73 0.94
C VAL J 254 20.05 -6.89 1.84
N ASN J 255 21.09 -6.14 1.54
CA ASN J 255 22.30 -6.08 2.33
C ASN J 255 22.28 -4.86 3.24
N TYR J 256 22.97 -4.97 4.37
CA TYR J 256 23.01 -3.90 5.36
C TYR J 256 24.44 -3.46 5.57
N TYR J 257 24.63 -2.15 5.76
CA TYR J 257 25.94 -1.55 5.83
C TYR J 257 26.05 -0.70 7.09
N SER J 258 27.30 -0.53 7.55
CA SER J 258 27.55 0.23 8.77
C SER J 258 27.49 1.73 8.56
N SER J 259 27.56 2.19 7.31
CA SER J 259 27.54 3.61 7.03
C SER J 259 27.12 3.82 5.58
N PHE J 260 26.75 5.07 5.27
CA PHE J 260 26.44 5.41 3.89
C PHE J 260 27.68 5.38 3.02
N ASP J 261 28.86 5.52 3.63
CA ASP J 261 30.11 5.41 2.89
C ASP J 261 30.26 4.03 2.26
N GLU J 262 30.02 2.98 3.04
CA GLU J 262 30.15 1.63 2.52
C GLU J 262 29.06 1.32 1.51
N PHE J 263 27.87 1.86 1.72
CA PHE J 263 26.75 1.58 0.82
C PHE J 263 27.03 2.13 -0.58
N ILE J 264 27.51 3.37 -0.67
CA ILE J 264 27.70 3.98 -1.97
C ILE J 264 28.89 3.37 -2.70
N ILE J 265 29.94 2.99 -1.96
CA ILE J 265 31.11 2.40 -2.59
C ILE J 265 30.80 1.00 -3.09
N SER J 266 30.04 0.22 -2.31
CA SER J 266 29.70 -1.13 -2.74
C SER J 266 28.87 -1.12 -4.01
N GLN J 267 27.91 -0.20 -4.10
CA GLN J 267 27.12 -0.08 -5.32
C GLN J 267 27.97 0.38 -6.49
N TYR J 268 28.98 1.20 -6.22
CA TYR J 268 29.88 1.65 -7.28
C TYR J 268 30.68 0.48 -7.86
N HIS J 269 31.05 -0.49 -7.02
CA HIS J 269 31.88 -1.61 -7.45
C HIS J 269 31.02 -2.79 -7.88
N ALA J 270 30.09 -2.50 -8.80
CA ALA J 270 29.22 -3.53 -9.35
C ALA J 270 28.98 -3.22 -10.81
N GLN J 271 28.39 -4.18 -11.51
CA GLN J 271 27.96 -3.93 -12.88
C GLN J 271 26.92 -2.82 -12.88
N ASP J 272 26.91 -2.05 -13.97
CA ASP J 272 26.12 -0.82 -14.10
C ASP J 272 26.20 0.01 -12.81
N GLY J 273 27.44 0.17 -12.33
CA GLY J 273 27.65 0.91 -11.11
C GLY J 273 27.47 2.41 -11.28
N ILE J 274 27.61 2.91 -12.51
CA ILE J 274 27.40 4.33 -12.76
C ILE J 274 25.96 4.70 -12.48
N ASN J 275 25.01 3.89 -12.94
CA ASN J 275 23.59 4.21 -12.76
C ASN J 275 23.15 4.06 -11.31
N ARG J 276 23.76 3.11 -10.59
CA ARG J 276 23.40 2.92 -9.19
C ARG J 276 23.84 4.11 -8.34
N VAL J 277 24.99 4.70 -8.67
CA VAL J 277 25.51 5.80 -7.87
C VAL J 277 24.60 7.03 -7.97
N SER J 278 23.99 7.25 -9.14
CA SER J 278 23.08 8.39 -9.29
C SER J 278 21.88 8.25 -8.37
N THR J 279 21.31 7.04 -8.28
CA THR J 279 20.18 6.82 -7.40
C THR J 279 20.59 6.94 -5.93
N CYS J 280 21.79 6.46 -5.60
CA CYS J 280 22.23 6.49 -4.21
C CYS J 280 22.51 7.91 -3.74
N VAL J 281 22.95 8.79 -4.63
CA VAL J 281 23.18 10.18 -4.26
C VAL J 281 21.86 10.86 -3.89
N ILE J 282 20.81 10.60 -4.66
CA ILE J 282 19.50 11.16 -4.34
C ILE J 282 19.02 10.64 -2.99
N LEU J 283 19.23 9.35 -2.72
CA LEU J 283 18.86 8.79 -1.42
C LEU J 283 19.65 9.44 -0.30
N GLY J 284 20.91 9.81 -0.56
CA GLY J 284 21.70 10.49 0.46
C GLY J 284 21.13 11.84 0.84
N LEU J 285 20.71 12.63 -0.14
CA LEU J 285 20.10 13.92 0.15
C LEU J 285 18.77 13.74 0.87
N ALA J 286 18.01 12.72 0.50
CA ALA J 286 16.76 12.43 1.20
C ALA J 286 17.02 12.06 2.65
N LEU J 287 18.09 11.29 2.90
CA LEU J 287 18.45 10.94 4.27
C LEU J 287 18.84 12.19 5.06
N GLN J 288 19.42 13.18 4.39
CA GLN J 288 19.73 14.45 5.06
C GLN J 288 18.45 15.17 5.47
N ALA J 289 17.45 15.16 4.60
CA ALA J 289 16.16 15.75 4.96
C ALA J 289 15.49 14.97 6.07
N TYR J 290 15.56 13.64 6.02
CA TYR J 290 14.94 12.81 7.04
C TYR J 290 15.55 13.06 8.42
N ASP J 291 16.88 13.22 8.46
CA ASP J 291 17.55 13.45 9.74
C ASP J 291 17.11 14.77 10.37
N GLN J 292 17.11 15.84 9.58
CA GLN J 292 16.79 17.16 10.12
C GLN J 292 15.33 17.23 10.56
N MET J 293 14.42 16.63 9.78
CA MET J 293 13.02 16.64 10.15
C MET J 293 12.77 15.90 11.45
N ARG J 294 13.43 14.75 11.62
CA ARG J 294 13.18 13.92 12.80
C ARG J 294 13.72 14.57 14.07
N ARG J 295 14.87 15.23 13.99
CA ARG J 295 15.41 15.92 15.15
C ARG J 295 14.54 17.10 15.57
N ALA J 296 13.99 17.83 14.59
CA ALA J 296 13.11 18.95 14.91
C ALA J 296 11.83 18.47 15.60
N LEU J 297 11.23 17.39 15.08
CA LEU J 297 10.01 16.84 15.66
C LEU J 297 10.32 15.46 16.21
N PRO J 298 10.61 15.33 17.51
CA PRO J 298 11.07 14.04 18.03
C PRO J 298 9.97 13.18 18.60
N VAL J 299 10.26 11.89 18.78
CA VAL J 299 9.41 10.96 19.50
C VAL J 299 10.28 10.25 20.54
N ARG J 300 9.63 9.70 21.56
CA ARG J 300 10.35 9.06 22.66
C ARG J 300 10.53 7.57 22.43
N ALA K 2 35.20 -22.43 30.47
CA ALA K 2 34.57 -21.27 29.87
C ALA K 2 35.35 -19.99 30.21
N ASN K 3 35.52 -19.13 29.21
CA ASN K 3 36.21 -17.86 29.37
C ASN K 3 35.25 -16.72 29.06
N ARG K 4 35.53 -15.57 29.67
CA ARG K 4 34.72 -14.37 29.50
C ARG K 4 35.57 -13.27 28.88
N ALA K 5 35.03 -12.60 27.87
CA ALA K 5 35.68 -11.47 27.23
C ALA K 5 34.74 -10.27 27.30
N THR K 6 35.27 -9.13 27.74
CA THR K 6 34.48 -7.92 27.95
C THR K 6 35.21 -6.75 27.34
N SER K 7 34.44 -5.82 26.76
CA SER K 7 35.03 -4.59 26.26
C SER K 7 35.65 -3.80 27.39
N ALA K 8 36.81 -3.22 27.13
CA ALA K 8 37.56 -2.53 28.17
C ALA K 8 36.79 -1.32 28.70
N PHE K 9 36.13 -0.58 27.81
CA PHE K 9 35.52 0.69 28.20
C PHE K 9 34.22 0.51 28.97
N LEU K 10 33.71 -0.71 29.09
CA LEU K 10 32.49 -0.95 29.84
C LEU K 10 32.74 -1.38 31.28
N ASP K 11 34.00 -1.47 31.71
CA ASP K 11 34.33 -2.01 33.02
C ASP K 11 34.31 -0.91 34.08
N ASN K 12 33.51 -1.12 35.12
CA ASN K 12 33.47 -0.29 36.32
C ASN K 12 33.27 1.19 36.00
N PRO K 13 32.07 1.61 35.58
CA PRO K 13 31.82 3.04 35.39
C PRO K 13 31.73 3.73 36.75
N HIS K 14 32.43 4.85 36.88
CA HIS K 14 32.40 5.57 38.13
C HIS K 14 31.12 6.39 38.27
N PRO K 15 30.63 6.59 39.49
CA PRO K 15 29.42 7.40 39.69
C PRO K 15 29.64 8.84 39.23
N VAL K 16 28.62 9.40 38.60
CA VAL K 16 28.67 10.77 38.10
C VAL K 16 28.16 11.71 39.17
N GLY K 17 28.44 13.00 39.01
CA GLY K 17 27.96 13.98 39.98
C GLY K 17 26.46 14.10 39.98
N VAL K 18 25.92 14.49 41.13
CA VAL K 18 24.48 14.63 41.32
C VAL K 18 24.08 16.08 41.52
N ASN K 19 24.97 17.02 41.22
CA ASN K 19 24.71 18.44 41.42
C ASN K 19 24.62 19.16 40.09
N TYR K 20 24.02 20.35 40.14
CA TYR K 20 23.89 21.23 38.99
C TYR K 20 23.12 20.57 37.85
N VAL K 21 22.06 19.85 38.20
CA VAL K 21 21.22 19.17 37.22
C VAL K 21 19.76 19.62 37.31
N ASP K 22 19.49 20.71 38.02
CA ASP K 22 18.14 21.24 38.14
C ASP K 22 17.86 22.22 37.01
N GLU K 23 16.65 22.78 37.00
CA GLU K 23 16.25 23.65 35.90
C GLU K 23 17.10 24.91 35.82
N GLY K 24 17.40 25.51 36.98
CA GLY K 24 18.25 26.69 36.97
C GLY K 24 19.65 26.41 36.45
N SER K 25 20.23 25.28 36.87
CA SER K 25 21.57 24.95 36.42
C SER K 25 21.60 24.57 34.94
N ARG K 26 20.54 23.91 34.47
CA ARG K 26 20.47 23.59 33.04
C ARG K 26 20.38 24.86 32.21
N GLN K 27 19.63 25.84 32.68
CA GLN K 27 19.53 27.11 31.95
C GLN K 27 20.87 27.81 31.86
N PHE K 28 21.68 27.70 32.92
CA PHE K 28 23.00 28.33 32.92
C PHE K 28 23.90 27.71 31.87
N VAL K 29 23.86 26.38 31.72
CA VAL K 29 24.67 25.72 30.71
C VAL K 29 24.23 26.13 29.32
N ALA K 30 22.91 26.20 29.08
CA ALA K 30 22.42 26.64 27.79
C ALA K 30 22.78 28.09 27.51
N VAL K 31 22.76 28.93 28.53
CA VAL K 31 23.18 30.32 28.38
C VAL K 31 24.66 30.40 28.04
N ALA K 32 25.49 29.58 28.70
CA ALA K 32 26.92 29.60 28.46
C ALA K 32 27.24 29.20 27.03
N GLU K 33 26.55 28.19 26.51
CA GLU K 33 26.76 27.77 25.14
C GLU K 33 26.40 28.87 24.16
N LEU K 34 25.27 29.55 24.40
CA LEU K 34 24.81 30.60 23.51
C LEU K 34 25.79 31.77 23.46
N LEU K 35 26.27 32.20 24.64
CA LEU K 35 27.18 33.33 24.69
C LEU K 35 28.58 32.95 24.22
N ALA K 36 29.00 31.70 24.45
CA ALA K 36 30.29 31.26 23.93
C ALA K 36 30.28 31.22 22.41
N SER K 37 29.16 30.79 21.81
CA SER K 37 29.04 30.82 20.35
C SER K 37 29.12 32.24 19.82
N LYS K 38 28.48 33.18 20.49
CA LYS K 38 28.54 34.58 20.07
C LYS K 38 29.96 35.12 20.22
N LEU K 39 30.70 34.63 21.21
CA LEU K 39 32.08 35.06 21.39
C LEU K 39 32.94 34.66 20.20
N ILE K 40 32.72 33.46 19.66
CA ILE K 40 33.51 33.00 18.51
C ILE K 40 33.14 33.81 17.27
N ASP K 41 31.85 34.02 17.04
CA ASP K 41 31.42 34.77 15.85
C ASP K 41 31.89 36.22 15.92
N SER K 42 31.89 36.81 17.12
CA SER K 42 32.32 38.19 17.25
C SER K 42 33.80 38.36 16.91
N SER K 43 34.63 37.37 17.30
CA SER K 43 36.04 37.43 16.94
C SER K 43 36.24 37.39 15.44
N ARG K 44 35.46 36.56 14.74
CA ARG K 44 35.54 36.52 13.28
C ARG K 44 35.09 37.83 12.66
N GLU K 45 34.02 38.42 13.21
CA GLU K 45 33.53 39.69 12.69
C GLU K 45 34.53 40.81 12.92
N SER K 46 35.19 40.80 14.08
CA SER K 46 36.18 41.83 14.38
C SER K 46 37.36 41.76 13.41
N ASP K 47 37.82 40.54 13.11
CA ASP K 47 38.92 40.38 12.17
C ASP K 47 38.53 40.84 10.78
N GLU K 48 37.31 40.52 10.34
CA GLU K 48 36.89 40.87 8.99
C GLU K 48 36.66 42.37 8.85
N SER K 49 36.14 43.03 9.89
CA SER K 49 35.75 44.43 9.81
C SER K 49 36.84 45.39 10.23
N ASN K 50 38.03 44.89 10.60
CA ASN K 50 39.14 45.74 11.03
C ASN K 50 38.74 46.66 12.17
N SER K 51 38.00 46.11 13.14
CA SER K 51 37.55 46.89 14.28
C SER K 51 37.43 45.96 15.47
N ASP K 52 37.45 46.56 16.67
CA ASP K 52 37.33 45.81 17.91
C ASP K 52 35.97 45.99 18.57
N VAL K 53 35.06 46.77 17.97
CA VAL K 53 33.75 46.99 18.58
C VAL K 53 32.95 45.71 18.73
N PRO K 54 32.85 44.83 17.72
CA PRO K 54 32.07 43.60 17.93
C PRO K 54 32.61 42.71 19.04
N PHE K 55 33.94 42.64 19.19
CA PHE K 55 34.51 41.74 20.20
C PHE K 55 34.37 42.32 21.60
N VAL K 56 34.49 43.65 21.73
CA VAL K 56 34.34 44.27 23.04
C VAL K 56 32.95 44.06 23.59
N GLN K 57 31.93 44.19 22.74
CA GLN K 57 30.56 43.97 23.18
C GLN K 57 30.35 42.53 23.62
N ALA K 58 30.86 41.57 22.85
CA ALA K 58 30.66 40.16 23.19
C ALA K 58 31.40 39.77 24.46
N TYR K 59 32.65 40.24 24.60
CA TYR K 59 33.41 39.91 25.80
C TYR K 59 32.81 40.55 27.04
N SER K 60 32.29 41.77 26.90
CA SER K 60 31.67 42.44 28.05
C SER K 60 30.44 41.71 28.53
N LYS K 61 29.61 41.23 27.60
CA LYS K 61 28.42 40.47 27.98
C LYS K 61 28.81 39.16 28.66
N PHE K 62 29.85 38.49 28.16
CA PHE K 62 30.23 37.20 28.70
C PHE K 62 30.89 37.34 30.06
N ALA K 63 31.80 38.30 30.22
CA ALA K 63 32.64 38.39 31.40
C ALA K 63 32.25 39.52 32.35
N ASP K 64 31.26 40.34 32.01
CA ASP K 64 30.83 41.47 32.83
C ASP K 64 31.98 42.43 33.14
N ASP K 65 32.89 42.59 32.19
CA ASP K 65 34.00 43.51 32.35
C ASP K 65 34.60 43.80 30.98
N ASN K 66 35.08 45.02 30.81
CA ASN K 66 35.69 45.42 29.56
C ASN K 66 37.03 44.71 29.37
N PRO K 67 37.39 44.39 28.13
CA PRO K 67 38.74 43.87 27.88
C PRO K 67 39.79 44.93 28.13
N ARG K 68 40.95 44.47 28.61
CA ARG K 68 42.07 45.35 28.87
C ARG K 68 43.33 44.77 28.25
N HIS K 69 44.16 45.65 27.69
CA HIS K 69 45.36 45.19 26.98
C HIS K 69 46.34 44.53 27.94
N LEU K 70 46.56 45.12 29.11
CA LEU K 70 47.53 44.57 30.05
C LEU K 70 47.01 43.32 30.73
N ARG K 71 45.73 43.30 31.11
CA ARG K 71 45.16 42.14 31.76
C ARG K 71 44.92 41.02 30.76
N VAL K 72 44.86 39.81 31.27
CA VAL K 72 44.64 38.62 30.45
C VAL K 72 43.15 38.39 30.31
N LYS K 73 42.75 37.85 29.16
CA LYS K 73 41.35 37.59 28.85
C LYS K 73 41.04 36.15 29.26
N THR K 74 40.29 36.00 30.36
CA THR K 74 39.98 34.68 30.88
C THR K 74 38.52 34.30 30.80
N GLY K 75 37.62 35.26 30.60
CA GLY K 75 36.20 35.01 30.59
C GLY K 75 35.48 35.42 31.86
N GLY K 76 36.22 35.78 32.91
CA GLY K 76 35.60 36.27 34.12
C GLY K 76 35.01 35.16 34.96
N LYS K 77 33.94 35.50 35.68
CA LYS K 77 33.32 34.54 36.60
C LYS K 77 32.59 33.44 35.84
N MET K 78 32.09 33.74 34.65
CA MET K 78 31.36 32.73 33.88
C MET K 78 32.28 31.59 33.47
N ALA K 79 33.55 31.90 33.16
CA ALA K 79 34.51 30.86 32.86
C ALA K 79 34.79 29.99 34.07
N ASN K 80 34.94 30.61 35.24
CA ASN K 80 35.23 29.85 36.45
C ASN K 80 34.06 28.95 36.82
N ALA K 81 32.83 29.46 36.72
CA ALA K 81 31.66 28.65 37.02
C ALA K 81 31.53 27.48 36.06
N LEU K 82 31.76 27.72 34.77
CA LEU K 82 31.67 26.64 33.79
C LEU K 82 32.74 25.60 34.02
N THR K 83 33.94 26.03 34.39
CA THR K 83 35.02 25.08 34.67
C THR K 83 34.68 24.22 35.88
N ASN K 84 34.08 24.82 36.91
CA ASN K 84 33.83 24.09 38.15
C ASN K 84 32.68 23.09 38.00
N VAL K 85 31.63 23.45 37.25
CA VAL K 85 30.52 22.53 37.08
C VAL K 85 30.94 21.34 36.24
N ILE K 86 31.91 21.51 35.35
CA ILE K 86 32.40 20.38 34.55
C ILE K 86 33.06 19.35 35.46
N ARG K 87 33.86 19.81 36.42
CA ARG K 87 34.46 18.89 37.37
C ARG K 87 33.39 18.20 38.21
N SER K 88 32.36 18.94 38.63
CA SER K 88 31.30 18.36 39.44
C SER K 88 30.49 17.33 38.67
N TYR K 89 30.32 17.54 37.36
CA TYR K 89 29.53 16.61 36.56
C TYR K 89 30.23 15.27 36.44
N TYR K 90 31.57 15.26 36.39
CA TYR K 90 32.30 14.04 36.07
C TYR K 90 32.22 13.03 37.21
N SER K 91 32.48 13.47 38.43
CA SER K 91 32.60 12.56 39.55
C SER K 91 31.80 13.08 40.74
N ILE K 92 31.36 12.15 41.59
CA ILE K 92 30.66 12.50 42.82
C ILE K 92 31.59 13.05 43.88
N ASN K 93 32.90 12.84 43.73
CA ASN K 93 33.88 13.32 44.68
C ASN K 93 34.37 14.73 44.38
N ALA K 94 33.85 15.37 43.34
CA ALA K 94 34.25 16.74 43.03
C ALA K 94 33.66 17.71 44.05
N PRO K 95 34.36 18.81 44.34
CA PRO K 95 33.91 19.70 45.43
C PRO K 95 32.52 20.28 45.25
N ALA K 96 32.13 20.67 44.04
CA ALA K 96 30.84 21.31 43.77
C ALA K 96 30.68 22.59 44.62
N ILE K 97 31.51 23.57 44.29
CA ILE K 97 31.64 24.77 45.12
C ILE K 97 31.20 26.04 44.41
N VAL K 98 30.24 25.95 43.51
CA VAL K 98 29.65 27.11 42.85
C VAL K 98 28.33 27.45 43.54
N PRO K 99 28.18 28.65 44.08
CA PRO K 99 26.94 28.99 44.80
C PRO K 99 25.73 29.03 43.87
N GLN K 100 24.56 28.80 44.46
CA GLN K 100 23.32 28.86 43.69
C GLN K 100 23.04 30.27 43.20
N VAL K 101 23.34 31.28 44.01
CA VAL K 101 23.08 32.66 43.62
C VAL K 101 23.90 33.04 42.39
N GLU K 102 25.12 32.51 42.28
CA GLU K 102 25.95 32.78 41.11
C GLU K 102 25.32 32.18 39.85
N ILE K 103 24.75 30.98 39.97
CA ILE K 103 24.18 30.32 38.79
C ILE K 103 22.92 31.05 38.32
N ASP K 104 22.06 31.46 39.26
CA ASP K 104 20.82 32.14 38.87
C ASP K 104 21.12 33.46 38.18
N ARG K 105 22.10 34.21 38.68
CA ARG K 105 22.44 35.48 38.05
C ARG K 105 23.05 35.28 36.67
N LEU K 106 23.71 34.15 36.44
CA LEU K 106 24.31 33.89 35.14
C LEU K 106 23.31 33.31 34.15
N ALA K 107 22.24 32.68 34.64
CA ALA K 107 21.22 32.15 33.74
C ALA K 107 20.25 33.22 33.29
N SER K 108 20.27 34.40 33.92
CA SER K 108 19.37 35.48 33.55
C SER K 108 19.94 36.36 32.44
N LYS K 109 21.13 36.07 31.94
CA LYS K 109 21.73 36.90 30.91
C LYS K 109 21.03 36.72 29.57
N ALA K 110 20.74 35.48 29.20
CA ALA K 110 20.02 35.17 27.97
C ALA K 110 18.80 34.32 28.29
N THR K 111 17.86 34.28 27.36
CA THR K 111 16.61 33.55 27.54
C THR K 111 16.69 32.22 26.79
N VAL K 112 16.75 31.12 27.54
CA VAL K 112 16.76 29.78 26.99
C VAL K 112 15.87 28.90 27.85
N SER K 113 15.33 27.85 27.23
CA SER K 113 14.44 26.96 27.96
C SER K 113 15.19 26.05 28.91
N GLY K 114 16.40 25.63 28.53
CA GLY K 114 17.12 24.66 29.33
C GLY K 114 16.58 23.25 29.23
N ASP K 115 15.86 22.94 28.16
CA ASP K 115 15.29 21.62 27.95
C ASP K 115 16.31 20.74 27.25
N MET K 116 16.66 19.62 27.88
CA MET K 116 17.63 18.69 27.35
C MET K 116 16.97 17.41 26.84
N TYR K 117 15.75 17.52 26.30
CA TYR K 117 15.02 16.34 25.85
C TYR K 117 14.25 16.58 24.56
N ASN K 118 14.53 17.65 23.83
CA ASN K 118 13.78 17.99 22.63
C ASN K 118 14.43 17.50 21.34
N SER K 119 15.50 16.73 21.41
CA SER K 119 16.16 16.19 20.23
C SER K 119 16.86 14.90 20.61
N TYR K 120 17.61 14.34 19.67
CA TYR K 120 18.35 13.12 19.90
C TYR K 120 19.64 13.14 19.08
N ALA K 121 20.57 12.27 19.46
CA ALA K 121 21.82 12.09 18.73
C ALA K 121 22.19 10.62 18.75
N ILE K 122 22.99 10.21 17.77
CA ILE K 122 23.37 8.82 17.59
C ILE K 122 24.81 8.64 18.06
N PHE K 123 25.02 7.67 18.97
CA PHE K 123 26.33 7.37 19.52
C PHE K 123 26.77 5.99 19.04
N ASN K 124 28.01 5.91 18.56
CA ASN K 124 28.47 4.79 17.75
C ASN K 124 29.28 3.75 18.52
N SER K 125 29.40 3.87 19.84
CA SER K 125 30.13 2.87 20.60
C SER K 125 29.37 1.55 20.62
N VAL K 126 30.09 0.45 20.47
CA VAL K 126 29.52 -0.88 20.38
C VAL K 126 29.67 -1.56 21.73
N PRO K 127 28.58 -1.88 22.43
CA PRO K 127 28.70 -2.55 23.73
C PRO K 127 28.76 -4.07 23.60
N ILE K 128 29.84 -4.67 24.05
CA ILE K 128 29.97 -6.12 24.11
C ILE K 128 30.12 -6.47 25.58
N VAL K 129 29.01 -6.81 26.24
CA VAL K 129 29.02 -7.02 27.68
C VAL K 129 29.82 -8.27 28.03
N GLU K 130 29.61 -9.35 27.30
CA GLU K 130 30.32 -10.60 27.57
C GLU K 130 30.31 -11.48 26.33
N VAL K 131 31.42 -12.17 26.11
CA VAL K 131 31.53 -13.20 25.07
C VAL K 131 31.93 -14.49 25.74
N LEU K 132 31.07 -15.49 25.68
CA LEU K 132 31.29 -16.76 26.36
C LEU K 132 31.84 -17.77 25.36
N SER K 133 33.01 -18.32 25.66
CA SER K 133 33.70 -19.24 24.78
C SER K 133 34.06 -20.51 25.53
N PRO K 134 34.07 -21.66 24.85
CA PRO K 134 34.41 -22.91 25.54
C PRO K 134 35.92 -23.11 25.62
N ALA K 135 36.34 -24.26 26.12
CA ALA K 135 37.75 -24.54 26.25
C ALA K 135 38.40 -24.69 24.88
N ARG K 136 39.72 -24.48 24.84
CA ARG K 136 40.52 -24.59 23.62
C ARG K 136 40.08 -23.59 22.57
N THR K 137 39.59 -22.42 23.01
CA THR K 137 39.23 -21.34 22.12
C THR K 137 39.76 -20.03 22.68
N THR K 138 40.25 -19.17 21.80
CA THR K 138 40.79 -17.87 22.18
C THR K 138 39.93 -16.76 21.58
N VAL K 139 39.51 -15.82 22.41
CA VAL K 139 38.67 -14.70 22.00
C VAL K 139 39.31 -13.41 22.50
N SER K 140 39.45 -12.44 21.59
CA SER K 140 40.01 -11.13 21.94
C SER K 140 39.17 -10.05 21.30
N ILE K 141 38.85 -9.01 22.07
CA ILE K 141 38.05 -7.88 21.60
C ILE K 141 38.93 -6.63 21.61
N VAL K 142 38.93 -5.91 20.49
CA VAL K 142 39.73 -4.70 20.34
C VAL K 142 38.86 -3.62 19.70
N GLY K 143 38.85 -2.44 20.29
CA GLY K 143 38.15 -1.30 19.73
C GLY K 143 36.89 -0.96 20.50
N SER K 144 36.46 0.28 20.33
CA SER K 144 35.24 0.79 20.96
C SER K 144 34.28 1.41 19.96
N ASP K 145 34.79 2.08 18.93
CA ASP K 145 33.91 2.59 17.88
C ASP K 145 33.63 1.51 16.84
N ARG K 146 34.62 0.69 16.53
CA ARG K 146 34.45 -0.52 15.73
C ARG K 146 35.18 -1.65 16.43
N ALA K 147 34.43 -2.64 16.91
CA ALA K 147 34.99 -3.71 17.71
C ALA K 147 35.30 -4.91 16.83
N ASP K 148 36.53 -5.40 16.92
CA ASP K 148 36.95 -6.60 16.20
C ASP K 148 37.11 -7.75 17.20
N VAL K 149 36.37 -8.82 16.97
CA VAL K 149 36.41 -10.01 17.82
C VAL K 149 37.18 -11.08 17.07
N THR K 150 38.38 -11.40 17.53
CA THR K 150 39.23 -12.41 16.92
C THR K 150 39.05 -13.73 17.66
N MET K 151 38.65 -14.77 16.93
CA MET K 151 38.30 -16.05 17.50
C MET K 151 39.14 -17.14 16.84
N LEU K 152 39.75 -17.99 17.67
CA LEU K 152 40.56 -19.10 17.19
C LEU K 152 40.07 -20.39 17.82
N ASN K 153 39.86 -21.41 17.00
CA ASN K 153 39.42 -22.73 17.46
C ASN K 153 40.58 -23.70 17.34
N THR K 154 40.86 -24.41 18.43
CA THR K 154 41.93 -25.40 18.45
C THR K 154 41.44 -26.79 18.84
N GLY K 155 40.15 -26.96 19.08
CA GLY K 155 39.61 -28.24 19.49
C GLY K 155 39.35 -29.16 18.32
N ALA K 156 38.72 -30.30 18.64
CA ALA K 156 38.44 -31.30 17.62
C ALA K 156 37.32 -30.85 16.68
N GLY K 157 36.24 -30.32 17.24
CA GLY K 157 35.05 -29.96 16.48
C GLY K 157 34.73 -28.48 16.54
N ALA K 158 33.62 -28.14 15.89
CA ALA K 158 33.15 -26.77 15.87
C ALA K 158 32.67 -26.35 17.25
N ALA K 159 32.89 -25.09 17.59
CA ALA K 159 32.55 -24.54 18.89
C ALA K 159 31.43 -23.53 18.78
N ASN K 160 30.67 -23.39 19.87
CA ASN K 160 29.58 -22.44 19.97
C ASN K 160 30.01 -21.30 20.88
N ILE K 161 30.00 -20.08 20.35
CA ILE K 161 30.45 -18.89 21.07
C ILE K 161 29.28 -17.93 21.20
N THR K 162 28.96 -17.53 22.42
CA THR K 162 27.79 -16.72 22.73
C THR K 162 28.18 -15.25 22.84
N PHE K 163 27.42 -14.39 22.16
CA PHE K 163 27.62 -12.96 22.19
C PHE K 163 26.46 -12.30 22.92
N ASN K 164 26.77 -11.39 23.84
CA ASN K 164 25.78 -10.62 24.57
C ASN K 164 26.06 -9.14 24.34
N PHE K 165 25.13 -8.45 23.67
CA PHE K 165 25.30 -7.06 23.29
C PHE K 165 24.52 -6.11 24.19
N GLY K 166 24.13 -6.56 25.38
CA GLY K 166 23.35 -5.72 26.26
C GLY K 166 21.91 -5.62 25.81
N GLN K 167 21.21 -4.66 26.42
CA GLN K 167 19.80 -4.45 26.14
C GLN K 167 19.47 -3.00 25.81
N ILE K 168 20.47 -2.18 25.51
CA ILE K 168 20.27 -0.75 25.31
C ILE K 168 20.48 -0.35 23.85
N ALA K 169 21.51 -0.89 23.20
CA ALA K 169 21.82 -0.50 21.83
C ALA K 169 20.67 -0.83 20.90
N GLU K 170 20.47 0.02 19.90
CA GLU K 170 19.34 -0.15 18.99
C GLU K 170 19.60 -1.27 17.98
N THR K 171 20.63 -1.10 17.16
CA THR K 171 20.97 -2.08 16.13
C THR K 171 22.46 -2.39 16.20
N VAL K 172 22.80 -3.63 15.84
CA VAL K 172 24.18 -4.07 15.73
C VAL K 172 24.38 -4.72 14.38
N ILE K 173 25.44 -4.33 13.68
CA ILE K 173 25.79 -4.90 12.38
C ILE K 173 27.12 -5.61 12.51
N LEU K 174 27.13 -6.90 12.18
CA LEU K 174 28.32 -7.74 12.27
C LEU K 174 28.79 -8.13 10.87
N LYS K 175 30.05 -7.86 10.57
CA LYS K 175 30.65 -8.25 9.30
C LYS K 175 31.90 -9.04 9.59
N GLY K 176 31.97 -10.26 9.07
CA GLY K 176 33.11 -11.12 9.31
C GLY K 176 34.13 -11.08 8.20
N SER K 177 35.33 -11.56 8.52
CA SER K 177 36.38 -11.68 7.50
C SER K 177 36.01 -12.75 6.47
N VAL K 178 35.38 -13.83 6.91
CA VAL K 178 34.87 -14.87 6.02
C VAL K 178 33.43 -15.16 6.41
N PRO K 179 32.62 -15.69 5.49
CA PRO K 179 31.23 -16.00 5.82
C PRO K 179 31.13 -16.95 7.01
N PHE K 180 30.15 -16.69 7.87
CA PHE K 180 30.02 -17.45 9.10
C PHE K 180 28.55 -17.59 9.46
N GLN K 181 28.28 -18.40 10.47
CA GLN K 181 26.92 -18.73 10.89
C GLN K 181 26.63 -18.15 12.26
N LEU K 182 25.51 -17.46 12.38
CA LEU K 182 25.05 -16.90 13.64
C LEU K 182 23.54 -17.05 13.71
N ALA K 183 23.04 -17.41 14.88
CA ALA K 183 21.61 -17.55 15.08
C ALA K 183 21.29 -17.30 16.55
N ARG K 184 20.04 -16.99 16.82
CA ARG K 184 19.59 -16.77 18.18
C ARG K 184 19.46 -18.11 18.91
N LEU K 185 19.28 -18.02 20.22
CA LEU K 185 19.14 -19.23 21.03
C LEU K 185 17.89 -19.99 20.61
N ASN K 186 18.01 -21.33 20.60
CA ASN K 186 16.92 -22.23 20.22
C ASN K 186 16.36 -21.88 18.83
N GLN K 187 17.27 -21.64 17.89
CA GLN K 187 16.89 -21.37 16.51
C GLN K 187 17.85 -22.09 15.58
N PRO K 188 17.39 -22.53 14.41
CA PRO K 188 18.27 -23.20 13.46
C PRO K 188 19.28 -22.24 12.87
N MET K 189 20.43 -22.78 12.49
CA MET K 189 21.45 -21.89 11.94
C MET K 189 21.28 -21.74 10.43
N PRO K 190 21.35 -20.51 9.93
CA PRO K 190 21.20 -20.30 8.49
C PRO K 190 22.47 -20.64 7.73
N ALA K 191 22.48 -20.40 6.42
CA ALA K 191 23.69 -20.60 5.65
C ALA K 191 24.72 -19.52 6.00
N ALA K 192 25.97 -19.82 5.72
CA ALA K 192 27.05 -18.88 6.00
C ALA K 192 26.82 -17.57 5.24
N ARG K 193 27.01 -16.45 5.94
CA ARG K 193 26.74 -15.15 5.36
C ARG K 193 27.80 -14.18 5.85
N PHE K 194 28.02 -13.12 5.07
CA PHE K 194 29.03 -12.14 5.40
C PHE K 194 28.55 -11.13 6.45
N THR K 195 27.26 -10.80 6.45
CA THR K 195 26.75 -9.71 7.26
C THR K 195 25.55 -10.18 8.08
N TYR K 196 25.36 -9.53 9.23
CA TYR K 196 24.22 -9.81 10.10
C TYR K 196 23.76 -8.50 10.73
N LYS K 197 22.45 -8.26 10.72
CA LYS K 197 21.84 -7.13 11.40
C LYS K 197 20.98 -7.66 12.54
N LEU K 198 21.25 -7.19 13.76
CA LEU K 198 20.64 -7.76 14.94
C LEU K 198 20.10 -6.67 15.85
N ARG K 199 19.09 -7.04 16.63
CA ARG K 199 18.62 -6.21 17.73
C ARG K 199 19.12 -6.81 19.03
N PRO K 200 19.84 -6.06 19.87
CA PRO K 200 20.33 -6.63 21.13
C PRO K 200 19.23 -7.14 22.05
N LEU K 201 18.01 -6.62 21.93
CA LEU K 201 16.91 -7.12 22.74
C LEU K 201 16.49 -8.53 22.35
N ASP K 202 16.89 -9.00 21.16
CA ASP K 202 16.48 -10.32 20.71
C ASP K 202 17.01 -11.41 21.62
N GLY K 203 18.25 -11.27 22.09
CA GLY K 203 18.81 -12.20 23.03
C GLY K 203 20.23 -12.55 22.69
N PRO K 204 20.85 -13.43 23.50
CA PRO K 204 22.20 -13.88 23.17
C PRO K 204 22.24 -14.59 21.83
N PHE K 205 23.32 -14.36 21.10
CA PHE K 205 23.51 -14.92 19.77
C PHE K 205 24.66 -15.93 19.80
N ILE K 206 24.47 -17.06 19.13
CA ILE K 206 25.46 -18.12 19.07
C ILE K 206 26.14 -18.09 17.72
N VAL K 207 27.47 -18.14 17.72
CA VAL K 207 28.27 -18.15 16.50
C VAL K 207 29.03 -19.46 16.43
N VAL K 208 28.89 -20.17 15.32
CA VAL K 208 29.59 -21.43 15.11
C VAL K 208 30.97 -21.14 14.56
N LEU K 209 31.99 -21.61 15.26
CA LEU K 209 33.37 -21.34 14.88
C LEU K 209 34.00 -22.63 14.36
N PRO K 210 34.24 -22.75 13.05
CA PRO K 210 34.87 -23.97 12.53
C PRO K 210 36.34 -24.04 12.89
N VAL K 211 36.86 -25.27 12.86
CA VAL K 211 38.26 -25.51 13.15
C VAL K 211 39.10 -25.09 11.95
N GLY K 212 40.10 -24.24 12.19
CA GLY K 212 40.97 -23.80 11.12
C GLY K 212 41.47 -22.39 11.29
N ASN K 213 41.35 -21.58 10.23
CA ASN K 213 41.84 -20.22 10.26
C ASN K 213 41.02 -19.37 11.24
N PRO K 214 41.64 -18.36 11.84
CA PRO K 214 40.89 -17.50 12.77
C PRO K 214 39.79 -16.73 12.07
N LEU K 215 38.73 -16.46 12.82
CA LEU K 215 37.59 -15.69 12.34
C LEU K 215 37.51 -14.37 13.08
N VAL K 216 37.48 -13.27 12.34
CA VAL K 216 37.41 -11.93 12.90
C VAL K 216 36.06 -11.32 12.54
N ILE K 217 35.33 -10.87 13.56
CA ILE K 217 34.02 -10.25 13.38
C ILE K 217 34.14 -8.79 13.76
N SER K 218 33.78 -7.90 12.83
CA SER K 218 33.78 -6.47 13.08
C SER K 218 32.36 -6.04 13.43
N ALA K 219 32.23 -5.31 14.54
CA ALA K 219 30.94 -4.92 15.07
C ALA K 219 30.78 -3.41 15.00
N THR K 220 29.57 -2.97 14.63
CA THR K 220 29.21 -1.55 14.61
C THR K 220 27.81 -1.41 15.18
N ALA K 221 27.64 -0.50 16.14
CA ALA K 221 26.37 -0.31 16.81
C ALA K 221 25.98 1.17 16.78
N ALA K 222 24.68 1.41 16.86
CA ALA K 222 24.13 2.76 16.92
C ALA K 222 23.10 2.83 18.03
N THR K 223 23.19 3.87 18.86
CA THR K 223 22.29 4.07 19.97
C THR K 223 21.78 5.51 19.95
N ARG K 224 20.51 5.68 20.31
CA ARG K 224 19.86 6.99 20.30
C ARG K 224 19.70 7.47 21.73
N ILE K 225 20.15 8.70 22.00
CA ILE K 225 20.08 9.31 23.31
C ILE K 225 19.54 10.71 23.16
N GLN K 226 18.60 11.09 24.03
CA GLN K 226 17.98 12.39 23.95
C GLN K 226 18.96 13.49 24.35
N VAL K 227 19.06 14.51 23.50
CA VAL K 227 19.99 15.62 23.70
C VAL K 227 19.29 16.92 23.34
N PRO K 228 19.80 18.05 23.82
CA PRO K 228 19.23 19.34 23.43
C PRO K 228 19.42 19.61 21.95
N LEU K 229 18.64 20.56 21.45
CA LEU K 229 18.71 20.93 20.04
C LEU K 229 20.02 21.59 19.67
N ALA K 230 20.72 22.19 20.63
CA ALA K 230 21.99 22.84 20.38
C ALA K 230 23.17 21.87 20.44
N PHE K 231 22.90 20.60 20.73
CA PHE K 231 23.97 19.61 20.83
C PHE K 231 24.71 19.47 19.50
N ASN K 232 26.03 19.48 19.57
CA ASN K 232 26.88 19.28 18.41
C ASN K 232 27.96 18.28 18.77
N LYS K 233 27.97 17.13 18.10
CA LYS K 233 28.90 16.07 18.46
C LYS K 233 30.34 16.46 18.15
N ALA K 234 30.54 17.24 17.07
CA ALA K 234 31.88 17.66 16.71
C ALA K 234 32.49 18.55 17.80
N LEU K 235 31.68 19.45 18.36
CA LEU K 235 32.20 20.34 19.39
C LEU K 235 32.34 19.63 20.73
N VAL K 236 31.41 18.72 21.03
CA VAL K 236 31.45 18.02 22.32
C VAL K 236 32.70 17.17 22.42
N GLU K 237 33.03 16.44 21.37
CA GLU K 237 34.22 15.57 21.40
C GLU K 237 35.50 16.37 21.55
N SER K 238 35.59 17.51 20.86
CA SER K 238 36.78 18.35 20.99
C SER K 238 36.87 18.93 22.39
N GLY K 239 35.74 19.35 22.97
CA GLY K 239 35.76 19.87 24.32
C GLY K 239 36.13 18.82 25.34
N PHE K 240 35.74 17.56 25.09
CA PHE K 240 36.10 16.48 25.99
C PHE K 240 37.61 16.29 26.08
N GLN K 241 38.29 16.37 24.93
CA GLN K 241 39.74 16.24 24.92
C GLN K 241 40.42 17.40 25.63
N THR K 242 39.89 18.62 25.44
CA THR K 242 40.49 19.79 26.09
C THR K 242 40.39 19.69 27.60
N ALA K 243 39.23 19.27 28.11
CA ALA K 243 39.04 19.17 29.55
C ALA K 243 39.97 18.14 30.17
N MET K 244 40.18 17.02 29.47
CA MET K 244 41.14 16.02 29.95
C MET K 244 42.56 16.58 29.94
N ASN K 245 42.92 17.33 28.90
CA ASN K 245 44.25 17.93 28.85
C ASN K 245 44.42 19.01 29.90
N ASP K 246 43.35 19.72 30.24
CA ASP K 246 43.40 20.78 31.22
C ASP K 246 43.29 20.27 32.66
N GLY K 247 43.13 18.97 32.85
CA GLY K 247 43.09 18.40 34.18
C GLY K 247 41.79 18.57 34.93
N LEU K 248 40.68 18.79 34.21
CA LEU K 248 39.41 18.95 34.90
C LEU K 248 38.87 17.62 35.41
N PHE K 249 39.34 16.51 34.86
CA PHE K 249 38.88 15.19 35.27
C PHE K 249 39.89 14.49 36.18
N ASP K 250 40.90 15.20 36.67
CA ASP K 250 41.93 14.61 37.52
C ASP K 250 41.40 14.52 38.94
N ILE K 251 40.61 13.48 39.19
CA ILE K 251 40.01 13.21 40.49
C ILE K 251 40.37 11.78 40.86
N GLN K 252 40.39 11.51 42.16
CA GLN K 252 40.71 10.18 42.65
C GLN K 252 39.55 9.22 42.40
N ASN K 253 39.90 7.96 42.12
CA ASN K 253 38.93 6.88 41.99
C ASN K 253 37.94 7.14 40.85
N VAL K 254 38.46 7.49 39.68
CA VAL K 254 37.66 7.71 38.49
C VAL K 254 38.24 6.91 37.34
N ASN K 255 37.40 6.62 36.36
CA ASN K 255 37.81 5.96 35.14
C ASN K 255 38.08 6.99 34.05
N TYR K 256 38.71 6.55 32.97
CA TYR K 256 39.05 7.43 31.87
C TYR K 256 38.65 6.79 30.55
N TYR K 257 38.26 7.63 29.59
CA TYR K 257 37.76 7.18 28.31
C TYR K 257 38.39 8.01 27.20
N SER K 258 38.55 7.38 26.03
CA SER K 258 39.20 8.05 24.91
C SER K 258 38.28 9.02 24.18
N SER K 259 36.96 8.94 24.41
CA SER K 259 36.03 9.83 23.74
C SER K 259 34.79 9.97 24.60
N PHE K 260 34.01 11.02 24.31
CA PHE K 260 32.75 11.23 25.00
C PHE K 260 31.74 10.15 24.67
N ASP K 261 31.82 9.57 23.47
CA ASP K 261 30.90 8.51 23.08
C ASP K 261 31.05 7.30 23.97
N GLU K 262 32.30 6.92 24.28
CA GLU K 262 32.53 5.79 25.17
C GLU K 262 32.07 6.09 26.59
N PHE K 263 32.23 7.34 27.01
CA PHE K 263 31.86 7.72 28.37
C PHE K 263 30.36 7.57 28.60
N ILE K 264 29.55 8.07 27.68
CA ILE K 264 28.11 8.06 27.88
C ILE K 264 27.55 6.65 27.74
N ILE K 265 28.08 5.85 26.82
CA ILE K 265 27.59 4.49 26.64
C ILE K 265 27.98 3.63 27.83
N SER K 266 29.19 3.82 28.36
CA SER K 266 29.63 3.05 29.53
C SER K 266 28.75 3.36 30.74
N GLN K 267 28.39 4.63 30.94
CA GLN K 267 27.52 4.97 32.06
C GLN K 267 26.10 4.48 31.83
N TYR K 268 25.69 4.35 30.57
CA TYR K 268 24.37 3.82 30.25
C TYR K 268 24.25 2.35 30.66
N HIS K 269 25.33 1.60 30.53
CA HIS K 269 25.28 0.16 30.74
C HIS K 269 25.56 -0.26 32.18
N ALA K 270 25.74 0.69 33.09
CA ALA K 270 25.93 0.36 34.49
C ALA K 270 24.59 -0.03 35.11
N GLN K 271 24.64 -0.42 36.38
CA GLN K 271 23.42 -0.73 37.11
C GLN K 271 22.58 0.54 37.25
N ASP K 272 21.37 0.51 36.70
CA ASP K 272 20.48 1.67 36.63
C ASP K 272 21.17 2.82 35.88
N GLY K 273 21.47 2.56 34.61
CA GLY K 273 22.19 3.53 33.80
C GLY K 273 21.36 4.73 33.37
N ILE K 274 20.04 4.60 33.43
CA ILE K 274 19.18 5.74 33.08
C ILE K 274 19.43 6.90 34.02
N ASN K 275 19.80 6.62 35.27
CA ASN K 275 20.07 7.67 36.25
C ASN K 275 21.18 8.59 35.79
N ARG K 276 22.13 8.08 35.00
CA ARG K 276 23.33 8.83 34.67
C ARG K 276 23.31 9.45 33.28
N VAL K 277 22.41 9.02 32.40
CA VAL K 277 22.40 9.55 31.03
C VAL K 277 22.05 11.03 31.03
N SER K 278 21.08 11.43 31.84
CA SER K 278 20.66 12.83 31.87
C SER K 278 21.80 13.74 32.32
N THR K 279 22.55 13.32 33.35
CA THR K 279 23.67 14.13 33.81
C THR K 279 24.81 14.14 32.79
N CYS K 280 25.01 13.03 32.09
CA CYS K 280 26.08 12.97 31.10
C CYS K 280 25.79 13.87 29.92
N VAL K 281 24.52 14.02 29.55
CA VAL K 281 24.17 14.89 28.43
C VAL K 281 24.40 16.35 28.81
N ILE K 282 24.12 16.71 30.05
CA ILE K 282 24.39 18.08 30.51
C ILE K 282 25.89 18.38 30.45
N LEU K 283 26.72 17.40 30.85
CA LEU K 283 28.15 17.58 30.78
C LEU K 283 28.60 17.79 29.34
N GLY K 284 27.98 17.09 28.40
CA GLY K 284 28.33 17.27 26.99
C GLY K 284 28.05 18.67 26.50
N LEU K 285 26.90 19.23 26.87
CA LEU K 285 26.59 20.61 26.47
C LEU K 285 27.53 21.59 27.14
N ALA K 286 27.92 21.31 28.38
CA ALA K 286 28.90 22.16 29.05
C ALA K 286 30.25 22.08 28.35
N LEU K 287 30.63 20.89 27.88
CA LEU K 287 31.89 20.74 27.18
C LEU K 287 31.84 21.43 25.82
N GLN K 288 30.65 21.55 25.24
CA GLN K 288 30.48 22.32 24.02
C GLN K 288 30.78 23.79 24.25
N ALA K 289 30.29 24.33 25.37
CA ALA K 289 30.55 25.73 25.68
C ALA K 289 32.00 25.96 26.08
N TYR K 290 32.60 24.98 26.76
CA TYR K 290 33.99 25.10 27.17
C TYR K 290 34.91 25.12 25.97
N ASP K 291 34.59 24.35 24.93
CA ASP K 291 35.40 24.33 23.73
C ASP K 291 35.39 25.69 23.06
N GLN K 292 34.20 26.25 22.83
CA GLN K 292 34.10 27.49 22.07
C GLN K 292 34.72 28.66 22.84
N MET K 293 34.59 28.65 24.17
CA MET K 293 35.15 29.75 24.96
C MET K 293 36.66 29.71 24.96
N ARG K 294 37.25 28.54 25.19
CA ARG K 294 38.69 28.45 25.29
C ARG K 294 39.38 28.68 23.95
N ARG K 295 38.75 28.27 22.85
CA ARG K 295 39.32 28.54 21.54
C ARG K 295 39.31 30.03 21.23
N ALA K 296 38.31 30.76 21.70
CA ALA K 296 38.30 32.21 21.53
C ALA K 296 39.26 32.89 22.49
N LEU K 297 39.38 32.37 23.71
CA LEU K 297 40.20 32.98 24.75
C LEU K 297 41.14 31.93 25.33
N PRO K 298 42.24 31.63 24.66
CA PRO K 298 43.19 30.63 25.17
C PRO K 298 43.84 31.09 26.46
N VAL K 299 44.17 30.12 27.31
CA VAL K 299 44.81 30.39 28.58
C VAL K 299 45.92 29.37 28.83
N ALA L 2 65.52 -8.83 -60.21
CA ALA L 2 65.07 -7.48 -59.89
C ALA L 2 63.61 -7.28 -60.28
N ASN L 3 62.73 -7.27 -59.29
CA ASN L 3 61.31 -7.09 -59.51
C ASN L 3 60.91 -5.64 -59.28
N ARG L 4 59.83 -5.23 -59.93
CA ARG L 4 59.33 -3.86 -59.86
C ARG L 4 57.90 -3.86 -59.34
N ALA L 5 57.62 -2.94 -58.42
CA ALA L 5 56.28 -2.74 -57.89
C ALA L 5 55.93 -1.26 -57.96
N THR L 6 54.68 -0.97 -58.30
CA THR L 6 54.22 0.40 -58.47
C THR L 6 52.79 0.53 -57.97
N SER L 7 52.42 1.77 -57.64
CA SER L 7 51.06 2.05 -57.21
C SER L 7 50.10 1.95 -58.38
N ALA L 8 48.91 1.41 -58.12
CA ALA L 8 47.95 1.16 -59.18
C ALA L 8 47.48 2.46 -59.84
N PHE L 9 47.22 3.48 -59.03
CA PHE L 9 46.65 4.72 -59.55
C PHE L 9 47.65 5.56 -60.32
N LEU L 10 48.94 5.22 -60.28
CA LEU L 10 49.95 6.00 -60.98
C LEU L 10 50.24 5.50 -62.39
N ASP L 11 49.62 4.40 -62.81
CA ASP L 11 49.92 3.83 -64.12
C ASP L 11 48.98 4.41 -65.16
N ASN L 12 49.54 4.84 -66.29
CA ASN L 12 48.82 5.29 -67.47
C ASN L 12 47.84 6.41 -67.16
N PRO L 13 48.31 7.61 -66.84
CA PRO L 13 47.40 8.76 -66.76
C PRO L 13 46.94 9.17 -68.14
N HIS L 14 45.63 9.31 -68.32
CA HIS L 14 45.11 9.69 -69.60
C HIS L 14 45.20 11.21 -69.79
N PRO L 15 45.35 11.68 -71.03
CA PRO L 15 45.40 13.13 -71.27
C PRO L 15 44.09 13.80 -70.91
N VAL L 16 44.20 15.04 -70.45
CA VAL L 16 43.05 15.81 -70.02
C VAL L 16 42.67 16.78 -71.14
N GLY L 17 41.48 17.36 -71.02
CA GLY L 17 40.98 18.24 -72.04
C GLY L 17 41.78 19.52 -72.16
N VAL L 18 41.71 20.11 -73.34
CA VAL L 18 42.50 21.29 -73.66
C VAL L 18 41.64 22.52 -73.94
N ASN L 19 40.33 22.37 -73.97
CA ASN L 19 39.43 23.49 -74.20
C ASN L 19 38.95 24.08 -72.88
N TYR L 20 38.36 25.27 -72.98
CA TYR L 20 37.78 25.97 -71.82
C TYR L 20 38.82 26.20 -70.73
N VAL L 21 40.03 26.59 -71.14
CA VAL L 21 41.09 26.93 -70.19
C VAL L 21 41.45 28.40 -70.22
N ASP L 22 40.88 29.18 -71.13
CA ASP L 22 41.16 30.60 -71.22
C ASP L 22 40.58 31.33 -70.00
N GLU L 23 40.89 32.63 -69.92
CA GLU L 23 40.41 33.43 -68.79
C GLU L 23 38.89 33.51 -68.77
N GLY L 24 38.27 33.63 -69.93
CA GLY L 24 36.81 33.70 -69.98
C GLY L 24 36.16 32.45 -69.43
N SER L 25 36.73 31.28 -69.71
CA SER L 25 36.17 30.03 -69.18
C SER L 25 36.43 29.91 -67.69
N ARG L 26 37.59 30.39 -67.22
CA ARG L 26 37.88 30.33 -65.79
C ARG L 26 36.88 31.18 -65.00
N GLN L 27 36.50 32.33 -65.54
CA GLN L 27 35.49 33.15 -64.89
C GLN L 27 34.15 32.42 -64.84
N PHE L 28 33.84 31.62 -65.86
CA PHE L 28 32.59 30.87 -65.87
C PHE L 28 32.52 29.88 -64.73
N VAL L 29 33.61 29.16 -64.47
CA VAL L 29 33.63 28.19 -63.38
C VAL L 29 33.50 28.88 -62.05
N ALA L 30 34.20 30.01 -61.87
CA ALA L 30 34.09 30.76 -60.63
C ALA L 30 32.69 31.31 -60.44
N VAL L 31 32.08 31.82 -61.51
CA VAL L 31 30.71 32.33 -61.43
C VAL L 31 29.75 31.19 -61.08
N ALA L 32 29.92 30.04 -61.73
CA ALA L 32 29.04 28.92 -61.48
C ALA L 32 29.14 28.45 -60.03
N GLU L 33 30.35 28.41 -59.49
CA GLU L 33 30.54 28.00 -58.11
C GLU L 33 29.87 28.99 -57.14
N LEU L 34 30.03 30.29 -57.40
CA LEU L 34 29.42 31.28 -56.53
C LEU L 34 27.91 31.19 -56.56
N LEU L 35 27.33 31.05 -57.76
CA LEU L 35 25.88 31.00 -57.87
C LEU L 35 25.31 29.68 -57.36
N ALA L 36 26.07 28.59 -57.51
CA ALA L 36 25.63 27.32 -56.96
C ALA L 36 25.58 27.36 -55.44
N SER L 37 26.57 28.01 -54.82
CA SER L 37 26.58 28.12 -53.36
C SER L 37 25.39 28.92 -52.86
N LYS L 38 25.02 29.98 -53.56
CA LYS L 38 23.86 30.77 -53.16
C LYS L 38 22.58 29.98 -53.35
N LEU L 39 22.56 29.06 -54.31
CA LEU L 39 21.36 28.29 -54.59
C LEU L 39 21.04 27.33 -53.46
N ILE L 40 22.03 26.59 -52.98
CA ILE L 40 21.79 25.64 -51.91
C ILE L 40 21.48 26.36 -50.60
N ASP L 41 22.14 27.49 -50.36
CA ASP L 41 21.84 28.28 -49.17
C ASP L 41 20.41 28.79 -49.20
N SER L 42 19.95 29.24 -50.38
CA SER L 42 18.57 29.70 -50.49
C SER L 42 17.58 28.56 -50.32
N SER L 43 17.92 27.38 -50.82
CA SER L 43 17.05 26.22 -50.66
C SER L 43 16.89 25.86 -49.18
N ARG L 44 17.98 25.93 -48.42
CA ARG L 44 17.90 25.69 -46.99
C ARG L 44 17.03 26.74 -46.30
N GLU L 45 17.16 28.00 -46.72
CA GLU L 45 16.37 29.07 -46.11
C GLU L 45 14.88 28.87 -46.36
N SER L 46 14.51 28.46 -47.57
CA SER L 46 13.10 28.25 -47.87
C SER L 46 12.53 27.07 -47.09
N ASP L 47 13.33 26.04 -46.85
CA ASP L 47 12.86 24.91 -46.05
C ASP L 47 12.64 25.31 -44.60
N GLU L 48 13.44 26.24 -44.08
CA GLU L 48 13.32 26.69 -42.71
C GLU L 48 12.30 27.82 -42.55
N SER L 49 11.68 28.26 -43.64
CA SER L 49 10.66 29.29 -43.60
C SER L 49 9.43 28.80 -44.35
N ASN L 50 8.43 29.68 -44.45
CA ASN L 50 7.19 29.37 -45.18
C ASN L 50 7.10 30.12 -46.50
N SER L 51 8.19 30.72 -46.96
CA SER L 51 8.20 31.51 -48.18
C SER L 51 9.23 30.96 -49.16
N ASP L 52 8.84 30.88 -50.42
CA ASP L 52 9.72 30.46 -51.49
C ASP L 52 10.42 31.63 -52.17
N VAL L 53 10.24 32.85 -51.65
CA VAL L 53 10.89 34.02 -52.24
C VAL L 53 12.41 33.88 -52.26
N PRO L 54 13.08 33.43 -51.20
CA PRO L 54 14.54 33.24 -51.30
C PRO L 54 14.95 32.25 -52.39
N PHE L 55 14.16 31.20 -52.63
CA PHE L 55 14.54 30.22 -53.64
C PHE L 55 14.31 30.76 -55.04
N VAL L 56 13.19 31.44 -55.28
CA VAL L 56 12.89 31.91 -56.63
C VAL L 56 13.89 32.99 -57.05
N GLN L 57 14.40 33.75 -56.09
CA GLN L 57 15.41 34.76 -56.41
C GLN L 57 16.72 34.11 -56.83
N ALA L 58 17.17 33.10 -56.09
CA ALA L 58 18.44 32.46 -56.40
C ALA L 58 18.34 31.61 -57.66
N TYR L 59 17.22 30.91 -57.84
CA TYR L 59 17.07 30.08 -59.03
C TYR L 59 16.99 30.92 -60.29
N SER L 60 16.28 32.05 -60.22
CA SER L 60 16.19 32.93 -61.39
C SER L 60 17.54 33.48 -61.79
N LYS L 61 18.37 33.82 -60.81
CA LYS L 61 19.72 34.29 -61.11
C LYS L 61 20.55 33.19 -61.77
N PHE L 62 20.37 31.94 -61.32
CA PHE L 62 21.17 30.84 -61.84
C PHE L 62 20.72 30.42 -63.22
N ALA L 63 19.41 30.37 -63.46
CA ALA L 63 18.86 29.77 -64.68
C ALA L 63 18.23 30.78 -65.63
N ASP L 64 18.18 32.05 -65.27
CA ASP L 64 17.62 33.12 -66.09
C ASP L 64 16.15 32.93 -66.42
N ASP L 65 15.48 31.99 -65.77
CA ASP L 65 14.05 31.77 -65.94
C ASP L 65 13.43 31.49 -64.59
N ASN L 66 12.24 32.04 -64.36
CA ASN L 66 11.56 31.85 -63.10
C ASN L 66 11.10 30.40 -62.96
N PRO L 67 11.24 29.80 -61.78
CA PRO L 67 10.78 28.42 -61.59
C PRO L 67 9.27 28.32 -61.68
N ARG L 68 8.80 27.18 -62.17
CA ARG L 68 7.39 26.91 -62.31
C ARG L 68 7.07 25.55 -61.70
N HIS L 69 5.85 25.41 -61.19
CA HIS L 69 5.45 24.16 -60.54
C HIS L 69 5.32 23.03 -61.54
N LEU L 70 4.70 23.29 -62.69
CA LEU L 70 4.51 22.22 -63.68
C LEU L 70 5.83 21.85 -64.33
N ARG L 71 6.61 22.84 -64.74
CA ARG L 71 7.89 22.56 -65.40
C ARG L 71 8.90 22.00 -64.39
N VAL L 72 9.88 21.29 -64.92
CA VAL L 72 10.93 20.68 -64.12
C VAL L 72 12.02 21.70 -63.88
N LYS L 73 12.75 21.53 -62.77
CA LYS L 73 13.82 22.44 -62.39
C LYS L 73 15.14 21.78 -62.76
N THR L 74 15.74 22.23 -63.86
CA THR L 74 16.97 21.63 -64.37
C THR L 74 18.19 22.50 -64.18
N GLY L 75 18.02 23.81 -63.95
CA GLY L 75 19.13 24.73 -63.82
C GLY L 75 19.34 25.64 -65.01
N GLY L 76 18.64 25.39 -66.11
CA GLY L 76 18.74 26.28 -67.26
C GLY L 76 19.99 26.03 -68.08
N LYS L 77 20.41 27.08 -68.81
CA LYS L 77 21.58 26.95 -69.67
C LYS L 77 22.86 26.82 -68.87
N MET L 78 22.91 27.41 -67.67
CA MET L 78 24.09 27.30 -66.84
C MET L 78 24.34 25.85 -66.44
N ALA L 79 23.29 25.12 -66.10
CA ALA L 79 23.45 23.71 -65.74
C ALA L 79 23.93 22.88 -66.92
N ASN L 80 23.39 23.14 -68.11
CA ASN L 80 23.83 22.42 -69.30
C ASN L 80 25.30 22.74 -69.61
N ALA L 81 25.67 24.02 -69.51
CA ALA L 81 27.04 24.40 -69.80
C ALA L 81 28.01 23.76 -68.82
N LEU L 82 27.66 23.71 -67.55
CA LEU L 82 28.54 23.12 -66.54
C LEU L 82 28.78 21.64 -66.82
N THR L 83 27.73 20.92 -67.21
CA THR L 83 27.86 19.49 -67.46
C THR L 83 28.78 19.22 -68.65
N ASN L 84 28.58 19.93 -69.75
CA ASN L 84 29.41 19.71 -70.93
C ASN L 84 30.85 20.15 -70.68
N VAL L 85 31.03 21.22 -69.90
CA VAL L 85 32.37 21.69 -69.57
C VAL L 85 33.12 20.63 -68.77
N ILE L 86 32.43 19.99 -67.81
CA ILE L 86 33.07 18.95 -67.00
C ILE L 86 33.50 17.79 -67.88
N ARG L 87 32.64 17.40 -68.84
CA ARG L 87 32.93 16.26 -69.69
C ARG L 87 34.21 16.47 -70.49
N SER L 88 34.37 17.68 -71.04
CA SER L 88 35.55 17.95 -71.88
C SER L 88 36.83 17.95 -71.06
N TYR L 89 36.73 18.33 -69.77
CA TYR L 89 37.93 18.44 -68.95
C TYR L 89 38.54 17.08 -68.63
N TYR L 90 37.72 16.03 -68.57
CA TYR L 90 38.22 14.73 -68.15
C TYR L 90 39.17 14.14 -69.17
N SER L 91 38.83 14.25 -70.46
CA SER L 91 39.66 13.64 -71.49
C SER L 91 39.68 14.52 -72.73
N ILE L 92 40.73 14.35 -73.53
CA ILE L 92 40.86 15.08 -74.78
C ILE L 92 39.94 14.55 -75.86
N ASN L 93 39.40 13.34 -75.69
CA ASN L 93 38.48 12.77 -76.66
C ASN L 93 37.07 13.33 -76.55
N ALA L 94 36.72 13.94 -75.43
CA ALA L 94 35.37 14.42 -75.24
C ALA L 94 35.12 15.66 -76.09
N PRO L 95 33.95 15.76 -76.73
CA PRO L 95 33.65 16.94 -77.54
C PRO L 95 33.47 18.18 -76.69
N ALA L 96 33.84 19.32 -77.28
CA ALA L 96 33.61 20.63 -76.67
C ALA L 96 32.38 21.25 -77.32
N ILE L 97 31.22 20.75 -76.94
CA ILE L 97 29.98 21.12 -77.64
C ILE L 97 29.56 22.55 -77.32
N VAL L 98 29.68 22.97 -76.07
CA VAL L 98 29.17 24.29 -75.70
C VAL L 98 30.04 25.37 -76.34
N PRO L 99 29.45 26.37 -77.01
CA PRO L 99 30.26 27.40 -77.67
C PRO L 99 30.90 28.36 -76.69
N GLN L 100 31.60 29.37 -77.22
CA GLN L 100 32.27 30.36 -76.40
C GLN L 100 31.43 31.60 -76.15
N VAL L 101 30.51 31.94 -77.06
CA VAL L 101 29.64 33.09 -76.85
C VAL L 101 28.75 32.85 -75.63
N GLU L 102 28.23 31.62 -75.50
CA GLU L 102 27.43 31.28 -74.33
C GLU L 102 28.27 31.32 -73.05
N ILE L 103 29.52 30.88 -73.14
CA ILE L 103 30.41 30.90 -71.97
C ILE L 103 30.64 32.33 -71.51
N ASP L 104 30.90 33.24 -72.45
CA ASP L 104 31.11 34.64 -72.10
C ASP L 104 29.84 35.26 -71.53
N ARG L 105 28.68 34.90 -72.07
CA ARG L 105 27.42 35.45 -71.56
C ARG L 105 27.18 34.99 -70.13
N LEU L 106 27.44 33.72 -69.83
CA LEU L 106 27.19 33.22 -68.48
C LEU L 106 28.18 33.81 -67.48
N ALA L 107 29.41 34.08 -67.91
CA ALA L 107 30.40 34.64 -67.00
C ALA L 107 30.01 36.06 -66.57
N SER L 108 29.15 36.73 -67.33
CA SER L 108 28.77 38.09 -67.01
C SER L 108 27.67 38.17 -65.96
N LYS L 109 27.14 37.03 -65.51
CA LYS L 109 26.06 37.06 -64.54
C LYS L 109 26.52 37.62 -63.19
N ALA L 110 27.71 37.24 -62.75
CA ALA L 110 28.27 37.72 -61.50
C ALA L 110 29.72 38.13 -61.71
N THR L 111 30.22 38.97 -60.81
CA THR L 111 31.57 39.51 -60.91
C THR L 111 32.48 38.83 -59.89
N VAL L 112 33.43 38.04 -60.39
CA VAL L 112 34.42 37.36 -59.57
C VAL L 112 35.71 37.26 -60.37
N SER L 113 36.83 37.37 -59.68
CA SER L 113 38.13 37.17 -60.33
C SER L 113 38.29 35.70 -60.69
N GLY L 114 38.81 35.44 -61.89
CA GLY L 114 39.00 34.10 -62.37
C GLY L 114 40.31 33.46 -61.98
N ASP L 115 41.10 34.09 -61.12
CA ASP L 115 42.38 33.53 -60.73
C ASP L 115 42.17 32.24 -59.95
N MET L 116 42.85 31.18 -60.38
CA MET L 116 42.73 29.87 -59.77
C MET L 116 43.99 29.44 -59.04
N TYR L 117 44.91 30.37 -58.77
CA TYR L 117 46.20 30.04 -58.19
C TYR L 117 46.54 30.92 -56.99
N ASN L 118 45.54 31.52 -56.36
CA ASN L 118 45.77 32.44 -55.25
C ASN L 118 45.81 31.75 -53.90
N SER L 119 45.79 30.43 -53.86
CA SER L 119 45.86 29.69 -52.60
C SER L 119 46.55 28.36 -52.86
N TYR L 120 46.40 27.45 -51.90
CA TYR L 120 46.98 26.12 -52.02
C TYR L 120 46.14 25.12 -51.24
N ALA L 121 46.32 23.84 -51.56
CA ALA L 121 45.63 22.77 -50.88
C ALA L 121 46.60 21.61 -50.70
N ILE L 122 46.37 20.82 -49.66
CA ILE L 122 47.23 19.69 -49.32
C ILE L 122 46.52 18.40 -49.73
N PHE L 123 47.22 17.56 -50.48
CA PHE L 123 46.67 16.32 -51.00
C PHE L 123 47.44 15.14 -50.43
N ASN L 124 46.71 14.10 -50.02
CA ASN L 124 47.26 13.03 -49.19
C ASN L 124 47.54 11.75 -49.95
N SER L 125 47.46 11.74 -51.28
CA SER L 125 47.74 10.54 -52.04
C SER L 125 49.25 10.32 -52.11
N VAL L 126 49.72 9.19 -51.62
CA VAL L 126 51.15 8.90 -51.54
C VAL L 126 51.58 8.24 -52.84
N PRO L 127 52.48 8.85 -53.60
CA PRO L 127 52.98 8.22 -54.82
C PRO L 127 54.20 7.35 -54.58
N ILE L 128 54.10 6.06 -54.85
CA ILE L 128 55.25 5.16 -54.87
C ILE L 128 55.49 4.82 -56.34
N VAL L 129 56.44 5.52 -56.95
CA VAL L 129 56.69 5.34 -58.38
C VAL L 129 57.33 3.99 -58.64
N GLU L 130 58.28 3.59 -57.81
CA GLU L 130 59.05 2.38 -58.05
C GLU L 130 59.57 1.82 -56.75
N VAL L 131 59.46 0.50 -56.59
CA VAL L 131 60.10 -0.23 -55.51
C VAL L 131 60.87 -1.39 -56.15
N LEU L 132 62.19 -1.35 -56.04
CA LEU L 132 63.05 -2.35 -56.66
C LEU L 132 63.50 -3.34 -55.60
N SER L 133 63.34 -4.62 -55.89
CA SER L 133 63.62 -5.64 -54.89
C SER L 133 64.48 -6.76 -55.47
N PRO L 134 65.39 -7.31 -54.66
CA PRO L 134 66.16 -8.48 -55.10
C PRO L 134 65.30 -9.66 -55.52
N ALA L 135 65.94 -10.69 -56.06
CA ALA L 135 65.21 -11.80 -56.68
C ALA L 135 64.40 -12.60 -55.66
N ARG L 136 64.95 -12.82 -54.47
CA ARG L 136 64.35 -13.74 -53.51
C ARG L 136 63.42 -13.05 -52.52
N THR L 137 62.79 -11.93 -52.90
CA THR L 137 61.91 -11.18 -52.02
C THR L 137 60.57 -10.93 -52.70
N THR L 138 59.53 -10.81 -51.87
CA THR L 138 58.18 -10.51 -52.34
C THR L 138 57.73 -9.17 -51.76
N VAL L 139 57.26 -8.28 -52.62
CA VAL L 139 56.82 -6.95 -52.21
C VAL L 139 55.45 -6.68 -52.84
N SER L 140 54.51 -6.26 -52.01
CA SER L 140 53.17 -5.90 -52.46
C SER L 140 52.83 -4.50 -51.95
N ILE L 141 52.28 -3.67 -52.83
CA ILE L 141 51.88 -2.31 -52.48
C ILE L 141 50.36 -2.22 -52.63
N VAL L 142 49.68 -1.87 -51.53
CA VAL L 142 48.23 -1.75 -51.51
C VAL L 142 47.85 -0.45 -50.83
N GLY L 143 46.96 0.31 -51.47
CA GLY L 143 46.47 1.54 -50.87
C GLY L 143 46.86 2.79 -51.62
N SER L 144 46.04 3.83 -51.50
CA SER L 144 46.32 5.12 -52.14
C SER L 144 46.57 6.23 -51.13
N ASP L 145 45.62 6.46 -50.21
CA ASP L 145 45.82 7.49 -49.19
C ASP L 145 46.89 7.08 -48.19
N ARG L 146 46.84 5.84 -47.74
CA ARG L 146 47.89 5.24 -46.92
C ARG L 146 48.33 3.96 -47.60
N ALA L 147 49.62 3.87 -47.90
CA ALA L 147 50.17 2.73 -48.64
C ALA L 147 50.84 1.78 -47.68
N ASP L 148 50.40 0.52 -47.69
CA ASP L 148 51.02 -0.54 -46.91
C ASP L 148 51.88 -1.38 -47.83
N VAL L 149 53.19 -1.38 -47.58
CA VAL L 149 54.15 -2.15 -48.36
C VAL L 149 54.55 -3.35 -47.54
N THR L 150 54.00 -4.51 -47.86
CA THR L 150 54.28 -5.74 -47.14
C THR L 150 55.38 -6.51 -47.86
N MET L 151 56.48 -6.77 -47.14
CA MET L 151 57.68 -7.34 -47.73
C MET L 151 58.10 -8.57 -46.95
N LEU L 152 58.37 -9.65 -47.67
CA LEU L 152 58.83 -10.91 -47.08
C LEU L 152 60.14 -11.29 -47.74
N ASN L 153 61.15 -11.61 -46.92
CA ASN L 153 62.45 -12.03 -47.41
C ASN L 153 62.68 -13.49 -47.06
N THR L 154 62.91 -14.31 -48.08
CA THR L 154 63.14 -15.74 -47.91
C THR L 154 64.54 -16.17 -48.32
N GLY L 155 65.43 -15.22 -48.59
CA GLY L 155 66.78 -15.54 -48.98
C GLY L 155 67.64 -15.94 -47.80
N ALA L 156 68.91 -16.24 -48.10
CA ALA L 156 69.84 -16.65 -47.05
C ALA L 156 70.15 -15.49 -46.12
N GLY L 157 70.37 -14.30 -46.66
CA GLY L 157 70.74 -13.14 -45.88
C GLY L 157 69.78 -11.97 -46.10
N ALA L 158 70.10 -10.87 -45.42
CA ALA L 158 69.30 -9.67 -45.51
C ALA L 158 69.37 -9.08 -46.92
N ALA L 159 68.30 -8.39 -47.31
CA ALA L 159 68.18 -7.79 -48.63
C ALA L 159 68.02 -6.28 -48.50
N ASN L 160 68.36 -5.59 -49.58
CA ASN L 160 68.23 -4.14 -49.66
C ASN L 160 67.19 -3.80 -50.70
N ILE L 161 66.17 -3.02 -50.31
CA ILE L 161 65.07 -2.65 -51.17
C ILE L 161 65.09 -1.14 -51.36
N THR L 162 64.96 -0.71 -52.61
CA THR L 162 65.03 0.70 -52.95
C THR L 162 63.63 1.27 -53.10
N PHE L 163 63.40 2.46 -52.53
CA PHE L 163 62.12 3.14 -52.58
C PHE L 163 62.28 4.44 -53.36
N ASN L 164 61.36 4.69 -54.29
CA ASN L 164 61.36 5.91 -55.10
C ASN L 164 59.99 6.54 -54.99
N PHE L 165 59.88 7.62 -54.22
CA PHE L 165 58.62 8.29 -53.99
C PHE L 165 58.38 9.45 -54.95
N GLY L 166 59.23 9.64 -55.94
CA GLY L 166 59.04 10.70 -56.90
C GLY L 166 59.67 12.00 -56.47
N GLN L 167 59.46 13.02 -57.29
CA GLN L 167 60.03 14.35 -57.05
C GLN L 167 58.96 15.41 -56.85
N ILE L 168 57.72 15.01 -56.60
CA ILE L 168 56.61 15.94 -56.45
C ILE L 168 56.19 16.10 -55.00
N ALA L 169 56.11 15.00 -54.25
CA ALA L 169 55.64 15.06 -52.88
C ALA L 169 56.56 15.92 -52.02
N GLU L 170 55.97 16.66 -51.10
CA GLU L 170 56.76 17.56 -50.26
C GLU L 170 57.41 16.81 -49.11
N THR L 171 56.63 16.03 -48.36
CA THR L 171 57.16 15.23 -47.27
C THR L 171 56.47 13.87 -47.27
N VAL L 172 57.18 12.89 -46.72
CA VAL L 172 56.67 11.53 -46.58
C VAL L 172 57.02 11.03 -45.20
N ILE L 173 56.04 10.40 -44.54
CA ILE L 173 56.23 9.84 -43.20
C ILE L 173 56.05 8.33 -43.30
N LEU L 174 57.05 7.59 -42.85
CA LEU L 174 57.06 6.13 -42.92
C LEU L 174 56.98 5.54 -41.52
N LYS L 175 56.13 4.54 -41.37
CA LYS L 175 55.98 3.81 -40.12
C LYS L 175 55.94 2.32 -40.43
N GLY L 176 56.57 1.53 -39.58
CA GLY L 176 56.69 0.10 -39.79
C GLY L 176 56.11 -0.68 -38.64
N SER L 177 55.69 -1.92 -38.93
CA SER L 177 55.16 -2.79 -37.89
C SER L 177 56.21 -3.09 -36.84
N VAL L 178 57.47 -3.21 -37.26
CA VAL L 178 58.59 -3.41 -36.34
C VAL L 178 59.67 -2.40 -36.70
N PRO L 179 60.54 -2.07 -35.75
CA PRO L 179 61.62 -1.13 -36.06
C PRO L 179 62.51 -1.66 -37.18
N PHE L 180 62.86 -0.77 -38.10
CA PHE L 180 63.60 -1.14 -39.30
C PHE L 180 64.61 -0.06 -39.62
N GLN L 181 65.57 -0.42 -40.46
CA GLN L 181 66.67 0.47 -40.83
C GLN L 181 66.45 1.01 -42.24
N LEU L 182 66.54 2.32 -42.39
CA LEU L 182 66.41 2.98 -43.67
C LEU L 182 67.41 4.12 -43.75
N ALA L 183 68.08 4.23 -44.89
CA ALA L 183 69.06 5.29 -45.10
C ALA L 183 69.12 5.63 -46.58
N ARG L 184 69.61 6.83 -46.87
CA ARG L 184 69.74 7.26 -48.25
C ARG L 184 70.85 6.49 -48.94
N LEU L 185 70.90 6.63 -50.27
CA LEU L 185 71.86 5.88 -51.07
C LEU L 185 73.28 6.36 -50.78
N ASN L 186 74.10 5.45 -50.25
CA ASN L 186 75.50 5.69 -49.87
C ASN L 186 75.63 6.51 -48.58
N GLN L 187 74.64 6.43 -47.69
CA GLN L 187 74.81 6.85 -46.31
C GLN L 187 74.84 5.63 -45.40
N PRO L 188 75.49 5.73 -44.24
CA PRO L 188 75.47 4.60 -43.29
C PRO L 188 74.08 4.37 -42.75
N MET L 189 73.81 3.11 -42.43
CA MET L 189 72.50 2.71 -41.95
C MET L 189 72.37 3.02 -40.45
N PRO L 190 71.32 3.71 -40.04
CA PRO L 190 71.16 4.04 -38.62
C PRO L 190 70.57 2.87 -37.84
N ALA L 191 70.31 3.11 -36.56
CA ALA L 191 69.69 2.10 -35.73
C ALA L 191 68.21 1.95 -36.09
N ALA L 192 67.66 0.80 -35.73
CA ALA L 192 66.26 0.50 -36.06
C ALA L 192 65.33 1.50 -35.38
N ARG L 193 64.40 2.04 -36.14
CA ARG L 193 63.43 3.01 -35.65
C ARG L 193 62.05 2.66 -36.16
N PHE L 194 61.03 3.17 -35.47
CA PHE L 194 59.66 2.96 -35.91
C PHE L 194 59.24 3.96 -36.98
N THR L 195 59.76 5.18 -36.96
CA THR L 195 59.29 6.24 -37.82
C THR L 195 60.43 6.88 -38.59
N TYR L 196 60.07 7.50 -39.71
CA TYR L 196 61.03 8.21 -40.56
C TYR L 196 60.31 9.35 -41.25
N LYS L 197 60.95 10.52 -41.30
CA LYS L 197 60.45 11.65 -42.07
C LYS L 197 61.43 11.92 -43.19
N LEU L 198 60.94 11.86 -44.43
CA LEU L 198 61.80 11.91 -45.60
C LEU L 198 61.33 13.00 -46.54
N ARG L 199 62.30 13.56 -47.28
CA ARG L 199 62.00 14.47 -48.36
C ARG L 199 62.20 13.75 -49.67
N PRO L 200 61.17 13.57 -50.49
CA PRO L 200 61.31 12.76 -51.71
C PRO L 200 62.37 13.27 -52.67
N LEU L 201 62.64 14.58 -52.66
CA LEU L 201 63.67 15.14 -53.53
C LEU L 201 65.08 14.68 -53.15
N ASP L 202 65.26 14.08 -51.97
CA ASP L 202 66.58 13.64 -51.56
C ASP L 202 67.11 12.55 -52.49
N GLY L 203 66.26 11.60 -52.86
CA GLY L 203 66.65 10.55 -53.77
C GLY L 203 66.11 9.20 -53.34
N PRO L 204 66.47 8.15 -54.07
CA PRO L 204 66.05 6.80 -53.67
C PRO L 204 66.54 6.45 -52.27
N PHE L 205 65.70 5.76 -51.51
CA PHE L 205 65.99 5.36 -50.15
C PHE L 205 66.13 3.85 -50.08
N ILE L 206 67.11 3.37 -49.33
CA ILE L 206 67.41 1.95 -49.21
C ILE L 206 67.03 1.48 -47.82
N VAL L 207 66.20 0.44 -47.75
CA VAL L 207 65.81 -0.17 -46.49
C VAL L 207 66.40 -1.57 -46.43
N VAL L 208 66.66 -2.04 -45.21
CA VAL L 208 67.28 -3.34 -44.99
C VAL L 208 66.22 -4.28 -44.47
N LEU L 209 65.94 -5.34 -45.23
CA LEU L 209 64.95 -6.33 -44.84
C LEU L 209 65.64 -7.52 -44.21
N PRO L 210 65.39 -7.81 -42.94
CA PRO L 210 65.93 -9.05 -42.35
C PRO L 210 65.28 -10.28 -42.95
N VAL L 211 65.63 -11.47 -42.44
CA VAL L 211 65.17 -12.71 -43.02
C VAL L 211 64.00 -13.28 -42.22
N GLY L 212 63.94 -12.95 -40.94
CA GLY L 212 63.02 -13.59 -40.03
C GLY L 212 61.53 -13.46 -40.33
N ASN L 213 60.97 -12.27 -40.15
CA ASN L 213 59.54 -12.07 -40.16
C ASN L 213 59.15 -10.99 -41.16
N PRO L 214 57.92 -11.03 -41.67
CA PRO L 214 57.50 -10.00 -42.63
C PRO L 214 57.51 -8.61 -42.01
N LEU L 215 57.84 -7.62 -42.84
CA LEU L 215 57.87 -6.23 -42.44
C LEU L 215 56.91 -5.44 -43.31
N VAL L 216 56.03 -4.68 -42.67
CA VAL L 216 55.04 -3.85 -43.36
C VAL L 216 55.36 -2.40 -43.07
N ILE L 217 55.32 -1.57 -44.11
CA ILE L 217 55.59 -0.14 -44.00
C ILE L 217 54.36 0.62 -44.43
N SER L 218 53.89 1.52 -43.59
CA SER L 218 52.75 2.38 -43.89
C SER L 218 53.27 3.76 -44.28
N ALA L 219 52.85 4.23 -45.45
CA ALA L 219 53.38 5.46 -46.03
C ALA L 219 52.28 6.51 -46.10
N THR L 220 52.58 7.70 -45.61
CA THR L 220 51.73 8.87 -45.76
C THR L 220 52.54 10.00 -46.39
N ALA L 221 51.89 10.77 -47.25
CA ALA L 221 52.55 11.85 -47.96
C ALA L 221 51.65 13.08 -47.99
N ALA L 222 52.26 14.23 -48.18
CA ALA L 222 51.54 15.50 -48.30
C ALA L 222 52.15 16.30 -49.43
N THR L 223 51.34 16.64 -50.42
CA THR L 223 51.76 17.46 -51.55
C THR L 223 50.86 18.69 -51.61
N ARG L 224 51.42 19.78 -52.15
CA ARG L 224 50.74 21.06 -52.20
C ARG L 224 50.49 21.44 -53.65
N ILE L 225 49.25 21.82 -53.95
CA ILE L 225 48.82 22.20 -55.29
C ILE L 225 48.07 23.52 -55.21
N GLN L 226 48.39 24.44 -56.12
CA GLN L 226 47.78 25.75 -56.10
C GLN L 226 46.32 25.68 -56.53
N VAL L 227 45.44 26.27 -55.72
CA VAL L 227 43.99 26.22 -55.95
C VAL L 227 43.40 27.59 -55.61
N PRO L 228 42.22 27.88 -56.13
CA PRO L 228 41.53 29.10 -55.71
C PRO L 228 41.07 29.02 -54.27
N LEU L 229 40.86 30.19 -53.66
CA LEU L 229 40.43 30.25 -52.27
C LEU L 229 39.07 29.63 -52.04
N ALA L 230 38.23 29.54 -53.07
CA ALA L 230 36.91 28.93 -52.94
C ALA L 230 36.96 27.42 -52.95
N PHE L 231 38.15 26.82 -53.04
CA PHE L 231 38.28 25.37 -53.08
C PHE L 231 37.81 24.76 -51.76
N ASN L 232 37.10 23.64 -51.87
CA ASN L 232 36.67 22.87 -50.71
C ASN L 232 36.83 21.40 -51.04
N LYS L 233 37.73 20.72 -50.32
CA LYS L 233 38.02 19.33 -50.64
C LYS L 233 36.81 18.43 -50.43
N ALA L 234 36.03 18.68 -49.37
CA ALA L 234 34.85 17.87 -49.12
C ALA L 234 33.84 18.02 -50.24
N LEU L 235 33.64 19.24 -50.74
CA LEU L 235 32.70 19.45 -51.83
C LEU L 235 33.22 18.89 -53.14
N VAL L 236 34.52 19.01 -53.39
CA VAL L 236 35.10 18.50 -54.62
C VAL L 236 35.00 16.99 -54.67
N GLU L 237 35.33 16.32 -53.56
CA GLU L 237 35.28 14.86 -53.55
C GLU L 237 33.85 14.34 -53.66
N SER L 238 32.89 15.05 -53.09
CA SER L 238 31.50 14.68 -53.26
C SER L 238 31.06 14.84 -54.70
N GLY L 239 31.51 15.92 -55.36
CA GLY L 239 31.19 16.12 -56.76
C GLY L 239 31.81 15.08 -57.66
N PHE L 240 33.01 14.60 -57.30
CA PHE L 240 33.66 13.58 -58.11
C PHE L 240 32.86 12.29 -58.14
N GLN L 241 32.35 11.87 -56.97
CA GLN L 241 31.54 10.66 -56.91
C GLN L 241 30.22 10.85 -57.66
N THR L 242 29.63 12.03 -57.55
CA THR L 242 28.37 12.30 -58.25
C THR L 242 28.57 12.28 -59.76
N ALA L 243 29.65 12.89 -60.24
CA ALA L 243 29.90 12.92 -61.68
C ALA L 243 30.15 11.52 -62.23
N MET L 244 30.89 10.70 -61.49
CA MET L 244 31.13 9.32 -61.92
C MET L 244 29.83 8.53 -61.97
N ASN L 245 28.99 8.66 -60.95
CA ASN L 245 27.73 7.94 -60.92
C ASN L 245 26.78 8.44 -61.99
N ASP L 246 26.74 9.74 -62.22
CA ASP L 246 25.88 10.33 -63.24
C ASP L 246 26.40 10.11 -64.65
N GLY L 247 27.50 9.39 -64.80
CA GLY L 247 28.03 9.07 -66.11
C GLY L 247 28.55 10.25 -66.91
N LEU L 248 29.28 11.15 -66.26
CA LEU L 248 29.94 12.24 -66.95
C LEU L 248 31.36 11.90 -67.36
N PHE L 249 31.86 10.73 -66.97
CA PHE L 249 33.24 10.33 -67.24
C PHE L 249 33.32 9.04 -68.04
N ASP L 250 32.24 8.65 -68.71
CA ASP L 250 32.19 7.37 -69.43
C ASP L 250 32.44 7.63 -70.91
N ILE L 251 33.72 7.69 -71.28
CA ILE L 251 34.14 7.78 -72.67
C ILE L 251 35.28 6.80 -72.90
N GLN L 252 35.55 6.52 -74.17
CA GLN L 252 36.51 5.49 -74.52
C GLN L 252 37.94 5.93 -74.22
N ASN L 253 38.77 4.96 -73.82
CA ASN L 253 40.19 5.15 -73.60
C ASN L 253 40.47 6.22 -72.55
N VAL L 254 39.95 5.97 -71.35
CA VAL L 254 40.23 6.81 -70.18
C VAL L 254 40.51 5.92 -68.99
N ASN L 255 41.22 6.46 -68.02
CA ASN L 255 41.46 5.79 -66.75
C ASN L 255 40.46 6.27 -65.72
N TYR L 256 40.26 5.47 -64.68
CA TYR L 256 39.30 5.76 -63.64
C TYR L 256 39.98 5.74 -62.28
N TYR L 257 39.61 6.70 -61.44
CA TYR L 257 40.24 6.87 -60.13
C TYR L 257 39.18 6.88 -59.04
N SER L 258 39.57 6.41 -57.86
CA SER L 258 38.63 6.29 -56.75
C SER L 258 38.38 7.63 -56.07
N SER L 259 39.23 8.63 -56.30
CA SER L 259 39.06 9.93 -55.67
C SER L 259 39.74 11.00 -56.51
N PHE L 260 39.38 12.25 -56.22
CA PHE L 260 40.01 13.39 -56.90
C PHE L 260 41.47 13.53 -56.48
N ASP L 261 41.81 13.06 -55.29
CA ASP L 261 43.21 13.06 -54.86
C ASP L 261 44.06 12.18 -55.77
N GLU L 262 43.55 10.98 -56.09
CA GLU L 262 44.27 10.10 -56.99
C GLU L 262 44.36 10.69 -58.39
N PHE L 263 43.29 11.35 -58.84
CA PHE L 263 43.27 11.89 -60.19
C PHE L 263 44.31 12.99 -60.36
N ILE L 264 44.43 13.88 -59.39
CA ILE L 264 45.31 15.04 -59.56
C ILE L 264 46.76 14.66 -59.31
N ILE L 265 47.00 13.69 -58.43
CA ILE L 265 48.38 13.26 -58.17
C ILE L 265 48.92 12.48 -59.36
N SER L 266 48.10 11.61 -59.95
CA SER L 266 48.53 10.85 -61.11
C SER L 266 48.87 11.75 -62.29
N GLN L 267 48.04 12.76 -62.54
CA GLN L 267 48.34 13.70 -63.61
C GLN L 267 49.63 14.46 -63.34
N TYR L 268 49.83 14.92 -62.11
CA TYR L 268 51.01 15.70 -61.76
C TYR L 268 52.29 14.88 -61.84
N HIS L 269 52.20 13.56 -61.89
CA HIS L 269 53.38 12.73 -62.00
C HIS L 269 53.66 12.28 -63.42
N ALA L 270 52.90 12.78 -64.40
CA ALA L 270 53.16 12.47 -65.80
C ALA L 270 54.23 13.40 -66.35
N GLN L 271 54.55 13.21 -67.64
CA GLN L 271 55.56 14.06 -68.28
C GLN L 271 55.09 15.51 -68.34
N ASP L 272 53.83 15.72 -68.72
CA ASP L 272 53.26 17.06 -68.82
C ASP L 272 52.45 17.43 -67.58
N GLY L 273 52.92 17.00 -66.40
CA GLY L 273 52.12 17.16 -65.20
C GLY L 273 51.87 18.60 -64.83
N ILE L 274 52.86 19.47 -65.07
CA ILE L 274 52.74 20.87 -64.65
C ILE L 274 51.58 21.54 -65.38
N ASN L 275 51.44 21.29 -66.68
CA ASN L 275 50.33 21.86 -67.44
C ASN L 275 49.02 21.13 -67.19
N ARG L 276 49.08 19.87 -66.76
CA ARG L 276 47.86 19.09 -66.57
C ARG L 276 47.10 19.53 -65.32
N VAL L 277 47.80 19.83 -64.23
CA VAL L 277 47.11 20.19 -63.00
C VAL L 277 46.38 21.52 -63.15
N SER L 278 46.82 22.36 -64.09
CA SER L 278 46.09 23.60 -64.35
C SER L 278 44.68 23.28 -64.83
N THR L 279 44.54 22.27 -65.69
CA THR L 279 43.21 21.85 -66.11
C THR L 279 42.49 21.09 -65.01
N CYS L 280 43.23 20.26 -64.25
CA CYS L 280 42.61 19.46 -63.20
C CYS L 280 42.06 20.33 -62.08
N VAL L 281 42.80 21.37 -61.71
CA VAL L 281 42.33 22.28 -60.67
C VAL L 281 41.04 22.96 -61.10
N ILE L 282 40.97 23.36 -62.36
CA ILE L 282 39.74 23.97 -62.89
C ILE L 282 38.60 22.98 -62.85
N LEU L 283 38.88 21.71 -63.18
CA LEU L 283 37.86 20.68 -63.11
C LEU L 283 37.39 20.49 -61.67
N GLY L 284 38.29 20.60 -60.71
CA GLY L 284 37.90 20.47 -59.32
C GLY L 284 36.89 21.52 -58.89
N LEU L 285 37.11 22.77 -59.30
CA LEU L 285 36.13 23.82 -59.00
C LEU L 285 34.81 23.56 -59.72
N ALA L 286 34.88 23.06 -60.95
CA ALA L 286 33.66 22.75 -61.69
C ALA L 286 32.87 21.64 -60.99
N LEU L 287 33.57 20.64 -60.46
CA LEU L 287 32.89 19.58 -59.72
C LEU L 287 32.22 20.12 -58.46
N GLN L 288 32.88 21.06 -57.78
CA GLN L 288 32.31 21.66 -56.58
C GLN L 288 31.01 22.37 -56.89
N ALA L 289 30.96 23.10 -58.00
CA ALA L 289 29.71 23.73 -58.43
C ALA L 289 28.67 22.68 -58.80
N TYR L 290 29.10 21.60 -59.45
CA TYR L 290 28.16 20.55 -59.85
C TYR L 290 27.55 19.87 -58.64
N ASP L 291 28.35 19.61 -57.61
CA ASP L 291 27.83 18.97 -56.41
C ASP L 291 26.82 19.85 -55.71
N GLN L 292 27.11 21.14 -55.58
CA GLN L 292 26.21 22.05 -54.88
C GLN L 292 24.92 22.25 -55.66
N MET L 293 25.00 22.33 -56.98
CA MET L 293 23.81 22.55 -57.79
C MET L 293 22.93 21.31 -57.82
N ARG L 294 23.53 20.13 -57.93
CA ARG L 294 22.74 18.90 -58.02
C ARG L 294 22.05 18.59 -56.70
N ARG L 295 22.73 18.83 -55.58
CA ARG L 295 22.11 18.55 -54.28
C ARG L 295 20.95 19.48 -54.01
N ALA L 296 21.05 20.75 -54.43
CA ALA L 296 19.97 21.70 -54.19
C ALA L 296 18.78 21.47 -55.12
N LEU L 297 19.02 20.94 -56.31
CA LEU L 297 17.90 20.83 -57.24
C LEU L 297 17.36 19.40 -57.29
N PRO L 298 16.04 19.24 -57.27
CA PRO L 298 15.39 17.93 -57.30
C PRO L 298 15.60 17.18 -58.61
N ALA M 2 34.64 -25.47 -51.97
CA ALA M 2 34.38 -24.05 -52.19
C ALA M 2 34.20 -23.32 -50.86
N ASN M 3 34.60 -22.05 -50.84
CA ASN M 3 34.50 -21.22 -49.65
C ASN M 3 33.87 -19.88 -50.01
N ARG M 4 33.20 -19.29 -49.04
CA ARG M 4 32.57 -17.98 -49.20
C ARG M 4 33.00 -17.07 -48.07
N ALA M 5 33.19 -15.80 -48.39
CA ALA M 5 33.55 -14.79 -47.41
C ALA M 5 32.76 -13.52 -47.70
N THR M 6 32.44 -12.78 -46.64
CA THR M 6 31.62 -11.59 -46.76
C THR M 6 32.21 -10.49 -45.90
N SER M 7 31.76 -9.26 -46.15
CA SER M 7 32.14 -8.14 -45.31
C SER M 7 31.58 -8.32 -43.91
N ALA M 8 32.39 -7.95 -42.90
CA ALA M 8 31.98 -8.15 -41.52
C ALA M 8 30.75 -7.33 -41.18
N PHE M 9 30.66 -6.11 -41.69
CA PHE M 9 29.61 -5.19 -41.27
C PHE M 9 28.28 -5.46 -41.95
N LEU M 10 28.21 -6.40 -42.89
CA LEU M 10 26.97 -6.73 -43.56
C LEU M 10 26.21 -7.88 -42.90
N ASP M 11 26.70 -8.37 -41.77
CA ASP M 11 26.15 -9.57 -41.16
C ASP M 11 25.14 -9.20 -40.09
N ASN M 12 23.93 -9.77 -40.20
CA ASN M 12 22.87 -9.69 -39.20
C ASN M 12 22.56 -8.27 -38.76
N PRO M 13 21.93 -7.46 -39.62
CA PRO M 13 21.51 -6.12 -39.19
C PRO M 13 20.28 -6.21 -38.29
N HIS M 14 20.40 -5.66 -37.09
CA HIS M 14 19.30 -5.72 -36.14
C HIS M 14 18.16 -4.80 -36.58
N PRO M 15 16.93 -5.10 -36.20
CA PRO M 15 15.81 -4.26 -36.59
C PRO M 15 15.87 -2.89 -35.92
N VAL M 16 15.60 -1.85 -36.70
CA VAL M 16 15.56 -0.49 -36.20
C VAL M 16 14.19 -0.18 -35.66
N GLY M 17 14.09 0.89 -34.89
CA GLY M 17 12.82 1.26 -34.29
C GLY M 17 11.82 1.76 -35.32
N VAL M 18 10.54 1.67 -34.95
CA VAL M 18 9.44 2.04 -35.82
C VAL M 18 8.60 3.17 -35.23
N ASN M 19 9.08 3.82 -34.18
CA ASN M 19 8.38 4.93 -33.56
C ASN M 19 9.04 6.24 -33.95
N TYR M 20 8.26 7.33 -33.80
CA TYR M 20 8.71 8.68 -34.14
C TYR M 20 9.18 8.77 -35.59
N VAL M 21 8.37 8.23 -36.51
CA VAL M 21 8.63 8.32 -37.93
C VAL M 21 7.52 9.05 -38.66
N ASP M 22 6.54 9.59 -37.94
CA ASP M 22 5.40 10.27 -38.54
C ASP M 22 5.80 11.68 -38.94
N GLU M 23 4.84 12.45 -39.47
CA GLU M 23 5.13 13.79 -39.95
C GLU M 23 5.52 14.71 -38.81
N GLY M 24 4.77 14.68 -37.71
CA GLY M 24 5.07 15.55 -36.59
C GLY M 24 6.39 15.22 -35.93
N SER M 25 6.71 13.93 -35.84
CA SER M 25 7.98 13.53 -35.24
C SER M 25 9.16 13.95 -36.10
N ARG M 26 9.02 13.85 -37.43
CA ARG M 26 10.09 14.29 -38.31
C ARG M 26 10.28 15.80 -38.24
N GLN M 27 9.20 16.54 -37.99
CA GLN M 27 9.33 17.98 -37.81
C GLN M 27 10.07 18.31 -36.52
N PHE M 28 9.91 17.47 -35.49
CA PHE M 28 10.60 17.71 -34.24
C PHE M 28 12.12 17.61 -34.42
N VAL M 29 12.58 16.60 -35.17
CA VAL M 29 14.01 16.44 -35.38
C VAL M 29 14.57 17.61 -36.18
N ALA M 30 13.83 18.07 -37.18
CA ALA M 30 14.27 19.23 -37.96
C ALA M 30 14.33 20.48 -37.10
N VAL M 31 13.34 20.66 -36.21
CA VAL M 31 13.35 21.82 -35.31
C VAL M 31 14.55 21.75 -34.39
N ALA M 32 14.84 20.56 -33.86
CA ALA M 32 16.00 20.40 -32.98
C ALA M 32 17.29 20.71 -33.73
N GLU M 33 17.39 20.28 -34.99
CA GLU M 33 18.59 20.55 -35.77
C GLU M 33 18.79 22.04 -35.99
N LEU M 34 17.72 22.75 -36.34
CA LEU M 34 17.83 24.18 -36.60
C LEU M 34 18.21 24.93 -35.33
N LEU M 35 17.59 24.58 -34.21
CA LEU M 35 17.84 25.30 -32.98
C LEU M 35 19.19 24.93 -32.37
N ALA M 36 19.63 23.69 -32.52
CA ALA M 36 20.94 23.30 -32.02
C ALA M 36 22.05 24.00 -32.78
N SER M 37 21.85 24.21 -34.08
CA SER M 37 22.83 24.95 -34.87
C SER M 37 22.94 26.39 -34.39
N LYS M 38 21.79 27.04 -34.15
CA LYS M 38 21.81 28.42 -33.69
C LYS M 38 22.49 28.54 -32.32
N LEU M 39 22.44 27.48 -31.52
CA LEU M 39 23.15 27.47 -30.24
C LEU M 39 24.65 27.59 -30.46
N ILE M 40 25.17 26.90 -31.47
CA ILE M 40 26.60 26.93 -31.76
C ILE M 40 27.00 28.31 -32.28
N ASP M 41 26.23 28.85 -33.23
CA ASP M 41 26.57 30.16 -33.79
C ASP M 41 26.46 31.25 -32.74
N SER M 42 25.46 31.18 -31.87
CA SER M 42 25.29 32.20 -30.84
C SER M 42 26.47 32.19 -29.88
N SER M 43 27.03 31.01 -29.60
CA SER M 43 28.18 30.92 -28.72
C SER M 43 29.38 31.64 -29.32
N ARG M 44 29.63 31.42 -30.62
CA ARG M 44 30.75 32.09 -31.27
C ARG M 44 30.53 33.59 -31.34
N GLU M 45 29.32 34.02 -31.67
CA GLU M 45 29.03 35.45 -31.75
C GLU M 45 29.13 36.11 -30.39
N SER M 46 28.61 35.46 -29.34
CA SER M 46 28.66 36.04 -28.00
C SER M 46 30.10 36.17 -27.52
N ASP M 47 30.93 35.17 -27.76
CA ASP M 47 32.32 35.23 -27.34
C ASP M 47 33.07 36.35 -28.06
N GLU M 48 32.81 36.52 -29.35
CA GLU M 48 33.54 37.51 -30.14
C GLU M 48 33.02 38.92 -29.90
N SER M 49 31.82 39.08 -29.36
CA SER M 49 31.22 40.40 -29.19
C SER M 49 31.10 40.82 -27.74
N ASN M 50 31.82 40.16 -26.84
CA ASN M 50 31.89 40.49 -25.41
C ASN M 50 30.53 40.81 -24.81
N SER M 51 29.49 40.09 -25.24
CA SER M 51 28.16 40.23 -24.67
C SER M 51 27.48 38.87 -24.73
N ASP M 52 26.89 38.45 -23.62
CA ASP M 52 26.27 37.15 -23.51
C ASP M 52 24.80 37.15 -23.89
N VAL M 53 24.27 38.28 -24.35
CA VAL M 53 22.83 38.34 -24.67
C VAL M 53 22.46 37.50 -25.89
N PRO M 54 23.30 37.34 -26.92
CA PRO M 54 22.87 36.42 -28.01
C PRO M 54 22.77 34.97 -27.57
N PHE M 55 23.58 34.55 -26.60
CA PHE M 55 23.52 33.16 -26.15
C PHE M 55 22.28 32.91 -25.30
N VAL M 56 21.88 33.89 -24.50
CA VAL M 56 20.71 33.70 -23.64
C VAL M 56 19.45 33.52 -24.48
N GLN M 57 19.31 34.31 -25.54
CA GLN M 57 18.15 34.16 -26.42
C GLN M 57 18.14 32.80 -27.10
N ALA M 58 19.30 32.33 -27.56
CA ALA M 58 19.37 31.04 -28.22
C ALA M 58 19.03 29.91 -27.27
N TYR M 59 19.57 29.96 -26.05
CA TYR M 59 19.32 28.90 -25.09
C TYR M 59 17.88 28.93 -24.59
N SER M 60 17.31 30.11 -24.41
CA SER M 60 15.92 30.20 -23.95
C SER M 60 14.97 29.62 -24.97
N LYS M 61 15.18 29.90 -26.26
CA LYS M 61 14.35 29.32 -27.30
C LYS M 61 14.48 27.80 -27.34
N PHE M 62 15.70 27.30 -27.15
CA PHE M 62 15.94 25.87 -27.22
C PHE M 62 15.44 25.14 -25.99
N ALA M 63 15.69 25.70 -24.80
CA ALA M 63 15.48 24.98 -23.55
C ALA M 63 14.26 25.43 -22.75
N ASP M 64 13.60 26.50 -23.16
CA ASP M 64 12.39 27.01 -22.51
C ASP M 64 12.64 27.48 -21.08
N ASP M 65 13.89 27.77 -20.72
CA ASP M 65 14.18 28.38 -19.43
C ASP M 65 15.45 29.22 -19.56
N ASN M 66 15.57 30.19 -18.65
CA ASN M 66 16.69 31.11 -18.71
C ASN M 66 17.99 30.44 -18.28
N PRO M 67 19.12 30.82 -18.87
CA PRO M 67 20.41 30.31 -18.40
C PRO M 67 20.81 30.97 -17.10
N ARG M 68 21.03 30.16 -16.07
CA ARG M 68 21.44 30.65 -14.76
C ARG M 68 22.72 29.95 -14.35
N HIS M 69 23.63 30.71 -13.74
CA HIS M 69 24.81 30.11 -13.16
C HIS M 69 24.41 29.15 -12.04
N LEU M 70 25.37 28.31 -11.63
CA LEU M 70 25.17 27.26 -10.64
C LEU M 70 24.23 26.17 -11.12
N ARG M 71 23.88 26.15 -12.40
CA ARG M 71 23.03 25.12 -12.98
C ARG M 71 23.80 24.42 -14.10
N VAL M 72 23.48 23.13 -14.29
CA VAL M 72 24.25 22.29 -15.19
C VAL M 72 24.12 22.74 -16.64
N LYS M 73 23.02 23.38 -16.99
CA LYS M 73 22.74 23.80 -18.37
C LYS M 73 22.66 22.60 -19.30
N THR M 74 21.71 21.71 -19.00
CA THR M 74 21.53 20.49 -19.79
C THR M 74 20.93 20.79 -21.16
N GLY M 75 19.93 21.65 -21.22
CA GLY M 75 19.21 21.91 -22.44
C GLY M 75 17.71 21.79 -22.30
N GLY M 76 17.20 21.51 -21.10
CA GLY M 76 15.78 21.50 -20.85
C GLY M 76 15.08 20.27 -21.38
N LYS M 77 13.79 20.43 -21.71
CA LYS M 77 13.01 19.28 -22.15
C LYS M 77 13.44 18.80 -23.53
N MET M 78 13.99 19.70 -24.35
CA MET M 78 14.41 19.31 -25.68
C MET M 78 15.55 18.30 -25.64
N ALA M 79 16.50 18.48 -24.73
CA ALA M 79 17.61 17.54 -24.60
C ALA M 79 17.10 16.16 -24.19
N ASN M 80 16.11 16.12 -23.29
CA ASN M 80 15.55 14.83 -22.88
C ASN M 80 14.81 14.17 -24.04
N ALA M 81 14.00 14.94 -24.76
CA ALA M 81 13.27 14.38 -25.89
C ALA M 81 14.21 13.93 -27.00
N LEU M 82 15.23 14.75 -27.30
CA LEU M 82 16.17 14.40 -28.36
C LEU M 82 16.97 13.16 -28.00
N THR M 83 17.38 13.03 -26.74
CA THR M 83 18.15 11.86 -26.32
C THR M 83 17.32 10.59 -26.45
N ASN M 84 16.05 10.65 -26.04
CA ASN M 84 15.23 9.44 -26.01
C ASN M 84 14.82 8.97 -27.39
N VAL M 85 14.57 9.91 -28.31
CA VAL M 85 14.19 9.50 -29.67
C VAL M 85 15.36 8.83 -30.37
N ILE M 86 16.59 9.22 -30.03
CA ILE M 86 17.77 8.57 -30.62
C ILE M 86 17.83 7.11 -30.18
N ARG M 87 17.56 6.85 -28.91
CA ARG M 87 17.58 5.47 -28.42
C ARG M 87 16.52 4.62 -29.09
N SER M 88 15.33 5.19 -29.31
CA SER M 88 14.26 4.41 -29.92
C SER M 88 14.53 4.13 -31.39
N TYR M 89 15.29 5.00 -32.06
CA TYR M 89 15.58 4.79 -33.47
C TYR M 89 16.50 3.60 -33.68
N TYR M 90 17.47 3.40 -32.79
CA TYR M 90 18.48 2.38 -33.00
C TYR M 90 17.89 0.98 -32.96
N SER M 91 16.99 0.71 -32.02
CA SER M 91 16.48 -0.63 -31.81
C SER M 91 14.96 -0.63 -31.70
N ILE M 92 14.36 -1.76 -32.03
CA ILE M 92 12.92 -1.91 -31.94
C ILE M 92 12.47 -2.34 -30.55
N ASN M 93 13.37 -2.84 -29.72
CA ASN M 93 13.05 -3.17 -28.33
C ASN M 93 13.33 -2.02 -27.38
N ALA M 94 13.90 -0.93 -27.85
CA ALA M 94 14.13 0.23 -26.99
C ALA M 94 12.80 0.93 -26.73
N PRO M 95 12.42 1.13 -25.46
CA PRO M 95 11.12 1.73 -25.17
C PRO M 95 11.02 3.16 -25.71
N ALA M 96 9.82 3.50 -26.15
CA ALA M 96 9.52 4.86 -26.62
C ALA M 96 8.78 5.58 -25.50
N ILE M 97 9.48 6.48 -24.82
CA ILE M 97 8.95 7.07 -23.59
C ILE M 97 8.84 8.59 -23.70
N VAL M 98 8.60 9.09 -24.90
CA VAL M 98 8.36 10.50 -25.14
C VAL M 98 6.90 10.68 -25.53
N PRO M 99 6.11 11.44 -24.77
CA PRO M 99 4.70 11.62 -25.13
C PRO M 99 4.55 12.39 -26.43
N GLN M 100 3.45 12.10 -27.13
CA GLN M 100 3.16 12.81 -28.37
C GLN M 100 2.91 14.29 -28.12
N VAL M 101 2.40 14.64 -26.94
CA VAL M 101 2.18 16.05 -26.62
C VAL M 101 3.50 16.79 -26.56
N GLU M 102 4.53 16.14 -26.02
CA GLU M 102 5.85 16.76 -25.94
C GLU M 102 6.44 16.98 -27.33
N ILE M 103 6.21 16.04 -28.24
CA ILE M 103 6.74 16.17 -29.60
C ILE M 103 6.10 17.36 -30.30
N ASP M 104 4.77 17.48 -30.22
CA ASP M 104 4.08 18.57 -30.89
C ASP M 104 4.43 19.92 -30.27
N ARG M 105 4.55 19.97 -28.94
CA ARG M 105 4.89 21.23 -28.28
C ARG M 105 6.27 21.72 -28.70
N LEU M 106 7.24 20.82 -28.77
CA LEU M 106 8.59 21.22 -29.14
C LEU M 106 8.67 21.52 -30.63
N ALA M 107 7.89 20.82 -31.45
CA ALA M 107 7.96 21.02 -32.89
C ALA M 107 7.39 22.36 -33.33
N SER M 108 6.64 23.04 -32.46
CA SER M 108 6.05 24.32 -32.81
C SER M 108 6.99 25.49 -32.58
N LYS M 109 8.21 25.25 -32.11
CA LYS M 109 9.13 26.35 -31.86
C LYS M 109 9.60 27.00 -33.15
N ALA M 110 9.78 26.20 -34.21
CA ALA M 110 10.23 26.70 -35.50
C ALA M 110 9.35 26.16 -36.60
N THR M 111 9.30 26.90 -37.71
CA THR M 111 8.49 26.53 -38.87
C THR M 111 9.39 25.84 -39.89
N VAL M 112 9.37 24.50 -39.88
CA VAL M 112 10.20 23.70 -40.77
C VAL M 112 9.33 22.63 -41.43
N SER M 113 9.83 22.11 -42.54
CA SER M 113 9.21 20.99 -43.22
C SER M 113 10.03 19.74 -42.96
N GLY M 114 9.36 18.67 -42.57
CA GLY M 114 10.06 17.46 -42.19
C GLY M 114 10.39 16.56 -43.37
N ASP M 115 10.34 17.12 -44.58
CA ASP M 115 10.60 16.33 -45.77
C ASP M 115 12.03 15.83 -45.77
N MET M 116 12.20 14.51 -45.82
CA MET M 116 13.51 13.87 -45.75
C MET M 116 13.94 13.32 -47.10
N TYR M 117 13.48 13.92 -48.19
CA TYR M 117 13.85 13.47 -49.53
C TYR M 117 14.19 14.64 -50.43
N ASN M 118 14.61 15.77 -49.85
CA ASN M 118 14.95 16.94 -50.64
C ASN M 118 16.24 16.73 -51.42
N SER M 119 17.24 16.13 -50.78
CA SER M 119 18.58 16.04 -51.37
C SER M 119 19.12 14.61 -51.28
N TYR M 120 20.41 14.44 -51.57
CA TYR M 120 21.05 13.13 -51.53
C TYR M 120 22.43 13.28 -50.92
N ALA M 121 22.99 12.14 -50.51
CA ALA M 121 24.34 12.09 -49.98
C ALA M 121 25.02 10.83 -50.50
N ILE M 122 26.34 10.88 -50.59
CA ILE M 122 27.14 9.77 -51.10
C ILE M 122 27.80 9.07 -49.91
N PHE M 123 27.62 7.75 -49.83
CA PHE M 123 28.19 6.94 -48.78
C PHE M 123 29.20 5.97 -49.39
N ASN M 124 30.36 5.85 -48.75
CA ASN M 124 31.52 5.22 -49.35
C ASN M 124 31.74 3.77 -48.93
N SER M 125 30.86 3.20 -48.13
CA SER M 125 31.04 1.82 -47.71
C SER M 125 30.88 0.88 -48.89
N VAL M 126 31.74 -0.14 -48.95
CA VAL M 126 31.78 -1.07 -50.08
C VAL M 126 31.12 -2.38 -49.66
N PRO M 127 30.00 -2.75 -50.27
CA PRO M 127 29.25 -3.98 -49.91
C PRO M 127 29.66 -5.25 -50.64
N ILE M 128 30.74 -5.89 -50.19
CA ILE M 128 31.14 -7.18 -50.71
C ILE M 128 30.20 -8.22 -50.09
N VAL M 129 29.19 -8.64 -50.84
CA VAL M 129 28.19 -9.56 -50.29
C VAL M 129 28.77 -10.96 -50.13
N GLU M 130 29.48 -11.45 -51.16
CA GLU M 130 30.07 -12.78 -51.08
C GLU M 130 31.16 -12.91 -52.13
N VAL M 131 32.24 -13.59 -51.78
CA VAL M 131 33.29 -13.99 -52.71
C VAL M 131 33.40 -15.51 -52.65
N LEU M 132 33.23 -16.16 -53.80
CA LEU M 132 33.28 -17.60 -53.90
C LEU M 132 34.63 -18.03 -54.47
N SER M 133 35.33 -18.90 -53.74
CA SER M 133 36.66 -19.34 -54.15
C SER M 133 36.72 -20.85 -54.17
N PRO M 134 37.30 -21.44 -55.23
CA PRO M 134 37.43 -22.89 -55.28
C PRO M 134 38.42 -23.44 -54.27
N ALA M 135 38.64 -24.76 -54.30
CA ALA M 135 39.52 -25.38 -53.33
C ALA M 135 40.96 -24.94 -53.53
N ARG M 136 41.74 -25.05 -52.46
CA ARG M 136 43.15 -24.69 -52.45
C ARG M 136 43.38 -23.21 -52.76
N THR M 137 42.39 -22.36 -52.48
CA THR M 137 42.52 -20.92 -52.63
C THR M 137 41.98 -20.24 -51.38
N THR M 138 42.76 -19.32 -50.83
CA THR M 138 42.40 -18.59 -49.63
C THR M 138 42.06 -17.16 -49.98
N VAL M 139 40.89 -16.70 -49.55
CA VAL M 139 40.44 -15.34 -49.79
C VAL M 139 40.07 -14.70 -48.45
N SER M 140 40.55 -13.48 -48.22
CA SER M 140 40.30 -12.76 -46.98
C SER M 140 39.89 -11.33 -47.31
N ILE M 141 38.88 -10.83 -46.59
CA ILE M 141 38.35 -9.49 -46.80
C ILE M 141 38.60 -8.67 -45.54
N VAL M 142 39.13 -7.47 -45.72
CA VAL M 142 39.43 -6.56 -44.62
C VAL M 142 39.01 -5.15 -45.01
N GLY M 143 38.27 -4.48 -44.15
CA GLY M 143 37.96 -3.09 -44.32
C GLY M 143 36.52 -2.86 -44.77
N SER M 144 36.05 -1.64 -44.54
CA SER M 144 34.72 -1.22 -44.96
C SER M 144 34.75 0.02 -45.83
N ASP M 145 35.59 1.01 -45.50
CA ASP M 145 35.72 2.18 -46.35
C ASP M 145 36.50 1.86 -47.61
N ARG M 146 37.60 1.11 -47.47
CA ARG M 146 38.36 0.59 -48.60
C ARG M 146 38.63 -0.88 -48.32
N ALA M 147 38.05 -1.76 -49.12
CA ALA M 147 38.15 -3.19 -48.89
C ALA M 147 39.38 -3.75 -49.58
N ASP M 148 40.17 -4.52 -48.85
CA ASP M 148 41.35 -5.19 -49.38
C ASP M 148 41.09 -6.69 -49.39
N VAL M 149 41.01 -7.27 -50.59
CA VAL M 149 40.76 -8.69 -50.77
C VAL M 149 42.07 -9.34 -51.16
N THR M 150 42.61 -10.18 -50.29
CA THR M 150 43.87 -10.88 -50.52
C THR M 150 43.56 -12.33 -50.91
N MET M 151 43.99 -12.74 -52.09
CA MET M 151 43.73 -14.07 -52.60
C MET M 151 45.04 -14.76 -52.94
N LEU M 152 45.13 -16.04 -52.58
CA LEU M 152 46.31 -16.86 -52.85
C LEU M 152 45.87 -18.12 -53.58
N ASN M 153 46.63 -18.51 -54.60
CA ASN M 153 46.31 -19.69 -55.41
C ASN M 153 47.37 -20.76 -55.15
N THR M 154 47.05 -21.68 -54.24
CA THR M 154 47.96 -22.78 -53.93
C THR M 154 47.91 -23.87 -54.99
N GLY M 155 46.74 -24.10 -55.60
CA GLY M 155 46.57 -25.19 -56.53
C GLY M 155 47.39 -25.04 -57.79
N ALA M 156 47.38 -26.09 -58.60
CA ALA M 156 48.24 -26.15 -59.78
C ALA M 156 47.76 -25.21 -60.88
N GLY M 157 46.46 -25.20 -61.14
CA GLY M 157 45.91 -24.40 -62.21
C GLY M 157 45.33 -23.07 -61.76
N ALA M 158 45.16 -22.17 -62.72
CA ALA M 158 44.54 -20.89 -62.42
C ALA M 158 43.08 -21.07 -62.04
N ALA M 159 42.65 -20.35 -61.01
CA ALA M 159 41.30 -20.47 -60.47
C ALA M 159 40.46 -19.26 -60.86
N ASN M 160 39.15 -19.39 -60.67
CA ASN M 160 38.19 -18.33 -60.94
C ASN M 160 37.52 -17.92 -59.64
N ILE M 161 37.64 -16.65 -59.28
CA ILE M 161 37.07 -16.12 -58.05
C ILE M 161 35.84 -15.29 -58.42
N THR M 162 34.72 -15.56 -57.76
CA THR M 162 33.46 -14.89 -58.04
C THR M 162 33.23 -13.76 -57.06
N PHE M 163 32.95 -12.57 -57.58
CA PHE M 163 32.68 -11.38 -56.78
C PHE M 163 31.21 -11.00 -56.91
N ASN M 164 30.57 -10.72 -55.78
CA ASN M 164 29.19 -10.27 -55.75
C ASN M 164 29.11 -9.01 -54.91
N PHE M 165 28.80 -7.88 -55.53
CA PHE M 165 28.77 -6.59 -54.87
C PHE M 165 27.36 -6.11 -54.55
N GLY M 166 26.37 -7.00 -54.62
CA GLY M 166 25.00 -6.60 -54.36
C GLY M 166 24.38 -5.88 -55.53
N GLN M 167 23.19 -5.33 -55.29
CA GLN M 167 22.45 -4.62 -56.32
C GLN M 167 22.08 -3.20 -55.91
N ILE M 168 22.68 -2.68 -54.84
CA ILE M 168 22.34 -1.36 -54.32
C ILE M 168 23.35 -0.31 -54.74
N ALA M 169 24.64 -0.63 -54.64
CA ALA M 169 25.68 0.32 -54.97
C ALA M 169 25.63 0.67 -56.46
N GLU M 170 26.13 1.87 -56.78
CA GLU M 170 26.11 2.38 -58.14
C GLU M 170 27.42 2.15 -58.87
N THR M 171 28.55 2.49 -58.25
CA THR M 171 29.86 2.34 -58.87
C THR M 171 30.81 1.68 -57.90
N VAL M 172 31.56 0.71 -58.39
CA VAL M 172 32.62 0.06 -57.63
C VAL M 172 33.88 0.09 -58.47
N ILE M 173 34.93 0.71 -57.95
CA ILE M 173 36.22 0.81 -58.63
C ILE M 173 37.16 -0.18 -57.98
N LEU M 174 37.70 -1.09 -58.78
CA LEU M 174 38.62 -2.12 -58.31
C LEU M 174 40.01 -1.82 -58.81
N LYS M 175 40.98 -1.77 -57.88
CA LYS M 175 42.39 -1.65 -58.22
C LYS M 175 43.14 -2.81 -57.62
N GLY M 176 44.14 -3.29 -58.35
CA GLY M 176 44.92 -4.43 -57.93
C GLY M 176 46.38 -4.06 -57.71
N SER M 177 47.05 -4.84 -56.86
CA SER M 177 48.49 -4.66 -56.67
C SER M 177 49.24 -4.93 -57.96
N VAL M 178 48.83 -5.96 -58.69
CA VAL M 178 49.39 -6.28 -60.01
C VAL M 178 48.23 -6.34 -60.99
N PRO M 179 48.49 -6.16 -62.28
CA PRO M 179 47.42 -6.25 -63.27
C PRO M 179 46.75 -7.62 -63.24
N PHE M 180 45.44 -7.63 -63.42
CA PHE M 180 44.65 -8.85 -63.32
C PHE M 180 43.52 -8.79 -64.33
N GLN M 181 42.86 -9.92 -64.51
CA GLN M 181 41.82 -10.08 -65.52
C GLN M 181 40.45 -10.16 -64.85
N LEU M 182 39.53 -9.30 -65.27
CA LEU M 182 38.17 -9.27 -64.74
C LEU M 182 37.18 -9.19 -65.89
N ALA M 183 36.12 -9.98 -65.78
CA ALA M 183 35.05 -9.96 -66.77
C ALA M 183 33.79 -10.54 -66.15
N ARG M 184 32.66 -10.15 -66.72
CA ARG M 184 31.38 -10.64 -66.23
C ARG M 184 31.18 -12.11 -66.65
N LEU M 185 30.12 -12.70 -66.12
CA LEU M 185 29.83 -14.10 -66.42
C LEU M 185 29.55 -14.26 -67.91
N ASN M 186 30.17 -15.28 -68.50
CA ASN M 186 30.02 -15.60 -69.92
C ASN M 186 30.40 -14.41 -70.80
N GLN M 187 31.61 -13.91 -70.59
CA GLN M 187 32.17 -12.83 -71.38
C GLN M 187 33.65 -13.09 -71.61
N PRO M 188 34.19 -12.63 -72.73
CA PRO M 188 35.63 -12.81 -72.98
C PRO M 188 36.46 -12.09 -71.93
N MET M 189 37.56 -12.71 -71.55
CA MET M 189 38.47 -12.10 -70.58
C MET M 189 39.39 -11.12 -71.28
N PRO M 190 39.43 -9.86 -70.85
CA PRO M 190 40.25 -8.87 -71.55
C PRO M 190 41.70 -8.93 -71.13
N ALA M 191 42.52 -7.99 -71.62
CA ALA M 191 43.90 -7.90 -71.19
C ALA M 191 43.98 -7.45 -69.75
N ALA M 192 45.06 -7.84 -69.08
CA ALA M 192 45.24 -7.50 -67.67
C ALA M 192 45.44 -6.00 -67.52
N ARG M 193 44.64 -5.38 -66.65
CA ARG M 193 44.74 -3.96 -66.36
C ARG M 193 44.84 -3.76 -64.86
N PHE M 194 45.13 -2.52 -64.47
CA PHE M 194 45.26 -2.18 -63.06
C PHE M 194 43.94 -1.81 -62.41
N THR M 195 43.02 -1.20 -63.14
CA THR M 195 41.78 -0.71 -62.58
C THR M 195 40.59 -1.19 -63.39
N TYR M 196 39.44 -1.24 -62.73
CA TYR M 196 38.17 -1.62 -63.34
C TYR M 196 37.05 -0.81 -62.71
N LYS M 197 36.14 -0.32 -63.53
CA LYS M 197 34.92 0.34 -63.08
C LYS M 197 33.74 -0.55 -63.45
N LEU M 198 32.93 -0.90 -62.46
CA LEU M 198 31.85 -1.86 -62.65
C LEU M 198 30.55 -1.32 -62.08
N ARG M 199 29.45 -1.71 -62.70
CA ARG M 199 28.13 -1.49 -62.15
C ARG M 199 27.69 -2.75 -61.44
N PRO M 200 27.35 -2.70 -60.14
CA PRO M 200 26.97 -3.92 -59.43
C PRO M 200 25.77 -4.63 -60.02
N LEU M 201 24.88 -3.90 -60.69
CA LEU M 201 23.72 -4.52 -61.31
C LEU M 201 24.07 -5.31 -62.57
N ASP M 202 25.31 -5.20 -63.06
CA ASP M 202 25.70 -5.91 -64.26
C ASP M 202 25.67 -7.43 -64.04
N GLY M 203 26.16 -7.89 -62.90
CA GLY M 203 26.12 -9.29 -62.57
C GLY M 203 27.34 -9.74 -61.81
N PRO M 204 27.39 -11.03 -61.45
CA PRO M 204 28.58 -11.55 -60.78
C PRO M 204 29.81 -11.41 -61.66
N PHE M 205 30.94 -11.12 -61.03
CA PHE M 205 32.19 -10.87 -61.72
C PHE M 205 33.18 -11.98 -61.43
N ILE M 206 33.95 -12.35 -62.44
CA ILE M 206 34.90 -13.45 -62.36
C ILE M 206 36.31 -12.89 -62.50
N VAL M 207 37.18 -13.24 -61.57
CA VAL M 207 38.57 -12.79 -61.56
C VAL M 207 39.47 -14.00 -61.65
N VAL M 208 40.35 -14.00 -62.64
CA VAL M 208 41.31 -15.09 -62.78
C VAL M 208 42.45 -14.87 -61.80
N LEU M 209 42.94 -15.97 -61.21
CA LEU M 209 44.00 -15.90 -60.21
C LEU M 209 45.18 -16.74 -60.64
N PRO M 210 46.23 -16.16 -61.20
CA PRO M 210 47.42 -16.95 -61.55
C PRO M 210 48.11 -17.49 -60.32
N VAL M 211 48.78 -18.63 -60.51
CA VAL M 211 49.51 -19.29 -59.44
C VAL M 211 50.78 -18.49 -59.16
N GLY M 212 51.03 -18.21 -57.89
CA GLY M 212 52.23 -17.49 -57.50
C GLY M 212 52.04 -16.52 -56.36
N ASN M 213 52.51 -15.29 -56.55
CA ASN M 213 52.43 -14.29 -55.50
C ASN M 213 50.97 -13.88 -55.25
N PRO M 214 50.63 -13.54 -54.02
CA PRO M 214 49.24 -13.17 -53.72
C PRO M 214 48.82 -11.92 -54.45
N LEU M 215 47.53 -11.85 -54.75
CA LEU M 215 46.93 -10.70 -55.43
C LEU M 215 45.99 -9.99 -54.46
N VAL M 216 46.19 -8.68 -54.31
CA VAL M 216 45.38 -7.85 -53.42
C VAL M 216 44.58 -6.87 -54.26
N ILE M 217 43.27 -6.85 -54.05
CA ILE M 217 42.36 -5.98 -54.78
C ILE M 217 41.78 -4.97 -53.80
N SER M 218 41.86 -3.69 -54.16
CA SER M 218 41.29 -2.61 -53.36
C SER M 218 40.00 -2.15 -54.00
N ALA M 219 38.90 -2.21 -53.25
CA ALA M 219 37.58 -1.89 -53.75
C ALA M 219 37.07 -0.61 -53.11
N THR M 220 36.63 0.33 -53.94
CA THR M 220 36.04 1.58 -53.48
C THR M 220 34.66 1.73 -54.11
N ALA M 221 33.66 2.01 -53.29
CA ALA M 221 32.28 2.07 -53.75
C ALA M 221 31.64 3.39 -53.35
N ALA M 222 30.59 3.76 -54.10
CA ALA M 222 29.80 4.94 -53.82
C ALA M 222 28.33 4.61 -53.97
N THR M 223 27.53 5.02 -52.99
CA THR M 223 26.09 4.80 -53.00
C THR M 223 25.38 6.10 -52.68
N ARG M 224 24.23 6.32 -53.31
CA ARG M 224 23.47 7.54 -53.16
C ARG M 224 22.18 7.26 -52.40
N ILE M 225 21.97 8.00 -51.31
CA ILE M 225 20.81 7.83 -50.44
C ILE M 225 20.13 9.18 -50.28
N GLN M 226 18.81 9.19 -50.38
CA GLN M 226 18.07 10.43 -50.23
C GLN M 226 18.12 10.92 -48.78
N VAL M 227 18.50 12.18 -48.61
CA VAL M 227 18.63 12.80 -47.29
C VAL M 227 18.05 14.20 -47.35
N PRO M 228 17.67 14.75 -46.20
CA PRO M 228 17.23 16.15 -46.17
C PRO M 228 18.35 17.10 -46.53
N LEU M 229 17.96 18.33 -46.88
CA LEU M 229 18.92 19.33 -47.31
C LEU M 229 19.90 19.68 -46.19
N ALA M 230 19.42 19.72 -44.94
CA ALA M 230 20.26 20.11 -43.82
C ALA M 230 21.26 19.03 -43.43
N PHE M 231 21.18 17.84 -44.03
CA PHE M 231 22.10 16.77 -43.71
C PHE M 231 23.55 17.19 -43.93
N ASN M 232 24.41 16.84 -42.97
CA ASN M 232 25.84 17.10 -43.07
C ASN M 232 26.58 15.87 -42.56
N LYS M 233 27.31 15.21 -43.47
CA LYS M 233 27.93 13.93 -43.12
C LYS M 233 29.01 14.12 -42.05
N ALA M 234 29.75 15.23 -42.10
CA ALA M 234 30.80 15.46 -41.11
C ALA M 234 30.21 15.58 -39.71
N LEU M 235 29.08 16.28 -39.57
CA LEU M 235 28.47 16.42 -38.25
C LEU M 235 27.84 15.11 -37.79
N VAL M 236 27.27 14.34 -38.72
CA VAL M 236 26.62 13.09 -38.35
C VAL M 236 27.63 12.09 -37.81
N GLU M 237 28.80 11.99 -38.44
CA GLU M 237 29.80 11.03 -38.01
C GLU M 237 30.27 11.33 -36.59
N SER M 238 30.52 12.60 -36.29
CA SER M 238 30.93 12.97 -34.93
C SER M 238 29.82 12.70 -33.93
N GLY M 239 28.58 13.00 -34.30
CA GLY M 239 27.47 12.74 -33.41
C GLY M 239 27.24 11.26 -33.17
N PHE M 240 27.47 10.45 -34.19
CA PHE M 240 27.34 9.01 -34.05
C PHE M 240 28.32 8.47 -33.01
N GLN M 241 29.57 8.97 -33.05
CA GLN M 241 30.56 8.53 -32.08
C GLN M 241 30.20 8.99 -30.68
N THR M 242 29.67 10.20 -30.56
CA THR M 242 29.28 10.72 -29.25
C THR M 242 28.17 9.88 -28.64
N ALA M 243 27.18 9.50 -29.44
CA ALA M 243 26.06 8.71 -28.94
C ALA M 243 26.53 7.36 -28.43
N MET M 244 27.43 6.70 -29.14
CA MET M 244 27.96 5.42 -28.68
C MET M 244 28.73 5.58 -27.38
N ASN M 245 29.54 6.64 -27.27
CA ASN M 245 30.28 6.88 -26.04
C ASN M 245 29.33 7.22 -24.89
N ASP M 246 28.27 7.98 -25.17
CA ASP M 246 27.35 8.39 -24.14
C ASP M 246 26.45 7.27 -23.64
N GLY M 247 26.47 6.12 -24.30
CA GLY M 247 25.64 5.01 -23.88
C GLY M 247 24.22 5.04 -24.40
N LEU M 248 23.96 5.71 -25.52
CA LEU M 248 22.61 5.71 -26.07
C LEU M 248 22.27 4.43 -26.79
N PHE M 249 23.26 3.61 -27.14
CA PHE M 249 23.06 2.40 -27.93
C PHE M 249 23.34 1.13 -27.14
N ASP M 250 23.27 1.18 -25.81
CA ASP M 250 23.66 0.03 -24.98
C ASP M 250 22.55 -0.99 -24.84
N ILE M 251 21.50 -0.89 -25.65
CA ILE M 251 20.41 -1.85 -25.59
C ILE M 251 20.91 -3.22 -26.01
N GLN M 252 20.39 -4.26 -25.35
CA GLN M 252 20.83 -5.61 -25.63
C GLN M 252 20.36 -6.08 -27.00
N ASN M 253 21.02 -7.12 -27.51
CA ASN M 253 20.63 -7.80 -28.75
C ASN M 253 20.67 -6.87 -29.96
N VAL M 254 21.70 -6.03 -30.03
CA VAL M 254 21.90 -5.16 -31.19
C VAL M 254 23.35 -5.27 -31.65
N ASN M 255 23.58 -4.84 -32.88
CA ASN M 255 24.90 -4.83 -33.49
C ASN M 255 25.53 -3.45 -33.36
N TYR M 256 26.85 -3.41 -33.39
CA TYR M 256 27.59 -2.17 -33.27
C TYR M 256 28.47 -1.96 -34.49
N TYR M 257 28.51 -0.72 -34.97
CA TYR M 257 29.22 -0.38 -36.19
C TYR M 257 30.21 0.74 -35.93
N SER M 258 31.27 0.77 -36.73
CA SER M 258 32.33 1.74 -36.54
C SER M 258 31.95 3.14 -37.02
N SER M 259 30.99 3.24 -37.93
CA SER M 259 30.61 4.53 -38.48
C SER M 259 29.18 4.49 -38.97
N PHE M 260 28.60 5.69 -39.16
CA PHE M 260 27.26 5.79 -39.71
C PHE M 260 27.20 5.31 -41.15
N ASP M 261 28.29 5.45 -41.89
CA ASP M 261 28.34 4.95 -43.26
C ASP M 261 28.13 3.44 -43.29
N GLU M 262 28.80 2.72 -42.40
CA GLU M 262 28.60 1.27 -42.35
C GLU M 262 27.20 0.92 -41.86
N PHE M 263 26.68 1.71 -40.92
CA PHE M 263 25.35 1.42 -40.38
C PHE M 263 24.26 1.57 -41.44
N ILE M 264 24.29 2.69 -42.18
CA ILE M 264 23.22 2.95 -43.13
C ILE M 264 23.27 1.99 -44.30
N ILE M 265 24.47 1.60 -44.74
CA ILE M 265 24.59 0.68 -45.86
C ILE M 265 24.17 -0.73 -45.45
N SER M 266 24.53 -1.13 -44.23
CA SER M 266 24.19 -2.49 -43.78
C SER M 266 22.69 -2.69 -43.70
N GLN M 267 21.96 -1.68 -43.20
CA GLN M 267 20.50 -1.79 -43.15
C GLN M 267 19.90 -1.80 -44.55
N TYR M 268 20.54 -1.11 -45.49
CA TYR M 268 20.07 -1.11 -46.87
C TYR M 268 20.17 -2.50 -47.49
N HIS M 269 21.22 -3.24 -47.16
CA HIS M 269 21.43 -4.59 -47.67
C HIS M 269 20.76 -5.61 -46.75
N ALA M 270 19.47 -5.40 -46.52
CA ALA M 270 18.70 -6.24 -45.62
C ALA M 270 17.25 -6.22 -46.08
N GLN M 271 16.48 -7.19 -45.59
CA GLN M 271 15.09 -7.29 -45.98
C GLN M 271 14.31 -6.07 -45.48
N ASP M 272 13.47 -5.52 -46.35
CA ASP M 272 12.83 -4.22 -46.15
C ASP M 272 13.88 -3.13 -45.95
N GLY M 273 14.85 -3.12 -46.87
CA GLY M 273 15.93 -2.15 -46.78
C GLY M 273 15.47 -0.72 -47.02
N ILE M 274 14.53 -0.53 -47.93
CA ILE M 274 14.06 0.82 -48.24
C ILE M 274 13.39 1.44 -47.02
N ASN M 275 12.55 0.66 -46.33
CA ASN M 275 11.90 1.16 -45.12
C ASN M 275 12.92 1.42 -44.01
N ARG M 276 13.91 0.54 -43.88
CA ARG M 276 14.92 0.72 -42.85
C ARG M 276 15.71 2.00 -43.08
N VAL M 277 16.07 2.29 -44.33
CA VAL M 277 16.93 3.44 -44.63
C VAL M 277 16.22 4.74 -44.28
N SER M 278 14.90 4.79 -44.47
CA SER M 278 14.16 5.99 -44.13
C SER M 278 14.28 6.30 -42.63
N THR M 279 14.19 5.27 -41.79
CA THR M 279 14.37 5.46 -40.36
C THR M 279 15.80 5.86 -40.03
N CYS M 280 16.77 5.24 -40.70
CA CYS M 280 18.17 5.56 -40.41
C CYS M 280 18.52 6.98 -40.81
N VAL M 281 17.88 7.52 -41.83
CA VAL M 281 18.14 8.90 -42.23
C VAL M 281 17.64 9.86 -41.15
N ILE M 282 16.47 9.60 -40.58
CA ILE M 282 15.96 10.44 -39.51
C ILE M 282 16.89 10.38 -38.30
N LEU M 283 17.39 9.18 -37.99
CA LEU M 283 18.37 9.06 -36.91
C LEU M 283 19.62 9.86 -37.20
N GLY M 284 20.00 9.96 -38.48
CA GLY M 284 21.16 10.73 -38.84
C GLY M 284 21.00 12.21 -38.54
N LEU M 285 19.86 12.78 -38.92
CA LEU M 285 19.61 14.19 -38.62
C LEU M 285 19.48 14.42 -37.12
N ALA M 286 18.91 13.44 -36.40
CA ALA M 286 18.85 13.54 -34.95
C ALA M 286 20.25 13.50 -34.34
N LEU M 287 21.12 12.65 -34.88
CA LEU M 287 22.49 12.57 -34.36
C LEU M 287 23.26 13.85 -34.66
N GLN M 288 22.94 14.52 -35.76
CA GLN M 288 23.62 15.77 -36.08
C GLN M 288 23.18 16.88 -35.13
N ALA M 289 21.90 16.92 -34.78
CA ALA M 289 21.44 17.88 -33.78
C ALA M 289 22.05 17.58 -32.42
N TYR M 290 22.20 16.30 -32.09
CA TYR M 290 22.78 15.91 -30.81
C TYR M 290 24.23 16.35 -30.70
N ASP M 291 24.99 16.25 -31.79
CA ASP M 291 26.39 16.65 -31.77
C ASP M 291 26.54 18.14 -31.53
N GLN M 292 25.73 18.95 -32.22
CA GLN M 292 25.84 20.40 -32.07
C GLN M 292 25.44 20.84 -30.66
N MET M 293 24.38 20.25 -30.13
CA MET M 293 23.89 20.65 -28.81
C MET M 293 24.86 20.24 -27.72
N ARG M 294 25.36 19.00 -27.77
CA ARG M 294 26.25 18.53 -26.72
C ARG M 294 27.60 19.24 -26.74
N ARG M 295 28.08 19.63 -27.92
CA ARG M 295 29.30 20.42 -27.99
C ARG M 295 29.08 21.81 -27.41
N ALA M 296 27.89 22.38 -27.60
CA ALA M 296 27.58 23.68 -27.02
C ALA M 296 27.38 23.58 -25.52
N LEU M 297 26.77 22.50 -25.04
CA LEU M 297 26.46 22.31 -23.62
C LEU M 297 26.98 20.96 -23.16
N PRO M 298 28.29 20.85 -22.91
CA PRO M 298 28.82 19.59 -22.39
C PRO M 298 28.32 19.31 -20.99
N VAL M 299 28.15 18.03 -20.68
CA VAL M 299 27.71 17.62 -19.35
C VAL M 299 28.71 16.64 -18.74
N ALA N 2 57.23 -15.66 -25.48
CA ALA N 2 56.15 -14.89 -26.07
C ALA N 2 56.71 -13.72 -26.88
N ASN N 3 55.85 -13.11 -27.69
CA ASN N 3 56.22 -11.97 -28.51
C ASN N 3 55.35 -10.77 -28.16
N ARG N 4 55.88 -9.58 -28.43
CA ARG N 4 55.21 -8.33 -28.14
C ARG N 4 55.06 -7.52 -29.42
N ALA N 5 53.87 -6.94 -29.61
CA ALA N 5 53.61 -6.06 -30.73
C ALA N 5 52.94 -4.79 -30.22
N THR N 6 53.33 -3.66 -30.81
CA THR N 6 52.84 -2.37 -30.36
C THR N 6 52.62 -1.47 -31.55
N SER N 7 51.78 -0.47 -31.37
CA SER N 7 51.52 0.52 -32.41
C SER N 7 52.75 1.39 -32.63
N ALA N 8 52.98 1.74 -33.90
CA ALA N 8 54.18 2.50 -34.24
C ALA N 8 54.16 3.90 -33.65
N PHE N 9 53.00 4.54 -33.63
CA PHE N 9 52.90 5.92 -33.20
C PHE N 9 52.87 6.09 -31.68
N LEU N 10 52.86 5.00 -30.93
CA LEU N 10 52.86 5.07 -29.47
C LEU N 10 54.25 4.96 -28.87
N ASP N 11 55.30 4.97 -29.68
CA ASP N 11 56.66 4.76 -29.20
C ASP N 11 57.33 6.11 -28.94
N ASN N 12 57.76 6.32 -27.69
CA ASN N 12 58.56 7.45 -27.27
C ASN N 12 57.95 8.79 -27.66
N PRO N 13 56.86 9.22 -27.01
CA PRO N 13 56.35 10.57 -27.24
C PRO N 13 57.30 11.61 -26.67
N HIS N 14 57.80 12.49 -27.54
CA HIS N 14 58.77 13.48 -27.10
C HIS N 14 58.12 14.52 -26.22
N PRO N 15 58.87 15.11 -25.28
CA PRO N 15 58.30 16.15 -24.43
C PRO N 15 57.89 17.37 -25.23
N VAL N 16 56.85 18.05 -24.75
CA VAL N 16 56.28 19.19 -25.44
C VAL N 16 56.70 20.47 -24.72
N GLY N 17 56.42 21.61 -25.35
CA GLY N 17 56.87 22.88 -24.82
C GLY N 17 56.14 23.25 -23.53
N VAL N 18 56.82 24.06 -22.72
CA VAL N 18 56.30 24.54 -21.45
C VAL N 18 56.13 26.04 -21.44
N ASN N 19 56.18 26.68 -22.60
CA ASN N 19 56.01 28.12 -22.71
C ASN N 19 54.69 28.45 -23.38
N TYR N 20 54.26 29.70 -23.19
CA TYR N 20 53.06 30.23 -23.83
C TYR N 20 51.81 29.41 -23.48
N VAL N 21 51.73 29.00 -22.21
CA VAL N 21 50.60 28.22 -21.73
C VAL N 21 49.65 29.06 -20.87
N ASP N 22 50.13 30.17 -20.28
CA ASP N 22 49.34 30.98 -19.37
C ASP N 22 48.13 31.61 -20.06
N GLU N 23 47.30 32.29 -19.28
CA GLU N 23 46.04 32.83 -19.80
C GLU N 23 46.28 33.87 -20.88
N GLY N 24 47.29 34.71 -20.71
CA GLY N 24 47.57 35.72 -21.73
C GLY N 24 47.94 35.12 -23.06
N SER N 25 48.73 34.05 -23.06
CA SER N 25 49.11 33.40 -24.30
C SER N 25 47.93 32.66 -24.92
N ARG N 26 47.09 32.03 -24.10
CA ARG N 26 45.90 31.38 -24.63
C ARG N 26 44.96 32.39 -25.26
N GLN N 27 44.93 33.61 -24.74
CA GLN N 27 44.13 34.67 -25.36
C GLN N 27 44.70 35.04 -26.72
N PHE N 28 46.02 35.08 -26.86
CA PHE N 28 46.63 35.43 -28.14
C PHE N 28 46.29 34.40 -29.22
N VAL N 29 46.33 33.12 -28.87
CA VAL N 29 46.00 32.08 -29.84
C VAL N 29 44.54 32.21 -30.28
N ALA N 30 43.65 32.45 -29.33
CA ALA N 30 42.24 32.62 -29.67
C ALA N 30 42.03 33.86 -30.52
N VAL N 31 42.75 34.95 -30.22
CA VAL N 31 42.66 36.15 -31.03
C VAL N 31 43.12 35.86 -32.45
N ALA N 32 44.23 35.13 -32.59
CA ALA N 32 44.75 34.82 -33.91
C ALA N 32 43.75 34.01 -34.73
N GLU N 33 43.09 33.03 -34.10
CA GLU N 33 42.13 32.20 -34.82
C GLU N 33 40.95 33.02 -35.32
N LEU N 34 40.46 33.95 -34.49
CA LEU N 34 39.36 34.80 -34.91
C LEU N 34 39.78 35.70 -36.06
N LEU N 35 40.91 36.39 -35.91
CA LEU N 35 41.34 37.34 -36.92
C LEU N 35 41.76 36.63 -38.21
N ALA N 36 42.38 35.47 -38.11
CA ALA N 36 42.77 34.73 -39.31
C ALA N 36 41.53 34.25 -40.07
N SER N 37 40.50 33.84 -39.35
CA SER N 37 39.26 33.42 -40.01
C SER N 37 38.64 34.58 -40.77
N LYS N 38 38.63 35.77 -40.18
CA LYS N 38 38.05 36.92 -40.85
C LYS N 38 38.80 37.26 -42.13
N LEU N 39 40.08 36.87 -42.22
CA LEU N 39 40.85 37.12 -43.42
C LEU N 39 40.31 36.34 -44.61
N ILE N 40 39.95 35.08 -44.40
CA ILE N 40 39.47 34.24 -45.50
C ILE N 40 38.12 34.72 -45.99
N ASP N 41 37.18 34.97 -45.08
CA ASP N 41 35.86 35.45 -45.49
C ASP N 41 35.93 36.84 -46.10
N SER N 42 36.87 37.67 -45.66
CA SER N 42 37.02 38.99 -46.27
C SER N 42 37.42 38.88 -47.73
N SER N 43 38.32 37.97 -48.05
CA SER N 43 38.75 37.82 -49.43
C SER N 43 37.63 37.30 -50.31
N ARG N 44 36.84 36.37 -49.80
CA ARG N 44 35.67 35.89 -50.56
C ARG N 44 34.68 37.02 -50.79
N GLU N 45 34.44 37.83 -49.76
CA GLU N 45 33.56 38.99 -49.93
C GLU N 45 34.17 40.01 -50.88
N SER N 46 35.51 40.15 -50.87
CA SER N 46 36.16 41.08 -51.77
C SER N 46 35.99 40.66 -53.22
N ASP N 47 36.12 39.36 -53.50
CA ASP N 47 35.96 38.87 -54.85
C ASP N 47 34.52 39.07 -55.35
N GLU N 48 33.55 38.82 -54.47
CA GLU N 48 32.15 38.89 -54.87
C GLU N 48 31.65 40.33 -54.98
N SER N 49 32.29 41.28 -54.31
CA SER N 49 31.84 42.66 -54.29
C SER N 49 32.64 43.57 -55.22
N ASN N 50 33.57 43.01 -55.99
CA ASN N 50 34.36 43.77 -56.96
C ASN N 50 35.08 44.95 -56.31
N SER N 51 35.56 44.73 -55.09
CA SER N 51 36.30 45.77 -54.38
C SER N 51 37.20 45.10 -53.35
N ASP N 52 38.38 45.70 -53.15
CA ASP N 52 39.35 45.16 -52.22
C ASP N 52 39.25 45.78 -50.83
N VAL N 53 38.28 46.66 -50.61
CA VAL N 53 38.14 47.31 -49.31
C VAL N 53 37.86 46.31 -48.19
N PRO N 54 36.97 45.34 -48.34
CA PRO N 54 36.79 44.35 -47.26
C PRO N 54 38.08 43.61 -46.90
N PHE N 55 38.93 43.31 -47.89
CA PHE N 55 40.19 42.65 -47.57
C PHE N 55 41.18 43.62 -46.94
N VAL N 56 41.13 44.89 -47.32
CA VAL N 56 42.08 45.87 -46.79
C VAL N 56 41.88 46.04 -45.29
N GLN N 57 40.61 46.15 -44.86
CA GLN N 57 40.33 46.32 -43.45
C GLN N 57 40.75 45.10 -42.64
N ALA N 58 40.51 43.89 -43.19
CA ALA N 58 40.88 42.69 -42.47
C ALA N 58 42.39 42.55 -42.33
N TYR N 59 43.13 42.88 -43.39
CA TYR N 59 44.59 42.77 -43.33
C TYR N 59 45.20 43.84 -42.44
N SER N 60 44.63 45.04 -42.44
CA SER N 60 45.15 46.11 -41.59
C SER N 60 45.00 45.74 -40.12
N LYS N 61 43.88 45.12 -39.75
CA LYS N 61 43.70 44.68 -38.36
C LYS N 61 44.65 43.54 -38.03
N PHE N 62 44.87 42.62 -38.96
CA PHE N 62 45.71 41.46 -38.68
C PHE N 62 47.18 41.83 -38.66
N ALA N 63 47.62 42.68 -39.60
CA ALA N 63 49.03 42.95 -39.80
C ALA N 63 49.49 44.31 -39.30
N ASP N 64 48.58 45.19 -38.91
CA ASP N 64 48.93 46.53 -38.44
C ASP N 64 49.74 47.28 -39.49
N ASP N 65 49.39 47.10 -40.76
CA ASP N 65 50.10 47.74 -41.85
C ASP N 65 49.18 47.72 -43.07
N ASN N 66 49.06 48.86 -43.73
CA ASN N 66 48.17 48.97 -44.88
C ASN N 66 48.74 48.21 -46.07
N PRO N 67 47.94 47.38 -46.75
CA PRO N 67 48.47 46.63 -47.89
C PRO N 67 48.85 47.55 -49.04
N ARG N 68 49.87 47.11 -49.79
CA ARG N 68 50.33 47.83 -50.97
C ARG N 68 50.44 46.86 -52.14
N HIS N 69 50.25 47.39 -53.34
CA HIS N 69 50.14 46.53 -54.52
C HIS N 69 51.48 45.93 -54.92
N LEU N 70 52.53 46.75 -54.92
CA LEU N 70 53.85 46.28 -55.32
C LEU N 70 54.64 45.64 -54.19
N ARG N 71 54.09 45.61 -52.98
CA ARG N 71 54.77 45.06 -51.82
C ARG N 71 54.09 43.77 -51.39
N VAL N 72 54.90 42.77 -51.06
CA VAL N 72 54.38 41.46 -50.71
C VAL N 72 53.65 41.54 -49.37
N LYS N 73 52.57 40.78 -49.25
CA LYS N 73 51.77 40.73 -48.03
C LYS N 73 52.16 39.48 -47.26
N THR N 74 52.59 39.66 -46.00
CA THR N 74 53.11 38.57 -45.21
C THR N 74 52.42 38.35 -43.87
N GLY N 75 51.56 39.27 -43.43
CA GLY N 75 50.88 39.14 -42.17
C GLY N 75 51.45 39.98 -41.05
N GLY N 76 52.66 40.52 -41.21
CA GLY N 76 53.19 41.43 -40.21
C GLY N 76 53.67 40.71 -38.97
N LYS N 77 53.54 41.38 -37.82
CA LYS N 77 54.06 40.84 -36.56
C LYS N 77 53.26 39.63 -36.11
N MET N 78 51.95 39.63 -36.34
CA MET N 78 51.12 38.51 -35.90
C MET N 78 51.51 37.22 -36.60
N ALA N 79 51.83 37.30 -37.89
CA ALA N 79 52.28 36.12 -38.62
C ALA N 79 53.59 35.59 -38.04
N ASN N 80 54.52 36.48 -37.74
CA ASN N 80 55.79 36.05 -37.15
C ASN N 80 55.59 35.48 -35.75
N ALA N 81 54.75 36.12 -34.94
CA ALA N 81 54.52 35.64 -33.58
C ALA N 81 53.85 34.27 -33.58
N LEU N 82 52.87 34.07 -34.46
CA LEU N 82 52.19 32.79 -34.54
C LEU N 82 53.15 31.68 -34.96
N THR N 83 54.01 31.96 -35.93
CA THR N 83 54.96 30.95 -36.39
C THR N 83 55.93 30.56 -35.30
N ASN N 84 56.45 31.53 -34.56
CA ASN N 84 57.41 31.24 -33.50
C ASN N 84 56.73 30.53 -32.33
N VAL N 85 55.47 30.84 -32.07
CA VAL N 85 54.75 30.19 -30.98
C VAL N 85 54.53 28.71 -31.29
N ILE N 86 54.24 28.39 -32.56
CA ILE N 86 54.00 27.00 -32.94
C ILE N 86 55.26 26.17 -32.72
N ARG N 87 56.42 26.74 -33.06
CA ARG N 87 57.68 26.02 -32.87
C ARG N 87 57.92 25.71 -31.40
N SER N 88 57.60 26.64 -30.51
CA SER N 88 57.84 26.44 -29.09
C SER N 88 56.99 25.29 -28.53
N TYR N 89 55.78 25.13 -29.06
CA TYR N 89 54.86 24.14 -28.50
C TYR N 89 55.32 22.72 -28.80
N TYR N 90 55.93 22.49 -29.96
CA TYR N 90 56.19 21.13 -30.40
C TYR N 90 57.21 20.43 -29.51
N SER N 91 58.29 21.13 -29.15
CA SER N 91 59.36 20.50 -28.40
C SER N 91 59.79 21.40 -27.26
N ILE N 92 60.33 20.77 -26.20
CA ILE N 92 60.87 21.49 -25.08
C ILE N 92 62.21 22.14 -25.40
N ASN N 93 62.79 21.82 -26.56
CA ASN N 93 64.08 22.35 -26.97
C ASN N 93 64.00 23.56 -27.88
N ALA N 94 62.79 24.02 -28.20
CA ALA N 94 62.64 25.17 -29.07
C ALA N 94 63.08 26.45 -28.34
N PRO N 95 63.68 27.40 -29.06
CA PRO N 95 64.18 28.61 -28.39
C PRO N 95 63.11 29.44 -27.71
N ALA N 96 61.90 29.52 -28.26
CA ALA N 96 60.80 30.32 -27.69
C ALA N 96 61.20 31.79 -27.57
N ILE N 97 61.32 32.43 -28.74
CA ILE N 97 61.93 33.75 -28.83
C ILE N 97 60.94 34.90 -28.72
N VAL N 98 59.66 34.68 -29.05
CA VAL N 98 58.73 35.81 -29.10
C VAL N 98 58.44 36.30 -27.69
N PRO N 99 58.54 37.61 -27.43
CA PRO N 99 58.40 38.10 -26.05
C PRO N 99 56.97 38.06 -25.54
N GLN N 100 56.78 38.48 -24.29
CA GLN N 100 55.45 38.47 -23.68
C GLN N 100 54.73 39.81 -23.83
N VAL N 101 55.48 40.91 -23.92
CA VAL N 101 54.85 42.20 -24.16
C VAL N 101 54.15 42.21 -25.52
N GLU N 102 54.82 41.65 -26.53
CA GLU N 102 54.19 41.54 -27.85
C GLU N 102 52.96 40.65 -27.81
N ILE N 103 53.00 39.58 -27.02
CA ILE N 103 51.85 38.70 -26.90
C ILE N 103 50.66 39.45 -26.32
N ASP N 104 50.89 40.25 -25.27
CA ASP N 104 49.80 40.99 -24.66
C ASP N 104 49.23 42.04 -25.61
N ARG N 105 50.10 42.70 -26.40
CA ARG N 105 49.62 43.70 -27.34
C ARG N 105 48.73 43.07 -28.41
N LEU N 106 49.13 41.91 -28.94
CA LEU N 106 48.34 41.27 -29.98
C LEU N 106 47.06 40.67 -29.42
N ALA N 107 47.07 40.24 -28.16
CA ALA N 107 45.86 39.70 -27.56
C ALA N 107 44.80 40.77 -27.38
N SER N 108 45.19 42.03 -27.30
CA SER N 108 44.25 43.12 -27.10
C SER N 108 43.50 43.48 -28.38
N LYS N 109 43.86 42.88 -29.51
CA LYS N 109 43.23 43.27 -30.78
C LYS N 109 41.77 42.85 -30.83
N ALA N 110 41.41 41.76 -30.14
CA ALA N 110 40.04 41.28 -30.12
C ALA N 110 39.69 40.80 -28.73
N THR N 111 38.39 40.71 -28.46
CA THR N 111 37.88 40.26 -27.17
C THR N 111 37.40 38.81 -27.30
N VAL N 112 38.17 37.87 -26.75
CA VAL N 112 37.82 36.46 -26.77
C VAL N 112 38.06 35.87 -25.39
N SER N 113 37.40 34.73 -25.15
CA SER N 113 37.47 34.10 -23.84
C SER N 113 38.86 33.57 -23.55
N GLY N 114 39.54 33.02 -24.56
CA GLY N 114 40.74 32.25 -24.30
C GLY N 114 40.45 30.99 -23.52
N ASP N 115 39.31 30.35 -23.75
CA ASP N 115 38.88 29.19 -23.00
C ASP N 115 39.28 27.93 -23.74
N MET N 116 40.14 27.12 -23.13
CA MET N 116 40.65 25.92 -23.76
C MET N 116 39.81 24.68 -23.44
N TYR N 117 38.82 24.78 -22.57
CA TYR N 117 38.04 23.62 -22.14
C TYR N 117 36.55 23.87 -22.24
N ASN N 118 36.14 24.69 -23.21
CA ASN N 118 34.71 24.96 -23.40
C ASN N 118 33.97 23.71 -23.85
N SER N 119 34.53 22.97 -24.81
CA SER N 119 33.85 21.85 -25.43
C SER N 119 34.78 20.65 -25.59
N TYR N 120 34.37 19.67 -26.39
CA TYR N 120 35.16 18.47 -26.60
C TYR N 120 35.24 18.14 -28.09
N ALA N 121 36.00 17.10 -28.41
CA ALA N 121 36.05 16.55 -29.75
C ALA N 121 36.41 15.07 -29.64
N ILE N 122 36.09 14.33 -30.69
CA ILE N 122 36.31 12.89 -30.73
C ILE N 122 37.47 12.60 -31.66
N PHE N 123 38.46 11.86 -31.17
CA PHE N 123 39.63 11.49 -31.95
C PHE N 123 39.62 9.99 -32.22
N ASN N 124 39.92 9.62 -33.46
CA ASN N 124 39.65 8.27 -33.96
C ASN N 124 40.89 7.39 -34.03
N SER N 125 42.02 7.82 -33.49
CA SER N 125 43.21 6.97 -33.48
C SER N 125 43.05 5.84 -32.47
N VAL N 126 43.49 4.66 -32.85
CA VAL N 126 43.31 3.45 -32.04
C VAL N 126 44.64 3.11 -31.37
N PRO N 127 44.74 3.19 -30.05
CA PRO N 127 45.99 2.80 -29.37
C PRO N 127 46.00 1.33 -29.01
N ILE N 128 46.96 0.57 -29.54
CA ILE N 128 47.15 -0.82 -29.16
C ILE N 128 48.49 -0.88 -28.44
N VAL N 129 48.44 -0.86 -27.10
CA VAL N 129 49.65 -0.79 -26.31
C VAL N 129 50.45 -2.09 -26.40
N GLU N 130 49.77 -3.23 -26.31
CA GLU N 130 50.45 -4.50 -26.12
C GLU N 130 49.63 -5.61 -26.76
N VAL N 131 50.27 -6.43 -27.58
CA VAL N 131 49.68 -7.66 -28.10
C VAL N 131 50.66 -8.79 -27.77
N LEU N 132 50.23 -9.71 -26.92
CA LEU N 132 51.04 -10.86 -26.53
C LEU N 132 50.64 -12.07 -27.35
N SER N 133 51.62 -12.67 -28.03
CA SER N 133 51.39 -13.85 -28.82
C SER N 133 52.37 -14.94 -28.39
N PRO N 134 51.90 -16.18 -28.23
CA PRO N 134 52.82 -17.27 -27.88
C PRO N 134 53.67 -17.65 -29.08
N ALA N 135 54.57 -18.62 -28.85
CA ALA N 135 55.43 -19.09 -29.91
C ALA N 135 54.60 -19.77 -31.00
N ARG N 136 55.21 -19.89 -32.18
CA ARG N 136 54.61 -20.49 -33.36
C ARG N 136 53.42 -19.68 -33.88
N THR N 137 53.34 -18.40 -33.54
CA THR N 137 52.34 -17.50 -34.07
C THR N 137 53.02 -16.21 -34.54
N THR N 138 52.45 -15.59 -35.56
CA THR N 138 52.95 -14.33 -36.10
C THR N 138 51.86 -13.27 -35.99
N VAL N 139 52.21 -12.10 -35.46
CA VAL N 139 51.26 -11.01 -35.27
C VAL N 139 51.88 -9.75 -35.87
N SER N 140 51.10 -9.04 -36.69
CA SER N 140 51.54 -7.80 -37.32
C SER N 140 50.45 -6.75 -37.17
N ILE N 141 50.85 -5.53 -36.83
CA ILE N 141 49.92 -4.42 -36.63
C ILE N 141 50.25 -3.33 -37.65
N VAL N 142 49.26 -2.95 -38.44
CA VAL N 142 49.42 -1.91 -39.46
C VAL N 142 48.21 -0.99 -39.41
N GLY N 143 48.46 0.31 -39.37
CA GLY N 143 47.39 1.29 -39.39
C GLY N 143 47.34 2.16 -38.16
N SER N 144 46.84 3.38 -38.32
CA SER N 144 46.66 4.31 -37.21
C SER N 144 45.21 4.70 -37.00
N ASP N 145 44.50 5.10 -38.06
CA ASP N 145 43.08 5.39 -37.92
C ASP N 145 42.29 4.10 -37.78
N ARG N 146 42.60 3.09 -38.59
CA ARG N 146 42.03 1.76 -38.47
C ARG N 146 43.18 0.77 -38.39
N ALA N 147 43.23 0.01 -37.30
CA ALA N 147 44.33 -0.90 -37.04
C ALA N 147 43.92 -2.31 -37.44
N ASP N 148 44.68 -2.91 -38.36
CA ASP N 148 44.45 -4.29 -38.79
C ASP N 148 45.54 -5.17 -38.20
N VAL N 149 45.14 -6.17 -37.43
CA VAL N 149 46.07 -7.10 -36.78
C VAL N 149 45.94 -8.44 -37.49
N THR N 150 46.95 -8.78 -38.28
CA THR N 150 46.99 -10.04 -39.01
C THR N 150 47.73 -11.07 -38.18
N MET N 151 47.03 -12.13 -37.76
CA MET N 151 47.61 -13.16 -36.93
C MET N 151 47.43 -14.52 -37.60
N LEU N 152 48.50 -15.30 -37.65
CA LEU N 152 48.50 -16.63 -38.24
C LEU N 152 49.07 -17.62 -37.25
N ASN N 153 48.38 -18.74 -37.05
CA ASN N 153 48.79 -19.77 -36.09
C ASN N 153 49.33 -20.96 -36.86
N THR N 154 50.59 -21.30 -36.59
CA THR N 154 51.24 -22.45 -37.23
C THR N 154 51.46 -23.60 -36.25
N GLY N 155 50.86 -23.55 -35.07
CA GLY N 155 51.05 -24.57 -34.07
C GLY N 155 50.14 -25.76 -34.27
N ALA N 156 50.12 -26.62 -33.25
CA ALA N 156 49.26 -27.81 -33.30
C ALA N 156 47.84 -27.49 -32.88
N GLY N 157 47.68 -26.77 -31.77
CA GLY N 157 46.38 -26.44 -31.24
C GLY N 157 46.09 -24.94 -31.27
N ALA N 158 44.92 -24.60 -30.73
CA ALA N 158 44.50 -23.21 -30.67
C ALA N 158 45.39 -22.41 -29.72
N ALA N 159 45.59 -21.14 -30.06
CA ALA N 159 46.43 -20.25 -29.30
C ALA N 159 45.63 -19.09 -28.74
N ASN N 160 46.07 -18.57 -27.61
CA ASN N 160 45.45 -17.43 -26.94
C ASN N 160 46.32 -16.20 -27.16
N ILE N 161 45.72 -15.15 -27.70
CA ILE N 161 46.40 -13.88 -27.96
C ILE N 161 45.81 -12.82 -27.04
N THR N 162 46.67 -12.11 -26.33
CA THR N 162 46.26 -11.13 -25.34
C THR N 162 46.32 -9.74 -25.96
N PHE N 163 45.20 -9.02 -25.90
CA PHE N 163 45.10 -7.66 -26.40
C PHE N 163 45.09 -6.68 -25.23
N ASN N 164 45.72 -5.53 -25.43
CA ASN N 164 45.72 -4.47 -24.43
C ASN N 164 45.54 -3.15 -25.15
N PHE N 165 44.39 -2.51 -24.96
CA PHE N 165 44.05 -1.28 -25.65
C PHE N 165 44.28 -0.04 -24.81
N GLY N 166 44.90 -0.17 -23.65
CA GLY N 166 45.14 0.98 -22.79
C GLY N 166 43.96 1.27 -21.88
N GLN N 167 44.08 2.38 -21.18
CA GLN N 167 43.03 2.85 -20.27
C GLN N 167 42.50 4.22 -20.63
N ILE N 168 42.91 4.79 -21.76
CA ILE N 168 42.50 6.15 -22.11
C ILE N 168 41.30 6.13 -23.06
N ALA N 169 41.31 5.27 -24.05
CA ALA N 169 40.24 5.24 -25.04
C ALA N 169 38.91 4.88 -24.38
N GLU N 170 37.82 5.38 -24.96
CA GLU N 170 36.50 5.18 -24.40
C GLU N 170 35.85 3.89 -24.87
N THR N 171 35.68 3.72 -26.18
CA THR N 171 35.14 2.50 -26.76
C THR N 171 35.99 2.06 -27.95
N VAL N 172 36.13 0.76 -28.12
CA VAL N 172 36.83 0.17 -29.25
C VAL N 172 35.93 -0.87 -29.88
N ILE N 173 35.79 -0.80 -31.20
CA ILE N 173 34.95 -1.72 -31.96
C ILE N 173 35.86 -2.62 -32.77
N LEU N 174 35.80 -3.92 -32.50
CA LEU N 174 36.63 -4.92 -33.15
C LEU N 174 35.81 -5.65 -34.21
N LYS N 175 36.34 -5.68 -35.43
CA LYS N 175 35.70 -6.38 -36.54
C LYS N 175 36.70 -7.38 -37.13
N GLY N 176 36.23 -8.59 -37.38
CA GLY N 176 37.08 -9.64 -37.89
C GLY N 176 36.74 -10.04 -39.31
N SER N 177 37.75 -10.51 -40.04
CA SER N 177 37.52 -11.04 -41.38
C SER N 177 36.62 -12.26 -41.33
N VAL N 178 36.85 -13.13 -40.34
CA VAL N 178 35.96 -14.27 -40.08
C VAL N 178 35.53 -14.20 -38.62
N PRO N 179 34.40 -14.78 -38.28
CA PRO N 179 33.93 -14.74 -36.88
C PRO N 179 34.96 -15.37 -35.95
N PHE N 180 35.12 -14.76 -34.77
CA PHE N 180 36.10 -15.22 -33.81
C PHE N 180 35.54 -15.09 -32.41
N GLN N 181 36.29 -15.61 -31.45
CA GLN N 181 35.90 -15.65 -30.05
C GLN N 181 36.80 -14.72 -29.25
N LEU N 182 36.17 -13.86 -28.45
CA LEU N 182 36.89 -12.91 -27.61
C LEU N 182 36.19 -12.80 -26.27
N ALA N 183 36.97 -12.75 -25.19
CA ALA N 183 36.41 -12.58 -23.87
C ALA N 183 37.47 -11.99 -22.94
N ARG N 184 37.08 -11.74 -21.70
CA ARG N 184 37.93 -11.14 -20.69
C ARG N 184 38.97 -12.14 -20.18
N LEU N 185 39.94 -11.61 -19.45
CA LEU N 185 40.90 -12.48 -18.77
C LEU N 185 40.18 -13.29 -17.69
N ASN N 186 40.44 -14.60 -17.67
CA ASN N 186 39.81 -15.51 -16.72
C ASN N 186 38.29 -15.45 -16.80
N GLN N 187 37.79 -15.45 -18.03
CA GLN N 187 36.36 -15.42 -18.29
C GLN N 187 36.04 -16.42 -19.39
N PRO N 188 34.87 -17.05 -19.35
CA PRO N 188 34.51 -18.01 -20.39
C PRO N 188 34.33 -17.35 -21.74
N MET N 189 34.61 -18.10 -22.80
CA MET N 189 34.49 -17.60 -24.15
C MET N 189 33.03 -17.64 -24.61
N PRO N 190 32.61 -16.64 -25.39
CA PRO N 190 31.28 -16.71 -26.02
C PRO N 190 31.33 -17.40 -27.36
N ALA N 191 30.21 -17.47 -28.06
CA ALA N 191 30.19 -17.99 -29.41
C ALA N 191 30.88 -17.00 -30.36
N ALA N 192 31.26 -17.52 -31.53
CA ALA N 192 31.97 -16.70 -32.51
C ALA N 192 31.05 -15.63 -33.08
N ARG N 193 31.52 -14.38 -33.09
CA ARG N 193 30.77 -13.27 -33.63
C ARG N 193 31.68 -12.42 -34.48
N PHE N 194 31.08 -11.67 -35.40
CA PHE N 194 31.86 -10.84 -36.33
C PHE N 194 32.41 -9.59 -35.66
N THR N 195 31.65 -8.98 -34.75
CA THR N 195 31.99 -7.69 -34.20
C THR N 195 31.91 -7.70 -32.68
N TYR N 196 32.70 -6.83 -32.06
CA TYR N 196 32.75 -6.67 -30.62
C TYR N 196 32.83 -5.19 -30.27
N LYS N 197 32.13 -4.80 -29.21
CA LYS N 197 32.26 -3.47 -28.64
C LYS N 197 32.83 -3.62 -27.24
N LEU N 198 33.97 -2.98 -27.00
CA LEU N 198 34.69 -3.13 -25.75
C LEU N 198 35.04 -1.76 -25.17
N ARG N 199 35.13 -1.70 -23.84
CA ARG N 199 35.69 -0.56 -23.17
C ARG N 199 37.12 -0.88 -22.75
N PRO N 200 38.11 -0.09 -23.17
CA PRO N 200 39.50 -0.46 -22.89
C PRO N 200 39.81 -0.55 -21.41
N LEU N 201 39.11 0.22 -20.57
CA LEU N 201 39.36 0.20 -19.14
C LEU N 201 39.00 -1.14 -18.51
N ASP N 202 38.25 -1.98 -19.23
CA ASP N 202 37.75 -3.22 -18.65
C ASP N 202 38.90 -4.17 -18.31
N GLY N 203 39.85 -4.34 -19.22
CA GLY N 203 40.99 -5.18 -18.96
C GLY N 203 41.52 -5.82 -20.22
N PRO N 204 42.66 -6.50 -20.11
CA PRO N 204 43.20 -7.22 -21.27
C PRO N 204 42.23 -8.30 -21.74
N PHE N 205 42.14 -8.47 -23.05
CA PHE N 205 41.23 -9.41 -23.67
C PHE N 205 41.99 -10.57 -24.28
N ILE N 206 41.29 -11.69 -24.45
CA ILE N 206 41.88 -12.91 -24.99
C ILE N 206 41.12 -13.30 -26.25
N VAL N 207 41.86 -13.52 -27.33
CA VAL N 207 41.30 -13.95 -28.60
C VAL N 207 41.79 -15.36 -28.90
N VAL N 208 40.85 -16.27 -29.13
CA VAL N 208 41.19 -17.65 -29.46
C VAL N 208 41.48 -17.72 -30.95
N LEU N 209 42.70 -18.13 -31.29
CA LEU N 209 43.16 -18.20 -32.66
C LEU N 209 43.17 -19.65 -33.13
N PRO N 210 42.32 -20.04 -34.09
CA PRO N 210 42.34 -21.42 -34.56
C PRO N 210 43.58 -21.73 -35.39
N VAL N 211 43.67 -22.94 -35.91
CA VAL N 211 44.84 -23.41 -36.65
C VAL N 211 44.46 -23.51 -38.13
N GLY N 212 45.28 -22.93 -38.99
CA GLY N 212 45.16 -23.16 -40.41
C GLY N 212 44.86 -21.94 -41.26
N ASN N 213 43.93 -21.10 -40.81
CA ASN N 213 43.54 -19.96 -41.62
C ASN N 213 43.80 -18.67 -40.86
N PRO N 214 44.35 -17.65 -41.52
CA PRO N 214 44.66 -16.39 -40.82
C PRO N 214 43.40 -15.64 -40.42
N LEU N 215 43.54 -14.85 -39.37
CA LEU N 215 42.46 -14.01 -38.87
C LEU N 215 42.97 -12.58 -38.75
N VAL N 216 42.21 -11.63 -39.29
CA VAL N 216 42.56 -10.21 -39.27
C VAL N 216 41.48 -9.47 -38.50
N ILE N 217 41.89 -8.66 -37.54
CA ILE N 217 40.98 -7.89 -36.71
C ILE N 217 41.20 -6.41 -36.99
N SER N 218 40.14 -5.73 -37.42
CA SER N 218 40.17 -4.29 -37.66
C SER N 218 39.53 -3.59 -36.46
N ALA N 219 40.29 -2.70 -35.83
CA ALA N 219 39.84 -2.00 -34.63
C ALA N 219 39.73 -0.52 -34.91
N THR N 220 38.64 0.08 -34.44
CA THR N 220 38.43 1.52 -34.50
C THR N 220 38.06 2.01 -33.11
N ALA N 221 38.69 3.10 -32.69
CA ALA N 221 38.53 3.60 -31.32
C ALA N 221 38.11 5.06 -31.34
N ALA N 222 37.45 5.49 -30.27
CA ALA N 222 37.02 6.87 -30.09
C ALA N 222 37.47 7.36 -28.73
N THR N 223 38.10 8.53 -28.70
CA THR N 223 38.56 9.14 -27.46
C THR N 223 38.08 10.59 -27.43
N ARG N 224 37.66 11.02 -26.24
CA ARG N 224 37.13 12.36 -26.04
C ARG N 224 38.17 13.22 -25.33
N ILE N 225 38.46 14.39 -25.91
CA ILE N 225 39.43 15.32 -25.37
C ILE N 225 38.82 16.71 -25.39
N GLN N 226 38.94 17.42 -24.28
CA GLN N 226 38.39 18.76 -24.18
C GLN N 226 39.17 19.73 -25.06
N VAL N 227 38.45 20.52 -25.85
CA VAL N 227 39.05 21.45 -26.80
C VAL N 227 38.20 22.72 -26.81
N PRO N 228 38.71 23.85 -27.32
CA PRO N 228 37.87 25.05 -27.40
C PRO N 228 36.69 24.84 -28.33
N LEU N 229 35.70 25.72 -28.17
CA LEU N 229 34.48 25.61 -28.96
C LEU N 229 34.70 26.00 -30.42
N ALA N 230 35.77 26.72 -30.71
CA ALA N 230 36.12 27.08 -32.08
C ALA N 230 36.97 26.03 -32.77
N PHE N 231 37.13 24.86 -32.16
CA PHE N 231 37.94 23.80 -32.76
C PHE N 231 37.31 23.28 -34.04
N ASN N 232 38.17 22.92 -35.00
CA ASN N 232 37.72 22.37 -36.27
C ASN N 232 38.75 21.34 -36.70
N LYS N 233 38.37 20.06 -36.68
CA LYS N 233 39.34 19.00 -36.96
C LYS N 233 39.87 19.08 -38.39
N ALA N 234 39.01 19.45 -39.34
CA ALA N 234 39.44 19.54 -40.73
C ALA N 234 40.52 20.59 -40.90
N LEU N 235 40.35 21.76 -40.27
CA LEU N 235 41.34 22.83 -40.40
C LEU N 235 42.62 22.50 -39.65
N VAL N 236 42.49 21.84 -38.50
CA VAL N 236 43.68 21.50 -37.71
C VAL N 236 44.56 20.52 -38.47
N GLU N 237 43.95 19.51 -39.09
CA GLU N 237 44.74 18.54 -39.85
C GLU N 237 45.43 19.19 -41.04
N SER N 238 44.73 20.09 -41.74
CA SER N 238 45.38 20.81 -42.84
C SER N 238 46.51 21.68 -42.34
N GLY N 239 46.31 22.34 -41.20
CA GLY N 239 47.39 23.12 -40.62
C GLY N 239 48.55 22.28 -40.17
N PHE N 240 48.28 21.06 -39.70
CA PHE N 240 49.35 20.18 -39.25
C PHE N 240 50.28 19.82 -40.41
N GLN N 241 49.72 19.48 -41.57
CA GLN N 241 50.55 19.13 -42.72
C GLN N 241 51.30 20.33 -43.26
N THR N 242 50.65 21.49 -43.28
CA THR N 242 51.32 22.70 -43.77
C THR N 242 52.51 23.08 -42.88
N ALA N 243 52.32 23.00 -41.57
CA ALA N 243 53.42 23.32 -40.65
C ALA N 243 54.56 22.33 -40.80
N MET N 244 54.25 21.06 -41.00
CA MET N 244 55.29 20.06 -41.21
C MET N 244 56.08 20.34 -42.49
N ASN N 245 55.39 20.72 -43.57
CA ASN N 245 56.08 21.03 -44.81
C ASN N 245 56.88 22.32 -44.70
N ASP N 246 56.35 23.31 -43.98
CA ASP N 246 57.03 24.59 -43.84
C ASP N 246 58.25 24.51 -42.93
N GLY N 247 58.46 23.39 -42.25
CA GLY N 247 59.65 23.20 -41.44
C GLY N 247 59.57 23.71 -40.03
N LEU N 248 58.37 23.96 -39.51
CA LEU N 248 58.24 24.46 -38.14
C LEU N 248 58.51 23.39 -37.10
N PHE N 249 58.52 22.12 -37.48
CA PHE N 249 58.70 21.02 -36.55
C PHE N 249 60.07 20.37 -36.68
N ASP N 250 60.99 21.00 -37.41
CA ASP N 250 62.32 20.42 -37.63
C ASP N 250 63.21 20.78 -36.45
N ILE N 251 63.25 19.91 -35.46
CA ILE N 251 64.05 20.07 -34.27
C ILE N 251 64.63 18.71 -33.91
N GLN N 252 65.88 18.69 -33.46
CA GLN N 252 66.54 17.42 -33.13
C GLN N 252 65.84 16.73 -31.96
N ASN N 253 65.88 15.40 -31.98
CA ASN N 253 65.37 14.57 -30.89
C ASN N 253 63.87 14.76 -30.69
N VAL N 254 63.12 14.68 -31.79
CA VAL N 254 61.67 14.73 -31.76
C VAL N 254 61.12 13.61 -32.63
N ASN N 255 59.85 13.29 -32.42
CA ASN N 255 59.13 12.31 -33.21
C ASN N 255 58.22 13.01 -34.20
N TYR N 256 57.88 12.29 -35.27
CA TYR N 256 57.05 12.83 -36.34
C TYR N 256 55.82 11.96 -36.52
N TYR N 257 54.67 12.61 -36.74
CA TYR N 257 53.39 11.94 -36.85
C TYR N 257 52.70 12.37 -38.13
N SER N 258 51.98 11.41 -38.73
CA SER N 258 51.27 11.68 -39.98
C SER N 258 50.00 12.49 -39.77
N SER N 259 49.38 12.40 -38.60
CA SER N 259 48.11 13.06 -38.34
C SER N 259 48.15 13.70 -36.96
N PHE N 260 47.34 14.74 -36.78
CA PHE N 260 47.26 15.39 -35.48
C PHE N 260 46.62 14.48 -34.44
N ASP N 261 45.70 13.61 -34.86
CA ASP N 261 45.11 12.66 -33.93
C ASP N 261 46.16 11.71 -33.37
N GLU N 262 47.10 11.28 -34.21
CA GLU N 262 48.19 10.45 -33.72
C GLU N 262 49.05 11.22 -32.72
N PHE N 263 49.29 12.50 -32.99
CA PHE N 263 50.12 13.31 -32.10
C PHE N 263 49.46 13.47 -30.74
N ILE N 264 48.19 13.86 -30.71
CA ILE N 264 47.54 14.16 -29.44
C ILE N 264 47.33 12.90 -28.62
N ILE N 265 47.01 11.79 -29.27
CA ILE N 265 46.77 10.54 -28.54
C ILE N 265 48.07 9.98 -27.98
N SER N 266 49.16 10.09 -28.74
CA SER N 266 50.43 9.54 -28.29
C SER N 266 50.90 10.20 -26.99
N GLN N 267 50.82 11.53 -26.92
CA GLN N 267 51.22 12.20 -25.69
C GLN N 267 50.25 11.94 -24.55
N TYR N 268 48.99 11.65 -24.87
CA TYR N 268 48.01 11.33 -23.85
C TYR N 268 48.22 9.95 -23.22
N HIS N 269 49.11 9.15 -23.78
CA HIS N 269 49.45 7.85 -23.20
C HIS N 269 50.77 7.87 -22.45
N ALA N 270 51.43 9.01 -22.34
CA ALA N 270 52.67 9.13 -21.61
C ALA N 270 52.39 9.18 -20.11
N GLN N 271 53.45 9.25 -19.31
CA GLN N 271 53.30 9.23 -17.86
C GLN N 271 52.62 10.50 -17.34
N ASP N 272 52.90 11.64 -17.97
CA ASP N 272 52.28 12.92 -17.62
C ASP N 272 51.32 13.36 -18.71
N GLY N 273 50.58 12.41 -19.28
CA GLY N 273 49.76 12.70 -20.44
C GLY N 273 48.67 13.73 -20.20
N ILE N 274 48.06 13.70 -19.01
CA ILE N 274 46.98 14.64 -18.73
C ILE N 274 47.46 16.08 -18.71
N ASN N 275 48.77 16.31 -18.51
CA ASN N 275 49.32 17.65 -18.64
C ASN N 275 49.82 17.95 -20.04
N ARG N 276 50.17 16.92 -20.81
CA ARG N 276 50.66 17.14 -22.17
C ARG N 276 49.55 17.52 -23.12
N VAL N 277 48.33 17.03 -22.88
CA VAL N 277 47.21 17.32 -23.76
C VAL N 277 46.88 18.80 -23.74
N SER N 278 47.01 19.45 -22.59
CA SER N 278 46.72 20.88 -22.51
C SER N 278 47.56 21.68 -23.49
N THR N 279 48.85 21.36 -23.57
CA THR N 279 49.70 22.02 -24.56
C THR N 279 49.33 21.60 -25.98
N CYS N 280 48.94 20.33 -26.15
CA CYS N 280 48.56 19.85 -27.47
C CYS N 280 47.30 20.55 -27.97
N VAL N 281 46.35 20.79 -27.08
CA VAL N 281 45.11 21.45 -27.47
C VAL N 281 45.37 22.88 -27.92
N ILE N 282 46.22 23.61 -27.18
CA ILE N 282 46.55 24.97 -27.58
C ILE N 282 47.31 24.96 -28.90
N LEU N 283 48.16 23.96 -29.11
CA LEU N 283 48.89 23.85 -30.36
C LEU N 283 47.93 23.62 -31.53
N GLY N 284 46.90 22.81 -31.32
CA GLY N 284 45.95 22.56 -32.39
C GLY N 284 45.23 23.81 -32.85
N LEU N 285 44.82 24.65 -31.90
CA LEU N 285 44.14 25.89 -32.26
C LEU N 285 45.09 26.86 -32.96
N ALA N 286 46.37 26.84 -32.59
CA ALA N 286 47.36 27.64 -33.30
C ALA N 286 47.50 27.16 -34.73
N LEU N 287 47.50 25.85 -34.94
CA LEU N 287 47.59 25.31 -36.29
C LEU N 287 46.34 25.65 -37.10
N GLN N 288 45.20 25.77 -36.43
CA GLN N 288 43.98 26.21 -37.11
C GLN N 288 44.15 27.61 -37.66
N ALA N 289 44.70 28.53 -36.86
CA ALA N 289 44.91 29.89 -37.33
C ALA N 289 45.96 29.93 -38.43
N TYR N 290 47.00 29.12 -38.31
CA TYR N 290 48.06 29.12 -39.31
C TYR N 290 47.54 28.59 -40.64
N ASP N 291 46.63 27.61 -40.61
CA ASP N 291 46.04 27.10 -41.84
C ASP N 291 45.28 28.20 -42.56
N GLN N 292 44.36 28.87 -41.85
CA GLN N 292 43.56 29.90 -42.48
C GLN N 292 44.40 31.09 -42.92
N MET N 293 45.36 31.49 -42.08
CA MET N 293 46.19 32.64 -42.40
C MET N 293 47.06 32.37 -43.62
N ARG N 294 47.66 31.18 -43.71
CA ARG N 294 48.57 30.90 -44.80
C ARG N 294 47.86 30.71 -46.13
N ARG N 295 46.64 30.15 -46.12
CA ARG N 295 45.91 29.98 -47.36
C ARG N 295 45.47 31.32 -47.95
N ALA N 296 45.10 32.26 -47.08
CA ALA N 296 44.72 33.59 -47.57
C ALA N 296 45.95 34.40 -47.98
N LEU N 297 47.09 34.14 -47.35
CA LEU N 297 48.33 34.85 -47.61
C LEU N 297 49.43 33.85 -47.90
N PRO N 298 49.47 33.30 -49.11
CA PRO N 298 50.52 32.35 -49.45
C PRO N 298 51.90 33.01 -49.41
N VAL N 299 52.89 32.23 -49.03
CA VAL N 299 54.26 32.74 -48.92
C VAL N 299 54.91 32.81 -50.30
N ALA O 2 -21.27 -36.79 75.56
CA ALA O 2 -20.99 -35.39 75.93
C ALA O 2 -22.17 -34.79 76.68
N ASN O 3 -21.86 -33.91 77.63
CA ASN O 3 -22.86 -33.21 78.42
C ASN O 3 -22.93 -31.76 77.99
N ARG O 4 -24.13 -31.19 78.03
CA ARG O 4 -24.37 -29.81 77.63
C ARG O 4 -24.85 -28.99 78.81
N ALA O 5 -24.23 -27.83 79.00
CA ALA O 5 -24.64 -26.87 80.03
C ALA O 5 -24.85 -25.52 79.38
N THR O 6 -25.98 -24.89 79.68
CA THR O 6 -26.35 -23.63 79.05
C THR O 6 -26.80 -22.64 80.10
N SER O 7 -26.79 -21.37 79.73
CA SER O 7 -27.26 -20.31 80.61
C SER O 7 -28.77 -20.41 80.80
N ALA O 8 -29.23 -20.16 82.03
CA ALA O 8 -30.64 -20.31 82.35
C ALA O 8 -31.48 -19.24 81.68
N PHE O 9 -30.99 -18.01 81.62
CA PHE O 9 -31.79 -16.90 81.12
C PHE O 9 -31.92 -16.89 79.60
N LEU O 10 -31.18 -17.74 78.90
CA LEU O 10 -31.25 -17.83 77.45
C LEU O 10 -32.24 -18.88 76.97
N ASP O 11 -32.98 -19.53 77.87
CA ASP O 11 -33.80 -20.67 77.52
C ASP O 11 -35.24 -20.25 77.25
N ASN O 12 -35.73 -20.60 76.06
CA ASN O 12 -37.13 -20.45 75.65
C ASN O 12 -37.62 -19.02 75.81
N PRO O 13 -37.13 -18.07 75.00
CA PRO O 13 -37.68 -16.71 75.03
C PRO O 13 -39.09 -16.71 74.46
N HIS O 14 -40.05 -16.27 75.28
CA HIS O 14 -41.44 -16.24 74.83
C HIS O 14 -41.63 -15.13 73.81
N PRO O 15 -42.59 -15.30 72.89
CA PRO O 15 -42.83 -14.27 71.89
C PRO O 15 -43.29 -12.96 72.53
N VAL O 16 -42.92 -11.86 71.91
CA VAL O 16 -43.25 -10.54 72.40
C VAL O 16 -44.47 -10.03 71.65
N GLY O 17 -45.06 -8.96 72.15
CA GLY O 17 -46.23 -8.39 71.51
C GLY O 17 -45.90 -7.83 70.14
N VAL O 18 -46.89 -7.90 69.25
CA VAL O 18 -46.76 -7.37 67.90
C VAL O 18 -47.55 -6.10 67.70
N ASN O 19 -48.18 -5.57 68.75
CA ASN O 19 -49.03 -4.40 68.66
C ASN O 19 -48.32 -3.18 69.22
N TYR O 20 -48.86 -2.01 68.87
CA TYR O 20 -48.36 -0.73 69.34
C TYR O 20 -46.89 -0.52 68.99
N VAL O 21 -46.53 -0.85 67.75
CA VAL O 21 -45.19 -0.65 67.23
C VAL O 21 -45.16 0.29 66.04
N ASP O 22 -46.26 0.96 65.76
CA ASP O 22 -46.31 1.91 64.66
C ASP O 22 -45.72 3.25 65.10
N GLU O 23 -45.65 4.19 64.15
CA GLU O 23 -45.05 5.49 64.44
C GLU O 23 -45.86 6.26 65.48
N GLY O 24 -47.19 6.20 65.40
CA GLY O 24 -48.01 6.88 66.39
C GLY O 24 -47.83 6.32 67.78
N SER O 25 -47.73 4.99 67.89
CA SER O 25 -47.53 4.38 69.19
C SER O 25 -46.19 4.75 69.80
N ARG O 26 -45.13 4.77 68.97
CA ARG O 26 -43.81 5.16 69.47
C ARG O 26 -43.80 6.61 69.94
N GLN O 27 -44.51 7.48 69.23
CA GLN O 27 -44.62 8.88 69.64
C GLN O 27 -45.30 8.99 70.99
N PHE O 28 -46.32 8.15 71.23
CA PHE O 28 -47.02 8.20 72.51
C PHE O 28 -46.11 7.82 73.67
N VAL O 29 -45.27 6.79 73.48
CA VAL O 29 -44.36 6.37 74.53
C VAL O 29 -43.35 7.47 74.83
N ALA O 30 -42.81 8.11 73.80
CA ALA O 30 -41.87 9.20 74.01
C ALA O 30 -42.53 10.39 74.68
N VAL O 31 -43.81 10.64 74.37
CA VAL O 31 -44.54 11.71 75.04
C VAL O 31 -44.72 11.37 76.52
N ALA O 32 -45.04 10.12 76.84
CA ALA O 32 -45.22 9.71 78.21
C ALA O 32 -43.93 9.86 79.00
N GLU O 33 -42.80 9.53 78.39
CA GLU O 33 -41.51 9.70 79.05
C GLU O 33 -41.23 11.18 79.33
N LEU O 34 -41.53 12.04 78.36
CA LEU O 34 -41.26 13.46 78.53
C LEU O 34 -42.14 14.07 79.62
N LEU O 35 -43.45 13.80 79.56
CA LEU O 35 -44.36 14.41 80.52
C LEU O 35 -44.18 13.85 81.92
N ALA O 36 -43.84 12.56 82.04
CA ALA O 36 -43.57 11.99 83.36
C ALA O 36 -42.32 12.58 83.98
N SER O 37 -41.30 12.85 83.16
CA SER O 37 -40.10 13.49 83.68
C SER O 37 -40.41 14.88 84.21
N LYS O 38 -41.26 15.63 83.52
CA LYS O 38 -41.65 16.94 84.02
C LYS O 38 -42.50 16.84 85.28
N LEU O 39 -43.21 15.72 85.44
CA LEU O 39 -43.97 15.51 86.67
C LEU O 39 -43.04 15.33 87.86
N ILE O 40 -41.92 14.61 87.66
CA ILE O 40 -40.98 14.39 88.75
C ILE O 40 -40.24 15.68 89.08
N ASP O 41 -39.99 16.52 88.07
CA ASP O 41 -39.31 17.79 88.31
C ASP O 41 -40.24 18.79 88.98
N SER O 42 -41.51 18.80 88.58
CA SER O 42 -42.46 19.74 89.14
C SER O 42 -42.77 19.42 90.61
N SER O 43 -42.80 18.13 90.96
CA SER O 43 -43.00 17.76 92.35
C SER O 43 -41.85 18.27 93.22
N ARG O 44 -40.62 18.19 92.71
CA ARG O 44 -39.48 18.73 93.44
C ARG O 44 -39.59 20.23 93.61
N GLU O 45 -40.01 20.93 92.55
CA GLU O 45 -40.17 22.38 92.63
C GLU O 45 -41.25 22.76 93.64
N SER O 46 -42.33 21.98 93.70
CA SER O 46 -43.39 22.24 94.67
C SER O 46 -42.95 21.96 96.10
N ASP O 47 -41.80 21.32 96.29
CA ASP O 47 -41.29 21.10 97.64
C ASP O 47 -40.33 22.21 98.05
N GLU O 48 -39.52 22.70 97.12
CA GLU O 48 -38.61 23.80 97.42
C GLU O 48 -39.40 25.08 97.71
N SER O 49 -40.36 25.41 96.85
CA SER O 49 -41.30 26.49 97.10
C SER O 49 -42.58 25.89 97.67
N ASN O 50 -43.05 26.46 98.78
CA ASN O 50 -44.20 25.89 99.48
C ASN O 50 -45.45 25.82 98.61
N SER O 51 -45.52 26.62 97.55
CA SER O 51 -46.69 26.59 96.68
C SER O 51 -46.83 25.24 96.00
N ASP O 52 -48.07 24.76 95.91
CA ASP O 52 -48.39 23.53 95.19
C ASP O 52 -48.76 23.79 93.74
N VAL O 53 -48.70 25.05 93.30
CA VAL O 53 -49.08 25.37 91.93
C VAL O 53 -48.24 24.64 90.88
N PRO O 54 -46.91 24.57 91.00
CA PRO O 54 -46.13 23.86 89.97
C PRO O 54 -46.55 22.42 89.78
N PHE O 55 -47.01 21.75 90.85
CA PHE O 55 -47.47 20.38 90.71
C PHE O 55 -48.80 20.30 89.97
N VAL O 56 -49.75 21.16 90.34
CA VAL O 56 -51.08 21.06 89.75
C VAL O 56 -51.05 21.43 88.28
N GLN O 57 -50.05 22.19 87.85
CA GLN O 57 -49.91 22.48 86.43
C GLN O 57 -49.38 21.28 85.67
N ALA O 58 -48.42 20.57 86.25
CA ALA O 58 -47.86 19.39 85.59
C ALA O 58 -48.87 18.26 85.56
N TYR O 59 -49.64 18.08 86.64
CA TYR O 59 -50.61 16.99 86.68
C TYR O 59 -51.72 17.22 85.66
N SER O 60 -52.17 18.47 85.52
CA SER O 60 -53.23 18.77 84.55
C SER O 60 -52.75 18.50 83.13
N LYS O 61 -51.51 18.86 82.82
CA LYS O 61 -50.97 18.56 81.50
C LYS O 61 -50.88 17.06 81.27
N PHE O 62 -50.46 16.31 82.29
CA PHE O 62 -50.31 14.86 82.15
C PHE O 62 -51.65 14.16 82.09
N ALA O 63 -52.58 14.53 82.97
CA ALA O 63 -53.82 13.79 83.14
C ALA O 63 -54.99 14.38 82.39
N ASP O 64 -54.90 15.64 81.94
CA ASP O 64 -56.00 16.34 81.30
C ASP O 64 -57.24 16.39 82.20
N ASP O 65 -57.01 16.43 83.51
CA ASP O 65 -58.08 16.52 84.49
C ASP O 65 -57.60 17.38 85.65
N ASN O 66 -58.48 18.23 86.13
CA ASN O 66 -58.12 19.13 87.23
C ASN O 66 -57.88 18.34 88.51
N PRO O 67 -56.81 18.62 89.24
CA PRO O 67 -56.57 17.93 90.51
C PRO O 67 -57.55 18.40 91.57
N ARG O 68 -58.30 17.46 92.13
CA ARG O 68 -59.31 17.74 93.13
C ARG O 68 -59.02 16.94 94.39
N HIS O 69 -59.28 17.54 95.55
CA HIS O 69 -59.20 16.79 96.79
C HIS O 69 -60.25 15.68 96.79
N LEU O 70 -60.08 14.73 97.70
CA LEU O 70 -60.94 13.55 97.77
C LEU O 70 -60.92 12.75 96.48
N ARG O 71 -59.77 12.74 95.79
CA ARG O 71 -59.60 11.92 94.60
C ARG O 71 -58.22 11.28 94.64
N VAL O 72 -58.10 10.12 93.99
CA VAL O 72 -56.93 9.27 94.17
C VAL O 72 -55.67 9.89 93.57
N LYS O 73 -55.81 10.71 92.53
CA LYS O 73 -54.68 11.27 91.79
C LYS O 73 -53.82 10.15 91.19
N THR O 74 -54.45 9.38 90.30
CA THR O 74 -53.81 8.21 89.72
C THR O 74 -52.96 8.56 88.50
N GLY O 75 -53.45 9.46 87.66
CA GLY O 75 -52.73 9.80 86.45
C GLY O 75 -53.65 10.01 85.26
N GLY O 76 -54.90 9.58 85.38
CA GLY O 76 -55.88 9.79 84.35
C GLY O 76 -55.85 8.76 83.24
N LYS O 77 -56.18 9.18 82.02
CA LYS O 77 -56.22 8.25 80.90
C LYS O 77 -54.82 7.89 80.44
N MET O 78 -53.86 8.78 80.60
CA MET O 78 -52.49 8.48 80.20
C MET O 78 -51.91 7.35 81.04
N ALA O 79 -52.19 7.34 82.34
CA ALA O 79 -51.72 6.25 83.20
C ALA O 79 -52.32 4.93 82.78
N ASN O 80 -53.61 4.92 82.47
CA ASN O 80 -54.26 3.68 82.03
C ASN O 80 -53.70 3.22 80.69
N ALA O 81 -53.47 4.15 79.76
CA ALA O 81 -52.94 3.78 78.46
C ALA O 81 -51.54 3.19 78.58
N LEU O 82 -50.68 3.80 79.41
CA LEU O 82 -49.33 3.30 79.56
C LEU O 82 -49.30 1.92 80.19
N THR O 83 -50.17 1.68 81.18
CA THR O 83 -50.22 0.38 81.83
C THR O 83 -50.65 -0.71 80.86
N ASN O 84 -51.69 -0.44 80.08
CA ASN O 84 -52.17 -1.45 79.13
C ASN O 84 -51.18 -1.65 77.99
N VAL O 85 -50.49 -0.59 77.60
CA VAL O 85 -49.47 -0.71 76.55
C VAL O 85 -48.32 -1.59 77.02
N ILE O 86 -47.88 -1.41 78.28
CA ILE O 86 -46.80 -2.21 78.82
C ILE O 86 -47.20 -3.68 78.88
N ARG O 87 -48.45 -3.95 79.24
CA ARG O 87 -48.93 -5.32 79.32
C ARG O 87 -48.87 -6.00 77.95
N SER O 88 -49.27 -5.27 76.90
CA SER O 88 -49.32 -5.87 75.57
C SER O 88 -47.93 -6.12 75.01
N TYR O 89 -46.95 -5.33 75.43
CA TYR O 89 -45.60 -5.46 74.87
C TYR O 89 -44.93 -6.74 75.32
N TYR O 90 -45.25 -7.24 76.52
CA TYR O 90 -44.52 -8.37 77.08
C TYR O 90 -44.82 -9.65 76.32
N SER O 91 -46.09 -9.95 76.08
CA SER O 91 -46.50 -11.23 75.53
C SER O 91 -47.47 -11.03 74.38
N ILE O 92 -47.51 -12.03 73.49
CA ILE O 92 -48.45 -12.03 72.39
C ILE O 92 -49.83 -12.49 72.81
N ASN O 93 -49.95 -13.07 74.00
CA ASN O 93 -51.25 -13.47 74.54
C ASN O 93 -51.91 -12.35 75.33
N ALA O 94 -51.21 -11.25 75.58
CA ALA O 94 -51.80 -10.13 76.30
C ALA O 94 -52.69 -9.31 75.37
N PRO O 95 -53.94 -9.06 75.73
CA PRO O 95 -54.84 -8.32 74.84
C PRO O 95 -54.40 -6.88 74.65
N ALA O 96 -54.68 -6.36 73.46
CA ALA O 96 -54.50 -4.94 73.15
C ALA O 96 -55.84 -4.25 73.40
N ILE O 97 -55.90 -3.46 74.46
CA ILE O 97 -57.15 -2.89 74.93
C ILE O 97 -57.28 -1.41 74.58
N VAL O 98 -56.19 -0.66 74.66
CA VAL O 98 -56.27 0.79 74.46
C VAL O 98 -56.62 1.09 73.01
N PRO O 99 -57.66 1.87 72.74
CA PRO O 99 -58.03 2.17 71.36
C PRO O 99 -56.97 3.00 70.65
N GLN O 100 -56.94 2.86 69.33
CA GLN O 100 -55.96 3.56 68.52
C GLN O 100 -56.16 5.07 68.60
N VAL O 101 -57.41 5.53 68.51
CA VAL O 101 -57.68 6.96 68.54
C VAL O 101 -57.26 7.58 69.86
N GLU O 102 -57.27 6.80 70.94
CA GLU O 102 -56.75 7.30 72.21
C GLU O 102 -55.23 7.47 72.15
N ILE O 103 -54.55 6.60 71.43
CA ILE O 103 -53.10 6.72 71.29
C ILE O 103 -52.74 7.99 70.53
N ASP O 104 -53.44 8.28 69.44
CA ASP O 104 -53.17 9.50 68.69
C ASP O 104 -53.57 10.74 69.48
N ARG O 105 -54.63 10.64 70.29
CA ARG O 105 -55.01 11.77 71.13
C ARG O 105 -53.92 12.11 72.13
N LEU O 106 -53.32 11.08 72.74
CA LEU O 106 -52.28 11.30 73.73
C LEU O 106 -50.91 11.56 73.10
N ALA O 107 -50.75 11.28 71.81
CA ALA O 107 -49.46 11.54 71.16
C ALA O 107 -49.25 13.03 70.90
N SER O 108 -50.32 13.78 70.69
CA SER O 108 -50.21 15.19 70.33
C SER O 108 -50.00 16.10 71.53
N LYS O 109 -49.90 15.54 72.74
CA LYS O 109 -49.73 16.37 73.92
C LYS O 109 -48.38 17.06 73.96
N ALA O 110 -47.35 16.47 73.36
CA ALA O 110 -46.02 17.04 73.33
C ALA O 110 -45.42 16.84 71.95
N THR O 111 -44.36 17.60 71.68
CA THR O 111 -43.67 17.55 70.38
C THR O 111 -42.38 16.75 70.53
N VAL O 112 -42.48 15.45 70.25
CA VAL O 112 -41.34 14.55 70.24
C VAL O 112 -41.40 13.67 69.00
N SER O 113 -40.24 13.15 68.61
CA SER O 113 -40.15 12.19 67.53
C SER O 113 -39.88 10.81 68.14
N GLY O 114 -40.68 9.83 67.73
CA GLY O 114 -40.54 8.49 68.27
C GLY O 114 -39.40 7.72 67.63
N ASP O 115 -38.26 8.37 67.43
CA ASP O 115 -37.10 7.71 66.84
C ASP O 115 -36.45 6.84 67.90
N MET O 116 -36.45 5.53 67.69
CA MET O 116 -35.92 4.58 68.65
C MET O 116 -34.57 4.01 68.22
N TYR O 117 -33.89 4.65 67.28
CA TYR O 117 -32.65 4.12 66.75
C TYR O 117 -31.56 5.18 66.57
N ASN O 118 -31.60 6.27 67.32
CA ASN O 118 -30.63 7.35 67.18
C ASN O 118 -29.51 7.29 68.21
N SER O 119 -29.43 6.22 68.98
CA SER O 119 -28.38 6.06 69.97
C SER O 119 -28.23 4.58 70.31
N TYR O 120 -27.40 4.28 71.29
CA TYR O 120 -27.14 2.90 71.68
C TYR O 120 -26.85 2.81 73.16
N ALA O 121 -26.97 1.60 73.69
CA ALA O 121 -26.62 1.31 75.07
C ALA O 121 -25.89 -0.03 75.12
N ILE O 122 -24.99 -0.16 76.08
CA ILE O 122 -24.18 -1.36 76.26
C ILE O 122 -24.86 -2.24 77.30
N PHE O 123 -25.14 -3.48 76.93
CA PHE O 123 -25.83 -4.43 77.80
C PHE O 123 -24.87 -5.53 78.23
N ASN O 124 -24.91 -5.87 79.52
CA ASN O 124 -23.85 -6.63 80.16
C ASN O 124 -24.16 -8.12 80.35
N SER O 125 -25.30 -8.60 79.86
CA SER O 125 -25.61 -10.01 80.02
C SER O 125 -24.69 -10.86 79.17
N VAL O 126 -24.21 -11.97 79.75
CA VAL O 126 -23.24 -12.84 79.09
C VAL O 126 -23.99 -14.01 78.46
N PRO O 127 -23.98 -14.13 77.14
CA PRO O 127 -24.71 -15.23 76.43
C PRO O 127 -23.90 -16.51 76.22
N ILE O 128 -23.81 -17.32 77.26
CA ILE O 128 -23.17 -18.63 77.12
C ILE O 128 -24.20 -19.58 76.52
N VAL O 129 -24.14 -19.76 75.19
CA VAL O 129 -25.16 -20.54 74.49
C VAL O 129 -25.04 -22.01 74.87
N GLU O 130 -23.84 -22.56 74.83
CA GLU O 130 -23.65 -23.95 75.20
C GLU O 130 -22.20 -24.17 75.63
N VAL O 131 -22.02 -25.12 76.54
CA VAL O 131 -20.70 -25.56 76.97
C VAL O 131 -20.70 -27.09 76.95
N LEU O 132 -19.83 -27.67 76.14
CA LEU O 132 -19.77 -29.10 75.92
C LEU O 132 -18.57 -29.68 76.65
N SER O 133 -18.80 -30.76 77.40
CA SER O 133 -17.74 -31.38 78.20
C SER O 133 -17.70 -32.87 77.95
N PRO O 134 -16.52 -33.49 78.08
CA PRO O 134 -16.42 -34.95 77.94
C PRO O 134 -17.10 -35.70 79.07
N ALA O 135 -16.99 -37.03 79.05
CA ALA O 135 -17.74 -37.86 79.99
C ALA O 135 -17.29 -37.65 81.43
N ARG O 136 -15.98 -37.56 81.65
CA ARG O 136 -15.44 -37.55 83.00
C ARG O 136 -15.50 -36.18 83.68
N THR O 137 -15.92 -35.13 82.96
CA THR O 137 -15.89 -33.77 83.50
C THR O 137 -17.30 -33.29 83.83
N THR O 138 -17.38 -32.42 84.83
CA THR O 138 -18.62 -31.80 85.26
C THR O 138 -18.51 -30.30 85.13
N VAL O 139 -19.53 -29.66 84.57
CA VAL O 139 -19.54 -28.22 84.31
C VAL O 139 -20.85 -27.63 84.80
N SER O 140 -20.76 -26.53 85.54
CA SER O 140 -21.93 -25.80 86.03
C SER O 140 -21.77 -24.31 85.76
N ILE O 141 -22.86 -23.65 85.41
CA ILE O 141 -22.86 -22.24 85.05
C ILE O 141 -23.78 -21.49 86.00
N VAL O 142 -23.26 -20.44 86.63
CA VAL O 142 -24.01 -19.62 87.57
C VAL O 142 -23.82 -18.15 87.20
N GLY O 143 -24.91 -17.41 87.14
CA GLY O 143 -24.85 -15.97 86.97
C GLY O 143 -25.29 -15.52 85.60
N SER O 144 -25.71 -14.26 85.53
CA SER O 144 -26.11 -13.61 84.30
C SER O 144 -25.30 -12.37 83.97
N ASP O 145 -25.03 -11.51 84.96
CA ASP O 145 -24.15 -10.37 84.74
C ASP O 145 -22.69 -10.79 84.67
N ARG O 146 -22.28 -11.68 85.57
CA ARG O 146 -20.95 -12.29 85.53
C ARG O 146 -21.13 -13.79 85.69
N ALA O 147 -20.69 -14.56 84.70
CA ALA O 147 -20.93 -15.99 84.66
C ALA O 147 -19.71 -16.72 85.21
N ASP O 148 -19.93 -17.54 86.23
CA ASP O 148 -18.89 -18.40 86.78
C ASP O 148 -19.11 -19.81 86.26
N VAL O 149 -18.16 -20.32 85.49
CA VAL O 149 -18.20 -21.67 84.96
C VAL O 149 -17.20 -22.50 85.75
N THR O 150 -17.71 -23.49 86.49
CA THR O 150 -16.88 -24.33 87.34
C THR O 150 -16.73 -25.70 86.70
N MET O 151 -15.49 -26.15 86.55
CA MET O 151 -15.18 -27.40 85.88
C MET O 151 -14.34 -28.29 86.78
N LEU O 152 -14.67 -29.58 86.80
CA LEU O 152 -13.90 -30.58 87.52
C LEU O 152 -13.55 -31.73 86.58
N ASN O 153 -12.28 -32.11 86.56
CA ASN O 153 -11.82 -33.25 85.77
C ASN O 153 -11.56 -34.41 86.73
N THR O 154 -12.53 -35.32 86.84
CA THR O 154 -12.43 -36.45 87.75
C THR O 154 -11.79 -37.67 87.11
N GLY O 155 -11.50 -37.62 85.82
CA GLY O 155 -10.87 -38.74 85.12
C GLY O 155 -9.47 -38.37 84.67
N ALA O 156 -8.60 -39.37 84.60
CA ALA O 156 -7.21 -39.14 84.22
C ALA O 156 -7.13 -38.64 82.78
N GLY O 157 -6.21 -37.70 82.55
CA GLY O 157 -6.04 -37.13 81.23
C GLY O 157 -6.67 -35.75 81.09
N ALA O 158 -5.96 -34.84 80.44
CA ALA O 158 -6.47 -33.50 80.24
C ALA O 158 -7.66 -33.52 79.27
N ALA O 159 -8.71 -32.80 79.63
CA ALA O 159 -9.93 -32.76 78.83
C ALA O 159 -10.05 -31.40 78.14
N ASN O 160 -10.82 -31.40 77.05
CA ASN O 160 -11.07 -30.20 76.27
C ASN O 160 -12.56 -29.84 76.37
N ILE O 161 -12.83 -28.58 76.70
CA ILE O 161 -14.19 -28.08 76.83
C ILE O 161 -14.42 -26.99 75.79
N THR O 162 -15.56 -27.06 75.12
CA THR O 162 -15.90 -26.15 74.04
C THR O 162 -16.85 -25.07 74.53
N PHE O 163 -16.53 -23.82 74.23
CA PHE O 163 -17.33 -22.67 74.60
C PHE O 163 -17.93 -22.05 73.35
N ASN O 164 -19.25 -21.84 73.37
CA ASN O 164 -19.96 -21.20 72.26
C ASN O 164 -20.71 -20.00 72.82
N PHE O 165 -20.22 -18.80 72.51
CA PHE O 165 -20.77 -17.57 73.05
C PHE O 165 -21.76 -16.90 72.10
N GLY O 166 -22.13 -17.56 71.01
CA GLY O 166 -23.04 -16.97 70.05
C GLY O 166 -22.34 -16.00 69.11
N GLN O 167 -23.16 -15.27 68.37
CA GLN O 167 -22.67 -14.31 67.40
C GLN O 167 -23.18 -12.89 67.64
N ILE O 168 -23.97 -12.67 68.69
CA ILE O 168 -24.55 -11.36 68.94
C ILE O 168 -23.65 -10.51 69.83
N ALA O 169 -23.02 -11.12 70.83
CA ALA O 169 -22.17 -10.37 71.74
C ALA O 169 -20.97 -9.79 71.00
N GLU O 170 -20.54 -8.60 71.43
CA GLU O 170 -19.45 -7.92 70.74
C GLU O 170 -18.10 -8.34 71.30
N THR O 171 -17.92 -8.25 72.61
CA THR O 171 -16.67 -8.64 73.25
C THR O 171 -16.97 -9.51 74.47
N VAL O 172 -16.07 -10.44 74.75
CA VAL O 172 -16.15 -11.30 75.92
C VAL O 172 -14.78 -11.36 76.57
N ILE O 173 -14.74 -11.11 77.88
CA ILE O 173 -13.51 -11.14 78.65
C ILE O 173 -13.61 -12.27 79.65
N LEU O 174 -12.65 -13.19 79.61
CA LEU O 174 -12.61 -14.34 80.50
C LEU O 174 -11.48 -14.18 81.50
N LYS O 175 -11.77 -14.45 82.76
CA LYS O 175 -10.78 -14.46 83.83
C LYS O 175 -10.90 -15.75 84.62
N GLY O 176 -9.77 -16.33 84.98
CA GLY O 176 -9.74 -17.62 85.63
C GLY O 176 -9.16 -17.52 87.03
N SER O 177 -9.57 -18.46 87.89
CA SER O 177 -9.00 -18.54 89.23
C SER O 177 -7.52 -18.86 89.16
N VAL O 178 -7.13 -19.74 88.25
CA VAL O 178 -5.73 -20.06 87.99
C VAL O 178 -5.49 -19.91 86.49
N PRO O 179 -4.24 -19.67 86.09
CA PRO O 179 -3.97 -19.54 84.65
C PRO O 179 -4.36 -20.81 83.90
N PHE O 180 -4.91 -20.61 82.70
CA PHE O 180 -5.45 -21.68 81.89
C PHE O 180 -5.18 -21.37 80.42
N GLN O 181 -5.38 -22.38 79.57
CA GLN O 181 -5.11 -22.28 78.15
C GLN O 181 -6.41 -22.30 77.37
N LEU O 182 -6.56 -21.35 76.44
CA LEU O 182 -7.72 -21.25 75.57
C LEU O 182 -7.27 -20.89 74.17
N ALA O 183 -7.86 -21.53 73.17
CA ALA O 183 -7.54 -21.23 71.79
C ALA O 183 -8.74 -21.56 70.92
N ARG O 184 -8.76 -20.98 69.72
CA ARG O 184 -9.80 -21.29 68.76
C ARG O 184 -9.63 -22.69 68.20
N LEU O 185 -10.64 -23.16 67.48
CA LEU O 185 -10.60 -24.48 66.88
C LEU O 185 -9.51 -24.54 65.81
N ASN O 186 -8.77 -25.65 65.81
CA ASN O 186 -7.67 -25.87 64.87
C ASN O 186 -6.63 -24.76 64.95
N GLN O 187 -6.29 -24.35 66.17
CA GLN O 187 -5.33 -23.31 66.44
C GLN O 187 -4.41 -23.82 67.53
N PRO O 188 -3.11 -23.46 67.50
CA PRO O 188 -2.22 -23.94 68.56
C PRO O 188 -2.49 -23.23 69.88
N MET O 189 -2.24 -23.95 70.95
CA MET O 189 -2.69 -23.55 72.28
C MET O 189 -1.59 -22.79 73.01
N PRO O 190 -1.86 -21.59 73.50
CA PRO O 190 -0.81 -20.73 74.06
C PRO O 190 -0.52 -21.11 75.50
N ALA O 191 0.40 -20.36 76.10
CA ALA O 191 0.77 -20.57 77.49
C ALA O 191 -0.36 -20.13 78.42
N ALA O 192 -0.33 -20.66 79.64
CA ALA O 192 -1.37 -20.35 80.61
C ALA O 192 -1.37 -18.88 80.94
N ARG O 193 -2.57 -18.28 80.97
CA ARG O 193 -2.72 -16.85 81.17
C ARG O 193 -4.03 -16.59 81.90
N PHE O 194 -4.00 -15.61 82.80
CA PHE O 194 -5.16 -15.34 83.65
C PHE O 194 -6.36 -14.87 82.85
N THR O 195 -6.16 -13.97 81.89
CA THR O 195 -7.27 -13.30 81.24
C THR O 195 -7.18 -13.43 79.72
N TYR O 196 -8.34 -13.50 79.09
CA TYR O 196 -8.46 -13.56 77.63
C TYR O 196 -9.52 -12.56 77.18
N LYS O 197 -9.27 -11.93 76.04
CA LYS O 197 -10.26 -11.09 75.37
C LYS O 197 -10.61 -11.73 74.03
N LEU O 198 -11.89 -11.98 73.82
CA LEU O 198 -12.33 -12.78 72.69
C LEU O 198 -13.45 -12.09 71.93
N ARG O 199 -13.50 -12.35 70.63
CA ARG O 199 -14.62 -11.98 69.79
C ARG O 199 -15.51 -13.20 69.62
N PRO O 200 -16.78 -13.15 70.01
CA PRO O 200 -17.62 -14.35 69.92
C PRO O 200 -17.77 -14.89 68.51
N LEU O 201 -17.59 -14.05 67.49
CA LEU O 201 -17.66 -14.52 66.11
C LEU O 201 -16.45 -15.36 65.71
N ASP O 202 -15.38 -15.34 66.51
CA ASP O 202 -14.17 -16.06 66.14
C ASP O 202 -14.39 -17.57 66.12
N GLY O 203 -15.46 -18.05 66.75
CA GLY O 203 -15.81 -19.44 66.70
C GLY O 203 -15.81 -20.08 68.06
N PRO O 204 -16.06 -21.40 68.11
CA PRO O 204 -15.96 -22.11 69.38
C PRO O 204 -14.56 -22.02 69.96
N PHE O 205 -14.48 -21.95 71.28
CA PHE O 205 -13.21 -21.83 71.98
C PHE O 205 -12.98 -23.08 72.83
N ILE O 206 -11.76 -23.62 72.76
CA ILE O 206 -11.40 -24.83 73.46
C ILE O 206 -10.52 -24.47 74.64
N VAL O 207 -10.84 -25.01 75.81
CA VAL O 207 -10.09 -24.76 77.03
C VAL O 207 -9.62 -26.09 77.61
N VAL O 208 -8.35 -26.16 77.99
CA VAL O 208 -7.76 -27.36 78.57
C VAL O 208 -8.01 -27.36 80.07
N LEU O 209 -8.52 -28.46 80.59
CA LEU O 209 -8.78 -28.61 82.01
C LEU O 209 -7.89 -29.70 82.58
N PRO O 210 -6.78 -29.35 83.23
CA PRO O 210 -5.90 -30.38 83.80
C PRO O 210 -6.54 -31.02 85.03
N VAL O 211 -6.05 -32.20 85.35
CA VAL O 211 -6.56 -32.96 86.48
C VAL O 211 -6.11 -32.31 87.78
N GLY O 212 -7.04 -32.17 88.72
CA GLY O 212 -6.71 -31.60 90.00
C GLY O 212 -7.78 -30.71 90.58
N ASN O 213 -7.39 -29.53 91.06
CA ASN O 213 -8.32 -28.60 91.67
C ASN O 213 -9.26 -28.03 90.61
N PRO O 214 -10.48 -27.65 90.99
CA PRO O 214 -11.42 -27.08 90.02
C PRO O 214 -10.91 -25.78 89.44
N LEU O 215 -11.28 -25.53 88.19
CA LEU O 215 -10.99 -24.27 87.51
C LEU O 215 -12.29 -23.51 87.31
N VAL O 216 -12.33 -22.27 87.80
CA VAL O 216 -13.51 -21.42 87.70
C VAL O 216 -13.17 -20.26 86.77
N ILE O 217 -14.01 -20.08 85.75
CA ILE O 217 -13.80 -19.05 84.74
C ILE O 217 -14.91 -18.02 84.89
N SER O 218 -14.53 -16.76 85.07
CA SER O 218 -15.48 -15.67 85.17
C SER O 218 -15.60 -15.01 83.80
N ALA O 219 -16.83 -14.84 83.33
CA ALA O 219 -17.10 -14.31 82.00
C ALA O 219 -17.89 -13.02 82.10
N THR O 220 -17.39 -11.98 81.46
CA THR O 220 -18.10 -10.71 81.33
C THR O 220 -18.22 -10.37 79.85
N ALA O 221 -19.42 -10.00 79.42
CA ALA O 221 -19.69 -9.71 78.03
C ALA O 221 -20.38 -8.35 77.90
N ALA O 222 -20.24 -7.76 76.72
CA ALA O 222 -20.87 -6.48 76.42
C ALA O 222 -21.44 -6.52 75.01
N THR O 223 -22.72 -6.19 74.89
CA THR O 223 -23.40 -6.12 73.60
C THR O 223 -24.05 -4.76 73.44
N ARG O 224 -24.14 -4.31 72.20
CA ARG O 224 -24.62 -2.98 71.87
C ARG O 224 -25.95 -3.08 71.14
N ILE O 225 -26.96 -2.36 71.66
CA ILE O 225 -28.31 -2.38 71.13
C ILE O 225 -28.76 -0.94 70.90
N GLN O 226 -29.41 -0.70 69.77
CA GLN O 226 -29.85 0.64 69.41
C GLN O 226 -31.04 1.07 70.25
N VAL O 227 -30.94 2.23 70.88
CA VAL O 227 -31.98 2.77 71.75
C VAL O 227 -32.13 4.26 71.49
N PRO O 228 -33.26 4.84 71.86
CA PRO O 228 -33.41 6.30 71.76
C PRO O 228 -32.47 7.03 72.70
N LEU O 229 -32.34 8.33 72.47
CA LEU O 229 -31.44 9.15 73.27
C LEU O 229 -31.91 9.23 74.72
N ALA O 230 -33.21 9.26 74.95
CA ALA O 230 -33.76 9.39 76.28
C ALA O 230 -33.57 8.13 77.13
N PHE O 231 -33.11 7.04 76.54
CA PHE O 231 -32.94 5.79 77.27
C PHE O 231 -31.97 5.97 78.42
N ASN O 232 -32.43 5.65 79.64
CA ASN O 232 -31.60 5.67 80.83
C ASN O 232 -31.68 4.30 81.48
N LYS O 233 -30.53 3.64 81.61
CA LYS O 233 -30.53 2.26 82.11
C LYS O 233 -30.98 2.19 83.56
N ALA O 234 -30.60 3.17 84.38
CA ALA O 234 -30.97 3.15 85.79
C ALA O 234 -32.48 3.24 85.96
N LEU O 235 -33.13 4.13 85.21
CA LEU O 235 -34.57 4.28 85.32
C LEU O 235 -35.30 3.08 84.74
N VAL O 236 -34.80 2.54 83.62
CA VAL O 236 -35.46 1.40 82.98
C VAL O 236 -35.45 0.19 83.89
N GLU O 237 -34.32 -0.08 84.54
CA GLU O 237 -34.22 -1.23 85.43
C GLU O 237 -35.18 -1.08 86.61
N SER O 238 -35.29 0.12 87.17
CA SER O 238 -36.22 0.33 88.26
C SER O 238 -37.67 0.15 87.79
N GLY O 239 -37.97 0.60 86.58
CA GLY O 239 -39.31 0.42 86.05
C GLY O 239 -39.65 -1.05 85.81
N PHE O 240 -38.64 -1.85 85.45
CA PHE O 240 -38.88 -3.26 85.18
C PHE O 240 -39.33 -3.99 86.45
N GLN O 241 -38.68 -3.69 87.58
CA GLN O 241 -39.05 -4.35 88.82
C GLN O 241 -40.38 -3.82 89.35
N THR O 242 -40.69 -2.55 89.09
CA THR O 242 -41.97 -2.00 89.50
C THR O 242 -43.10 -2.66 88.74
N ALA O 243 -42.94 -2.84 87.43
CA ALA O 243 -43.99 -3.48 86.64
C ALA O 243 -44.18 -4.93 87.05
N MET O 244 -43.07 -5.62 87.36
CA MET O 244 -43.16 -7.01 87.75
C MET O 244 -43.90 -7.18 89.08
N ASN O 245 -43.65 -6.28 90.04
CA ASN O 245 -44.28 -6.40 91.35
C ASN O 245 -45.77 -6.09 91.28
N ASP O 246 -46.16 -5.15 90.42
CA ASP O 246 -47.57 -4.78 90.29
C ASP O 246 -48.38 -5.76 89.45
N GLY O 247 -47.75 -6.81 88.93
CA GLY O 247 -48.49 -7.81 88.19
C GLY O 247 -48.75 -7.46 86.74
N LEU O 248 -47.97 -6.56 86.15
CA LEU O 248 -48.16 -6.20 84.76
C LEU O 248 -47.66 -7.26 83.79
N PHE O 249 -46.88 -8.23 84.27
CA PHE O 249 -46.35 -9.29 83.41
C PHE O 249 -46.93 -10.65 83.75
N ASP O 250 -47.97 -10.71 84.60
CA ASP O 250 -48.56 -11.97 85.02
C ASP O 250 -49.53 -12.45 83.96
N ILE O 251 -48.99 -13.13 82.95
CA ILE O 251 -49.77 -13.76 81.89
C ILE O 251 -49.45 -15.24 81.89
N GLN O 252 -50.20 -16.00 81.09
CA GLN O 252 -50.01 -17.43 81.00
C GLN O 252 -48.96 -17.76 79.95
N ASN O 253 -48.09 -18.73 80.28
CA ASN O 253 -47.06 -19.23 79.37
C ASN O 253 -46.09 -18.13 78.97
N VAL O 254 -45.46 -17.52 79.98
CA VAL O 254 -44.45 -16.50 79.77
C VAL O 254 -43.25 -16.81 80.65
N ASN O 255 -42.11 -16.24 80.27
CA ASN O 255 -40.85 -16.45 80.97
C ASN O 255 -40.48 -15.19 81.75
N TYR O 256 -40.02 -15.37 82.98
CA TYR O 256 -39.70 -14.27 83.88
C TYR O 256 -38.19 -14.13 84.03
N TYR O 257 -37.73 -12.89 84.09
CA TYR O 257 -36.32 -12.57 84.18
C TYR O 257 -36.08 -11.63 85.35
N SER O 258 -34.84 -11.63 85.85
CA SER O 258 -34.46 -10.84 87.01
C SER O 258 -34.01 -9.44 86.67
N SER O 259 -33.85 -9.12 85.38
CA SER O 259 -33.44 -7.77 84.99
C SER O 259 -33.80 -7.55 83.53
N PHE O 260 -33.90 -6.28 83.16
CA PHE O 260 -34.16 -5.94 81.76
C PHE O 260 -32.97 -6.29 80.88
N ASP O 261 -31.77 -6.37 81.46
CA ASP O 261 -30.61 -6.82 80.73
C ASP O 261 -30.80 -8.25 80.21
N GLU O 262 -31.31 -9.12 81.09
CA GLU O 262 -31.52 -10.52 80.69
C GLU O 262 -32.66 -10.63 79.68
N PHE O 263 -33.70 -9.81 79.84
CA PHE O 263 -34.85 -9.89 78.96
C PHE O 263 -34.48 -9.56 77.53
N ILE O 264 -33.72 -8.48 77.33
CA ILE O 264 -33.44 -8.02 75.97
C ILE O 264 -32.42 -8.92 75.30
N ILE O 265 -31.45 -9.43 76.05
CA ILE O 265 -30.44 -10.29 75.46
C ILE O 265 -31.04 -11.64 75.08
N SER O 266 -31.94 -12.17 75.92
CA SER O 266 -32.58 -13.43 75.60
C SER O 266 -33.39 -13.35 74.31
N GLN O 267 -34.12 -12.25 74.13
CA GLN O 267 -34.92 -12.08 72.91
C GLN O 267 -34.03 -11.85 71.70
N TYR O 268 -32.85 -11.25 71.90
CA TYR O 268 -31.93 -11.04 70.79
C TYR O 268 -31.46 -12.36 70.22
N HIS O 269 -31.36 -13.39 71.06
CA HIS O 269 -30.83 -14.67 70.65
C HIS O 269 -31.90 -15.62 70.12
N ALA O 270 -33.16 -15.19 70.06
CA ALA O 270 -34.20 -16.00 69.44
C ALA O 270 -34.00 -16.05 67.93
N GLN O 271 -34.88 -16.76 67.24
CA GLN O 271 -34.75 -16.90 65.80
C GLN O 271 -34.90 -15.55 65.10
N ASP O 272 -35.96 -14.82 65.42
CA ASP O 272 -36.16 -13.47 64.90
C ASP O 272 -35.67 -12.43 65.90
N GLY O 273 -34.37 -12.46 66.16
CA GLY O 273 -33.80 -11.59 67.18
C GLY O 273 -33.85 -10.13 66.81
N ILE O 274 -33.64 -9.82 65.52
CA ILE O 274 -33.64 -8.43 65.08
C ILE O 274 -35.03 -7.81 65.25
N ASN O 275 -36.08 -8.57 64.92
CA ASN O 275 -37.43 -8.03 65.05
C ASN O 275 -37.84 -7.87 66.51
N ARG O 276 -37.41 -8.77 67.39
CA ARG O 276 -37.85 -8.73 68.78
C ARG O 276 -37.21 -7.58 69.55
N VAL O 277 -35.94 -7.26 69.29
CA VAL O 277 -35.27 -6.23 70.07
C VAL O 277 -35.88 -4.85 69.81
N SER O 278 -36.47 -4.65 68.64
CA SER O 278 -37.15 -3.39 68.37
C SER O 278 -38.32 -3.18 69.32
N THR O 279 -39.10 -4.24 69.54
CA THR O 279 -40.22 -4.14 70.48
C THR O 279 -39.73 -3.99 71.91
N CYS O 280 -38.64 -4.69 72.26
CA CYS O 280 -38.14 -4.64 73.63
C CYS O 280 -37.61 -3.26 73.98
N VAL O 281 -37.05 -2.55 73.00
CA VAL O 281 -36.55 -1.20 73.24
C VAL O 281 -37.71 -0.26 73.60
N ILE O 282 -38.82 -0.38 72.89
CA ILE O 282 -39.99 0.46 73.19
C ILE O 282 -40.54 0.13 74.57
N LEU O 283 -40.47 -1.14 74.96
CA LEU O 283 -40.89 -1.51 76.31
C LEU O 283 -39.99 -0.85 77.36
N GLY O 284 -38.70 -0.74 77.06
CA GLY O 284 -37.80 -0.09 78.01
C GLY O 284 -38.13 1.37 78.23
N LEU O 285 -38.39 2.11 77.15
CA LEU O 285 -38.80 3.49 77.27
C LEU O 285 -40.15 3.60 77.97
N ALA O 286 -41.06 2.67 77.68
CA ALA O 286 -42.33 2.63 78.39
C ALA O 286 -42.13 2.36 79.87
N LEU O 287 -41.21 1.46 80.21
CA LEU O 287 -40.92 1.18 81.61
C LEU O 287 -40.23 2.36 82.27
N GLN O 288 -39.46 3.13 81.51
CA GLN O 288 -38.86 4.35 82.06
C GLN O 288 -39.94 5.36 82.46
N ALA O 289 -40.95 5.53 81.62
CA ALA O 289 -42.04 6.44 81.95
C ALA O 289 -42.86 5.92 83.12
N TYR O 290 -43.03 4.60 83.19
CA TYR O 290 -43.80 4.01 84.29
C TYR O 290 -43.11 4.27 85.62
N ASP O 291 -41.78 4.15 85.66
CA ASP O 291 -41.05 4.34 86.91
C ASP O 291 -41.18 5.78 87.39
N GLN O 292 -41.08 6.74 86.49
CA GLN O 292 -41.13 8.14 86.88
C GLN O 292 -42.53 8.55 87.31
N MET O 293 -43.55 8.07 86.57
CA MET O 293 -44.92 8.43 86.92
C MET O 293 -45.34 7.83 88.25
N ARG O 294 -45.02 6.55 88.47
CA ARG O 294 -45.43 5.90 89.71
C ARG O 294 -44.71 6.46 90.92
N ARG O 295 -43.43 6.84 90.76
CA ARG O 295 -42.72 7.47 91.87
C ARG O 295 -43.33 8.82 92.21
N ALA O 296 -43.75 9.58 91.20
CA ALA O 296 -44.43 10.84 91.46
C ALA O 296 -45.81 10.62 92.09
N LEU O 297 -46.53 9.60 91.64
CA LEU O 297 -47.89 9.34 92.09
C LEU O 297 -47.99 7.89 92.56
N PRO O 298 -47.55 7.60 93.77
CA PRO O 298 -47.62 6.23 94.28
C PRO O 298 -49.07 5.80 94.48
N VAL O 299 -49.30 4.50 94.32
CA VAL O 299 -50.63 3.93 94.49
C VAL O 299 -50.58 2.75 95.46
N MET P 1 -6.88 13.59 -12.12
CA MET P 1 -7.62 14.53 -11.29
C MET P 1 -8.79 15.12 -12.05
N ASP P 2 -8.56 15.46 -13.32
CA ASP P 2 -9.64 15.99 -14.15
C ASP P 2 -10.69 14.92 -14.43
N VAL P 3 -10.25 13.69 -14.67
CA VAL P 3 -11.19 12.61 -14.97
C VAL P 3 -12.02 12.27 -13.74
N LEU P 4 -11.41 12.30 -12.55
CA LEU P 4 -12.11 11.95 -11.32
C LEU P 4 -13.10 13.01 -10.88
N SER P 5 -13.06 14.21 -11.46
CA SER P 5 -13.96 15.28 -11.08
C SER P 5 -15.29 15.23 -11.83
N LYS P 6 -15.41 14.41 -12.86
CA LYS P 6 -16.63 14.36 -13.64
C LYS P 6 -17.75 13.72 -12.83
N GLY P 7 -18.90 14.37 -12.78
CA GLY P 7 -19.97 13.93 -11.91
C GLY P 7 -21.18 13.36 -12.62
N SER P 8 -21.23 13.48 -13.93
CA SER P 8 -22.35 13.02 -14.72
C SER P 8 -21.87 12.18 -15.89
N LEU P 9 -22.79 11.43 -16.48
CA LEU P 9 -22.46 10.65 -17.67
C LEU P 9 -22.07 11.56 -18.82
N LYS P 10 -22.72 12.71 -18.94
CA LYS P 10 -22.42 13.64 -20.02
C LYS P 10 -20.98 14.15 -19.90
N GLU P 11 -20.62 14.66 -18.73
CA GLU P 11 -19.28 15.21 -18.54
C GLU P 11 -18.20 14.15 -18.68
N LEU P 12 -18.43 12.97 -18.09
CA LEU P 12 -17.44 11.90 -18.17
C LEU P 12 -17.22 11.45 -19.60
N LEU P 13 -18.31 11.26 -20.36
CA LEU P 13 -18.17 10.82 -21.74
C LEU P 13 -17.58 11.92 -22.62
N ALA P 14 -17.93 13.18 -22.36
CA ALA P 14 -17.34 14.28 -23.11
C ALA P 14 -15.84 14.37 -22.87
N HIS P 15 -15.41 14.15 -21.63
CA HIS P 15 -13.97 14.20 -21.33
C HIS P 15 -13.22 13.08 -22.02
N LEU P 16 -13.82 11.88 -22.07
CA LEU P 16 -13.15 10.76 -22.71
C LEU P 16 -13.02 10.95 -24.21
N GLU P 17 -13.97 11.66 -24.82
CA GLU P 17 -13.88 11.95 -26.24
C GLU P 17 -12.75 12.93 -26.54
N LYS P 18 -12.54 13.90 -25.66
CA LYS P 18 -11.50 14.91 -25.89
C LYS P 18 -10.11 14.35 -25.61
N THR P 19 -9.95 13.59 -24.53
CA THR P 19 -8.62 13.15 -24.14
C THR P 19 -8.12 12.02 -25.05
N PRO P 20 -6.81 11.97 -25.31
CA PRO P 20 -6.26 10.86 -26.10
C PRO P 20 -5.87 9.66 -25.25
N LEU P 21 -5.41 8.59 -25.90
CA LEU P 21 -5.08 7.36 -25.18
C LEU P 21 -3.78 7.47 -24.40
N GLU P 22 -2.89 8.38 -24.79
CA GLU P 22 -1.62 8.50 -24.09
C GLU P 22 -1.78 8.93 -22.64
N GLU P 23 -2.88 9.62 -22.32
CA GLU P 23 -3.15 9.95 -20.93
C GLU P 23 -3.46 8.71 -20.11
N ALA P 24 -4.05 7.68 -20.73
CA ALA P 24 -4.39 6.47 -20.00
C ALA P 24 -3.16 5.66 -19.64
N ILE P 25 -2.12 5.70 -20.47
CA ILE P 25 -0.90 4.97 -20.19
C ILE P 25 0.09 5.89 -19.49
N SER P 26 1.04 5.28 -18.80
CA SER P 26 2.07 6.01 -18.09
C SER P 26 3.44 5.50 -18.50
N TYR P 27 4.42 6.39 -18.48
CA TYR P 27 5.78 6.06 -18.90
C TYR P 27 6.72 5.87 -17.72
N ARG P 28 6.19 5.71 -16.51
CA ARG P 28 6.98 5.40 -15.34
C ARG P 28 6.85 3.92 -15.02
N ILE P 29 7.98 3.27 -14.74
CA ILE P 29 7.99 1.81 -14.64
C ILE P 29 7.20 1.32 -13.43
N GLY P 30 7.26 2.06 -12.32
CA GLY P 30 6.50 1.65 -11.16
C GLY P 30 7.00 0.32 -10.57
N THR P 31 6.08 -0.36 -9.92
CA THR P 31 6.32 -1.69 -9.35
C THR P 31 5.29 -2.67 -9.91
N VAL P 32 5.29 -3.88 -9.38
CA VAL P 32 4.36 -4.91 -9.84
C VAL P 32 3.20 -5.03 -8.87
N PRO P 33 2.01 -5.42 -9.32
CA PRO P 33 0.86 -5.52 -8.41
C PRO P 33 0.76 -6.87 -7.71
N TYR P 34 -0.25 -7.01 -6.85
CA TYR P 34 -0.52 -8.26 -6.12
C TYR P 34 0.68 -8.70 -5.31
N GLN P 35 1.34 -7.75 -4.66
CA GLN P 35 2.53 -8.00 -3.86
C GLN P 35 2.30 -7.51 -2.44
N ASN P 36 2.55 -8.37 -1.46
CA ASN P 36 2.40 -8.01 -0.06
C ASN P 36 3.59 -7.14 0.36
N VAL P 37 3.30 -5.95 0.86
CA VAL P 37 4.33 -4.98 1.17
C VAL P 37 4.13 -4.41 2.57
N LEU P 38 5.21 -3.88 3.12
CA LEU P 38 5.19 -3.20 4.42
C LEU P 38 5.49 -1.72 4.16
N ILE P 39 4.51 -0.86 4.41
CA ILE P 39 4.66 0.56 4.17
C ILE P 39 4.74 1.29 5.52
N SER P 40 5.24 2.52 5.47
CA SER P 40 5.47 3.32 6.67
C SER P 40 4.34 4.32 6.85
N ARG P 41 3.62 4.21 7.97
CA ARG P 41 2.53 5.10 8.33
C ARG P 41 2.80 5.57 9.75
N ASN P 42 3.61 6.63 9.87
CA ASN P 42 4.15 7.05 11.16
C ASN P 42 3.18 7.90 11.97
N GLU P 43 2.22 8.55 11.33
CA GLU P 43 1.23 9.30 12.08
C GLU P 43 0.38 8.41 12.98
N TYR P 44 0.25 7.14 12.63
CA TYR P 44 -0.57 6.18 13.37
C TYR P 44 0.25 5.17 14.15
N TYR P 45 1.23 4.52 13.52
CA TYR P 45 1.98 3.45 14.14
C TYR P 45 3.47 3.68 14.00
N ASN P 46 4.24 3.03 14.89
CA ASN P 46 5.69 3.03 14.80
C ASN P 46 6.21 1.92 13.91
N GLN P 47 5.56 0.77 13.92
CA GLN P 47 5.93 -0.34 13.05
C GLN P 47 5.49 -0.05 11.62
N LEU P 48 5.75 -1.01 10.74
CA LEU P 48 5.41 -0.88 9.34
C LEU P 48 4.03 -1.47 9.08
N TYR P 49 3.18 -0.70 8.43
CA TYR P 49 1.80 -1.10 8.18
C TYR P 49 1.74 -2.03 6.96
N PRO P 50 1.25 -3.26 7.13
CA PRO P 50 1.11 -4.15 5.99
C PRO P 50 0.01 -3.69 5.03
N ASP P 51 0.21 -3.95 3.75
CA ASP P 51 -0.80 -3.73 2.74
C ASP P 51 -0.44 -4.54 1.50
N THR P 52 -1.32 -4.49 0.51
CA THR P 52 -1.14 -5.23 -0.73
C THR P 52 -1.28 -4.27 -1.90
N THR P 53 -0.31 -4.30 -2.82
CA THR P 53 -0.37 -3.46 -4.00
C THR P 53 -1.39 -4.00 -4.99
N SER P 54 -2.07 -3.10 -5.69
CA SER P 54 -3.09 -3.47 -6.65
C SER P 54 -3.00 -2.55 -7.86
N LEU P 55 -3.84 -2.84 -8.85
CA LEU P 55 -3.93 -1.99 -10.03
C LEU P 55 -4.82 -0.78 -9.83
N ILE P 56 -5.54 -0.71 -8.71
CA ILE P 56 -6.49 0.37 -8.48
C ILE P 56 -5.85 1.57 -7.77
N ASP P 57 -4.67 1.39 -7.18
CA ASP P 57 -3.97 2.53 -6.60
C ASP P 57 -3.66 3.56 -7.67
N GLY P 58 -3.43 4.80 -7.24
CA GLY P 58 -3.12 5.87 -8.15
C GLY P 58 -1.69 5.94 -8.61
N VAL P 59 -0.89 4.93 -8.30
CA VAL P 59 0.51 4.88 -8.69
C VAL P 59 0.65 4.01 -9.92
N SER P 60 1.57 4.39 -10.79
CA SER P 60 1.82 3.62 -12.01
C SER P 60 2.42 2.27 -11.68
N ARG P 61 1.95 1.23 -12.37
CA ARG P 61 2.43 -0.13 -12.18
C ARG P 61 2.71 -0.76 -13.53
N GLU P 62 3.63 -1.72 -13.54
CA GLU P 62 3.94 -2.43 -14.76
C GLU P 62 2.75 -3.26 -15.21
N GLY P 63 2.46 -3.24 -16.50
CA GLY P 63 1.31 -3.93 -17.03
C GLY P 63 1.71 -4.85 -18.18
N GLN P 64 0.80 -5.79 -18.46
CA GLN P 64 1.04 -6.76 -19.53
C GLN P 64 0.90 -6.10 -20.89
N ARG P 65 1.70 -6.57 -21.84
CA ARG P 65 1.74 -6.00 -23.19
C ARG P 65 0.77 -6.75 -24.10
N ASN P 66 -0.51 -6.58 -23.82
CA ASN P 66 -1.56 -7.19 -24.63
C ASN P 66 -2.81 -6.33 -24.55
N VAL P 67 -3.84 -6.75 -25.28
CA VAL P 67 -5.10 -6.00 -25.30
C VAL P 67 -5.74 -6.02 -23.92
N ASN P 68 -5.61 -7.14 -23.20
CA ASN P 68 -6.13 -7.21 -21.84
C ASN P 68 -5.49 -6.16 -20.95
N GLY P 69 -4.18 -5.98 -21.06
CA GLY P 69 -3.51 -4.97 -20.27
C GLY P 69 -3.91 -3.56 -20.65
N LEU P 70 -4.15 -3.32 -21.94
CA LEU P 70 -4.54 -2.00 -22.39
C LEU P 70 -5.90 -1.60 -21.84
N ILE P 71 -6.85 -2.53 -21.82
CA ILE P 71 -8.18 -2.23 -21.31
C ILE P 71 -8.13 -2.02 -19.80
N MET P 72 -7.34 -2.83 -19.09
CA MET P 72 -7.21 -2.64 -17.65
C MET P 72 -6.60 -1.28 -17.32
N SER P 73 -5.69 -0.80 -18.16
CA SER P 73 -5.09 0.51 -17.92
C SER P 73 -6.08 1.63 -18.16
N ILE P 74 -6.97 1.47 -19.14
CA ILE P 74 -7.96 2.50 -19.42
C ILE P 74 -8.96 2.59 -18.28
N ILE P 75 -9.46 1.45 -17.81
CA ILE P 75 -10.41 1.46 -16.70
C ILE P 75 -9.73 1.93 -15.43
N SER P 76 -8.46 1.58 -15.24
CA SER P 76 -7.73 2.07 -14.06
C SER P 76 -7.61 3.59 -14.09
N TYR P 77 -7.35 4.17 -15.26
CA TYR P 77 -7.26 5.61 -15.36
C TYR P 77 -8.60 6.26 -15.02
N VAL P 78 -9.70 5.66 -15.44
CA VAL P 78 -11.02 6.24 -15.20
C VAL P 78 -11.39 6.16 -13.73
N VAL P 79 -11.09 5.03 -13.08
CA VAL P 79 -11.54 4.80 -11.71
C VAL P 79 -10.47 5.14 -10.67
N SER P 80 -9.26 5.45 -11.09
CA SER P 80 -8.19 5.73 -10.12
C SER P 80 -7.36 6.97 -10.43
N GLY P 81 -7.31 7.45 -11.67
CA GLY P 81 -6.56 8.65 -11.99
C GLY P 81 -5.20 8.40 -12.60
N SER P 82 -4.71 7.16 -12.61
CA SER P 82 -3.43 6.87 -13.23
C SER P 82 -3.52 5.50 -13.90
N GLY P 83 -2.71 5.33 -14.95
CA GLY P 83 -2.68 4.12 -15.72
C GLY P 83 -1.44 3.29 -15.45
N HIS P 84 -1.14 2.41 -16.39
CA HIS P 84 -0.05 1.46 -16.26
C HIS P 84 1.01 1.73 -17.32
N TYR P 85 2.04 0.88 -17.33
CA TYR P 85 3.22 1.05 -18.16
C TYR P 85 3.20 0.03 -19.28
N ILE P 86 2.57 0.40 -20.39
CA ILE P 86 2.56 -0.39 -21.60
C ILE P 86 3.15 0.44 -22.73
N PRO P 87 4.45 0.32 -22.99
CA PRO P 87 5.09 1.14 -24.01
C PRO P 87 5.08 0.48 -25.39
N ASN P 88 5.48 1.27 -26.38
CA ASN P 88 5.60 0.82 -27.77
C ASN P 88 4.28 0.29 -28.31
N ILE P 89 3.18 0.95 -27.92
CA ILE P 89 1.88 0.59 -28.46
C ILE P 89 1.78 1.01 -29.92
N GLY P 90 2.28 2.20 -30.25
CA GLY P 90 2.19 2.71 -31.60
C GLY P 90 1.48 4.06 -31.64
N PHE P 91 1.98 4.99 -32.46
CA PHE P 91 1.41 6.33 -32.46
C PHE P 91 0.02 6.36 -33.08
N MET P 92 -0.30 5.38 -33.93
CA MET P 92 -1.64 5.34 -34.52
C MET P 92 -2.70 5.14 -33.45
N LEU P 93 -2.46 4.24 -32.50
CA LEU P 93 -3.40 4.00 -31.43
C LEU P 93 -3.36 5.07 -30.35
N LEU P 94 -2.20 5.66 -30.09
CA LEU P 94 -2.06 6.61 -29.00
C LEU P 94 -2.68 7.96 -29.31
N ARG P 95 -2.87 8.29 -30.59
CA ARG P 95 -3.49 9.56 -30.94
C ARG P 95 -5.00 9.54 -30.74
N ARG P 96 -5.62 8.37 -30.86
CA ARG P 96 -7.07 8.27 -30.80
C ARG P 96 -7.57 8.46 -29.38
N SER P 97 -8.83 8.87 -29.27
CA SER P 97 -9.43 9.17 -27.99
C SER P 97 -9.76 7.88 -27.24
N ILE P 98 -9.94 8.02 -25.92
CA ILE P 98 -10.28 6.87 -25.09
C ILE P 98 -11.65 6.32 -25.48
N LEU P 99 -12.61 7.20 -25.77
CA LEU P 99 -13.92 6.75 -26.20
C LEU P 99 -13.84 5.99 -27.51
N ASP P 100 -13.04 6.48 -28.46
CA ASP P 100 -12.91 5.80 -29.75
C ASP P 100 -12.33 4.41 -29.59
N ILE P 101 -11.36 4.24 -28.70
CA ILE P 101 -10.82 2.92 -28.41
C ILE P 101 -11.91 2.01 -27.85
N LEU P 102 -12.80 2.57 -27.04
CA LEU P 102 -13.79 1.76 -26.33
C LEU P 102 -14.98 1.38 -27.21
N THR P 103 -15.40 2.26 -28.13
CA THR P 103 -16.64 2.02 -28.84
C THR P 103 -16.57 2.26 -30.35
N LYS P 104 -15.40 2.13 -30.97
CA LYS P 104 -15.29 2.29 -32.42
C LYS P 104 -14.45 1.17 -33.00
N HIS P 105 -14.91 0.59 -34.10
CA HIS P 105 -14.20 -0.48 -34.79
C HIS P 105 -13.08 0.02 -35.70
N ASP P 106 -13.05 1.32 -35.99
CA ASP P 106 -12.06 1.86 -36.93
C ASP P 106 -10.66 1.86 -36.36
N THR P 107 -10.51 1.83 -35.03
CA THR P 107 -9.18 1.90 -34.42
C THR P 107 -8.31 0.72 -34.82
N GLY P 108 -8.90 -0.46 -34.91
CA GLY P 108 -8.17 -1.66 -35.27
C GLY P 108 -7.93 -2.62 -34.13
N LEU P 109 -8.16 -2.19 -32.89
CA LEU P 109 -8.00 -3.08 -31.75
C LEU P 109 -9.12 -4.10 -31.70
N VAL P 110 -8.77 -5.33 -31.33
CA VAL P 110 -9.73 -6.43 -31.25
C VAL P 110 -9.92 -6.77 -29.78
N THR P 111 -11.15 -6.58 -29.30
CA THR P 111 -11.47 -6.77 -27.88
C THR P 111 -12.60 -7.78 -27.67
N ASN P 112 -12.93 -8.59 -28.67
CA ASN P 112 -14.08 -9.48 -28.56
C ASN P 112 -13.82 -10.59 -27.54
N ASN P 113 -12.59 -11.07 -27.44
CA ASN P 113 -12.28 -12.20 -26.59
C ASN P 113 -12.20 -11.84 -25.13
N LEU P 114 -12.29 -10.57 -24.78
CA LEU P 114 -12.15 -10.13 -23.40
C LEU P 114 -13.28 -10.68 -22.55
N ASN P 115 -12.92 -11.18 -21.36
CA ASN P 115 -13.87 -11.72 -20.41
C ASN P 115 -13.99 -10.76 -19.24
N TYR P 116 -15.24 -10.45 -18.86
CA TYR P 116 -15.47 -9.45 -17.82
C TYR P 116 -15.22 -10.02 -16.43
N GLY P 117 -15.21 -11.35 -16.28
CA GLY P 117 -14.99 -11.93 -14.96
C GLY P 117 -13.58 -11.70 -14.46
N ILE P 118 -12.57 -12.03 -15.27
CA ILE P 118 -11.19 -11.87 -14.83
C ILE P 118 -10.80 -10.40 -14.80
N ILE P 119 -11.31 -9.60 -15.74
CA ILE P 119 -11.01 -8.16 -15.73
C ILE P 119 -11.50 -7.53 -14.43
N ALA P 120 -12.72 -7.86 -14.02
CA ALA P 120 -13.22 -7.36 -12.74
C ALA P 120 -12.42 -7.94 -11.59
N ARG P 121 -12.01 -9.20 -11.68
CA ARG P 121 -11.20 -9.80 -10.63
C ARG P 121 -9.83 -9.17 -10.54
N ASN P 122 -9.18 -8.98 -11.69
CA ASN P 122 -7.85 -8.36 -11.69
C ASN P 122 -7.91 -6.91 -11.25
N LEU P 123 -8.80 -6.13 -11.86
CA LEU P 123 -9.09 -4.77 -11.41
C LEU P 123 -9.99 -4.91 -10.19
N THR P 124 -9.35 -5.16 -9.04
CA THR P 124 -10.04 -5.71 -7.87
C THR P 124 -11.34 -5.00 -7.58
N VAL P 125 -12.46 -5.70 -7.76
CA VAL P 125 -13.77 -5.09 -7.65
C VAL P 125 -14.36 -5.23 -6.25
N SER P 126 -13.85 -6.16 -5.45
CA SER P 126 -14.27 -6.25 -4.06
C SER P 126 -13.70 -5.11 -3.22
N LYS P 127 -12.71 -4.40 -3.74
CA LYS P 127 -12.10 -3.28 -3.04
C LYS P 127 -12.53 -1.92 -3.59
N MET P 128 -13.36 -1.90 -4.62
CA MET P 128 -13.84 -0.63 -5.16
C MET P 128 -14.99 -0.09 -4.33
N ASN P 129 -15.31 1.18 -4.55
CA ASN P 129 -16.48 1.80 -3.96
C ASN P 129 -17.57 1.93 -5.01
N CYS P 130 -18.71 2.50 -4.61
CA CYS P 130 -19.87 2.57 -5.50
C CYS P 130 -19.57 3.39 -6.74
N GLU P 131 -18.89 4.53 -6.59
CA GLU P 131 -18.58 5.36 -7.75
C GLU P 131 -17.59 4.67 -8.67
N GLN P 132 -16.61 3.96 -8.12
CA GLN P 132 -15.64 3.25 -8.95
C GLN P 132 -16.31 2.13 -9.73
N ARG P 133 -17.24 1.41 -9.11
CA ARG P 133 -17.92 0.32 -9.80
C ARG P 133 -18.76 0.84 -10.96
N LYS P 134 -19.43 1.98 -10.77
CA LYS P 134 -20.27 2.52 -11.82
C LYS P 134 -19.46 2.88 -13.06
N ARG P 135 -18.28 3.47 -12.86
CA ARG P 135 -17.43 3.82 -13.99
C ARG P 135 -16.94 2.58 -14.72
N MET P 136 -16.59 1.53 -13.99
CA MET P 136 -16.17 0.29 -14.62
C MET P 136 -17.29 -0.33 -15.44
N LEU P 137 -18.52 -0.31 -14.90
CA LEU P 137 -19.65 -0.84 -15.64
C LEU P 137 -19.94 -0.03 -16.89
N ILE P 138 -19.63 1.27 -16.87
CA ILE P 138 -19.78 2.08 -18.08
C ILE P 138 -18.81 1.61 -19.15
N CYS P 139 -17.55 1.35 -18.76
CA CYS P 139 -16.56 0.88 -19.71
C CYS P 139 -16.93 -0.49 -20.27
N PHE P 140 -17.44 -1.38 -19.41
CA PHE P 140 -17.87 -2.69 -19.87
C PHE P 140 -19.02 -2.56 -20.86
N LYS P 141 -19.98 -1.67 -20.58
CA LYS P 141 -21.11 -1.49 -21.47
C LYS P 141 -20.68 -0.93 -22.81
N LEU P 142 -19.76 0.03 -22.80
CA LEU P 142 -19.26 0.60 -24.06
C LEU P 142 -18.55 -0.45 -24.89
N LEU P 143 -17.71 -1.28 -24.24
CA LEU P 143 -17.02 -2.33 -24.97
C LEU P 143 -18.00 -3.37 -25.50
N ALA P 144 -18.99 -3.75 -24.69
CA ALA P 144 -19.93 -4.78 -25.11
C ALA P 144 -20.70 -4.38 -26.36
N TYR P 145 -21.16 -3.13 -26.40
CA TYR P 145 -21.88 -2.66 -27.59
C TYR P 145 -20.96 -2.44 -28.77
N LYS P 146 -19.65 -2.31 -28.53
CA LYS P 146 -18.71 -2.20 -29.65
C LYS P 146 -18.60 -3.51 -30.41
N ASP P 147 -18.51 -4.62 -29.70
CA ASP P 147 -18.34 -5.93 -30.33
C ASP P 147 -19.64 -6.72 -30.42
N GLY P 148 -20.77 -6.10 -30.14
CA GLY P 148 -22.05 -6.79 -30.21
C GLY P 148 -22.22 -7.90 -29.19
N ASN P 149 -21.80 -7.65 -27.96
CA ASN P 149 -21.90 -8.62 -26.88
C ASN P 149 -22.84 -8.13 -25.79
N GLN P 150 -23.97 -7.54 -26.21
CA GLN P 150 -24.93 -7.03 -25.25
C GLN P 150 -25.53 -8.16 -24.40
N ASN P 151 -25.79 -9.31 -25.03
CA ASN P 151 -26.35 -10.43 -24.29
C ASN P 151 -25.40 -10.92 -23.20
N ASP P 152 -24.11 -10.98 -23.51
CA ASP P 152 -23.12 -11.41 -22.53
C ASP P 152 -23.04 -10.41 -21.37
N TYR P 153 -23.16 -9.12 -21.68
CA TYR P 153 -23.14 -8.11 -20.63
C TYR P 153 -24.31 -8.28 -19.67
N GLU P 154 -25.50 -8.57 -20.21
CA GLU P 154 -26.68 -8.76 -19.37
C GLU P 154 -26.53 -9.99 -18.49
N ILE P 155 -26.03 -11.09 -19.03
CA ILE P 155 -25.88 -12.31 -18.25
C ILE P 155 -24.88 -12.11 -17.13
N TYR P 156 -23.80 -11.38 -17.41
CA TYR P 156 -22.81 -11.10 -16.37
C TYR P 156 -23.41 -10.28 -15.24
N LEU P 157 -24.25 -9.29 -15.58
CA LEU P 157 -24.92 -8.50 -14.55
C LEU P 157 -25.91 -9.34 -13.76
N ASN P 158 -26.63 -10.23 -14.44
CA ASN P 158 -27.60 -11.07 -13.74
C ASN P 158 -26.94 -12.04 -12.78
N GLN P 159 -25.69 -12.43 -13.06
CA GLN P 159 -24.96 -13.29 -12.14
C GLN P 159 -24.60 -12.54 -10.86
N ASN P 160 -24.23 -11.27 -10.97
CA ASN P 160 -23.80 -10.46 -9.83
C ASN P 160 -24.89 -9.43 -9.53
N ILE P 161 -25.73 -9.74 -8.54
CA ILE P 161 -26.87 -8.87 -8.23
C ILE P 161 -26.45 -7.47 -7.82
N PRO P 162 -25.47 -7.26 -6.92
CA PRO P 162 -25.13 -5.88 -6.54
C PRO P 162 -24.69 -5.02 -7.70
N LEU P 163 -24.00 -5.60 -8.68
CA LEU P 163 -23.61 -4.83 -9.86
C LEU P 163 -24.83 -4.39 -10.66
N LYS P 164 -25.85 -5.25 -10.74
CA LYS P 164 -27.06 -4.90 -11.47
C LYS P 164 -27.79 -3.73 -10.81
N GLN P 165 -27.76 -3.68 -9.48
CA GLN P 165 -28.49 -2.64 -8.76
C GLN P 165 -27.91 -1.25 -9.06
N ILE P 166 -26.60 -1.16 -9.23
CA ILE P 166 -25.93 0.12 -9.43
C ILE P 166 -25.51 0.33 -10.88
N ALA P 167 -25.93 -0.54 -11.79
CA ALA P 167 -25.51 -0.43 -13.18
C ALA P 167 -26.16 0.78 -13.84
N PRO P 168 -25.38 1.67 -14.46
CA PRO P 168 -25.97 2.82 -15.13
C PRO P 168 -26.84 2.41 -16.30
N ASN P 169 -27.87 3.20 -16.55
CA ASN P 169 -28.88 2.91 -17.57
C ASN P 169 -28.70 3.89 -18.71
N PHE P 170 -28.03 3.44 -19.78
CA PHE P 170 -27.85 4.26 -20.96
C PHE P 170 -27.50 3.35 -22.14
N ILE P 171 -27.97 3.70 -23.32
CA ILE P 171 -27.67 2.97 -24.54
C ILE P 171 -26.47 3.67 -25.20
N PRO P 172 -25.39 2.97 -25.51
CA PRO P 172 -24.17 3.63 -26.00
C PRO P 172 -24.35 4.35 -27.33
N GLY P 173 -25.38 4.06 -28.10
CA GLY P 173 -25.59 4.75 -29.35
C GLY P 173 -26.54 5.92 -29.33
N ASP P 174 -27.19 6.18 -28.20
CA ASP P 174 -28.24 7.19 -28.11
C ASP P 174 -27.80 8.28 -27.15
N MET P 175 -27.93 9.53 -27.58
CA MET P 175 -27.56 10.68 -26.76
C MET P 175 -28.64 11.10 -25.78
N ARG P 176 -29.90 10.76 -26.06
CA ARG P 176 -30.98 11.12 -25.13
C ARG P 176 -30.81 10.40 -23.79
N THR P 177 -30.29 9.17 -23.83
CA THR P 177 -30.09 8.41 -22.60
C THR P 177 -29.01 9.05 -21.72
N VAL P 178 -27.96 9.57 -22.35
CA VAL P 178 -26.89 10.23 -21.58
C VAL P 178 -27.43 11.48 -20.89
N ILE P 179 -28.27 12.25 -21.59
CA ILE P 179 -28.83 13.47 -21.02
C ILE P 179 -29.72 13.15 -19.83
N HIS P 180 -30.55 12.12 -19.95
CA HIS P 180 -31.50 11.79 -18.90
C HIS P 180 -30.85 11.17 -17.68
N ASN P 181 -29.66 10.57 -17.82
CA ASN P 181 -29.03 9.88 -16.71
C ASN P 181 -28.70 10.86 -15.59
N GLN P 182 -28.93 10.43 -14.36
CA GLN P 182 -28.69 11.27 -13.18
C GLN P 182 -27.86 10.54 -12.14
N ASP P 183 -26.98 9.65 -12.57
CA ASP P 183 -26.04 9.01 -11.65
C ASP P 183 -24.96 10.00 -11.24
N GLN P 184 -24.43 9.81 -10.03
CA GLN P 184 -23.34 10.62 -9.52
C GLN P 184 -22.06 9.79 -9.60
N LEU P 185 -21.14 10.22 -10.45
CA LEU P 185 -19.92 9.47 -10.74
C LEU P 185 -18.66 10.19 -10.27
N ALA P 186 -18.79 11.16 -9.38
CA ALA P 186 -17.65 11.97 -8.96
C ALA P 186 -16.92 11.30 -7.81
N ILE P 187 -15.61 11.12 -7.97
CA ILE P 187 -14.77 10.59 -6.90
C ILE P 187 -14.04 11.68 -6.15
N VAL P 188 -13.87 12.86 -6.73
CA VAL P 188 -13.31 14.01 -6.06
C VAL P 188 -14.24 15.19 -6.25
N GLY P 189 -14.23 16.11 -5.29
CA GLY P 189 -15.08 17.28 -5.38
C GLY P 189 -14.94 18.12 -4.14
N ILE P 190 -15.67 19.23 -4.13
CA ILE P 190 -15.69 20.10 -2.95
C ILE P 190 -16.44 19.38 -1.85
N PRO P 191 -15.82 19.15 -0.70
CA PRO P 191 -16.46 18.32 0.32
C PRO P 191 -17.35 19.12 1.28
N ALA P 192 -18.54 18.61 1.54
CA ALA P 192 -19.40 19.22 2.54
C ALA P 192 -18.84 19.06 3.94
N TYR P 193 -18.17 17.93 4.19
CA TYR P 193 -17.57 17.65 5.49
C TYR P 193 -16.26 18.41 5.64
N ARG P 194 -15.53 18.10 6.71
CA ARG P 194 -14.26 18.77 7.00
C ARG P 194 -13.12 17.89 6.50
N LEU P 195 -12.43 18.36 5.46
CA LEU P 195 -11.31 17.64 4.87
C LEU P 195 -10.01 18.22 5.43
N THR P 196 -9.21 17.37 6.07
CA THR P 196 -7.98 17.79 6.71
C THR P 196 -6.78 17.25 5.94
N GLN P 197 -5.61 17.76 6.30
CA GLN P 197 -4.36 17.36 5.66
C GLN P 197 -3.68 16.28 6.50
N SER P 198 -4.30 15.09 6.48
CA SER P 198 -3.82 13.96 7.26
C SER P 198 -3.73 12.73 6.36
N THR P 199 -2.89 11.79 6.78
CA THR P 199 -2.65 10.58 6.02
C THR P 199 -3.69 9.52 6.33
N GLU P 200 -3.81 8.55 5.43
CA GLU P 200 -4.67 7.39 5.62
C GLU P 200 -3.83 6.12 5.51
N LEU P 201 -4.30 5.06 6.18
CA LEU P 201 -3.48 3.86 6.33
C LEU P 201 -3.29 3.13 5.01
N SER P 202 -4.38 2.89 4.29
CA SER P 202 -4.31 2.09 3.08
C SER P 202 -3.65 2.86 1.94
N ILE P 203 -3.09 2.12 1.00
CA ILE P 203 -2.51 2.73 -0.19
C ILE P 203 -3.60 3.39 -1.03
N ARG P 204 -4.72 2.70 -1.21
CA ARG P 204 -5.80 3.26 -2.01
C ARG P 204 -6.37 4.53 -1.37
N ASP P 205 -6.58 4.50 -0.06
CA ASP P 205 -7.17 5.65 0.63
C ASP P 205 -6.21 6.83 0.65
N ASP P 206 -4.92 6.58 0.86
CA ASP P 206 -3.95 7.68 0.90
C ASP P 206 -3.85 8.35 -0.46
N ASN P 207 -3.78 7.56 -1.54
CA ASN P 207 -3.71 8.14 -2.88
C ASN P 207 -4.99 8.86 -3.23
N ALA P 208 -6.14 8.30 -2.86
CA ALA P 208 -7.41 8.97 -3.13
C ALA P 208 -7.50 10.30 -2.39
N LYS P 209 -7.03 10.33 -1.14
CA LYS P 209 -7.05 11.59 -0.39
C LYS P 209 -6.13 12.62 -1.02
N SER P 210 -5.00 12.19 -1.56
CA SER P 210 -4.09 13.12 -2.24
C SER P 210 -4.76 13.76 -3.44
N TYR P 211 -5.54 12.97 -4.19
CA TYR P 211 -6.29 13.53 -5.31
C TYR P 211 -7.38 14.48 -4.82
N LYS P 212 -8.01 14.16 -3.68
CA LYS P 212 -9.07 15.00 -3.16
C LYS P 212 -8.53 16.35 -2.71
N LEU P 213 -7.43 16.36 -1.96
CA LEU P 213 -6.82 17.61 -1.55
C LEU P 213 -6.22 18.34 -2.74
N GLY P 214 -5.76 17.59 -3.74
CA GLY P 214 -5.25 18.22 -4.95
C GLY P 214 -6.34 18.93 -5.74
N TYR P 215 -7.55 18.35 -5.77
CA TYR P 215 -8.64 18.99 -6.48
C TYR P 215 -9.06 20.30 -5.81
N VAL P 216 -9.02 20.34 -4.48
CA VAL P 216 -9.34 21.57 -3.77
C VAL P 216 -8.35 22.67 -4.14
N ASP P 217 -7.07 22.33 -4.20
CA ASP P 217 -6.06 23.30 -4.63
C ASP P 217 -6.30 23.73 -6.06
N TRP P 218 -6.63 22.79 -6.94
CA TRP P 218 -6.91 23.15 -8.33
C TRP P 218 -8.20 23.92 -8.48
N TYR P 219 -9.20 23.62 -7.64
CA TYR P 219 -10.47 24.32 -7.71
C TYR P 219 -10.30 25.80 -7.40
N ASN P 220 -9.43 26.12 -6.45
CA ASN P 220 -9.19 27.49 -6.04
C ASN P 220 -8.04 28.15 -6.78
N SER P 221 -7.43 27.46 -7.74
CA SER P 221 -6.31 28.00 -8.48
C SER P 221 -6.83 28.80 -9.67
N ASN P 222 -5.92 29.28 -10.51
CA ASN P 222 -6.29 30.08 -11.68
C ASN P 222 -6.64 29.22 -12.89
N SER P 223 -6.40 27.91 -12.83
CA SER P 223 -6.71 27.04 -13.97
C SER P 223 -8.18 26.65 -14.02
N PHE P 224 -8.93 26.86 -12.95
CA PHE P 224 -10.33 26.48 -12.93
C PHE P 224 -11.17 27.48 -13.71
N LEU P 225 -12.25 27.00 -14.31
CA LEU P 225 -13.14 27.82 -15.13
C LEU P 225 -14.40 28.13 -14.32
N ARG P 226 -14.52 29.38 -13.88
CA ARG P 226 -15.71 29.84 -13.18
C ARG P 226 -16.70 30.36 -14.21
N GLU P 227 -17.76 29.59 -14.45
CA GLU P 227 -18.70 29.94 -15.52
C GLU P 227 -19.47 31.21 -15.19
N ARG P 228 -19.80 31.43 -13.91
CA ARG P 228 -20.61 32.58 -13.55
C ARG P 228 -19.87 33.91 -13.75
N SER P 229 -18.55 33.87 -13.90
CA SER P 229 -17.76 35.09 -14.01
C SER P 229 -17.20 35.35 -15.39
N GLU P 230 -16.82 34.30 -16.12
CA GLU P 230 -16.15 34.47 -17.41
C GLU P 230 -16.76 33.53 -18.45
N PHE P 231 -18.08 33.51 -18.53
CA PHE P 231 -18.73 32.68 -19.54
C PHE P 231 -18.62 33.27 -20.94
N ASN P 232 -18.41 34.58 -21.06
CA ASN P 232 -18.28 35.20 -22.37
C ASN P 232 -16.87 35.13 -22.93
N LEU P 233 -15.93 34.55 -22.19
CA LEU P 233 -14.54 34.48 -22.64
C LEU P 233 -14.20 33.14 -23.29
N ILE P 234 -14.98 32.09 -23.02
CA ILE P 234 -14.75 30.81 -23.66
C ILE P 234 -15.09 30.93 -25.15
N ARG P 235 -14.41 30.13 -25.96
CA ARG P 235 -14.71 30.12 -27.39
C ARG P 235 -16.07 29.49 -27.64
N LEU P 236 -16.59 29.71 -28.84
CA LEU P 236 -17.93 29.23 -29.17
C LEU P 236 -17.95 27.71 -29.35
N LYS P 237 -16.81 27.12 -29.74
CA LYS P 237 -16.78 25.68 -29.95
C LYS P 237 -16.94 24.91 -28.65
N ASP P 238 -16.32 25.38 -27.58
CA ASP P 238 -16.33 24.68 -26.30
C ASP P 238 -17.33 25.25 -25.31
N ARG P 239 -18.22 26.13 -25.75
CA ARG P 239 -19.26 26.67 -24.89
C ARG P 239 -20.36 25.65 -24.69
N ASP P 240 -20.97 25.67 -23.51
CA ASP P 240 -22.01 24.71 -23.17
C ASP P 240 -23.29 25.03 -23.93
N THR P 241 -23.74 24.10 -24.76
CA THR P 241 -24.97 24.25 -25.52
C THR P 241 -25.78 22.96 -25.42
N LYS P 242 -27.09 23.09 -25.26
CA LYS P 242 -27.95 21.92 -25.17
C LYS P 242 -27.95 21.12 -26.47
N TYR P 243 -27.79 21.80 -27.61
CA TYR P 243 -27.73 21.10 -28.88
C TYR P 243 -26.48 20.23 -29.01
N GLY P 244 -25.45 20.50 -28.22
CA GLY P 244 -24.22 19.73 -28.28
C GLY P 244 -24.40 18.26 -27.97
N LYS P 245 -23.81 17.41 -28.81
CA LYS P 245 -23.90 15.97 -28.63
C LYS P 245 -22.58 15.33 -29.05
N LEU P 246 -22.35 14.13 -28.53
CA LEU P 246 -21.14 13.39 -28.86
C LEU P 246 -21.15 12.97 -30.32
N ASN P 247 -19.97 12.94 -30.92
CA ASN P 247 -19.85 12.58 -32.32
C ASN P 247 -20.28 11.14 -32.55
N GLY P 248 -21.14 10.93 -33.54
CA GLY P 248 -21.63 9.62 -33.88
C GLY P 248 -22.73 9.09 -32.99
N TRP P 249 -23.21 9.88 -32.04
CA TRP P 249 -24.25 9.43 -31.12
C TRP P 249 -25.59 10.07 -31.45
N MET Q 1 9.28 25.44 54.79
CA MET Q 1 9.24 26.45 53.73
C MET Q 1 9.82 27.77 54.23
N ASP Q 2 9.59 28.08 55.50
CA ASP Q 2 10.16 29.28 56.09
C ASP Q 2 11.63 29.10 56.42
N VAL Q 3 12.04 27.89 56.80
CA VAL Q 3 13.43 27.65 57.17
C VAL Q 3 14.32 27.65 55.93
N LEU Q 4 13.77 27.36 54.76
CA LEU Q 4 14.57 27.31 53.54
C LEU Q 4 14.80 28.66 52.91
N SER Q 5 13.96 29.65 53.23
CA SER Q 5 14.10 30.98 52.65
C SER Q 5 15.15 31.83 53.34
N LYS Q 6 15.63 31.41 54.51
CA LYS Q 6 16.60 32.20 55.25
C LYS Q 6 17.93 32.17 54.54
N GLY Q 7 18.47 33.35 54.22
CA GLY Q 7 19.66 33.44 53.41
C GLY Q 7 20.88 33.92 54.15
N SER Q 8 20.74 34.20 55.44
CA SER Q 8 21.83 34.66 56.26
C SER Q 8 21.94 33.79 57.50
N LEU Q 9 23.14 33.78 58.09
CA LEU Q 9 23.33 33.07 59.35
C LEU Q 9 22.49 33.70 60.46
N LYS Q 10 22.31 35.01 60.41
CA LYS Q 10 21.50 35.69 61.42
C LYS Q 10 20.04 35.25 61.34
N GLU Q 11 19.49 35.21 60.12
CA GLU Q 11 18.09 34.85 59.97
C GLU Q 11 17.86 33.38 60.28
N LEU Q 12 18.78 32.50 59.89
CA LEU Q 12 18.64 31.09 60.19
C LEU Q 12 18.70 30.83 61.68
N LEU Q 13 19.61 31.51 62.39
CA LEU Q 13 19.69 31.34 63.84
C LEU Q 13 18.48 31.92 64.54
N ALA Q 14 17.95 33.04 64.04
CA ALA Q 14 16.76 33.63 64.63
C ALA Q 14 15.55 32.72 64.46
N HIS Q 15 15.42 32.08 63.30
CA HIS Q 15 14.30 31.18 63.06
C HIS Q 15 14.36 29.98 64.00
N LEU Q 16 15.56 29.44 64.23
CA LEU Q 16 15.69 28.27 65.07
C LEU Q 16 15.38 28.59 66.53
N GLU Q 17 15.65 29.83 66.95
CA GLU Q 17 15.31 30.22 68.32
C GLU Q 17 13.81 30.33 68.51
N LYS Q 18 13.09 30.71 67.46
CA LYS Q 18 11.64 30.88 67.55
C LYS Q 18 10.90 29.57 67.34
N THR Q 19 11.42 28.70 66.49
CA THR Q 19 10.72 27.49 66.11
C THR Q 19 10.90 26.40 67.16
N PRO Q 20 9.83 25.81 67.66
CA PRO Q 20 9.95 24.68 68.58
C PRO Q 20 10.36 23.40 67.85
N LEU Q 21 10.70 22.38 68.64
CA LEU Q 21 11.12 21.10 68.08
C LEU Q 21 9.97 20.36 67.42
N GLU Q 22 8.73 20.75 67.68
CA GLU Q 22 7.59 20.02 67.12
C GLU Q 22 7.58 20.08 65.61
N GLU Q 23 7.89 21.25 65.03
CA GLU Q 23 7.93 21.35 63.58
C GLU Q 23 9.18 20.73 62.97
N ALA Q 24 10.19 20.43 63.78
CA ALA Q 24 11.34 19.69 63.27
C ALA Q 24 11.02 18.21 63.11
N ILE Q 25 10.24 17.66 64.04
CA ILE Q 25 9.79 16.27 63.97
C ILE Q 25 8.54 16.18 63.10
N SER Q 26 8.14 14.96 62.75
CA SER Q 26 6.94 14.72 61.98
C SER Q 26 6.18 13.53 62.55
N TYR Q 27 4.89 13.47 62.25
CA TYR Q 27 3.99 12.45 62.78
C TYR Q 27 3.51 11.48 61.69
N ARG Q 28 4.30 11.28 60.66
CA ARG Q 28 3.95 10.40 59.56
C ARG Q 28 5.01 9.33 59.37
N ILE Q 29 4.56 8.08 59.21
CA ILE Q 29 5.48 6.94 59.27
C ILE Q 29 6.48 6.99 58.13
N GLY Q 30 6.00 7.24 56.90
CA GLY Q 30 6.90 7.20 55.77
C GLY Q 30 7.36 5.79 55.47
N THR Q 31 8.56 5.68 54.88
CA THR Q 31 9.14 4.40 54.51
C THR Q 31 10.57 4.30 55.06
N VAL Q 32 11.21 3.19 54.76
CA VAL Q 32 12.60 2.94 55.17
C VAL Q 32 13.51 3.96 54.50
N PRO Q 33 14.51 4.52 55.20
CA PRO Q 33 15.31 5.59 54.61
C PRO Q 33 16.09 5.21 53.35
N TYR Q 34 16.94 4.20 53.41
CA TYR Q 34 17.80 3.84 52.29
C TYR Q 34 17.24 2.60 51.60
N GLN Q 35 16.89 2.75 50.33
CA GLN Q 35 16.21 1.68 49.60
C GLN Q 35 16.24 2.02 48.12
N ASN Q 36 16.51 1.01 47.29
CA ASN Q 36 16.51 1.19 45.84
C ASN Q 36 15.09 0.99 45.32
N VAL Q 37 14.53 2.04 44.75
CA VAL Q 37 13.14 2.04 44.33
C VAL Q 37 13.04 2.52 42.88
N LEU Q 38 11.95 2.13 42.24
CA LEU Q 38 11.62 2.58 40.89
C LEU Q 38 10.44 3.54 41.00
N ILE Q 39 10.60 4.74 40.46
CA ILE Q 39 9.58 5.77 40.54
C ILE Q 39 9.13 6.13 39.13
N SER Q 40 7.92 6.67 39.04
CA SER Q 40 7.33 7.00 37.75
C SER Q 40 7.59 8.47 37.41
N ARG Q 41 8.31 8.69 36.32
CA ARG Q 41 8.53 10.02 35.76
C ARG Q 41 8.11 9.95 34.30
N ASN Q 42 6.82 10.12 34.05
CA ASN Q 42 6.27 9.94 32.72
C ASN Q 42 6.51 11.13 31.80
N GLU Q 43 6.95 12.27 32.36
CA GLU Q 43 7.26 13.42 31.53
C GLU Q 43 8.46 13.15 30.63
N TYR Q 44 9.32 12.22 31.03
CA TYR Q 44 10.55 11.92 30.29
C TYR Q 44 10.58 10.50 29.73
N TYR Q 45 10.27 9.50 30.55
CA TYR Q 45 10.47 8.11 30.17
C TYR Q 45 9.19 7.31 30.33
N ASN Q 46 9.00 6.32 29.46
CA ASN Q 46 7.91 5.38 29.63
C ASN Q 46 8.25 4.35 30.72
N GLN Q 47 9.51 3.97 30.83
CA GLN Q 47 9.94 3.04 31.87
C GLN Q 47 10.04 3.74 33.21
N LEU Q 48 10.03 2.93 34.27
CA LEU Q 48 10.16 3.47 35.62
C LEU Q 48 11.59 3.92 35.88
N TYR Q 49 11.74 5.06 36.54
CA TYR Q 49 13.03 5.70 36.74
C TYR Q 49 13.66 5.23 38.04
N PRO Q 50 14.87 4.67 38.00
CA PRO Q 50 15.50 4.18 39.23
C PRO Q 50 15.98 5.34 40.10
N ASP Q 51 15.89 5.15 41.41
CA ASP Q 51 16.39 6.13 42.36
C ASP Q 51 16.53 5.47 43.72
N THR Q 52 17.22 6.17 44.63
CA THR Q 52 17.45 5.69 45.98
C THR Q 52 16.86 6.69 46.96
N THR Q 53 16.05 6.19 47.90
CA THR Q 53 15.50 7.05 48.93
C THR Q 53 16.57 7.42 49.95
N SER Q 54 16.36 8.54 50.62
CA SER Q 54 17.32 9.04 51.59
C SER Q 54 16.59 9.89 52.61
N LEU Q 55 17.35 10.47 53.54
CA LEU Q 55 16.80 11.36 54.55
C LEU Q 55 16.83 12.82 54.14
N ILE Q 56 17.35 13.14 52.95
CA ILE Q 56 17.38 14.51 52.48
C ILE Q 56 16.12 14.86 51.70
N ASP Q 57 15.41 13.86 51.18
CA ASP Q 57 14.13 14.13 50.53
C ASP Q 57 13.17 14.75 51.54
N GLY Q 58 12.37 15.70 51.08
CA GLY Q 58 11.42 16.35 51.95
C GLY Q 58 10.22 15.48 52.28
N VAL Q 59 10.48 14.26 52.70
CA VAL Q 59 9.45 13.27 53.00
C VAL Q 59 9.81 12.57 54.30
N SER Q 60 8.82 12.35 55.14
CA SER Q 60 9.06 11.77 56.45
C SER Q 60 9.54 10.33 56.33
N ARG Q 61 10.49 9.95 57.19
CA ARG Q 61 11.01 8.60 57.24
C ARG Q 61 11.15 8.18 58.70
N GLU Q 62 11.23 6.87 58.92
CA GLU Q 62 11.32 6.34 60.26
C GLU Q 62 12.69 6.63 60.88
N GLY Q 63 12.67 7.07 62.13
CA GLY Q 63 13.91 7.33 62.85
C GLY Q 63 13.87 6.72 64.23
N GLN Q 64 15.03 6.30 64.70
CA GLN Q 64 15.14 5.66 66.00
C GLN Q 64 14.99 6.68 67.12
N ARG Q 65 14.72 6.17 68.32
CA ARG Q 65 14.59 7.00 69.52
C ARG Q 65 15.92 7.08 70.22
N ASN Q 66 16.76 8.01 69.76
CA ASN Q 66 18.03 8.30 70.40
C ASN Q 66 18.43 9.73 70.04
N VAL Q 67 19.55 10.18 70.61
CA VAL Q 67 20.02 11.52 70.29
C VAL Q 67 20.44 11.61 68.84
N ASN Q 68 20.99 10.52 68.28
CA ASN Q 68 21.35 10.51 66.86
C ASN Q 68 20.12 10.71 65.99
N GLY Q 69 19.01 10.06 66.35
CA GLY Q 69 17.78 10.24 65.58
C GLY Q 69 17.25 11.67 65.66
N LEU Q 70 17.28 12.25 66.86
CA LEU Q 70 16.80 13.62 67.02
C LEU Q 70 17.67 14.60 66.26
N ILE Q 71 18.99 14.42 66.31
CA ILE Q 71 19.90 15.32 65.59
C ILE Q 71 19.67 15.19 64.09
N MET Q 72 19.50 13.97 63.59
CA MET Q 72 19.28 13.77 62.16
C MET Q 72 17.99 14.43 61.71
N SER Q 73 16.94 14.35 62.52
CA SER Q 73 15.67 14.99 62.18
C SER Q 73 15.81 16.51 62.12
N ILE Q 74 16.56 17.09 63.06
CA ILE Q 74 16.72 18.54 63.08
C ILE Q 74 17.48 19.00 61.85
N ILE Q 75 18.56 18.30 61.50
CA ILE Q 75 19.36 18.71 60.35
C ILE Q 75 18.58 18.54 59.06
N SER Q 76 17.82 17.46 58.95
CA SER Q 76 17.00 17.25 57.76
C SER Q 76 15.98 18.36 57.60
N TYR Q 77 15.39 18.82 58.71
CA TYR Q 77 14.46 19.95 58.63
C TYR Q 77 15.14 21.20 58.11
N VAL Q 78 16.37 21.46 58.57
CA VAL Q 78 17.08 22.67 58.15
C VAL Q 78 17.47 22.58 56.68
N VAL Q 79 17.98 21.43 56.24
CA VAL Q 79 18.50 21.31 54.89
C VAL Q 79 17.46 20.83 53.88
N SER Q 80 16.29 20.39 54.33
CA SER Q 80 15.29 19.88 53.40
C SER Q 80 13.88 20.39 53.63
N GLY Q 81 13.53 20.85 54.82
CA GLY Q 81 12.22 21.38 55.10
C GLY Q 81 11.27 20.42 55.78
N SER Q 82 11.55 19.13 55.74
CA SER Q 82 10.72 18.12 56.38
C SER Q 82 11.59 17.28 57.30
N GLY Q 83 11.06 16.94 58.46
CA GLY Q 83 11.75 16.13 59.44
C GLY Q 83 11.50 14.65 59.28
N HIS Q 84 11.56 13.94 60.39
CA HIS Q 84 11.41 12.49 60.40
C HIS Q 84 10.43 12.08 61.49
N TYR Q 85 10.11 10.80 61.52
CA TYR Q 85 9.15 10.24 62.46
C TYR Q 85 9.90 9.59 63.61
N ILE Q 86 10.03 10.31 64.72
CA ILE Q 86 10.57 9.78 65.96
C ILE Q 86 9.41 9.56 66.91
N PRO Q 87 9.11 8.33 67.30
CA PRO Q 87 7.90 8.08 68.09
C PRO Q 87 8.05 8.54 69.52
N ASN Q 88 7.01 9.20 70.02
CA ASN Q 88 6.85 9.53 71.45
C ASN Q 88 8.08 10.25 71.99
N ILE Q 89 8.33 11.45 71.46
CA ILE Q 89 9.45 12.24 71.93
C ILE Q 89 9.20 12.77 73.34
N GLY Q 90 8.01 13.27 73.59
CA GLY Q 90 7.70 13.79 74.90
C GLY Q 90 7.43 15.28 74.87
N PHE Q 91 6.60 15.73 75.81
CA PHE Q 91 6.20 17.13 75.85
C PHE Q 91 7.39 18.05 76.14
N MET Q 92 8.27 17.63 77.05
CA MET Q 92 9.33 18.52 77.50
C MET Q 92 10.28 18.87 76.36
N LEU Q 93 10.60 17.91 75.51
CA LEU Q 93 11.50 18.19 74.40
C LEU Q 93 10.80 18.95 73.27
N LEU Q 94 9.53 18.62 73.03
CA LEU Q 94 8.81 19.25 71.91
C LEU Q 94 8.59 20.73 72.14
N ARG Q 95 8.48 21.16 73.39
CA ARG Q 95 8.24 22.56 73.70
C ARG Q 95 9.51 23.40 73.63
N ARG Q 96 10.67 22.78 73.69
CA ARG Q 96 11.93 23.50 73.55
C ARG Q 96 12.17 23.88 72.10
N SER Q 97 12.95 24.93 71.90
CA SER Q 97 13.28 25.39 70.55
C SER Q 97 14.45 24.60 69.99
N ILE Q 98 14.60 24.68 68.66
CA ILE Q 98 15.64 23.90 67.98
C ILE Q 98 17.02 24.34 68.43
N LEU Q 99 17.24 25.65 68.55
CA LEU Q 99 18.57 26.13 68.94
C LEU Q 99 18.95 25.69 70.34
N ASP Q 100 17.99 25.68 71.28
CA ASP Q 100 18.30 25.24 72.63
C ASP Q 100 18.65 23.76 72.67
N ILE Q 101 18.04 22.96 71.80
CA ILE Q 101 18.42 21.56 71.69
C ILE Q 101 19.86 21.44 71.21
N LEU Q 102 20.27 22.37 70.33
CA LEU Q 102 21.61 22.30 69.76
C LEU Q 102 22.67 22.95 70.65
N THR Q 103 22.33 23.99 71.40
CA THR Q 103 23.33 24.81 72.04
C THR Q 103 23.17 25.01 73.55
N LYS Q 104 22.25 24.30 74.21
CA LYS Q 104 22.01 24.53 75.63
C LYS Q 104 22.00 23.21 76.39
N HIS Q 105 22.37 23.29 77.67
CA HIS Q 105 22.50 22.12 78.53
C HIS Q 105 21.25 21.83 79.37
N ASP Q 106 20.26 22.71 79.35
CA ASP Q 106 19.07 22.52 80.16
C ASP Q 106 18.02 21.66 79.49
N THR Q 107 18.28 21.19 78.27
CA THR Q 107 17.29 20.39 77.55
C THR Q 107 17.18 18.98 78.12
N GLY Q 108 18.24 18.48 78.74
CA GLY Q 108 18.26 17.12 79.23
C GLY Q 108 18.79 16.10 78.26
N LEU Q 109 19.42 16.52 77.17
CA LEU Q 109 19.93 15.62 76.14
C LEU Q 109 21.45 15.62 76.20
N VAL Q 110 22.03 14.42 76.17
CA VAL Q 110 23.47 14.26 76.08
C VAL Q 110 23.86 14.13 74.61
N THR Q 111 24.84 14.92 74.18
CA THR Q 111 25.31 14.91 72.80
C THR Q 111 26.82 14.81 72.73
N ASN Q 112 27.46 14.34 73.80
CA ASN Q 112 28.92 14.29 73.84
C ASN Q 112 29.47 13.17 72.99
N ASN Q 113 28.68 12.13 72.72
CA ASN Q 113 29.14 10.96 72.01
C ASN Q 113 28.76 10.96 70.53
N LEU Q 114 28.34 12.10 70.01
CA LEU Q 114 27.97 12.17 68.60
C LEU Q 114 29.20 12.01 67.72
N ASN Q 115 29.05 11.22 66.66
CA ASN Q 115 30.09 11.00 65.66
C ASN Q 115 29.69 11.73 64.40
N TYR Q 116 30.46 12.75 64.02
CA TYR Q 116 30.08 13.60 62.91
C TYR Q 116 30.21 12.87 61.58
N GLY Q 117 31.21 12.00 61.45
CA GLY Q 117 31.38 11.27 60.20
C GLY Q 117 30.22 10.34 59.90
N ILE Q 118 29.70 9.69 60.93
CA ILE Q 118 28.59 8.75 60.73
C ILE Q 118 27.31 9.52 60.37
N ILE Q 119 27.09 10.68 61.00
CA ILE Q 119 25.90 11.46 60.71
C ILE Q 119 25.90 11.95 59.27
N ALA Q 120 27.06 12.41 58.79
CA ALA Q 120 27.14 12.88 57.41
C ALA Q 120 26.87 11.74 56.43
N ARG Q 121 27.39 10.55 56.70
CA ARG Q 121 27.10 9.40 55.85
C ARG Q 121 25.62 9.05 55.89
N ASN Q 122 25.01 9.07 57.09
CA ASN Q 122 23.60 8.75 57.20
C ASN Q 122 22.73 9.80 56.51
N LEU Q 123 23.17 11.05 56.51
CA LEU Q 123 22.45 12.12 55.84
C LEU Q 123 22.82 12.25 54.37
N THR Q 124 23.72 11.40 53.87
CA THR Q 124 24.13 11.40 52.47
C THR Q 124 24.64 12.77 52.05
N VAL Q 125 25.75 13.18 52.67
CA VAL Q 125 26.34 14.48 52.40
C VAL Q 125 26.88 14.56 50.98
N SER Q 126 27.15 13.41 50.35
CA SER Q 126 27.65 13.42 48.97
C SER Q 126 26.63 14.03 48.02
N LYS Q 127 25.35 13.71 48.20
CA LYS Q 127 24.29 14.26 47.36
C LYS Q 127 23.67 15.50 47.98
N MET Q 128 24.51 16.47 48.33
CA MET Q 128 24.08 17.74 48.88
C MET Q 128 24.72 18.86 48.09
N ASN Q 129 23.99 19.98 47.95
CA ASN Q 129 24.55 21.13 47.27
C ASN Q 129 25.32 21.99 48.26
N CYS Q 130 25.86 23.10 47.77
CA CYS Q 130 26.72 23.94 48.60
C CYS Q 130 25.96 24.52 49.79
N GLU Q 131 24.71 24.94 49.57
CA GLU Q 131 23.94 25.55 50.64
C GLU Q 131 23.61 24.54 51.72
N GLN Q 132 23.24 23.31 51.34
CA GLN Q 132 22.88 22.31 52.33
C GLN Q 132 24.07 21.90 53.19
N ARG Q 133 25.24 21.77 52.58
CA ARG Q 133 26.43 21.40 53.34
C ARG Q 133 26.78 22.48 54.37
N LYS Q 134 26.62 23.75 54.00
CA LYS Q 134 26.90 24.84 54.93
C LYS Q 134 25.97 24.78 56.13
N ARG Q 135 24.69 24.50 55.90
CA ARG Q 135 23.73 24.43 56.99
C ARG Q 135 24.04 23.25 57.92
N MET Q 136 24.45 22.12 57.35
CA MET Q 136 24.84 20.98 58.17
C MET Q 136 26.05 21.31 59.04
N LEU Q 137 27.02 22.05 58.48
CA LEU Q 137 28.21 22.40 59.24
C LEU Q 137 27.90 23.41 60.33
N ILE Q 138 26.88 24.25 60.13
CA ILE Q 138 26.44 25.17 61.19
C ILE Q 138 25.91 24.38 62.37
N CYS Q 139 25.08 23.37 62.09
CA CYS Q 139 24.54 22.55 63.17
C CYS Q 139 25.63 21.73 63.85
N PHE Q 140 26.60 21.23 63.08
CA PHE Q 140 27.71 20.49 63.67
C PHE Q 140 28.54 21.38 64.57
N LYS Q 141 28.85 22.60 64.13
CA LYS Q 141 29.68 23.50 64.92
C LYS Q 141 28.99 23.89 66.22
N LEU Q 142 27.67 24.12 66.17
CA LEU Q 142 26.93 24.47 67.37
C LEU Q 142 26.98 23.34 68.39
N LEU Q 143 26.80 22.11 67.93
CA LEU Q 143 26.88 20.96 68.84
C LEU Q 143 28.31 20.78 69.36
N ALA Q 144 29.30 21.00 68.50
CA ALA Q 144 30.69 20.82 68.91
C ALA Q 144 31.08 21.78 70.02
N TYR Q 145 30.68 23.05 69.90
CA TYR Q 145 31.03 24.02 70.93
C TYR Q 145 30.17 23.84 72.17
N LYS Q 146 28.99 23.24 72.04
CA LYS Q 146 28.13 23.02 73.20
C LYS Q 146 28.73 21.97 74.14
N ASP Q 147 29.26 20.88 73.58
CA ASP Q 147 29.81 19.80 74.38
C ASP Q 147 31.31 19.90 74.57
N GLY Q 148 31.96 20.93 74.02
CA GLY Q 148 33.39 21.07 74.14
C GLY Q 148 34.20 20.23 73.18
N ASN Q 149 33.56 19.57 72.22
CA ASN Q 149 34.26 18.75 71.24
C ASN Q 149 34.65 19.58 70.01
N GLN Q 150 35.33 20.71 70.24
CA GLN Q 150 35.75 21.55 69.14
C GLN Q 150 36.87 20.91 68.34
N ASN Q 151 37.72 20.12 69.01
CA ASN Q 151 38.79 19.42 68.30
C ASN Q 151 38.22 18.41 67.32
N ASP Q 152 37.20 17.66 67.71
CA ASP Q 152 36.63 16.64 66.83
C ASP Q 152 36.02 17.28 65.59
N TYR Q 153 35.49 18.49 65.72
CA TYR Q 153 34.98 19.20 64.55
C TYR Q 153 36.10 19.52 63.58
N GLU Q 154 37.28 19.87 64.10
CA GLU Q 154 38.42 20.14 63.22
C GLU Q 154 38.95 18.88 62.57
N ILE Q 155 38.98 17.77 63.32
CA ILE Q 155 39.42 16.50 62.75
C ILE Q 155 38.50 16.08 61.62
N TYR Q 156 37.18 16.21 61.82
CA TYR Q 156 36.24 15.87 60.77
C TYR Q 156 36.44 16.74 59.54
N LEU Q 157 36.68 18.03 59.75
CA LEU Q 157 36.90 18.94 58.63
C LEU Q 157 38.18 18.60 57.88
N ASN Q 158 39.22 18.22 58.61
CA ASN Q 158 40.49 17.87 57.96
C ASN Q 158 40.37 16.61 57.13
N GLN Q 159 39.56 15.64 57.57
CA GLN Q 159 39.36 14.43 56.79
C GLN Q 159 38.58 14.70 55.51
N ASN Q 160 37.72 15.71 55.51
CA ASN Q 160 36.90 16.06 54.35
C ASN Q 160 37.34 17.43 53.86
N ILE Q 161 38.32 17.45 52.96
CA ILE Q 161 38.85 18.72 52.45
C ILE Q 161 37.79 19.54 51.74
N PRO Q 162 36.94 18.98 50.86
CA PRO Q 162 35.93 19.83 50.21
C PRO Q 162 35.00 20.55 51.19
N LEU Q 163 34.66 19.91 52.31
CA LEU Q 163 33.85 20.58 53.32
C LEU Q 163 34.63 21.68 54.03
N LYS Q 164 35.94 21.52 54.15
CA LYS Q 164 36.76 22.53 54.80
C LYS Q 164 36.80 23.83 54.00
N GLN Q 165 36.67 23.73 52.67
CA GLN Q 165 36.69 24.92 51.84
C GLN Q 165 35.46 25.80 52.09
N ILE Q 166 34.29 25.20 52.26
CA ILE Q 166 33.04 25.92 52.36
C ILE Q 166 32.53 25.98 53.81
N ALA Q 167 33.41 25.76 54.77
CA ALA Q 167 32.99 25.76 56.16
C ALA Q 167 32.64 27.18 56.62
N PRO Q 168 31.64 27.31 57.50
CA PRO Q 168 31.30 28.64 58.01
C PRO Q 168 32.41 29.21 58.87
N ASN Q 169 32.49 30.54 58.89
CA ASN Q 169 33.55 31.27 59.58
C ASN Q 169 33.04 31.98 60.82
N PHE Q 170 32.18 31.34 61.59
CA PHE Q 170 31.61 31.91 62.78
C PHE Q 170 31.94 31.05 64.00
N ILE Q 171 32.18 31.70 65.12
CA ILE Q 171 32.44 31.04 66.40
C ILE Q 171 31.14 31.10 67.21
N PRO Q 172 30.60 29.98 67.68
CA PRO Q 172 29.31 30.01 68.37
C PRO Q 172 29.25 30.95 69.58
N GLY Q 173 30.33 31.05 70.34
CA GLY Q 173 30.31 31.95 71.49
C GLY Q 173 30.23 33.40 71.11
N ASP Q 174 31.00 33.82 70.12
CA ASP Q 174 31.11 35.22 69.76
C ASP Q 174 29.90 35.67 68.95
N MET Q 175 29.54 36.94 69.09
CA MET Q 175 28.46 37.54 68.33
C MET Q 175 28.96 38.38 67.16
N ARG Q 176 30.18 38.90 67.23
CA ARG Q 176 30.74 39.67 66.12
C ARG Q 176 30.83 38.82 64.86
N THR Q 177 31.07 37.52 65.02
CA THR Q 177 31.15 36.65 63.85
C THR Q 177 29.80 36.48 63.18
N VAL Q 178 28.73 36.37 63.96
CA VAL Q 178 27.40 36.21 63.39
C VAL Q 178 26.96 37.50 62.69
N ILE Q 179 27.26 38.65 63.28
CA ILE Q 179 26.84 39.92 62.70
C ILE Q 179 27.51 40.15 61.36
N HIS Q 180 28.79 39.84 61.26
CA HIS Q 180 29.58 40.16 60.08
C HIS Q 180 29.62 39.02 59.07
N ASN Q 181 28.92 37.92 59.30
CA ASN Q 181 28.92 36.80 58.36
C ASN Q 181 28.28 37.22 57.05
N GLN Q 182 28.79 36.65 55.95
CA GLN Q 182 28.35 37.01 54.61
C GLN Q 182 27.93 35.80 53.79
N ASP Q 183 27.57 34.69 54.43
CA ASP Q 183 27.19 33.49 53.71
C ASP Q 183 25.80 33.63 53.12
N GLN Q 184 25.55 32.88 52.05
CA GLN Q 184 24.25 32.81 51.39
C GLN Q 184 23.75 31.37 51.52
N LEU Q 185 22.81 31.16 52.45
CA LEU Q 185 22.30 29.83 52.75
C LEU Q 185 20.88 29.62 52.26
N ALA Q 186 20.35 30.52 51.46
CA ALA Q 186 18.99 30.38 50.97
C ALA Q 186 18.89 29.23 49.98
N ILE Q 187 17.84 28.43 50.14
CA ILE Q 187 17.54 27.35 49.22
C ILE Q 187 16.32 27.68 48.36
N VAL Q 188 15.26 28.16 48.98
CA VAL Q 188 14.06 28.59 48.28
C VAL Q 188 14.08 30.11 48.18
N GLY Q 189 13.50 30.65 47.12
CA GLY Q 189 13.47 32.08 46.92
C GLY Q 189 12.65 32.44 45.71
N ILE Q 190 12.21 33.68 45.69
CA ILE Q 190 11.40 34.17 44.55
C ILE Q 190 12.31 34.40 43.35
N PRO Q 191 12.02 33.79 42.19
CA PRO Q 191 12.82 33.99 40.98
C PRO Q 191 12.48 35.28 40.26
N LEU Q 195 11.70 29.57 36.17
CA LEU Q 195 11.15 28.32 36.66
C LEU Q 195 9.78 28.03 36.10
N THR Q 196 9.63 26.86 35.51
CA THR Q 196 8.37 26.42 34.93
C THR Q 196 7.79 25.26 35.73
N GLN Q 197 6.48 25.09 35.62
CA GLN Q 197 5.77 24.04 36.36
C GLN Q 197 6.07 22.70 35.69
N SER Q 198 7.26 22.18 35.95
CA SER Q 198 7.72 20.96 35.33
C SER Q 198 8.22 20.00 36.41
N THR Q 199 8.53 18.78 35.98
CA THR Q 199 8.93 17.71 36.88
C THR Q 199 10.41 17.40 36.70
N GLU Q 200 11.10 17.19 37.81
CA GLU Q 200 12.50 16.81 37.79
C GLU Q 200 12.65 15.31 38.03
N LEU Q 201 13.79 14.77 37.58
CA LEU Q 201 13.99 13.33 37.59
C LEU Q 201 14.21 12.80 39.00
N SER Q 202 15.06 13.46 39.77
CA SER Q 202 15.41 12.95 41.09
C SER Q 202 14.32 13.26 42.10
N ILE Q 203 14.29 12.46 43.17
CA ILE Q 203 13.35 12.70 44.26
C ILE Q 203 13.70 13.99 44.98
N ARG Q 204 15.00 14.19 45.26
CA ARG Q 204 15.42 15.43 45.92
C ARG Q 204 15.16 16.64 45.04
N ASP Q 205 15.45 16.53 43.75
CA ASP Q 205 15.25 17.67 42.85
C ASP Q 205 13.77 17.98 42.68
N ASP Q 206 12.93 16.96 42.55
CA ASP Q 206 11.50 17.19 42.39
C ASP Q 206 10.89 17.82 43.64
N ASN Q 207 11.23 17.29 44.81
CA ASN Q 207 10.69 17.83 46.05
C ASN Q 207 11.18 19.25 46.30
N ALA Q 208 12.47 19.50 46.00
CA ALA Q 208 13.00 20.85 46.16
C ALA Q 208 12.31 21.85 45.24
N LYS Q 209 12.02 21.44 44.00
CA LYS Q 209 11.33 22.32 43.08
C LYS Q 209 9.90 22.58 43.52
N SER Q 210 9.27 21.61 44.19
CA SER Q 210 7.92 21.82 44.71
C SER Q 210 7.91 22.94 45.75
N TYR Q 211 8.93 22.97 46.60
CA TYR Q 211 9.06 24.07 47.55
C TYR Q 211 9.32 25.38 46.84
N LYS Q 212 10.13 25.36 45.77
CA LYS Q 212 10.44 26.57 45.03
C LYS Q 212 9.21 27.17 44.38
N LEU Q 213 8.37 26.32 43.78
CA LEU Q 213 7.18 26.82 43.10
C LEU Q 213 6.11 27.27 44.10
N GLY Q 214 6.07 26.68 45.28
CA GLY Q 214 5.08 27.04 46.27
C GLY Q 214 5.45 28.20 47.16
N TYR Q 215 6.67 28.71 47.04
CA TYR Q 215 7.10 29.80 47.92
C TYR Q 215 6.41 31.11 47.56
N VAL Q 216 6.23 31.36 46.26
CA VAL Q 216 5.57 32.60 45.85
C VAL Q 216 4.15 32.66 46.37
N ASP Q 217 3.42 31.54 46.29
CA ASP Q 217 2.07 31.49 46.82
C ASP Q 217 2.09 31.55 48.35
N TRP Q 218 3.06 30.89 48.98
CA TRP Q 218 3.13 30.86 50.44
C TRP Q 218 3.45 32.24 51.00
N TYR Q 219 4.11 33.09 50.21
CA TYR Q 219 4.49 34.41 50.69
C TYR Q 219 3.28 35.26 51.03
N ASN Q 220 2.15 35.04 50.35
CA ASN Q 220 0.97 35.88 50.52
C ASN Q 220 -0.13 35.21 51.31
N SER Q 221 -0.28 33.89 51.20
CA SER Q 221 -1.42 33.21 51.79
C SER Q 221 -1.22 32.82 53.25
N ASN Q 222 0.02 32.78 53.73
CA ASN Q 222 0.25 32.26 55.08
C ASN Q 222 -0.15 33.26 56.15
N SER Q 223 -0.17 34.55 55.84
CA SER Q 223 -0.37 35.57 56.87
C SER Q 223 -1.74 35.44 57.53
N PHE Q 224 -2.81 35.42 56.74
CA PHE Q 224 -4.15 35.39 57.31
C PHE Q 224 -4.49 34.02 57.87
N LEU Q 225 -4.11 32.95 57.16
CA LEU Q 225 -4.44 31.61 57.62
C LEU Q 225 -3.74 31.27 58.93
N ARG Q 226 -2.50 31.73 59.10
CA ARG Q 226 -1.80 31.52 60.36
C ARG Q 226 -2.51 32.25 61.49
N GLU Q 227 -2.75 33.55 61.32
CA GLU Q 227 -3.32 34.35 62.40
C GLU Q 227 -4.67 33.81 62.85
N ARG Q 228 -5.42 33.17 61.97
CA ARG Q 228 -6.69 32.57 62.36
C ARG Q 228 -6.46 31.37 63.27
N SER Q 229 -5.37 30.64 63.07
CA SER Q 229 -5.13 29.43 63.84
C SER Q 229 -4.83 29.75 65.31
N GLU Q 230 -3.90 30.66 65.57
CA GLU Q 230 -3.52 31.00 66.94
C GLU Q 230 -4.08 32.35 67.37
N PHE Q 231 -5.33 32.64 67.00
CA PHE Q 231 -5.96 33.88 67.43
C PHE Q 231 -6.08 33.93 68.96
N ASN Q 232 -6.45 32.81 69.58
CA ASN Q 232 -6.63 32.71 71.02
C ASN Q 232 -5.93 31.49 71.56
N LEU Q 233 -4.68 31.27 71.14
CA LEU Q 233 -3.91 30.09 71.49
C LEU Q 233 -2.64 30.49 72.21
N ILE Q 234 -2.30 29.74 73.26
CA ILE Q 234 -1.07 29.98 74.03
C ILE Q 234 0.11 29.40 73.28
N ARG Q 235 1.21 30.16 73.24
CA ARG Q 235 2.40 29.73 72.52
C ARG Q 235 2.97 28.46 73.13
N LEU Q 236 3.35 27.51 72.27
CA LEU Q 236 3.89 26.24 72.73
C LEU Q 236 5.34 26.35 73.16
N LYS Q 237 6.11 27.26 72.57
CA LYS Q 237 7.54 27.34 72.83
C LYS Q 237 7.79 27.75 74.28
N ASP Q 238 8.58 26.92 74.97
CA ASP Q 238 8.94 27.15 76.37
C ASP Q 238 7.69 27.35 77.24
N ARG Q 239 6.68 26.52 76.99
CA ARG Q 239 5.44 26.63 77.75
C ARG Q 239 5.66 26.24 79.20
N ASP Q 240 5.08 27.03 80.11
CA ASP Q 240 5.20 26.74 81.53
C ASP Q 240 4.39 25.49 81.87
N THR Q 241 5.02 24.57 82.61
CA THR Q 241 4.36 23.34 83.03
C THR Q 241 4.94 22.90 84.35
N LYS Q 242 4.43 21.78 84.86
CA LYS Q 242 4.90 21.23 86.12
C LYS Q 242 6.23 20.50 85.99
N TYR Q 243 6.77 20.39 84.78
CA TYR Q 243 8.03 19.69 84.52
C TYR Q 243 7.95 18.23 84.96
N GLY Q 244 7.08 17.51 84.28
CA GLY Q 244 6.75 16.14 84.66
C GLY Q 244 7.92 15.17 84.66
N LYS Q 245 8.42 14.83 83.46
CA LYS Q 245 9.48 13.84 83.36
C LYS Q 245 10.01 13.83 81.94
N LEU Q 246 11.21 13.28 81.80
CA LEU Q 246 11.82 13.02 80.49
C LEU Q 246 12.14 11.53 80.45
N ASN Q 247 11.41 10.78 79.64
CA ASN Q 247 11.49 9.32 79.63
C ASN Q 247 12.29 8.84 78.43
N GLY Q 248 13.20 7.90 78.69
CA GLY Q 248 13.98 7.28 77.63
C GLY Q 248 15.21 8.04 77.21
N TRP Q 249 15.48 9.20 77.80
CA TRP Q 249 16.65 9.98 77.45
C TRP Q 249 17.64 10.05 78.61
N VAL R 27 7.57 -8.68 -16.14
CA VAL R 27 6.22 -8.81 -16.67
C VAL R 27 6.19 -9.91 -17.73
N ALA R 28 4.98 -10.40 -18.02
CA ALA R 28 4.81 -11.48 -18.99
C ALA R 28 3.64 -11.16 -19.90
N ASP R 29 3.67 -11.76 -21.09
CA ASP R 29 2.60 -11.52 -22.06
C ASP R 29 1.31 -12.22 -21.67
N GLY R 30 1.39 -13.22 -20.79
CA GLY R 30 0.23 -14.00 -20.42
C GLY R 30 0.01 -15.24 -21.25
N THR R 31 0.90 -15.52 -22.21
CA THR R 31 0.75 -16.70 -23.04
C THR R 31 1.15 -17.98 -22.31
N PHE R 32 2.17 -17.91 -21.47
CA PHE R 32 2.63 -19.10 -20.77
C PHE R 32 1.62 -19.54 -19.71
N ASN R 33 0.90 -18.59 -19.12
CA ASN R 33 -0.10 -18.94 -18.11
C ASN R 33 -1.23 -19.76 -18.71
N SER R 34 -1.68 -19.40 -19.91
CA SER R 34 -2.75 -20.16 -20.55
C SER R 34 -2.26 -21.52 -21.02
N MET R 35 -0.95 -21.66 -21.26
CA MET R 35 -0.40 -22.92 -21.74
C MET R 35 -0.27 -23.94 -20.62
N ILE R 36 -0.24 -23.51 -19.37
CA ILE R 36 -0.13 -24.43 -18.24
C ILE R 36 -1.43 -24.53 -17.45
N MET R 37 -2.51 -23.95 -17.95
CA MET R 37 -3.79 -24.05 -17.28
C MET R 37 -4.30 -25.48 -17.37
N PRO R 38 -4.98 -25.97 -16.33
CA PRO R 38 -5.56 -27.31 -16.39
C PRO R 38 -6.67 -27.39 -17.43
N ARG R 39 -6.82 -28.58 -18.00
CA ARG R 39 -7.77 -28.81 -19.08
C ARG R 39 -8.86 -29.77 -18.61
N ALA R 40 -10.09 -29.54 -19.10
CA ALA R 40 -11.20 -30.43 -18.78
C ALA R 40 -11.05 -31.73 -19.55
N VAL R 41 -10.89 -32.83 -18.81
CA VAL R 41 -10.62 -34.13 -19.43
C VAL R 41 -11.85 -35.02 -19.46
N ILE R 42 -13.01 -34.52 -19.06
CA ILE R 42 -14.26 -35.26 -19.13
C ILE R 42 -15.22 -34.62 -20.13
N ALA R 43 -15.41 -33.31 -20.04
CA ALA R 43 -16.33 -32.62 -20.95
C ALA R 43 -15.80 -32.63 -22.38
N ASN R 44 -14.49 -32.48 -22.55
CA ASN R 44 -13.89 -32.50 -23.88
C ASN R 44 -13.94 -33.91 -24.45
N GLU R 45 -14.65 -34.08 -25.57
CA GLU R 45 -14.76 -35.40 -26.17
C GLU R 45 -13.44 -35.84 -26.77
N ARG R 46 -12.64 -34.90 -27.26
CA ARG R 46 -11.27 -35.23 -27.68
C ARG R 46 -10.46 -35.71 -26.50
N GLU R 47 -10.71 -35.15 -25.31
CA GLU R 47 -9.92 -35.48 -24.13
C GLU R 47 -10.39 -36.78 -23.47
N HIS R 48 -11.56 -37.28 -23.86
CA HIS R 48 -12.05 -38.52 -23.28
C HIS R 48 -11.65 -39.73 -24.13
N PHE R 49 -11.72 -39.55 -25.44
CA PHE R 49 -11.31 -40.60 -26.40
C PHE R 49 -9.83 -40.95 -26.18
N MET R 50 -8.98 -39.93 -26.06
CA MET R 50 -7.52 -40.20 -25.95
C MET R 50 -7.22 -41.01 -24.69
N LYS R 51 -7.85 -40.66 -23.58
CA LYS R 51 -7.58 -41.36 -22.31
C LYS R 51 -8.04 -42.81 -22.47
N THR R 52 -9.27 -43.02 -22.92
CA THR R 52 -9.80 -44.38 -22.95
C THR R 52 -8.91 -45.31 -23.76
N ARG R 53 -8.31 -44.79 -24.83
CA ARG R 53 -7.43 -45.62 -25.65
C ARG R 53 -6.21 -46.09 -24.87
N ILE R 54 -5.61 -45.18 -24.09
CA ILE R 54 -4.36 -45.51 -23.40
C ILE R 54 -4.60 -46.55 -22.31
N ASP R 55 -5.69 -46.42 -21.56
CA ASP R 55 -6.01 -47.42 -20.56
C ASP R 55 -6.27 -48.78 -21.19
N LYS R 56 -6.98 -48.79 -22.32
CA LYS R 56 -7.21 -50.05 -23.02
C LYS R 56 -5.91 -50.66 -23.51
N ILE R 57 -5.03 -49.83 -24.08
CA ILE R 57 -3.74 -50.32 -24.54
C ILE R 57 -2.91 -50.84 -23.38
N GLU R 58 -2.93 -50.12 -22.25
CA GLU R 58 -2.15 -50.53 -21.10
C GLU R 58 -2.62 -51.88 -20.56
N HIS R 59 -3.93 -52.10 -20.54
CA HIS R 59 -4.47 -53.36 -20.04
C HIS R 59 -4.13 -54.52 -20.97
N ASP R 60 -4.30 -54.32 -22.29
CA ASP R 60 -4.07 -55.40 -23.23
C ASP R 60 -2.61 -55.82 -23.26
N LEU R 61 -1.69 -54.87 -23.12
CA LEU R 61 -0.26 -55.19 -23.14
C LEU R 61 0.08 -56.10 -21.97
N ASN R 62 -0.44 -55.81 -20.78
CA ASN R 62 -0.05 -56.56 -19.61
C ASN R 62 -0.85 -57.85 -19.48
N ARG R 63 -2.14 -57.80 -19.79
CA ARG R 63 -3.01 -58.97 -19.81
C ARG R 63 -3.60 -59.13 -21.21
N SER R 64 -3.32 -60.26 -21.83
CA SER R 64 -3.79 -60.53 -23.19
C SER R 64 -4.99 -61.47 -23.14
N ALA R 65 -6.00 -61.16 -23.95
CA ALA R 65 -7.19 -62.01 -24.01
C ALA R 65 -6.84 -63.39 -24.56
N LYS R 66 -5.91 -63.44 -25.52
CA LYS R 66 -5.51 -64.72 -26.07
C LYS R 66 -4.83 -65.60 -25.03
N GLN R 67 -3.99 -65.02 -24.19
CA GLN R 67 -3.25 -65.80 -23.21
C GLN R 67 -4.20 -66.33 -22.13
N GLU R 68 -5.07 -65.45 -21.60
CA GLU R 68 -5.97 -65.87 -20.54
C GLU R 68 -6.94 -66.95 -21.01
N MET R 69 -7.48 -66.79 -22.22
CA MET R 69 -8.40 -67.79 -22.75
C MET R 69 -7.70 -69.12 -22.98
N MET R 70 -6.44 -69.09 -23.42
CA MET R 70 -5.73 -70.33 -23.68
C MET R 70 -5.35 -71.05 -22.40
N ASP R 71 -5.03 -70.29 -21.35
CA ASP R 71 -4.68 -70.87 -20.05
C ASP R 71 -5.89 -71.26 -19.22
N ARG R 72 -7.10 -71.16 -19.78
CA ARG R 72 -8.29 -71.49 -19.01
C ARG R 72 -8.29 -72.95 -18.58
N GLN R 73 -7.90 -73.85 -19.48
CA GLN R 73 -7.89 -75.27 -19.16
C GLN R 73 -6.90 -75.60 -18.05
N SER R 74 -5.72 -74.98 -18.08
CA SER R 74 -4.72 -75.24 -17.06
C SER R 74 -5.21 -74.80 -15.69
N LEU R 75 -5.86 -73.63 -15.63
CA LEU R 75 -6.39 -73.16 -14.35
C LEU R 75 -7.50 -74.05 -13.85
N ALA R 76 -8.36 -74.55 -14.75
CA ALA R 76 -9.48 -75.37 -14.34
C ALA R 76 -9.00 -76.66 -13.67
N GLU R 77 -7.98 -77.29 -14.23
CA GLU R 77 -7.47 -78.52 -13.64
C GLU R 77 -6.78 -78.24 -12.31
N ASP R 78 -6.13 -77.08 -12.18
CA ASP R 78 -5.50 -76.71 -10.92
C ASP R 78 -6.54 -76.55 -9.81
N TYR R 79 -7.65 -75.87 -10.11
CA TYR R 79 -8.68 -75.66 -9.09
C TYR R 79 -9.31 -76.99 -8.67
N ASN R 80 -9.61 -77.85 -9.64
CA ASN R 80 -10.23 -79.13 -9.32
C ASN R 80 -9.30 -80.01 -8.50
N ALA R 81 -8.01 -80.00 -8.81
CA ALA R 81 -7.06 -80.83 -8.10
C ALA R 81 -6.97 -80.46 -6.62
N LEU R 82 -7.32 -79.23 -6.26
CA LEU R 82 -7.47 -78.88 -4.85
C LEU R 82 -8.73 -79.56 -4.31
N ASN R 83 -8.58 -80.27 -3.20
CA ASN R 83 -9.68 -81.06 -2.65
C ASN R 83 -10.64 -80.10 -1.95
N LEU R 84 -11.72 -79.75 -2.64
CA LEU R 84 -12.74 -78.85 -2.11
C LEU R 84 -14.04 -79.62 -1.96
N ALA R 85 -14.68 -79.47 -0.80
CA ALA R 85 -15.94 -80.15 -0.55
C ALA R 85 -17.03 -79.62 -1.49
N VAL R 86 -18.11 -80.39 -1.60
CA VAL R 86 -19.19 -80.01 -2.51
C VAL R 86 -19.83 -78.71 -2.03
N GLY R 87 -20.28 -77.91 -2.99
CA GLY R 87 -20.81 -76.60 -2.69
C GLY R 87 -19.77 -75.56 -2.35
N GLN R 88 -18.49 -75.93 -2.31
CA GLN R 88 -17.41 -75.01 -1.99
C GLN R 88 -16.31 -75.05 -3.05
N GLU R 89 -16.60 -75.61 -4.21
CA GLU R 89 -15.64 -75.73 -5.30
C GLU R 89 -16.12 -74.95 -6.52
N ILE R 90 -15.17 -74.48 -7.31
CA ILE R 90 -15.45 -73.64 -8.47
C ILE R 90 -15.11 -74.40 -9.74
N LYS R 91 -15.95 -74.26 -10.75
CA LYS R 91 -15.74 -74.87 -12.06
C LYS R 91 -15.57 -73.75 -13.06
N LEU R 92 -14.34 -73.55 -13.54
CA LEU R 92 -14.15 -72.56 -14.59
C LEU R 92 -14.70 -73.02 -15.92
N ASP R 93 -15.19 -74.25 -16.02
CA ASP R 93 -15.94 -74.66 -17.21
C ASP R 93 -17.18 -73.80 -17.41
N ILE R 94 -17.71 -73.24 -16.33
CA ILE R 94 -18.81 -72.29 -16.42
C ILE R 94 -18.26 -70.94 -16.87
N ALA R 95 -18.97 -70.30 -17.80
CA ALA R 95 -18.51 -69.01 -18.31
C ALA R 95 -18.49 -67.95 -17.21
N THR R 96 -19.55 -67.89 -16.41
CA THR R 96 -19.63 -66.89 -15.36
C THR R 96 -18.53 -67.08 -14.31
N GLN R 97 -18.24 -68.33 -13.96
CA GLN R 97 -17.19 -68.59 -12.98
C GLN R 97 -15.82 -68.19 -13.51
N HIS R 98 -15.59 -68.41 -14.81
CA HIS R 98 -14.30 -68.04 -15.39
C HIS R 98 -14.14 -66.53 -15.45
N GLN R 99 -15.18 -65.82 -15.89
CA GLN R 99 -15.11 -64.37 -15.99
C GLN R 99 -14.91 -63.74 -14.63
N LEU R 100 -15.56 -64.29 -13.61
CA LEU R 100 -15.40 -63.76 -12.26
C LEU R 100 -13.99 -64.00 -11.74
N ASN R 101 -13.37 -65.11 -12.15
CA ASN R 101 -12.05 -65.44 -11.63
C ASN R 101 -10.97 -64.52 -12.19
N ARG R 102 -11.00 -64.27 -13.50
CA ARG R 102 -9.99 -63.39 -14.08
C ARG R 102 -10.10 -61.98 -13.53
N LEU R 103 -11.33 -61.51 -13.31
CA LEU R 103 -11.52 -60.21 -12.65
C LEU R 103 -11.01 -60.26 -11.22
N GLY R 104 -11.27 -61.36 -10.52
CA GLY R 104 -10.77 -61.50 -9.15
C GLY R 104 -9.26 -61.59 -9.08
N SER R 105 -8.66 -62.37 -9.98
CA SER R 105 -7.21 -62.53 -9.95
C SER R 105 -6.49 -61.24 -10.27
N ALA R 106 -7.01 -60.48 -11.24
CA ALA R 106 -6.39 -59.22 -11.61
C ALA R 106 -6.46 -58.22 -10.46
N MET R 107 -7.64 -58.11 -9.82
CA MET R 107 -7.78 -57.18 -8.71
C MET R 107 -6.94 -57.60 -7.51
N TYR R 108 -6.92 -58.90 -7.20
CA TYR R 108 -6.14 -59.38 -6.06
C TYR R 108 -4.65 -59.17 -6.29
N LYS R 109 -4.17 -59.44 -7.50
CA LYS R 109 -2.75 -59.31 -7.77
C LYS R 109 -2.27 -57.87 -7.58
N ALA R 110 -3.05 -56.91 -8.07
CA ALA R 110 -2.68 -55.51 -7.91
C ALA R 110 -2.72 -55.10 -6.44
N ASP R 111 -3.76 -55.52 -5.72
CA ASP R 111 -3.84 -55.22 -4.29
C ASP R 111 -2.72 -55.89 -3.52
N HIS R 112 -2.42 -57.15 -3.86
CA HIS R 112 -1.37 -57.86 -3.14
C HIS R 112 -0.01 -57.21 -3.36
N GLU R 113 0.26 -56.75 -4.58
CA GLU R 113 1.54 -56.11 -4.88
C GLU R 113 1.72 -54.83 -4.07
N ARG R 114 0.63 -54.08 -3.89
CA ARG R 114 0.72 -52.84 -3.12
C ARG R 114 1.07 -53.12 -1.67
N GLU R 115 0.53 -54.20 -1.10
CA GLU R 115 0.80 -54.53 0.29
C GLU R 115 2.27 -54.91 0.51
N THR R 116 2.87 -55.63 -0.44
CA THR R 116 4.29 -55.91 -0.34
C THR R 116 5.11 -54.65 -0.43
N GLU R 117 4.72 -53.73 -1.31
CA GLU R 117 5.42 -52.45 -1.41
C GLU R 117 5.30 -51.66 -0.11
N LEU R 118 4.12 -51.67 0.51
CA LEU R 118 3.93 -50.97 1.78
C LEU R 118 4.78 -51.60 2.88
N THR R 119 4.83 -52.93 2.94
CA THR R 119 5.60 -53.59 3.98
C THR R 119 7.08 -53.28 3.84
N ASP R 120 7.58 -53.23 2.61
CA ASP R 120 8.97 -52.83 2.39
C ASP R 120 9.21 -51.40 2.84
N LEU R 121 8.29 -50.49 2.52
CA LEU R 121 8.45 -49.09 2.91
C LEU R 121 8.47 -48.94 4.41
N ILE R 122 7.60 -49.68 5.11
CA ILE R 122 7.58 -49.63 6.57
C ILE R 122 8.92 -50.10 7.13
N ASN R 123 9.53 -51.10 6.48
CA ASN R 123 10.80 -51.63 6.95
C ASN R 123 11.91 -50.59 6.86
N ARG R 124 11.97 -49.87 5.74
CA ARG R 124 13.02 -48.86 5.57
C ARG R 124 12.86 -47.74 6.59
N ILE R 125 11.62 -47.34 6.87
CA ILE R 125 11.38 -46.28 7.85
C ILE R 125 11.84 -46.72 9.23
N ARG R 126 11.54 -47.96 9.61
CA ARG R 126 11.94 -48.46 10.91
C ARG R 126 13.46 -48.57 11.03
N GLU R 127 14.16 -48.79 9.93
CA GLU R 127 15.62 -48.85 9.97
C GLU R 127 16.21 -47.49 10.32
N ASN R 128 15.64 -46.41 9.78
CA ASN R 128 16.19 -45.08 9.97
C ASN R 128 15.24 -44.20 10.78
N GLU R 129 14.71 -44.75 11.88
CA GLU R 129 13.74 -44.00 12.68
C GLU R 129 14.34 -42.72 13.24
N VAL R 130 15.65 -42.68 13.48
CA VAL R 130 16.27 -41.50 14.07
C VAL R 130 16.23 -40.34 13.09
N THR R 131 16.64 -40.59 11.84
CA THR R 131 16.63 -39.53 10.84
C THR R 131 15.21 -39.14 10.44
N VAL R 132 14.31 -40.12 10.40
CA VAL R 132 12.92 -39.81 10.05
C VAL R 132 12.28 -38.94 11.11
N ASN R 133 12.56 -39.22 12.39
CA ASN R 133 12.01 -38.41 13.47
C ASN R 133 12.50 -36.97 13.38
N GLY R 134 13.78 -36.78 13.05
CA GLY R 134 14.30 -35.44 12.89
C GLY R 134 13.64 -34.68 11.75
N ILE R 135 13.39 -35.38 10.64
CA ILE R 135 12.75 -34.74 9.49
C ILE R 135 11.32 -34.34 9.84
N LEU R 136 10.58 -35.22 10.53
CA LEU R 136 9.19 -34.92 10.84
C LEU R 136 9.07 -33.78 11.85
N GLU R 137 10.08 -33.58 12.69
CA GLU R 137 10.00 -32.54 13.70
C GLU R 137 10.60 -31.22 13.22
N ASN R 138 11.83 -31.25 12.71
CA ASN R 138 12.53 -30.02 12.38
C ASN R 138 11.86 -29.28 11.24
N GLN R 139 11.54 -29.99 10.16
CA GLN R 139 10.99 -29.39 8.95
C GLN R 139 9.47 -29.57 8.96
N LYS R 140 8.74 -28.46 9.13
CA LYS R 140 7.29 -28.47 9.05
C LYS R 140 6.72 -27.40 8.12
N ALA R 141 7.52 -26.41 7.72
CA ALA R 141 7.04 -25.35 6.85
C ALA R 141 7.02 -25.76 5.37
N ILE R 142 7.66 -26.87 5.01
CA ILE R 142 7.70 -27.29 3.61
C ILE R 142 6.39 -27.98 3.24
N THR R 143 6.18 -28.13 1.94
CA THR R 143 4.96 -28.74 1.44
C THR R 143 4.96 -30.24 1.73
N ALA R 144 3.79 -30.86 1.52
CA ALA R 144 3.67 -32.29 1.73
C ALA R 144 4.55 -33.07 0.75
N ALA R 145 4.60 -32.62 -0.50
CA ALA R 145 5.44 -33.30 -1.50
C ALA R 145 6.91 -33.20 -1.14
N GLU R 146 7.35 -32.02 -0.68
CA GLU R 146 8.75 -31.84 -0.31
C GLU R 146 9.11 -32.72 0.89
N ARG R 147 8.23 -32.83 1.88
CA ARG R 147 8.51 -33.67 3.03
C ARG R 147 8.59 -35.14 2.63
N ALA R 148 7.71 -35.58 1.74
CA ALA R 148 7.75 -36.97 1.29
C ALA R 148 9.04 -37.28 0.54
N ASP R 149 9.49 -36.33 -0.30
CA ASP R 149 10.71 -36.55 -1.06
C ASP R 149 11.92 -36.68 -0.14
N LEU R 150 11.98 -35.85 0.91
CA LEU R 150 13.08 -35.95 1.86
C LEU R 150 13.04 -37.28 2.61
N LEU R 151 11.84 -37.73 2.99
CA LEU R 151 11.72 -39.00 3.71
C LEU R 151 12.11 -40.17 2.82
N LEU R 152 11.68 -40.16 1.55
CA LEU R 152 12.01 -41.26 0.65
C LEU R 152 13.51 -41.34 0.40
N GLU R 153 14.16 -40.19 0.25
CA GLU R 153 15.61 -40.18 0.02
C GLU R 153 16.35 -40.73 1.23
N VAL R 154 15.91 -40.38 2.44
CA VAL R 154 16.60 -40.83 3.64
C VAL R 154 16.47 -42.34 3.81
N VAL R 155 15.26 -42.88 3.67
CA VAL R 155 15.04 -44.30 3.85
C VAL R 155 15.57 -45.14 2.69
N ALA R 156 16.02 -44.50 1.61
CA ALA R 156 16.58 -45.18 0.45
C ALA R 156 15.61 -46.21 -0.12
N SER R 157 14.38 -45.78 -0.34
CA SER R 157 13.37 -46.65 -0.90
C SER R 157 13.64 -46.91 -2.37
N THR R 158 13.00 -47.95 -2.91
CA THR R 158 13.18 -48.29 -4.32
C THR R 158 12.65 -47.17 -5.21
N ALA R 159 11.48 -46.62 -4.88
CA ALA R 159 10.90 -45.51 -5.63
C ALA R 159 11.07 -44.23 -4.83
N LYS R 160 11.66 -43.22 -5.46
CA LYS R 160 11.97 -41.96 -4.79
C LYS R 160 11.28 -40.77 -5.45
N SER R 161 10.26 -41.01 -6.26
CA SER R 161 9.54 -39.96 -6.96
C SER R 161 8.09 -39.92 -6.50
N VAL R 162 7.62 -38.71 -6.14
CA VAL R 162 6.24 -38.52 -5.72
C VAL R 162 5.38 -37.89 -6.81
N SER R 163 5.97 -37.44 -7.91
CA SER R 163 5.22 -36.84 -8.99
C SER R 163 4.40 -37.91 -9.73
N ALA R 164 3.44 -37.44 -10.52
CA ALA R 164 2.58 -38.36 -11.27
C ALA R 164 3.39 -39.12 -12.31
N ALA R 165 4.31 -38.45 -12.99
CA ALA R 165 5.11 -39.13 -14.00
C ALA R 165 6.01 -40.19 -13.38
N GLY R 166 6.61 -39.88 -12.23
CA GLY R 166 7.46 -40.86 -11.57
C GLY R 166 6.71 -42.10 -11.12
N ARG R 167 5.49 -41.91 -10.62
CA ARG R 167 4.68 -43.06 -10.23
C ARG R 167 4.32 -43.91 -11.44
N ALA R 168 3.97 -43.26 -12.56
CA ALA R 168 3.65 -44.02 -13.77
C ALA R 168 4.87 -44.76 -14.30
N ALA R 169 6.04 -44.12 -14.28
CA ALA R 169 7.24 -44.75 -14.79
C ALA R 169 7.64 -45.96 -13.95
N ALA R 170 7.57 -45.83 -12.62
CA ALA R 170 7.94 -46.93 -11.73
C ALA R 170 6.71 -47.71 -11.29
N ASP R 171 6.04 -48.31 -12.27
CA ASP R 171 4.85 -49.10 -12.02
C ASP R 171 5.04 -50.50 -12.59
N GLY R 172 4.76 -51.51 -11.77
CA GLY R 172 4.86 -52.88 -12.21
C GLY R 172 3.76 -53.25 -13.18
N SER R 173 3.93 -54.42 -13.79
CA SER R 173 2.93 -54.89 -14.75
C SER R 173 1.62 -55.23 -14.05
N GLY R 174 1.69 -55.81 -12.86
CA GLY R 174 0.48 -56.27 -12.19
C GLY R 174 -0.36 -55.18 -11.58
N VAL R 175 0.24 -54.01 -11.31
CA VAL R 175 -0.49 -52.92 -10.68
C VAL R 175 -1.33 -52.12 -11.66
N VAL R 176 -1.29 -52.44 -12.94
CA VAL R 176 -2.09 -51.73 -13.93
C VAL R 176 -3.57 -51.98 -13.64
N PRO R 177 -4.41 -50.95 -13.60
CA PRO R 177 -5.83 -51.18 -13.32
C PRO R 177 -6.48 -52.03 -14.41
N VAL R 178 -7.44 -52.84 -13.99
CA VAL R 178 -8.15 -53.70 -14.92
C VAL R 178 -9.12 -52.86 -15.74
N PHE R 179 -9.26 -53.21 -17.02
CA PHE R 179 -10.14 -52.50 -17.93
C PHE R 179 -11.39 -53.36 -18.15
N GLY R 180 -12.55 -52.77 -17.92
CA GLY R 180 -13.79 -53.49 -17.97
C GLY R 180 -14.12 -54.09 -19.33
N PRO R 181 -14.32 -53.24 -20.34
CA PRO R 181 -14.73 -53.76 -21.64
C PRO R 181 -13.77 -54.76 -22.26
N SER R 182 -12.47 -54.64 -21.96
CA SER R 182 -11.51 -55.60 -22.50
C SER R 182 -11.78 -57.01 -22.00
N VAL R 183 -12.11 -57.16 -20.72
CA VAL R 183 -12.38 -58.47 -20.17
C VAL R 183 -13.66 -59.06 -20.76
N ALA R 184 -14.66 -58.22 -21.02
CA ALA R 184 -15.95 -58.69 -21.49
C ALA R 184 -16.04 -58.80 -23.00
N ASN R 185 -14.94 -58.59 -23.71
CA ASN R 185 -14.98 -58.57 -25.17
C ASN R 185 -15.06 -60.00 -25.72
N GLY R 186 -15.97 -60.20 -26.67
CA GLY R 186 -16.07 -61.46 -27.38
C GLY R 186 -16.48 -62.66 -26.55
N ILE R 187 -17.47 -62.50 -25.69
CA ILE R 187 -18.01 -63.58 -24.88
C ILE R 187 -19.49 -63.74 -25.24
N LYS R 188 -19.92 -64.98 -25.44
CA LYS R 188 -21.28 -65.22 -25.89
C LYS R 188 -22.29 -64.79 -24.83
N VAL R 189 -23.34 -64.09 -25.28
CA VAL R 189 -24.34 -63.51 -24.40
C VAL R 189 -25.72 -63.95 -24.87
N GLY R 190 -26.54 -64.46 -23.95
CA GLY R 190 -27.92 -64.75 -24.25
C GLY R 190 -28.16 -66.06 -24.97
N ILE R 191 -27.74 -67.16 -24.35
CA ILE R 191 -27.97 -68.48 -24.92
C ILE R 191 -29.35 -68.96 -24.48
N ASP R 192 -30.16 -69.38 -25.45
CA ASP R 192 -31.55 -69.75 -25.19
C ASP R 192 -31.74 -71.24 -25.43
N ILE R 193 -32.03 -71.97 -24.35
CA ILE R 193 -32.54 -73.33 -24.42
C ILE R 193 -33.91 -73.35 -23.76
N ALA R 194 -34.84 -74.08 -24.35
CA ALA R 194 -36.25 -74.01 -23.96
C ALA R 194 -36.70 -75.35 -23.41
N ASP R 195 -37.06 -75.37 -22.12
CA ASP R 195 -37.70 -76.52 -21.49
C ASP R 195 -36.92 -77.80 -21.69
N SER R 196 -35.60 -77.72 -21.58
CA SER R 196 -34.73 -78.86 -21.78
C SER R 196 -33.86 -79.08 -20.57
N VAL R 197 -33.83 -80.32 -20.08
CA VAL R 197 -32.99 -80.72 -18.97
C VAL R 197 -31.87 -81.64 -19.42
N ALA R 198 -31.70 -81.82 -20.73
CA ALA R 198 -30.72 -82.75 -21.26
C ALA R 198 -29.31 -82.30 -20.92
N GLU R 199 -28.40 -83.29 -20.88
CA GLU R 199 -27.01 -83.00 -20.53
C GLU R 199 -26.36 -82.06 -21.54
N ALA R 200 -26.64 -82.27 -22.83
CA ALA R 200 -26.05 -81.42 -23.86
C ALA R 200 -26.57 -79.99 -23.75
N ALA R 201 -27.86 -79.82 -23.45
CA ALA R 201 -28.42 -78.48 -23.32
C ALA R 201 -27.82 -77.75 -22.12
N ILE R 202 -27.54 -78.49 -21.04
CA ILE R 202 -26.88 -77.88 -19.89
C ILE R 202 -25.48 -77.43 -20.27
N ALA R 203 -24.77 -78.24 -21.05
CA ALA R 203 -23.42 -77.88 -21.44
C ALA R 203 -23.40 -76.61 -22.30
N VAL R 204 -24.35 -76.48 -23.22
CA VAL R 204 -24.39 -75.28 -24.05
C VAL R 204 -24.86 -74.07 -23.25
N LYS R 205 -25.72 -74.28 -22.25
CA LYS R 205 -26.16 -73.18 -21.40
C LYS R 205 -24.99 -72.61 -20.59
N GLU R 206 -24.12 -73.48 -20.08
CA GLU R 206 -23.03 -73.03 -19.24
C GLU R 206 -22.00 -72.23 -20.03
N SER R 207 -21.91 -72.44 -21.34
CA SER R 207 -20.88 -71.78 -22.14
C SER R 207 -21.13 -70.29 -22.26
N GLY R 208 -22.40 -69.87 -22.24
CA GLY R 208 -22.72 -68.46 -22.36
C GLY R 208 -22.78 -67.75 -21.02
N ILE R 209 -23.04 -66.44 -21.10
CA ILE R 209 -23.14 -65.59 -19.92
C ILE R 209 -24.39 -64.74 -20.04
N ILE R 210 -24.86 -64.26 -18.90
CA ILE R 210 -26.09 -63.48 -18.86
C ILE R 210 -25.80 -62.05 -19.28
N THR R 211 -26.83 -61.36 -19.75
CA THR R 211 -26.66 -59.98 -20.20
C THR R 211 -26.32 -59.05 -19.05
N GLN R 212 -26.75 -59.37 -17.83
CA GLN R 212 -26.46 -58.52 -16.69
C GLN R 212 -24.97 -58.46 -16.40
N LEU R 213 -24.28 -59.60 -16.45
CA LEU R 213 -22.86 -59.62 -16.17
C LEU R 213 -22.08 -58.85 -17.23
N ASN R 214 -22.55 -58.87 -18.47
CA ASN R 214 -21.90 -58.09 -19.52
C ASN R 214 -22.03 -56.60 -19.25
N ASP R 215 -23.20 -56.15 -18.79
CA ASP R 215 -23.39 -54.74 -18.47
C ASP R 215 -22.53 -54.32 -17.29
N VAL R 216 -22.38 -55.20 -16.30
CA VAL R 216 -21.55 -54.89 -15.14
C VAL R 216 -20.09 -54.74 -15.55
N TYR R 217 -19.60 -55.65 -16.40
CA TYR R 217 -18.21 -55.59 -16.81
C TYR R 217 -17.94 -54.38 -17.69
N HIS R 218 -18.94 -53.91 -18.43
CA HIS R 218 -18.75 -52.72 -19.26
C HIS R 218 -18.66 -51.45 -18.44
N ALA R 219 -19.05 -51.50 -17.16
CA ALA R 219 -19.02 -50.33 -16.28
C ALA R 219 -18.11 -50.56 -15.09
N PHE R 220 -17.04 -51.33 -15.27
CA PHE R 220 -16.14 -51.70 -14.18
C PHE R 220 -14.74 -51.22 -14.49
N GLN R 221 -14.14 -50.49 -13.56
CA GLN R 221 -12.73 -50.13 -13.63
C GLN R 221 -12.19 -50.10 -12.21
N SER R 222 -10.98 -50.61 -12.03
CA SER R 222 -10.38 -50.76 -10.72
C SER R 222 -9.37 -49.66 -10.47
N VAL R 223 -9.12 -49.39 -9.18
CA VAL R 223 -8.16 -48.38 -8.76
C VAL R 223 -7.33 -48.94 -7.62
N HIS R 224 -6.00 -48.86 -7.75
CA HIS R 224 -5.08 -49.36 -6.73
C HIS R 224 -4.04 -48.29 -6.47
N VAL R 225 -4.11 -47.65 -5.31
CA VAL R 225 -3.27 -46.52 -4.99
C VAL R 225 -1.91 -47.02 -4.52
N ALA R 226 -0.88 -46.24 -4.82
CA ALA R 226 0.50 -46.58 -4.53
C ALA R 226 0.89 -46.09 -3.14
N PRO R 227 1.82 -46.79 -2.47
CA PRO R 227 2.29 -46.30 -1.16
C PRO R 227 2.95 -44.94 -1.23
N ASN R 228 3.53 -44.57 -2.37
CA ASN R 228 4.11 -43.24 -2.50
C ASN R 228 3.04 -42.16 -2.49
N ASP R 229 1.87 -42.45 -3.06
CA ASP R 229 0.77 -41.49 -3.04
C ASP R 229 0.18 -41.36 -1.63
N VAL R 230 0.26 -42.42 -0.83
CA VAL R 230 -0.31 -42.41 0.50
C VAL R 230 0.61 -41.74 1.53
N ILE R 231 1.92 -41.70 1.27
CA ILE R 231 2.83 -41.16 2.27
C ILE R 231 2.64 -39.66 2.45
N LYS R 232 2.14 -38.96 1.42
CA LYS R 232 1.89 -37.52 1.59
C LYS R 232 0.79 -37.25 2.62
N PRO R 233 -0.38 -37.88 2.56
CA PRO R 233 -1.34 -37.72 3.68
C PRO R 233 -0.82 -38.23 5.00
N ALA R 234 0.00 -39.28 4.99
CA ALA R 234 0.42 -39.89 6.25
C ALA R 234 1.43 -39.02 6.99
N ALA R 235 2.25 -38.25 6.27
CA ALA R 235 3.32 -37.47 6.88
C ALA R 235 3.05 -35.97 6.84
N VAL R 236 1.79 -35.57 6.79
CA VAL R 236 1.49 -34.14 6.74
C VAL R 236 1.33 -33.54 8.13
N VAL R 237 0.94 -34.34 9.12
CA VAL R 237 0.86 -33.89 10.51
C VAL R 237 1.61 -34.79 11.47
N ALA R 238 2.22 -35.87 10.98
CA ALA R 238 2.92 -36.79 11.86
C ALA R 238 4.16 -36.16 12.45
N GLY R 239 4.49 -36.55 13.68
CA GLY R 239 5.65 -36.04 14.36
C GLY R 239 6.59 -37.13 14.84
N THR R 240 6.16 -38.38 14.71
CA THR R 240 6.95 -39.52 15.13
C THR R 240 6.89 -40.59 14.03
N SER R 241 7.92 -41.44 14.00
CA SER R 241 7.93 -42.53 13.03
C SER R 241 6.78 -43.50 13.26
N THR R 242 6.45 -43.75 14.53
CA THR R 242 5.35 -44.64 14.85
C THR R 242 4.03 -44.09 14.31
N GLU R 243 3.83 -42.78 14.43
CA GLU R 243 2.62 -42.17 13.89
C GLU R 243 2.59 -42.28 12.37
N LEU R 244 3.73 -42.06 11.72
CA LEU R 244 3.78 -42.15 10.27
C LEU R 244 3.52 -43.57 9.79
N ILE R 245 4.10 -44.57 10.46
CA ILE R 245 3.85 -45.96 10.10
C ILE R 245 2.39 -46.32 10.36
N GLY R 246 1.86 -45.90 11.52
CA GLY R 246 0.48 -46.22 11.84
C GLY R 246 -0.51 -45.61 10.87
N ASN R 247 -0.25 -44.37 10.43
CA ASN R 247 -1.13 -43.75 9.45
C ASN R 247 -1.10 -44.51 8.13
N LEU R 248 0.10 -44.95 7.71
CA LEU R 248 0.20 -45.71 6.47
C LEU R 248 -0.60 -46.99 6.55
N GLN R 249 -0.49 -47.71 7.68
CA GLN R 249 -1.25 -48.95 7.85
C GLN R 249 -2.74 -48.67 7.90
N ALA R 250 -3.14 -47.59 8.57
CA ALA R 250 -4.56 -47.28 8.70
C ALA R 250 -5.18 -46.95 7.35
N ILE R 251 -4.45 -46.21 6.51
CA ILE R 251 -4.97 -45.85 5.19
C ILE R 251 -5.17 -47.10 4.34
N TYR R 252 -4.20 -48.02 4.36
CA TYR R 252 -4.27 -49.18 3.49
C TYR R 252 -5.29 -50.20 3.99
N SER R 253 -5.63 -50.17 5.27
CA SER R 253 -6.71 -51.02 5.75
C SER R 253 -8.04 -50.61 5.13
N ARG R 254 -8.26 -49.31 4.99
CA ARG R 254 -9.49 -48.83 4.36
C ARG R 254 -9.53 -49.18 2.88
N LEU R 255 -8.39 -49.04 2.19
CA LEU R 255 -8.35 -49.29 0.76
C LEU R 255 -8.67 -50.74 0.44
N ARG R 256 -8.11 -51.67 1.22
CA ARG R 256 -8.35 -53.09 0.96
C ARG R 256 -9.80 -53.46 1.23
N SER R 257 -10.42 -52.86 2.24
CA SER R 257 -11.83 -53.11 2.50
C SER R 257 -12.70 -52.61 1.35
N HIS R 258 -12.35 -51.45 0.79
CA HIS R 258 -13.11 -50.91 -0.34
C HIS R 258 -12.98 -51.80 -1.58
N SER R 259 -11.79 -52.32 -1.82
CA SER R 259 -11.60 -53.22 -2.96
C SER R 259 -12.42 -54.50 -2.80
N ASP R 260 -12.51 -55.01 -1.58
CA ASP R 260 -13.31 -56.21 -1.33
C ASP R 260 -14.78 -55.96 -1.66
N ILE R 261 -15.29 -54.77 -1.30
CA ILE R 261 -16.65 -54.41 -1.67
C ILE R 261 -16.81 -54.38 -3.18
N GLY R 262 -15.79 -53.92 -3.89
CA GLY R 262 -15.89 -53.80 -5.33
C GLY R 262 -16.11 -55.12 -6.04
N PHE R 263 -15.38 -56.15 -5.63
CA PHE R 263 -15.57 -57.46 -6.24
C PHE R 263 -16.93 -58.04 -5.90
N LYS R 264 -17.39 -57.84 -4.66
CA LYS R 264 -18.69 -58.37 -4.27
C LYS R 264 -19.83 -57.72 -5.06
N LYS R 265 -19.64 -56.47 -5.50
CA LYS R 265 -20.69 -55.78 -6.23
C LYS R 265 -21.01 -56.48 -7.55
N ALA R 266 -19.97 -56.94 -8.25
CA ALA R 266 -20.19 -57.64 -9.51
C ALA R 266 -20.70 -59.06 -9.27
N THR R 267 -20.50 -59.59 -8.07
CA THR R 267 -20.88 -60.97 -7.79
C THR R 267 -22.40 -61.16 -7.81
N VAL R 268 -23.12 -60.29 -7.10
CA VAL R 268 -24.57 -60.40 -6.99
C VAL R 268 -25.21 -60.09 -8.34
N GLY R 269 -26.49 -60.43 -8.48
CA GLY R 269 -27.16 -60.23 -9.74
C GLY R 269 -27.75 -58.85 -9.91
N ASP R 270 -26.91 -57.82 -9.81
CA ASP R 270 -27.35 -56.45 -9.94
C ASP R 270 -26.40 -55.69 -10.84
N VAL R 271 -26.95 -54.78 -11.63
CA VAL R 271 -26.15 -53.94 -12.51
C VAL R 271 -25.65 -52.73 -11.74
N ILE R 272 -24.33 -52.56 -11.74
CA ILE R 272 -23.69 -51.51 -10.95
C ILE R 272 -23.91 -50.16 -11.63
N PRO R 273 -24.13 -49.09 -10.87
CA PRO R 273 -24.18 -47.76 -11.46
C PRO R 273 -22.77 -47.27 -11.79
N ASN R 274 -22.70 -46.41 -12.79
CA ASN R 274 -21.42 -45.88 -13.24
C ASN R 274 -21.47 -44.37 -13.38
N SER R 275 -20.34 -43.73 -13.11
CA SER R 275 -20.28 -42.28 -12.93
C SER R 275 -20.62 -41.55 -14.23
N TYR R 276 -21.13 -40.33 -14.07
CA TYR R 276 -21.46 -39.49 -15.21
C TYR R 276 -21.36 -38.03 -14.83
N MET R 277 -21.22 -37.17 -15.84
CA MET R 277 -21.21 -35.73 -15.68
C MET R 277 -22.34 -35.14 -16.51
N ILE R 278 -23.06 -34.17 -15.93
CA ILE R 278 -24.14 -33.49 -16.62
C ILE R 278 -23.69 -32.06 -16.92
N LYS R 279 -23.81 -31.66 -18.17
CA LYS R 279 -23.41 -30.36 -18.67
C LYS R 279 -24.55 -29.77 -19.47
N PRO R 280 -24.61 -28.45 -19.61
CA PRO R 280 -25.71 -27.83 -20.36
C PRO R 280 -25.72 -28.27 -21.81
N VAL R 281 -26.94 -28.38 -22.36
CA VAL R 281 -27.08 -28.79 -23.75
C VAL R 281 -26.44 -27.76 -24.68
N ASN R 282 -26.69 -26.48 -24.41
CA ASN R 282 -26.05 -25.38 -25.13
C ASN R 282 -25.46 -24.47 -24.06
N SER R 283 -24.22 -24.76 -23.67
CA SER R 283 -23.58 -24.03 -22.59
C SER R 283 -23.36 -22.57 -22.98
N THR R 284 -23.68 -21.67 -22.06
CA THR R 284 -23.45 -20.24 -22.26
C THR R 284 -22.07 -19.85 -21.77
N GLU R 285 -21.55 -18.75 -22.32
CA GLU R 285 -20.21 -18.32 -21.96
C GLU R 285 -20.12 -17.95 -20.49
N TYR R 286 -21.11 -17.22 -19.98
CA TYR R 286 -21.04 -16.62 -18.67
C TYR R 286 -21.91 -17.30 -17.63
N ALA R 287 -22.84 -18.17 -18.04
CA ALA R 287 -23.70 -18.90 -17.12
C ALA R 287 -23.63 -20.38 -17.49
N SER R 288 -22.62 -21.05 -16.95
CA SER R 288 -22.40 -22.46 -17.19
C SER R 288 -22.28 -23.19 -15.87
N TRP R 289 -22.86 -24.39 -15.81
CA TRP R 289 -22.83 -25.19 -14.60
C TRP R 289 -22.44 -26.61 -14.95
N GLN R 290 -21.78 -27.27 -14.01
CA GLN R 290 -21.34 -28.65 -14.17
C GLN R 290 -21.76 -29.48 -12.98
N LEU R 291 -22.19 -30.71 -13.24
CA LEU R 291 -22.58 -31.64 -12.18
C LEU R 291 -21.80 -32.92 -12.35
N TYR R 292 -21.15 -33.36 -11.27
CA TYR R 292 -20.39 -34.60 -11.27
C TYR R 292 -21.01 -35.57 -10.27
N VAL R 293 -21.24 -36.80 -10.70
CA VAL R 293 -21.77 -37.85 -9.85
C VAL R 293 -20.77 -39.00 -9.88
N ILE R 294 -20.00 -39.13 -8.80
CA ILE R 294 -18.99 -40.18 -8.69
C ILE R 294 -19.60 -41.37 -7.99
N HIS R 295 -19.45 -42.55 -8.59
CA HIS R 295 -19.99 -43.81 -8.07
C HIS R 295 -18.84 -44.80 -7.95
N PRO R 296 -18.00 -44.65 -6.93
CA PRO R 296 -16.83 -45.53 -6.81
C PRO R 296 -17.26 -46.99 -6.64
N VAL R 297 -16.81 -47.83 -7.59
CA VAL R 297 -17.14 -49.25 -7.50
C VAL R 297 -16.45 -49.88 -6.29
N GLN R 298 -15.30 -49.35 -5.89
CA GLN R 298 -14.62 -49.81 -4.68
C GLN R 298 -14.90 -48.80 -3.57
N GLY R 299 -16.03 -48.97 -2.91
CA GLY R 299 -16.39 -48.09 -1.82
C GLY R 299 -17.85 -48.18 -1.45
N SER R 300 -18.18 -47.77 -0.22
CA SER R 300 -19.55 -47.81 0.27
C SER R 300 -20.28 -46.48 0.12
N LEU R 301 -19.60 -45.43 -0.34
CA LEU R 301 -20.19 -44.10 -0.41
C LEU R 301 -19.88 -43.46 -1.75
N GLY R 302 -20.75 -42.56 -2.17
CA GLY R 302 -20.59 -41.82 -3.41
C GLY R 302 -20.52 -40.33 -3.15
N LEU R 303 -20.24 -39.58 -4.21
CA LEU R 303 -20.06 -38.14 -4.13
C LEU R 303 -20.82 -37.45 -5.26
N VAL R 304 -21.50 -36.36 -4.91
CA VAL R 304 -22.17 -35.50 -5.88
C VAL R 304 -21.61 -34.10 -5.72
N VAL R 305 -21.07 -33.54 -6.80
CA VAL R 305 -20.42 -32.24 -6.77
C VAL R 305 -21.06 -31.35 -7.83
N GLN R 306 -21.41 -30.13 -7.46
CA GLN R 306 -22.03 -29.17 -8.36
C GLN R 306 -21.20 -27.90 -8.39
N LEU R 307 -21.00 -27.36 -9.59
CA LEU R 307 -20.20 -26.16 -9.80
C LEU R 307 -21.06 -25.13 -10.53
N MET R 308 -21.63 -24.20 -9.77
CA MET R 308 -22.45 -23.12 -10.33
C MET R 308 -21.77 -21.80 -9.98
N GLY R 309 -21.27 -21.11 -11.00
CA GLY R 309 -20.53 -19.89 -10.75
C GLY R 309 -19.20 -20.23 -10.10
N ASP R 310 -18.85 -19.52 -9.03
CA ASP R 310 -17.67 -19.81 -8.25
C ASP R 310 -17.99 -20.59 -6.98
N ALA R 311 -19.22 -21.09 -6.86
CA ALA R 311 -19.66 -21.80 -5.67
C ALA R 311 -19.67 -23.30 -5.95
N LEU R 312 -19.06 -24.07 -5.04
CA LEU R 312 -18.99 -25.51 -5.15
C LEU R 312 -19.77 -26.12 -3.99
N THR R 313 -20.66 -27.05 -4.31
CA THR R 313 -21.48 -27.72 -3.30
C THR R 313 -21.36 -29.22 -3.50
N TYR R 314 -21.20 -29.95 -2.41
CA TYR R 314 -21.00 -31.39 -2.46
C TYR R 314 -21.92 -32.09 -1.47
N ASN R 315 -22.27 -33.34 -1.80
CA ASN R 315 -23.11 -34.16 -0.94
C ASN R 315 -22.62 -35.60 -1.04
N VAL R 316 -22.32 -36.20 0.11
CA VAL R 316 -21.83 -37.57 0.18
C VAL R 316 -23.01 -38.47 0.54
N PHE R 317 -23.34 -39.38 -0.36
CA PHE R 317 -24.48 -40.27 -0.19
C PHE R 317 -24.00 -41.70 0.01
N ALA R 318 -24.92 -42.56 0.44
CA ALA R 318 -24.65 -43.96 0.70
C ALA R 318 -25.11 -44.80 -0.47
N GLN R 319 -24.22 -45.63 -1.01
CA GLN R 319 -24.55 -46.44 -2.17
C GLN R 319 -25.50 -47.59 -1.82
N TYR R 320 -25.63 -47.94 -0.54
CA TYR R 320 -26.55 -48.98 -0.15
C TYR R 320 -27.95 -48.39 0.05
N GLY R 321 -28.92 -49.27 0.33
CA GLY R 321 -30.30 -48.84 0.42
C GLY R 321 -30.92 -48.66 -0.96
N ASN R 322 -31.24 -47.41 -1.30
CA ASN R 322 -31.79 -47.06 -2.61
C ASN R 322 -32.99 -47.94 -2.96
N THR R 323 -33.93 -48.04 -2.01
CA THR R 323 -35.14 -48.83 -2.26
C THR R 323 -35.99 -48.22 -3.36
N SER R 324 -35.88 -46.92 -3.60
CA SER R 324 -36.65 -46.24 -4.63
C SER R 324 -35.95 -46.36 -5.98
N ALA R 325 -36.50 -45.68 -6.98
CA ALA R 325 -35.92 -45.71 -8.32
C ALA R 325 -34.63 -44.88 -8.38
N SER R 326 -34.52 -43.83 -7.58
CA SER R 326 -33.33 -43.00 -7.59
C SER R 326 -32.12 -43.80 -7.11
N GLU R 327 -30.97 -43.54 -7.75
CA GLU R 327 -29.76 -44.29 -7.40
C GLU R 327 -29.20 -43.86 -6.06
N PHE R 328 -29.31 -42.58 -5.71
CA PHE R 328 -28.73 -42.08 -4.47
C PHE R 328 -29.50 -42.59 -3.26
N GLY R 329 -28.76 -43.03 -2.25
CA GLY R 329 -29.34 -43.37 -0.97
C GLY R 329 -29.40 -42.17 -0.05
N LYS R 330 -29.41 -42.45 1.25
CA LYS R 330 -29.43 -41.37 2.23
C LYS R 330 -28.10 -40.63 2.24
N THR R 331 -28.16 -39.34 2.51
CA THR R 331 -26.97 -38.50 2.55
C THR R 331 -26.32 -38.59 3.94
N VAL R 332 -25.02 -38.84 3.97
CA VAL R 332 -24.29 -38.97 5.23
C VAL R 332 -23.40 -37.76 5.51
N LEU R 333 -23.12 -36.92 4.53
CA LEU R 333 -22.36 -35.70 4.74
C LEU R 333 -22.85 -34.64 3.77
N THR R 334 -23.12 -33.44 4.30
CA THR R 334 -23.68 -32.35 3.51
C THR R 334 -22.67 -31.23 3.39
N GLY R 335 -22.66 -30.58 2.22
CA GLY R 335 -21.80 -29.45 1.97
C GLY R 335 -22.52 -28.37 1.21
N GLY R 336 -23.83 -28.52 1.10
CA GLY R 336 -24.65 -27.57 0.38
C GLY R 336 -25.85 -28.27 -0.21
N ALA R 337 -26.48 -27.61 -1.16
CA ALA R 337 -27.63 -28.14 -1.88
C ALA R 337 -27.19 -28.48 -3.31
N THR R 338 -27.30 -29.76 -3.67
CA THR R 338 -26.94 -30.23 -5.00
C THR R 338 -28.20 -30.72 -5.70
N ASN R 339 -28.48 -30.18 -6.87
CA ASN R 339 -29.66 -30.53 -7.65
C ASN R 339 -29.26 -31.57 -8.69
N THR R 340 -29.62 -32.82 -8.45
CA THR R 340 -29.30 -33.91 -9.36
C THR R 340 -30.33 -34.09 -10.46
N ALA R 341 -31.39 -33.29 -10.45
CA ALA R 341 -32.43 -33.36 -11.47
C ALA R 341 -32.25 -32.30 -12.56
N LEU R 342 -31.04 -31.79 -12.73
CA LEU R 342 -30.79 -30.82 -13.78
C LEU R 342 -30.87 -31.49 -15.15
N GLU R 343 -31.22 -30.70 -16.15
CA GLU R 343 -31.41 -31.19 -17.51
C GLU R 343 -30.24 -30.76 -18.39
N GLY R 344 -29.60 -31.73 -19.03
CA GLY R 344 -28.49 -31.42 -19.91
C GLY R 344 -27.90 -32.70 -20.47
N THR R 345 -26.84 -32.53 -21.24
CA THR R 345 -26.13 -33.67 -21.82
C THR R 345 -25.45 -34.48 -20.72
N LYS R 346 -25.39 -35.79 -20.92
CA LYS R 346 -24.81 -36.72 -19.95
C LYS R 346 -23.55 -37.34 -20.55
N VAL R 347 -22.43 -37.18 -19.86
CA VAL R 347 -21.14 -37.67 -20.33
C VAL R 347 -20.60 -38.60 -19.25
N LYS R 348 -20.15 -39.78 -19.66
CA LYS R 348 -19.90 -40.88 -18.74
C LYS R 348 -18.40 -41.15 -18.61
N PHE R 349 -17.97 -41.52 -17.41
CA PHE R 349 -16.55 -41.71 -17.15
C PHE R 349 -16.38 -42.67 -15.98
N GLN R 350 -15.13 -43.14 -15.83
CA GLN R 350 -14.75 -43.99 -14.70
C GLN R 350 -13.68 -43.29 -13.89
N THR R 351 -13.85 -43.23 -12.58
CA THR R 351 -12.93 -42.53 -11.70
C THR R 351 -11.70 -43.37 -11.41
N LYS R 352 -10.55 -42.71 -11.38
CA LYS R 352 -9.29 -43.34 -11.00
C LYS R 352 -8.87 -43.00 -9.57
N VAL R 353 -9.78 -42.43 -8.77
CA VAL R 353 -9.50 -42.09 -7.39
C VAL R 353 -10.60 -42.62 -6.50
N THR R 354 -10.27 -42.81 -5.23
CA THR R 354 -11.22 -43.31 -4.26
C THR R 354 -12.15 -42.18 -3.80
N ALA R 355 -13.18 -42.56 -3.04
CA ALA R 355 -14.12 -41.57 -2.53
C ALA R 355 -13.45 -40.64 -1.54
N GLN R 356 -12.51 -41.16 -0.75
CA GLN R 356 -11.78 -40.30 0.19
C GLN R 356 -10.97 -39.25 -0.54
N GLN R 357 -10.30 -39.63 -1.62
CA GLN R 357 -9.50 -38.67 -2.39
C GLN R 357 -10.38 -37.63 -3.06
N ALA R 358 -11.52 -38.06 -3.61
CA ALA R 358 -12.44 -37.11 -4.25
C ALA R 358 -13.01 -36.14 -3.23
N LEU R 359 -13.36 -36.64 -2.04
CA LEU R 359 -13.86 -35.76 -1.00
C LEU R 359 -12.78 -34.81 -0.50
N ALA R 360 -11.53 -35.28 -0.43
CA ALA R 360 -10.45 -34.44 0.04
C ALA R 360 -10.25 -33.24 -0.87
N LEU R 361 -10.31 -33.46 -2.18
CA LEU R 361 -10.11 -32.36 -3.12
C LEU R 361 -11.27 -31.39 -3.11
N THR R 362 -12.51 -31.91 -3.04
CA THR R 362 -13.67 -31.04 -3.13
C THR R 362 -13.80 -30.17 -1.89
N MET R 363 -13.23 -30.61 -0.76
CA MET R 363 -13.19 -29.76 0.42
C MET R 363 -12.19 -28.63 0.24
N ALA R 364 -11.00 -28.95 -0.29
CA ALA R 364 -9.98 -27.94 -0.50
C ALA R 364 -10.41 -26.94 -1.57
N LEU R 365 -11.05 -27.43 -2.64
CA LEU R 365 -11.55 -26.52 -3.67
C LEU R 365 -12.61 -25.59 -3.11
N LYS R 366 -13.48 -26.10 -2.24
CA LYS R 366 -14.51 -25.26 -1.64
C LYS R 366 -13.89 -24.16 -0.79
N ASP R 367 -12.85 -24.49 -0.02
CA ASP R 367 -12.20 -23.49 0.81
C ASP R 367 -11.47 -22.45 -0.03
N ALA R 368 -10.87 -22.88 -1.13
CA ALA R 368 -10.07 -22.00 -1.99
C ALA R 368 -10.81 -21.59 -3.25
N ALA R 369 -12.14 -21.58 -3.20
CA ALA R 369 -12.92 -21.23 -4.39
C ALA R 369 -12.80 -19.75 -4.73
N SER R 370 -12.50 -18.91 -3.74
CA SER R 370 -12.47 -17.47 -3.98
C SER R 370 -11.26 -17.06 -4.81
N MET R 371 -10.09 -17.62 -4.53
CA MET R 371 -8.87 -17.21 -5.20
C MET R 371 -8.51 -18.07 -6.40
N LEU R 372 -9.44 -18.90 -6.89
CA LEU R 372 -9.24 -19.66 -8.11
C LEU R 372 -10.31 -19.30 -9.12
N SER R 373 -9.93 -19.35 -10.40
CA SER R 373 -10.85 -19.01 -11.48
C SER R 373 -11.75 -20.20 -11.80
N GLN R 374 -12.70 -19.96 -12.70
CA GLN R 374 -13.60 -21.01 -13.15
C GLN R 374 -12.83 -22.14 -13.84
N GLY R 375 -11.87 -21.78 -14.70
CA GLY R 375 -11.12 -22.80 -15.40
C GLY R 375 -10.28 -23.65 -14.48
N GLU R 376 -9.68 -23.04 -13.47
CA GLU R 376 -8.87 -23.81 -12.53
C GLU R 376 -9.74 -24.76 -11.71
N LEU R 377 -10.94 -24.32 -11.31
CA LEU R 377 -11.81 -25.16 -10.51
C LEU R 377 -12.25 -26.40 -11.28
N ILE R 378 -12.68 -26.22 -12.52
CA ILE R 378 -13.14 -27.35 -13.32
C ILE R 378 -11.94 -28.23 -13.71
N GLY R 379 -10.85 -27.60 -14.14
CA GLY R 379 -9.72 -28.36 -14.63
C GLY R 379 -9.06 -29.19 -13.54
N TYR R 380 -8.90 -28.61 -12.35
CA TYR R 380 -8.28 -29.35 -11.25
C TYR R 380 -9.15 -30.52 -10.82
N PHE R 381 -10.47 -30.32 -10.80
CA PHE R 381 -11.37 -31.38 -10.36
C PHE R 381 -11.39 -32.53 -11.38
N GLU R 382 -11.55 -32.20 -12.65
CA GLU R 382 -11.67 -33.24 -13.67
C GLU R 382 -10.37 -34.03 -13.81
N GLN R 383 -9.23 -33.35 -13.72
CA GLN R 383 -7.95 -34.04 -13.90
C GLN R 383 -7.71 -35.04 -12.78
N TYR R 384 -8.05 -34.69 -11.54
CA TYR R 384 -7.83 -35.60 -10.42
C TYR R 384 -8.75 -36.82 -10.51
N ILE R 385 -10.02 -36.61 -10.85
CA ILE R 385 -10.97 -37.71 -10.88
C ILE R 385 -10.65 -38.67 -12.02
N ASN R 386 -10.26 -38.13 -13.18
CA ASN R 386 -10.09 -38.95 -14.38
C ASN R 386 -8.67 -39.48 -14.56
N LEU R 387 -7.65 -38.75 -14.13
CA LEU R 387 -6.27 -39.15 -14.37
C LEU R 387 -5.44 -39.27 -13.11
N ALA R 388 -6.05 -39.11 -11.93
CA ALA R 388 -5.34 -39.17 -10.65
C ALA R 388 -4.17 -38.18 -10.61
N LEU R 389 -4.42 -36.97 -11.14
CA LEU R 389 -3.41 -35.92 -11.21
C LEU R 389 -3.66 -34.89 -10.12
N GLU R 390 -2.68 -34.73 -9.23
CA GLU R 390 -2.82 -33.72 -8.19
C GLU R 390 -2.64 -32.33 -8.77
N PRO R 391 -3.36 -31.33 -8.25
CA PRO R 391 -3.20 -29.96 -8.77
C PRO R 391 -1.81 -29.41 -8.51
N ASP R 392 -1.39 -28.51 -9.41
CA ASP R 392 -0.07 -27.90 -9.30
C ASP R 392 0.00 -26.80 -8.25
N ASN R 393 -1.14 -26.30 -7.79
CA ASN R 393 -1.15 -25.30 -6.73
C ASN R 393 -0.61 -25.91 -5.45
N LEU R 394 0.32 -25.21 -4.80
CA LEU R 394 0.93 -25.73 -3.60
C LEU R 394 -0.01 -25.65 -2.40
N SER R 395 -0.72 -24.53 -2.26
CA SER R 395 -1.66 -24.38 -1.16
C SER R 395 -2.83 -25.34 -1.31
N LEU R 396 -3.30 -25.54 -2.54
CA LEU R 396 -4.37 -26.50 -2.78
C LEU R 396 -3.94 -27.91 -2.43
N GLN R 397 -2.71 -28.28 -2.79
CA GLN R 397 -2.23 -29.62 -2.52
C GLN R 397 -2.07 -29.88 -1.01
N ASP R 398 -1.56 -28.88 -0.28
CA ASP R 398 -1.37 -29.06 1.15
C ASP R 398 -2.70 -29.24 1.87
N ASN R 399 -3.70 -28.44 1.50
CA ASN R 399 -5.02 -28.58 2.12
C ASN R 399 -5.66 -29.90 1.76
N MET R 400 -5.46 -30.36 0.52
CA MET R 400 -6.06 -31.62 0.09
C MET R 400 -5.55 -32.78 0.92
N HIS R 401 -4.25 -32.82 1.18
CA HIS R 401 -3.68 -33.93 1.94
C HIS R 401 -3.99 -33.82 3.42
N LYS R 402 -4.19 -32.60 3.93
CA LYS R 402 -4.63 -32.44 5.31
C LYS R 402 -6.06 -32.96 5.49
N TYR R 403 -6.92 -32.72 4.50
CA TYR R 403 -8.28 -33.25 4.56
C TYR R 403 -8.28 -34.76 4.33
N HIS R 404 -7.37 -35.26 3.49
CA HIS R 404 -7.29 -36.70 3.26
C HIS R 404 -6.92 -37.43 4.54
N HIS R 405 -5.99 -36.86 5.31
CA HIS R 405 -5.61 -37.48 6.58
C HIS R 405 -6.77 -37.48 7.56
N LEU R 406 -7.55 -36.39 7.59
CA LEU R 406 -8.68 -36.31 8.52
C LEU R 406 -9.74 -37.34 8.21
N LEU R 407 -10.01 -37.57 6.92
CA LEU R 407 -11.10 -38.47 6.55
C LEU R 407 -10.73 -39.93 6.81
N THR R 408 -9.45 -40.24 6.93
CA THR R 408 -9.00 -41.60 7.18
C THR R 408 -8.50 -41.80 8.60
N SER R 409 -8.66 -40.81 9.47
CA SER R 409 -8.24 -40.92 10.86
C SER R 409 -9.43 -41.26 11.74
N GLN R 410 -9.20 -41.30 13.05
CA GLN R 410 -10.25 -41.64 13.99
C GLN R 410 -11.23 -40.51 14.22
N ASN R 411 -10.86 -39.28 13.90
CA ASN R 411 -11.75 -38.13 14.02
C ASN R 411 -12.40 -37.75 12.70
N SER R 412 -12.63 -38.73 11.84
CA SER R 412 -13.20 -38.45 10.53
C SER R 412 -14.66 -38.05 10.65
N PRO R 413 -15.13 -37.13 9.81
CA PRO R 413 -16.57 -36.82 9.78
C PRO R 413 -17.42 -37.98 9.33
N ILE R 414 -16.81 -39.00 8.72
CA ILE R 414 -17.53 -40.18 8.23
C ILE R 414 -17.09 -41.38 9.06
N ASP R 415 -18.06 -42.10 9.62
CA ASP R 415 -17.79 -43.30 10.39
C ASP R 415 -17.75 -44.44 9.38
N TRP R 416 -16.55 -44.81 8.95
CA TRP R 416 -16.41 -45.74 7.83
C TRP R 416 -16.88 -47.14 8.23
N ASN R 417 -16.45 -47.64 9.39
CA ASN R 417 -16.75 -49.01 9.77
C ASN R 417 -18.25 -49.29 9.74
N TYR R 418 -19.06 -48.27 10.03
CA TYR R 418 -20.52 -48.43 9.93
C TYR R 418 -20.95 -48.62 8.49
N HIS R 419 -20.38 -47.82 7.57
CA HIS R 419 -20.83 -47.84 6.19
C HIS R 419 -20.34 -49.08 5.45
N ASP R 420 -19.09 -49.47 5.65
CA ASP R 420 -18.61 -50.70 5.03
C ASP R 420 -19.37 -51.92 5.54
N GLU R 421 -19.70 -51.93 6.83
CA GLU R 421 -20.51 -53.03 7.37
C GLU R 421 -21.89 -53.03 6.73
N GLU R 422 -22.52 -51.86 6.61
CA GLU R 422 -23.87 -51.80 6.04
C GLU R 422 -23.85 -52.16 4.56
N MET R 423 -22.76 -51.85 3.87
CA MET R 423 -22.65 -52.23 2.47
C MET R 423 -22.56 -53.75 2.32
N HIS R 424 -21.88 -54.41 3.26
CA HIS R 424 -21.78 -55.86 3.22
C HIS R 424 -23.15 -56.52 3.40
N LYS R 425 -23.91 -56.06 4.40
CA LYS R 425 -25.22 -56.64 4.63
C LYS R 425 -26.16 -56.40 3.46
N TRP R 426 -26.09 -55.21 2.86
CA TRP R 426 -26.96 -54.90 1.74
C TRP R 426 -26.65 -55.78 0.54
N LEU R 427 -25.37 -56.07 0.30
CA LEU R 427 -25.00 -56.86 -0.86
C LEU R 427 -25.38 -58.33 -0.69
N ASP R 428 -25.18 -58.88 0.52
CA ASP R 428 -25.61 -60.26 0.77
C ASP R 428 -27.12 -60.40 0.65
N SER R 429 -27.87 -59.41 1.13
CA SER R 429 -29.32 -59.45 0.98
C SER R 429 -29.72 -59.44 -0.48
N ARG R 430 -29.05 -58.64 -1.30
CA ARG R 430 -29.35 -58.58 -2.72
C ARG R 430 -29.02 -59.89 -3.41
N LYS R 431 -27.93 -60.54 -3.00
CA LYS R 431 -27.56 -61.82 -3.58
C LYS R 431 -28.62 -62.88 -3.33
N THR R 432 -29.15 -62.92 -2.10
CA THR R 432 -30.17 -63.90 -1.76
C THR R 432 -31.45 -63.69 -2.56
N THR R 433 -31.90 -62.43 -2.65
CA THR R 433 -33.16 -62.18 -3.34
C THR R 433 -33.02 -62.31 -4.85
N ASN R 434 -31.84 -62.01 -5.39
CA ASN R 434 -31.62 -62.19 -6.82
C ASN R 434 -31.63 -63.66 -7.20
N TYR R 435 -30.97 -64.51 -6.39
CA TYR R 435 -30.96 -65.94 -6.67
C TYR R 435 -32.35 -66.54 -6.49
N ASP R 436 -33.05 -66.17 -5.41
CA ASP R 436 -34.37 -66.71 -5.16
C ASP R 436 -35.37 -66.26 -6.23
N ALA R 437 -35.20 -65.05 -6.76
CA ALA R 437 -36.05 -64.60 -7.84
C ALA R 437 -35.82 -65.44 -9.10
N MET R 438 -34.57 -65.80 -9.37
CA MET R 438 -34.28 -66.62 -10.53
C MET R 438 -34.75 -68.06 -10.33
N GLN R 439 -34.50 -68.62 -9.14
CA GLN R 439 -34.88 -70.00 -8.87
C GLN R 439 -36.38 -70.22 -9.07
N LYS R 440 -37.18 -69.17 -8.92
CA LYS R 440 -38.59 -69.28 -9.29
C LYS R 440 -38.76 -69.26 -10.80
N LYS R 441 -38.03 -68.38 -11.50
CA LYS R 441 -38.25 -68.20 -12.92
C LYS R 441 -37.67 -69.35 -13.74
N ASP R 442 -36.50 -69.84 -13.38
CA ASP R 442 -35.95 -71.04 -14.02
C ASP R 442 -35.56 -72.05 -12.95
N GLY R 443 -34.87 -73.12 -13.35
CA GLY R 443 -34.51 -74.16 -12.40
C GLY R 443 -33.39 -73.74 -11.48
N THR R 444 -33.13 -74.61 -10.51
CA THR R 444 -32.01 -74.39 -9.59
C THR R 444 -30.67 -74.43 -10.32
N VAL R 445 -30.54 -75.34 -11.29
CA VAL R 445 -29.28 -75.46 -12.02
C VAL R 445 -29.01 -74.23 -12.85
N ILE R 446 -30.06 -73.69 -13.50
CA ILE R 446 -29.88 -72.48 -14.30
C ILE R 446 -29.46 -71.31 -13.43
N ALA R 447 -30.08 -71.16 -12.26
CA ALA R 447 -29.73 -70.06 -11.37
C ALA R 447 -28.32 -70.20 -10.84
N ASP R 448 -27.90 -71.42 -10.52
CA ASP R 448 -26.58 -71.64 -9.95
C ASP R 448 -25.48 -71.23 -10.92
N ILE R 449 -25.63 -71.58 -12.20
CA ILE R 449 -24.59 -71.26 -13.17
C ILE R 449 -24.57 -69.77 -13.48
N HIS R 450 -25.65 -69.06 -13.17
CA HIS R 450 -25.71 -67.63 -13.45
C HIS R 450 -25.37 -66.76 -12.25
N ILE R 451 -25.66 -67.22 -11.04
CA ILE R 451 -25.33 -66.48 -9.82
C ILE R 451 -24.64 -67.45 -8.87
N PRO R 452 -23.33 -67.65 -8.99
CA PRO R 452 -22.63 -68.57 -8.09
C PRO R 452 -22.64 -68.08 -6.65
N LYS R 453 -22.64 -69.05 -5.73
CA LYS R 453 -22.54 -68.76 -4.31
C LYS R 453 -21.13 -68.86 -3.76
N VAL R 454 -20.15 -69.19 -4.61
CA VAL R 454 -18.77 -69.38 -4.17
C VAL R 454 -17.91 -68.17 -4.49
N PHE R 455 -18.51 -67.07 -4.91
CA PHE R 455 -17.76 -65.89 -5.33
C PHE R 455 -18.15 -64.67 -4.51
N ASN R 456 -18.28 -64.85 -3.19
CA ASN R 456 -18.77 -63.78 -2.32
C ASN R 456 -17.86 -62.56 -2.29
N ASP R 457 -16.64 -62.71 -1.76
CA ASP R 457 -15.79 -61.56 -1.46
C ASP R 457 -14.37 -61.85 -1.94
N LEU R 458 -13.62 -60.78 -2.19
CA LEU R 458 -12.32 -60.92 -2.83
C LEU R 458 -11.34 -61.72 -1.98
N ARG R 459 -11.26 -61.41 -0.68
CA ARG R 459 -10.38 -62.18 0.20
C ARG R 459 -11.06 -63.42 0.77
N ASN R 460 -12.38 -63.50 0.69
CA ASN R 460 -13.08 -64.70 1.13
C ASN R 460 -12.98 -65.83 0.12
N THR R 461 -12.92 -65.50 -1.17
CA THR R 461 -12.98 -66.50 -2.22
C THR R 461 -11.66 -67.24 -2.36
N THR R 462 -11.75 -68.43 -2.97
CA THR R 462 -10.56 -69.14 -3.38
C THR R 462 -9.99 -68.50 -4.64
N LEU R 463 -8.71 -68.15 -4.61
CA LEU R 463 -8.10 -67.41 -5.70
C LEU R 463 -6.65 -67.84 -5.86
N HIS R 464 -6.05 -67.42 -6.96
CA HIS R 464 -4.68 -67.76 -7.30
C HIS R 464 -3.89 -66.50 -7.59
N CYS R 465 -2.58 -66.57 -7.38
CA CYS R 465 -1.68 -65.46 -7.60
C CYS R 465 -0.53 -65.94 -8.49
N LYS R 466 -0.48 -65.44 -9.72
CA LYS R 466 0.56 -65.79 -10.67
C LYS R 466 1.82 -65.02 -10.30
N LEU R 467 2.68 -65.63 -9.48
CA LEU R 467 3.88 -64.97 -9.01
C LEU R 467 4.86 -64.75 -10.15
N GLU R 468 5.60 -63.64 -10.06
CA GLU R 468 6.68 -63.32 -10.98
C GLU R 468 7.97 -63.20 -10.19
N GLY R 469 9.08 -63.58 -10.82
CA GLY R 469 10.35 -63.59 -10.13
C GLY R 469 11.50 -63.04 -10.95
N LYS R 470 12.30 -62.17 -10.34
CA LYS R 470 13.46 -61.57 -11.00
C LYS R 470 14.75 -61.78 -10.21
N GLN R 471 14.73 -62.60 -9.17
CA GLN R 471 15.91 -62.90 -8.38
C GLN R 471 16.30 -64.36 -8.60
N THR R 472 17.56 -64.58 -8.96
CA THR R 472 18.09 -65.93 -9.19
C THR R 472 19.32 -66.12 -8.31
N ILE R 473 19.22 -67.03 -7.35
CA ILE R 473 20.34 -67.38 -6.48
C ILE R 473 20.83 -68.76 -6.90
N ALA R 474 22.02 -68.80 -7.51
CA ALA R 474 22.67 -70.05 -7.91
C ALA R 474 21.73 -70.92 -8.73
N GLY R 475 21.10 -70.33 -9.74
CA GLY R 475 20.23 -71.05 -10.64
C GLY R 475 18.82 -71.25 -10.14
N TYR R 476 18.47 -70.72 -8.97
CA TYR R 476 17.15 -70.88 -8.38
C TYR R 476 16.42 -69.54 -8.43
N THR R 477 15.29 -69.50 -9.13
CA THR R 477 14.48 -68.30 -9.21
C THR R 477 13.61 -68.18 -7.98
N VAL R 478 13.59 -66.98 -7.40
CA VAL R 478 12.88 -66.71 -6.16
C VAL R 478 11.54 -66.06 -6.49
N TYR R 479 10.46 -66.64 -5.97
CA TYR R 479 9.13 -66.08 -6.10
C TYR R 479 8.63 -65.76 -4.70
N GLU R 480 8.35 -64.47 -4.46
CA GLU R 480 7.94 -64.00 -3.15
C GLU R 480 6.43 -63.87 -3.08
N TYR R 481 5.89 -64.09 -1.89
CA TYR R 481 4.46 -64.00 -1.66
C TYR R 481 4.22 -63.53 -0.24
N LEU R 482 3.24 -62.65 -0.07
CA LEU R 482 2.88 -62.10 1.24
C LEU R 482 1.70 -62.89 1.79
N ILE R 483 1.87 -63.43 2.98
CA ILE R 483 0.85 -64.23 3.64
C ILE R 483 0.06 -63.28 4.54
N GLY R 484 -1.20 -63.05 4.22
CA GLY R 484 -1.99 -62.07 4.94
C GLY R 484 -1.71 -60.66 4.47
N PRO R 485 -2.23 -59.66 5.19
CA PRO R 485 -3.05 -59.72 6.42
C PRO R 485 -4.46 -60.20 6.14
N TRP R 486 -5.20 -60.59 7.17
CA TRP R 486 -6.48 -61.25 6.99
C TRP R 486 -7.61 -60.35 7.44
N ALA R 487 -8.61 -60.19 6.58
CA ALA R 487 -9.85 -59.50 6.91
C ALA R 487 -10.96 -60.46 7.30
N HIS R 488 -10.68 -61.75 7.35
CA HIS R 488 -11.65 -62.75 7.74
C HIS R 488 -10.97 -63.74 8.67
N TYR R 489 -11.78 -64.42 9.49
CA TYR R 489 -11.26 -65.36 10.47
C TYR R 489 -11.84 -66.75 10.25
N GLY R 490 -11.06 -67.75 10.59
CA GLY R 490 -11.42 -69.13 10.40
C GLY R 490 -10.17 -69.96 10.17
N ASP R 491 -10.26 -70.88 9.22
CA ASP R 491 -9.13 -71.71 8.82
C ASP R 491 -8.82 -71.47 7.35
N ILE R 492 -7.55 -71.27 7.04
CA ILE R 492 -7.10 -70.98 5.68
C ILE R 492 -6.08 -72.03 5.25
N ASP R 493 -6.00 -72.27 3.95
CA ASP R 493 -5.07 -73.23 3.37
C ASP R 493 -4.35 -72.56 2.20
N TYR R 494 -3.06 -72.83 2.08
CA TYR R 494 -2.24 -72.27 1.01
C TYR R 494 -1.54 -73.41 0.26
N SER R 495 -1.45 -73.26 -1.06
CA SER R 495 -0.87 -74.29 -1.90
C SER R 495 -0.14 -73.64 -3.08
N VAL R 496 0.79 -74.40 -3.67
CA VAL R 496 1.59 -73.93 -4.79
C VAL R 496 1.45 -74.90 -5.96
N VAL R 497 1.44 -74.35 -7.17
CA VAL R 497 1.55 -75.11 -8.40
C VAL R 497 2.78 -74.62 -9.14
N VAL R 498 3.70 -75.53 -9.44
CA VAL R 498 4.97 -75.19 -10.06
C VAL R 498 5.08 -75.94 -11.40
N ASP R 499 5.27 -75.19 -12.47
CA ASP R 499 5.53 -75.75 -13.79
C ASP R 499 6.97 -75.46 -14.18
N THR R 500 7.71 -76.51 -14.52
CA THR R 500 9.13 -76.39 -14.80
C THR R 500 9.45 -77.15 -16.08
N LEU R 501 10.35 -76.58 -16.89
CA LEU R 501 10.73 -77.20 -18.15
C LEU R 501 11.38 -78.56 -17.95
N ASN R 502 12.08 -78.75 -16.85
CA ASN R 502 12.72 -80.03 -16.57
C ASN R 502 11.68 -81.09 -16.23
N GLU R 503 12.04 -82.36 -16.49
CA GLU R 503 11.16 -83.46 -16.14
C GLU R 503 11.19 -83.77 -14.65
N GLU R 504 12.34 -83.60 -14.00
CA GLU R 504 12.48 -83.85 -12.58
C GLU R 504 13.24 -82.67 -11.94
N THR R 505 12.67 -82.11 -10.88
CA THR R 505 13.27 -80.98 -10.18
C THR R 505 12.96 -81.09 -8.69
N LYS R 506 13.64 -80.23 -7.93
CA LYS R 506 13.47 -80.12 -6.49
C LYS R 506 13.25 -78.66 -6.16
N TRP R 507 12.05 -78.30 -5.73
CA TRP R 507 11.73 -76.92 -5.39
C TRP R 507 11.41 -76.80 -3.91
N TYR R 508 11.87 -75.70 -3.31
CA TYR R 508 11.77 -75.48 -1.88
C TYR R 508 10.86 -74.30 -1.60
N CYS R 509 10.17 -74.35 -0.47
CA CYS R 509 9.32 -73.27 0.00
C CYS R 509 9.76 -72.87 1.40
N GLU R 510 9.99 -71.58 1.60
CA GLU R 510 10.43 -71.05 2.89
C GLU R 510 9.43 -70.03 3.39
N VAL R 511 8.95 -70.22 4.61
CA VAL R 511 8.02 -69.31 5.26
C VAL R 511 8.76 -68.62 6.40
N ILE R 512 8.80 -67.30 6.37
CA ILE R 512 9.59 -66.51 7.31
C ILE R 512 8.66 -65.84 8.30
N GLY R 513 8.95 -66.01 9.58
CA GLY R 513 8.26 -65.29 10.63
C GLY R 513 9.22 -64.41 11.41
N ILE R 514 8.92 -64.14 12.67
CA ILE R 514 9.80 -63.33 13.51
C ILE R 514 10.83 -64.20 14.22
N ASP R 515 10.37 -65.30 14.83
CA ASP R 515 11.30 -66.16 15.57
C ASP R 515 12.24 -66.90 14.63
N GLY R 516 11.75 -67.34 13.48
CA GLY R 516 12.58 -68.06 12.54
C GLY R 516 11.81 -68.41 11.28
N HIS R 517 12.45 -69.18 10.42
CA HIS R 517 11.87 -69.59 9.15
C HIS R 517 11.72 -71.09 9.08
N LEU R 518 10.84 -71.53 8.19
CA LEU R 518 10.49 -72.94 8.02
C LEU R 518 10.73 -73.34 6.58
N LEU R 519 11.63 -74.29 6.35
CA LEU R 519 12.01 -74.74 5.02
C LEU R 519 11.40 -76.11 4.75
N ILE R 520 10.74 -76.26 3.61
CA ILE R 520 10.21 -77.53 3.16
C ILE R 520 10.72 -77.79 1.75
N GLU R 521 10.79 -79.07 1.39
CA GLU R 521 11.29 -79.50 0.10
C GLU R 521 10.24 -80.37 -0.59
N LYS R 522 10.00 -80.09 -1.87
CA LYS R 522 9.05 -80.85 -2.65
C LYS R 522 9.65 -81.16 -4.01
N SER R 523 9.07 -82.15 -4.68
CA SER R 523 9.52 -82.56 -6.00
C SER R 523 8.38 -82.75 -6.99
N VAL R 524 7.13 -82.71 -6.55
CA VAL R 524 6.00 -82.91 -7.44
C VAL R 524 5.77 -81.67 -8.29
N GLN R 525 5.39 -81.87 -9.55
CA GLN R 525 5.25 -80.80 -10.51
C GLN R 525 3.87 -80.87 -11.16
N HIS R 526 3.44 -79.73 -11.70
CA HIS R 526 2.18 -79.61 -12.44
C HIS R 526 0.97 -80.07 -11.62
N LYS R 527 0.98 -79.76 -10.33
CA LYS R 527 -0.12 -80.16 -9.46
C LYS R 527 -0.08 -79.33 -8.19
N PRO R 528 -1.22 -78.83 -7.71
CA PRO R 528 -1.21 -78.06 -6.46
C PRO R 528 -0.80 -78.92 -5.27
N GLU R 529 -0.08 -78.29 -4.35
CA GLU R 529 0.41 -78.97 -3.15
C GLU R 529 0.30 -78.04 -1.96
N LYS R 530 -0.43 -78.47 -0.94
CA LYS R 530 -0.67 -77.67 0.24
C LYS R 530 0.62 -77.54 1.05
N ILE R 531 0.96 -76.31 1.44
CA ILE R 531 2.16 -76.09 2.24
C ILE R 531 1.81 -75.76 3.68
N LEU R 532 0.86 -74.84 3.89
CA LEU R 532 0.61 -74.25 5.20
C LEU R 532 -0.85 -74.40 5.56
N GLU R 533 -1.10 -74.87 6.78
CA GLU R 533 -2.41 -74.84 7.41
C GLU R 533 -2.38 -73.78 8.51
N LEU R 534 -3.24 -72.78 8.40
CA LEU R 534 -3.22 -71.65 9.32
C LEU R 534 -4.61 -71.39 9.87
N THR R 535 -4.65 -70.97 11.13
CA THR R 535 -5.88 -70.56 11.79
C THR R 535 -5.73 -69.13 12.26
N VAL R 536 -6.74 -68.31 12.00
CA VAL R 536 -6.74 -66.89 12.36
C VAL R 536 -7.98 -66.60 13.20
N ASN R 537 -7.78 -65.85 14.28
CA ASN R 537 -8.84 -65.61 15.25
C ASN R 537 -9.59 -64.33 14.91
N ASP R 538 -10.44 -63.87 15.84
CA ASP R 538 -11.28 -62.71 15.59
C ASP R 538 -10.46 -61.46 15.32
N SER R 539 -9.35 -61.28 16.04
CA SER R 539 -8.52 -60.10 15.84
C SER R 539 -7.75 -60.13 14.53
N GLY R 540 -7.76 -61.24 13.81
CA GLY R 540 -7.01 -61.33 12.58
C GLY R 540 -5.55 -61.65 12.75
N VAL R 541 -5.17 -62.29 13.86
CA VAL R 541 -3.78 -62.59 14.16
C VAL R 541 -3.66 -64.10 14.36
N THR R 542 -2.70 -64.71 13.67
CA THR R 542 -2.46 -66.14 13.77
C THR R 542 -1.31 -66.42 14.72
N SER R 543 -1.25 -67.65 15.20
CA SER R 543 -0.19 -68.11 16.10
C SER R 543 0.71 -69.05 15.30
N PHE R 544 1.81 -68.51 14.80
CA PHE R 544 2.77 -69.28 14.01
C PHE R 544 3.89 -69.75 14.92
N ASN R 545 3.79 -71.00 15.37
CA ASN R 545 4.82 -71.64 16.18
C ASN R 545 5.07 -70.87 17.48
N GLY R 546 3.98 -70.61 18.21
CA GLY R 546 4.09 -70.05 19.54
C GLY R 546 4.22 -68.55 19.61
N ARG R 547 4.10 -67.82 18.50
CA ARG R 547 4.18 -66.37 18.51
C ARG R 547 3.06 -65.81 17.65
N ASN R 548 2.47 -64.71 18.11
CA ASN R 548 1.39 -64.06 17.37
C ASN R 548 1.95 -63.32 16.17
N HIS R 549 1.44 -63.63 14.99
CA HIS R 549 1.86 -62.99 13.75
C HIS R 549 0.65 -62.40 13.04
N ASP R 550 0.86 -61.28 12.36
CA ASP R 550 -0.18 -60.67 11.54
C ASP R 550 0.04 -60.89 10.05
N ARG R 551 1.27 -61.19 9.62
CA ARG R 551 1.55 -61.50 8.23
C ARG R 551 2.84 -62.31 8.18
N LEU R 552 2.94 -63.15 7.14
CA LEU R 552 4.12 -63.98 6.91
C LEU R 552 4.56 -63.82 5.48
N LYS R 553 5.79 -64.24 5.20
CA LYS R 553 6.38 -64.17 3.87
C LYS R 553 6.68 -65.57 3.38
N LEU R 554 6.21 -65.90 2.18
CA LEU R 554 6.43 -67.20 1.55
C LEU R 554 7.32 -67.00 0.32
N LYS R 555 8.43 -67.72 0.28
CA LYS R 555 9.38 -67.65 -0.82
C LYS R 555 9.53 -69.03 -1.45
N VAL R 556 9.49 -69.09 -2.78
CA VAL R 556 9.56 -70.34 -3.52
C VAL R 556 10.78 -70.28 -4.43
N TYR R 557 11.60 -71.33 -4.39
CA TYR R 557 12.82 -71.42 -5.18
C TYR R 557 12.69 -72.57 -6.17
N VAL R 558 12.82 -72.26 -7.46
CA VAL R 558 12.70 -73.26 -8.52
C VAL R 558 13.77 -73.00 -9.57
N LYS R 559 14.39 -74.06 -10.07
CA LYS R 559 15.21 -73.97 -11.28
C LYS R 559 14.33 -73.85 -12.51
N ASP R 560 14.78 -73.02 -13.46
CA ASP R 560 14.19 -72.81 -14.79
C ASP R 560 12.67 -72.91 -14.79
N SER R 561 12.03 -72.20 -13.87
CA SER R 561 10.58 -72.25 -13.76
C SER R 561 9.93 -71.47 -14.89
N LEU R 562 8.72 -71.88 -15.26
CA LEU R 562 7.92 -71.17 -16.25
C LEU R 562 6.75 -70.43 -15.62
N SER R 563 6.10 -71.02 -14.62
CA SER R 563 5.01 -70.35 -13.92
C SER R 563 4.88 -70.96 -12.53
N VAL R 564 4.70 -70.10 -11.54
CA VAL R 564 4.46 -70.50 -10.16
C VAL R 564 3.21 -69.78 -9.66
N LYS R 565 2.22 -70.55 -9.23
CA LYS R 565 0.96 -69.99 -8.76
C LYS R 565 0.72 -70.44 -7.32
N VAL R 566 0.23 -69.51 -6.50
CA VAL R 566 -0.09 -69.78 -5.11
C VAL R 566 -1.60 -69.68 -4.95
N PHE R 567 -2.20 -70.69 -4.34
CA PHE R 567 -3.64 -70.78 -4.18
C PHE R 567 -4.00 -70.63 -2.71
N ARG R 568 -5.14 -69.98 -2.46
CA ARG R 568 -5.63 -69.75 -1.12
C ARG R 568 -7.10 -70.10 -1.05
N ASN R 569 -7.53 -70.72 0.04
CA ASN R 569 -8.93 -71.05 0.22
C ASN R 569 -9.24 -71.16 1.70
N TRP R 570 -10.49 -70.86 2.04
CA TRP R 570 -10.98 -70.97 3.41
C TRP R 570 -11.74 -72.28 3.57
N ILE R 571 -11.59 -72.89 4.76
CA ILE R 571 -12.19 -74.20 4.99
C ILE R 571 -13.70 -74.14 4.85
N GLY R 572 -14.33 -73.11 5.41
CA GLY R 572 -15.75 -72.89 5.25
C GLY R 572 -16.02 -71.82 4.22
N ILE R 573 -17.17 -71.94 3.55
CA ILE R 573 -17.56 -70.95 2.56
C ILE R 573 -18.06 -69.70 3.27
N ASN R 574 -17.68 -68.53 2.76
CA ASN R 574 -18.07 -67.23 3.31
C ASN R 574 -17.62 -67.09 4.76
N ALA R 575 -16.31 -67.08 4.94
CA ALA R 575 -15.75 -66.94 6.27
C ALA R 575 -16.15 -65.59 6.87
N PRO R 576 -16.46 -65.53 8.15
CA PRO R 576 -16.95 -64.28 8.74
C PRO R 576 -15.88 -63.20 8.76
N ARG R 577 -16.33 -61.95 8.75
CA ARG R 577 -15.45 -60.81 8.60
C ARG R 577 -14.72 -60.47 9.89
N VAL R 578 -13.61 -59.77 9.74
CA VAL R 578 -12.83 -59.24 10.85
C VAL R 578 -12.88 -57.72 10.77
N LYS R 579 -13.15 -57.07 11.90
CA LYS R 579 -13.34 -55.63 11.91
C LYS R 579 -12.10 -54.90 11.41
N THR R 580 -12.32 -53.84 10.65
CA THR R 580 -11.22 -53.07 10.10
C THR R 580 -10.49 -52.32 11.21
N LYS R 581 -9.18 -52.20 11.08
CA LYS R 581 -8.32 -51.66 12.13
C LYS R 581 -8.05 -50.19 11.86
N MET R 582 -8.24 -49.36 12.89
CA MET R 582 -8.01 -47.93 12.81
C MET R 582 -6.62 -47.59 13.35
N PHE R 583 -6.35 -46.30 13.55
CA PHE R 583 -5.02 -45.86 13.93
C PHE R 583 -4.59 -46.44 15.27
N ASN R 584 -5.49 -46.42 16.27
CA ASN R 584 -5.11 -46.90 17.59
C ASN R 584 -4.88 -48.40 17.62
N ASP R 585 -5.57 -49.14 16.76
CA ASP R 585 -5.34 -50.59 16.68
C ASP R 585 -3.93 -50.88 16.19
N HIS R 586 -3.46 -50.13 15.19
CA HIS R 586 -2.13 -50.36 14.66
C HIS R 586 -1.04 -49.93 15.64
N ILE R 587 -1.29 -48.87 16.41
CA ILE R 587 -0.30 -48.40 17.37
C ILE R 587 -0.13 -49.40 18.51
N GLY R 588 -1.24 -50.03 18.93
CA GLY R 588 -1.18 -50.88 20.11
C GLY R 588 -0.28 -52.08 19.94
N VAL R 589 -0.37 -52.75 18.80
CA VAL R 589 0.42 -53.95 18.52
C VAL R 589 1.44 -53.61 17.45
N LYS R 590 2.70 -53.92 17.72
CA LYS R 590 3.79 -53.68 16.78
C LYS R 590 4.44 -55.01 16.41
N TYR R 591 4.57 -55.26 15.12
CA TYR R 591 5.13 -56.49 14.59
C TYR R 591 6.34 -56.17 13.72
N ASP R 592 7.42 -56.93 13.93
CA ASP R 592 8.66 -56.71 13.19
C ASP R 592 8.58 -57.38 11.82
N TYR R 593 8.98 -56.65 10.78
CA TYR R 593 8.98 -57.16 9.42
C TYR R 593 10.36 -57.19 8.81
N SER R 594 11.41 -56.96 9.61
CA SER R 594 12.76 -56.87 9.04
C SER R 594 13.24 -58.22 8.54
N HIS R 595 12.69 -59.31 9.09
CA HIS R 595 13.16 -60.64 8.74
C HIS R 595 12.68 -61.11 7.38
N PHE R 596 11.77 -60.38 6.74
CA PHE R 596 11.29 -60.78 5.42
C PHE R 596 12.34 -60.59 4.34
N ASP R 597 13.41 -59.83 4.60
CA ASP R 597 14.38 -59.49 3.59
C ASP R 597 15.34 -60.64 3.29
N LYS R 598 15.69 -61.43 4.30
CA LYS R 598 16.75 -62.43 4.13
C LYS R 598 16.30 -63.57 3.22
N ASN R 599 17.27 -64.18 2.56
CA ASN R 599 17.04 -65.26 1.60
C ASN R 599 17.86 -66.48 2.00
N ILE R 600 17.64 -67.58 1.28
CA ILE R 600 18.41 -68.81 1.46
C ILE R 600 18.87 -69.28 0.09
N SER R 601 19.88 -70.14 0.10
CA SER R 601 20.46 -70.68 -1.14
C SER R 601 20.20 -72.17 -1.21
N PRO R 602 19.17 -72.61 -1.94
CA PRO R 602 18.84 -74.04 -1.96
C PRO R 602 19.92 -74.91 -2.56
N ALA R 603 20.76 -74.37 -3.45
CA ALA R 603 21.83 -75.16 -4.04
C ALA R 603 22.84 -75.60 -2.99
N HIS R 604 22.91 -74.91 -1.86
CA HIS R 604 23.82 -75.25 -0.78
C HIS R 604 23.11 -75.81 0.44
N LEU R 605 21.86 -76.25 0.28
CA LEU R 605 21.11 -76.83 1.38
C LEU R 605 21.63 -78.21 1.74
N THR R 606 21.35 -78.63 2.97
CA THR R 606 21.67 -79.95 3.47
C THR R 606 20.44 -80.52 4.16
N LEU R 607 20.45 -81.84 4.37
CA LEU R 607 19.28 -82.50 4.95
C LEU R 607 19.02 -82.00 6.37
N THR R 608 20.07 -81.81 7.16
CA THR R 608 19.91 -81.36 8.54
C THR R 608 19.41 -79.92 8.64
N ASP R 609 19.54 -79.14 7.58
CA ASP R 609 19.11 -77.75 7.56
C ASP R 609 17.66 -77.58 7.13
N LEU R 610 16.94 -78.68 6.90
CA LEU R 610 15.60 -78.62 6.33
C LEU R 610 14.59 -78.86 7.46
N GLY R 611 14.00 -77.76 7.94
CA GLY R 611 13.01 -77.86 8.99
C GLY R 611 12.74 -76.48 9.56
N TRP R 612 12.04 -76.47 10.70
CA TRP R 612 11.78 -75.22 11.40
C TRP R 612 12.92 -74.92 12.36
N HIS R 613 13.65 -73.84 12.10
CA HIS R 613 14.77 -73.43 12.93
C HIS R 613 14.67 -71.94 13.22
N THR R 614 15.23 -71.54 14.36
CA THR R 614 15.19 -70.15 14.77
C THR R 614 16.51 -69.46 14.44
N TRP R 615 16.53 -68.13 14.60
CA TRP R 615 17.67 -67.34 14.17
C TRP R 615 18.88 -67.54 15.08
N ASP R 616 18.66 -67.85 16.36
CA ASP R 616 19.78 -68.06 17.26
C ASP R 616 20.58 -69.31 16.90
N GLN R 617 19.95 -70.26 16.18
CA GLN R 617 20.70 -71.41 15.69
C GLN R 617 21.68 -71.00 14.60
N TYR R 618 21.22 -70.20 13.64
CA TYR R 618 22.04 -69.84 12.50
C TYR R 618 23.16 -68.90 12.91
N ASN R 619 24.21 -68.87 12.10
CA ASN R 619 25.28 -67.91 12.26
C ASN R 619 24.88 -66.58 11.62
N ALA R 620 25.66 -65.54 11.92
CA ALA R 620 25.34 -64.21 11.42
C ALA R 620 25.61 -64.12 9.92
N GLY R 621 24.55 -63.96 9.14
CA GLY R 621 24.64 -63.72 7.72
C GLY R 621 24.37 -64.92 6.84
N ASN R 622 24.40 -66.12 7.39
CA ASN R 622 24.19 -67.34 6.60
C ASN R 622 22.93 -67.98 7.17
N TRP R 623 21.79 -67.73 6.53
CA TRP R 623 20.52 -68.32 6.90
C TRP R 623 20.25 -69.61 6.14
N THR R 624 21.28 -70.25 5.62
CA THR R 624 21.17 -71.49 4.87
C THR R 624 21.65 -72.71 5.64
N ASN R 625 22.75 -72.58 6.37
CA ASN R 625 23.32 -73.68 7.14
C ASN R 625 23.14 -73.40 8.63
N ILE R 626 22.80 -74.46 9.38
CA ILE R 626 22.46 -74.30 10.80
C ILE R 626 23.65 -73.75 11.57
N LYS R 627 24.82 -74.38 11.42
CA LYS R 627 26.03 -73.98 12.13
C LYS R 627 25.81 -73.88 13.64
N ALA S 7 -22.62 -25.21 -55.78
CA ALA S 7 -23.75 -24.90 -56.65
C ALA S 7 -24.82 -25.98 -56.57
N TYR S 8 -24.86 -26.69 -55.45
CA TYR S 8 -25.83 -27.75 -55.21
C TYR S 8 -26.78 -27.33 -54.10
N SER S 9 -28.08 -27.41 -54.38
CA SER S 9 -29.12 -27.06 -53.43
C SER S 9 -29.88 -28.33 -53.06
N SER S 10 -29.50 -28.94 -51.93
CA SER S 10 -30.14 -30.17 -51.49
C SER S 10 -31.59 -29.93 -51.10
N GLY S 11 -31.87 -28.84 -50.39
CA GLY S 11 -33.19 -28.56 -49.89
C GLY S 11 -33.59 -29.34 -48.66
N LEU S 12 -32.67 -30.11 -48.08
CA LEU S 12 -32.98 -30.90 -46.89
C LEU S 12 -33.19 -29.98 -45.69
N SER S 13 -34.16 -30.35 -44.86
CA SER S 13 -34.42 -29.60 -43.63
C SER S 13 -33.27 -29.79 -42.65
N GLN S 14 -32.80 -28.69 -42.08
CA GLN S 14 -31.67 -28.72 -41.15
C GLN S 14 -32.04 -27.97 -39.88
N ASN S 15 -31.66 -28.54 -38.74
CA ASN S 15 -31.90 -27.91 -37.45
C ASN S 15 -30.96 -26.73 -37.26
N SER S 16 -31.45 -25.72 -36.54
CA SER S 16 -30.61 -24.57 -36.21
C SER S 16 -29.53 -24.97 -35.21
N ILE S 17 -28.33 -24.44 -35.42
CA ILE S 17 -27.18 -24.76 -34.58
C ILE S 17 -26.87 -23.55 -33.71
N ILE S 18 -26.73 -23.79 -32.41
CA ILE S 18 -26.33 -22.75 -31.47
C ILE S 18 -24.85 -22.93 -31.18
N SER S 19 -24.07 -21.90 -31.46
CA SER S 19 -22.62 -22.00 -31.34
C SER S 19 -22.17 -21.77 -29.90
N LEU S 20 -21.03 -22.37 -29.57
CA LEU S 20 -20.40 -22.12 -28.27
C LEU S 20 -19.78 -20.73 -28.21
N THR S 21 -19.39 -20.16 -29.34
CA THR S 21 -18.68 -18.89 -29.34
C THR S 21 -19.62 -17.72 -29.06
N GLY S 22 -20.88 -17.82 -29.45
CA GLY S 22 -21.83 -16.75 -29.22
C GLY S 22 -22.03 -15.87 -30.44
N ASN S 23 -22.67 -14.72 -30.20
CA ASN S 23 -22.91 -13.77 -31.27
C ASN S 23 -21.62 -13.10 -31.72
N ASP S 24 -20.66 -12.89 -30.82
CA ASP S 24 -19.39 -12.30 -31.20
C ASP S 24 -18.58 -13.23 -32.11
N ARG S 25 -18.91 -14.52 -32.13
CA ARG S 25 -18.21 -15.52 -32.93
C ARG S 25 -16.77 -15.69 -32.49
N THR S 26 -16.50 -15.47 -31.20
CA THR S 26 -15.19 -15.74 -30.62
C THR S 26 -15.38 -16.05 -29.15
N VAL S 27 -14.67 -17.06 -28.66
CA VAL S 27 -14.88 -17.53 -27.30
C VAL S 27 -14.18 -16.61 -26.30
N ALA S 28 -14.75 -16.52 -25.11
CA ALA S 28 -14.15 -15.74 -24.04
C ALA S 28 -13.03 -16.52 -23.38
N ASP S 29 -11.96 -15.83 -23.03
CA ASP S 29 -10.79 -16.49 -22.46
C ASP S 29 -11.11 -17.07 -21.09
N GLY S 30 -10.59 -18.27 -20.84
CA GLY S 30 -10.71 -18.91 -19.55
C GLY S 30 -12.14 -19.21 -19.13
N THR S 31 -12.93 -19.75 -20.03
CA THR S 31 -14.31 -20.16 -19.75
C THR S 31 -14.44 -21.66 -19.93
N PHE S 32 -15.60 -22.18 -19.52
CA PHE S 32 -15.90 -23.58 -19.74
C PHE S 32 -16.06 -23.88 -21.23
N ASN S 33 -16.58 -22.92 -21.98
CA ASN S 33 -16.77 -23.13 -23.41
C ASN S 33 -15.43 -23.28 -24.13
N SER S 34 -14.47 -22.42 -23.80
CA SER S 34 -13.15 -22.50 -24.44
C SER S 34 -12.43 -23.80 -24.10
N MET S 35 -12.75 -24.42 -22.96
CA MET S 35 -12.13 -25.69 -22.60
C MET S 35 -12.72 -26.85 -23.40
N ILE S 36 -13.97 -26.73 -23.85
CA ILE S 36 -14.64 -27.82 -24.54
C ILE S 36 -14.75 -27.54 -26.05
N MET S 37 -14.05 -26.52 -26.54
CA MET S 37 -14.04 -26.26 -27.97
C MET S 37 -13.25 -27.33 -28.71
N PRO S 38 -13.60 -27.64 -29.94
CA PRO S 38 -12.83 -28.60 -30.74
C PRO S 38 -11.45 -28.06 -31.08
N ARG S 39 -10.50 -28.98 -31.22
CA ARG S 39 -9.13 -28.64 -31.56
C ARG S 39 -8.81 -29.12 -32.97
N ALA S 40 -7.70 -28.62 -33.50
CA ALA S 40 -7.20 -29.01 -34.82
C ALA S 40 -6.11 -30.05 -34.63
N VAL S 41 -6.46 -31.31 -34.88
CA VAL S 41 -5.53 -32.40 -34.64
C VAL S 41 -4.56 -32.61 -35.80
N ILE S 42 -4.80 -31.98 -36.95
CA ILE S 42 -3.93 -32.16 -38.11
C ILE S 42 -2.88 -31.06 -38.18
N ALA S 43 -3.31 -29.80 -38.06
CA ALA S 43 -2.37 -28.68 -38.19
C ALA S 43 -1.34 -28.69 -37.06
N ASN S 44 -1.77 -28.96 -35.84
CA ASN S 44 -0.84 -29.00 -34.71
C ASN S 44 0.08 -30.20 -34.83
N GLU S 45 1.39 -29.96 -34.79
CA GLU S 45 2.33 -31.06 -34.95
C GLU S 45 2.35 -31.98 -33.73
N ARG S 46 2.18 -31.41 -32.54
CA ARG S 46 2.20 -32.22 -31.33
C ARG S 46 1.07 -33.24 -31.34
N GLU S 47 -0.12 -32.83 -31.78
CA GLU S 47 -1.24 -33.76 -31.86
C GLU S 47 -1.05 -34.78 -32.97
N HIS S 48 -0.64 -34.33 -34.15
CA HIS S 48 -0.48 -35.25 -35.28
C HIS S 48 0.67 -36.22 -35.05
N PHE S 49 1.80 -35.74 -34.52
CA PHE S 49 2.91 -36.63 -34.25
C PHE S 49 2.52 -37.69 -33.24
N MET S 50 1.71 -37.30 -32.25
CA MET S 50 1.22 -38.28 -31.29
C MET S 50 0.29 -39.29 -31.93
N LYS S 51 -0.72 -38.81 -32.67
CA LYS S 51 -1.78 -39.69 -33.14
C LYS S 51 -1.21 -40.78 -34.04
N THR S 52 -0.06 -40.53 -34.65
CA THR S 52 0.66 -41.59 -35.33
C THR S 52 1.17 -42.63 -34.33
N ARG S 53 1.67 -42.20 -33.18
CA ARG S 53 2.29 -43.12 -32.22
C ARG S 53 1.29 -44.11 -31.67
N ILE S 54 0.07 -43.64 -31.37
CA ILE S 54 -0.93 -44.52 -30.76
C ILE S 54 -1.38 -45.59 -31.74
N ASP S 55 -1.58 -45.20 -33.00
CA ASP S 55 -1.97 -46.18 -34.02
C ASP S 55 -0.87 -47.22 -34.22
N LYS S 56 0.39 -46.79 -34.21
CA LYS S 56 1.48 -47.75 -34.34
C LYS S 56 1.50 -48.70 -33.16
N ILE S 57 1.29 -48.19 -31.95
CA ILE S 57 1.27 -49.07 -30.78
C ILE S 57 0.09 -50.02 -30.85
N GLU S 58 -1.07 -49.53 -31.28
CA GLU S 58 -2.25 -50.39 -31.40
C GLU S 58 -2.02 -51.49 -32.43
N HIS S 59 -1.37 -51.15 -33.56
CA HIS S 59 -1.12 -52.14 -34.59
C HIS S 59 -0.14 -53.21 -34.12
N ASP S 60 1.00 -52.78 -33.57
CA ASP S 60 2.01 -53.74 -33.16
C ASP S 60 1.55 -54.59 -31.97
N LEU S 61 0.61 -54.09 -31.18
CA LEU S 61 0.10 -54.87 -30.05
C LEU S 61 -0.75 -56.04 -30.53
N ASN S 62 -1.65 -55.78 -31.48
CA ASN S 62 -2.54 -56.83 -31.96
C ASN S 62 -1.86 -57.73 -32.98
N ARG S 63 -1.11 -57.14 -33.92
CA ARG S 63 -0.39 -57.89 -34.94
C ARG S 63 1.10 -57.64 -34.76
N SER S 64 1.85 -58.68 -34.48
CA SER S 64 3.29 -58.59 -34.29
C SER S 64 4.01 -58.95 -35.57
N ALA S 65 4.99 -58.12 -35.95
CA ALA S 65 5.76 -58.39 -37.16
C ALA S 65 6.56 -59.68 -37.02
N LYS S 66 7.12 -59.93 -35.85
CA LYS S 66 7.90 -61.15 -35.64
C LYS S 66 7.02 -62.39 -35.77
N GLN S 67 5.81 -62.34 -35.22
CA GLN S 67 4.89 -63.46 -35.37
C GLN S 67 4.49 -63.64 -36.83
N GLU S 68 4.28 -62.54 -37.56
CA GLU S 68 3.85 -62.63 -38.95
C GLU S 68 4.98 -63.13 -39.84
N MET S 69 6.22 -62.77 -39.53
CA MET S 69 7.35 -63.34 -40.25
C MET S 69 7.48 -64.83 -39.98
N MET S 70 7.33 -65.25 -38.72
CA MET S 70 7.46 -66.66 -38.40
C MET S 70 6.36 -67.48 -39.06
N ASP S 71 5.11 -67.00 -38.99
CA ASP S 71 3.98 -67.75 -39.52
C ASP S 71 3.97 -67.80 -41.04
N ARG S 72 4.95 -67.20 -41.71
CA ARG S 72 4.96 -67.19 -43.17
C ARG S 72 5.15 -68.59 -43.74
N GLN S 73 6.05 -69.38 -43.15
CA GLN S 73 6.36 -70.70 -43.70
C GLN S 73 5.16 -71.63 -43.61
N SER S 74 4.49 -71.66 -42.46
CA SER S 74 3.33 -72.53 -42.30
C SER S 74 2.21 -72.10 -43.22
N LEU S 75 2.01 -70.79 -43.38
CA LEU S 75 0.97 -70.29 -44.27
C LEU S 75 1.24 -70.69 -45.70
N ALA S 76 2.51 -70.65 -46.12
CA ALA S 76 2.85 -71.06 -47.48
C ALA S 76 2.54 -72.54 -47.70
N GLU S 77 2.87 -73.38 -46.72
CA GLU S 77 2.59 -74.80 -46.85
C GLU S 77 1.09 -75.06 -46.96
N ASP S 78 0.30 -74.35 -46.16
CA ASP S 78 -1.15 -74.50 -46.24
C ASP S 78 -1.68 -74.07 -47.60
N TYR S 79 -1.17 -72.96 -48.13
CA TYR S 79 -1.61 -72.50 -49.44
C TYR S 79 -1.23 -73.49 -50.53
N ASN S 80 -0.04 -74.07 -50.45
CA ASN S 80 0.39 -75.06 -51.43
C ASN S 80 -0.49 -76.30 -51.38
N ALA S 81 -0.82 -76.76 -50.18
CA ALA S 81 -1.65 -77.95 -50.02
C ALA S 81 -3.07 -77.75 -50.56
N LEU S 82 -3.48 -76.51 -50.79
CA LEU S 82 -4.71 -76.23 -51.51
C LEU S 82 -4.42 -76.37 -53.00
N ASN S 83 -4.85 -77.48 -53.59
CA ASN S 83 -4.45 -77.83 -54.95
C ASN S 83 -5.19 -76.94 -55.93
N LEU S 84 -4.70 -75.72 -56.08
CA LEU S 84 -5.24 -74.79 -57.07
C LEU S 84 -4.72 -75.13 -58.46
N ALA S 85 -5.34 -74.51 -59.46
CA ALA S 85 -4.91 -74.72 -60.83
C ALA S 85 -3.54 -74.08 -61.06
N VAL S 86 -2.95 -74.39 -62.20
CA VAL S 86 -1.61 -73.89 -62.50
C VAL S 86 -1.62 -72.37 -62.70
N GLY S 87 -2.78 -71.81 -63.06
CA GLY S 87 -2.85 -70.37 -63.28
C GLY S 87 -3.23 -69.58 -62.04
N GLN S 88 -3.79 -70.24 -61.02
CA GLN S 88 -4.26 -69.57 -59.82
C GLN S 88 -3.47 -69.96 -58.58
N GLU S 89 -2.26 -70.46 -58.74
CA GLU S 89 -1.45 -70.84 -57.60
C GLU S 89 -0.88 -69.60 -56.91
N ILE S 90 -1.00 -69.55 -55.59
CA ILE S 90 -0.45 -68.46 -54.78
C ILE S 90 0.77 -68.99 -54.06
N LYS S 91 1.91 -68.35 -54.28
CA LYS S 91 3.19 -68.75 -53.70
C LYS S 91 3.67 -67.64 -52.79
N LEU S 92 3.90 -67.96 -51.52
CA LEU S 92 4.32 -66.98 -50.53
C LEU S 92 5.82 -66.85 -50.42
N ASP S 93 6.60 -67.70 -51.07
CA ASP S 93 8.04 -67.48 -51.13
C ASP S 93 8.37 -66.24 -51.93
N ILE S 94 7.46 -65.78 -52.78
CA ILE S 94 7.62 -64.51 -53.48
C ILE S 94 7.35 -63.39 -52.49
N ALA S 95 8.28 -62.44 -52.40
CA ALA S 95 8.15 -61.38 -51.41
C ALA S 95 6.92 -60.51 -51.68
N THR S 96 6.67 -60.17 -52.95
CA THR S 96 5.55 -59.31 -53.28
C THR S 96 4.22 -59.97 -52.93
N GLN S 97 4.10 -61.27 -53.22
CA GLN S 97 2.87 -61.97 -52.91
C GLN S 97 2.63 -62.05 -51.41
N HIS S 98 3.69 -62.29 -50.64
CA HIS S 98 3.54 -62.35 -49.19
C HIS S 98 3.06 -61.03 -48.62
N GLN S 99 3.63 -59.92 -49.10
CA GLN S 99 3.20 -58.61 -48.61
C GLN S 99 1.74 -58.36 -48.93
N LEU S 100 1.31 -58.68 -50.15
CA LEU S 100 -0.09 -58.45 -50.52
C LEU S 100 -1.02 -59.32 -49.68
N ASN S 101 -0.56 -60.51 -49.29
CA ASN S 101 -1.37 -61.37 -48.45
C ASN S 101 -1.53 -60.78 -47.05
N ARG S 102 -0.47 -60.19 -46.51
CA ARG S 102 -0.55 -59.64 -45.16
C ARG S 102 -1.56 -58.51 -45.07
N LEU S 103 -1.54 -57.60 -46.04
CA LEU S 103 -2.55 -56.54 -46.07
C LEU S 103 -3.93 -57.14 -46.32
N GLY S 104 -4.02 -58.10 -47.22
CA GLY S 104 -5.32 -58.69 -47.54
C GLY S 104 -5.92 -59.44 -46.37
N SER S 105 -5.11 -60.25 -45.68
CA SER S 105 -5.64 -61.03 -44.56
C SER S 105 -6.10 -60.12 -43.44
N ALA S 106 -5.30 -59.11 -43.10
CA ALA S 106 -5.68 -58.19 -42.03
C ALA S 106 -6.91 -57.38 -42.42
N MET S 107 -6.95 -56.90 -43.67
CA MET S 107 -8.07 -56.07 -44.10
C MET S 107 -9.36 -56.87 -44.16
N TYR S 108 -9.29 -58.11 -44.66
CA TYR S 108 -10.50 -58.94 -44.75
C TYR S 108 -11.02 -59.31 -43.37
N LYS S 109 -10.13 -59.59 -42.43
CA LYS S 109 -10.57 -60.01 -41.09
C LYS S 109 -11.38 -58.90 -40.43
N ALA S 110 -10.94 -57.65 -40.56
CA ALA S 110 -11.69 -56.54 -39.98
C ALA S 110 -13.05 -56.39 -40.63
N ASP S 111 -13.10 -56.52 -41.96
CA ASP S 111 -14.38 -56.40 -42.67
C ASP S 111 -15.29 -57.58 -42.34
N HIS S 112 -14.72 -58.77 -42.18
CA HIS S 112 -15.51 -59.94 -41.81
C HIS S 112 -16.12 -59.78 -40.42
N GLU S 113 -15.34 -59.25 -39.48
CA GLU S 113 -15.86 -59.03 -38.13
C GLU S 113 -17.02 -58.05 -38.14
N ARG S 114 -16.93 -57.00 -38.96
CA ARG S 114 -18.01 -56.03 -39.04
C ARG S 114 -19.30 -56.66 -39.52
N GLU S 115 -19.22 -57.55 -40.51
CA GLU S 115 -20.43 -58.21 -41.02
C GLU S 115 -21.02 -59.13 -39.96
N THR S 116 -20.17 -59.80 -39.18
CA THR S 116 -20.66 -60.68 -38.13
C THR S 116 -21.48 -59.89 -37.11
N GLU S 117 -20.99 -58.71 -36.72
CA GLU S 117 -21.74 -57.89 -35.78
C GLU S 117 -23.04 -57.37 -36.40
N LEU S 118 -23.02 -57.09 -37.70
CA LEU S 118 -24.22 -56.58 -38.36
C LEU S 118 -25.33 -57.63 -38.36
N THR S 119 -24.99 -58.89 -38.59
CA THR S 119 -26.00 -59.95 -38.54
C THR S 119 -26.59 -60.07 -37.15
N ASP S 120 -25.74 -59.98 -36.11
CA ASP S 120 -26.24 -60.06 -34.74
C ASP S 120 -27.19 -58.92 -34.43
N LEU S 121 -26.84 -57.70 -34.84
CA LEU S 121 -27.71 -56.56 -34.61
C LEU S 121 -29.03 -56.71 -35.36
N ILE S 122 -28.97 -57.19 -36.60
CA ILE S 122 -30.19 -57.46 -37.35
C ILE S 122 -31.01 -58.54 -36.66
N ASN S 123 -30.34 -59.57 -36.15
CA ASN S 123 -31.03 -60.63 -35.43
C ASN S 123 -31.71 -60.10 -34.18
N ARG S 124 -31.02 -59.22 -33.46
CA ARG S 124 -31.59 -58.65 -32.25
C ARG S 124 -32.78 -57.75 -32.56
N ILE S 125 -32.70 -56.98 -33.64
CA ILE S 125 -33.79 -56.08 -34.00
C ILE S 125 -35.05 -56.86 -34.34
N ARG S 126 -34.90 -57.93 -35.11
CA ARG S 126 -36.06 -58.73 -35.50
C ARG S 126 -36.72 -59.41 -34.31
N GLU S 127 -35.92 -59.79 -33.30
CA GLU S 127 -36.49 -60.42 -32.11
C GLU S 127 -37.44 -59.48 -31.38
N ASN S 128 -37.07 -58.21 -31.27
CA ASN S 128 -37.86 -57.20 -30.57
C ASN S 128 -38.61 -56.30 -31.54
N GLU S 129 -39.14 -56.86 -32.62
CA GLU S 129 -39.73 -56.03 -33.68
C GLU S 129 -40.88 -55.19 -33.16
N VAL S 130 -41.66 -55.71 -32.20
CA VAL S 130 -42.83 -54.99 -31.73
C VAL S 130 -42.43 -53.69 -31.03
N THR S 131 -41.44 -53.77 -30.13
CA THR S 131 -41.06 -52.57 -29.38
C THR S 131 -40.21 -51.63 -30.21
N VAL S 132 -39.41 -52.16 -31.13
CA VAL S 132 -38.63 -51.28 -32.02
C VAL S 132 -39.56 -50.45 -32.88
N ASN S 133 -40.68 -51.03 -33.32
CA ASN S 133 -41.66 -50.25 -34.07
C ASN S 133 -42.24 -49.13 -33.22
N GLY S 134 -42.54 -49.42 -31.95
CA GLY S 134 -43.07 -48.39 -31.07
C GLY S 134 -42.13 -47.22 -30.91
N ILE S 135 -40.83 -47.49 -30.84
CA ILE S 135 -39.85 -46.41 -30.71
C ILE S 135 -39.85 -45.53 -31.95
N LEU S 136 -39.92 -46.15 -33.13
CA LEU S 136 -39.74 -45.41 -34.38
C LEU S 136 -40.89 -44.45 -34.63
N GLU S 137 -42.13 -44.92 -34.50
CA GLU S 137 -43.27 -44.06 -34.77
C GLU S 137 -43.45 -43.01 -33.69
N ASN S 138 -43.40 -43.42 -32.42
CA ASN S 138 -43.73 -42.50 -31.33
C ASN S 138 -42.70 -41.39 -31.20
N GLN S 139 -41.42 -41.73 -31.16
CA GLN S 139 -40.36 -40.75 -30.97
C GLN S 139 -39.89 -40.20 -32.32
N LYS S 140 -40.84 -39.65 -33.08
CA LYS S 140 -40.52 -39.07 -34.37
C LYS S 140 -39.64 -37.84 -34.22
N ALA S 141 -39.93 -36.99 -33.24
CA ALA S 141 -39.21 -35.73 -33.04
C ALA S 141 -38.17 -35.94 -31.94
N ILE S 142 -36.98 -36.37 -32.35
CA ILE S 142 -35.87 -36.58 -31.41
C ILE S 142 -34.60 -36.67 -32.23
N THR S 143 -33.46 -36.44 -31.57
CA THR S 143 -32.18 -36.51 -32.25
C THR S 143 -31.83 -37.96 -32.59
N ALA S 144 -31.00 -38.12 -33.62
CA ALA S 144 -30.61 -39.45 -34.06
C ALA S 144 -29.84 -40.20 -32.97
N ALA S 145 -28.96 -39.50 -32.26
CA ALA S 145 -28.21 -40.14 -31.19
C ALA S 145 -29.13 -40.59 -30.06
N GLU S 146 -30.10 -39.74 -29.69
CA GLU S 146 -31.04 -40.12 -28.65
C GLU S 146 -31.95 -41.25 -29.12
N ARG S 147 -32.41 -41.21 -30.37
CA ARG S 147 -33.24 -42.28 -30.90
C ARG S 147 -32.46 -43.60 -30.93
N ALA S 148 -31.21 -43.55 -31.36
CA ALA S 148 -30.38 -44.76 -31.35
C ALA S 148 -30.18 -45.28 -29.94
N ASP S 149 -29.87 -44.38 -28.99
CA ASP S 149 -29.61 -44.80 -27.62
C ASP S 149 -30.77 -45.60 -27.06
N LEU S 150 -32.00 -45.18 -27.38
CA LEU S 150 -33.17 -45.97 -27.00
C LEU S 150 -33.17 -47.31 -27.72
N LEU S 151 -32.75 -47.34 -28.98
CA LEU S 151 -32.83 -48.57 -29.76
C LEU S 151 -31.88 -49.63 -29.23
N LEU S 152 -30.61 -49.29 -29.04
CA LEU S 152 -29.67 -50.30 -28.52
C LEU S 152 -29.97 -50.68 -27.08
N GLU S 153 -30.69 -49.83 -26.34
CA GLU S 153 -31.05 -50.19 -24.98
C GLU S 153 -32.15 -51.25 -24.96
N VAL S 154 -33.11 -51.14 -25.87
CA VAL S 154 -34.25 -52.06 -25.82
C VAL S 154 -33.92 -53.40 -26.46
N VAL S 155 -33.00 -53.43 -27.43
CA VAL S 155 -32.64 -54.70 -28.07
C VAL S 155 -31.78 -55.59 -27.18
N ALA S 156 -31.24 -55.04 -26.09
CA ALA S 156 -30.38 -55.80 -25.16
C ALA S 156 -29.20 -56.42 -25.89
N SER S 157 -28.51 -55.61 -26.69
CA SER S 157 -27.36 -56.05 -27.45
C SER S 157 -26.07 -55.54 -26.80
N THR S 158 -24.98 -56.24 -27.11
CA THR S 158 -23.67 -55.85 -26.61
C THR S 158 -23.23 -54.54 -27.27
N ALA S 159 -22.28 -53.87 -26.61
CA ALA S 159 -21.77 -52.56 -27.05
C ALA S 159 -22.91 -51.55 -27.14
N LYS S 160 -23.51 -51.28 -25.97
CA LYS S 160 -24.63 -50.35 -25.92
C LYS S 160 -24.19 -48.91 -26.14
N SER S 161 -22.99 -48.56 -25.67
CA SER S 161 -22.55 -47.18 -25.74
C SER S 161 -22.38 -46.73 -27.19
N VAL S 162 -22.86 -45.53 -27.48
CA VAL S 162 -22.78 -44.96 -28.82
C VAL S 162 -21.73 -43.88 -28.94
N SER S 163 -21.21 -43.37 -27.83
CA SER S 163 -20.19 -42.34 -27.87
C SER S 163 -18.87 -42.90 -28.41
N ALA S 164 -17.96 -42.00 -28.77
CA ALA S 164 -16.68 -42.42 -29.33
C ALA S 164 -15.87 -43.22 -28.32
N ALA S 165 -15.88 -42.78 -27.06
CA ALA S 165 -15.13 -43.50 -26.02
C ALA S 165 -15.68 -44.91 -25.84
N GLY S 166 -17.01 -45.06 -25.86
CA GLY S 166 -17.60 -46.38 -25.72
C GLY S 166 -17.27 -47.30 -26.88
N ARG S 167 -17.30 -46.75 -28.11
CA ARG S 167 -16.96 -47.56 -29.27
C ARG S 167 -15.51 -48.01 -29.23
N ALA S 168 -14.61 -47.12 -28.82
CA ALA S 168 -13.20 -47.50 -28.73
C ALA S 168 -12.97 -48.56 -27.67
N ALA S 169 -13.65 -48.44 -26.52
CA ALA S 169 -13.44 -49.38 -25.43
C ALA S 169 -13.91 -50.79 -25.81
N ALA S 170 -15.08 -50.89 -26.42
CA ALA S 170 -15.65 -52.19 -26.80
C ALA S 170 -15.32 -52.50 -28.26
N ASP S 171 -14.02 -52.62 -28.52
CA ASP S 171 -13.52 -52.88 -29.87
C ASP S 171 -12.66 -54.13 -29.84
N GLY S 172 -12.88 -55.03 -30.78
CA GLY S 172 -12.12 -56.26 -30.84
C GLY S 172 -10.68 -56.03 -31.27
N SER S 173 -9.87 -57.07 -31.07
CA SER S 173 -8.47 -57.00 -31.48
C SER S 173 -8.32 -57.05 -32.98
N GLY S 174 -9.28 -57.65 -33.69
CA GLY S 174 -9.14 -57.82 -35.13
C GLY S 174 -9.62 -56.64 -35.94
N VAL S 175 -10.46 -55.77 -35.36
CA VAL S 175 -11.04 -54.66 -36.11
C VAL S 175 -10.17 -53.42 -36.10
N VAL S 176 -8.96 -53.50 -35.57
CA VAL S 176 -8.07 -52.32 -35.53
C VAL S 176 -7.63 -51.99 -36.95
N PRO S 177 -7.69 -50.73 -37.37
CA PRO S 177 -7.27 -50.38 -38.74
C PRO S 177 -5.82 -50.76 -38.97
N VAL S 178 -5.55 -51.23 -40.19
CA VAL S 178 -4.20 -51.65 -40.55
C VAL S 178 -3.31 -50.42 -40.70
N PHE S 179 -2.11 -50.50 -40.14
CA PHE S 179 -1.14 -49.42 -40.22
C PHE S 179 -0.13 -49.79 -41.30
N GLY S 180 -0.15 -49.05 -42.40
CA GLY S 180 0.66 -49.36 -43.56
C GLY S 180 2.14 -49.40 -43.30
N PRO S 181 2.71 -48.32 -42.75
CA PRO S 181 4.16 -48.27 -42.56
C PRO S 181 4.70 -49.39 -41.67
N SER S 182 3.90 -49.90 -40.73
CA SER S 182 4.38 -50.95 -39.85
C SER S 182 4.65 -52.25 -40.60
N VAL S 183 3.73 -52.62 -41.51
CA VAL S 183 3.88 -53.88 -42.24
C VAL S 183 4.91 -53.79 -43.35
N ALA S 184 5.47 -52.61 -43.61
CA ALA S 184 6.50 -52.43 -44.63
C ALA S 184 7.87 -52.21 -44.01
N ASN S 185 8.13 -52.77 -42.83
CA ASN S 185 9.37 -52.54 -42.12
C ASN S 185 10.34 -53.69 -42.35
N GLY S 186 11.59 -53.35 -42.65
CA GLY S 186 12.64 -54.35 -42.75
C GLY S 186 12.59 -55.21 -43.98
N ILE S 187 11.88 -54.79 -45.03
CA ILE S 187 11.74 -55.56 -46.25
C ILE S 187 12.72 -55.02 -47.27
N LYS S 188 13.55 -55.90 -47.83
CA LYS S 188 14.53 -55.48 -48.81
C LYS S 188 13.86 -54.99 -50.08
N VAL S 189 14.32 -53.86 -50.59
CA VAL S 189 13.73 -53.22 -51.75
C VAL S 189 14.83 -52.87 -52.74
N GLY S 190 14.60 -53.21 -54.01
CA GLY S 190 15.49 -52.80 -55.07
C GLY S 190 16.80 -53.55 -55.15
N ILE S 191 16.75 -54.85 -55.44
CA ILE S 191 17.93 -55.66 -55.73
C ILE S 191 17.95 -55.93 -57.24
N ASP S 192 19.16 -56.04 -57.78
CA ASP S 192 19.35 -56.13 -59.23
C ASP S 192 20.11 -57.41 -59.58
N ILE S 193 19.64 -58.09 -60.62
CA ILE S 193 20.26 -59.32 -61.09
C ILE S 193 21.18 -59.10 -62.29
N ALA S 194 21.10 -57.96 -62.96
CA ALA S 194 22.02 -57.58 -64.04
C ALA S 194 21.96 -58.59 -65.19
N ASP S 195 20.75 -58.74 -65.76
CA ASP S 195 20.53 -59.55 -66.95
C ASP S 195 20.99 -61.00 -66.76
N SER S 196 20.74 -61.56 -65.59
CA SER S 196 21.08 -62.94 -65.28
C SER S 196 19.79 -63.72 -65.07
N VAL S 197 19.67 -64.86 -65.74
CA VAL S 197 18.46 -65.66 -65.73
C VAL S 197 18.66 -66.97 -64.97
N ALA S 198 19.83 -67.16 -64.38
CA ALA S 198 20.09 -68.38 -63.62
C ALA S 198 19.15 -68.47 -62.42
N GLU S 199 18.91 -69.72 -61.99
CA GLU S 199 17.94 -69.96 -60.92
C GLU S 199 18.36 -69.27 -59.62
N ALA S 200 19.67 -69.22 -59.36
CA ALA S 200 20.16 -68.54 -58.16
C ALA S 200 19.82 -67.05 -58.20
N ALA S 201 19.99 -66.42 -59.35
CA ALA S 201 19.63 -65.00 -59.49
C ALA S 201 18.14 -64.79 -59.34
N ILE S 202 17.34 -65.71 -59.88
CA ILE S 202 15.88 -65.58 -59.79
C ILE S 202 15.42 -65.69 -58.35
N ALA S 203 16.05 -66.57 -57.57
CA ALA S 203 15.70 -66.68 -56.16
C ALA S 203 15.98 -65.39 -55.41
N VAL S 204 17.10 -64.73 -55.73
CA VAL S 204 17.42 -63.46 -55.11
C VAL S 204 16.36 -62.42 -55.46
N LYS S 205 15.96 -62.38 -56.73
CA LYS S 205 15.00 -61.36 -57.18
C LYS S 205 13.66 -61.50 -56.47
N GLU S 206 13.26 -62.74 -56.18
CA GLU S 206 11.98 -62.96 -55.51
C GLU S 206 12.02 -62.59 -54.04
N SER S 207 13.21 -62.38 -53.48
CA SER S 207 13.31 -62.11 -52.04
C SER S 207 12.90 -60.67 -51.70
N GLY S 208 13.03 -59.75 -52.67
CA GLY S 208 12.73 -58.36 -52.45
C GLY S 208 11.48 -57.91 -53.17
N ILE S 209 11.19 -56.61 -53.03
CA ILE S 209 10.06 -55.97 -53.67
C ILE S 209 10.54 -54.71 -54.37
N ILE S 210 9.67 -54.12 -55.17
CA ILE S 210 10.01 -52.94 -55.94
C ILE S 210 9.76 -51.70 -55.08
N THR S 211 10.36 -50.58 -55.50
CA THR S 211 10.21 -49.33 -54.75
C THR S 211 8.77 -48.86 -54.70
N GLN S 212 8.01 -49.09 -55.77
CA GLN S 212 6.62 -48.65 -55.80
C GLN S 212 5.81 -49.27 -54.67
N LEU S 213 5.96 -50.57 -54.45
CA LEU S 213 5.17 -51.25 -53.42
C LEU S 213 5.46 -50.69 -52.03
N ASN S 214 6.73 -50.33 -51.77
CA ASN S 214 7.07 -49.70 -50.51
C ASN S 214 6.35 -48.35 -50.37
N ASP S 215 6.30 -47.57 -51.46
CA ASP S 215 5.61 -46.30 -51.41
C ASP S 215 4.11 -46.48 -51.20
N VAL S 216 3.53 -47.51 -51.83
CA VAL S 216 2.11 -47.78 -51.64
C VAL S 216 1.82 -48.12 -50.19
N TYR S 217 2.69 -48.92 -49.57
CA TYR S 217 2.45 -49.38 -48.21
C TYR S 217 2.55 -48.24 -47.21
N HIS S 218 3.46 -47.30 -47.44
CA HIS S 218 3.66 -46.19 -46.51
C HIS S 218 2.52 -45.18 -46.54
N ALA S 219 1.60 -45.29 -47.49
CA ALA S 219 0.47 -44.37 -47.60
C ALA S 219 -0.85 -45.13 -47.54
N PHE S 220 -0.91 -46.20 -46.77
CA PHE S 220 -2.10 -47.02 -46.66
C PHE S 220 -2.65 -46.99 -45.23
N GLN S 221 -3.97 -46.95 -45.13
CA GLN S 221 -4.66 -46.97 -43.84
C GLN S 221 -6.10 -47.39 -44.09
N SER S 222 -6.53 -48.44 -43.40
CA SER S 222 -7.86 -49.00 -43.61
C SER S 222 -8.89 -48.33 -42.70
N VAL S 223 -10.13 -48.30 -43.16
CA VAL S 223 -11.25 -47.73 -42.42
C VAL S 223 -12.33 -48.79 -42.33
N HIS S 224 -12.74 -49.11 -41.10
CA HIS S 224 -13.77 -50.12 -40.85
C HIS S 224 -14.84 -49.49 -39.98
N VAL S 225 -16.09 -49.58 -40.41
CA VAL S 225 -17.20 -48.85 -39.80
C VAL S 225 -18.02 -49.80 -38.94
N ALA S 226 -18.18 -49.44 -37.66
CA ALA S 226 -18.91 -50.24 -36.70
C ALA S 226 -20.42 -50.12 -36.93
N PRO S 227 -21.18 -51.17 -36.63
CA PRO S 227 -22.64 -51.09 -36.80
C PRO S 227 -23.30 -50.02 -35.96
N ASN S 228 -22.78 -49.77 -34.75
CA ASN S 228 -23.41 -48.79 -33.86
C ASN S 228 -23.32 -47.38 -34.44
N ASP S 229 -22.27 -47.07 -35.20
CA ASP S 229 -22.22 -45.79 -35.90
C ASP S 229 -23.14 -45.81 -37.10
N VAL S 230 -23.24 -46.98 -37.76
CA VAL S 230 -24.07 -47.11 -38.95
C VAL S 230 -25.56 -46.96 -38.62
N ILE S 231 -25.96 -47.35 -37.40
CA ILE S 231 -27.37 -47.31 -37.06
C ILE S 231 -27.91 -45.90 -36.96
N LYS S 232 -27.04 -44.92 -36.69
CA LYS S 232 -27.53 -43.54 -36.55
C LYS S 232 -28.09 -42.98 -37.86
N PRO S 233 -27.39 -43.02 -39.00
CA PRO S 233 -28.00 -42.51 -40.24
C PRO S 233 -29.18 -43.32 -40.72
N ALA S 234 -29.31 -44.58 -40.29
CA ALA S 234 -30.44 -45.39 -40.74
C ALA S 234 -31.74 -45.00 -40.06
N ALA S 235 -31.67 -44.51 -38.83
CA ALA S 235 -32.86 -44.21 -38.05
C ALA S 235 -33.37 -42.79 -38.25
N VAL S 236 -32.67 -41.97 -39.03
CA VAL S 236 -33.11 -40.58 -39.21
C VAL S 236 -34.44 -40.53 -39.94
N VAL S 237 -34.66 -41.45 -40.87
CA VAL S 237 -35.94 -41.63 -41.55
C VAL S 237 -36.20 -43.12 -41.56
N ALA S 238 -37.03 -43.59 -40.63
CA ALA S 238 -37.31 -45.03 -40.50
C ALA S 238 -38.75 -45.19 -40.06
N GLY S 239 -39.64 -45.44 -41.02
CA GLY S 239 -41.04 -45.66 -40.68
C GLY S 239 -41.26 -46.96 -39.92
N THR S 240 -40.56 -48.02 -40.31
CA THR S 240 -40.77 -49.33 -39.72
C THR S 240 -39.42 -50.00 -39.47
N SER S 241 -39.47 -51.13 -38.78
CA SER S 241 -38.26 -51.89 -38.49
C SER S 241 -37.65 -52.48 -39.74
N THR S 242 -38.49 -52.89 -40.69
CA THR S 242 -37.98 -53.44 -41.94
C THR S 242 -37.17 -52.41 -42.71
N GLU S 243 -37.64 -51.16 -42.73
CA GLU S 243 -36.89 -50.10 -43.40
C GLU S 243 -35.58 -49.83 -42.67
N LEU S 244 -35.58 -49.97 -41.34
CA LEU S 244 -34.34 -49.85 -40.58
C LEU S 244 -33.34 -50.91 -41.00
N ILE S 245 -33.80 -52.16 -41.16
CA ILE S 245 -32.91 -53.24 -41.57
C ILE S 245 -32.40 -52.99 -42.98
N GLY S 246 -33.28 -52.54 -43.88
CA GLY S 246 -32.85 -52.30 -45.25
C GLY S 246 -31.78 -51.23 -45.37
N ASN S 247 -31.91 -50.17 -44.57
CA ASN S 247 -30.89 -49.12 -44.59
C ASN S 247 -29.57 -49.63 -44.04
N LEU S 248 -29.62 -50.53 -43.06
CA LEU S 248 -28.39 -51.13 -42.55
C LEU S 248 -27.66 -51.89 -43.64
N GLN S 249 -28.40 -52.68 -44.43
CA GLN S 249 -27.78 -53.47 -45.48
C GLN S 249 -27.25 -52.59 -46.60
N ALA S 250 -27.97 -51.51 -46.92
CA ALA S 250 -27.55 -50.62 -48.00
C ALA S 250 -26.22 -49.97 -47.66
N ILE S 251 -26.04 -49.54 -46.41
CA ILE S 251 -24.79 -48.89 -46.02
C ILE S 251 -23.64 -49.88 -46.09
N TYR S 252 -23.82 -51.09 -45.56
CA TYR S 252 -22.72 -52.02 -45.44
C TYR S 252 -22.36 -52.65 -46.78
N SER S 253 -23.33 -52.84 -47.66
CA SER S 253 -23.01 -53.32 -49.00
C SER S 253 -22.13 -52.32 -49.74
N ARG S 254 -22.43 -51.03 -49.59
CA ARG S 254 -21.59 -50.00 -50.19
C ARG S 254 -20.19 -50.00 -49.57
N LEU S 255 -20.11 -50.19 -48.25
CA LEU S 255 -18.82 -50.23 -47.58
C LEU S 255 -17.98 -51.40 -48.07
N ARG S 256 -18.60 -52.57 -48.22
CA ARG S 256 -17.86 -53.73 -48.72
C ARG S 256 -17.39 -53.50 -50.16
N SER S 257 -18.20 -52.84 -50.97
CA SER S 257 -17.78 -52.53 -52.33
C SER S 257 -16.55 -51.63 -52.33
N HIS S 258 -16.50 -50.67 -51.41
CA HIS S 258 -15.37 -49.76 -51.36
C HIS S 258 -14.13 -50.44 -50.81
N SER S 259 -14.30 -51.41 -49.92
CA SER S 259 -13.15 -52.12 -49.37
C SER S 259 -12.42 -52.92 -50.45
N ASP S 260 -13.16 -53.56 -51.34
CA ASP S 260 -12.53 -54.31 -52.43
C ASP S 260 -11.76 -53.38 -53.35
N ILE S 261 -12.31 -52.21 -53.66
CA ILE S 261 -11.64 -51.25 -54.53
C ILE S 261 -10.32 -50.81 -53.90
N GLY S 262 -10.31 -50.64 -52.58
CA GLY S 262 -9.08 -50.20 -51.92
C GLY S 262 -7.94 -51.18 -52.05
N PHE S 263 -8.24 -52.47 -51.89
CA PHE S 263 -7.20 -53.49 -52.06
C PHE S 263 -6.73 -53.55 -53.50
N LYS S 264 -7.65 -53.39 -54.46
CA LYS S 264 -7.28 -53.46 -55.87
C LYS S 264 -6.27 -52.37 -56.22
N LYS S 265 -6.34 -51.23 -55.55
CA LYS S 265 -5.43 -50.14 -55.84
C LYS S 265 -4.00 -50.51 -55.51
N ALA S 266 -3.80 -51.39 -54.52
CA ALA S 266 -2.45 -51.77 -54.14
C ALA S 266 -1.84 -52.73 -55.15
N THR S 267 -2.67 -53.58 -55.75
CA THR S 267 -2.19 -54.63 -56.64
C THR S 267 -2.12 -54.21 -58.10
N VAL S 268 -2.61 -53.02 -58.45
CA VAL S 268 -2.69 -52.63 -59.85
C VAL S 268 -1.31 -52.38 -60.42
N GLY S 269 -0.47 -51.63 -59.69
CA GLY S 269 0.84 -51.30 -60.20
C GLY S 269 1.11 -49.81 -60.27
N ASP S 270 0.41 -49.03 -59.45
CA ASP S 270 0.58 -47.58 -59.42
C ASP S 270 0.56 -47.11 -57.97
N VAL S 271 1.12 -45.93 -57.74
CA VAL S 271 1.23 -45.38 -56.39
C VAL S 271 -0.06 -44.67 -56.03
N ILE S 272 -0.51 -44.86 -54.79
CA ILE S 272 -1.71 -44.21 -54.28
C ILE S 272 -1.35 -42.81 -53.81
N PRO S 273 -2.08 -41.78 -54.23
CA PRO S 273 -1.80 -40.42 -53.75
C PRO S 273 -2.15 -40.27 -52.28
N ASN S 274 -1.47 -39.32 -51.65
CA ASN S 274 -1.63 -39.07 -50.22
C ASN S 274 -2.61 -37.94 -49.98
N SER S 275 -3.48 -38.13 -48.99
CA SER S 275 -4.31 -37.02 -48.52
C SER S 275 -3.45 -36.03 -47.75
N TYR S 276 -3.67 -34.74 -47.99
CA TYR S 276 -2.82 -33.72 -47.40
C TYR S 276 -3.62 -32.46 -47.14
N MET S 277 -3.05 -31.58 -46.32
CA MET S 277 -3.61 -30.28 -46.01
C MET S 277 -2.57 -29.20 -46.27
N ILE S 278 -3.00 -28.09 -46.85
CA ILE S 278 -2.13 -26.96 -47.14
C ILE S 278 -2.52 -25.80 -46.23
N LYS S 279 -1.55 -25.27 -45.50
CA LYS S 279 -1.73 -24.15 -44.60
C LYS S 279 -0.71 -23.07 -44.88
N PRO S 280 -1.02 -21.81 -44.58
CA PRO S 280 -0.12 -20.72 -44.94
C PRO S 280 1.21 -20.81 -44.21
N VAL S 281 2.25 -20.24 -44.85
CA VAL S 281 3.59 -20.29 -44.28
C VAL S 281 3.63 -19.56 -42.95
N ASN S 282 3.05 -18.36 -42.91
CA ASN S 282 2.94 -17.58 -41.67
C ASN S 282 1.48 -17.13 -41.55
N SER S 283 0.71 -17.85 -40.75
CA SER S 283 -0.72 -17.56 -40.65
C SER S 283 -0.95 -16.24 -39.95
N THR S 284 -1.83 -15.42 -40.53
CA THR S 284 -2.18 -14.12 -39.98
C THR S 284 -3.59 -14.19 -39.41
N GLU S 285 -3.77 -13.67 -38.20
CA GLU S 285 -5.07 -13.72 -37.55
C GLU S 285 -6.12 -13.04 -38.41
N TYR S 286 -7.27 -13.70 -38.53
CA TYR S 286 -8.41 -13.22 -39.32
C TYR S 286 -8.07 -13.10 -40.81
N ALA S 287 -7.02 -13.78 -41.26
CA ALA S 287 -6.69 -13.82 -42.68
C ALA S 287 -6.19 -15.20 -43.10
N SER S 288 -6.49 -16.25 -42.34
CA SER S 288 -5.97 -17.58 -42.61
C SER S 288 -6.91 -18.36 -43.52
N TRP S 289 -6.33 -19.32 -44.24
CA TRP S 289 -7.08 -20.18 -45.14
C TRP S 289 -6.56 -21.61 -45.01
N GLN S 290 -7.48 -22.57 -44.95
CA GLN S 290 -7.13 -23.98 -44.91
C GLN S 290 -7.66 -24.67 -46.15
N LEU S 291 -6.88 -25.62 -46.66
CA LEU S 291 -7.26 -26.45 -47.79
C LEU S 291 -7.01 -27.90 -47.47
N TYR S 292 -8.02 -28.74 -47.68
CA TYR S 292 -7.92 -30.17 -47.41
C TYR S 292 -8.21 -30.95 -48.68
N VAL S 293 -7.33 -31.88 -49.03
CA VAL S 293 -7.53 -32.81 -50.13
C VAL S 293 -7.54 -34.22 -49.55
N ILE S 294 -8.65 -34.93 -49.73
CA ILE S 294 -8.82 -36.26 -49.17
C ILE S 294 -8.85 -37.26 -50.32
N HIS S 295 -7.89 -38.19 -50.32
CA HIS S 295 -7.84 -39.29 -51.27
C HIS S 295 -8.13 -40.58 -50.50
N PRO S 296 -9.40 -40.95 -50.32
CA PRO S 296 -9.71 -42.18 -49.58
C PRO S 296 -9.24 -43.41 -50.34
N VAL S 297 -8.38 -44.21 -49.70
CA VAL S 297 -7.91 -45.42 -50.35
C VAL S 297 -9.06 -46.40 -50.54
N GLN S 298 -10.01 -46.44 -49.61
CA GLN S 298 -11.19 -47.28 -49.74
C GLN S 298 -12.35 -46.45 -50.28
N GLY S 299 -12.23 -46.05 -51.52
CA GLY S 299 -13.28 -45.25 -52.13
C GLY S 299 -13.04 -45.04 -53.60
N SER S 300 -14.10 -44.66 -54.30
CA SER S 300 -14.05 -44.35 -55.71
C SER S 300 -14.15 -42.86 -56.01
N LEU S 301 -14.24 -42.03 -54.98
CA LEU S 301 -14.34 -40.59 -55.15
C LEU S 301 -13.50 -39.89 -54.09
N GLY S 302 -13.11 -38.65 -54.39
CA GLY S 302 -12.32 -37.86 -53.48
C GLY S 302 -13.02 -36.56 -53.14
N LEU S 303 -12.43 -35.84 -52.19
CA LEU S 303 -13.01 -34.60 -51.69
C LEU S 303 -11.92 -33.55 -51.54
N VAL S 304 -12.25 -32.32 -51.91
CA VAL S 304 -11.39 -31.15 -51.72
C VAL S 304 -12.20 -30.10 -50.99
N VAL S 305 -11.79 -29.77 -49.77
CA VAL S 305 -12.50 -28.82 -48.92
C VAL S 305 -11.59 -27.62 -48.68
N GLN S 306 -12.10 -26.43 -48.95
CA GLN S 306 -11.36 -25.19 -48.78
C GLN S 306 -12.10 -24.28 -47.81
N LEU S 307 -11.37 -23.73 -46.86
CA LEU S 307 -11.92 -22.79 -45.88
C LEU S 307 -11.21 -21.45 -46.04
N MET S 308 -11.96 -20.45 -46.52
CA MET S 308 -11.44 -19.09 -46.72
C MET S 308 -12.31 -18.14 -45.90
N GLY S 309 -11.82 -17.74 -44.74
CA GLY S 309 -12.60 -16.87 -43.89
C GLY S 309 -13.81 -17.61 -43.33
N ASP S 310 -14.99 -17.06 -43.57
CA ASP S 310 -16.24 -17.65 -43.11
C ASP S 310 -16.95 -18.45 -44.19
N ALA S 311 -16.29 -18.70 -45.33
CA ALA S 311 -16.89 -19.42 -46.44
C ALA S 311 -16.26 -20.80 -46.55
N LEU S 312 -17.10 -21.80 -46.82
CA LEU S 312 -16.66 -23.17 -47.04
C LEU S 312 -17.06 -23.60 -48.44
N THR S 313 -16.11 -24.13 -49.20
CA THR S 313 -16.34 -24.59 -50.57
C THR S 313 -15.72 -25.96 -50.74
N TYR S 314 -16.43 -26.85 -51.42
CA TYR S 314 -16.00 -28.23 -51.60
C TYR S 314 -16.23 -28.68 -53.04
N ASN S 315 -15.47 -29.69 -53.45
CA ASN S 315 -15.61 -30.29 -54.77
C ASN S 315 -15.35 -31.79 -54.66
N VAL S 316 -16.29 -32.59 -55.16
CA VAL S 316 -16.15 -34.04 -55.19
C VAL S 316 -15.67 -34.44 -56.56
N PHE S 317 -14.51 -35.11 -56.63
CA PHE S 317 -13.89 -35.43 -57.90
C PHE S 317 -13.70 -36.94 -58.04
N ALA S 318 -13.73 -37.38 -59.29
CA ALA S 318 -13.50 -38.79 -59.60
C ALA S 318 -12.03 -39.15 -59.39
N GLN S 319 -11.80 -40.32 -58.81
CA GLN S 319 -10.44 -40.80 -58.58
C GLN S 319 -9.91 -41.63 -59.74
N TYR S 320 -10.66 -41.76 -60.82
CA TYR S 320 -10.25 -42.53 -61.99
C TYR S 320 -10.14 -41.62 -63.19
N GLY S 321 -9.22 -41.96 -64.09
CA GLY S 321 -9.02 -41.19 -65.30
C GLY S 321 -8.09 -40.00 -65.18
N ASN S 322 -7.59 -39.70 -63.99
CA ASN S 322 -6.67 -38.58 -63.79
C ASN S 322 -5.26 -39.06 -64.15
N THR S 323 -5.04 -39.19 -65.46
CA THR S 323 -3.77 -39.69 -65.99
C THR S 323 -3.02 -38.63 -66.79
N SER S 324 -3.37 -37.36 -66.62
CA SER S 324 -2.74 -36.26 -67.37
C SER S 324 -2.27 -35.18 -66.39
N ALA S 325 -1.07 -35.38 -65.84
CA ALA S 325 -0.36 -34.37 -65.05
C ALA S 325 -1.22 -33.79 -63.93
N SER S 326 -2.15 -34.59 -63.41
CA SER S 326 -3.02 -34.12 -62.34
C SER S 326 -3.54 -35.32 -61.56
N GLU S 327 -3.77 -35.11 -60.27
CA GLU S 327 -4.30 -36.15 -59.41
C GLU S 327 -5.81 -36.10 -59.28
N PHE S 328 -6.48 -35.16 -59.96
CA PHE S 328 -7.91 -34.98 -59.86
C PHE S 328 -8.56 -35.24 -61.21
N GLY S 329 -9.60 -36.05 -61.22
CA GLY S 329 -10.41 -36.25 -62.40
C GLY S 329 -11.48 -35.18 -62.52
N LYS S 330 -12.50 -35.51 -63.30
CA LYS S 330 -13.63 -34.59 -63.45
C LYS S 330 -14.40 -34.47 -62.15
N THR S 331 -14.95 -33.28 -61.92
CA THR S 331 -15.71 -33.02 -60.70
C THR S 331 -17.14 -33.53 -60.89
N VAL S 332 -17.54 -34.49 -60.07
CA VAL S 332 -18.87 -35.05 -60.18
C VAL S 332 -19.90 -34.27 -59.37
N LEU S 333 -19.46 -33.46 -58.41
CA LEU S 333 -20.35 -32.64 -57.60
C LEU S 333 -19.61 -31.41 -57.15
N THR S 334 -20.17 -30.24 -57.43
CA THR S 334 -19.52 -28.97 -57.13
C THR S 334 -20.28 -28.23 -56.04
N GLY S 335 -19.55 -27.80 -55.01
CA GLY S 335 -20.10 -26.97 -53.96
C GLY S 335 -19.58 -25.56 -53.95
N GLY S 336 -18.85 -25.14 -54.96
CA GLY S 336 -18.27 -23.81 -55.01
C GLY S 336 -17.01 -23.84 -55.85
N ALA S 337 -16.08 -22.95 -55.49
CA ALA S 337 -14.79 -22.87 -56.16
C ALA S 337 -13.70 -23.24 -55.18
N THR S 338 -12.85 -24.19 -55.56
CA THR S 338 -11.72 -24.63 -54.73
C THR S 338 -10.43 -24.40 -55.50
N ASN S 339 -9.47 -23.73 -54.86
CA ASN S 339 -8.18 -23.45 -55.44
C ASN S 339 -7.16 -24.42 -54.87
N THR S 340 -6.62 -25.29 -55.72
CA THR S 340 -5.62 -26.25 -55.30
C THR S 340 -4.20 -25.78 -55.60
N ALA S 341 -4.04 -24.60 -56.17
CA ALA S 341 -2.74 -24.03 -56.45
C ALA S 341 -2.27 -23.08 -55.35
N LEU S 342 -2.93 -23.11 -54.19
CA LEU S 342 -2.54 -22.25 -53.09
C LEU S 342 -1.13 -22.60 -52.61
N GLU S 343 -0.36 -21.58 -52.26
CA GLU S 343 1.03 -21.75 -51.84
C GLU S 343 1.11 -21.74 -50.31
N GLY S 344 1.72 -22.79 -49.76
CA GLY S 344 1.85 -22.91 -48.33
C GLY S 344 2.53 -24.21 -47.99
N THR S 345 2.63 -24.47 -46.69
CA THR S 345 3.25 -25.69 -46.23
C THR S 345 2.34 -26.89 -46.47
N LYS S 346 2.95 -28.06 -46.64
CA LYS S 346 2.27 -29.27 -47.08
C LYS S 346 2.32 -30.28 -45.94
N VAL S 347 1.16 -30.60 -45.37
CA VAL S 347 1.05 -31.54 -44.26
C VAL S 347 0.19 -32.71 -44.71
N LYS S 348 0.71 -33.92 -44.51
CA LYS S 348 0.04 -35.14 -44.94
C LYS S 348 -0.63 -35.83 -43.77
N PHE S 349 -1.76 -36.47 -44.04
CA PHE S 349 -2.51 -37.20 -43.03
C PHE S 349 -3.22 -38.38 -43.69
N GLN S 350 -3.72 -39.28 -42.86
CA GLN S 350 -4.48 -40.43 -43.31
C GLN S 350 -5.88 -40.37 -42.72
N THR S 351 -6.89 -40.42 -43.59
CA THR S 351 -8.27 -40.28 -43.16
C THR S 351 -8.78 -41.56 -42.51
N LYS S 352 -9.59 -41.41 -41.47
CA LYS S 352 -10.22 -42.54 -40.80
C LYS S 352 -11.72 -42.60 -41.04
N VAL S 353 -12.21 -41.85 -42.04
CA VAL S 353 -13.62 -41.87 -42.41
C VAL S 353 -13.71 -42.06 -43.91
N THR S 354 -14.83 -42.63 -44.35
CA THR S 354 -15.06 -42.87 -45.76
C THR S 354 -15.46 -41.58 -46.47
N ALA S 355 -15.51 -41.65 -47.80
CA ALA S 355 -15.81 -40.46 -48.59
C ALA S 355 -17.20 -39.94 -48.31
N GLN S 356 -18.17 -40.84 -48.15
CA GLN S 356 -19.55 -40.40 -47.89
C GLN S 356 -19.65 -39.70 -46.54
N GLN S 357 -18.94 -40.20 -45.53
CA GLN S 357 -18.97 -39.57 -44.22
C GLN S 357 -18.37 -38.17 -44.26
N ALA S 358 -17.20 -38.04 -44.89
CA ALA S 358 -16.57 -36.73 -45.00
C ALA S 358 -17.43 -35.77 -45.82
N LEU S 359 -18.05 -36.27 -46.89
CA LEU S 359 -18.97 -35.43 -47.66
C LEU S 359 -20.20 -35.08 -46.85
N ALA S 360 -20.67 -35.99 -46.01
CA ALA S 360 -21.85 -35.72 -45.19
C ALA S 360 -21.59 -34.56 -44.23
N LEU S 361 -20.41 -34.53 -43.62
CA LEU S 361 -20.10 -33.48 -42.65
C LEU S 361 -19.90 -32.14 -43.34
N THR S 362 -19.26 -32.12 -44.51
CA THR S 362 -18.99 -30.84 -45.16
C THR S 362 -20.26 -30.20 -45.72
N MET S 363 -21.28 -31.01 -46.03
CA MET S 363 -22.58 -30.44 -46.38
C MET S 363 -23.21 -29.75 -45.18
N ALA S 364 -23.17 -30.40 -44.02
CA ALA S 364 -23.74 -29.80 -42.81
C ALA S 364 -22.96 -28.56 -42.39
N LEU S 365 -21.64 -28.61 -42.50
CA LEU S 365 -20.83 -27.45 -42.12
C LEU S 365 -21.13 -26.26 -43.00
N LYS S 366 -21.31 -26.49 -44.30
CA LYS S 366 -21.63 -25.38 -45.21
C LYS S 366 -22.97 -24.75 -44.87
N ASP S 367 -23.96 -25.58 -44.55
CA ASP S 367 -25.28 -25.08 -44.20
C ASP S 367 -25.32 -24.43 -42.83
N ALA S 368 -24.29 -24.61 -42.01
CA ALA S 368 -24.22 -24.02 -40.68
C ALA S 368 -22.98 -23.15 -40.51
N ALA S 369 -22.44 -22.64 -41.61
CA ALA S 369 -21.23 -21.83 -41.54
C ALA S 369 -21.49 -20.50 -40.83
N SER S 370 -22.65 -19.88 -41.08
CA SER S 370 -22.94 -18.59 -40.47
C SER S 370 -23.08 -18.71 -38.96
N MET S 371 -23.74 -19.75 -38.47
CA MET S 371 -23.96 -19.90 -37.03
C MET S 371 -22.66 -20.23 -36.31
N LEU S 372 -21.90 -21.18 -36.83
CA LEU S 372 -20.66 -21.59 -36.21
C LEU S 372 -19.55 -20.58 -36.49
N SER S 373 -18.50 -20.66 -35.70
CA SER S 373 -17.32 -19.83 -35.90
C SER S 373 -16.32 -20.53 -36.82
N GLN S 374 -15.32 -19.79 -37.26
CA GLN S 374 -14.30 -20.37 -38.13
C GLN S 374 -13.53 -21.46 -37.41
N GLY S 375 -13.19 -21.24 -36.14
CA GLY S 375 -12.46 -22.25 -35.39
C GLY S 375 -13.28 -23.51 -35.16
N GLU S 376 -14.60 -23.35 -34.99
CA GLU S 376 -15.45 -24.52 -34.82
C GLU S 376 -15.51 -25.34 -36.10
N LEU S 377 -15.56 -24.67 -37.26
CA LEU S 377 -15.57 -25.39 -38.54
C LEU S 377 -14.28 -26.19 -38.71
N ILE S 378 -13.15 -25.59 -38.37
CA ILE S 378 -11.86 -26.26 -38.54
C ILE S 378 -11.76 -27.47 -37.62
N GLY S 379 -12.07 -27.27 -36.34
CA GLY S 379 -11.89 -28.34 -35.36
C GLY S 379 -12.83 -29.50 -35.59
N TYR S 380 -14.10 -29.22 -35.89
CA TYR S 380 -15.06 -30.29 -36.12
C TYR S 380 -14.68 -31.10 -37.35
N PHE S 381 -14.21 -30.43 -38.40
CA PHE S 381 -13.83 -31.14 -39.62
C PHE S 381 -12.58 -31.98 -39.40
N GLU S 382 -11.55 -31.39 -38.79
CA GLU S 382 -10.29 -32.11 -38.59
C GLU S 382 -10.48 -33.29 -37.65
N GLN S 383 -11.27 -33.13 -36.59
CA GLN S 383 -11.47 -34.21 -35.63
C GLN S 383 -12.18 -35.39 -36.28
N TYR S 384 -13.18 -35.13 -37.11
CA TYR S 384 -13.90 -36.23 -37.76
C TYR S 384 -13.04 -36.90 -38.80
N ILE S 385 -12.32 -36.12 -39.61
CA ILE S 385 -11.58 -36.68 -40.74
C ILE S 385 -10.39 -37.50 -40.26
N ASN S 386 -9.70 -37.02 -39.22
CA ASN S 386 -8.49 -37.68 -38.75
C ASN S 386 -8.71 -38.64 -37.59
N LEU S 387 -9.69 -38.38 -36.73
CA LEU S 387 -9.91 -39.18 -35.54
C LEU S 387 -11.22 -39.95 -35.53
N ALA S 388 -12.08 -39.76 -36.53
CA ALA S 388 -13.42 -40.35 -36.56
C ALA S 388 -14.24 -39.94 -35.35
N LEU S 389 -13.97 -38.75 -34.82
CA LEU S 389 -14.69 -38.21 -33.69
C LEU S 389 -15.87 -37.38 -34.19
N GLU S 390 -17.08 -37.78 -33.82
CA GLU S 390 -18.25 -37.02 -34.22
C GLU S 390 -18.26 -35.67 -33.53
N PRO S 391 -18.81 -34.64 -34.18
CA PRO S 391 -18.87 -33.32 -33.55
C PRO S 391 -19.67 -33.35 -32.26
N ASP S 392 -19.22 -32.54 -31.29
CA ASP S 392 -19.90 -32.48 -29.99
C ASP S 392 -21.26 -31.81 -30.09
N ASN S 393 -21.41 -30.86 -31.02
CA ASN S 393 -22.68 -30.19 -31.20
C ASN S 393 -23.75 -31.18 -31.63
N LEU S 394 -24.74 -31.40 -30.75
CA LEU S 394 -25.74 -32.42 -31.02
C LEU S 394 -26.59 -32.06 -32.23
N SER S 395 -26.95 -30.78 -32.37
CA SER S 395 -27.73 -30.36 -33.53
C SER S 395 -26.94 -30.52 -34.82
N LEU S 396 -25.65 -30.19 -34.79
CA LEU S 396 -24.81 -30.39 -35.97
C LEU S 396 -24.65 -31.87 -36.28
N GLN S 397 -24.47 -32.69 -35.24
CA GLN S 397 -24.33 -34.13 -35.44
C GLN S 397 -25.59 -34.72 -36.07
N ASP S 398 -26.76 -34.32 -35.59
CA ASP S 398 -28.00 -34.81 -36.16
C ASP S 398 -28.15 -34.38 -37.61
N ASN S 399 -27.71 -33.18 -37.94
CA ASN S 399 -27.75 -32.73 -39.33
C ASN S 399 -26.86 -33.58 -40.22
N MET S 400 -25.67 -33.94 -39.74
CA MET S 400 -24.75 -34.69 -40.58
C MET S 400 -25.27 -36.08 -40.90
N HIS S 401 -26.01 -36.69 -39.96
CA HIS S 401 -26.57 -38.00 -40.21
C HIS S 401 -27.74 -37.95 -41.18
N LYS S 402 -28.44 -36.81 -41.23
CA LYS S 402 -29.45 -36.63 -42.27
C LYS S 402 -28.82 -36.57 -43.65
N TYR S 403 -27.68 -35.90 -43.78
CA TYR S 403 -27.00 -35.85 -45.06
C TYR S 403 -26.35 -37.18 -45.40
N HIS S 404 -25.91 -37.93 -44.39
CA HIS S 404 -25.37 -39.25 -44.62
C HIS S 404 -26.42 -40.18 -45.21
N HIS S 405 -27.64 -40.10 -44.71
CA HIS S 405 -28.72 -40.92 -45.24
C HIS S 405 -29.02 -40.57 -46.69
N LEU S 406 -29.06 -39.29 -47.01
CA LEU S 406 -29.37 -38.88 -48.38
C LEU S 406 -28.30 -39.35 -49.36
N LEU S 407 -27.03 -39.24 -48.98
CA LEU S 407 -25.96 -39.62 -49.88
C LEU S 407 -25.89 -41.12 -50.09
N THR S 408 -26.48 -41.90 -49.19
CA THR S 408 -26.50 -43.35 -49.30
C THR S 408 -27.79 -43.89 -49.92
N SER S 409 -28.90 -43.20 -49.72
CA SER S 409 -30.19 -43.66 -50.21
C SER S 409 -30.23 -43.60 -51.74
N GLN S 410 -31.36 -44.03 -52.32
CA GLN S 410 -31.49 -44.11 -53.76
C GLN S 410 -31.53 -42.73 -54.41
N ASN S 411 -32.09 -41.74 -53.72
CA ASN S 411 -32.23 -40.40 -54.28
C ASN S 411 -31.00 -39.53 -54.04
N SER S 412 -29.84 -40.13 -53.88
CA SER S 412 -28.62 -39.36 -53.63
C SER S 412 -28.32 -38.47 -54.83
N PRO S 413 -27.77 -37.28 -54.60
CA PRO S 413 -27.35 -36.43 -55.72
C PRO S 413 -26.29 -37.09 -56.59
N ILE S 414 -25.46 -37.94 -56.01
CA ILE S 414 -24.43 -38.68 -56.74
C ILE S 414 -24.74 -40.16 -56.59
N ASP S 415 -24.61 -40.90 -57.69
CA ASP S 415 -24.81 -42.34 -57.67
C ASP S 415 -23.48 -43.07 -57.60
N TRP S 416 -23.49 -44.23 -56.97
CA TRP S 416 -22.24 -44.93 -56.67
C TRP S 416 -22.04 -46.20 -57.48
N ASN S 417 -23.10 -46.81 -57.98
CA ASN S 417 -22.95 -47.98 -58.83
C ASN S 417 -22.19 -47.63 -60.11
N TYR S 418 -22.51 -46.47 -60.69
CA TYR S 418 -21.83 -46.04 -61.91
C TYR S 418 -20.36 -45.76 -61.65
N HIS S 419 -20.04 -45.10 -60.53
CA HIS S 419 -18.66 -44.72 -60.26
C HIS S 419 -17.84 -45.93 -59.82
N ASP S 420 -18.43 -46.85 -59.08
CA ASP S 420 -17.71 -48.05 -58.69
C ASP S 420 -17.39 -48.92 -59.89
N GLU S 421 -18.31 -49.01 -60.84
CA GLU S 421 -18.07 -49.80 -62.04
C GLU S 421 -16.93 -49.20 -62.88
N GLU S 422 -16.94 -47.88 -63.06
CA GLU S 422 -15.87 -47.25 -63.83
C GLU S 422 -14.53 -47.40 -63.12
N MET S 423 -14.51 -47.23 -61.80
CA MET S 423 -13.24 -47.33 -61.08
C MET S 423 -12.65 -48.73 -61.22
N HIS S 424 -13.52 -49.74 -61.26
CA HIS S 424 -13.04 -51.09 -61.52
C HIS S 424 -12.45 -51.21 -62.92
N LYS S 425 -13.14 -50.65 -63.91
CA LYS S 425 -12.65 -50.72 -65.28
C LYS S 425 -11.32 -49.99 -65.42
N TRP S 426 -11.18 -48.85 -64.75
CA TRP S 426 -9.93 -48.11 -64.81
C TRP S 426 -8.79 -48.90 -64.15
N LEU S 427 -9.09 -49.61 -63.06
CA LEU S 427 -8.04 -50.29 -62.32
C LEU S 427 -7.48 -51.48 -63.08
N ASP S 428 -8.35 -52.35 -63.60
CA ASP S 428 -7.85 -53.53 -64.30
C ASP S 428 -7.24 -53.17 -65.64
N SER S 429 -7.67 -52.06 -66.25
CA SER S 429 -7.00 -51.58 -67.45
C SER S 429 -5.57 -51.15 -67.13
N ARG S 430 -5.37 -50.51 -65.98
CA ARG S 430 -4.03 -50.09 -65.60
C ARG S 430 -3.17 -51.29 -65.22
N LYS S 431 -3.78 -52.37 -64.72
CA LYS S 431 -3.01 -53.57 -64.43
C LYS S 431 -2.44 -54.17 -65.71
N THR S 432 -3.25 -54.19 -66.77
CA THR S 432 -2.76 -54.68 -68.06
C THR S 432 -1.67 -53.79 -68.62
N THR S 433 -1.84 -52.47 -68.52
CA THR S 433 -0.85 -51.55 -69.06
C THR S 433 0.47 -51.66 -68.29
N ASN S 434 0.41 -51.76 -66.96
CA ASN S 434 1.62 -51.88 -66.18
C ASN S 434 2.30 -53.22 -66.41
N TYR S 435 1.52 -54.29 -66.57
CA TYR S 435 2.11 -55.60 -66.85
C TYR S 435 2.74 -55.62 -68.23
N ASP S 436 2.05 -55.08 -69.24
CA ASP S 436 2.58 -55.09 -70.60
C ASP S 436 3.87 -54.27 -70.69
N ALA S 437 3.90 -53.10 -70.06
CA ALA S 437 5.09 -52.26 -70.10
C ALA S 437 6.26 -52.93 -69.39
N MET S 438 5.99 -53.59 -68.27
CA MET S 438 7.07 -54.21 -67.52
C MET S 438 7.54 -55.49 -68.19
N GLN S 439 6.66 -56.16 -68.94
CA GLN S 439 7.07 -57.32 -69.71
C GLN S 439 8.10 -56.95 -70.75
N LYS S 440 7.88 -55.82 -71.44
CA LYS S 440 8.83 -55.37 -72.45
C LYS S 440 10.16 -54.94 -71.84
N LYS S 441 10.11 -54.22 -70.72
CA LYS S 441 11.31 -53.59 -70.19
C LYS S 441 12.27 -54.61 -69.60
N ASP S 442 11.76 -55.55 -68.81
CA ASP S 442 12.60 -56.44 -68.03
C ASP S 442 12.34 -57.92 -68.23
N GLY S 443 11.19 -58.31 -68.78
CA GLY S 443 10.91 -59.70 -69.07
C GLY S 443 9.67 -60.19 -68.34
N THR S 444 9.20 -61.36 -68.80
CA THR S 444 7.99 -61.94 -68.24
C THR S 444 8.22 -62.52 -66.86
N VAL S 445 9.38 -63.15 -66.64
CA VAL S 445 9.65 -63.79 -65.35
C VAL S 445 9.72 -62.75 -64.24
N ILE S 446 10.43 -61.65 -64.48
CA ILE S 446 10.54 -60.61 -63.46
C ILE S 446 9.22 -59.88 -63.29
N ALA S 447 8.51 -59.63 -64.39
CA ALA S 447 7.25 -58.90 -64.31
C ALA S 447 6.22 -59.68 -63.50
N ASP S 448 6.17 -60.99 -63.67
CA ASP S 448 5.26 -61.81 -62.86
C ASP S 448 5.63 -61.75 -61.38
N ILE S 449 6.90 -61.51 -61.09
CA ILE S 449 7.33 -61.45 -59.69
C ILE S 449 6.77 -60.19 -59.03
N HIS S 450 6.69 -59.09 -59.77
CA HIS S 450 6.34 -57.80 -59.21
C HIS S 450 4.87 -57.42 -59.38
N ILE S 451 4.19 -57.94 -60.39
CA ILE S 451 2.77 -57.65 -60.58
C ILE S 451 2.02 -58.98 -60.69
N PRO S 452 1.71 -59.65 -59.59
CA PRO S 452 1.01 -60.93 -59.67
C PRO S 452 -0.36 -60.78 -60.31
N LYS S 453 -0.74 -61.79 -61.09
CA LYS S 453 -2.06 -61.80 -61.72
C LYS S 453 -3.15 -62.29 -60.79
N VAL S 454 -2.81 -63.10 -59.80
CA VAL S 454 -3.82 -63.76 -58.97
C VAL S 454 -4.52 -62.76 -58.06
N PHE S 455 -3.84 -61.68 -57.68
CA PHE S 455 -4.40 -60.70 -56.76
C PHE S 455 -5.27 -59.72 -57.53
N ASN S 456 -6.58 -59.82 -57.34
CA ASN S 456 -7.53 -58.93 -58.01
C ASN S 456 -8.33 -58.07 -57.04
N ASP S 457 -8.97 -58.68 -56.05
CA ASP S 457 -9.83 -57.95 -55.14
C ASP S 457 -9.81 -58.63 -53.78
N LEU S 458 -10.42 -57.98 -52.79
CA LEU S 458 -10.50 -58.56 -51.45
C LEU S 458 -11.29 -59.86 -51.46
N ARG S 459 -12.40 -59.89 -52.19
CA ARG S 459 -13.22 -61.09 -52.24
C ARG S 459 -12.82 -62.05 -53.36
N ASN S 460 -12.28 -61.52 -54.46
CA ASN S 460 -11.85 -62.38 -55.55
C ASN S 460 -10.64 -63.23 -55.16
N THR S 461 -9.66 -62.61 -54.51
CA THR S 461 -8.42 -63.30 -54.19
C THR S 461 -8.67 -64.41 -53.18
N THR S 462 -7.83 -65.45 -53.23
CA THR S 462 -7.90 -66.55 -52.29
C THR S 462 -7.21 -66.11 -51.01
N LEU S 463 -7.98 -65.88 -49.95
CA LEU S 463 -7.48 -65.30 -48.72
C LEU S 463 -7.84 -66.21 -47.54
N HIS S 464 -7.03 -66.12 -46.50
CA HIS S 464 -7.24 -66.90 -45.29
C HIS S 464 -7.61 -65.97 -44.14
N CYS S 465 -8.43 -66.47 -43.23
CA CYS S 465 -8.92 -65.69 -42.10
C CYS S 465 -8.80 -66.52 -40.84
N LYS S 466 -7.82 -66.19 -40.00
CA LYS S 466 -7.70 -66.83 -38.70
C LYS S 466 -8.90 -66.49 -37.84
N LEU S 467 -9.27 -67.45 -36.99
CA LEU S 467 -10.44 -67.31 -36.13
C LEU S 467 -10.00 -67.40 -34.68
N GLU S 468 -10.54 -66.53 -33.83
CA GLU S 468 -10.30 -66.56 -32.40
C GLU S 468 -11.55 -67.06 -31.70
N GLY S 469 -11.38 -68.00 -30.79
CA GLY S 469 -12.51 -68.60 -30.11
C GLY S 469 -12.50 -68.39 -28.61
N LYS S 470 -13.64 -68.02 -28.04
CA LYS S 470 -13.75 -67.79 -26.62
C LYS S 470 -14.87 -68.59 -25.96
N GLN S 471 -15.70 -69.27 -26.74
CA GLN S 471 -16.80 -70.07 -26.20
C GLN S 471 -16.38 -71.53 -26.16
N THR S 472 -16.43 -72.13 -24.97
CA THR S 472 -16.05 -73.52 -24.78
C THR S 472 -17.28 -74.29 -24.30
N ILE S 473 -17.64 -75.34 -25.04
CA ILE S 473 -18.79 -76.16 -24.72
C ILE S 473 -18.28 -77.55 -24.35
N ALA S 474 -18.21 -77.83 -23.06
CA ALA S 474 -17.79 -79.13 -22.54
C ALA S 474 -16.40 -79.51 -23.04
N GLY S 475 -15.52 -78.52 -23.17
CA GLY S 475 -14.16 -78.75 -23.59
C GLY S 475 -13.89 -78.46 -25.06
N TYR S 476 -14.90 -78.13 -25.83
CA TYR S 476 -14.76 -77.88 -27.26
C TYR S 476 -14.84 -76.38 -27.51
N THR S 477 -13.75 -75.79 -27.99
CA THR S 477 -13.74 -74.38 -28.35
C THR S 477 -14.49 -74.17 -29.65
N VAL S 478 -15.25 -73.07 -29.72
CA VAL S 478 -16.12 -72.78 -30.86
C VAL S 478 -15.53 -71.62 -31.64
N TYR S 479 -15.31 -71.84 -32.93
CA TYR S 479 -14.81 -70.82 -33.85
C TYR S 479 -15.87 -70.57 -34.91
N GLU S 480 -16.29 -69.32 -35.04
CA GLU S 480 -17.39 -68.96 -35.93
C GLU S 480 -16.86 -68.18 -37.13
N TYR S 481 -17.28 -68.61 -38.32
CA TYR S 481 -16.95 -67.94 -39.56
C TYR S 481 -18.23 -67.77 -40.35
N LEU S 482 -18.47 -66.57 -40.85
CA LEU S 482 -19.70 -66.27 -41.58
C LEU S 482 -19.43 -66.47 -43.07
N ILE S 483 -20.09 -67.47 -43.66
CA ILE S 483 -19.99 -67.72 -45.08
C ILE S 483 -20.87 -66.73 -45.83
N GLY S 484 -20.26 -65.92 -46.68
CA GLY S 484 -20.99 -64.90 -47.40
C GLY S 484 -21.20 -63.66 -46.56
N PRO S 485 -21.85 -62.64 -47.12
CA PRO S 485 -22.42 -62.54 -48.47
C PRO S 485 -21.33 -62.36 -49.52
N TRP S 486 -21.66 -62.51 -50.79
CA TRP S 486 -20.69 -62.49 -51.87
C TRP S 486 -20.96 -61.34 -52.82
N ALA S 487 -19.90 -60.77 -53.36
CA ALA S 487 -19.99 -59.75 -54.40
C ALA S 487 -19.67 -60.33 -55.78
N HIS S 488 -19.57 -61.65 -55.91
CA HIS S 488 -19.22 -62.29 -57.16
C HIS S 488 -20.06 -63.56 -57.32
N TYR S 489 -20.20 -63.99 -58.57
CA TYR S 489 -20.91 -65.22 -58.87
C TYR S 489 -19.98 -66.21 -59.56
N GLY S 490 -20.23 -67.48 -59.32
CA GLY S 490 -19.37 -68.56 -59.77
C GLY S 490 -19.41 -69.69 -58.77
N ASP S 491 -18.28 -70.40 -58.67
CA ASP S 491 -18.13 -71.50 -57.73
C ASP S 491 -17.05 -71.15 -56.72
N ILE S 492 -17.33 -71.38 -55.43
CA ILE S 492 -16.41 -71.04 -54.36
C ILE S 492 -16.22 -72.27 -53.48
N ASP S 493 -15.05 -72.33 -52.83
CA ASP S 493 -14.70 -73.44 -51.95
C ASP S 493 -14.21 -72.90 -50.63
N TYR S 494 -14.46 -73.67 -49.56
CA TYR S 494 -14.05 -73.29 -48.22
C TYR S 494 -13.32 -74.46 -47.57
N SER S 495 -12.14 -74.19 -47.02
CA SER S 495 -11.31 -75.21 -46.39
C SER S 495 -10.97 -74.78 -44.97
N VAL S 496 -10.94 -75.76 -44.07
CA VAL S 496 -10.71 -75.51 -42.64
C VAL S 496 -9.45 -76.23 -42.22
N VAL S 497 -8.57 -75.50 -41.55
CA VAL S 497 -7.30 -76.03 -41.05
C VAL S 497 -7.33 -75.99 -39.53
N VAL S 498 -7.00 -77.12 -38.90
CA VAL S 498 -7.07 -77.26 -37.46
C VAL S 498 -5.73 -77.76 -36.96
N ASP S 499 -5.18 -77.09 -35.94
CA ASP S 499 -3.91 -77.47 -35.35
C ASP S 499 -4.07 -77.51 -33.85
N THR S 500 -3.86 -78.69 -33.26
CA THR S 500 -4.03 -78.89 -31.82
C THR S 500 -2.77 -79.49 -31.24
N LEU S 501 -2.70 -79.46 -29.90
CA LEU S 501 -1.55 -79.96 -29.18
C LEU S 501 -1.53 -81.48 -29.12
N ASN S 502 -2.70 -82.12 -29.15
CA ASN S 502 -2.79 -83.56 -29.06
C ASN S 502 -2.31 -84.23 -30.34
N GLU S 503 -1.88 -85.48 -30.22
CA GLU S 503 -1.42 -86.23 -31.39
C GLU S 503 -2.58 -86.67 -32.25
N GLU S 504 -3.68 -87.11 -31.64
CA GLU S 504 -4.87 -87.53 -32.35
C GLU S 504 -6.02 -86.60 -31.98
N THR S 505 -6.81 -86.21 -32.97
CA THR S 505 -7.82 -85.18 -32.78
C THR S 505 -9.15 -85.67 -33.36
N LYS S 506 -10.23 -85.12 -32.82
CA LYS S 506 -11.60 -85.43 -33.24
C LYS S 506 -12.33 -84.10 -33.31
N TRP S 507 -12.25 -83.42 -34.44
CA TRP S 507 -12.82 -82.08 -34.57
C TRP S 507 -13.98 -82.06 -35.56
N TYR S 508 -15.00 -81.27 -35.23
CA TYR S 508 -16.26 -81.27 -35.95
C TYR S 508 -16.50 -79.91 -36.58
N CYS S 509 -17.42 -79.88 -37.55
CA CYS S 509 -17.87 -78.65 -38.18
C CYS S 509 -19.38 -78.67 -38.30
N GLU S 510 -19.96 -77.48 -38.39
CA GLU S 510 -21.41 -77.36 -38.46
C GLU S 510 -21.75 -76.13 -39.28
N VAL S 511 -22.64 -76.31 -40.26
CA VAL S 511 -23.08 -75.23 -41.14
C VAL S 511 -24.56 -75.03 -40.93
N ILE S 512 -24.95 -73.81 -40.56
CA ILE S 512 -26.34 -73.47 -40.27
C ILE S 512 -26.94 -72.78 -41.49
N GLY S 513 -28.08 -73.30 -41.94
CA GLY S 513 -28.84 -72.63 -42.96
C GLY S 513 -30.13 -72.08 -42.38
N ILE S 514 -31.05 -71.62 -43.23
CA ILE S 514 -32.32 -71.13 -42.74
C ILE S 514 -33.10 -72.25 -42.07
N ASP S 515 -33.14 -73.42 -42.72
CA ASP S 515 -33.79 -74.60 -42.19
C ASP S 515 -32.78 -75.72 -42.05
N GLY S 516 -32.59 -76.20 -40.83
CA GLY S 516 -31.70 -77.31 -40.57
C GLY S 516 -30.23 -76.90 -40.59
N HIS S 517 -29.39 -77.83 -40.17
CA HIS S 517 -27.95 -77.61 -40.17
C HIS S 517 -27.25 -78.92 -40.53
N LEU S 518 -26.03 -78.77 -41.03
CA LEU S 518 -25.24 -79.89 -41.53
C LEU S 518 -24.06 -80.11 -40.59
N LEU S 519 -24.02 -81.27 -39.95
CA LEU S 519 -22.97 -81.62 -39.01
C LEU S 519 -22.04 -82.62 -39.67
N ILE S 520 -20.73 -82.31 -39.65
CA ILE S 520 -19.71 -83.13 -40.27
C ILE S 520 -18.62 -83.38 -39.25
N GLU S 521 -17.77 -84.37 -39.54
CA GLU S 521 -16.63 -84.67 -38.71
C GLU S 521 -15.41 -84.93 -39.59
N LYS S 522 -14.28 -84.36 -39.20
CA LYS S 522 -13.00 -84.57 -39.85
C LYS S 522 -11.94 -84.81 -38.78
N SER S 523 -10.85 -85.45 -39.18
CA SER S 523 -9.75 -85.73 -38.27
C SER S 523 -8.38 -85.37 -38.81
N VAL S 524 -8.28 -84.90 -40.05
CA VAL S 524 -6.99 -84.50 -40.59
C VAL S 524 -6.60 -83.14 -40.02
N GLN S 525 -5.40 -83.07 -39.45
CA GLN S 525 -4.91 -81.86 -38.84
C GLN S 525 -3.54 -81.52 -39.41
N HIS S 526 -3.14 -80.25 -39.23
CA HIS S 526 -1.93 -79.64 -39.76
C HIS S 526 -1.96 -79.46 -41.28
N LYS S 527 -3.07 -79.81 -41.93
CA LYS S 527 -3.20 -79.70 -43.37
C LYS S 527 -4.59 -79.19 -43.70
N PRO S 528 -4.75 -78.49 -44.82
CA PRO S 528 -6.08 -78.01 -45.20
C PRO S 528 -7.04 -79.16 -45.44
N GLU S 529 -8.29 -78.94 -45.06
CA GLU S 529 -9.36 -79.92 -45.26
C GLU S 529 -10.53 -79.22 -45.92
N LYS S 530 -10.98 -79.76 -47.05
CA LYS S 530 -12.03 -79.13 -47.83
C LYS S 530 -13.39 -79.52 -47.26
N ILE S 531 -14.22 -78.52 -46.96
CA ILE S 531 -15.42 -78.70 -46.16
C ILE S 531 -16.69 -78.52 -46.99
N LEU S 532 -16.78 -77.44 -47.76
CA LEU S 532 -18.05 -77.08 -48.39
C LEU S 532 -17.84 -76.51 -49.77
N GLU S 533 -18.81 -76.72 -50.64
CA GLU S 533 -18.81 -76.24 -52.02
C GLU S 533 -20.07 -75.42 -52.26
N LEU S 534 -19.94 -74.32 -52.99
CA LEU S 534 -21.09 -73.49 -53.31
C LEU S 534 -21.01 -73.03 -54.76
N THR S 535 -22.18 -72.80 -55.34
CA THR S 535 -22.34 -72.09 -56.61
C THR S 535 -23.37 -71.00 -56.40
N VAL S 536 -23.01 -69.76 -56.69
CA VAL S 536 -23.87 -68.60 -56.45
C VAL S 536 -24.20 -67.97 -57.79
N ASN S 537 -25.46 -67.55 -57.94
CA ASN S 537 -25.97 -67.09 -59.22
C ASN S 537 -25.75 -65.59 -59.38
N ASP S 538 -26.34 -65.01 -60.44
CA ASP S 538 -26.10 -63.62 -60.78
C ASP S 538 -26.59 -62.65 -59.73
N SER S 539 -27.48 -63.09 -58.83
CA SER S 539 -28.00 -62.23 -57.79
C SER S 539 -27.27 -62.39 -56.46
N GLY S 540 -26.19 -63.15 -56.42
CA GLY S 540 -25.49 -63.42 -55.19
C GLY S 540 -26.17 -64.41 -54.28
N VAL S 541 -27.21 -65.07 -54.74
CA VAL S 541 -27.99 -66.01 -53.93
C VAL S 541 -27.54 -67.42 -54.25
N THR S 542 -27.34 -68.22 -53.21
CA THR S 542 -26.94 -69.62 -53.36
C THR S 542 -28.07 -70.52 -52.91
N SER S 543 -28.24 -71.65 -53.60
CA SER S 543 -29.22 -72.65 -53.22
C SER S 543 -28.54 -73.70 -52.35
N PHE S 544 -28.87 -73.71 -51.07
CA PHE S 544 -28.28 -74.63 -50.11
C PHE S 544 -29.35 -75.60 -49.63
N ASN S 545 -29.25 -76.86 -50.07
CA ASN S 545 -30.18 -77.92 -49.68
C ASN S 545 -31.63 -77.54 -50.02
N GLY S 546 -31.81 -76.83 -51.12
CA GLY S 546 -33.14 -76.54 -51.62
C GLY S 546 -33.74 -75.22 -51.20
N ARG S 547 -32.97 -74.33 -50.58
CA ARG S 547 -33.48 -73.02 -50.18
C ARG S 547 -32.51 -71.93 -50.62
N ASN S 548 -33.07 -70.75 -50.87
CA ASN S 548 -32.28 -69.61 -51.31
C ASN S 548 -31.70 -68.88 -50.10
N HIS S 549 -30.38 -68.72 -50.09
CA HIS S 549 -29.69 -68.06 -48.99
C HIS S 549 -28.74 -67.01 -49.52
N ASP S 550 -28.45 -66.00 -48.69
CA ASP S 550 -27.43 -65.02 -48.99
C ASP S 550 -26.16 -65.23 -48.17
N ARG S 551 -26.28 -65.74 -46.95
CA ARG S 551 -25.12 -66.01 -46.13
C ARG S 551 -25.38 -67.25 -45.30
N LEU S 552 -24.30 -67.93 -44.91
CA LEU S 552 -24.38 -69.12 -44.09
C LEU S 552 -23.45 -68.98 -42.90
N LYS S 553 -23.70 -69.79 -41.88
CA LYS S 553 -22.91 -69.78 -40.66
C LYS S 553 -22.08 -71.06 -40.58
N LEU S 554 -20.80 -70.91 -40.25
CA LEU S 554 -19.89 -72.03 -40.12
C LEU S 554 -19.29 -72.00 -38.73
N LYS S 555 -19.31 -73.15 -38.05
CA LYS S 555 -18.78 -73.27 -36.69
C LYS S 555 -17.85 -74.47 -36.62
N VAL S 556 -16.67 -74.28 -36.06
CA VAL S 556 -15.69 -75.34 -35.89
C VAL S 556 -15.53 -75.63 -34.41
N TYR S 557 -15.59 -76.91 -34.05
CA TYR S 557 -15.40 -77.36 -32.68
C TYR S 557 -14.13 -78.20 -32.62
N VAL S 558 -13.25 -77.87 -31.67
CA VAL S 558 -11.93 -78.46 -31.57
C VAL S 558 -11.60 -78.69 -30.10
N LYS S 559 -10.50 -79.40 -29.87
CA LYS S 559 -10.03 -79.66 -28.51
C LYS S 559 -8.57 -79.26 -28.41
N ASP S 560 -8.25 -78.46 -27.38
CA ASP S 560 -6.89 -77.96 -27.14
C ASP S 560 -6.30 -77.31 -28.39
N SER S 561 -7.13 -76.52 -29.07
CA SER S 561 -6.71 -75.90 -30.31
C SER S 561 -5.76 -74.74 -30.05
N LEU S 562 -4.83 -74.53 -30.99
CA LEU S 562 -4.01 -73.33 -30.99
C LEU S 562 -4.47 -72.33 -32.03
N SER S 563 -4.83 -72.79 -33.23
CA SER S 563 -5.35 -71.88 -34.24
C SER S 563 -6.28 -72.64 -35.17
N VAL S 564 -7.20 -71.91 -35.78
CA VAL S 564 -8.08 -72.43 -36.81
C VAL S 564 -8.14 -71.40 -37.94
N LYS S 565 -7.85 -71.85 -39.15
CA LYS S 565 -7.82 -70.97 -40.31
C LYS S 565 -8.80 -71.46 -41.36
N VAL S 566 -9.46 -70.51 -42.02
CA VAL S 566 -10.43 -70.81 -43.07
C VAL S 566 -9.90 -70.23 -44.38
N PHE S 567 -9.77 -71.09 -45.38
CA PHE S 567 -9.29 -70.68 -46.70
C PHE S 567 -10.45 -70.66 -47.68
N ARG S 568 -10.58 -69.57 -48.42
CA ARG S 568 -11.60 -69.45 -49.46
C ARG S 568 -10.93 -69.16 -50.78
N ASN S 569 -11.51 -69.70 -51.86
CA ASN S 569 -10.97 -69.50 -53.19
C ASN S 569 -12.07 -69.71 -54.22
N TRP S 570 -11.93 -69.02 -55.35
CA TRP S 570 -12.83 -69.19 -56.47
C TRP S 570 -12.21 -70.13 -57.49
N ILE S 571 -13.06 -70.92 -58.15
CA ILE S 571 -12.58 -71.88 -59.14
C ILE S 571 -11.92 -71.15 -60.30
N GLY S 572 -12.56 -70.10 -60.78
CA GLY S 572 -12.01 -69.28 -61.85
C GLY S 572 -11.46 -67.97 -61.32
N ILE S 573 -10.28 -67.60 -61.83
CA ILE S 573 -9.64 -66.36 -61.40
C ILE S 573 -10.41 -65.17 -61.95
N ASN S 574 -10.55 -64.13 -61.13
CA ASN S 574 -11.24 -62.89 -61.50
C ASN S 574 -12.71 -63.15 -61.83
N ALA S 575 -13.44 -63.64 -60.85
CA ALA S 575 -14.86 -63.90 -61.01
C ALA S 575 -15.62 -62.58 -61.24
N PRO S 576 -16.70 -62.62 -62.00
CA PRO S 576 -17.44 -61.39 -62.28
C PRO S 576 -18.15 -60.86 -61.05
N ARG S 577 -18.47 -59.57 -61.10
CA ARG S 577 -19.05 -58.86 -59.96
C ARG S 577 -20.55 -58.72 -60.14
N VAL S 578 -21.30 -59.01 -59.09
CA VAL S 578 -22.75 -58.76 -59.08
C VAL S 578 -22.98 -57.28 -58.86
N LYS S 579 -24.04 -56.74 -59.48
CA LYS S 579 -24.39 -55.35 -59.28
C LYS S 579 -24.65 -55.08 -57.80
N THR S 580 -24.08 -53.98 -57.31
CA THR S 580 -24.14 -53.68 -55.89
C THR S 580 -25.59 -53.51 -55.44
N LYS S 581 -25.93 -54.16 -54.32
CA LYS S 581 -27.29 -54.12 -53.82
C LYS S 581 -27.61 -52.76 -53.22
N MET S 582 -28.91 -52.44 -53.19
CA MET S 582 -29.39 -51.15 -52.71
C MET S 582 -30.44 -51.34 -51.63
N PHE S 583 -31.14 -50.27 -51.27
CA PHE S 583 -32.17 -50.38 -50.23
C PHE S 583 -33.43 -51.04 -50.77
N ASN S 584 -33.80 -50.75 -52.02
CA ASN S 584 -35.04 -51.30 -52.57
C ASN S 584 -34.96 -52.82 -52.73
N ASP S 585 -33.84 -53.34 -53.23
CA ASP S 585 -33.74 -54.78 -53.42
C ASP S 585 -33.49 -55.52 -52.12
N HIS S 586 -33.06 -54.83 -51.07
CA HIS S 586 -32.90 -55.47 -49.77
C HIS S 586 -34.23 -55.68 -49.07
N ILE S 587 -35.18 -54.75 -49.22
CA ILE S 587 -36.51 -54.96 -48.66
C ILE S 587 -37.40 -55.79 -49.55
N GLY S 588 -36.99 -56.02 -50.81
CA GLY S 588 -37.81 -56.81 -51.70
C GLY S 588 -37.92 -58.27 -51.28
N VAL S 589 -36.83 -58.84 -50.78
CA VAL S 589 -36.80 -60.23 -50.33
C VAL S 589 -36.26 -60.27 -48.91
N LYS S 590 -36.84 -61.14 -48.10
CA LYS S 590 -36.56 -61.19 -46.67
C LYS S 590 -36.05 -62.58 -46.29
N TYR S 591 -34.88 -62.62 -45.66
CA TYR S 591 -34.28 -63.85 -45.17
C TYR S 591 -34.34 -63.89 -43.65
N ASP S 592 -33.82 -64.97 -43.08
CA ASP S 592 -33.84 -65.17 -41.64
C ASP S 592 -32.46 -65.64 -41.22
N TYR S 593 -31.92 -65.04 -40.17
CA TYR S 593 -30.64 -65.42 -39.60
C TYR S 593 -30.74 -65.76 -38.12
N SER S 594 -31.96 -66.01 -37.62
CA SER S 594 -32.16 -66.23 -36.19
C SER S 594 -31.50 -67.52 -35.72
N HIS S 595 -31.40 -68.50 -36.62
CA HIS S 595 -30.88 -69.81 -36.24
C HIS S 595 -29.36 -69.83 -36.14
N PHE S 596 -28.68 -68.72 -36.48
CA PHE S 596 -27.23 -68.71 -36.45
C PHE S 596 -26.68 -68.81 -35.04
N ASP S 597 -27.49 -68.50 -34.02
CA ASP S 597 -27.03 -68.59 -32.64
C ASP S 597 -27.10 -70.00 -32.08
N LYS S 598 -27.73 -70.94 -32.79
CA LYS S 598 -27.85 -72.30 -32.30
C LYS S 598 -26.49 -72.98 -32.28
N ASN S 599 -26.26 -73.80 -31.26
CA ASN S 599 -25.00 -74.50 -31.07
C ASN S 599 -25.27 -75.98 -30.85
N ILE S 600 -24.19 -76.76 -30.86
CA ILE S 600 -24.24 -78.19 -30.61
C ILE S 600 -23.15 -78.54 -29.62
N SER S 601 -23.29 -79.72 -29.00
CA SER S 601 -22.32 -80.19 -28.02
C SER S 601 -21.60 -81.41 -28.58
N PRO S 602 -20.38 -81.27 -29.09
CA PRO S 602 -19.68 -82.43 -29.67
C PRO S 602 -19.37 -83.51 -28.67
N ALA S 603 -19.28 -83.18 -27.37
CA ALA S 603 -18.97 -84.19 -26.38
C ALA S 603 -20.09 -85.22 -26.26
N HIS S 604 -21.33 -84.77 -26.45
CA HIS S 604 -22.50 -85.64 -26.36
C HIS S 604 -23.02 -86.08 -27.71
N LEU S 605 -22.29 -85.80 -28.79
CA LEU S 605 -22.70 -86.25 -30.11
C LEU S 605 -22.54 -87.75 -30.24
N THR S 606 -23.51 -88.39 -30.88
CA THR S 606 -23.46 -89.81 -31.19
C THR S 606 -23.21 -90.00 -32.69
N LEU S 607 -23.12 -91.26 -33.10
CA LEU S 607 -22.80 -91.56 -34.50
C LEU S 607 -23.94 -91.22 -35.44
N THR S 608 -25.18 -91.33 -34.97
CA THR S 608 -26.34 -91.18 -35.84
C THR S 608 -26.75 -89.74 -36.09
N ASP S 609 -26.23 -88.78 -35.32
CA ASP S 609 -26.66 -87.40 -35.46
C ASP S 609 -25.99 -86.66 -36.61
N LEU S 610 -24.91 -87.20 -37.16
CA LEU S 610 -24.17 -86.49 -38.20
C LEU S 610 -25.00 -86.41 -39.47
N GLY S 611 -24.62 -85.46 -40.32
CA GLY S 611 -25.28 -85.25 -41.60
C GLY S 611 -26.13 -83.99 -41.63
N TRP S 612 -27.08 -83.98 -42.55
CA TRP S 612 -27.99 -82.85 -42.72
C TRP S 612 -29.34 -83.19 -42.09
N HIS S 613 -29.70 -82.47 -41.03
CA HIS S 613 -30.95 -82.68 -40.33
C HIS S 613 -31.70 -81.36 -40.21
N THR S 614 -32.98 -81.39 -40.52
CA THR S 614 -33.80 -80.20 -40.39
C THR S 614 -34.14 -79.95 -38.92
N TRP S 615 -34.70 -78.76 -38.66
CA TRP S 615 -34.97 -78.37 -37.27
C TRP S 615 -36.06 -79.24 -36.65
N ASP S 616 -37.10 -79.57 -37.41
CA ASP S 616 -38.22 -80.31 -36.86
C ASP S 616 -37.86 -81.73 -36.45
N GLN S 617 -36.70 -82.24 -36.87
CA GLN S 617 -36.25 -83.53 -36.37
C GLN S 617 -35.77 -83.45 -34.92
N TYR S 618 -35.53 -82.25 -34.40
CA TYR S 618 -35.18 -82.06 -33.01
C TYR S 618 -36.36 -81.49 -32.24
N ASN S 619 -36.30 -81.58 -30.92
CA ASN S 619 -37.29 -80.97 -30.06
C ASN S 619 -36.91 -79.53 -29.79
N ALA S 620 -37.68 -78.86 -28.92
CA ALA S 620 -37.36 -77.48 -28.55
C ALA S 620 -36.08 -77.47 -27.73
N GLY S 621 -35.05 -76.83 -28.26
CA GLY S 621 -33.73 -76.92 -27.66
C GLY S 621 -33.08 -78.24 -28.00
N ASN S 622 -31.86 -78.42 -27.49
CA ASN S 622 -31.07 -79.61 -27.75
C ASN S 622 -30.90 -79.85 -29.25
N TRP S 623 -30.22 -78.92 -29.89
CA TRP S 623 -29.97 -78.99 -31.32
C TRP S 623 -28.79 -79.88 -31.67
N THR S 624 -28.37 -80.76 -30.76
CA THR S 624 -27.26 -81.67 -31.00
C THR S 624 -27.68 -83.13 -31.10
N ASN S 625 -28.60 -83.59 -30.26
CA ASN S 625 -29.06 -84.97 -30.28
C ASN S 625 -30.38 -85.09 -31.02
N ILE S 626 -30.55 -86.20 -31.72
CA ILE S 626 -31.69 -86.42 -32.61
C ILE S 626 -32.84 -86.99 -31.80
N LYS S 627 -34.06 -86.65 -32.21
CA LYS S 627 -35.25 -87.18 -31.56
C LYS S 627 -35.45 -88.64 -31.94
N PRO S 628 -35.53 -89.57 -30.97
CA PRO S 628 -35.71 -90.99 -31.26
C PRO S 628 -37.17 -91.34 -31.56
N ALA T 2 -1.83 -4.43 -28.49
CA ALA T 2 -0.94 -3.30 -28.24
C ALA T 2 -0.20 -2.88 -29.52
N TRP T 3 -0.83 -3.14 -30.67
CA TRP T 3 -0.32 -2.69 -31.96
C TRP T 3 -1.32 -2.99 -33.07
N VAL T 4 -1.56 -2.02 -33.95
CA VAL T 4 -2.43 -2.20 -35.11
C VAL T 4 -1.68 -1.73 -36.36
N THR T 5 -2.07 -2.26 -37.51
CA THR T 5 -1.46 -1.90 -38.78
C THR T 5 -2.50 -1.25 -39.69
N GLN T 6 -2.01 -0.38 -40.57
CA GLN T 6 -2.87 0.34 -41.50
C GLN T 6 -3.15 -0.53 -42.73
N ALA T 7 -4.38 -0.45 -43.22
CA ALA T 7 -4.76 -1.19 -44.41
C ALA T 7 -4.05 -0.62 -45.65
N TYR T 8 -3.90 -1.48 -46.66
CA TYR T 8 -3.23 -1.12 -47.90
C TYR T 8 -1.82 -0.61 -47.65
N SER T 9 -1.12 -1.25 -46.72
CA SER T 9 0.28 -0.93 -46.42
C SER T 9 1.16 -2.08 -46.87
N SER T 10 2.47 -1.81 -46.90
CA SER T 10 3.43 -2.83 -47.29
C SER T 10 3.43 -3.97 -46.29
N GLY T 11 3.30 -5.20 -46.80
CA GLY T 11 3.28 -6.37 -45.94
C GLY T 11 4.63 -6.83 -45.44
N LEU T 12 5.70 -6.28 -45.99
CA LEU T 12 7.03 -6.67 -45.56
C LEU T 12 7.34 -6.13 -44.17
N SER T 13 8.05 -6.92 -43.37
CA SER T 13 8.47 -6.53 -42.04
C SER T 13 9.96 -6.77 -41.91
N GLN T 14 10.60 -5.99 -41.02
CA GLN T 14 12.05 -6.11 -40.85
C GLN T 14 12.44 -7.49 -40.36
N ASN T 15 11.66 -8.04 -39.44
CA ASN T 15 12.02 -9.30 -38.78
C ASN T 15 11.73 -10.47 -39.71
N SER T 16 12.59 -11.50 -39.64
CA SER T 16 12.43 -12.64 -40.52
C SER T 16 11.59 -13.75 -39.89
N ILE T 17 11.50 -13.78 -38.57
CA ILE T 17 10.68 -14.75 -37.86
C ILE T 17 9.46 -14.03 -37.31
N ILE T 18 8.27 -14.49 -37.72
CA ILE T 18 7.02 -13.83 -37.39
C ILE T 18 6.27 -14.69 -36.37
N SER T 19 5.87 -14.07 -35.27
CA SER T 19 5.15 -14.78 -34.22
C SER T 19 3.70 -15.01 -34.61
N LEU T 20 3.15 -16.14 -34.19
CA LEU T 20 1.74 -16.43 -34.45
C LEU T 20 0.85 -15.36 -33.83
N THR T 21 1.04 -15.09 -32.55
CA THR T 21 0.46 -13.90 -31.95
C THR T 21 1.19 -12.68 -32.46
N GLY T 22 0.44 -11.69 -32.94
CA GLY T 22 1.05 -10.53 -33.54
C GLY T 22 1.78 -9.68 -32.52
N ASN T 23 2.10 -8.45 -32.95
CA ASN T 23 2.75 -7.51 -32.04
C ASN T 23 1.89 -7.18 -30.84
N ASP T 24 0.57 -7.38 -30.94
CA ASP T 24 -0.31 -7.21 -29.80
C ASP T 24 -0.09 -8.27 -28.73
N ARG T 25 0.57 -9.38 -29.08
CA ARG T 25 0.86 -10.47 -28.15
C ARG T 25 -0.42 -11.02 -27.51
N THR T 26 -1.48 -11.13 -28.30
CA THR T 26 -2.71 -11.74 -27.84
C THR T 26 -3.33 -12.51 -28.99
N VAL T 27 -3.73 -13.75 -28.72
CA VAL T 27 -4.39 -14.61 -29.70
C VAL T 27 -5.75 -15.00 -29.14
N ALA T 28 -6.80 -14.71 -29.92
CA ALA T 28 -8.13 -15.13 -29.51
C ALA T 28 -8.21 -16.65 -29.49
N ASP T 29 -8.61 -17.19 -28.34
CA ASP T 29 -8.72 -18.63 -28.19
C ASP T 29 -9.77 -19.19 -29.13
N GLY T 30 -9.52 -20.40 -29.62
CA GLY T 30 -10.40 -21.03 -30.58
C GLY T 30 -10.13 -20.67 -32.02
N THR T 31 -9.17 -19.80 -32.30
CA THR T 31 -8.79 -19.47 -33.65
C THR T 31 -7.74 -20.44 -34.16
N PHE T 32 -7.48 -20.40 -35.47
CA PHE T 32 -6.49 -21.29 -36.06
C PHE T 32 -5.08 -20.98 -35.55
N ASN T 33 -4.77 -19.70 -35.38
CA ASN T 33 -3.44 -19.33 -34.90
C ASN T 33 -3.17 -19.88 -33.51
N SER T 34 -4.17 -19.83 -32.63
CA SER T 34 -3.99 -20.36 -31.28
C SER T 34 -3.98 -21.89 -31.28
N MET T 35 -4.53 -22.54 -32.30
CA MET T 35 -4.54 -23.99 -32.35
C MET T 35 -3.18 -24.56 -32.76
N ILE T 36 -2.42 -23.84 -33.58
CA ILE T 36 -1.14 -24.34 -34.09
C ILE T 36 -0.01 -23.87 -33.19
N MET T 37 -0.34 -23.24 -32.08
CA MET T 37 0.67 -22.79 -31.14
C MET T 37 1.31 -23.99 -30.45
N PRO T 38 2.61 -23.94 -30.15
CA PRO T 38 3.26 -25.06 -29.46
C PRO T 38 2.75 -25.22 -28.04
N ARG T 39 2.86 -26.45 -27.54
CA ARG T 39 2.39 -26.79 -26.21
C ARG T 39 3.57 -27.09 -25.30
N ALA T 40 3.48 -26.62 -24.06
CA ALA T 40 4.50 -26.93 -23.07
C ALA T 40 4.29 -28.33 -22.53
N VAL T 41 5.32 -29.16 -22.63
CA VAL T 41 5.24 -30.55 -22.20
C VAL T 41 5.80 -30.74 -20.79
N ILE T 42 6.96 -30.15 -20.51
CA ILE T 42 7.53 -30.26 -19.17
C ILE T 42 6.70 -29.45 -18.17
N ALA T 43 6.32 -28.23 -18.55
CA ALA T 43 5.62 -27.35 -17.61
C ALA T 43 4.22 -27.88 -17.30
N ASN T 44 3.50 -28.37 -18.30
CA ASN T 44 2.16 -28.90 -18.09
C ASN T 44 2.24 -30.27 -17.46
N GLU T 45 1.57 -30.45 -16.32
CA GLU T 45 1.63 -31.73 -15.62
C GLU T 45 0.90 -32.81 -16.40
N ARG T 46 -0.20 -32.47 -17.07
CA ARG T 46 -0.95 -33.47 -17.81
C ARG T 46 -0.13 -34.05 -18.95
N GLU T 47 0.56 -33.19 -19.70
CA GLU T 47 1.30 -33.66 -20.86
C GLU T 47 2.55 -34.41 -20.46
N HIS T 48 3.22 -33.98 -19.39
CA HIS T 48 4.40 -34.70 -18.92
C HIS T 48 4.03 -36.05 -18.32
N PHE T 49 2.97 -36.09 -17.51
CA PHE T 49 2.52 -37.37 -16.97
C PHE T 49 2.15 -38.34 -18.07
N MET T 50 1.37 -37.85 -19.04
CA MET T 50 0.88 -38.71 -20.10
C MET T 50 1.99 -39.14 -21.05
N LYS T 51 2.93 -38.24 -21.37
CA LYS T 51 4.01 -38.60 -22.27
C LYS T 51 4.79 -39.79 -21.74
N THR T 52 5.05 -39.82 -20.43
CA THR T 52 5.76 -40.95 -19.83
C THR T 52 4.99 -42.25 -20.03
N ARG T 53 3.65 -42.16 -20.01
CA ARG T 53 2.85 -43.36 -20.22
C ARG T 53 3.06 -43.94 -21.62
N ILE T 54 3.13 -43.08 -22.64
CA ILE T 54 3.29 -43.55 -24.00
C ILE T 54 4.69 -44.15 -24.19
N ASP T 55 5.72 -43.48 -23.67
CA ASP T 55 7.07 -44.01 -23.79
C ASP T 55 7.22 -45.33 -23.07
N LYS T 56 6.58 -45.48 -21.92
CA LYS T 56 6.63 -46.75 -21.20
C LYS T 56 5.98 -47.86 -22.01
N ILE T 57 4.88 -47.56 -22.69
CA ILE T 57 4.17 -48.57 -23.47
C ILE T 57 5.03 -49.04 -24.64
N GLU T 58 5.71 -48.11 -25.30
CA GLU T 58 6.58 -48.47 -26.42
C GLU T 58 7.71 -49.39 -25.98
N HIS T 59 8.32 -49.10 -24.84
CA HIS T 59 9.39 -49.94 -24.33
C HIS T 59 8.87 -51.32 -23.96
N ASP T 60 7.72 -51.40 -23.32
CA ASP T 60 7.20 -52.68 -22.86
C ASP T 60 6.72 -53.54 -24.03
N LEU T 61 6.14 -52.90 -25.05
CA LEU T 61 5.64 -53.65 -26.20
C LEU T 61 6.80 -54.28 -26.99
N ASN T 62 7.91 -53.57 -27.10
CA ASN T 62 9.03 -54.09 -27.87
C ASN T 62 9.92 -55.01 -27.04
N ARG T 63 10.32 -54.59 -25.85
CA ARG T 63 11.12 -55.41 -24.95
C ARG T 63 10.26 -55.76 -23.73
N SER T 64 10.05 -57.05 -23.51
CA SER T 64 9.22 -57.51 -22.42
C SER T 64 10.11 -58.01 -21.28
N ALA T 65 9.76 -57.61 -20.05
CA ALA T 65 10.55 -58.02 -18.90
C ALA T 65 10.50 -59.53 -18.72
N LYS T 66 9.36 -60.15 -19.01
CA LYS T 66 9.25 -61.60 -18.89
C LYS T 66 10.16 -62.31 -19.88
N GLN T 67 10.25 -61.79 -21.10
CA GLN T 67 11.12 -62.41 -22.10
C GLN T 67 12.58 -62.29 -21.70
N GLU T 68 12.99 -61.12 -21.20
CA GLU T 68 14.39 -60.93 -20.81
C GLU T 68 14.78 -61.86 -19.67
N MET T 69 13.89 -62.04 -18.69
CA MET T 69 14.20 -62.93 -17.58
C MET T 69 14.24 -64.39 -18.01
N MET T 70 13.47 -64.75 -19.04
CA MET T 70 13.48 -66.13 -19.51
C MET T 70 14.75 -66.44 -20.30
N ASP T 71 15.31 -65.43 -20.98
CA ASP T 71 16.52 -65.62 -21.77
C ASP T 71 17.80 -65.40 -20.98
N ARG T 72 17.72 -65.16 -19.67
CA ARG T 72 18.93 -64.97 -18.88
C ARG T 72 19.78 -66.24 -18.85
N GLN T 73 19.14 -67.39 -18.68
CA GLN T 73 19.89 -68.64 -18.57
C GLN T 73 20.63 -68.96 -19.85
N SER T 74 19.97 -68.79 -21.01
CA SER T 74 20.64 -69.05 -22.28
C SER T 74 21.79 -68.09 -22.52
N LEU T 75 21.59 -66.81 -22.20
CA LEU T 75 22.64 -65.82 -22.42
C LEU T 75 23.86 -66.11 -21.55
N ALA T 76 23.63 -66.56 -20.32
CA ALA T 76 24.74 -66.92 -19.44
C ALA T 76 25.55 -68.07 -20.01
N GLU T 77 24.86 -69.08 -20.54
CA GLU T 77 25.55 -70.22 -21.15
C GLU T 77 26.35 -69.79 -22.37
N ASP T 78 25.76 -68.94 -23.22
CA ASP T 78 26.47 -68.49 -24.42
C ASP T 78 27.69 -67.66 -24.05
N TYR T 79 27.56 -66.77 -23.07
CA TYR T 79 28.69 -65.94 -22.66
C TYR T 79 29.79 -66.77 -22.04
N ASN T 80 29.45 -67.90 -21.43
CA ASN T 80 30.46 -68.81 -20.93
C ASN T 80 31.11 -69.61 -22.05
N ALA T 81 30.37 -69.85 -23.15
CA ALA T 81 30.93 -70.61 -24.26
C ALA T 81 32.10 -69.87 -24.90
N LEU T 82 32.02 -68.55 -25.00
CA LEU T 82 33.20 -67.77 -25.35
C LEU T 82 34.25 -67.98 -24.28
N ASN T 83 35.32 -68.70 -24.61
CA ASN T 83 36.36 -68.97 -23.63
C ASN T 83 37.24 -67.73 -23.53
N LEU T 84 37.02 -66.94 -22.51
CA LEU T 84 37.73 -65.67 -22.32
C LEU T 84 38.73 -65.80 -21.19
N ALA T 85 39.85 -65.11 -21.34
CA ALA T 85 40.91 -65.17 -20.35
C ALA T 85 40.40 -64.70 -18.99
N VAL T 86 41.08 -65.15 -17.94
CA VAL T 86 40.65 -64.79 -16.59
C VAL T 86 40.70 -63.28 -16.42
N GLY T 87 39.77 -62.76 -15.63
CA GLY T 87 39.61 -61.33 -15.47
C GLY T 87 38.88 -60.65 -16.61
N GLN T 88 38.36 -61.41 -17.57
CA GLN T 88 37.67 -60.82 -18.72
C GLN T 88 36.34 -61.49 -19.04
N GLU T 89 35.90 -62.46 -18.24
CA GLU T 89 34.64 -63.13 -18.49
C GLU T 89 33.48 -62.35 -17.91
N ILE T 90 32.35 -62.37 -18.62
CA ILE T 90 31.11 -61.80 -18.11
C ILE T 90 30.28 -62.94 -17.51
N LYS T 91 29.97 -62.80 -16.23
CA LYS T 91 29.24 -63.81 -15.47
C LYS T 91 27.84 -63.27 -15.20
N LEU T 92 26.87 -63.69 -16.02
CA LEU T 92 25.53 -63.17 -15.93
C LEU T 92 24.79 -63.62 -14.67
N ASP T 93 25.32 -64.59 -13.94
CA ASP T 93 24.71 -64.95 -12.66
C ASP T 93 24.79 -63.82 -11.66
N ILE T 94 25.76 -62.91 -11.81
CA ILE T 94 25.81 -61.72 -10.99
C ILE T 94 24.64 -60.83 -11.36
N ALA T 95 23.91 -60.34 -10.35
CA ALA T 95 22.78 -59.47 -10.62
C ALA T 95 23.22 -58.18 -11.28
N THR T 96 24.29 -57.56 -10.78
CA THR T 96 24.74 -56.29 -11.34
C THR T 96 25.22 -56.45 -12.77
N GLN T 97 25.94 -57.53 -13.06
CA GLN T 97 26.47 -57.73 -14.41
C GLN T 97 25.36 -58.00 -15.40
N HIS T 98 24.28 -58.66 -14.97
CA HIS T 98 23.16 -58.89 -15.85
C HIS T 98 22.46 -57.58 -16.20
N GLN T 99 22.42 -56.65 -15.26
CA GLN T 99 21.75 -55.38 -15.50
C GLN T 99 22.46 -54.59 -16.58
N LEU T 100 23.78 -54.47 -16.46
CA LEU T 100 24.55 -53.67 -17.40
C LEU T 100 24.51 -54.26 -18.80
N ASN T 101 24.40 -55.58 -18.89
CA ASN T 101 24.26 -56.21 -20.20
C ASN T 101 22.92 -55.85 -20.83
N ARG T 102 21.85 -55.82 -20.03
CA ARG T 102 20.55 -55.45 -20.56
C ARG T 102 20.54 -54.04 -21.10
N LEU T 103 21.14 -53.11 -20.36
CA LEU T 103 21.24 -51.73 -20.84
C LEU T 103 22.18 -51.63 -22.03
N GLY T 104 23.30 -52.35 -21.97
CA GLY T 104 24.25 -52.30 -23.08
C GLY T 104 23.71 -52.91 -24.34
N SER T 105 23.03 -54.06 -24.22
CA SER T 105 22.51 -54.73 -25.41
C SER T 105 21.47 -53.88 -26.12
N ALA T 106 20.57 -53.27 -25.36
CA ALA T 106 19.52 -52.44 -25.95
C ALA T 106 20.11 -51.17 -26.55
N MET T 107 21.08 -50.58 -25.86
CA MET T 107 21.68 -49.35 -26.36
C MET T 107 22.52 -49.60 -27.61
N TYR T 108 23.30 -50.70 -27.61
CA TYR T 108 24.15 -51.00 -28.75
C TYR T 108 23.31 -51.34 -29.98
N LYS T 109 22.21 -52.07 -29.81
CA LYS T 109 21.40 -52.46 -30.94
C LYS T 109 20.82 -51.25 -31.66
N ALA T 110 20.35 -50.27 -30.91
CA ALA T 110 19.81 -49.05 -31.52
C ALA T 110 20.90 -48.27 -32.24
N ASP T 111 22.08 -48.15 -31.63
CA ASP T 111 23.19 -47.49 -32.29
C ASP T 111 23.63 -48.26 -33.53
N HIS T 112 23.69 -49.58 -33.43
CA HIS T 112 24.10 -50.40 -34.57
C HIS T 112 23.11 -50.28 -35.72
N GLU T 113 21.81 -50.21 -35.41
CA GLU T 113 20.82 -50.11 -36.47
C GLU T 113 20.90 -48.76 -37.16
N ARG T 114 21.20 -47.70 -36.40
CA ARG T 114 21.34 -46.38 -37.01
C ARG T 114 22.53 -46.35 -37.97
N GLU T 115 23.63 -47.01 -37.61
CA GLU T 115 24.79 -47.06 -38.50
C GLU T 115 24.45 -47.79 -39.79
N THR T 116 23.65 -48.86 -39.70
CA THR T 116 23.24 -49.57 -40.92
C THR T 116 22.45 -48.66 -41.84
N GLU T 117 21.50 -47.90 -41.27
CA GLU T 117 20.66 -47.03 -42.10
C GLU T 117 21.51 -45.93 -42.76
N LEU T 118 22.51 -45.43 -42.05
CA LEU T 118 23.41 -44.45 -42.66
C LEU T 118 24.18 -45.05 -43.81
N THR T 119 24.56 -46.32 -43.70
CA THR T 119 25.31 -46.98 -44.77
C THR T 119 24.48 -47.09 -46.04
N ASP T 120 23.21 -47.48 -45.92
CA ASP T 120 22.35 -47.54 -47.10
C ASP T 120 22.12 -46.16 -47.68
N LEU T 121 21.98 -45.15 -46.81
CA LEU T 121 21.77 -43.79 -47.29
C LEU T 121 22.97 -43.30 -48.09
N ILE T 122 24.18 -43.57 -47.61
CA ILE T 122 25.38 -43.17 -48.34
C ILE T 122 25.44 -43.89 -49.69
N ASN T 123 25.04 -45.16 -49.70
CA ASN T 123 25.02 -45.93 -50.95
C ASN T 123 24.08 -45.31 -51.96
N ARG T 124 22.89 -44.88 -51.51
CA ARG T 124 21.91 -44.31 -52.42
C ARG T 124 22.35 -42.94 -52.93
N ILE T 125 23.03 -42.16 -52.10
CA ILE T 125 23.50 -40.85 -52.53
C ILE T 125 24.56 -40.99 -53.62
N ARG T 126 25.51 -41.91 -53.41
CA ARG T 126 26.58 -42.09 -54.39
C ARG T 126 26.06 -42.61 -55.72
N GLU T 127 24.98 -43.40 -55.68
CA GLU T 127 24.42 -43.94 -56.92
C GLU T 127 23.85 -42.85 -57.80
N ASN T 128 23.32 -41.77 -57.21
CA ASN T 128 22.67 -40.70 -57.95
C ASN T 128 23.45 -39.41 -57.83
N GLU T 129 24.77 -39.48 -58.00
CA GLU T 129 25.64 -38.33 -57.78
C GLU T 129 25.26 -37.15 -58.66
N VAL T 130 24.99 -37.41 -59.94
CA VAL T 130 24.80 -36.32 -60.90
C VAL T 130 23.53 -35.54 -60.58
N THR T 131 22.47 -36.23 -60.17
CA THR T 131 21.23 -35.52 -59.86
C THR T 131 21.23 -34.94 -58.46
N VAL T 132 21.99 -35.54 -57.54
CA VAL T 132 22.11 -34.97 -56.19
C VAL T 132 22.85 -33.65 -56.25
N ASN T 133 23.96 -33.60 -57.02
CA ASN T 133 24.71 -32.36 -57.15
C ASN T 133 23.89 -31.30 -57.86
N GLY T 134 22.96 -31.72 -58.72
CA GLY T 134 22.11 -30.76 -59.40
C GLY T 134 21.18 -30.03 -58.44
N ILE T 135 20.57 -30.77 -57.53
CA ILE T 135 19.63 -30.17 -56.59
C ILE T 135 20.37 -29.26 -55.61
N LEU T 136 21.52 -29.72 -55.10
CA LEU T 136 22.26 -28.93 -54.12
C LEU T 136 22.71 -27.59 -54.70
N GLU T 137 23.22 -27.60 -55.93
CA GLU T 137 23.72 -26.36 -56.52
C GLU T 137 22.59 -25.45 -56.98
N ASN T 138 21.53 -26.01 -57.58
CA ASN T 138 20.51 -25.18 -58.21
C ASN T 138 19.68 -24.43 -57.18
N GLN T 139 19.21 -25.13 -56.16
CA GLN T 139 18.30 -24.54 -55.17
C GLN T 139 19.06 -24.26 -53.88
N LYS T 140 19.05 -23.01 -53.45
CA LYS T 140 19.65 -22.60 -52.19
C LYS T 140 18.77 -21.73 -51.32
N ALA T 141 17.78 -21.04 -51.90
CA ALA T 141 16.89 -20.20 -51.11
C ALA T 141 15.78 -21.00 -50.43
N ILE T 142 15.55 -22.24 -50.85
CA ILE T 142 14.49 -23.03 -50.24
C ILE T 142 14.94 -23.55 -48.88
N THR T 143 13.96 -23.98 -48.09
CA THR T 143 14.22 -24.40 -46.72
C THR T 143 15.00 -25.71 -46.70
N ALA T 144 15.67 -25.96 -45.57
CA ALA T 144 16.44 -27.20 -45.42
C ALA T 144 15.52 -28.42 -45.43
N ALA T 145 14.34 -28.31 -44.82
CA ALA T 145 13.40 -29.42 -44.83
C ALA T 145 12.94 -29.74 -46.24
N GLU T 146 12.67 -28.71 -47.05
CA GLU T 146 12.27 -28.94 -48.43
C GLU T 146 13.41 -29.53 -49.25
N ARG T 147 14.66 -29.07 -49.00
CA ARG T 147 15.80 -29.67 -49.66
C ARG T 147 15.98 -31.12 -49.26
N ALA T 148 15.77 -31.43 -47.97
CA ALA T 148 15.87 -32.81 -47.51
C ALA T 148 14.81 -33.68 -48.18
N ASP T 149 13.60 -33.14 -48.35
CA ASP T 149 12.55 -33.89 -49.03
C ASP T 149 12.90 -34.13 -50.48
N LEU T 150 13.46 -33.13 -51.15
CA LEU T 150 13.86 -33.31 -52.55
C LEU T 150 14.96 -34.35 -52.69
N LEU T 151 15.94 -34.33 -51.79
CA LEU T 151 17.01 -35.31 -51.84
C LEU T 151 16.49 -36.72 -51.62
N LEU T 152 15.58 -36.88 -50.66
CA LEU T 152 15.07 -38.21 -50.33
C LEU T 152 14.12 -38.70 -51.41
N GLU T 153 13.55 -37.80 -52.20
CA GLU T 153 12.70 -38.20 -53.31
C GLU T 153 13.56 -38.61 -54.51
N VAL T 154 14.59 -37.82 -54.83
CA VAL T 154 15.42 -38.10 -55.99
C VAL T 154 16.24 -39.37 -55.80
N VAL T 155 16.38 -39.86 -54.58
CA VAL T 155 17.02 -41.13 -54.31
C VAL T 155 15.97 -42.11 -53.80
N ALA T 156 16.31 -43.39 -53.85
CA ALA T 156 15.43 -44.44 -53.32
C ALA T 156 15.67 -44.58 -51.82
N SER T 157 15.24 -43.55 -51.08
CA SER T 157 15.52 -43.47 -49.66
C SER T 157 14.76 -44.50 -48.84
N THR T 158 13.65 -45.03 -49.37
CA THR T 158 12.79 -46.00 -48.71
C THR T 158 12.08 -45.39 -47.50
N ALA T 159 12.42 -44.14 -47.17
CA ALA T 159 11.73 -43.37 -46.14
C ALA T 159 11.66 -41.94 -46.67
N LYS T 160 10.59 -41.64 -47.41
CA LYS T 160 10.49 -40.33 -48.07
C LYS T 160 10.13 -39.23 -47.09
N SER T 161 9.31 -39.55 -46.09
CA SER T 161 8.84 -38.53 -45.15
C SER T 161 10.00 -38.03 -44.28
N VAL T 162 10.03 -36.72 -44.07
CA VAL T 162 11.04 -36.10 -43.21
C VAL T 162 10.44 -35.51 -41.94
N SER T 163 9.12 -35.46 -41.82
CA SER T 163 8.48 -34.88 -40.65
C SER T 163 8.63 -35.82 -39.45
N ALA T 164 8.35 -35.28 -38.27
CA ALA T 164 8.45 -36.07 -37.04
C ALA T 164 7.40 -37.16 -37.02
N ALA T 165 6.19 -36.87 -37.50
CA ALA T 165 5.16 -37.91 -37.59
C ALA T 165 5.57 -39.01 -38.54
N GLY T 166 6.17 -38.65 -39.68
CA GLY T 166 6.64 -39.65 -40.62
C GLY T 166 7.77 -40.50 -40.06
N ARG T 167 8.68 -39.87 -39.32
CA ARG T 167 9.80 -40.61 -38.75
C ARG T 167 9.32 -41.65 -37.75
N ALA T 168 8.34 -41.29 -36.92
CA ALA T 168 7.80 -42.25 -35.97
C ALA T 168 7.00 -43.34 -36.66
N ALA T 169 6.40 -43.02 -37.81
CA ALA T 169 5.62 -44.02 -38.53
C ALA T 169 6.50 -45.16 -39.03
N ALA T 170 7.69 -44.84 -39.54
CA ALA T 170 8.63 -45.82 -40.06
C ALA T 170 9.82 -45.88 -39.10
N ASP T 171 9.75 -46.81 -38.15
CA ASP T 171 10.80 -46.96 -37.15
C ASP T 171 10.75 -48.38 -36.60
N GLY T 172 11.92 -49.01 -36.52
CA GLY T 172 11.98 -50.39 -36.11
C GLY T 172 11.80 -50.58 -34.62
N SER T 173 11.61 -51.85 -34.23
CA SER T 173 11.45 -52.17 -32.82
C SER T 173 12.76 -52.02 -32.06
N GLY T 174 13.88 -52.18 -32.73
CA GLY T 174 15.18 -52.06 -32.10
C GLY T 174 15.69 -50.64 -31.93
N VAL T 175 14.91 -49.66 -32.37
CA VAL T 175 15.35 -48.27 -32.31
C VAL T 175 14.80 -47.54 -31.08
N VAL T 176 13.68 -48.00 -30.54
CA VAL T 176 13.00 -47.28 -29.46
C VAL T 176 13.95 -47.09 -28.29
N PRO T 177 13.98 -45.92 -27.66
CA PRO T 177 14.99 -45.65 -26.63
C PRO T 177 14.80 -46.53 -25.41
N VAL T 178 15.91 -46.74 -24.71
CA VAL T 178 15.89 -47.53 -23.47
C VAL T 178 15.24 -46.71 -22.37
N PHE T 179 14.19 -47.26 -21.77
CA PHE T 179 13.49 -46.62 -20.66
C PHE T 179 14.00 -47.22 -19.36
N GLY T 180 14.80 -46.44 -18.63
CA GLY T 180 15.48 -46.92 -17.46
C GLY T 180 14.61 -47.49 -16.35
N PRO T 181 13.53 -46.79 -15.98
CA PRO T 181 12.68 -47.31 -14.90
C PRO T 181 12.14 -48.70 -15.15
N SER T 182 11.82 -49.04 -16.39
CA SER T 182 11.28 -50.36 -16.68
C SER T 182 12.32 -51.46 -16.45
N VAL T 183 13.59 -51.18 -16.68
CA VAL T 183 14.63 -52.19 -16.52
C VAL T 183 14.80 -52.55 -15.05
N ALA T 184 14.72 -51.57 -14.17
CA ALA T 184 15.03 -51.75 -12.76
C ALA T 184 13.83 -52.13 -11.91
N ASN T 185 12.68 -52.39 -12.54
CA ASN T 185 11.47 -52.70 -11.79
C ASN T 185 11.57 -54.08 -11.15
N GLY T 186 11.14 -54.19 -9.90
CA GLY T 186 11.04 -55.47 -9.22
C GLY T 186 12.34 -56.23 -9.08
N ILE T 187 13.40 -55.56 -8.66
CA ILE T 187 14.74 -56.14 -8.62
C ILE T 187 15.34 -55.86 -7.25
N LYS T 188 15.89 -56.90 -6.63
CA LYS T 188 16.25 -56.83 -5.23
C LYS T 188 17.40 -55.85 -5.00
N VAL T 189 17.28 -55.05 -3.94
CA VAL T 189 18.29 -54.09 -3.53
C VAL T 189 18.58 -54.29 -2.06
N GLY T 190 19.85 -54.21 -1.68
CA GLY T 190 20.22 -54.20 -0.28
C GLY T 190 20.27 -55.54 0.42
N ILE T 191 21.15 -56.43 -0.03
CA ILE T 191 21.40 -57.68 0.67
C ILE T 191 22.44 -57.44 1.75
N ASP T 192 22.12 -57.81 2.98
CA ASP T 192 22.99 -57.57 4.13
C ASP T 192 23.62 -58.89 4.58
N ILE T 193 24.93 -59.01 4.37
CA ILE T 193 25.70 -60.16 4.81
C ILE T 193 26.76 -59.63 5.77
N ALA T 194 26.57 -59.87 7.07
CA ALA T 194 27.39 -59.27 8.10
C ALA T 194 28.48 -60.24 8.52
N ASP T 195 29.72 -59.97 8.07
CA ASP T 195 30.90 -60.74 8.48
C ASP T 195 30.72 -62.23 8.22
N SER T 196 30.12 -62.56 7.08
CA SER T 196 29.93 -63.95 6.67
C SER T 196 30.58 -64.14 5.32
N VAL T 197 31.59 -65.00 5.27
CA VAL T 197 32.29 -65.32 4.03
C VAL T 197 31.87 -66.69 3.51
N ALA T 198 30.76 -67.23 4.02
CA ALA T 198 30.29 -68.53 3.58
C ALA T 198 29.87 -68.50 2.12
N GLU T 199 29.96 -69.66 1.48
CA GLU T 199 29.62 -69.75 0.07
C GLU T 199 28.14 -69.47 -0.17
N ALA T 200 27.29 -69.84 0.79
CA ALA T 200 25.86 -69.51 0.67
C ALA T 200 25.64 -68.02 0.83
N ALA T 201 26.38 -67.37 1.73
CA ALA T 201 26.23 -65.94 1.93
C ALA T 201 26.64 -65.15 0.69
N ILE T 202 27.68 -65.61 -0.01
CA ILE T 202 28.10 -64.92 -1.23
C ILE T 202 27.06 -65.09 -2.32
N ALA T 203 26.43 -66.27 -2.39
CA ALA T 203 25.48 -66.55 -3.45
C ALA T 203 24.28 -65.61 -3.38
N VAL T 204 23.76 -65.38 -2.17
CA VAL T 204 22.61 -64.48 -2.05
C VAL T 204 23.02 -63.03 -2.31
N LYS T 205 24.19 -62.64 -1.83
CA LYS T 205 24.67 -61.28 -2.10
C LYS T 205 24.93 -61.09 -3.58
N GLU T 206 25.36 -62.15 -4.27
CA GLU T 206 25.59 -62.09 -5.70
C GLU T 206 24.29 -61.85 -6.46
N SER T 207 23.15 -62.09 -5.80
CA SER T 207 21.85 -62.01 -6.45
C SER T 207 21.20 -60.63 -6.36
N GLY T 208 21.84 -59.66 -5.69
CA GLY T 208 21.25 -58.35 -5.52
C GLY T 208 22.17 -57.26 -6.02
N ILE T 209 21.65 -56.03 -6.00
CA ILE T 209 22.37 -54.86 -6.46
C ILE T 209 22.33 -53.80 -5.36
N ILE T 210 23.26 -52.86 -5.45
CA ILE T 210 23.33 -51.77 -4.49
C ILE T 210 22.39 -50.65 -4.93
N THR T 211 22.06 -49.77 -3.99
CA THR T 211 21.08 -48.72 -4.27
C THR T 211 21.60 -47.69 -5.26
N GLN T 212 22.92 -47.53 -5.38
CA GLN T 212 23.47 -46.57 -6.33
C GLN T 212 23.11 -46.95 -7.77
N LEU T 213 23.17 -48.24 -8.09
CA LEU T 213 22.80 -48.68 -9.42
C LEU T 213 21.32 -48.42 -9.71
N ASN T 214 20.47 -48.53 -8.69
CA ASN T 214 19.05 -48.29 -8.88
C ASN T 214 18.77 -46.84 -9.26
N ASP T 215 19.47 -45.89 -8.63
CA ASP T 215 19.27 -44.48 -8.97
C ASP T 215 19.72 -44.19 -10.38
N VAL T 216 20.82 -44.81 -10.81
CA VAL T 216 21.34 -44.57 -12.16
C VAL T 216 20.32 -44.99 -13.21
N TYR T 217 19.72 -46.17 -13.02
CA TYR T 217 18.75 -46.66 -14.01
C TYR T 217 17.50 -45.78 -14.02
N HIS T 218 17.04 -45.35 -12.85
CA HIS T 218 15.83 -44.53 -12.79
C HIS T 218 16.02 -43.15 -13.42
N ALA T 219 17.25 -42.75 -13.69
CA ALA T 219 17.56 -41.49 -14.34
C ALA T 219 18.31 -41.72 -15.64
N PHE T 220 17.88 -42.70 -16.42
CA PHE T 220 18.54 -43.07 -17.67
C PHE T 220 17.53 -43.08 -18.81
N GLN T 221 17.88 -42.41 -19.90
CA GLN T 221 17.14 -42.48 -21.15
C GLN T 221 18.13 -42.31 -22.29
N SER T 222 17.96 -43.12 -23.33
CA SER T 222 18.90 -43.15 -24.44
C SER T 222 18.39 -42.29 -25.60
N VAL T 223 19.34 -41.73 -26.35
CA VAL T 223 19.05 -40.89 -27.49
C VAL T 223 19.69 -41.51 -28.72
N HIS T 224 18.88 -41.71 -29.77
CA HIS T 224 19.36 -42.26 -31.03
C HIS T 224 18.77 -41.44 -32.16
N VAL T 225 19.62 -40.81 -32.96
CA VAL T 225 19.19 -39.85 -33.97
C VAL T 225 19.07 -40.57 -35.31
N ALA T 226 17.89 -40.47 -35.92
CA ALA T 226 17.65 -41.11 -37.20
C ALA T 226 18.44 -40.42 -38.30
N PRO T 227 18.84 -41.15 -39.34
CA PRO T 227 19.58 -40.51 -40.44
C PRO T 227 18.77 -39.46 -41.17
N ASN T 228 17.44 -39.53 -41.12
CA ASN T 228 16.61 -38.53 -41.77
C ASN T 228 16.67 -37.19 -41.05
N ASP T 229 16.84 -37.20 -39.73
CA ASP T 229 16.98 -35.95 -39.00
C ASP T 229 18.35 -35.33 -39.19
N VAL T 230 19.36 -36.15 -39.47
CA VAL T 230 20.70 -35.65 -39.67
C VAL T 230 20.91 -35.06 -41.06
N ILE T 231 20.04 -35.41 -42.03
CA ILE T 231 20.25 -34.95 -43.39
C ILE T 231 20.05 -33.45 -43.51
N LYS T 232 19.16 -32.87 -42.69
CA LYS T 232 18.93 -31.43 -42.77
C LYS T 232 20.17 -30.62 -42.38
N PRO T 233 20.85 -30.88 -41.26
CA PRO T 233 22.11 -30.17 -41.00
C PRO T 233 23.18 -30.42 -42.04
N ALA T 234 23.18 -31.60 -42.66
CA ALA T 234 24.22 -31.92 -43.63
C ALA T 234 24.02 -31.19 -44.95
N ALA T 235 22.76 -31.04 -45.38
CA ALA T 235 22.45 -30.46 -46.67
C ALA T 235 22.18 -28.96 -46.61
N VAL T 236 22.38 -28.32 -45.45
CA VAL T 236 22.06 -26.91 -45.33
C VAL T 236 23.13 -26.04 -45.99
N VAL T 237 24.38 -26.52 -46.06
CA VAL T 237 25.45 -25.76 -46.68
C VAL T 237 26.28 -26.59 -47.65
N ALA T 238 25.90 -27.84 -47.91
CA ALA T 238 26.66 -28.68 -48.82
C ALA T 238 26.52 -28.19 -50.25
N GLY T 239 27.63 -28.22 -50.99
CA GLY T 239 27.62 -27.83 -52.39
C GLY T 239 27.83 -29.01 -53.32
N THR T 240 28.22 -30.15 -52.75
CA THR T 240 28.47 -31.36 -53.53
C THR T 240 28.07 -32.56 -52.68
N SER T 241 27.89 -33.70 -53.34
CA SER T 241 27.56 -34.92 -52.62
C SER T 241 28.71 -35.36 -51.72
N THR T 242 29.95 -35.13 -52.16
CA THR T 242 31.10 -35.48 -51.34
C THR T 242 31.10 -34.71 -50.02
N GLU T 243 30.78 -33.42 -50.07
CA GLU T 243 30.68 -32.64 -48.84
C GLU T 243 29.52 -33.12 -47.99
N LEU T 244 28.40 -33.48 -48.61
CA LEU T 244 27.24 -33.93 -47.85
C LEU T 244 27.52 -35.24 -47.14
N ILE T 245 28.18 -36.19 -47.81
CA ILE T 245 28.51 -37.46 -47.18
C ILE T 245 29.49 -37.24 -46.04
N GLY T 246 30.43 -36.31 -46.22
CA GLY T 246 31.36 -36.02 -45.14
C GLY T 246 30.67 -35.48 -43.91
N ASN T 247 29.67 -34.61 -44.09
CA ASN T 247 28.92 -34.10 -42.96
C ASN T 247 28.13 -35.21 -42.26
N LEU T 248 27.52 -36.10 -43.04
CA LEU T 248 26.73 -37.18 -42.45
C LEU T 248 27.59 -38.10 -41.61
N GLN T 249 28.77 -38.44 -42.11
CA GLN T 249 29.68 -39.29 -41.33
C GLN T 249 30.27 -38.53 -40.16
N ALA T 250 30.49 -37.22 -40.32
CA ALA T 250 31.05 -36.42 -39.24
C ALA T 250 30.11 -36.37 -38.04
N ILE T 251 28.81 -36.19 -38.29
CA ILE T 251 27.86 -36.11 -37.19
C ILE T 251 27.74 -37.44 -36.47
N TYR T 252 27.66 -38.53 -37.23
CA TYR T 252 27.48 -39.84 -36.60
C TYR T 252 28.72 -40.29 -35.85
N SER T 253 29.89 -39.78 -36.22
CA SER T 253 31.08 -40.04 -35.41
C SER T 253 30.96 -39.39 -34.04
N ARG T 254 30.43 -38.17 -33.99
CA ARG T 254 30.21 -37.51 -32.71
C ARG T 254 29.15 -38.23 -31.89
N LEU T 255 28.05 -38.63 -32.54
CA LEU T 255 27.02 -39.40 -31.85
C LEU T 255 27.55 -40.75 -31.40
N ARG T 256 28.48 -41.32 -32.16
CA ARG T 256 29.13 -42.56 -31.77
C ARG T 256 29.88 -42.39 -30.46
N SER T 257 30.68 -41.33 -30.36
CA SER T 257 31.50 -41.12 -29.17
C SER T 257 30.65 -40.85 -27.95
N HIS T 258 29.58 -40.08 -28.12
CA HIS T 258 28.76 -39.70 -26.97
C HIS T 258 27.95 -40.88 -26.44
N SER T 259 27.46 -41.75 -27.34
CA SER T 259 26.73 -42.93 -26.90
C SER T 259 27.63 -43.86 -26.10
N ASP T 260 28.88 -44.00 -26.50
CA ASP T 260 29.84 -44.80 -25.73
C ASP T 260 30.06 -44.18 -24.36
N ILE T 261 30.12 -42.85 -24.30
CA ILE T 261 30.37 -42.16 -23.04
C ILE T 261 29.19 -42.36 -22.09
N GLY T 262 27.97 -42.38 -22.62
CA GLY T 262 26.80 -42.50 -21.78
C GLY T 262 26.76 -43.80 -21.00
N PHE T 263 27.13 -44.92 -21.64
CA PHE T 263 27.13 -46.20 -20.95
C PHE T 263 28.18 -46.24 -19.86
N LYS T 264 29.33 -45.60 -20.08
CA LYS T 264 30.40 -45.63 -19.10
C LYS T 264 29.98 -44.97 -17.79
N LYS T 265 29.03 -44.04 -17.85
CA LYS T 265 28.58 -43.36 -16.65
C LYS T 265 27.93 -44.34 -15.68
N ALA T 266 27.14 -45.28 -16.20
CA ALA T 266 26.53 -46.30 -15.35
C ALA T 266 27.57 -47.28 -14.83
N THR T 267 28.58 -47.59 -15.64
CA THR T 267 29.58 -48.58 -15.26
C THR T 267 30.48 -48.07 -14.14
N VAL T 268 30.72 -46.75 -14.11
CA VAL T 268 31.70 -46.18 -13.21
C VAL T 268 31.34 -46.45 -11.75
N GLY T 269 30.07 -46.29 -11.40
CA GLY T 269 29.66 -46.54 -10.03
C GLY T 269 29.31 -45.28 -9.26
N ASP T 270 28.80 -44.27 -9.98
CA ASP T 270 28.41 -43.00 -9.38
C ASP T 270 27.00 -42.66 -9.86
N VAL T 271 26.29 -41.89 -9.02
CA VAL T 271 24.92 -41.50 -9.35
C VAL T 271 24.96 -40.40 -10.42
N ILE T 272 24.32 -40.66 -11.55
CA ILE T 272 24.23 -39.68 -12.62
C ILE T 272 23.13 -38.67 -12.28
N PRO T 273 23.38 -37.38 -12.47
CA PRO T 273 22.33 -36.39 -12.23
C PRO T 273 21.27 -36.41 -13.32
N ASN T 274 20.12 -35.85 -13.00
CA ASN T 274 18.99 -35.81 -13.90
C ASN T 274 18.59 -34.36 -14.18
N SER T 275 18.11 -34.12 -15.40
CA SER T 275 17.68 -32.79 -15.79
C SER T 275 16.42 -32.40 -15.03
N TYR T 276 16.26 -31.09 -14.82
CA TYR T 276 15.11 -30.58 -14.08
C TYR T 276 14.76 -29.19 -14.57
N MET T 277 13.53 -28.78 -14.28
CA MET T 277 13.04 -27.45 -14.61
C MET T 277 12.49 -26.79 -13.36
N ILE T 278 12.80 -25.51 -13.18
CA ILE T 278 12.35 -24.74 -12.02
C ILE T 278 11.31 -23.73 -12.48
N LYS T 279 10.14 -23.75 -11.86
CA LYS T 279 9.07 -22.83 -12.16
C LYS T 279 8.69 -22.06 -10.90
N PRO T 280 8.17 -20.84 -11.03
CA PRO T 280 7.75 -20.09 -9.84
C PRO T 280 6.60 -20.78 -9.13
N VAL T 281 6.54 -20.56 -7.81
CA VAL T 281 5.52 -21.20 -7.00
C VAL T 281 4.13 -20.76 -7.42
N ASN T 282 3.95 -19.46 -7.66
CA ASN T 282 2.65 -18.92 -8.05
C ASN T 282 2.43 -19.15 -9.54
N SER T 283 1.41 -19.94 -9.88
CA SER T 283 1.11 -20.20 -11.29
C SER T 283 0.71 -18.93 -12.01
N THR T 284 -0.12 -18.10 -11.38
CA THR T 284 -0.56 -16.82 -11.96
C THR T 284 0.37 -15.72 -11.45
N GLU T 285 1.58 -15.71 -11.99
CA GLU T 285 2.61 -14.76 -11.59
C GLU T 285 2.73 -13.66 -12.64
N TYR T 286 2.79 -12.40 -12.17
CA TYR T 286 3.01 -11.29 -13.08
C TYR T 286 4.39 -11.36 -13.72
N ALA T 287 5.42 -11.62 -12.91
CA ALA T 287 6.78 -11.79 -13.40
C ALA T 287 7.06 -13.27 -13.55
N SER T 288 7.28 -13.72 -14.78
CA SER T 288 7.43 -15.13 -15.09
C SER T 288 8.87 -15.43 -15.47
N TRP T 289 9.41 -16.51 -14.93
CA TRP T 289 10.74 -16.98 -15.26
C TRP T 289 10.77 -18.50 -15.17
N GLN T 290 11.50 -19.13 -16.08
CA GLN T 290 11.72 -20.56 -16.05
C GLN T 290 13.19 -20.86 -16.27
N LEU T 291 13.67 -21.92 -15.62
CA LEU T 291 15.07 -22.32 -15.69
C LEU T 291 15.13 -23.79 -16.08
N TYR T 292 15.95 -24.11 -17.08
CA TYR T 292 16.15 -25.47 -17.54
C TYR T 292 17.61 -25.85 -17.34
N VAL T 293 17.84 -26.97 -16.66
CA VAL T 293 19.19 -27.52 -16.49
C VAL T 293 19.18 -28.90 -17.14
N ILE T 294 19.93 -29.04 -18.23
CA ILE T 294 19.98 -30.28 -19.01
C ILE T 294 21.26 -31.02 -18.67
N HIS T 295 21.11 -32.26 -18.24
CA HIS T 295 22.24 -33.13 -17.95
C HIS T 295 22.20 -34.33 -18.89
N PRO T 296 22.71 -34.20 -20.12
CA PRO T 296 22.63 -35.31 -21.06
C PRO T 296 23.48 -36.48 -20.60
N VAL T 297 22.84 -37.65 -20.45
CA VAL T 297 23.58 -38.83 -20.04
C VAL T 297 24.54 -39.27 -21.13
N GLN T 298 24.12 -39.14 -22.39
CA GLN T 298 24.98 -39.47 -23.53
C GLN T 298 25.64 -38.19 -24.02
N GLY T 299 26.65 -37.75 -23.28
CA GLY T 299 27.37 -36.56 -23.67
C GLY T 299 28.41 -36.21 -22.64
N SER T 300 29.10 -35.10 -22.89
CA SER T 300 30.14 -34.61 -21.99
C SER T 300 29.95 -33.16 -21.58
N LEU T 301 28.98 -32.45 -22.14
CA LEU T 301 28.72 -31.06 -21.80
C LEU T 301 27.23 -30.86 -21.57
N GLY T 302 26.90 -30.15 -20.49
CA GLY T 302 25.53 -29.83 -20.16
C GLY T 302 25.17 -28.42 -20.62
N LEU T 303 23.89 -28.08 -20.42
CA LEU T 303 23.36 -26.79 -20.83
C LEU T 303 22.38 -26.30 -19.78
N VAL T 304 22.49 -25.03 -19.42
CA VAL T 304 21.54 -24.36 -18.54
C VAL T 304 20.91 -23.22 -19.32
N VAL T 305 19.59 -23.23 -19.42
CA VAL T 305 18.84 -22.23 -20.18
C VAL T 305 17.92 -21.51 -19.22
N GLN T 306 18.08 -20.19 -19.13
CA GLN T 306 17.27 -19.34 -18.27
C GLN T 306 16.51 -18.35 -19.14
N LEU T 307 15.20 -18.33 -18.99
CA LEU T 307 14.33 -17.41 -19.73
C LEU T 307 13.67 -16.50 -18.70
N MET T 308 14.15 -15.26 -18.61
CA MET T 308 13.66 -14.27 -17.67
C MET T 308 12.89 -13.22 -18.44
N GLY T 309 11.56 -13.30 -18.39
CA GLY T 309 10.74 -12.40 -19.17
C GLY T 309 10.79 -12.73 -20.64
N ASP T 310 11.44 -11.88 -21.43
CA ASP T 310 11.66 -12.13 -22.85
C ASP T 310 13.13 -12.24 -23.20
N ALA T 311 14.00 -12.32 -22.20
CA ALA T 311 15.44 -12.42 -22.41
C ALA T 311 15.90 -13.85 -22.17
N LEU T 312 16.64 -14.39 -23.13
CA LEU T 312 17.13 -15.76 -23.06
C LEU T 312 18.64 -15.75 -22.89
N THR T 313 19.12 -16.48 -21.88
CA THR T 313 20.54 -16.62 -21.61
C THR T 313 20.85 -18.10 -21.39
N TYR T 314 22.08 -18.49 -21.72
CA TYR T 314 22.46 -19.89 -21.62
C TYR T 314 23.91 -20.00 -21.20
N ASN T 315 24.27 -21.18 -20.70
CA ASN T 315 25.63 -21.49 -20.30
C ASN T 315 25.90 -22.97 -20.53
N VAL T 316 27.03 -23.28 -21.14
CA VAL T 316 27.45 -24.66 -21.36
C VAL T 316 28.53 -24.98 -20.35
N PHE T 317 28.36 -26.09 -19.62
CA PHE T 317 29.26 -26.44 -18.54
C PHE T 317 29.76 -27.87 -18.73
N ALA T 318 30.95 -28.13 -18.21
CA ALA T 318 31.56 -29.44 -18.27
C ALA T 318 30.99 -30.35 -17.20
N GLN T 319 30.74 -31.60 -17.57
CA GLN T 319 30.20 -32.60 -16.67
C GLN T 319 31.29 -33.36 -15.93
N TYR T 320 32.55 -32.97 -16.10
CA TYR T 320 33.68 -33.57 -15.41
C TYR T 320 34.31 -32.55 -14.48
N GLY T 321 35.01 -33.04 -13.46
CA GLY T 321 35.70 -32.17 -12.54
C GLY T 321 34.85 -31.57 -11.45
N ASN T 322 33.63 -32.07 -11.24
CA ASN T 322 32.73 -31.55 -10.22
C ASN T 322 33.13 -32.04 -8.83
N THR T 323 34.35 -31.70 -8.43
CA THR T 323 34.85 -32.09 -7.13
C THR T 323 34.10 -31.37 -6.01
N SER T 324 33.76 -30.11 -6.22
CA SER T 324 33.07 -29.33 -5.20
C SER T 324 31.63 -29.81 -5.04
N ALA T 325 30.93 -29.20 -4.08
CA ALA T 325 29.54 -29.59 -3.82
C ALA T 325 28.62 -29.23 -4.98
N SER T 326 29.00 -28.22 -5.77
CA SER T 326 28.18 -27.81 -6.90
C SER T 326 28.15 -28.90 -7.96
N GLU T 327 26.95 -29.13 -8.52
CA GLU T 327 26.81 -30.14 -9.56
C GLU T 327 27.52 -29.71 -10.85
N PHE T 328 27.45 -28.43 -11.19
CA PHE T 328 28.02 -27.94 -12.43
C PHE T 328 29.53 -27.81 -12.32
N GLY T 329 30.23 -28.19 -13.39
CA GLY T 329 31.65 -27.97 -13.51
C GLY T 329 31.95 -26.61 -14.07
N LYS T 330 33.16 -26.45 -14.60
CA LYS T 330 33.53 -25.19 -15.21
C LYS T 330 32.74 -24.98 -16.49
N THR T 331 32.45 -23.72 -16.79
CA THR T 331 31.64 -23.37 -17.95
C THR T 331 32.53 -23.12 -19.16
N VAL T 332 32.18 -23.73 -20.29
CA VAL T 332 33.01 -23.67 -21.48
C VAL T 332 32.52 -22.62 -22.48
N LEU T 333 31.22 -22.39 -22.58
CA LEU T 333 30.67 -21.39 -23.47
C LEU T 333 29.64 -20.58 -22.71
N THR T 334 29.71 -19.27 -22.83
CA THR T 334 28.85 -18.36 -22.10
C THR T 334 27.90 -17.65 -23.06
N GLY T 335 26.66 -17.45 -22.60
CA GLY T 335 25.67 -16.76 -23.39
C GLY T 335 24.85 -15.82 -22.52
N GLY T 336 25.45 -15.35 -21.43
CA GLY T 336 24.80 -14.46 -20.50
C GLY T 336 25.02 -14.93 -19.09
N ALA T 337 24.18 -14.44 -18.19
CA ALA T 337 24.22 -14.81 -16.78
C ALA T 337 23.00 -15.66 -16.44
N THR T 338 23.25 -16.84 -15.89
CA THR T 338 22.19 -17.76 -15.48
C THR T 338 22.29 -17.98 -13.98
N ASN T 339 21.16 -17.83 -13.28
CA ASN T 339 21.10 -18.02 -11.84
C ASN T 339 20.47 -19.37 -11.55
N THR T 340 21.27 -20.29 -11.01
CA THR T 340 20.80 -21.63 -10.69
C THR T 340 20.31 -21.76 -9.26
N ALA T 341 20.31 -20.66 -8.49
CA ALA T 341 19.84 -20.67 -7.11
C ALA T 341 18.39 -20.25 -6.99
N LEU T 342 17.70 -20.04 -8.10
CA LEU T 342 16.30 -19.62 -8.06
C LEU T 342 15.45 -20.67 -7.36
N GLU T 343 14.54 -20.20 -6.51
CA GLU T 343 13.69 -21.07 -5.70
C GLU T 343 12.35 -21.26 -6.39
N GLY T 344 11.88 -22.50 -6.44
CA GLY T 344 10.61 -22.80 -7.05
C GLY T 344 10.40 -24.30 -7.13
N THR T 345 9.32 -24.66 -7.81
CA THR T 345 9.01 -26.08 -8.00
C THR T 345 9.97 -26.69 -9.00
N LYS T 346 10.51 -27.85 -8.65
CA LYS T 346 11.44 -28.58 -9.51
C LYS T 346 10.70 -29.75 -10.15
N VAL T 347 10.71 -29.79 -11.49
CA VAL T 347 10.07 -30.84 -12.25
C VAL T 347 11.14 -31.57 -13.05
N LYS T 348 11.22 -32.89 -12.87
CA LYS T 348 12.26 -33.69 -13.50
C LYS T 348 11.79 -34.19 -14.85
N PHE T 349 12.71 -34.20 -15.81
CA PHE T 349 12.38 -34.64 -17.17
C PHE T 349 13.59 -35.31 -17.79
N GLN T 350 13.33 -36.10 -18.83
CA GLN T 350 14.36 -36.78 -19.59
C GLN T 350 14.43 -36.23 -20.99
N THR T 351 15.61 -35.78 -21.40
CA THR T 351 15.80 -35.21 -22.72
C THR T 351 15.91 -36.32 -23.76
N LYS T 352 15.36 -36.04 -24.95
CA LYS T 352 15.45 -36.97 -26.08
C LYS T 352 16.27 -36.40 -27.22
N VAL T 353 17.06 -35.36 -26.96
CA VAL T 353 17.96 -34.79 -27.94
C VAL T 353 19.32 -34.60 -27.29
N THR T 354 20.36 -34.60 -28.13
CA THR T 354 21.72 -34.49 -27.62
C THR T 354 22.01 -33.05 -27.18
N ALA T 355 23.21 -32.85 -26.63
CA ALA T 355 23.61 -31.52 -26.21
C ALA T 355 23.74 -30.59 -27.42
N GLN T 356 24.23 -31.12 -28.53
CA GLN T 356 24.40 -30.29 -29.72
C GLN T 356 23.06 -29.78 -30.23
N GLN T 357 22.06 -30.66 -30.31
CA GLN T 357 20.75 -30.22 -30.79
C GLN T 357 20.08 -29.25 -29.84
N ALA T 358 20.20 -29.51 -28.53
CA ALA T 358 19.65 -28.58 -27.55
C ALA T 358 20.34 -27.23 -27.63
N LEU T 359 21.67 -27.22 -27.77
CA LEU T 359 22.40 -25.97 -27.90
C LEU T 359 22.02 -25.24 -29.19
N ALA T 360 21.80 -25.99 -30.28
CA ALA T 360 21.50 -25.36 -31.55
C ALA T 360 20.20 -24.56 -31.49
N LEU T 361 19.18 -25.12 -30.85
CA LEU T 361 17.91 -24.39 -30.73
C LEU T 361 18.06 -23.20 -29.80
N THR T 362 18.86 -23.34 -28.74
CA THR T 362 19.03 -22.24 -27.78
C THR T 362 19.65 -21.01 -28.45
N MET T 363 20.64 -21.22 -29.31
CA MET T 363 21.21 -20.10 -30.06
C MET T 363 20.18 -19.50 -31.01
N ALA T 364 19.38 -20.35 -31.67
CA ALA T 364 18.36 -19.83 -32.58
C ALA T 364 17.30 -19.03 -31.84
N LEU T 365 16.88 -19.51 -30.68
CA LEU T 365 15.90 -18.76 -29.89
C LEU T 365 16.49 -17.45 -29.38
N LYS T 366 17.75 -17.45 -29.00
CA LYS T 366 18.39 -16.22 -28.53
C LYS T 366 18.47 -15.20 -29.65
N ASP T 367 18.63 -15.65 -30.89
CA ASP T 367 18.63 -14.72 -32.02
C ASP T 367 17.26 -14.11 -32.22
N ALA T 368 16.20 -14.89 -32.00
CA ALA T 368 14.82 -14.45 -32.17
C ALA T 368 14.12 -14.28 -30.83
N ALA T 369 14.84 -13.73 -29.84
CA ALA T 369 14.26 -13.55 -28.52
C ALA T 369 13.11 -12.55 -28.55
N SER T 370 13.28 -11.45 -29.27
CA SER T 370 12.29 -10.39 -29.31
C SER T 370 11.17 -10.65 -30.31
N MET T 371 11.43 -11.46 -31.34
CA MET T 371 10.44 -11.67 -32.39
C MET T 371 9.35 -12.65 -31.97
N LEU T 372 9.69 -13.60 -31.11
CA LEU T 372 8.73 -14.61 -30.68
C LEU T 372 8.23 -14.30 -29.27
N SER T 373 6.99 -14.68 -29.02
CA SER T 373 6.37 -14.47 -27.71
C SER T 373 6.92 -15.48 -26.70
N GLN T 374 6.58 -15.25 -25.44
CA GLN T 374 7.08 -16.11 -24.38
C GLN T 374 6.53 -17.52 -24.51
N GLY T 375 5.25 -17.65 -24.86
CA GLY T 375 4.68 -18.98 -25.04
C GLY T 375 5.33 -19.76 -26.16
N GLU T 376 5.66 -19.09 -27.26
CA GLU T 376 6.30 -19.76 -28.38
C GLU T 376 7.72 -20.18 -28.04
N LEU T 377 8.46 -19.32 -27.33
CA LEU T 377 9.82 -19.69 -26.92
C LEU T 377 9.82 -20.90 -26.01
N ILE T 378 8.90 -20.93 -25.03
CA ILE T 378 8.83 -22.06 -24.12
C ILE T 378 8.32 -23.30 -24.84
N GLY T 379 7.31 -23.13 -25.68
CA GLY T 379 6.72 -24.27 -26.34
C GLY T 379 7.67 -24.97 -27.29
N TYR T 380 8.38 -24.19 -28.11
CA TYR T 380 9.32 -24.77 -29.06
C TYR T 380 10.47 -25.47 -28.35
N PHE T 381 10.96 -24.85 -27.27
CA PHE T 381 12.08 -25.43 -26.55
C PHE T 381 11.69 -26.70 -25.82
N GLU T 382 10.52 -26.71 -25.18
CA GLU T 382 10.12 -27.86 -24.40
C GLU T 382 9.69 -29.02 -25.29
N GLN T 383 9.15 -28.71 -26.48
CA GLN T 383 8.80 -29.76 -27.41
C GLN T 383 10.04 -30.46 -27.95
N TYR T 384 11.06 -29.69 -28.32
CA TYR T 384 12.29 -30.28 -28.86
C TYR T 384 13.03 -31.07 -27.79
N ILE T 385 13.10 -30.55 -26.57
CA ILE T 385 13.87 -31.22 -25.51
C ILE T 385 13.18 -32.51 -25.08
N ASN T 386 11.86 -32.47 -24.89
CA ASN T 386 11.13 -33.60 -24.32
C ASN T 386 10.49 -34.51 -25.36
N LEU T 387 10.31 -34.05 -26.60
CA LEU T 387 9.67 -34.84 -27.63
C LEU T 387 10.49 -35.01 -28.90
N ALA T 388 11.62 -34.32 -29.03
CA ALA T 388 12.41 -34.31 -30.27
C ALA T 388 11.56 -33.87 -31.45
N LEU T 389 10.71 -32.88 -31.23
CA LEU T 389 9.80 -32.35 -32.25
C LEU T 389 10.35 -31.02 -32.77
N GLU T 390 10.61 -30.96 -34.06
CA GLU T 390 11.11 -29.73 -34.65
C GLU T 390 10.02 -28.67 -34.70
N PRO T 391 10.36 -27.40 -34.50
CA PRO T 391 9.35 -26.34 -34.51
C PRO T 391 8.65 -26.21 -35.85
N ASP T 392 7.38 -25.80 -35.79
CA ASP T 392 6.61 -25.56 -36.99
C ASP T 392 7.08 -24.32 -37.73
N ASN T 393 7.68 -23.37 -37.02
CA ASN T 393 8.19 -22.16 -37.66
C ASN T 393 9.34 -22.50 -38.57
N LEU T 394 9.11 -22.40 -39.88
CA LEU T 394 10.13 -22.81 -40.85
C LEU T 394 11.37 -21.93 -40.77
N SER T 395 11.19 -20.62 -40.56
CA SER T 395 12.35 -19.75 -40.44
C SER T 395 13.19 -20.10 -39.22
N LEU T 396 12.54 -20.38 -38.10
CA LEU T 396 13.28 -20.80 -36.91
C LEU T 396 13.97 -22.14 -37.13
N GLN T 397 13.30 -23.07 -37.82
CA GLN T 397 13.88 -24.38 -38.06
C GLN T 397 15.15 -24.27 -38.91
N ASP T 398 15.15 -23.38 -39.89
CA ASP T 398 16.33 -23.22 -40.74
C ASP T 398 17.52 -22.71 -39.93
N ASN T 399 17.28 -21.76 -39.03
CA ASN T 399 18.37 -21.21 -38.23
C ASN T 399 18.94 -22.24 -37.27
N MET T 400 18.09 -23.11 -36.74
CA MET T 400 18.57 -24.15 -35.83
C MET T 400 19.54 -25.09 -36.53
N HIS T 401 19.21 -25.46 -37.77
CA HIS T 401 20.03 -26.45 -38.47
C HIS T 401 21.37 -25.86 -38.92
N LYS T 402 21.40 -24.56 -39.21
CA LYS T 402 22.67 -23.91 -39.49
C LYS T 402 23.58 -23.94 -38.27
N TYR T 403 23.02 -23.69 -37.09
CA TYR T 403 23.81 -23.76 -35.87
C TYR T 403 24.20 -25.20 -35.55
N HIS T 404 23.32 -26.15 -35.85
CA HIS T 404 23.65 -27.56 -35.65
C HIS T 404 24.84 -27.96 -36.51
N HIS T 405 24.88 -27.46 -37.74
CA HIS T 405 26.03 -27.73 -38.60
C HIS T 405 27.30 -27.09 -38.04
N LEU T 406 27.19 -25.85 -37.56
CA LEU T 406 28.37 -25.13 -37.09
C LEU T 406 29.00 -25.81 -35.89
N LEU T 407 28.17 -26.26 -34.94
CA LEU T 407 28.71 -26.92 -33.75
C LEU T 407 29.38 -28.25 -34.10
N THR T 408 28.98 -28.87 -35.21
CA THR T 408 29.58 -30.11 -35.65
C THR T 408 30.81 -29.89 -36.53
N SER T 409 30.80 -28.85 -37.37
CA SER T 409 31.86 -28.61 -38.32
C SER T 409 33.17 -28.28 -37.60
N GLN T 410 34.23 -28.09 -38.37
CA GLN T 410 35.56 -27.82 -37.81
C GLN T 410 35.69 -26.42 -37.24
N ASN T 411 34.75 -25.52 -37.53
CA ASN T 411 34.76 -24.17 -37.00
C ASN T 411 33.87 -24.03 -35.78
N SER T 412 33.72 -25.10 -35.01
CA SER T 412 32.81 -25.06 -33.87
C SER T 412 33.41 -24.23 -32.74
N PRO T 413 32.59 -23.44 -32.05
CA PRO T 413 33.08 -22.76 -30.84
C PRO T 413 33.44 -23.70 -29.72
N ILE T 414 32.95 -24.93 -29.74
CA ILE T 414 33.27 -25.94 -28.74
C ILE T 414 34.17 -26.97 -29.40
N ASP T 415 35.34 -27.21 -28.82
CA ASP T 415 36.26 -28.22 -29.34
C ASP T 415 35.91 -29.52 -28.64
N TRP T 416 35.11 -30.35 -29.32
CA TRP T 416 34.50 -31.51 -28.67
C TRP T 416 35.53 -32.57 -28.30
N ASN T 417 36.60 -32.71 -29.10
CA ASN T 417 37.56 -33.78 -28.85
C ASN T 417 38.24 -33.62 -27.49
N TYR T 418 38.55 -32.39 -27.11
CA TYR T 418 39.16 -32.15 -25.80
C TYR T 418 38.21 -32.55 -24.67
N HIS T 419 36.93 -32.21 -24.81
CA HIS T 419 35.97 -32.49 -23.74
C HIS T 419 35.62 -33.98 -23.70
N ASP T 420 35.43 -34.60 -24.86
CA ASP T 420 35.16 -36.03 -24.88
C ASP T 420 36.32 -36.83 -24.32
N GLU T 421 37.55 -36.44 -24.67
CA GLU T 421 38.72 -37.10 -24.11
C GLU T 421 38.80 -36.90 -22.61
N GLU T 422 38.56 -35.66 -22.15
CA GLU T 422 38.66 -35.37 -20.73
C GLU T 422 37.60 -36.12 -19.93
N MET T 423 36.41 -36.26 -20.48
CA MET T 423 35.36 -36.99 -19.77
C MET T 423 35.75 -38.45 -19.60
N HIS T 424 36.44 -39.03 -20.59
CA HIS T 424 36.90 -40.40 -20.48
C HIS T 424 37.92 -40.54 -19.35
N LYS T 425 38.84 -39.59 -19.24
CA LYS T 425 39.83 -39.63 -18.16
C LYS T 425 39.16 -39.46 -16.80
N TRP T 426 38.16 -38.59 -16.72
CA TRP T 426 37.45 -38.40 -15.46
C TRP T 426 36.71 -39.66 -15.04
N LEU T 427 36.10 -40.35 -16.01
CA LEU T 427 35.29 -41.52 -15.67
C LEU T 427 36.15 -42.68 -15.16
N ASP T 428 37.29 -42.93 -15.81
CA ASP T 428 38.13 -44.03 -15.35
C ASP T 428 38.76 -43.72 -14.01
N SER T 429 39.11 -42.45 -13.77
CA SER T 429 39.62 -42.07 -12.46
C SER T 429 38.56 -42.23 -11.39
N ARG T 430 37.31 -41.91 -11.71
CA ARG T 430 36.22 -42.10 -10.76
C ARG T 430 36.02 -43.58 -10.44
N LYS T 431 36.10 -44.44 -11.44
CA LYS T 431 35.94 -45.87 -11.20
C LYS T 431 37.03 -46.42 -10.31
N THR T 432 38.28 -45.99 -10.53
CA THR T 432 39.38 -46.42 -9.68
C THR T 432 39.19 -45.95 -8.24
N THR T 433 38.74 -44.70 -8.06
CA THR T 433 38.52 -44.19 -6.71
C THR T 433 37.39 -44.95 -6.02
N ASN T 434 36.32 -45.26 -6.74
CA ASN T 434 35.21 -45.99 -6.15
C ASN T 434 35.63 -47.40 -5.73
N TYR T 435 36.42 -48.08 -6.57
CA TYR T 435 36.79 -49.45 -6.28
C TYR T 435 37.66 -49.54 -5.03
N ASP T 436 38.70 -48.71 -4.95
CA ASP T 436 39.58 -48.73 -3.78
C ASP T 436 38.84 -48.27 -2.53
N ALA T 437 37.92 -47.31 -2.67
CA ALA T 437 37.13 -46.89 -1.52
C ALA T 437 36.25 -48.03 -1.02
N MET T 438 35.68 -48.80 -1.94
CA MET T 438 34.87 -49.95 -1.55
C MET T 438 35.75 -51.12 -1.08
N GLN T 439 37.00 -51.15 -1.52
CA GLN T 439 37.91 -52.21 -1.08
C GLN T 439 38.26 -52.07 0.39
N LYS T 440 38.31 -50.84 0.89
CA LYS T 440 38.61 -50.64 2.31
C LYS T 440 37.40 -50.96 3.17
N LYS T 441 36.21 -50.58 2.73
CA LYS T 441 35.01 -50.74 3.56
C LYS T 441 34.60 -52.20 3.65
N ASP T 442 34.60 -52.92 2.54
CA ASP T 442 34.21 -54.32 2.49
C ASP T 442 35.26 -55.11 1.72
N GLY T 443 35.02 -56.42 1.61
CA GLY T 443 36.02 -57.28 1.02
C GLY T 443 36.20 -57.05 -0.47
N THR T 444 37.31 -57.54 -0.99
CA THR T 444 37.59 -57.43 -2.42
C THR T 444 36.58 -58.21 -3.25
N VAL T 445 36.06 -59.32 -2.71
CA VAL T 445 35.06 -60.09 -3.43
C VAL T 445 33.77 -59.28 -3.59
N ILE T 446 33.37 -58.58 -2.52
CA ILE T 446 32.15 -57.79 -2.57
C ILE T 446 32.29 -56.64 -3.56
N ALA T 447 33.47 -56.03 -3.62
CA ALA T 447 33.69 -54.91 -4.54
C ALA T 447 33.52 -55.35 -5.99
N ASP T 448 34.06 -56.52 -6.34
CA ASP T 448 33.91 -57.01 -7.71
C ASP T 448 32.47 -57.34 -8.03
N ILE T 449 31.66 -57.67 -7.02
CA ILE T 449 30.26 -58.01 -7.25
C ILE T 449 29.50 -56.79 -7.77
N HIS T 450 29.72 -55.63 -7.14
CA HIS T 450 28.88 -54.47 -7.37
C HIS T 450 29.43 -53.56 -8.47
N ILE T 451 30.72 -53.29 -8.48
CA ILE T 451 31.35 -52.49 -9.52
C ILE T 451 32.31 -53.38 -10.29
N PRO T 452 31.89 -53.92 -11.45
CA PRO T 452 32.78 -54.80 -12.20
C PRO T 452 33.75 -54.02 -13.08
N LYS T 453 34.97 -54.52 -13.15
CA LYS T 453 35.99 -53.93 -14.01
C LYS T 453 35.94 -54.47 -15.42
N VAL T 454 35.07 -55.43 -15.69
CA VAL T 454 35.00 -56.03 -17.02
C VAL T 454 34.38 -55.06 -18.02
N PHE T 455 33.35 -54.33 -17.61
CA PHE T 455 32.47 -53.68 -18.58
C PHE T 455 33.15 -52.48 -19.24
N ASN T 456 33.46 -51.45 -18.46
CA ASN T 456 34.13 -50.24 -18.96
C ASN T 456 33.25 -49.62 -20.06
N ASP T 457 33.77 -49.39 -21.26
CA ASP T 457 33.08 -48.65 -22.29
C ASP T 457 32.03 -49.53 -22.97
N LEU T 458 31.19 -48.90 -23.80
CA LEU T 458 30.10 -49.63 -24.44
C LEU T 458 30.60 -50.58 -25.52
N ARG T 459 31.55 -50.14 -26.34
CA ARG T 459 32.10 -51.00 -27.38
C ARG T 459 33.33 -51.77 -26.93
N ASN T 460 34.02 -51.32 -25.89
CA ASN T 460 35.05 -52.16 -25.27
C ASN T 460 34.43 -53.40 -24.65
N THR T 461 33.26 -53.26 -24.03
CA THR T 461 32.58 -54.39 -23.41
C THR T 461 32.21 -55.42 -24.46
N THR T 462 32.38 -56.70 -24.12
CA THR T 462 32.02 -57.77 -25.03
C THR T 462 30.51 -57.98 -24.97
N LEU T 463 29.80 -57.53 -25.99
CA LEU T 463 28.35 -57.52 -25.99
C LEU T 463 27.81 -58.40 -27.10
N HIS T 464 26.52 -58.69 -27.03
CA HIS T 464 25.81 -59.47 -28.03
C HIS T 464 24.73 -58.62 -28.67
N CYS T 465 24.48 -58.89 -29.96
CA CYS T 465 23.48 -58.15 -30.73
C CYS T 465 22.54 -59.16 -31.39
N LYS T 466 21.32 -59.25 -30.86
CA LYS T 466 20.32 -60.11 -31.46
C LYS T 466 19.89 -59.55 -32.80
N LEU T 467 19.87 -60.39 -33.82
CA LEU T 467 19.56 -59.95 -35.17
C LEU T 467 18.13 -60.33 -35.54
N GLU T 468 17.53 -59.50 -36.38
CA GLU T 468 16.17 -59.70 -36.87
C GLU T 468 16.22 -59.91 -38.37
N GLY T 469 15.55 -60.96 -38.84
CA GLY T 469 15.56 -61.27 -40.25
C GLY T 469 14.17 -61.24 -40.88
N LYS T 470 14.02 -60.48 -41.95
CA LYS T 470 12.75 -60.39 -42.66
C LYS T 470 12.83 -60.84 -44.11
N GLN T 471 14.02 -61.08 -44.63
CA GLN T 471 14.20 -61.53 -46.01
C GLN T 471 14.56 -63.01 -46.02
N THR T 472 13.78 -63.80 -46.74
CA THR T 472 14.05 -65.22 -46.89
C THR T 472 14.12 -65.55 -48.38
N ILE T 473 15.18 -66.23 -48.79
CA ILE T 473 15.40 -66.61 -50.17
C ILE T 473 15.51 -68.14 -50.23
N ALA T 474 14.58 -68.75 -50.97
CA ALA T 474 14.55 -70.20 -51.12
C ALA T 474 14.56 -70.91 -49.76
N GLY T 475 13.80 -70.36 -48.82
CA GLY T 475 13.69 -70.94 -47.50
C GLY T 475 14.79 -70.58 -46.54
N TYR T 476 15.79 -69.82 -46.97
CA TYR T 476 16.91 -69.40 -46.12
C TYR T 476 16.72 -67.94 -45.75
N THR T 477 16.50 -67.68 -44.47
CA THR T 477 16.38 -66.31 -43.99
C THR T 477 17.77 -65.70 -43.78
N VAL T 478 17.93 -64.45 -44.21
CA VAL T 478 19.21 -63.76 -44.14
C VAL T 478 19.17 -62.78 -42.98
N TYR T 479 20.22 -62.80 -42.16
CA TYR T 479 20.35 -61.92 -41.02
C TYR T 479 21.58 -61.04 -41.23
N GLU T 480 21.40 -59.74 -41.14
CA GLU T 480 22.46 -58.79 -41.45
C GLU T 480 23.09 -58.24 -40.19
N TYR T 481 24.39 -57.96 -40.28
CA TYR T 481 25.14 -57.37 -39.18
C TYR T 481 26.31 -56.59 -39.78
N LEU T 482 26.40 -55.31 -39.45
CA LEU T 482 27.45 -54.45 -39.98
C LEU T 482 28.64 -54.49 -39.05
N ILE T 483 29.75 -55.04 -39.53
CA ILE T 483 30.99 -55.08 -38.77
C ILE T 483 31.68 -53.74 -38.93
N GLY T 484 31.91 -53.05 -37.81
CA GLY T 484 32.54 -51.75 -37.85
C GLY T 484 31.53 -50.64 -38.04
N PRO T 485 31.99 -49.38 -37.99
CA PRO T 485 33.36 -48.91 -37.77
C PRO T 485 33.82 -49.14 -36.35
N TRP T 486 35.08 -48.90 -36.04
CA TRP T 486 35.63 -49.19 -34.72
C TRP T 486 36.20 -47.92 -34.12
N ALA T 487 35.86 -47.67 -32.86
CA ALA T 487 36.43 -46.56 -32.10
C ALA T 487 37.66 -46.98 -31.30
N HIS T 488 38.04 -48.25 -31.34
CA HIS T 488 39.18 -48.76 -30.60
C HIS T 488 39.99 -49.68 -31.50
N TYR T 489 41.27 -49.84 -31.16
CA TYR T 489 42.18 -50.66 -31.94
C TYR T 489 42.70 -51.82 -31.11
N GLY T 490 43.01 -52.91 -31.79
CA GLY T 490 43.45 -54.14 -31.18
C GLY T 490 42.95 -55.32 -31.99
N ASP T 491 42.84 -56.47 -31.34
CA ASP T 491 42.33 -57.68 -31.98
C ASP T 491 40.91 -57.93 -31.50
N ILE T 492 40.00 -58.17 -32.45
CA ILE T 492 38.59 -58.31 -32.17
C ILE T 492 38.07 -59.58 -32.81
N ASP T 493 37.21 -60.30 -32.09
CA ASP T 493 36.65 -61.57 -32.55
C ASP T 493 35.14 -61.45 -32.66
N TYR T 494 34.59 -62.05 -33.72
CA TYR T 494 33.15 -62.07 -33.96
C TYR T 494 32.67 -63.52 -34.00
N SER T 495 31.57 -63.79 -33.32
CA SER T 495 31.00 -65.12 -33.24
C SER T 495 29.51 -65.05 -33.57
N VAL T 496 28.96 -66.20 -33.96
CA VAL T 496 27.55 -66.29 -34.34
C VAL T 496 26.94 -67.50 -33.66
N VAL T 497 25.76 -67.30 -33.08
CA VAL T 497 25.00 -68.36 -32.43
C VAL T 497 23.67 -68.50 -33.16
N VAL T 498 23.32 -69.71 -33.56
CA VAL T 498 22.08 -69.97 -34.29
C VAL T 498 21.34 -71.10 -33.60
N ASP T 499 20.09 -70.84 -33.23
CA ASP T 499 19.18 -71.85 -32.72
C ASP T 499 18.00 -71.99 -33.68
N THR T 500 17.68 -73.23 -34.05
CA THR T 500 16.58 -73.49 -34.96
C THR T 500 15.86 -74.75 -34.52
N LEU T 501 14.66 -74.93 -35.06
CA LEU T 501 13.82 -76.06 -34.65
C LEU T 501 14.38 -77.40 -35.12
N ASN T 502 15.03 -77.43 -36.28
CA ASN T 502 15.52 -78.68 -36.83
C ASN T 502 16.64 -79.26 -35.96
N GLU T 503 16.64 -80.58 -35.83
CA GLU T 503 17.67 -81.25 -35.04
C GLU T 503 19.05 -81.05 -35.65
N GLU T 504 19.16 -81.16 -36.97
CA GLU T 504 20.39 -80.90 -37.67
C GLU T 504 20.11 -79.99 -38.87
N THR T 505 21.10 -79.17 -39.21
CA THR T 505 20.98 -78.23 -40.31
C THR T 505 22.35 -77.68 -40.63
N LYS T 506 22.48 -77.08 -41.81
CA LYS T 506 23.70 -76.39 -42.23
C LYS T 506 23.36 -74.92 -42.47
N TRP T 507 24.10 -74.03 -41.83
CA TRP T 507 23.91 -72.59 -42.01
C TRP T 507 25.20 -71.96 -42.52
N TYR T 508 25.04 -70.98 -43.40
CA TYR T 508 26.16 -70.35 -44.10
C TYR T 508 26.29 -68.90 -43.66
N CYS T 509 27.52 -68.46 -43.46
CA CYS T 509 27.83 -67.08 -43.12
C CYS T 509 28.78 -66.50 -44.15
N GLU T 510 28.45 -65.33 -44.68
CA GLU T 510 29.28 -64.65 -45.65
C GLU T 510 29.62 -63.24 -45.17
N VAL T 511 30.84 -62.81 -45.48
CA VAL T 511 31.36 -61.51 -45.05
C VAL T 511 31.78 -60.74 -46.29
N ILE T 512 31.14 -59.60 -46.53
CA ILE T 512 31.31 -58.84 -47.76
C ILE T 512 32.31 -57.72 -47.49
N GLY T 513 33.28 -57.57 -48.39
CA GLY T 513 34.18 -56.44 -48.37
C GLY T 513 34.07 -55.63 -49.64
N ILE T 514 35.09 -54.86 -49.98
CA ILE T 514 35.08 -54.14 -51.24
C ILE T 514 35.44 -55.07 -52.40
N ASP T 515 36.05 -56.22 -52.09
CA ASP T 515 36.54 -57.13 -53.11
C ASP T 515 35.66 -58.37 -53.27
N GLY T 516 35.37 -59.07 -52.19
CA GLY T 516 34.56 -60.26 -52.29
C GLY T 516 34.30 -60.86 -50.93
N HIS T 517 33.54 -61.96 -50.93
CA HIS T 517 33.06 -62.58 -49.70
C HIS T 517 33.94 -63.76 -49.32
N LEU T 518 33.67 -64.29 -48.12
CA LEU T 518 34.43 -65.38 -47.54
C LEU T 518 33.71 -66.72 -47.60
N LEU T 519 32.38 -66.73 -47.41
CA LEU T 519 31.56 -67.93 -47.57
C LEU T 519 32.00 -69.07 -46.63
N ILE T 520 31.83 -68.82 -45.33
CA ILE T 520 32.00 -69.86 -44.34
C ILE T 520 30.72 -70.69 -44.28
N GLU T 521 30.85 -71.98 -43.98
CA GLU T 521 29.71 -72.85 -43.78
C GLU T 521 29.90 -73.65 -42.51
N LYS T 522 28.88 -73.65 -41.65
CA LYS T 522 28.94 -74.34 -40.36
C LYS T 522 27.66 -75.13 -40.15
N SER T 523 27.67 -75.98 -39.12
CA SER T 523 26.51 -76.79 -38.79
C SER T 523 26.24 -76.88 -37.29
N VAL T 524 27.05 -76.26 -36.44
CA VAL T 524 26.85 -76.34 -35.00
C VAL T 524 25.65 -75.49 -34.59
N GLN T 525 25.01 -75.87 -33.49
CA GLN T 525 23.86 -75.16 -32.96
C GLN T 525 24.05 -74.89 -31.48
N HIS T 526 23.43 -73.81 -31.01
CA HIS T 526 23.42 -73.43 -29.60
C HIS T 526 24.84 -73.28 -29.04
N LYS T 527 25.74 -72.72 -29.85
CA LYS T 527 27.10 -72.48 -29.42
C LYS T 527 27.77 -71.51 -30.37
N PRO T 528 28.51 -70.53 -29.87
CA PRO T 528 29.22 -69.61 -30.76
C PRO T 528 30.27 -70.34 -31.60
N GLU T 529 30.54 -69.79 -32.78
CA GLU T 529 31.34 -70.50 -33.77
C GLU T 529 32.64 -69.78 -34.16
N LYS T 530 32.89 -68.59 -33.64
CA LYS T 530 34.10 -67.81 -33.97
C LYS T 530 34.19 -67.64 -35.49
N ILE T 531 33.23 -66.88 -36.02
CA ILE T 531 33.06 -66.82 -37.47
C ILE T 531 34.23 -66.13 -38.14
N LEU T 532 34.71 -65.02 -37.56
CA LEU T 532 35.75 -64.24 -38.22
C LEU T 532 36.50 -63.41 -37.18
N GLU T 533 37.79 -63.21 -37.43
CA GLU T 533 38.67 -62.52 -36.50
C GLU T 533 39.35 -61.38 -37.26
N LEU T 534 39.48 -60.22 -36.60
CA LEU T 534 39.94 -59.01 -37.26
C LEU T 534 41.08 -58.39 -36.47
N THR T 535 41.81 -57.50 -37.12
CA THR T 535 42.76 -56.61 -36.47
C THR T 535 42.52 -55.18 -36.97
N VAL T 536 42.66 -54.22 -36.06
CA VAL T 536 42.29 -52.83 -36.32
C VAL T 536 43.51 -51.94 -36.09
N ASN T 537 43.75 -51.04 -37.03
CA ASN T 537 44.86 -50.10 -36.96
C ASN T 537 44.54 -48.96 -36.00
N ASP T 538 45.53 -48.10 -35.78
CA ASP T 538 45.34 -46.92 -34.94
C ASP T 538 44.28 -45.98 -35.53
N SER T 539 44.28 -45.83 -36.85
CA SER T 539 43.31 -44.97 -37.51
C SER T 539 41.93 -45.59 -37.63
N GLY T 540 41.76 -46.84 -37.19
CA GLY T 540 40.50 -47.51 -37.29
C GLY T 540 40.29 -48.29 -38.57
N VAL T 541 41.28 -48.33 -39.45
CA VAL T 541 41.19 -49.04 -40.72
C VAL T 541 41.72 -50.45 -40.52
N THR T 542 41.31 -51.36 -41.40
CA THR T 542 41.71 -52.75 -41.31
C THR T 542 42.10 -53.28 -42.68
N SER T 543 43.26 -53.94 -42.76
CA SER T 543 43.70 -54.60 -43.99
C SER T 543 43.04 -55.97 -44.05
N PHE T 544 41.86 -56.03 -44.65
CA PHE T 544 41.13 -57.27 -44.83
C PHE T 544 41.42 -57.84 -46.22
N ASN T 545 42.18 -58.94 -46.25
CA ASN T 545 42.52 -59.62 -47.50
C ASN T 545 43.24 -58.67 -48.46
N GLY T 546 44.22 -57.94 -47.95
CA GLY T 546 45.07 -57.10 -48.77
C GLY T 546 44.51 -55.74 -49.11
N ARG T 547 43.33 -55.39 -48.63
CA ARG T 547 42.72 -54.10 -48.90
C ARG T 547 42.29 -53.47 -47.59
N ASN T 548 42.56 -52.18 -47.44
CA ASN T 548 42.14 -51.47 -46.24
C ASN T 548 40.63 -51.31 -46.23
N HIS T 549 40.02 -51.62 -45.08
CA HIS T 549 38.58 -51.54 -44.92
C HIS T 549 38.25 -50.75 -43.65
N ASP T 550 37.09 -50.09 -43.67
CA ASP T 550 36.57 -49.42 -42.48
C ASP T 550 35.31 -50.07 -41.92
N ARG T 551 34.57 -50.81 -42.74
CA ARG T 551 33.42 -51.56 -42.25
C ARG T 551 33.15 -52.73 -43.19
N LEU T 552 32.55 -53.78 -42.65
CA LEU T 552 32.19 -54.97 -43.41
C LEU T 552 30.74 -55.34 -43.11
N LYS T 553 30.16 -56.14 -44.01
CA LYS T 553 28.79 -56.59 -43.88
C LYS T 553 28.79 -58.10 -43.70
N LEU T 554 28.27 -58.57 -42.57
CA LEU T 554 28.18 -60.00 -42.28
C LEU T 554 26.74 -60.44 -42.41
N LYS T 555 26.51 -61.48 -43.20
CA LYS T 555 25.16 -62.00 -43.46
C LYS T 555 25.12 -63.47 -43.10
N VAL T 556 24.07 -63.87 -42.38
CA VAL T 556 23.91 -65.24 -41.89
C VAL T 556 22.65 -65.82 -42.51
N TYR T 557 22.77 -66.99 -43.12
CA TYR T 557 21.66 -67.68 -43.75
C TYR T 557 21.37 -68.96 -42.98
N VAL T 558 20.09 -69.17 -42.63
CA VAL T 558 19.71 -70.32 -41.83
C VAL T 558 18.25 -70.63 -42.11
N LYS T 559 17.91 -71.92 -42.11
CA LYS T 559 16.58 -72.40 -42.43
C LYS T 559 15.79 -72.66 -41.16
N ASP T 560 14.55 -72.16 -41.13
CA ASP T 560 13.61 -72.43 -40.04
C ASP T 560 14.21 -72.05 -38.69
N SER T 561 14.80 -70.86 -38.63
CA SER T 561 15.48 -70.41 -37.43
C SER T 561 14.53 -69.65 -36.51
N LEU T 562 14.88 -69.61 -35.24
CA LEU T 562 14.16 -68.82 -34.25
C LEU T 562 14.91 -67.56 -33.85
N SER T 563 16.20 -67.69 -33.54
CA SER T 563 16.98 -66.54 -33.08
C SER T 563 18.43 -66.70 -33.51
N VAL T 564 19.02 -65.61 -34.00
CA VAL T 564 20.41 -65.56 -34.38
C VAL T 564 21.06 -64.41 -33.63
N LYS T 565 22.16 -64.71 -32.94
CA LYS T 565 22.89 -63.71 -32.16
C LYS T 565 24.33 -63.63 -32.63
N VAL T 566 24.88 -62.42 -32.67
CA VAL T 566 26.27 -62.19 -33.02
C VAL T 566 26.98 -61.62 -31.79
N PHE T 567 28.04 -62.28 -31.38
CA PHE T 567 28.83 -61.85 -30.23
C PHE T 567 30.09 -61.15 -30.70
N ARG T 568 30.60 -60.27 -29.84
CA ARG T 568 31.76 -59.47 -30.16
C ARG T 568 32.61 -59.33 -28.90
N ASN T 569 33.92 -59.47 -29.03
CA ASN T 569 34.80 -59.39 -27.87
C ASN T 569 36.19 -58.95 -28.29
N TRP T 570 36.75 -57.99 -27.58
CA TRP T 570 38.13 -57.57 -27.79
C TRP T 570 39.07 -58.47 -27.00
N ILE T 571 40.26 -58.69 -27.56
CA ILE T 571 41.21 -59.62 -26.95
C ILE T 571 41.70 -59.06 -25.62
N GLY T 572 42.11 -57.81 -25.60
CA GLY T 572 42.61 -57.16 -24.39
C GLY T 572 41.54 -56.29 -23.76
N ILE T 573 41.54 -56.26 -22.42
CA ILE T 573 40.58 -55.44 -21.71
C ILE T 573 40.96 -53.98 -21.83
N ASN T 574 39.93 -53.11 -21.92
CA ASN T 574 40.10 -51.67 -22.05
C ASN T 574 40.96 -51.33 -23.27
N ALA T 575 40.41 -51.66 -24.44
CA ALA T 575 41.07 -51.36 -25.69
C ALA T 575 41.21 -49.84 -25.86
N PRO T 576 42.39 -49.34 -26.17
CA PRO T 576 42.55 -47.88 -26.31
C PRO T 576 41.73 -47.34 -27.46
N ARG T 577 41.27 -46.10 -27.31
CA ARG T 577 40.33 -45.51 -28.25
C ARG T 577 41.05 -44.69 -29.32
N VAL T 578 40.60 -44.85 -30.56
CA VAL T 578 41.12 -44.04 -31.65
C VAL T 578 40.53 -42.63 -31.59
N LYS T 579 41.22 -41.69 -32.22
CA LYS T 579 40.73 -40.32 -32.26
C LYS T 579 39.46 -40.24 -33.10
N THR T 580 38.49 -39.49 -32.59
CA THR T 580 37.22 -39.34 -33.30
C THR T 580 37.42 -38.58 -34.60
N LYS T 581 36.89 -39.11 -35.70
CA LYS T 581 37.09 -38.50 -37.00
C LYS T 581 36.27 -37.21 -37.13
N MET T 582 36.75 -36.31 -37.95
CA MET T 582 36.10 -35.04 -38.24
C MET T 582 35.77 -34.98 -39.73
N PHE T 583 35.34 -33.80 -40.18
CA PHE T 583 34.95 -33.64 -41.58
C PHE T 583 36.12 -33.87 -42.52
N ASN T 584 37.30 -33.36 -42.16
CA ASN T 584 38.47 -33.53 -43.03
C ASN T 584 38.86 -35.00 -43.13
N ASP T 585 38.81 -35.73 -42.02
CA ASP T 585 39.21 -37.14 -42.04
C ASP T 585 38.28 -37.97 -42.90
N HIS T 586 36.98 -37.68 -42.87
CA HIS T 586 36.02 -38.48 -43.59
C HIS T 586 36.08 -38.24 -45.10
N ILE T 587 36.40 -37.01 -45.53
CA ILE T 587 36.54 -36.74 -46.96
C ILE T 587 37.93 -37.02 -47.48
N GLY T 588 38.92 -37.21 -46.60
CA GLY T 588 40.25 -37.52 -47.06
C GLY T 588 40.34 -38.88 -47.74
N VAL T 589 39.71 -39.89 -47.13
CA VAL T 589 39.70 -41.23 -47.68
C VAL T 589 38.26 -41.62 -47.99
N LYS T 590 38.10 -42.56 -48.92
CA LYS T 590 36.78 -42.97 -49.37
C LYS T 590 36.76 -44.47 -49.57
N TYR T 591 35.71 -45.11 -49.07
CA TYR T 591 35.48 -46.53 -49.26
C TYR T 591 34.14 -46.74 -49.94
N ASP T 592 34.02 -47.85 -50.65
CA ASP T 592 32.81 -48.16 -51.41
C ASP T 592 32.03 -49.22 -50.65
N TYR T 593 30.80 -48.88 -50.25
CA TYR T 593 29.90 -49.82 -49.60
C TYR T 593 28.81 -50.31 -50.54
N SER T 594 28.92 -50.05 -51.84
CA SER T 594 27.87 -50.45 -52.77
C SER T 594 27.76 -51.96 -52.88
N HIS T 595 28.82 -52.68 -52.51
CA HIS T 595 28.82 -54.13 -52.64
C HIS T 595 28.08 -54.83 -51.51
N PHE T 596 27.62 -54.10 -50.50
CA PHE T 596 27.01 -54.74 -49.34
C PHE T 596 25.61 -55.27 -49.61
N ASP T 597 24.95 -54.86 -50.69
CA ASP T 597 23.60 -55.32 -50.95
C ASP T 597 23.55 -56.68 -51.64
N LYS T 598 24.69 -57.15 -52.16
CA LYS T 598 24.70 -58.43 -52.85
C LYS T 598 24.46 -59.57 -51.87
N ASN T 599 23.62 -60.52 -52.27
CA ASN T 599 23.27 -61.65 -51.43
C ASN T 599 23.34 -62.93 -52.26
N ILE T 600 23.57 -64.04 -51.57
CA ILE T 600 23.73 -65.34 -52.18
C ILE T 600 22.52 -66.20 -51.88
N SER T 601 22.40 -67.30 -52.62
CA SER T 601 21.33 -68.27 -52.40
C SER T 601 21.93 -69.56 -51.87
N PRO T 602 21.82 -69.84 -50.57
CA PRO T 602 22.38 -71.08 -50.04
C PRO T 602 21.87 -72.33 -50.73
N ALA T 603 20.63 -72.33 -51.23
CA ALA T 603 20.03 -73.55 -51.77
C ALA T 603 20.78 -74.05 -52.99
N HIS T 604 21.32 -73.14 -53.80
CA HIS T 604 22.00 -73.50 -55.03
C HIS T 604 23.53 -73.51 -54.88
N LEU T 605 24.05 -73.47 -53.66
CA LEU T 605 25.48 -73.43 -53.45
C LEU T 605 26.11 -74.80 -53.69
N THR T 606 27.38 -74.79 -54.05
CA THR T 606 28.16 -76.00 -54.26
C THR T 606 29.45 -75.92 -53.45
N LEU T 607 30.15 -77.06 -53.37
CA LEU T 607 31.33 -77.15 -52.52
C LEU T 607 32.43 -76.20 -53.00
N THR T 608 32.63 -76.11 -54.31
CA THR T 608 33.68 -75.26 -54.84
C THR T 608 33.43 -73.77 -54.62
N ASP T 609 32.20 -73.38 -54.28
CA ASP T 609 31.86 -71.98 -54.12
C ASP T 609 32.40 -71.36 -52.83
N LEU T 610 32.64 -72.17 -51.80
CA LEU T 610 33.13 -71.64 -50.54
C LEU T 610 34.56 -71.12 -50.68
N GLY T 611 34.88 -70.08 -49.93
CA GLY T 611 36.19 -69.47 -49.92
C GLY T 611 36.14 -68.02 -50.35
N TRP T 612 37.32 -67.41 -50.38
CA TRP T 612 37.45 -66.00 -50.74
C TRP T 612 37.47 -65.87 -52.26
N HIS T 613 36.44 -65.23 -52.80
CA HIS T 613 36.30 -65.04 -54.24
C HIS T 613 36.09 -63.57 -54.56
N THR T 614 36.68 -63.11 -55.66
CA THR T 614 36.57 -61.74 -56.09
C THR T 614 35.47 -61.62 -57.15
N TRP T 615 35.05 -60.38 -57.41
CA TRP T 615 33.90 -60.14 -58.28
C TRP T 615 34.15 -60.59 -59.72
N ASP T 616 35.40 -60.53 -60.18
CA ASP T 616 35.69 -60.93 -61.55
C ASP T 616 35.42 -62.42 -61.77
N GLN T 617 35.56 -63.24 -60.73
CA GLN T 617 35.31 -64.66 -60.88
C GLN T 617 33.86 -64.92 -61.22
N TYR T 618 32.93 -64.21 -60.60
CA TYR T 618 31.52 -64.34 -60.92
C TYR T 618 31.20 -63.55 -62.19
N ASN T 619 30.05 -63.89 -62.78
CA ASN T 619 29.54 -63.12 -63.91
C ASN T 619 28.61 -62.02 -63.40
N ALA T 620 27.96 -61.32 -64.33
CA ALA T 620 27.01 -60.28 -63.96
C ALA T 620 25.80 -60.93 -63.28
N GLY T 621 25.58 -60.58 -62.02
CA GLY T 621 24.59 -61.26 -61.22
C GLY T 621 25.08 -62.65 -60.84
N ASN T 622 24.22 -63.38 -60.16
CA ASN T 622 24.52 -64.75 -59.71
C ASN T 622 25.85 -64.79 -58.96
N TRP T 623 25.87 -64.11 -57.81
CA TRP T 623 27.04 -64.06 -56.96
C TRP T 623 27.22 -65.32 -56.13
N THR T 624 26.55 -66.40 -56.49
CA THR T 624 26.67 -67.67 -55.78
C THR T 624 27.50 -68.71 -56.51
N ASN T 625 27.56 -68.63 -57.83
CA ASN T 625 28.20 -69.66 -58.65
C ASN T 625 29.53 -69.15 -59.19
N ILE T 626 30.59 -69.93 -58.99
CA ILE T 626 31.95 -69.45 -59.21
C ILE T 626 32.24 -69.25 -60.70
N LYS T 627 31.63 -70.03 -61.57
CA LYS T 627 31.95 -69.96 -62.98
C LYS T 627 31.38 -68.68 -63.58
N PRO T 628 32.18 -67.89 -64.33
CA PRO T 628 31.70 -66.68 -64.98
C PRO T 628 30.88 -66.97 -66.24
N LEU U 2 5.71 -68.79 -23.63
CA LEU U 2 5.14 -70.14 -23.47
C LEU U 2 4.13 -70.17 -22.33
N SER U 3 3.07 -70.94 -22.52
CA SER U 3 1.97 -71.03 -21.57
C SER U 3 2.08 -72.28 -20.73
N GLU U 4 1.25 -72.35 -19.69
CA GLU U 4 1.24 -73.51 -18.81
C GLU U 4 0.57 -74.70 -19.49
N THR U 5 -0.54 -74.45 -20.20
CA THR U 5 -1.24 -75.53 -20.87
C THR U 5 -0.41 -76.08 -22.03
N GLU U 6 0.30 -75.22 -22.74
CA GLU U 6 1.20 -75.68 -23.80
C GLU U 6 2.31 -76.55 -23.23
N LEU U 7 2.92 -76.12 -22.13
CA LEU U 7 4.02 -76.88 -21.55
C LEU U 7 3.56 -78.25 -21.09
N ARG U 8 2.37 -78.33 -20.48
CA ARG U 8 1.87 -79.62 -20.03
C ARG U 8 1.57 -80.55 -21.20
N ALA U 9 1.05 -80.01 -22.29
CA ALA U 9 0.78 -80.82 -23.46
C ALA U 9 2.07 -81.29 -24.13
N LEU U 10 3.06 -80.41 -24.22
CA LEU U 10 4.32 -80.77 -24.87
C LEU U 10 5.06 -81.83 -24.08
N LYS U 11 5.07 -81.71 -22.76
CA LYS U 11 5.73 -82.73 -21.93
C LYS U 11 5.04 -84.08 -22.06
N LYS U 12 3.71 -84.07 -22.14
CA LYS U 12 2.98 -85.32 -22.36
C LYS U 12 3.34 -85.94 -23.70
N LEU U 13 3.43 -85.13 -24.75
CA LEU U 13 3.81 -85.63 -26.07
C LEU U 13 5.24 -86.14 -26.06
N SER U 14 6.15 -85.43 -25.41
CA SER U 14 7.55 -85.82 -25.43
C SER U 14 7.80 -87.06 -24.59
N THR U 15 7.21 -87.13 -23.39
CA THR U 15 7.48 -88.26 -22.51
C THR U 15 6.82 -89.53 -23.02
N THR U 16 5.64 -89.42 -23.62
CA THR U 16 4.95 -90.58 -24.17
C THR U 16 5.69 -91.11 -25.40
N LEU V 2 1.89 -69.54 -29.22
CA LEU V 2 2.84 -70.28 -30.05
C LEU V 2 2.50 -70.17 -31.52
N SER V 3 3.52 -70.03 -32.35
CA SER V 3 3.30 -69.96 -33.79
C SER V 3 2.93 -71.33 -34.34
N GLU V 4 2.21 -71.31 -35.46
CA GLU V 4 1.78 -72.56 -36.08
C GLU V 4 2.97 -73.38 -36.56
N THR V 5 3.95 -72.72 -37.17
CA THR V 5 5.12 -73.43 -37.67
C THR V 5 5.91 -74.06 -36.52
N GLU V 6 6.02 -73.35 -35.40
CA GLU V 6 6.81 -73.86 -34.29
C GLU V 6 6.14 -75.05 -33.63
N LEU V 7 4.81 -75.04 -33.53
CA LEU V 7 4.10 -76.19 -33.01
C LEU V 7 4.27 -77.40 -33.93
N ARG V 8 4.14 -77.19 -35.23
CA ARG V 8 4.33 -78.29 -36.18
C ARG V 8 5.76 -78.81 -36.13
N ALA V 9 6.73 -77.91 -35.97
CA ALA V 9 8.13 -78.33 -35.91
C ALA V 9 8.40 -79.16 -34.66
N LEU V 10 7.84 -78.76 -33.52
CA LEU V 10 8.12 -79.50 -32.28
C LEU V 10 7.37 -80.82 -32.23
N LYS V 11 6.17 -80.88 -32.83
CA LYS V 11 5.46 -82.15 -32.91
C LYS V 11 6.22 -83.14 -33.79
N LYS V 12 6.84 -82.65 -34.86
CA LYS V 12 7.65 -83.52 -35.71
C LYS V 12 8.85 -84.06 -34.95
N LEU V 13 9.50 -83.21 -34.14
CA LEU V 13 10.63 -83.68 -33.35
C LEU V 13 10.22 -84.75 -32.36
N SER V 14 9.08 -84.57 -31.70
CA SER V 14 8.68 -85.51 -30.65
C SER V 14 8.31 -86.86 -31.24
N THR V 15 7.54 -86.87 -32.33
CA THR V 15 7.08 -88.13 -32.90
C THR V 15 8.21 -88.88 -33.60
N THR V 16 9.04 -88.18 -34.37
CA THR V 16 10.07 -88.81 -35.16
C THR V 16 11.47 -88.56 -34.60
N LEU W 2 8.61 -67.60 -29.02
CA LEU W 2 9.16 -68.70 -28.23
C LEU W 2 10.60 -68.36 -27.90
N SER W 3 10.97 -68.52 -26.63
CA SER W 3 12.27 -68.11 -26.13
C SER W 3 13.36 -69.08 -26.55
N GLU W 4 14.61 -68.65 -26.37
CA GLU W 4 15.74 -69.51 -26.64
C GLU W 4 15.86 -70.61 -25.59
N THR W 5 15.71 -70.24 -24.31
CA THR W 5 15.81 -71.23 -23.25
C THR W 5 14.72 -72.28 -23.37
N GLU W 6 13.50 -71.85 -23.68
CA GLU W 6 12.40 -72.80 -23.81
C GLU W 6 12.62 -73.74 -24.99
N LEU W 7 13.14 -73.22 -26.10
CA LEU W 7 13.43 -74.09 -27.24
C LEU W 7 14.54 -75.07 -26.93
N ARG W 8 15.59 -74.62 -26.24
CA ARG W 8 16.70 -75.52 -25.93
C ARG W 8 16.26 -76.66 -25.03
N ALA W 9 15.46 -76.36 -24.01
CA ALA W 9 15.02 -77.40 -23.09
C ALA W 9 13.97 -78.30 -23.73
N LEU W 10 13.11 -77.75 -24.57
CA LEU W 10 12.14 -78.57 -25.27
C LEU W 10 12.82 -79.56 -26.20
N LYS W 11 13.85 -79.12 -26.93
CA LYS W 11 14.59 -80.02 -27.80
C LYS W 11 15.31 -81.08 -26.98
N LYS W 12 15.91 -80.68 -25.86
CA LYS W 12 16.62 -81.64 -25.01
C LYS W 12 15.66 -82.68 -24.45
N LEU W 13 14.47 -82.26 -24.03
CA LEU W 13 13.50 -83.19 -23.48
C LEU W 13 13.03 -84.20 -24.52
N SER W 14 12.78 -83.74 -25.75
CA SER W 14 12.31 -84.65 -26.79
C SER W 14 13.40 -85.62 -27.22
N THR W 15 14.63 -85.14 -27.34
CA THR W 15 15.72 -86.01 -27.79
C THR W 15 16.17 -86.98 -26.71
N THR W 16 16.28 -86.52 -25.47
CA THR W 16 16.78 -87.35 -24.39
C THR W 16 15.71 -87.66 -23.36
#